data_6TD5
#
_entry.id   6TD5
#
_cell.length_a   1.00
_cell.length_b   1.00
_cell.length_c   1.00
_cell.angle_alpha   90.00
_cell.angle_beta   90.00
_cell.angle_gamma   90.00
#
_symmetry.space_group_name_H-M   'P 1'
#
loop_
_entity.id
_entity.type
_entity.pdbx_description
1 polymer 'Proteasome subunit alpha type'
2 polymer 'Proteasome subunit alpha type'
3 polymer 'Proteasome subunit alpha type'
4 polymer 'Proteasome endopeptidase complex'
5 polymer 'Proteasome subunit alpha type'
6 polymer 'Proteasome subunit alpha type'
7 polymer 'Proteasome endopeptidase complex'
8 polymer 'Proteasome subunit beta'
9 polymer 'Proteasome subunit beta'
10 polymer 'Proteasome subunit beta'
11 polymer 'Proteasome subunit family protein'
12 polymer 'Proteasome subunit beta'
13 polymer 'Proteasome subunit beta'
14 polymer 'Proteasome subunit beta'
15 non-polymer N-[(1R)-1-(DIHYDROXYBORYL)-3-METHYLBUTYL]-N-(PYRAZIN-2-YLCARBONYL)-L-PHENYLALANINAMIDE
16 non-polymer ~{N}-[4-fluoranyl-3-[6-(3-methylpyridin-2-yl)-[1,2,4]triazolo[1,5-a]pyrimidin-2-yl]phenyl]-2,4-dimethyl-1,3-oxazole-5-carboxamide
#
loop_
_entity_poly.entity_id
_entity_poly.type
_entity_poly.pdbx_seq_one_letter_code
_entity_poly.pdbx_strand_id
1 'polypeptide(L)'
;MNRAGFDKYITVFSPEGSLYQVEYAFKAVTYPGLLTVAIRCKDAVLVVTQHLIPDRLMRPDSVTALYEVTPNIGCCMTGR
APDGRALVQRAREEASDYQYRYGVEIPIAVLAKRMGDKAQVRTQQAGLRPMGVVSTFIGMDQSDQDGSLKPQIYTVDPAG
WTGGHIACAAGKKQVEAMAFLEKRQKSTELDALTQKEAAMIALAALQSAIGTAVKAKEVEVGRCTAANPAFQRVPNSEVE
EWLTAVAEAD
;
A,a
2 'polypeptide(L)'
;MSEAFYGLTTFSPSGKLIQIEYATTAAGKGTTALGVKATDGVVIAAKKKAPSTLVDASSIQKVFVLDEHVGCTYSGMGPD
CRVLIDSARKNCQQYKLMYNEPIPISQLVRKISAIYQEFTQSGGVRPFGCSLLVAGVDANGYHLYQVDPSGTFWAWKATA
IGTGSPDAKAFLEKRYTVDMELEDAVHTALLTLKEGFDGQMTSENTQVGRVVENRFEILSVDQLRDYLDQI
;
B,b
3 'polypeptide(L)'
;MSHRYDSRTTTFSPEGRLYQVEYAVEAIQQAGTVIGVCTKDGVVLAGEKMVPHPLFDSESMQDKNTSGEKMYKIAEHIGC
SVAGVTSDAYALLNYARLSALRHQYTFQEPMAIEDLCRILCDEKQLYTQYGGVRPYGVSFLLVGWDRYYGYQLYSTEPSG
DYSAWSAYAIGQNDQVAHALLKKDWHESMTLEDGMLLALRVLGKTMDTAKIDLDRVEVAVMRKVPASNIDQLLDPFKHHP
KTTPRFQILTRSELKPHAERADQAREAEEKAEAERQRQQEQALES
;
C,c
4 'polypeptide(L)'
;MSYDRAITVFSPDGHLFQVEYAQEAVKKGLAAVGVLGSDSVVIAVEKKSAVKLQDSRTIRKIYKVDANIYLAFAGLSADA
RVLINKAQLECQRFSLNYEDTMDVDMLVRYVAGVQQKSTQSGGSRPFGVATVIGGFNEDGKPHLWKTDPSGMCSAWRAVA
IGRHDQTVIEYMEKSYKDGMSRDECVHFAIKSLLEVVESGSRNIELLVLQYKEARYLTEEELQKFVVEVEKEREEEAAAK
KKRQAEQE
;
D,d
5 'polypeptide(L)'
;MLLPRLFSFPVCWSRALSLVCVYHVSLSFPSNSRRLCATPLLPLPCLCKLPAGHSPRKRCLFSFLSCFLDLTYFCIISFL
HSVSCHLCFPLRRTRARHPIMFTSKSEYDRGVNTFSPEGRIFQIEYAVEAIKLGSTSLGIRTPEGVVLAAEKRVPSTLVV
PSSMSKIMEVDSHIAAVMSGMVADARILVEHARVESQNHRFTYNEPMSVESCTLATCDLSIQFGESGGRRKLMSRPFGVS
LLIAGVDEKGPQLWQTDPSGTHTRYDAQAIGGGAEAAQSVFTERYHRNMTLEEGETLAVDILKQVMEDQLSPENIEVAVV
RADDGKLHMYTPTEIKAIMSRMPE
;
E,e
6 'polypeptide(L)'
;MQSRKGEGWRDTGTDSLPPFSFCCSPAFSSPLAFGGEGADGCAYILTHVCRYACIAALTLHSEGAERHMRVCVCVRRCAY
NEMVLHQVVAFASLAPALHPLSPLPLPCMATTHACCGLRVRSFSLKKSEKKNQQRRLQAPDLSQKTRTRTQKEKQTLQIY
LRCVMFKNEYDSDITTWSPTGRLFQIEYANEAVNNGSATVGVKGKNFVVLAALKRSPVAELSSYQEKVFEIDEHVGMSIS
GLVADGRVLARYLRTECMNYRYMYSNGMPMNQMADMIGEKHQRHIQCSGKRPFGVGLLLAGYDRQGPHLYQTVPSGDVYD
YKATAMGVRSQASRTYLERHFEHFSDCTLDELVTHALKALASATSEGIELNVKNTTIAIVGKDTPFTIFEEESARKYLDG
FKMRPEDRVAVAEEDEEMLHEQPLDVEE
;
F,f
7 'polypeptide(L)'
;MAGTGSGHDQSTDVFSAEGRVFQVEYAGKAVDNSSTAVAACCKDGVVVAVEKVHTSRMLEKGSNNRIHAVDRQAGICICG
LLPDGRAIVSRARQEAENSRDIFATPIRGSVLANRVGEFMHAYTTHFAYRPFGCSAIIASYADDGPQLFVSDPSGTVAGY
YGVALGKAKTVAKSELEKLDFSSLTCDEAVGKLASILHEVHDKQKDKLYEVEVAWVCDKSDRKFVHVPADMVPAETSH
;
G,g
8 'polypeptide(L)'
;TTILAVSYNGGVVLAADSRTSSGTYVVNRASNKLTKLTKKIYCCRSGSAADTQALAERVSNYLGSYQTDIGAGVNVATAA
NLFQKMCYMNRWNISAGIIVAGYDPINGGSVYSIPSGGSCVKLDYALGGSGSIFLYSFFDANYKPGMSKSECVAFCQRAV
AHAYSRDGSSGGLIRTITLDADEPEDQTIPWNRSPYCMEKDPKYVTQATQNQPFSSSAKITGNRMSSTG
;
H,h
9 'polypeptide(L)'
;TTIVGVVYRDGVVLGADTRATEGSIVADKRCRKIHYMAPNIMCCGAGTSADTEAVTNMVSSHLALHRLETGKQSRVLEAL
TLLKRHLYRYQGHVSAALVLGGVDVEGPFLATIAPHGSTDRLPFVTMGSGSIAAMAQLEAAYKDNMTCEEAKELVASAIR
KGIFNDPYSGTQVDVCVITKDKTELTIGYDKPNERMYPRQEVLLPPGTTPVLKEEIRQLVDIVDA
;
I,i
10 'polypeptide(L)'
;MSIMAYSGGSVMAMAGKECFVIISDNRLGEQLKTISTEVPKLHVVNDSIVYGLTGLRTDQQTFANKVQFRTEMYKLREER
DITGKAFAAMITSMLYEARFGPWFVEPVIGSIDKSTGEVYLCATDLIGAPCEPEDYVCAGTAAESLHGMCEALWRPGMSP
EELFEIAAQAMLSACDRDSLSGYGAVAMIVTKDKVTTRLIKGRKD
;
J,j
11 'polypeptide(L)'
;MAETAIAFRCKDYVMVAAAGLNAFYYIKITDAEDKITQLDTHQLVACTGENGPRVNFTEYIKCNLALNRMRQHGRHSSCE
STANFMRNCLASAIRSREGAYQVNCLFAGYDTPVSEDDDGVVGPQLFYMDYLGTLQAVPYGCHGYGACFVTALLDRLWRP
DLSQQEGLELMQKCCDEVKRRVIISNSYFFVKAVTKNGVEVITAVH
;
K,k
12 'polypeptide(L)'
;TTTLAFRFNGGIIVAVDSRASTGQYIASQTVMKVLEINDYLLGTLAGGAADCQYWERVLGMECRLWELRNGSRITVAAAS
KILANITYAYRNHGLSMGTMVAGWDQFGPSLYYVDDKGSRVKQDLFSVGSGSIYAYGVLDTGYRKDLSVEDACDLARRSI
FHATYRDGASGGIVTVYHVHEKGWTKISRDDQTKLYHRYFPSQ
;
L,l
13 'polypeptide(L)'
;MASSSPPLLPFSSFVVAVVAIHLSFRVFCVGAQSLCKCCSCVPACALPLCFSSSPSVSAEDVALALFAHPKVLTHRPTAR
YSPILSLLHYAVMIEDHAEYGHNYYPQKLASSTLTLPQQGAKQQQWSPYQDNGGTTAAIAGKDFVILAGDTRLNGDFCLH
SRHDQSKIFQLTPYTYMASNGMQADRLQLQQMLKYRVKWYKYNNGGKVPSTKAIAQLMSTMLYHRRFFPYYTFNMVVGLD
EEGHGVCYSYDAVGSTEPFLYGTRGSAASFVEPLLDCLINRQHMTSQAPPEMTKEETLAMLKNAFTGAAERDIYTGDSVS
FFIITKDGVQQESFELRKD
;
M,m
14 'polypeptide(L)'
;MASGGSVIAIKYKGGVLMAADTLLSYGSLAKWPNIPRIRLLGSHSAVCATGSYADFQMMAKQVEDNIERQKMYHNVDELS
PSEVFSYLHRSIYQKRCDFDPCLCQMVFIGVRDGETFLAGVDDVGTRWEDDCIATGYGAYIALPLLRQALEKNPDGLSRG
EAMRILTDCLRVLFYRECRAINKFQVADAASDGVRISEPFDVETHWEYEGYCFEKTAIIR
;
N,n
#
# COMPACT_ATOMS: atom_id res chain seq x y z
N ALA A 4 -4.64 -36.90 67.09
CA ALA A 4 -4.22 -37.19 68.45
C ALA A 4 -3.02 -38.12 68.47
N GLY A 5 -2.63 -38.58 67.28
CA GLY A 5 -1.51 -39.49 67.15
C GLY A 5 -0.16 -38.82 67.37
N PHE A 6 0.08 -37.71 66.66
CA PHE A 6 1.37 -37.04 66.75
C PHE A 6 1.34 -35.86 67.72
N ASP A 7 0.40 -34.92 67.52
CA ASP A 7 0.10 -33.70 68.26
C ASP A 7 1.20 -32.63 68.18
N LYS A 8 2.38 -32.97 67.64
CA LYS A 8 3.51 -32.06 67.74
C LYS A 8 4.43 -32.03 66.54
N TYR A 9 4.14 -32.73 65.45
CA TYR A 9 5.13 -32.95 64.41
C TYR A 9 4.95 -32.08 63.18
N ILE A 10 3.74 -31.59 62.90
CA ILE A 10 3.51 -30.59 61.87
C ILE A 10 2.64 -29.48 62.47
N THR A 11 2.34 -28.48 61.65
CA THR A 11 1.63 -27.28 62.11
C THR A 11 0.15 -27.62 62.29
N VAL A 12 -0.16 -28.16 63.46
CA VAL A 12 -1.51 -28.55 63.86
C VAL A 12 -1.77 -28.03 65.26
N PHE A 13 -2.96 -27.45 65.48
CA PHE A 13 -3.36 -26.97 66.79
C PHE A 13 -3.41 -28.10 67.81
N SER A 14 -2.70 -27.89 68.92
CA SER A 14 -2.81 -28.77 70.07
C SER A 14 -4.19 -28.61 70.71
N PRO A 15 -4.64 -29.60 71.49
CA PRO A 15 -5.96 -29.46 72.15
C PRO A 15 -6.07 -28.34 73.16
N GLU A 16 -4.96 -27.77 73.62
CA GLU A 16 -5.00 -26.54 74.41
C GLU A 16 -4.89 -25.29 73.55
N GLY A 17 -4.85 -25.45 72.22
CA GLY A 17 -4.85 -24.32 71.33
C GLY A 17 -3.50 -23.70 71.05
N SER A 18 -2.43 -24.49 71.04
CA SER A 18 -1.10 -23.98 70.75
C SER A 18 -0.54 -24.65 69.50
N LEU A 19 0.52 -24.05 68.97
CA LEU A 19 1.31 -24.64 67.89
C LEU A 19 2.63 -25.09 68.49
N TYR A 20 2.91 -26.39 68.43
CA TYR A 20 4.13 -26.89 69.04
C TYR A 20 5.35 -26.67 68.16
N GLN A 21 5.16 -26.44 66.86
CA GLN A 21 6.28 -26.10 66.01
C GLN A 21 6.67 -24.64 66.10
N VAL A 22 5.82 -23.81 66.71
CA VAL A 22 6.23 -22.45 67.07
C VAL A 22 7.05 -22.46 68.35
N GLU A 23 6.58 -23.20 69.36
CA GLU A 23 7.25 -23.22 70.65
C GLU A 23 8.58 -23.96 70.59
N TYR A 24 8.76 -24.85 69.61
CA TYR A 24 10.03 -25.52 69.45
C TYR A 24 11.01 -24.72 68.62
N ALA A 25 10.53 -23.72 67.87
CA ALA A 25 11.42 -22.84 67.12
C ALA A 25 11.93 -21.68 67.97
N PHE A 26 11.24 -21.35 69.05
CA PHE A 26 11.79 -20.41 70.04
C PHE A 26 13.03 -20.99 70.71
N LYS A 27 13.08 -22.30 70.89
CA LYS A 27 14.21 -22.95 71.55
C LYS A 27 15.42 -23.08 70.64
N ALA A 28 15.26 -22.91 69.34
CA ALA A 28 16.39 -22.84 68.43
C ALA A 28 17.08 -21.49 68.47
N VAL A 29 16.49 -20.50 69.13
CA VAL A 29 17.13 -19.21 69.32
C VAL A 29 18.13 -19.28 70.46
N THR A 30 17.75 -19.92 71.56
CA THR A 30 18.62 -20.02 72.73
C THR A 30 19.60 -21.19 72.64
N TYR A 31 19.49 -22.04 71.62
CA TYR A 31 20.34 -23.21 71.45
C TYR A 31 21.79 -22.92 71.06
N PRO A 32 22.12 -21.92 70.21
CA PRO A 32 23.56 -21.60 70.04
C PRO A 32 24.23 -21.01 71.27
N GLY A 33 23.48 -20.49 72.23
CA GLY A 33 24.06 -19.95 73.43
C GLY A 33 24.54 -18.52 73.31
N LEU A 34 24.17 -17.81 72.25
CA LEU A 34 24.63 -16.45 72.06
C LEU A 34 23.63 -15.47 72.67
N LEU A 35 23.89 -14.18 72.49
CA LEU A 35 23.08 -13.13 73.07
C LEU A 35 23.29 -11.82 72.32
N THR A 36 22.22 -11.06 72.15
CA THR A 36 22.30 -9.70 71.64
C THR A 36 21.47 -8.78 72.52
N VAL A 37 21.82 -7.49 72.52
CA VAL A 37 21.06 -6.44 73.20
C VAL A 37 21.00 -5.25 72.26
N ALA A 38 19.80 -4.75 72.00
CA ALA A 38 19.61 -3.52 71.23
C ALA A 38 18.98 -2.46 72.11
N ILE A 39 19.32 -1.20 71.84
CA ILE A 39 18.81 -0.07 72.60
C ILE A 39 18.87 1.16 71.71
N ARG A 40 17.92 2.07 71.90
CA ARG A 40 17.91 3.35 71.20
C ARG A 40 17.97 4.49 72.21
N CYS A 41 18.86 5.44 71.97
CA CYS A 41 18.96 6.64 72.77
C CYS A 41 18.11 7.74 72.14
N LYS A 42 18.34 8.98 72.54
CA LYS A 42 17.59 10.11 72.00
C LYS A 42 17.89 10.32 70.51
N ASP A 43 19.12 10.05 70.08
CA ASP A 43 19.53 10.38 68.72
C ASP A 43 20.28 9.26 68.01
N ALA A 44 20.29 8.04 68.54
CA ALA A 44 20.97 6.94 67.86
C ALA A 44 20.33 5.61 68.24
N VAL A 45 20.66 4.58 67.48
CA VAL A 45 20.27 3.20 67.74
C VAL A 45 21.55 2.40 67.90
N LEU A 46 21.57 1.46 68.84
CA LEU A 46 22.70 0.57 69.02
C LEU A 46 22.24 -0.88 69.02
N VAL A 47 23.08 -1.76 68.51
CA VAL A 47 22.89 -3.20 68.58
C VAL A 47 24.22 -3.80 68.98
N VAL A 48 24.30 -4.36 70.18
CA VAL A 48 25.46 -5.13 70.58
C VAL A 48 25.09 -6.61 70.48
N THR A 49 26.08 -7.44 70.21
CA THR A 49 25.87 -8.88 70.11
C THR A 49 27.17 -9.60 70.46
N GLN A 50 27.05 -10.80 71.02
CA GLN A 50 28.24 -11.58 71.31
C GLN A 50 28.84 -12.11 70.02
N HIS A 51 30.07 -11.72 69.75
CA HIS A 51 30.82 -12.16 68.57
C HIS A 51 32.01 -12.96 69.07
N LEU A 52 31.78 -14.24 69.37
CA LEU A 52 32.81 -15.08 69.95
C LEU A 52 33.13 -16.21 68.98
N ILE A 53 34.41 -16.43 68.74
CA ILE A 53 34.86 -17.55 67.93
C ILE A 53 35.64 -18.51 68.83
N PRO A 54 35.17 -19.75 68.98
CA PRO A 54 35.87 -20.69 69.89
C PRO A 54 37.18 -21.19 69.30
N ASP A 55 37.20 -21.44 68.00
CA ASP A 55 38.41 -21.90 67.35
C ASP A 55 39.33 -20.71 67.06
N ARG A 56 40.61 -20.87 67.38
CA ARG A 56 41.60 -19.85 67.07
C ARG A 56 42.05 -19.91 65.62
N LEU A 57 41.71 -20.99 64.91
CA LEU A 57 42.09 -21.17 63.52
C LEU A 57 41.00 -20.67 62.57
N MET A 58 40.01 -19.95 63.09
CA MET A 58 38.92 -19.40 62.31
C MET A 58 39.19 -17.92 62.04
N ARG A 59 38.95 -17.49 60.81
CA ARG A 59 39.10 -16.08 60.43
C ARG A 59 37.98 -15.27 61.06
N PRO A 60 38.29 -14.35 61.98
CA PRO A 60 37.26 -13.73 62.84
C PRO A 60 36.48 -12.59 62.20
N ASP A 61 36.81 -12.26 60.96
CA ASP A 61 36.10 -11.18 60.30
C ASP A 61 35.23 -11.72 59.17
N SER A 62 34.92 -13.01 59.24
CA SER A 62 33.98 -13.63 58.32
C SER A 62 32.67 -14.03 58.99
N VAL A 63 32.72 -14.55 60.20
CA VAL A 63 31.54 -14.94 60.96
C VAL A 63 30.98 -13.68 61.60
N THR A 64 29.77 -13.31 61.21
CA THR A 64 29.12 -12.13 61.75
C THR A 64 27.61 -12.34 61.80
N ALA A 65 26.96 -11.58 62.66
CA ALA A 65 25.51 -11.57 62.76
C ALA A 65 24.90 -10.26 62.31
N LEU A 66 25.70 -9.19 62.20
CA LEU A 66 25.22 -7.92 61.74
C LEU A 66 25.23 -7.88 60.22
N TYR A 67 24.06 -7.66 59.63
CA TYR A 67 23.91 -7.61 58.18
C TYR A 67 23.36 -6.25 57.79
N GLU A 68 23.52 -5.91 56.51
CA GLU A 68 22.91 -4.72 55.96
C GLU A 68 21.78 -5.13 55.02
N VAL A 69 20.58 -4.64 55.29
CA VAL A 69 19.44 -4.92 54.42
C VAL A 69 19.34 -3.90 53.30
N THR A 70 19.19 -2.63 53.66
CA THR A 70 19.24 -1.52 52.73
C THR A 70 20.25 -0.54 53.32
N PRO A 71 20.77 0.45 52.54
CA PRO A 71 21.71 1.40 53.14
C PRO A 71 21.23 2.29 54.30
N ASN A 72 20.00 2.13 54.77
CA ASN A 72 19.54 2.81 55.97
C ASN A 72 18.93 1.85 57.00
N ILE A 73 18.98 0.55 56.76
CA ILE A 73 18.43 -0.45 57.68
C ILE A 73 19.48 -1.54 57.88
N GLY A 74 19.83 -1.80 59.14
CA GLY A 74 20.68 -2.92 59.49
C GLY A 74 19.93 -3.88 60.40
N CYS A 75 20.48 -5.08 60.54
CA CYS A 75 19.81 -6.11 61.33
C CYS A 75 20.85 -7.01 61.97
N CYS A 76 20.44 -7.64 63.07
CA CYS A 76 21.16 -8.77 63.64
C CYS A 76 20.23 -9.97 63.70
N MET A 77 20.78 -11.14 63.48
CA MET A 77 20.00 -12.38 63.41
C MET A 77 20.44 -13.26 64.57
N THR A 78 19.55 -13.45 65.54
CA THR A 78 19.85 -14.21 66.74
C THR A 78 19.06 -15.50 66.75
N GLY A 79 19.75 -16.60 66.55
CA GLY A 79 19.13 -17.89 66.50
C GLY A 79 19.99 -18.85 65.72
N ARG A 80 19.33 -19.70 64.93
CA ARG A 80 20.06 -20.62 64.05
C ARG A 80 20.70 -19.80 62.92
N ALA A 81 22.03 -19.81 62.89
CA ALA A 81 22.84 -18.95 62.04
C ALA A 81 22.62 -19.09 60.53
N PRO A 82 22.43 -20.30 59.93
CA PRO A 82 22.08 -20.29 58.50
C PRO A 82 20.64 -19.88 58.23
N ASP A 83 19.77 -19.91 59.23
CA ASP A 83 18.41 -19.41 59.02
C ASP A 83 18.39 -17.89 58.98
N GLY A 84 19.33 -17.25 59.67
CA GLY A 84 19.38 -15.80 59.68
C GLY A 84 19.85 -15.24 58.35
N ARG A 85 20.78 -15.95 57.70
CA ARG A 85 21.23 -15.56 56.37
C ARG A 85 20.13 -15.72 55.34
N ALA A 86 19.20 -16.65 55.59
CA ALA A 86 18.06 -16.83 54.70
C ALA A 86 17.09 -15.66 54.77
N LEU A 87 16.82 -15.15 55.96
CA LEU A 87 15.86 -14.06 56.10
C LEU A 87 16.46 -12.70 55.75
N VAL A 88 17.79 -12.60 55.71
CA VAL A 88 18.40 -11.39 55.17
C VAL A 88 18.16 -11.30 53.68
N GLN A 89 18.32 -12.42 52.96
CA GLN A 89 18.12 -12.43 51.52
C GLN A 89 16.65 -12.23 51.17
N ARG A 90 15.74 -12.62 52.07
CA ARG A 90 14.33 -12.33 51.86
C ARG A 90 14.05 -10.84 52.06
N ALA A 91 14.67 -10.24 53.08
CA ALA A 91 14.41 -8.84 53.38
C ALA A 91 15.10 -7.92 52.38
N ARG A 92 16.18 -8.39 51.75
CA ARG A 92 16.84 -7.61 50.71
C ARG A 92 16.03 -7.62 49.42
N GLU A 93 15.28 -8.69 49.19
CA GLU A 93 14.37 -8.73 48.04
C GLU A 93 13.18 -7.82 48.26
N GLU A 94 12.66 -7.78 49.50
CA GLU A 94 11.47 -6.99 49.75
C GLU A 94 11.79 -5.50 49.78
N ALA A 95 13.00 -5.16 50.24
CA ALA A 95 13.40 -3.75 50.26
C ALA A 95 13.73 -3.25 48.87
N SER A 96 14.17 -4.14 47.99
CA SER A 96 14.49 -3.74 46.62
C SER A 96 13.24 -3.67 45.76
N ASP A 97 12.31 -4.62 45.96
CA ASP A 97 11.09 -4.62 45.18
C ASP A 97 10.12 -3.55 45.65
N TYR A 98 10.32 -3.06 46.88
CA TYR A 98 9.64 -1.85 47.32
C TYR A 98 10.20 -0.64 46.59
N GLN A 99 11.51 -0.65 46.33
CA GLN A 99 12.16 0.50 45.72
C GLN A 99 11.78 0.63 44.25
N TYR A 100 11.70 -0.49 43.54
CA TYR A 100 11.29 -0.48 42.15
C TYR A 100 9.83 -0.10 41.97
N ARG A 101 8.95 -0.65 42.80
CA ARG A 101 7.51 -0.46 42.63
C ARG A 101 7.02 0.87 43.17
N TYR A 102 7.64 1.38 44.24
CA TYR A 102 7.11 2.54 44.94
C TYR A 102 8.05 3.74 44.94
N GLY A 103 9.30 3.58 44.53
CA GLY A 103 10.19 4.70 44.28
C GLY A 103 10.87 5.28 45.51
N VAL A 104 10.40 4.98 46.71
CA VAL A 104 11.01 5.47 47.93
C VAL A 104 11.63 4.29 48.68
N GLU A 105 12.50 4.62 49.62
CA GLU A 105 13.08 3.62 50.49
C GLU A 105 12.05 3.10 51.48
N ILE A 106 12.17 1.84 51.85
CA ILE A 106 11.18 1.16 52.67
C ILE A 106 11.24 1.65 54.11
N PRO A 107 10.11 1.93 54.74
CA PRO A 107 10.12 2.23 56.17
C PRO A 107 10.51 1.00 56.98
N ILE A 108 11.03 1.25 58.18
CA ILE A 108 11.52 0.17 59.01
C ILE A 108 10.35 -0.60 59.62
N ALA A 109 9.27 0.12 59.95
CA ALA A 109 8.08 -0.52 60.49
C ALA A 109 7.36 -1.36 59.44
N VAL A 110 7.54 -1.03 58.16
CA VAL A 110 6.88 -1.77 57.09
C VAL A 110 7.71 -2.97 56.68
N LEU A 111 9.04 -2.85 56.74
CA LEU A 111 9.92 -3.98 56.44
C LEU A 111 9.84 -5.03 57.55
N ALA A 112 9.50 -4.62 58.77
CA ALA A 112 9.28 -5.59 59.83
C ALA A 112 7.94 -6.29 59.68
N LYS A 113 6.94 -5.60 59.14
CA LYS A 113 5.63 -6.22 58.95
C LYS A 113 5.64 -7.20 57.79
N ARG A 114 6.33 -6.87 56.71
CA ARG A 114 6.36 -7.75 55.54
C ARG A 114 7.25 -8.97 55.76
N MET A 115 8.15 -8.91 56.75
CA MET A 115 8.91 -10.10 57.12
C MET A 115 8.19 -10.94 58.17
N GLY A 116 7.24 -10.35 58.90
CA GLY A 116 6.41 -11.13 59.79
C GLY A 116 5.30 -11.85 59.06
N ASP A 117 4.92 -11.34 57.88
CA ASP A 117 3.94 -12.06 57.06
C ASP A 117 4.57 -13.25 56.37
N LYS A 118 5.90 -13.22 56.17
CA LYS A 118 6.58 -14.37 55.59
C LYS A 118 6.74 -15.48 56.61
N ALA A 119 6.77 -15.13 57.90
CA ALA A 119 6.95 -16.14 58.93
C ALA A 119 5.62 -16.78 59.32
N GLN A 120 4.51 -16.08 59.08
CA GLN A 120 3.20 -16.64 59.40
C GLN A 120 2.80 -17.70 58.39
N VAL A 121 3.23 -17.55 57.13
CA VAL A 121 2.88 -18.52 56.10
C VAL A 121 3.60 -19.85 56.36
N ARG A 122 4.83 -19.78 56.84
CA ARG A 122 5.60 -21.00 57.08
C ARG A 122 5.11 -21.76 58.31
N THR A 123 4.36 -21.12 59.20
CA THR A 123 3.78 -21.83 60.34
C THR A 123 2.30 -22.13 60.16
N GLN A 124 1.74 -21.89 58.97
CA GLN A 124 0.37 -22.28 58.67
C GLN A 124 0.29 -23.37 57.62
N GLN A 125 1.10 -23.32 56.58
CA GLN A 125 1.22 -24.46 55.69
C GLN A 125 2.03 -25.56 56.38
N ALA A 126 1.60 -26.81 56.16
CA ALA A 126 2.08 -27.92 56.97
C ALA A 126 3.52 -28.32 56.62
N GLY A 127 3.89 -28.18 55.35
CA GLY A 127 5.18 -28.66 54.90
C GLY A 127 6.38 -27.80 55.26
N LEU A 128 6.17 -26.50 55.44
CA LEU A 128 7.26 -25.55 55.57
C LEU A 128 7.76 -25.47 57.01
N ARG A 129 9.08 -25.38 57.16
CA ARG A 129 9.70 -25.27 58.47
C ARG A 129 9.80 -23.79 58.87
N PRO A 130 9.50 -23.45 60.12
CA PRO A 130 9.72 -22.08 60.58
C PRO A 130 11.20 -21.77 60.69
N MET A 131 11.53 -20.50 60.49
CA MET A 131 12.90 -20.02 60.67
C MET A 131 13.21 -19.90 62.15
N GLY A 132 14.21 -20.64 62.61
CA GLY A 132 14.58 -20.60 64.01
C GLY A 132 15.54 -19.47 64.32
N VAL A 133 15.07 -18.23 64.18
CA VAL A 133 15.92 -17.06 64.35
C VAL A 133 15.02 -15.87 64.65
N VAL A 134 15.46 -15.03 65.58
CA VAL A 134 14.78 -13.79 65.93
C VAL A 134 15.52 -12.65 65.23
N SER A 135 14.81 -11.92 64.37
CA SER A 135 15.40 -10.81 63.65
C SER A 135 15.20 -9.52 64.43
N THR A 136 16.14 -8.59 64.28
CA THR A 136 16.06 -7.29 64.94
C THR A 136 16.47 -6.23 63.92
N PHE A 137 15.48 -5.69 63.20
CA PHE A 137 15.74 -4.67 62.21
C PHE A 137 15.77 -3.31 62.86
N ILE A 138 16.90 -2.60 62.71
CA ILE A 138 17.06 -1.31 63.34
C ILE A 138 17.35 -0.26 62.28
N GLY A 139 16.92 0.97 62.55
CA GLY A 139 17.08 2.03 61.59
C GLY A 139 16.44 3.30 62.12
N MET A 140 16.43 4.32 61.28
CA MET A 140 15.83 5.61 61.65
C MET A 140 14.84 6.04 60.58
N ASP A 141 13.61 6.32 61.00
CA ASP A 141 12.55 6.69 60.06
C ASP A 141 12.41 8.20 59.95
N GLN A 142 11.93 8.63 58.79
CA GLN A 142 11.62 10.03 58.55
C GLN A 142 10.33 10.38 59.29
N SER A 143 10.44 11.22 60.31
CA SER A 143 9.26 11.61 61.06
C SER A 143 8.40 12.57 60.25
N ASP A 144 7.12 12.63 60.60
CA ASP A 144 6.19 13.51 59.92
C ASP A 144 5.94 14.76 60.76
N GLN A 145 5.43 15.81 60.09
CA GLN A 145 5.02 17.11 60.62
C GLN A 145 6.18 17.97 61.13
N ASP A 146 7.41 17.44 61.10
CA ASP A 146 8.60 18.24 61.41
C ASP A 146 9.80 17.93 60.53
N GLY A 147 9.90 16.74 59.95
CA GLY A 147 10.99 16.41 59.05
C GLY A 147 12.22 15.84 59.70
N SER A 148 12.23 15.64 61.01
CA SER A 148 13.39 15.10 61.69
C SER A 148 13.46 13.58 61.50
N LEU A 149 14.58 13.00 61.96
CA LEU A 149 14.73 11.55 62.03
C LEU A 149 14.46 11.08 63.45
N LYS A 150 14.18 9.78 63.58
CA LYS A 150 13.75 9.22 64.85
C LYS A 150 14.25 7.78 64.98
N PRO A 151 14.84 7.40 66.11
CA PRO A 151 15.37 6.04 66.25
C PRO A 151 14.28 4.98 66.34
N GLN A 152 14.52 3.85 65.68
CA GLN A 152 13.56 2.76 65.61
C GLN A 152 14.23 1.42 65.83
N ILE A 153 13.56 0.55 66.59
CA ILE A 153 13.97 -0.84 66.80
C ILE A 153 12.75 -1.72 66.55
N TYR A 154 12.89 -2.72 65.68
CA TYR A 154 11.79 -3.62 65.39
C TYR A 154 12.27 -5.07 65.40
N THR A 155 11.47 -5.92 66.05
CA THR A 155 11.81 -7.31 66.30
C THR A 155 10.65 -8.18 65.85
N VAL A 156 10.96 -9.23 65.08
CA VAL A 156 9.96 -10.18 64.60
C VAL A 156 10.33 -11.59 65.07
N ASP A 157 9.38 -12.24 65.75
CA ASP A 157 9.56 -13.58 66.29
C ASP A 157 9.53 -14.61 65.17
N PRO A 158 9.88 -15.88 65.46
CA PRO A 158 9.62 -16.94 64.48
C PRO A 158 8.15 -17.20 64.23
N ALA A 159 7.24 -16.79 65.12
CA ALA A 159 5.81 -16.92 64.85
C ALA A 159 5.29 -15.82 63.94
N GLY A 160 5.89 -14.64 64.02
CA GLY A 160 5.41 -13.49 63.27
C GLY A 160 5.00 -12.31 64.12
N TRP A 161 5.40 -12.26 65.39
CA TRP A 161 5.01 -11.18 66.29
C TRP A 161 5.95 -10.00 66.10
N THR A 162 5.55 -9.07 65.25
CA THR A 162 6.34 -7.85 65.07
C THR A 162 5.94 -6.81 66.10
N GLY A 163 6.85 -5.86 66.32
CA GLY A 163 6.59 -4.80 67.28
C GLY A 163 7.79 -3.90 67.53
N GLY A 164 7.52 -2.63 67.84
CA GLY A 164 8.60 -1.73 68.20
C GLY A 164 9.11 -1.98 69.59
N HIS A 165 10.28 -1.42 69.90
CA HIS A 165 10.91 -1.61 71.20
C HIS A 165 11.70 -0.37 71.58
N ILE A 166 11.86 -0.19 72.90
CA ILE A 166 12.84 0.76 73.41
C ILE A 166 14.18 0.06 73.62
N ALA A 167 14.15 -1.12 74.22
CA ALA A 167 15.33 -1.94 74.38
C ALA A 167 14.92 -3.41 74.41
N CYS A 168 15.61 -4.24 73.62
CA CYS A 168 15.26 -5.65 73.51
C CYS A 168 16.51 -6.50 73.70
N ALA A 169 16.28 -7.81 73.77
CA ALA A 169 17.34 -8.78 73.98
C ALA A 169 16.88 -10.13 73.44
N ALA A 170 17.82 -10.89 72.89
CA ALA A 170 17.49 -12.16 72.27
C ALA A 170 18.67 -13.10 72.43
N GLY A 171 18.38 -14.38 72.66
CA GLY A 171 19.39 -15.40 72.78
C GLY A 171 19.35 -16.07 74.14
N LYS A 172 20.48 -16.66 74.51
CA LYS A 172 20.59 -17.37 75.78
C LYS A 172 20.66 -16.38 76.94
N LYS A 173 19.88 -16.66 77.98
CA LYS A 173 19.70 -15.81 79.16
C LYS A 173 19.24 -14.41 78.77
N GLN A 174 18.28 -14.37 77.86
CA GLN A 174 17.61 -13.14 77.48
C GLN A 174 16.66 -12.64 78.55
N VAL A 175 16.31 -13.46 79.52
CA VAL A 175 15.47 -13.03 80.63
C VAL A 175 16.27 -12.19 81.62
N GLU A 176 17.53 -12.56 81.89
CA GLU A 176 18.36 -11.76 82.76
C GLU A 176 18.84 -10.49 82.09
N ALA A 177 18.75 -10.42 80.76
CA ALA A 177 19.11 -9.19 80.05
C ALA A 177 17.93 -8.22 80.02
N MET A 178 16.71 -8.75 79.94
CA MET A 178 15.53 -7.91 80.08
C MET A 178 15.41 -7.36 81.49
N ALA A 179 15.79 -8.16 82.49
CA ALA A 179 15.62 -7.77 83.88
C ALA A 179 16.59 -6.66 84.27
N PHE A 180 17.77 -6.63 83.65
CA PHE A 180 18.71 -5.55 83.90
C PHE A 180 18.24 -4.25 83.25
N LEU A 181 17.64 -4.34 82.07
CA LEU A 181 17.22 -3.15 81.34
C LEU A 181 15.98 -2.52 81.97
N GLU A 182 15.09 -3.34 82.51
CA GLU A 182 13.92 -2.80 83.20
C GLU A 182 14.31 -2.18 84.54
N LYS A 183 15.32 -2.76 85.20
CA LYS A 183 15.83 -2.19 86.43
C LYS A 183 16.50 -0.84 86.17
N ARG A 184 17.20 -0.73 85.04
CA ARG A 184 17.79 0.53 84.63
C ARG A 184 16.73 1.52 84.15
N GLN A 185 15.59 1.04 83.66
CA GLN A 185 14.52 1.89 83.17
C GLN A 185 13.78 2.60 84.31
N LYS A 186 13.86 2.08 85.53
CA LYS A 186 13.11 2.63 86.65
C LYS A 186 13.68 3.97 87.13
N SER A 187 14.97 4.23 86.87
CA SER A 187 15.59 5.45 87.33
C SER A 187 15.48 6.58 86.30
N THR A 188 16.07 6.41 85.13
CA THR A 188 16.10 7.44 84.10
C THR A 188 15.01 7.20 83.06
N GLU A 189 15.06 7.96 81.98
CA GLU A 189 14.12 7.85 80.85
C GLU A 189 14.99 7.68 79.61
N LEU A 190 14.91 6.51 79.00
CA LEU A 190 15.90 6.07 78.01
C LEU A 190 15.87 6.85 76.70
N ASP A 191 14.80 7.60 76.46
CA ASP A 191 14.71 8.39 75.23
C ASP A 191 15.30 9.77 75.42
N ALA A 192 15.95 10.01 76.57
CA ALA A 192 16.64 11.26 76.82
C ALA A 192 18.15 11.07 76.94
N LEU A 193 18.62 9.83 77.00
CA LEU A 193 20.05 9.58 77.15
C LEU A 193 20.79 9.83 75.85
N THR A 194 22.10 9.92 75.94
CA THR A 194 22.97 10.14 74.80
C THR A 194 23.54 8.83 74.30
N GLN A 195 24.33 8.92 73.23
CA GLN A 195 24.91 7.73 72.61
C GLN A 195 26.00 7.13 73.48
N LYS A 196 26.73 7.98 74.22
CA LYS A 196 27.75 7.49 75.14
C LYS A 196 27.11 6.80 76.34
N GLU A 197 26.00 7.37 76.83
CA GLU A 197 25.36 6.83 78.02
C GLU A 197 24.61 5.53 77.71
N ALA A 198 23.98 5.46 76.55
CA ALA A 198 23.22 4.26 76.18
C ALA A 198 24.12 3.11 75.75
N ALA A 199 25.33 3.40 75.29
CA ALA A 199 26.28 2.34 74.98
C ALA A 199 26.76 1.62 76.22
N MET A 200 26.80 2.33 77.36
CA MET A 200 27.23 1.73 78.61
C MET A 200 26.21 0.74 79.14
N ILE A 201 24.92 0.96 78.86
CA ILE A 201 23.88 0.10 79.39
C ILE A 201 23.78 -1.20 78.61
N ALA A 202 23.80 -1.12 77.28
CA ALA A 202 23.69 -2.31 76.44
C ALA A 202 24.89 -3.23 76.57
N LEU A 203 26.06 -2.69 76.88
CA LEU A 203 27.22 -3.52 77.15
C LEU A 203 27.22 -4.08 78.55
N ALA A 204 26.70 -3.34 79.53
CA ALA A 204 26.56 -3.89 80.88
C ALA A 204 25.45 -4.91 80.96
N ALA A 205 24.41 -4.77 80.16
CA ALA A 205 23.37 -5.78 80.07
C ALA A 205 23.90 -7.06 79.44
N LEU A 206 24.88 -6.95 78.55
CA LEU A 206 25.53 -8.13 78.03
C LEU A 206 26.50 -8.71 79.05
N GLN A 207 26.94 -7.91 80.03
CA GLN A 207 27.84 -8.41 81.06
C GLN A 207 27.08 -9.11 82.19
N SER A 208 25.90 -8.61 82.56
CA SER A 208 25.16 -9.17 83.68
C SER A 208 24.57 -10.54 83.37
N ALA A 209 24.40 -10.87 82.08
CA ALA A 209 23.86 -12.17 81.71
C ALA A 209 24.96 -13.22 81.52
N ILE A 210 26.10 -12.84 80.94
CA ILE A 210 27.16 -13.82 80.76
C ILE A 210 28.07 -13.92 81.99
N GLY A 211 28.11 -12.87 82.83
CA GLY A 211 28.90 -12.87 84.04
C GLY A 211 30.39 -12.96 83.82
N THR A 212 30.88 -12.37 82.73
CA THR A 212 32.26 -12.61 82.31
C THR A 212 33.00 -11.29 82.14
N ALA A 213 32.26 -10.21 81.84
CA ALA A 213 32.79 -8.88 81.50
C ALA A 213 33.74 -8.98 80.31
N VAL A 214 33.12 -9.31 79.16
CA VAL A 214 33.84 -9.76 77.97
C VAL A 214 34.76 -8.70 77.40
N LYS A 215 35.65 -9.14 76.50
CA LYS A 215 36.59 -8.28 75.81
C LYS A 215 35.91 -7.54 74.67
N ALA A 216 36.64 -6.61 74.07
CA ALA A 216 36.08 -5.80 72.99
C ALA A 216 36.08 -6.53 71.66
N LYS A 217 36.86 -7.60 71.52
CA LYS A 217 36.84 -8.42 70.32
C LYS A 217 35.79 -9.52 70.40
N GLU A 218 35.24 -9.77 71.60
CA GLU A 218 34.20 -10.77 71.78
C GLU A 218 32.81 -10.21 71.57
N VAL A 219 32.68 -8.96 71.10
CA VAL A 219 31.42 -8.38 70.68
C VAL A 219 31.64 -7.69 69.34
N GLU A 220 30.55 -7.46 68.60
CA GLU A 220 30.54 -6.52 67.49
C GLU A 220 29.29 -5.67 67.58
N VAL A 221 29.45 -4.37 67.31
CA VAL A 221 28.39 -3.40 67.53
C VAL A 221 28.13 -2.65 66.24
N GLY A 222 26.86 -2.53 65.87
CA GLY A 222 26.45 -1.71 64.76
C GLY A 222 25.52 -0.61 65.25
N ARG A 223 25.53 0.51 64.52
CA ARG A 223 24.80 1.67 65.00
C ARG A 223 24.28 2.48 63.83
N CYS A 224 23.26 3.29 64.11
CA CYS A 224 22.70 4.27 63.20
C CYS A 224 22.48 5.56 63.97
N THR A 225 22.91 6.69 63.41
CA THR A 225 22.91 7.96 64.11
C THR A 225 22.17 8.98 63.24
N ALA A 226 21.59 10.00 63.87
CA ALA A 226 20.82 11.01 63.14
C ALA A 226 21.69 11.86 62.22
N ALA A 227 23.00 11.93 62.48
CA ALA A 227 23.89 12.70 61.61
C ALA A 227 24.34 11.87 60.42
N ASN A 228 24.70 10.60 60.67
CA ASN A 228 25.07 9.64 59.62
C ASN A 228 24.02 8.55 59.61
N PRO A 229 22.95 8.67 58.82
CA PRO A 229 21.83 7.73 58.92
C PRO A 229 22.11 6.34 58.36
N ALA A 230 23.24 6.14 57.71
CA ALA A 230 23.53 4.83 57.13
C ALA A 230 23.95 3.85 58.21
N PHE A 231 23.61 2.58 58.02
CA PHE A 231 24.01 1.54 58.96
C PHE A 231 25.48 1.20 58.76
N GLN A 232 26.24 1.23 59.85
CA GLN A 232 27.63 0.83 59.81
C GLN A 232 27.99 0.23 61.16
N ARG A 233 28.97 -0.66 61.16
CA ARG A 233 29.46 -1.24 62.40
C ARG A 233 30.60 -0.41 62.94
N VAL A 234 30.74 -0.40 64.26
CA VAL A 234 31.68 0.48 64.94
C VAL A 234 33.08 -0.08 64.77
N PRO A 235 34.13 0.72 64.91
CA PRO A 235 35.48 0.14 65.02
C PRO A 235 35.66 -0.51 66.38
N ASN A 236 36.65 -1.39 66.46
CA ASN A 236 36.95 -2.06 67.72
C ASN A 236 37.59 -1.12 68.74
N SER A 237 38.18 -0.01 68.29
CA SER A 237 38.77 0.96 69.20
C SER A 237 37.72 1.75 69.97
N GLU A 238 36.50 1.85 69.44
CA GLU A 238 35.45 2.59 70.11
C GLU A 238 34.71 1.73 71.12
N VAL A 239 34.81 0.40 70.97
CA VAL A 239 34.26 -0.50 71.97
C VAL A 239 35.13 -0.46 73.23
N GLU A 240 36.44 -0.25 73.06
CA GLU A 240 37.35 -0.21 74.20
C GLU A 240 37.17 1.06 75.03
N GLU A 241 36.76 2.16 74.39
CA GLU A 241 36.46 3.37 75.14
C GLU A 241 35.17 3.25 75.93
N TRP A 242 34.31 2.31 75.58
CA TRP A 242 33.07 2.04 76.29
C TRP A 242 33.23 1.01 77.40
N LEU A 243 34.07 -0.01 77.18
CA LEU A 243 34.27 -1.05 78.18
C LEU A 243 35.06 -0.57 79.38
N THR A 244 35.88 0.48 79.20
CA THR A 244 36.53 1.08 80.35
C THR A 244 35.55 1.86 81.21
N ALA A 245 34.57 2.53 80.59
CA ALA A 245 33.60 3.31 81.35
C ALA A 245 32.63 2.45 82.13
N VAL A 246 32.37 1.22 81.66
CA VAL A 246 31.51 0.31 82.41
C VAL A 246 32.23 -0.18 83.66
N ALA A 247 33.55 -0.39 83.56
CA ALA A 247 34.33 -0.77 84.72
C ALA A 247 34.51 0.38 85.71
N GLU A 248 34.32 1.63 85.27
CA GLU A 248 34.38 2.76 86.18
C GLU A 248 33.09 2.88 86.98
N GLU B 3 3.04 -31.21 47.20
CA GLU B 3 3.44 -30.27 48.24
C GLU B 3 2.42 -30.23 49.37
N ALA B 4 2.05 -31.42 49.84
CA ALA B 4 1.08 -31.65 50.92
C ALA B 4 -0.28 -31.02 50.58
N PHE B 5 -0.90 -31.54 49.54
CA PHE B 5 -2.20 -31.08 49.09
C PHE B 5 -3.35 -31.78 49.80
N TYR B 6 -3.06 -32.64 50.77
CA TYR B 6 -4.12 -33.28 51.53
C TYR B 6 -4.64 -32.34 52.61
N GLY B 7 -5.86 -32.61 53.07
CA GLY B 7 -6.48 -31.77 54.07
C GLY B 7 -6.00 -32.14 55.47
N LEU B 8 -5.92 -31.12 56.32
CA LEU B 8 -5.52 -31.30 57.71
C LEU B 8 -6.70 -31.33 58.66
N THR B 9 -7.81 -30.70 58.28
CA THR B 9 -9.02 -30.69 59.10
C THR B 9 -10.06 -31.63 58.48
N THR B 10 -10.48 -32.63 59.25
CA THR B 10 -11.41 -33.65 58.82
C THR B 10 -12.47 -33.86 59.88
N PHE B 11 -13.37 -34.79 59.63
CA PHE B 11 -14.43 -35.09 60.57
C PHE B 11 -13.97 -36.15 61.58
N SER B 12 -14.65 -36.17 62.71
CA SER B 12 -14.40 -37.10 63.80
C SER B 12 -15.48 -38.17 63.78
N PRO B 13 -15.25 -39.33 64.46
CA PRO B 13 -16.33 -40.33 64.58
C PRO B 13 -17.55 -39.85 65.37
N SER B 14 -17.40 -38.81 66.17
CA SER B 14 -18.55 -38.14 66.77
C SER B 14 -19.25 -37.20 65.81
N GLY B 15 -18.65 -36.89 64.67
CA GLY B 15 -19.26 -35.99 63.71
C GLY B 15 -18.93 -34.53 63.90
N LYS B 16 -17.76 -34.20 64.46
CA LYS B 16 -17.38 -32.83 64.74
C LYS B 16 -16.02 -32.51 64.13
N LEU B 17 -15.89 -31.30 63.60
CA LEU B 17 -14.61 -30.82 63.09
C LEU B 17 -13.74 -30.45 64.29
N ILE B 18 -12.90 -31.39 64.69
CA ILE B 18 -12.17 -31.31 65.95
C ILE B 18 -11.00 -30.33 65.80
N GLN B 19 -10.58 -30.06 64.56
CA GLN B 19 -9.51 -29.10 64.32
C GLN B 19 -10.00 -27.68 64.54
N ILE B 20 -11.24 -27.39 64.15
CA ILE B 20 -11.81 -26.06 64.34
C ILE B 20 -12.19 -25.86 65.81
N GLU B 21 -12.57 -26.93 66.50
CA GLU B 21 -12.81 -26.88 67.94
C GLU B 21 -11.55 -26.51 68.70
N TYR B 22 -10.39 -26.96 68.22
CA TYR B 22 -9.13 -26.56 68.84
C TYR B 22 -8.79 -25.11 68.51
N ALA B 23 -9.15 -24.64 67.32
CA ALA B 23 -8.87 -23.26 66.93
C ALA B 23 -9.73 -22.25 67.67
N THR B 24 -10.91 -22.66 68.16
CA THR B 24 -11.74 -21.75 68.95
C THR B 24 -11.20 -21.62 70.36
N THR B 25 -10.51 -22.66 70.85
CA THR B 25 -9.75 -22.53 72.09
C THR B 25 -8.59 -21.57 71.92
N ALA B 26 -7.92 -21.61 70.75
CA ALA B 26 -6.81 -20.71 70.48
C ALA B 26 -7.29 -19.27 70.30
N ALA B 27 -8.51 -19.08 69.82
CA ALA B 27 -9.07 -17.76 69.60
C ALA B 27 -9.73 -17.19 70.84
N GLY B 28 -9.68 -17.90 71.97
CA GLY B 28 -10.25 -17.41 73.20
C GLY B 28 -9.19 -17.18 74.26
N LYS B 29 -7.92 -17.35 73.89
CA LYS B 29 -6.81 -17.13 74.79
C LYS B 29 -6.15 -15.78 74.58
N GLY B 30 -6.71 -14.93 73.73
CA GLY B 30 -6.18 -13.60 73.53
C GLY B 30 -6.66 -12.66 74.63
N THR B 31 -6.35 -11.38 74.43
CA THR B 31 -6.78 -10.38 75.40
C THR B 31 -8.22 -9.94 75.09
N THR B 32 -8.82 -9.26 76.07
CA THR B 32 -10.26 -8.97 76.02
C THR B 32 -10.52 -7.81 75.07
N ALA B 33 -11.17 -8.11 73.95
CA ALA B 33 -11.66 -7.12 73.01
C ALA B 33 -13.18 -7.15 73.01
N LEU B 34 -13.82 -5.99 72.87
CA LEU B 34 -15.26 -5.92 72.99
C LEU B 34 -15.79 -4.75 72.17
N GLY B 35 -17.11 -4.67 72.10
CA GLY B 35 -17.76 -3.58 71.40
C GLY B 35 -19.22 -3.46 71.78
N VAL B 36 -19.74 -2.24 71.73
CA VAL B 36 -21.15 -1.97 71.96
C VAL B 36 -21.68 -1.09 70.84
N LYS B 37 -22.99 -1.13 70.64
CA LYS B 37 -23.66 -0.28 69.68
C LYS B 37 -24.44 0.82 70.40
N ALA B 38 -24.98 1.74 69.60
CA ALA B 38 -25.79 2.84 70.09
C ALA B 38 -26.71 3.30 68.98
N THR B 39 -27.48 4.35 69.27
CA THR B 39 -28.33 4.94 68.25
C THR B 39 -27.57 5.90 67.35
N ASP B 40 -26.36 6.30 67.75
CA ASP B 40 -25.58 7.29 67.02
C ASP B 40 -24.23 6.78 66.54
N GLY B 41 -23.82 5.60 66.97
CA GLY B 41 -22.51 5.08 66.57
C GLY B 41 -22.26 3.73 67.22
N VAL B 42 -21.07 3.20 66.93
CA VAL B 42 -20.62 1.92 67.45
C VAL B 42 -19.22 2.09 68.00
N VAL B 43 -19.00 1.65 69.24
CA VAL B 43 -17.71 1.74 69.91
C VAL B 43 -17.05 0.37 69.87
N ILE B 44 -15.75 0.32 69.63
CA ILE B 44 -14.96 -0.89 69.80
C ILE B 44 -13.86 -0.57 70.80
N ALA B 45 -13.55 -1.52 71.68
CA ALA B 45 -12.56 -1.29 72.72
C ALA B 45 -11.61 -2.48 72.79
N ALA B 46 -10.33 -2.19 72.91
CA ALA B 46 -9.29 -3.21 72.95
C ALA B 46 -8.53 -3.12 74.27
N LYS B 47 -7.46 -3.91 74.36
CA LYS B 47 -6.63 -3.97 75.57
C LYS B 47 -5.22 -4.33 75.13
N LYS B 48 -4.36 -3.32 74.98
CA LYS B 48 -2.98 -3.53 74.54
C LYS B 48 -2.18 -4.02 75.73
N LYS B 49 -1.97 -5.34 75.81
CA LYS B 49 -1.19 -5.92 76.90
C LYS B 49 0.28 -5.83 76.53
N ALA B 50 1.02 -5.00 77.25
CA ALA B 50 2.45 -4.88 77.01
C ALA B 50 3.18 -6.00 77.75
N PRO B 51 4.02 -6.78 77.06
CA PRO B 51 4.79 -7.83 77.75
C PRO B 51 5.86 -7.28 78.68
N SER B 52 6.33 -6.05 78.45
CA SER B 52 7.30 -5.39 79.30
C SER B 52 7.05 -3.90 79.23
N THR B 53 7.88 -3.13 79.94
CA THR B 53 7.82 -1.68 79.84
C THR B 53 8.66 -1.16 78.68
N LEU B 54 9.32 -2.06 77.96
CA LEU B 54 10.27 -1.73 76.91
C LEU B 54 9.78 -2.15 75.53
N VAL B 55 8.47 -2.23 75.32
CA VAL B 55 7.93 -2.79 74.09
C VAL B 55 7.16 -1.75 73.28
N ASP B 56 7.32 -0.45 73.60
CA ASP B 56 6.87 0.68 72.79
C ASP B 56 5.35 0.63 72.56
N ALA B 57 4.63 0.89 73.65
CA ALA B 57 3.17 0.79 73.68
C ALA B 57 2.46 1.67 72.64
N SER B 58 3.10 2.73 72.15
CA SER B 58 2.54 3.52 71.07
C SER B 58 2.72 2.86 69.70
N SER B 59 3.55 1.81 69.59
CA SER B 59 3.78 1.15 68.32
C SER B 59 2.82 0.01 68.07
N ILE B 60 2.59 -0.86 69.05
CA ILE B 60 1.67 -1.97 68.87
C ILE B 60 0.24 -1.44 68.88
N GLN B 61 -0.62 -2.12 68.11
CA GLN B 61 -1.99 -1.68 67.95
C GLN B 61 -2.88 -2.90 67.75
N LYS B 62 -4.13 -2.79 68.22
CA LYS B 62 -5.08 -3.86 68.12
C LYS B 62 -6.38 -3.44 67.46
N VAL B 63 -6.70 -2.15 67.44
CA VAL B 63 -7.84 -1.64 66.70
C VAL B 63 -7.36 -1.29 65.31
N PHE B 64 -7.82 -2.04 64.32
CA PHE B 64 -7.39 -1.89 62.94
C PHE B 64 -8.48 -1.18 62.16
N VAL B 65 -8.11 -0.10 61.49
CA VAL B 65 -9.02 0.62 60.61
C VAL B 65 -8.85 0.09 59.19
N LEU B 66 -9.97 -0.27 58.57
CA LEU B 66 -9.98 -0.96 57.29
C LEU B 66 -10.25 -0.04 56.10
N ASP B 67 -11.09 0.96 56.28
CA ASP B 67 -11.37 1.93 55.23
C ASP B 67 -11.87 3.19 55.94
N GLU B 68 -12.47 4.10 55.19
CA GLU B 68 -13.04 5.31 55.76
C GLU B 68 -14.34 5.07 56.52
N HIS B 69 -14.83 3.83 56.61
CA HIS B 69 -16.06 3.55 57.33
C HIS B 69 -16.08 2.24 58.11
N VAL B 70 -15.01 1.43 58.06
CA VAL B 70 -15.01 0.11 58.71
C VAL B 70 -13.80 0.05 59.64
N GLY B 71 -13.98 -0.60 60.79
CA GLY B 71 -12.87 -0.91 61.68
C GLY B 71 -12.96 -2.34 62.19
N CYS B 72 -11.92 -2.74 62.93
CA CYS B 72 -11.82 -4.11 63.38
C CYS B 72 -10.95 -4.20 64.62
N THR B 73 -11.18 -5.24 65.41
CA THR B 73 -10.35 -5.57 66.57
C THR B 73 -10.42 -7.07 66.79
N TYR B 74 -9.27 -7.68 67.04
CA TYR B 74 -9.16 -9.13 67.12
C TYR B 74 -8.89 -9.59 68.55
N SER B 75 -8.94 -10.92 68.73
CA SER B 75 -8.48 -11.56 69.95
C SER B 75 -8.13 -13.00 69.60
N GLY B 76 -6.83 -13.28 69.48
CA GLY B 76 -6.38 -14.62 69.16
C GLY B 76 -4.91 -14.63 68.80
N MET B 77 -4.56 -15.30 67.71
CA MET B 77 -3.20 -15.23 67.19
C MET B 77 -3.03 -13.98 66.35
N GLY B 78 -2.15 -13.10 66.81
CA GLY B 78 -1.79 -11.85 66.16
C GLY B 78 -1.39 -11.93 64.69
N PRO B 79 -0.35 -12.69 64.35
CA PRO B 79 0.05 -12.80 62.93
C PRO B 79 -0.98 -13.47 62.04
N ASP B 80 -1.84 -14.34 62.57
CA ASP B 80 -2.94 -14.88 61.76
C ASP B 80 -3.96 -13.82 61.40
N CYS B 81 -4.11 -12.80 62.25
CA CYS B 81 -5.09 -11.75 62.01
C CYS B 81 -4.66 -10.86 60.85
N ARG B 82 -3.36 -10.64 60.68
CA ARG B 82 -2.87 -9.71 59.67
C ARG B 82 -3.13 -10.20 58.25
N VAL B 83 -3.28 -11.51 58.06
CA VAL B 83 -3.72 -12.01 56.76
C VAL B 83 -5.18 -11.64 56.52
N LEU B 84 -6.00 -11.68 57.56
CA LEU B 84 -7.41 -11.35 57.44
C LEU B 84 -7.63 -9.85 57.23
N ILE B 85 -6.83 -9.00 57.88
CA ILE B 85 -7.01 -7.57 57.74
C ILE B 85 -6.49 -7.09 56.40
N ASP B 86 -5.37 -7.65 55.93
CA ASP B 86 -4.84 -7.28 54.63
C ASP B 86 -5.70 -7.78 53.48
N SER B 87 -6.47 -8.86 53.70
CA SER B 87 -7.43 -9.29 52.70
C SER B 87 -8.75 -8.53 52.82
N ALA B 88 -9.03 -7.96 53.99
CA ALA B 88 -10.24 -7.16 54.14
C ALA B 88 -10.04 -5.72 53.70
N ARG B 89 -8.82 -5.19 53.87
CA ARG B 89 -8.49 -3.88 53.32
C ARG B 89 -8.40 -3.94 51.81
N LYS B 90 -8.01 -5.09 51.26
CA LYS B 90 -7.92 -5.22 49.81
C LYS B 90 -9.28 -5.41 49.16
N ASN B 91 -10.15 -6.22 49.78
CA ASN B 91 -11.49 -6.44 49.24
C ASN B 91 -12.39 -5.22 49.40
N CYS B 92 -12.03 -4.29 50.27
CA CYS B 92 -12.83 -3.09 50.41
C CYS B 92 -12.42 -2.01 49.42
N GLN B 93 -11.17 -2.05 48.95
CA GLN B 93 -10.75 -1.14 47.89
C GLN B 93 -11.20 -1.63 46.51
N GLN B 94 -11.36 -2.94 46.35
CA GLN B 94 -11.89 -3.47 45.10
C GLN B 94 -13.37 -3.18 44.94
N TYR B 95 -14.08 -2.91 46.03
CA TYR B 95 -15.49 -2.53 45.93
C TYR B 95 -15.64 -1.10 45.46
N LYS B 96 -14.72 -0.22 45.84
CA LYS B 96 -14.81 1.18 45.45
C LYS B 96 -14.34 1.41 44.03
N LEU B 97 -13.46 0.54 43.52
CA LEU B 97 -13.06 0.61 42.12
C LEU B 97 -14.06 -0.01 41.17
N MET B 98 -15.18 -0.52 41.69
CA MET B 98 -16.16 -1.21 40.88
C MET B 98 -17.57 -0.66 41.03
N TYR B 99 -17.90 -0.04 42.17
CA TYR B 99 -19.21 0.56 42.35
C TYR B 99 -19.22 2.03 42.71
N ASN B 100 -18.05 2.62 43.04
CA ASN B 100 -17.92 4.01 43.52
C ASN B 100 -18.84 4.24 44.72
N GLU B 101 -18.62 3.44 45.76
CA GLU B 101 -19.51 3.41 46.92
C GLU B 101 -18.75 2.75 48.05
N PRO B 102 -18.90 3.20 49.30
CA PRO B 102 -18.38 2.44 50.43
C PRO B 102 -19.07 1.10 50.54
N ILE B 103 -18.32 0.09 50.97
CA ILE B 103 -18.87 -1.26 51.07
C ILE B 103 -19.86 -1.31 52.24
N PRO B 104 -20.88 -2.15 52.19
CA PRO B 104 -21.64 -2.42 53.42
C PRO B 104 -20.92 -3.38 54.33
N ILE B 105 -21.24 -3.28 55.62
CA ILE B 105 -20.61 -4.12 56.63
C ILE B 105 -21.07 -5.57 56.48
N SER B 106 -22.25 -5.78 55.89
CA SER B 106 -22.70 -7.13 55.58
C SER B 106 -21.79 -7.79 54.55
N GLN B 107 -21.52 -7.12 53.44
CA GLN B 107 -20.82 -7.76 52.33
C GLN B 107 -19.34 -7.96 52.62
N LEU B 108 -18.73 -7.13 53.46
CA LEU B 108 -17.32 -7.31 53.79
C LEU B 108 -17.14 -8.53 54.70
N VAL B 109 -18.10 -8.76 55.60
CA VAL B 109 -17.99 -9.87 56.52
C VAL B 109 -18.33 -11.20 55.83
N ARG B 110 -19.17 -11.18 54.80
CA ARG B 110 -19.36 -12.37 53.97
C ARG B 110 -18.09 -12.73 53.21
N LYS B 111 -17.28 -11.72 52.83
CA LYS B 111 -16.06 -11.99 52.08
C LYS B 111 -14.95 -12.55 52.97
N ILE B 112 -14.80 -12.04 54.19
CA ILE B 112 -13.78 -12.57 55.08
C ILE B 112 -14.20 -13.88 55.73
N SER B 113 -15.51 -14.19 55.73
CA SER B 113 -15.95 -15.50 56.20
C SER B 113 -15.70 -16.57 55.14
N ALA B 114 -15.55 -16.17 53.88
CA ALA B 114 -15.13 -17.09 52.84
C ALA B 114 -13.62 -17.31 52.84
N ILE B 115 -12.88 -16.61 53.70
CA ILE B 115 -11.45 -16.83 53.85
C ILE B 115 -11.17 -17.76 55.03
N TYR B 116 -11.99 -17.69 56.08
CA TYR B 116 -11.94 -18.70 57.15
C TYR B 116 -12.31 -20.07 56.62
N GLN B 117 -13.43 -20.16 55.90
CA GLN B 117 -13.93 -21.45 55.41
C GLN B 117 -13.04 -22.02 54.33
N GLU B 118 -12.34 -21.16 53.58
CA GLU B 118 -11.38 -21.58 52.58
C GLU B 118 -10.24 -22.40 53.17
N PHE B 119 -9.73 -22.02 54.33
CA PHE B 119 -8.62 -22.73 54.97
C PHE B 119 -9.08 -23.87 55.87
N THR B 120 -10.38 -24.02 56.10
CA THR B 120 -10.91 -25.20 56.76
C THR B 120 -11.32 -26.28 55.76
N GLN B 121 -11.05 -26.07 54.47
CA GLN B 121 -11.39 -27.08 53.48
C GLN B 121 -10.30 -27.11 52.41
N SER B 122 -9.16 -26.50 52.71
CA SER B 122 -8.05 -26.49 51.76
C SER B 122 -7.10 -27.65 52.05
N GLY B 123 -6.10 -27.79 51.20
CA GLY B 123 -5.13 -28.84 51.34
C GLY B 123 -3.79 -28.37 51.88
N GLY B 124 -3.47 -28.78 53.11
CA GLY B 124 -2.16 -28.50 53.68
C GLY B 124 -2.11 -27.36 54.65
N VAL B 125 -3.22 -26.67 54.89
CA VAL B 125 -3.23 -25.55 55.82
C VAL B 125 -4.06 -25.91 57.04
N ARG B 126 -3.86 -25.16 58.09
CA ARG B 126 -4.65 -25.20 59.31
C ARG B 126 -5.60 -24.02 59.33
N PRO B 127 -6.68 -24.08 60.11
CA PRO B 127 -7.58 -22.92 60.22
C PRO B 127 -6.94 -21.75 60.94
N PHE B 128 -7.62 -20.61 60.90
CA PHE B 128 -7.16 -19.46 61.65
C PHE B 128 -7.40 -19.66 63.14
N GLY B 129 -6.59 -18.98 63.94
CA GLY B 129 -6.70 -19.06 65.38
C GLY B 129 -7.07 -17.75 66.01
N CYS B 130 -7.96 -16.99 65.36
CA CYS B 130 -8.35 -15.68 65.85
C CYS B 130 -9.73 -15.33 65.32
N SER B 131 -10.46 -14.56 66.12
CA SER B 131 -11.75 -14.01 65.73
C SER B 131 -11.62 -12.49 65.60
N LEU B 132 -12.63 -11.86 65.02
CA LEU B 132 -12.59 -10.42 64.79
C LEU B 132 -13.82 -9.75 65.39
N LEU B 133 -13.81 -8.42 65.36
CA LEU B 133 -14.95 -7.59 65.72
C LEU B 133 -15.06 -6.50 64.66
N VAL B 134 -15.76 -6.79 63.57
CA VAL B 134 -15.93 -5.84 62.49
C VAL B 134 -17.12 -4.94 62.83
N ALA B 135 -16.94 -3.63 62.68
CA ALA B 135 -18.01 -2.69 62.96
C ALA B 135 -17.84 -1.45 62.10
N GLY B 136 -18.97 -0.88 61.69
CA GLY B 136 -18.91 0.32 60.87
C GLY B 136 -20.30 0.71 60.38
N VAL B 137 -20.30 1.64 59.45
CA VAL B 137 -21.53 2.21 58.92
C VAL B 137 -21.73 1.75 57.48
N ASP B 138 -22.95 1.92 57.00
CA ASP B 138 -23.32 1.78 55.60
C ASP B 138 -24.63 2.53 55.40
N ALA B 139 -25.30 2.29 54.27
CA ALA B 139 -26.48 3.07 53.92
C ALA B 139 -27.73 2.67 54.73
N ASN B 140 -27.64 1.69 55.62
CA ASN B 140 -28.79 1.30 56.43
C ASN B 140 -28.41 1.12 57.89
N GLY B 141 -27.67 2.08 58.44
CA GLY B 141 -27.48 2.19 59.87
C GLY B 141 -26.10 1.73 60.31
N TYR B 142 -26.04 1.26 61.55
CA TYR B 142 -24.80 0.93 62.23
C TYR B 142 -24.76 -0.57 62.50
N HIS B 143 -23.55 -1.14 62.47
CA HIS B 143 -23.40 -2.59 62.54
C HIS B 143 -22.24 -2.97 63.44
N LEU B 144 -22.36 -4.15 64.05
CA LEU B 144 -21.29 -4.75 64.85
C LEU B 144 -21.36 -6.25 64.61
N TYR B 145 -20.42 -6.80 63.85
CA TYR B 145 -20.40 -8.23 63.57
C TYR B 145 -19.24 -8.88 64.31
N GLN B 146 -19.22 -10.22 64.28
CA GLN B 146 -18.19 -10.97 65.01
C GLN B 146 -18.04 -12.32 64.33
N VAL B 147 -16.98 -12.48 63.54
CA VAL B 147 -16.71 -13.74 62.88
C VAL B 147 -16.06 -14.71 63.86
N ASP B 148 -15.99 -15.98 63.46
CA ASP B 148 -15.41 -17.06 64.22
C ASP B 148 -14.38 -17.75 63.35
N PRO B 149 -13.46 -18.54 63.95
CA PRO B 149 -12.53 -19.31 63.11
C PRO B 149 -13.17 -20.40 62.27
N SER B 150 -14.43 -20.76 62.54
CA SER B 150 -15.15 -21.67 61.66
C SER B 150 -15.65 -20.99 60.41
N GLY B 151 -15.72 -19.67 60.40
CA GLY B 151 -16.37 -18.92 59.35
C GLY B 151 -17.75 -18.43 59.72
N THR B 152 -18.29 -18.88 60.84
CA THR B 152 -19.62 -18.47 61.25
C THR B 152 -19.59 -17.06 61.80
N PHE B 153 -20.31 -16.16 61.13
CA PHE B 153 -20.35 -14.76 61.51
C PHE B 153 -21.71 -14.46 62.15
N TRP B 154 -21.73 -13.42 62.97
CA TRP B 154 -22.94 -13.04 63.68
C TRP B 154 -23.22 -11.56 63.49
N ALA B 155 -24.35 -11.14 64.04
CA ALA B 155 -24.76 -9.74 64.06
C ALA B 155 -25.09 -9.43 65.51
N TRP B 156 -24.06 -9.07 66.27
CA TRP B 156 -24.28 -8.79 67.68
C TRP B 156 -24.74 -7.36 67.88
N LYS B 157 -25.08 -7.05 69.11
CA LYS B 157 -25.46 -5.72 69.54
C LYS B 157 -24.55 -5.19 70.63
N ALA B 158 -24.03 -6.08 71.49
CA ALA B 158 -22.93 -5.79 72.39
C ALA B 158 -22.29 -7.14 72.73
N THR B 159 -20.99 -7.27 72.54
CA THR B 159 -20.33 -8.57 72.75
C THR B 159 -18.90 -8.34 73.21
N ALA B 160 -18.20 -9.46 73.44
CA ALA B 160 -16.82 -9.45 73.91
C ALA B 160 -16.17 -10.76 73.53
N ILE B 161 -14.87 -10.70 73.23
CA ILE B 161 -14.09 -11.88 72.86
C ILE B 161 -12.78 -11.87 73.62
N GLY B 162 -12.27 -13.07 73.92
CA GLY B 162 -10.98 -13.23 74.56
C GLY B 162 -11.08 -13.92 75.91
N THR B 163 -10.03 -13.73 76.71
CA THR B 163 -10.03 -14.19 78.09
C THR B 163 -10.84 -13.23 78.96
N GLY B 164 -11.61 -13.79 79.87
CA GLY B 164 -12.51 -12.97 80.67
C GLY B 164 -13.69 -12.44 79.90
N SER B 165 -14.04 -13.08 78.79
CA SER B 165 -15.19 -12.71 77.97
C SER B 165 -16.57 -13.20 78.45
N PRO B 166 -16.77 -14.44 78.96
CA PRO B 166 -18.13 -14.80 79.40
C PRO B 166 -18.63 -14.02 80.61
N ASP B 167 -17.74 -13.58 81.50
CA ASP B 167 -18.16 -12.73 82.61
C ASP B 167 -18.15 -11.25 82.28
N ALA B 168 -17.61 -10.88 81.11
CA ALA B 168 -17.76 -9.51 80.64
C ALA B 168 -18.93 -9.37 79.67
N LYS B 169 -19.35 -10.47 79.06
CA LYS B 169 -20.53 -10.43 78.20
C LYS B 169 -21.80 -10.44 79.05
N ALA B 170 -21.76 -11.11 80.20
CA ALA B 170 -22.88 -11.04 81.14
C ALA B 170 -23.01 -9.66 81.76
N PHE B 171 -21.89 -8.94 81.91
CA PHE B 171 -21.95 -7.56 82.38
C PHE B 171 -22.52 -6.63 81.32
N LEU B 172 -22.41 -7.00 80.05
CA LEU B 172 -23.03 -6.21 78.99
C LEU B 172 -24.53 -6.40 78.92
N GLU B 173 -25.05 -7.55 79.37
CA GLU B 173 -26.50 -7.75 79.43
C GLU B 173 -27.13 -6.83 80.47
N LYS B 174 -26.47 -6.66 81.60
CA LYS B 174 -26.99 -5.87 82.71
C LYS B 174 -26.89 -4.37 82.48
N ARG B 175 -26.09 -3.93 81.53
CA ARG B 175 -25.80 -2.52 81.35
C ARG B 175 -26.29 -1.95 80.03
N TYR B 176 -26.74 -2.78 79.09
CA TYR B 176 -27.20 -2.28 77.80
C TYR B 176 -28.62 -1.75 77.92
N THR B 177 -28.92 -0.71 77.15
CA THR B 177 -30.25 -0.15 77.05
C THR B 177 -30.52 0.11 75.56
N VAL B 178 -31.78 0.01 75.15
CA VAL B 178 -32.11 0.09 73.73
C VAL B 178 -31.92 1.50 73.17
N ASP B 179 -31.96 2.53 74.01
CA ASP B 179 -31.79 3.89 73.52
C ASP B 179 -30.54 4.54 74.10
N MET B 180 -29.44 3.78 74.17
CA MET B 180 -28.15 4.32 74.59
C MET B 180 -27.62 5.28 73.54
N GLU B 181 -27.20 6.45 73.99
CA GLU B 181 -26.54 7.38 73.10
C GLU B 181 -25.08 6.98 72.93
N LEU B 182 -24.38 7.73 72.08
CA LEU B 182 -23.01 7.41 71.73
C LEU B 182 -22.04 7.71 72.88
N GLU B 183 -22.22 8.85 73.55
CA GLU B 183 -21.37 9.19 74.69
C GLU B 183 -21.66 8.26 75.86
N ASP B 184 -22.90 7.76 75.95
CA ASP B 184 -23.24 6.78 76.97
C ASP B 184 -22.62 5.42 76.63
N ALA B 185 -22.35 5.17 75.34
CA ALA B 185 -21.77 3.90 74.95
C ALA B 185 -20.29 3.83 75.31
N VAL B 186 -19.56 4.94 75.11
CA VAL B 186 -18.14 4.96 75.44
C VAL B 186 -17.95 4.92 76.96
N HIS B 187 -18.92 5.47 77.68
CA HIS B 187 -18.92 5.47 79.14
C HIS B 187 -18.99 4.05 79.71
N THR B 188 -19.67 3.15 78.99
CA THR B 188 -19.88 1.81 79.51
C THR B 188 -18.99 0.78 78.80
N ALA B 189 -18.41 1.14 77.66
CA ALA B 189 -17.47 0.24 77.00
C ALA B 189 -16.12 0.24 77.70
N LEU B 190 -15.72 1.40 78.24
CA LEU B 190 -14.49 1.46 79.02
C LEU B 190 -14.72 0.91 80.41
N LEU B 191 -15.95 0.98 80.91
CA LEU B 191 -16.25 0.55 82.26
C LEU B 191 -16.30 -0.97 82.36
N THR B 192 -16.66 -1.65 81.29
CA THR B 192 -16.65 -3.10 81.25
C THR B 192 -15.27 -3.67 80.93
N LEU B 193 -14.31 -2.83 80.54
CA LEU B 193 -12.92 -3.27 80.47
C LEU B 193 -12.29 -3.31 81.84
N LYS B 194 -12.67 -2.37 82.72
CA LYS B 194 -11.98 -2.17 83.99
C LYS B 194 -12.21 -3.34 84.95
N GLU B 195 -13.43 -3.88 84.98
CA GLU B 195 -13.81 -4.88 85.98
C GLU B 195 -13.16 -6.24 85.74
N GLY B 196 -12.53 -6.46 84.59
CA GLY B 196 -11.78 -7.67 84.36
C GLY B 196 -10.31 -7.36 84.17
N PHE B 197 -9.98 -6.07 84.18
CA PHE B 197 -8.60 -5.65 83.96
C PHE B 197 -7.77 -5.89 85.21
N ASP B 198 -6.49 -6.21 85.03
CA ASP B 198 -5.63 -6.55 86.16
C ASP B 198 -5.22 -5.30 86.94
N GLY B 199 -4.56 -4.35 86.28
CA GLY B 199 -4.00 -3.20 86.96
C GLY B 199 -4.79 -1.93 86.80
N GLN B 200 -4.13 -0.87 86.34
CA GLN B 200 -4.75 0.44 86.18
C GLN B 200 -4.56 0.90 84.73
N MET B 201 -5.67 0.99 84.00
CA MET B 201 -5.64 1.24 82.56
C MET B 201 -5.31 2.70 82.27
N THR B 202 -4.38 2.92 81.34
CA THR B 202 -3.93 4.24 80.95
C THR B 202 -4.21 4.47 79.47
N SER B 203 -3.79 5.63 78.96
CA SER B 203 -4.07 5.99 77.58
C SER B 203 -3.19 5.22 76.60
N GLU B 204 -2.04 4.74 77.06
CA GLU B 204 -1.17 3.88 76.26
C GLU B 204 -1.41 2.41 76.52
N ASN B 205 -2.46 2.07 77.27
CA ASN B 205 -2.67 0.70 77.69
C ASN B 205 -3.88 0.06 77.02
N THR B 206 -4.88 0.87 76.68
CA THR B 206 -6.01 0.44 75.88
C THR B 206 -6.08 1.27 74.60
N GLN B 207 -6.97 0.86 73.70
CA GLN B 207 -7.13 1.53 72.42
C GLN B 207 -8.56 1.33 71.96
N VAL B 208 -9.27 2.44 71.73
CA VAL B 208 -10.66 2.38 71.33
C VAL B 208 -10.83 3.10 70.00
N GLY B 209 -11.93 2.81 69.33
CA GLY B 209 -12.32 3.52 68.13
C GLY B 209 -13.81 3.52 67.96
N ARG B 210 -14.42 4.68 67.83
CA ARG B 210 -15.88 4.81 67.78
C ARG B 210 -16.28 5.33 66.41
N VAL B 211 -17.03 4.52 65.66
CA VAL B 211 -17.34 4.89 64.28
C VAL B 211 -18.51 5.88 64.31
N VAL B 212 -18.26 7.08 63.77
CA VAL B 212 -19.20 8.18 63.91
C VAL B 212 -19.62 8.72 62.54
N GLU B 213 -20.89 8.49 62.22
CA GLU B 213 -21.70 9.18 61.23
C GLU B 213 -21.30 8.99 59.77
N ASN B 214 -20.01 8.76 59.49
CA ASN B 214 -19.56 8.15 58.24
C ASN B 214 -18.20 7.49 58.41
N ARG B 215 -17.58 7.58 59.58
CA ARG B 215 -16.14 7.43 59.66
C ARG B 215 -15.75 6.74 60.96
N PHE B 216 -14.71 5.91 60.89
CA PHE B 216 -14.34 5.03 61.99
C PHE B 216 -13.52 5.71 63.07
N GLU B 217 -12.43 6.40 62.68
CA GLU B 217 -11.64 7.34 63.49
C GLU B 217 -11.19 6.82 64.87
N ILE B 218 -10.20 5.94 64.89
CA ILE B 218 -9.48 5.52 66.09
C ILE B 218 -9.09 6.72 66.94
N LEU B 219 -9.50 6.73 68.21
CA LEU B 219 -9.29 7.89 69.05
C LEU B 219 -7.84 8.00 69.47
N SER B 220 -7.35 9.25 69.52
CA SER B 220 -5.95 9.53 69.80
C SER B 220 -5.67 9.42 71.30
N VAL B 221 -4.41 9.69 71.66
CA VAL B 221 -3.99 9.55 73.05
C VAL B 221 -4.51 10.71 73.89
N ASP B 222 -4.87 11.83 73.26
CA ASP B 222 -5.42 12.96 74.01
C ASP B 222 -6.93 12.83 74.17
N GLN B 223 -7.61 12.31 73.14
CA GLN B 223 -9.05 12.18 73.21
C GLN B 223 -9.47 11.01 74.11
N LEU B 224 -8.62 10.01 74.23
CA LEU B 224 -8.92 8.89 75.11
C LEU B 224 -8.55 9.21 76.55
N ARG B 225 -7.56 10.08 76.78
CA ARG B 225 -7.25 10.57 78.12
C ARG B 225 -8.37 11.40 78.71
N ASP B 226 -9.17 12.05 77.86
CA ASP B 226 -10.37 12.76 78.30
C ASP B 226 -11.42 11.82 78.88
N TYR B 227 -11.45 10.56 78.46
CA TYR B 227 -12.48 9.61 78.86
C TYR B 227 -12.11 8.79 80.08
N LEU B 228 -10.82 8.61 80.36
CA LEU B 228 -10.39 7.75 81.45
C LEU B 228 -10.61 8.41 82.80
N ASP B 229 -10.52 9.74 82.85
CA ASP B 229 -10.69 10.49 84.09
C ASP B 229 -12.12 11.04 84.20
N GLN B 230 -13.05 10.27 83.65
CA GLN B 230 -14.46 10.60 83.63
C GLN B 230 -15.25 9.39 84.10
N ILE B 231 -14.62 8.22 84.05
CA ILE B 231 -15.23 6.98 84.50
C ILE B 231 -14.58 6.51 85.80
N SER C 2 4.19 -33.97 54.52
CA SER C 2 4.70 -35.32 54.36
C SER C 2 3.57 -36.31 54.14
N HIS C 3 3.86 -37.42 53.46
CA HIS C 3 2.85 -38.41 53.08
C HIS C 3 2.39 -39.27 54.23
N ARG C 4 3.01 -39.18 55.41
CA ARG C 4 2.63 -40.00 56.54
C ARG C 4 1.32 -39.54 57.19
N TYR C 5 1.08 -38.24 57.26
CA TYR C 5 -0.06 -37.71 58.00
C TYR C 5 -1.24 -37.41 57.09
N ASP C 6 -1.30 -38.02 55.91
CA ASP C 6 -2.48 -37.93 55.08
C ASP C 6 -3.58 -38.79 55.66
N SER C 7 -4.74 -38.19 55.91
CA SER C 7 -5.83 -38.88 56.60
C SER C 7 -6.65 -39.78 55.68
N ARG C 8 -6.38 -39.74 54.37
CA ARG C 8 -6.96 -40.62 53.34
C ARG C 8 -8.48 -40.55 53.31
N THR C 9 -9.02 -39.39 52.95
CA THR C 9 -10.47 -39.21 52.96
C THR C 9 -11.14 -39.88 51.77
N THR C 10 -10.51 -39.86 50.60
CA THR C 10 -11.09 -40.43 49.39
C THR C 10 -10.63 -41.88 49.19
N THR C 11 -10.77 -42.68 50.25
CA THR C 11 -10.44 -44.10 50.21
C THR C 11 -11.58 -44.90 50.80
N PHE C 12 -11.76 -46.12 50.31
CA PHE C 12 -12.79 -47.00 50.86
C PHE C 12 -12.34 -47.61 52.17
N SER C 13 -13.32 -48.09 52.93
CA SER C 13 -13.13 -48.91 54.12
C SER C 13 -12.86 -50.34 53.65
N PRO C 14 -12.48 -51.26 54.53
CA PRO C 14 -12.47 -52.68 54.12
C PRO C 14 -13.85 -53.33 54.03
N GLU C 15 -14.94 -52.58 54.19
CA GLU C 15 -16.28 -53.07 53.94
C GLU C 15 -17.00 -52.21 52.91
N GLY C 16 -16.29 -51.30 52.26
CA GLY C 16 -16.88 -50.52 51.18
C GLY C 16 -17.60 -49.26 51.59
N ARG C 17 -17.17 -48.62 52.66
CA ARG C 17 -17.83 -47.42 53.18
C ARG C 17 -16.86 -46.24 53.20
N LEU C 18 -17.42 -45.04 53.08
CA LEU C 18 -16.63 -43.80 53.06
C LEU C 18 -16.88 -43.10 54.39
N TYR C 19 -15.88 -43.15 55.28
CA TYR C 19 -16.05 -42.67 56.65
C TYR C 19 -16.25 -41.16 56.74
N GLN C 20 -15.63 -40.40 55.84
CA GLN C 20 -15.76 -38.95 55.92
C GLN C 20 -17.12 -38.49 55.44
N VAL C 21 -17.76 -39.27 54.56
CA VAL C 21 -19.13 -38.99 54.18
C VAL C 21 -20.08 -39.35 55.32
N GLU C 22 -19.85 -40.50 55.96
CA GLU C 22 -20.75 -40.97 57.01
C GLU C 22 -20.64 -40.11 58.26
N TYR C 23 -19.46 -39.53 58.50
CA TYR C 23 -19.32 -38.64 59.65
C TYR C 23 -19.86 -37.26 59.33
N ALA C 24 -19.94 -36.93 58.04
CA ALA C 24 -20.60 -35.69 57.62
C ALA C 24 -22.11 -35.80 57.77
N VAL C 25 -22.65 -37.01 57.60
CA VAL C 25 -24.07 -37.24 57.83
C VAL C 25 -24.40 -37.06 59.31
N GLU C 26 -23.52 -37.55 60.19
CA GLU C 26 -23.71 -37.38 61.62
C GLU C 26 -23.59 -35.92 62.05
N ALA C 27 -22.83 -35.11 61.32
CA ALA C 27 -22.72 -33.68 61.63
C ALA C 27 -24.03 -32.95 61.35
N ILE C 28 -24.83 -33.46 60.42
CA ILE C 28 -26.12 -32.88 60.11
C ILE C 28 -27.16 -33.36 61.11
N GLN C 29 -26.88 -34.47 61.80
CA GLN C 29 -27.83 -35.02 62.78
C GLN C 29 -27.94 -34.14 64.02
N GLN C 30 -26.93 -33.32 64.29
CA GLN C 30 -27.04 -32.33 65.36
C GLN C 30 -27.31 -30.93 64.82
N ALA C 31 -27.63 -30.79 63.54
CA ALA C 31 -27.95 -29.48 63.00
C ALA C 31 -29.40 -29.12 63.31
N GLY C 32 -29.78 -27.90 62.96
CA GLY C 32 -31.14 -27.46 63.22
C GLY C 32 -32.14 -28.14 62.30
N THR C 33 -33.25 -28.56 62.87
CA THR C 33 -34.28 -29.29 62.14
C THR C 33 -35.06 -28.34 61.24
N VAL C 34 -35.13 -28.66 59.95
CA VAL C 34 -35.96 -27.92 59.01
C VAL C 34 -36.73 -28.93 58.15
N ILE C 35 -38.02 -28.70 58.00
CA ILE C 35 -38.91 -29.60 57.26
C ILE C 35 -39.58 -28.81 56.14
N GLY C 36 -39.91 -29.49 55.06
CA GLY C 36 -40.69 -28.89 53.99
C GLY C 36 -41.77 -29.86 53.56
N VAL C 37 -42.82 -29.31 52.94
CA VAL C 37 -43.93 -30.11 52.42
C VAL C 37 -44.48 -29.43 51.18
N CYS C 38 -44.66 -30.22 50.11
CA CYS C 38 -45.09 -29.71 48.81
C CYS C 38 -46.59 -29.93 48.66
N THR C 39 -47.35 -28.84 48.66
CA THR C 39 -48.78 -28.91 48.43
C THR C 39 -49.05 -28.70 46.94
N LYS C 40 -50.31 -28.49 46.58
CA LYS C 40 -50.72 -28.29 45.19
C LYS C 40 -50.55 -26.85 44.74
N ASP C 41 -50.74 -25.88 45.63
CA ASP C 41 -50.66 -24.47 45.28
C ASP C 41 -49.53 -23.81 46.08
N GLY C 42 -48.39 -24.48 46.15
CA GLY C 42 -47.25 -23.91 46.84
C GLY C 42 -46.53 -24.94 47.68
N VAL C 43 -45.31 -24.58 48.09
CA VAL C 43 -44.49 -25.43 48.94
C VAL C 43 -43.86 -24.58 50.04
N VAL C 44 -44.03 -25.01 51.29
CA VAL C 44 -43.63 -24.23 52.46
C VAL C 44 -42.45 -24.93 53.13
N LEU C 45 -41.51 -24.11 53.63
CA LEU C 45 -40.39 -24.58 54.43
C LEU C 45 -40.53 -24.01 55.83
N ALA C 46 -40.26 -24.83 56.85
CA ALA C 46 -40.33 -24.41 58.24
C ALA C 46 -39.17 -25.05 58.99
N GLY C 47 -38.39 -24.22 59.69
CA GLY C 47 -37.24 -24.71 60.41
C GLY C 47 -37.11 -24.04 61.76
N GLU C 48 -36.19 -24.56 62.57
CA GLU C 48 -35.95 -24.07 63.91
C GLU C 48 -34.52 -23.56 64.02
N LYS C 49 -34.36 -22.36 64.59
CA LYS C 49 -33.08 -21.78 64.91
C LYS C 49 -32.91 -21.77 66.42
N MET C 50 -31.66 -21.77 66.89
CA MET C 50 -31.46 -21.88 68.33
C MET C 50 -31.76 -20.56 69.03
N VAL C 51 -31.70 -20.59 70.35
CA VAL C 51 -32.32 -19.62 71.26
C VAL C 51 -31.77 -18.21 71.08
N PRO C 52 -32.65 -17.21 70.98
CA PRO C 52 -32.18 -15.83 70.83
C PRO C 52 -31.68 -15.25 72.15
N HIS C 53 -30.36 -15.13 72.26
CA HIS C 53 -29.72 -14.35 73.31
C HIS C 53 -30.13 -12.89 73.16
N PRO C 54 -30.34 -12.16 74.27
CA PRO C 54 -30.86 -10.79 74.16
C PRO C 54 -29.87 -9.77 73.59
N LEU C 55 -28.63 -10.15 73.27
CA LEU C 55 -27.68 -9.25 72.64
C LEU C 55 -27.47 -9.55 71.17
N PHE C 56 -28.30 -10.39 70.56
CA PHE C 56 -28.31 -10.48 69.11
C PHE C 56 -28.90 -9.22 68.51
N ASP C 57 -28.56 -8.97 67.25
CA ASP C 57 -29.09 -7.85 66.50
C ASP C 57 -29.54 -8.32 65.14
N SER C 58 -30.58 -7.70 64.62
CA SER C 58 -31.08 -7.96 63.27
C SER C 58 -30.32 -7.04 62.33
N GLU C 59 -29.63 -7.63 61.36
CA GLU C 59 -28.98 -6.83 60.33
C GLU C 59 -30.05 -6.22 59.42
N SER C 60 -30.21 -4.90 59.53
CA SER C 60 -31.32 -4.20 58.90
C SER C 60 -31.12 -4.13 57.39
N MET C 61 -31.75 -5.05 56.67
CA MET C 61 -31.61 -5.12 55.22
C MET C 61 -32.77 -4.38 54.55
N GLN C 62 -32.69 -4.26 53.24
CA GLN C 62 -33.87 -3.95 52.44
C GLN C 62 -34.47 -5.27 51.97
N ASP C 63 -35.73 -5.23 51.50
CA ASP C 63 -36.56 -6.28 50.88
C ASP C 63 -36.38 -7.69 51.45
N LYS C 64 -36.72 -7.86 52.73
CA LYS C 64 -36.42 -9.08 53.49
C LYS C 64 -37.29 -10.25 53.02
N ASN C 65 -36.89 -10.83 51.88
CA ASN C 65 -37.49 -12.06 51.39
C ASN C 65 -36.43 -13.00 50.84
N THR C 66 -35.16 -12.60 50.85
CA THR C 66 -34.11 -13.31 50.15
C THR C 66 -33.02 -13.87 51.06
N SER C 67 -32.92 -13.40 52.30
CA SER C 67 -31.90 -13.92 53.21
C SER C 67 -32.47 -13.94 54.62
N GLY C 68 -32.82 -15.12 55.10
CA GLY C 68 -33.22 -15.33 56.47
C GLY C 68 -32.11 -15.96 57.28
N GLU C 69 -32.48 -16.45 58.46
CA GLU C 69 -31.51 -17.16 59.29
C GLU C 69 -31.23 -18.54 58.73
N LYS C 70 -32.24 -19.20 58.17
CA LYS C 70 -32.13 -20.62 57.84
C LYS C 70 -32.48 -20.85 56.37
N MET C 71 -33.33 -20.00 55.81
CA MET C 71 -33.76 -20.13 54.42
C MET C 71 -33.08 -19.06 53.57
N TYR C 72 -32.73 -19.43 52.33
CA TYR C 72 -32.00 -18.56 51.43
C TYR C 72 -32.62 -18.62 50.04
N LYS C 73 -32.55 -17.49 49.33
CA LYS C 73 -33.01 -17.41 47.96
C LYS C 73 -31.86 -17.66 47.00
N ILE C 74 -32.08 -18.55 46.03
CA ILE C 74 -31.05 -18.87 45.04
C ILE C 74 -31.33 -18.11 43.76
N ALA C 75 -32.56 -18.21 43.28
CA ALA C 75 -33.01 -17.46 42.11
C ALA C 75 -34.44 -17.01 42.41
N GLU C 76 -35.07 -16.35 41.43
CA GLU C 76 -36.42 -15.85 41.66
C GLU C 76 -37.45 -16.97 41.71
N HIS C 77 -37.08 -18.15 41.20
CA HIS C 77 -37.96 -19.30 41.20
C HIS C 77 -37.38 -20.47 42.00
N ILE C 78 -36.33 -20.25 42.79
CA ILE C 78 -35.66 -21.31 43.54
C ILE C 78 -35.40 -20.81 44.96
N GLY C 79 -35.76 -21.62 45.96
CA GLY C 79 -35.37 -21.36 47.33
C GLY C 79 -34.71 -22.60 47.91
N CYS C 80 -34.12 -22.42 49.09
CA CYS C 80 -33.44 -23.53 49.75
C CYS C 80 -33.44 -23.33 51.26
N SER C 81 -32.96 -24.36 51.95
CA SER C 81 -32.72 -24.31 53.38
C SER C 81 -31.64 -25.32 53.74
N VAL C 82 -30.96 -25.08 54.85
CA VAL C 82 -29.65 -25.66 55.14
C VAL C 82 -29.68 -26.37 56.49
N ALA C 83 -29.19 -27.61 56.53
CA ALA C 83 -28.79 -28.26 57.76
C ALA C 83 -27.39 -28.83 57.59
N GLY C 84 -26.48 -28.44 58.45
CA GLY C 84 -25.11 -28.92 58.42
C GLY C 84 -24.19 -27.88 59.03
N VAL C 85 -22.94 -27.88 58.54
CA VAL C 85 -22.00 -26.83 58.91
C VAL C 85 -22.45 -25.52 58.29
N THR C 86 -22.55 -24.48 59.12
CA THR C 86 -23.18 -23.24 58.69
C THR C 86 -22.33 -22.48 57.70
N SER C 87 -21.04 -22.33 57.98
CA SER C 87 -20.14 -21.62 57.07
C SER C 87 -19.84 -22.40 55.81
N ASP C 88 -20.08 -23.71 55.81
CA ASP C 88 -19.81 -24.53 54.63
C ASP C 88 -20.88 -24.37 53.56
N ALA C 89 -22.09 -23.95 53.94
CA ALA C 89 -23.18 -23.81 53.00
C ALA C 89 -23.04 -22.60 52.09
N TYR C 90 -22.42 -21.52 52.59
CA TYR C 90 -22.29 -20.29 51.82
C TYR C 90 -21.41 -20.45 50.60
N ALA C 91 -20.48 -21.39 50.61
CA ALA C 91 -19.71 -21.70 49.41
C ALA C 91 -20.60 -22.35 48.35
N LEU C 92 -21.45 -23.29 48.76
CA LEU C 92 -22.37 -23.93 47.84
C LEU C 92 -23.57 -23.06 47.51
N LEU C 93 -23.97 -22.18 48.44
CA LEU C 93 -25.05 -21.24 48.15
C LEU C 93 -24.61 -20.22 47.10
N ASN C 94 -23.36 -19.77 47.17
CA ASN C 94 -22.83 -18.90 46.13
C ASN C 94 -22.65 -19.66 44.82
N TYR C 95 -22.30 -20.94 44.89
CA TYR C 95 -22.15 -21.75 43.68
C TYR C 95 -23.50 -22.06 43.06
N ALA C 96 -24.54 -22.21 43.88
CA ALA C 96 -25.86 -22.47 43.34
C ALA C 96 -26.48 -21.22 42.74
N ARG C 97 -26.15 -20.04 43.27
CA ARG C 97 -26.66 -18.80 42.70
C ARG C 97 -25.98 -18.48 41.37
N LEU C 98 -24.72 -18.87 41.22
CA LEU C 98 -24.03 -18.61 39.96
C LEU C 98 -24.53 -19.52 38.85
N SER C 99 -24.72 -20.80 39.14
CA SER C 99 -25.16 -21.74 38.11
C SER C 99 -26.60 -21.48 37.69
N ALA C 100 -27.44 -21.00 38.60
CA ALA C 100 -28.80 -20.62 38.25
C ALA C 100 -28.85 -19.37 37.39
N LEU C 101 -27.88 -18.46 37.52
CA LEU C 101 -27.83 -17.28 36.69
C LEU C 101 -26.99 -17.46 35.43
N ARG C 102 -26.04 -18.40 35.42
CA ARG C 102 -25.39 -18.73 34.16
C ARG C 102 -26.32 -19.47 33.21
N HIS C 103 -27.35 -20.13 33.73
CA HIS C 103 -28.35 -20.74 32.85
C HIS C 103 -29.20 -19.67 32.18
N GLN C 104 -29.56 -18.61 32.92
CA GLN C 104 -30.35 -17.53 32.34
C GLN C 104 -29.54 -16.70 31.36
N TYR C 105 -28.21 -16.69 31.48
CA TYR C 105 -27.40 -16.00 30.49
C TYR C 105 -27.42 -16.72 29.16
N THR C 106 -27.17 -18.03 29.16
CA THR C 106 -27.01 -18.79 27.93
C THR C 106 -28.32 -19.32 27.36
N PHE C 107 -29.45 -19.17 28.06
CA PHE C 107 -30.73 -19.67 27.58
C PHE C 107 -31.88 -18.70 27.69
N GLN C 108 -31.80 -17.70 28.58
CA GLN C 108 -32.88 -16.70 28.83
C GLN C 108 -34.19 -17.36 29.26
N GLU C 109 -34.07 -18.42 30.05
CA GLU C 109 -35.21 -19.10 30.64
C GLU C 109 -34.90 -19.40 32.10
N PRO C 110 -35.92 -19.57 32.94
CA PRO C 110 -35.66 -20.05 34.31
C PRO C 110 -35.15 -21.48 34.30
N MET C 111 -34.22 -21.77 35.20
CA MET C 111 -33.62 -23.10 35.27
C MET C 111 -34.55 -24.07 35.97
N ALA C 112 -34.51 -25.33 35.56
CA ALA C 112 -35.33 -26.35 36.20
C ALA C 112 -34.80 -26.62 37.61
N ILE C 113 -35.69 -27.10 38.48
CA ILE C 113 -35.31 -27.32 39.87
C ILE C 113 -34.49 -28.59 39.98
N GLU C 114 -34.78 -29.57 39.13
CA GLU C 114 -33.96 -30.77 39.02
C GLU C 114 -32.62 -30.46 38.35
N ASP C 115 -32.55 -29.40 37.55
CA ASP C 115 -31.31 -29.05 36.88
C ASP C 115 -30.32 -28.39 37.83
N LEU C 116 -30.81 -27.60 38.78
CA LEU C 116 -29.93 -26.99 39.78
C LEU C 116 -29.51 -28.02 40.81
N CYS C 117 -30.44 -28.90 41.19
CA CYS C 117 -30.18 -29.91 42.21
C CYS C 117 -29.19 -30.94 41.67
N ARG C 118 -29.13 -31.10 40.35
CA ARG C 118 -28.11 -31.95 39.76
C ARG C 118 -26.74 -31.27 39.74
N ILE C 119 -26.71 -29.95 39.51
CA ILE C 119 -25.43 -29.28 39.30
C ILE C 119 -24.75 -28.90 40.62
N LEU C 120 -25.48 -28.88 41.73
CA LEU C 120 -24.83 -28.67 43.02
C LEU C 120 -24.48 -29.98 43.72
N CYS C 121 -25.11 -31.08 43.31
CA CYS C 121 -24.70 -32.39 43.79
C CYS C 121 -23.56 -32.97 42.97
N ASP C 122 -23.29 -32.43 41.78
CA ASP C 122 -22.06 -32.75 41.08
C ASP C 122 -20.86 -32.15 41.79
N GLU C 123 -21.05 -31.01 42.45
CA GLU C 123 -19.96 -30.39 43.21
C GLU C 123 -19.70 -31.14 44.51
N LYS C 124 -20.76 -31.65 45.14
CA LYS C 124 -20.60 -32.30 46.44
C LYS C 124 -19.98 -33.69 46.30
N GLN C 125 -20.31 -34.40 45.22
CA GLN C 125 -19.69 -35.69 44.97
C GLN C 125 -18.23 -35.53 44.56
N LEU C 126 -17.89 -34.36 44.00
CA LEU C 126 -16.55 -34.13 43.45
C LEU C 126 -15.50 -34.12 44.56
N TYR C 127 -15.83 -33.55 45.72
CA TYR C 127 -14.87 -33.51 46.81
C TYR C 127 -14.87 -34.79 47.64
N THR C 128 -15.74 -35.75 47.33
CA THR C 128 -15.72 -37.05 47.97
C THR C 128 -14.78 -38.01 47.28
N GLN C 129 -14.40 -37.72 46.04
CA GLN C 129 -13.59 -38.62 45.24
C GLN C 129 -12.25 -38.04 44.81
N TYR C 130 -12.13 -36.73 44.63
CA TYR C 130 -10.89 -36.08 44.23
C TYR C 130 -10.44 -35.14 45.35
N GLY C 131 -9.13 -34.93 45.41
CA GLY C 131 -8.55 -33.88 46.22
C GLY C 131 -7.97 -34.34 47.54
N GLY C 132 -8.48 -35.42 48.10
CA GLY C 132 -7.97 -35.91 49.38
C GLY C 132 -8.30 -35.01 50.55
N VAL C 133 -9.36 -34.22 50.44
CA VAL C 133 -9.77 -33.27 51.46
C VAL C 133 -11.18 -33.67 51.89
N ARG C 134 -11.68 -33.05 52.96
CA ARG C 134 -12.97 -33.41 53.51
C ARG C 134 -14.10 -32.98 52.57
N PRO C 135 -15.22 -33.70 52.55
CA PRO C 135 -16.35 -33.29 51.73
C PRO C 135 -17.17 -32.19 52.41
N TYR C 136 -18.19 -31.72 51.70
CA TYR C 136 -19.13 -30.77 52.26
C TYR C 136 -20.01 -31.46 53.29
N GLY C 137 -20.00 -30.97 54.52
CA GLY C 137 -20.88 -31.48 55.54
C GLY C 137 -22.15 -30.68 55.65
N VAL C 138 -22.95 -30.66 54.59
CA VAL C 138 -24.16 -29.84 54.52
C VAL C 138 -25.23 -30.64 53.81
N SER C 139 -26.49 -30.33 54.10
CA SER C 139 -27.64 -30.93 53.45
C SER C 139 -28.66 -29.85 53.12
N PHE C 140 -29.20 -29.91 51.91
CA PHE C 140 -30.09 -28.87 51.41
C PHE C 140 -31.53 -29.38 51.33
N LEU C 141 -32.44 -28.42 51.13
CA LEU C 141 -33.83 -28.69 50.75
C LEU C 141 -34.23 -27.67 49.68
N LEU C 142 -34.01 -28.01 48.42
CA LEU C 142 -34.34 -27.12 47.32
C LEU C 142 -35.83 -27.17 47.05
N VAL C 143 -36.47 -26.01 46.98
CA VAL C 143 -37.87 -25.88 46.58
C VAL C 143 -37.93 -24.91 45.42
N GLY C 144 -39.03 -24.97 44.68
CA GLY C 144 -39.21 -24.03 43.60
C GLY C 144 -40.18 -24.55 42.56
N TRP C 145 -40.65 -23.61 41.75
CA TRP C 145 -41.60 -23.88 40.67
C TRP C 145 -40.90 -23.76 39.33
N ASP C 146 -41.17 -24.71 38.45
CA ASP C 146 -40.83 -24.59 37.04
C ASP C 146 -42.04 -24.98 36.21
N ARG C 147 -41.98 -24.73 34.91
CA ARG C 147 -43.09 -25.08 34.03
C ARG C 147 -43.00 -26.51 33.53
N TYR C 148 -42.06 -27.30 34.05
CA TYR C 148 -41.89 -28.66 33.56
C TYR C 148 -42.67 -29.66 34.39
N TYR C 149 -42.57 -29.57 35.73
CA TYR C 149 -43.37 -30.41 36.60
C TYR C 149 -44.00 -29.66 37.76
N GLY C 150 -43.99 -28.33 37.74
CA GLY C 150 -44.68 -27.59 38.79
C GLY C 150 -43.83 -27.45 40.04
N TYR C 151 -44.49 -27.45 41.20
CA TYR C 151 -43.80 -27.32 42.47
C TYR C 151 -43.02 -28.59 42.79
N GLN C 152 -41.76 -28.44 43.17
CA GLN C 152 -40.88 -29.57 43.44
C GLN C 152 -40.23 -29.37 44.81
N LEU C 153 -39.72 -30.48 45.36
CA LEU C 153 -39.03 -30.45 46.65
C LEU C 153 -37.97 -31.53 46.62
N TYR C 154 -36.74 -31.18 46.95
CA TYR C 154 -35.61 -32.11 46.86
C TYR C 154 -34.87 -32.19 48.19
N SER C 155 -34.19 -33.32 48.37
CA SER C 155 -33.21 -33.49 49.43
C SER C 155 -31.83 -33.38 48.81
N THR C 156 -30.81 -33.38 49.66
CA THR C 156 -29.42 -33.39 49.22
C THR C 156 -28.57 -34.01 50.32
N GLU C 157 -27.99 -35.07 50.03
CA GLU C 157 -27.14 -35.82 50.93
C GLU C 157 -25.70 -35.32 50.81
N PRO C 158 -24.88 -35.38 51.87
CA PRO C 158 -23.46 -35.05 51.70
C PRO C 158 -22.62 -36.14 51.06
N SER C 159 -23.11 -36.70 49.96
CA SER C 159 -22.36 -37.64 49.14
C SER C 159 -22.53 -37.38 47.66
N GLY C 160 -23.34 -36.41 47.25
CA GLY C 160 -23.68 -36.20 45.86
C GLY C 160 -25.02 -36.79 45.46
N ASP C 161 -25.68 -37.50 46.35
CA ASP C 161 -26.97 -38.12 46.07
C ASP C 161 -28.11 -37.19 46.45
N TYR C 162 -29.12 -37.13 45.59
CA TYR C 162 -30.34 -36.40 45.89
C TYR C 162 -31.54 -37.28 45.57
N SER C 163 -32.71 -36.81 46.00
CA SER C 163 -33.95 -37.50 45.73
C SER C 163 -35.09 -36.50 45.80
N ALA C 164 -36.08 -36.66 44.92
CA ALA C 164 -37.28 -35.84 44.99
C ALA C 164 -38.15 -36.34 46.13
N TRP C 165 -38.94 -35.44 46.72
CA TRP C 165 -39.82 -35.78 47.81
C TRP C 165 -41.10 -34.98 47.72
N SER C 166 -42.07 -35.39 48.53
CA SER C 166 -43.27 -34.59 48.77
C SER C 166 -43.29 -33.97 50.16
N ALA C 167 -42.57 -34.55 51.11
CA ALA C 167 -42.31 -33.95 52.43
C ALA C 167 -41.05 -34.61 52.96
N TYR C 168 -40.20 -33.85 53.65
CA TYR C 168 -38.92 -34.40 54.07
C TYR C 168 -38.40 -33.61 55.26
N ALA C 169 -37.44 -34.21 55.97
CA ALA C 169 -36.88 -33.65 57.20
C ALA C 169 -35.37 -33.83 57.21
N ILE C 170 -34.65 -32.77 57.55
CA ILE C 170 -33.22 -32.83 57.82
C ILE C 170 -32.92 -32.11 59.11
N GLY C 171 -31.95 -32.63 59.87
CA GLY C 171 -31.55 -32.06 61.13
C GLY C 171 -31.72 -33.04 62.27
N GLN C 172 -31.96 -32.48 63.46
CA GLN C 172 -32.26 -33.30 64.62
C GLN C 172 -33.62 -33.95 64.48
N ASN C 173 -33.67 -35.25 64.80
CA ASN C 173 -34.91 -36.06 64.83
C ASN C 173 -35.59 -36.10 63.47
N ASP C 174 -34.82 -36.38 62.42
CA ASP C 174 -35.40 -36.49 61.09
C ASP C 174 -36.09 -37.83 60.89
N GLN C 175 -35.63 -38.87 61.59
CA GLN C 175 -36.32 -40.16 61.57
C GLN C 175 -37.67 -40.08 62.27
N VAL C 176 -37.79 -39.20 63.27
CA VAL C 176 -39.07 -39.02 63.95
C VAL C 176 -40.03 -38.21 63.08
N ALA C 177 -39.54 -37.13 62.47
CA ALA C 177 -40.40 -36.24 61.70
C ALA C 177 -40.83 -36.82 60.36
N HIS C 178 -40.17 -37.88 59.88
CA HIS C 178 -40.66 -38.57 58.70
C HIS C 178 -41.94 -39.33 59.00
N ALA C 179 -42.00 -39.99 60.15
CA ALA C 179 -43.16 -40.81 60.51
C ALA C 179 -44.37 -39.95 60.81
N LEU C 180 -44.15 -38.74 61.31
CA LEU C 180 -45.27 -37.85 61.62
C LEU C 180 -45.83 -37.22 60.35
N LEU C 181 -44.97 -36.99 59.37
CA LEU C 181 -45.45 -36.51 58.06
C LEU C 181 -46.07 -37.66 57.27
N LYS C 182 -45.61 -38.89 57.54
CA LYS C 182 -46.16 -40.06 56.85
C LYS C 182 -47.56 -40.37 57.34
N LYS C 183 -47.86 -40.02 58.60
CA LYS C 183 -49.15 -40.35 59.19
C LYS C 183 -50.27 -39.53 58.58
N ASP C 184 -49.99 -38.28 58.21
CA ASP C 184 -50.96 -37.43 57.54
C ASP C 184 -50.28 -36.55 56.48
N TRP C 185 -50.24 -37.07 55.25
CA TRP C 185 -50.00 -36.28 54.05
C TRP C 185 -50.87 -36.83 52.94
N HIS C 186 -51.66 -35.97 52.32
CA HIS C 186 -52.50 -36.36 51.19
C HIS C 186 -52.29 -35.39 50.03
N GLU C 187 -52.69 -35.82 48.84
CA GLU C 187 -52.36 -35.13 47.60
C GLU C 187 -53.07 -33.80 47.46
N SER C 188 -54.41 -33.81 47.52
CA SER C 188 -55.18 -32.59 47.35
C SER C 188 -55.18 -31.78 48.64
N MET C 189 -54.07 -31.10 48.92
CA MET C 189 -53.90 -30.33 50.15
C MET C 189 -53.64 -28.88 49.79
N THR C 190 -54.32 -27.96 50.48
CA THR C 190 -54.12 -26.55 50.25
C THR C 190 -52.85 -26.08 50.96
N LEU C 191 -52.47 -24.83 50.71
CA LEU C 191 -51.29 -24.26 51.35
C LEU C 191 -51.53 -23.97 52.82
N GLU C 192 -52.74 -23.54 53.18
CA GLU C 192 -53.07 -23.31 54.58
C GLU C 192 -53.15 -24.61 55.35
N ASP C 193 -53.55 -25.70 54.70
CA ASP C 193 -53.50 -27.01 55.32
C ASP C 193 -52.09 -27.59 55.29
N GLY C 194 -51.23 -27.10 54.42
CA GLY C 194 -49.84 -27.54 54.36
C GLY C 194 -48.95 -26.79 55.33
N MET C 195 -49.22 -25.49 55.51
CA MET C 195 -48.46 -24.72 56.50
C MET C 195 -48.87 -25.08 57.91
N LEU C 196 -50.15 -25.44 58.12
CA LEU C 196 -50.58 -25.95 59.41
C LEU C 196 -50.03 -27.34 59.67
N LEU C 197 -49.83 -28.13 58.62
CA LEU C 197 -49.10 -29.38 58.75
C LEU C 197 -47.63 -29.15 59.06
N ALA C 198 -47.05 -28.08 58.51
CA ALA C 198 -45.61 -27.84 58.65
C ALA C 198 -45.27 -27.40 60.06
N LEU C 199 -46.08 -26.54 60.67
CA LEU C 199 -45.77 -26.06 62.00
C LEU C 199 -46.07 -27.12 63.06
N ARG C 200 -47.04 -27.98 62.79
CA ARG C 200 -47.48 -28.95 63.80
C ARG C 200 -46.46 -30.06 63.99
N VAL C 201 -45.83 -30.51 62.91
CA VAL C 201 -44.78 -31.51 63.01
C VAL C 201 -43.50 -30.90 63.58
N LEU C 202 -43.30 -29.58 63.43
CA LEU C 202 -42.11 -28.94 63.97
C LEU C 202 -42.15 -28.87 65.49
N GLY C 203 -43.35 -28.74 66.05
CA GLY C 203 -43.47 -28.72 67.50
C GLY C 203 -43.33 -30.11 68.12
N LYS C 204 -43.51 -31.15 67.31
CA LYS C 204 -43.44 -32.52 67.83
C LYS C 204 -42.01 -32.92 68.15
N THR C 205 -41.07 -32.62 67.25
CA THR C 205 -39.69 -33.07 67.42
C THR C 205 -38.97 -32.34 68.55
N MET C 206 -39.17 -31.02 68.67
CA MET C 206 -38.59 -30.25 69.76
C MET C 206 -39.57 -30.11 70.93
N ASP C 207 -40.46 -31.09 71.08
CA ASP C 207 -41.39 -31.38 72.18
C ASP C 207 -41.97 -30.17 72.89
N THR C 208 -42.54 -29.25 72.11
CA THR C 208 -42.95 -27.93 72.61
C THR C 208 -44.40 -27.67 72.18
N ALA C 209 -45.31 -27.75 73.15
CA ALA C 209 -46.63 -27.17 72.98
C ALA C 209 -46.49 -25.67 73.11
N LYS C 210 -47.42 -24.91 72.51
CA LYS C 210 -47.37 -23.45 72.38
C LYS C 210 -46.09 -23.09 71.62
N ILE C 211 -46.08 -23.38 70.30
CA ILE C 211 -44.99 -23.09 69.38
C ILE C 211 -44.56 -21.62 69.49
N ASP C 212 -43.29 -21.41 69.78
CA ASP C 212 -42.77 -20.05 69.94
C ASP C 212 -42.32 -19.47 68.61
N LEU C 213 -42.55 -18.16 68.44
CA LEU C 213 -42.23 -17.49 67.19
C LEU C 213 -40.79 -17.00 67.13
N ASP C 214 -40.10 -16.91 68.27
CA ASP C 214 -38.70 -16.53 68.29
C ASP C 214 -37.77 -17.65 67.87
N ARG C 215 -38.26 -18.90 67.85
CA ARG C 215 -37.42 -20.07 67.64
C ARG C 215 -37.82 -20.83 66.38
N VAL C 216 -38.71 -20.25 65.57
CA VAL C 216 -39.24 -20.88 64.36
C VAL C 216 -39.10 -19.91 63.20
N GLU C 217 -38.47 -20.36 62.11
CA GLU C 217 -38.31 -19.60 60.89
C GLU C 217 -39.06 -20.32 59.77
N VAL C 218 -39.87 -19.58 59.01
CA VAL C 218 -40.66 -20.17 57.93
C VAL C 218 -40.42 -19.39 56.64
N ALA C 219 -40.70 -20.08 55.53
CA ALA C 219 -40.58 -19.49 54.19
C ALA C 219 -41.42 -20.32 53.24
N VAL C 220 -42.19 -19.65 52.39
CA VAL C 220 -43.13 -20.30 51.50
C VAL C 220 -42.75 -19.97 50.06
N MET C 221 -43.04 -20.90 49.15
CA MET C 221 -42.69 -20.79 47.73
C MET C 221 -43.96 -21.01 46.92
N ARG C 222 -44.67 -19.93 46.60
CA ARG C 222 -45.87 -20.03 45.77
C ARG C 222 -45.83 -19.00 44.66
N LYS C 223 -46.86 -18.97 43.82
CA LYS C 223 -46.94 -18.07 42.68
C LYS C 223 -47.84 -16.90 43.01
N VAL C 224 -47.35 -15.69 42.75
CA VAL C 224 -48.10 -14.46 42.99
C VAL C 224 -48.47 -13.90 41.62
N PRO C 225 -49.47 -13.03 41.48
CA PRO C 225 -49.75 -12.42 40.18
C PRO C 225 -48.62 -11.47 39.76
N ALA C 226 -48.26 -11.53 38.48
CA ALA C 226 -47.15 -10.76 37.96
C ALA C 226 -47.50 -9.28 37.86
N SER C 227 -46.61 -8.45 38.39
CA SER C 227 -46.81 -7.00 38.44
C SER C 227 -45.85 -6.22 37.56
N ASN C 228 -44.69 -6.78 37.24
CA ASN C 228 -43.65 -6.08 36.50
C ASN C 228 -43.69 -6.43 35.01
N ILE C 229 -44.89 -6.65 34.48
CA ILE C 229 -45.05 -6.95 33.06
C ILE C 229 -44.97 -5.64 32.28
N ASP C 230 -44.12 -5.61 31.25
CA ASP C 230 -43.93 -4.42 30.43
C ASP C 230 -44.00 -4.80 28.95
N GLN C 231 -45.23 -4.78 28.44
CA GLN C 231 -45.50 -5.17 27.06
C GLN C 231 -45.06 -4.10 26.07
N LEU C 232 -44.86 -2.86 26.50
CA LEU C 232 -44.58 -1.79 25.57
C LEU C 232 -43.11 -1.80 25.11
N LEU C 233 -42.17 -2.09 25.99
CA LEU C 233 -40.77 -2.24 25.60
C LEU C 233 -40.44 -3.64 25.10
N ASP C 234 -41.38 -4.57 25.18
CA ASP C 234 -41.21 -5.92 24.63
C ASP C 234 -42.45 -6.23 23.78
N PRO C 235 -42.46 -5.78 22.53
CA PRO C 235 -43.67 -5.97 21.71
C PRO C 235 -43.91 -7.40 21.27
N PHE C 236 -42.87 -8.19 21.06
CA PHE C 236 -43.01 -9.56 20.60
C PHE C 236 -42.59 -10.57 21.65
N LYS C 237 -42.59 -10.17 22.93
CA LYS C 237 -42.28 -11.06 24.04
C LYS C 237 -43.52 -11.24 24.89
N HIS C 238 -43.87 -12.49 25.17
CA HIS C 238 -45.04 -12.82 25.96
C HIS C 238 -44.65 -12.98 27.42
N HIS C 239 -45.39 -12.33 28.30
CA HIS C 239 -45.20 -12.44 29.74
C HIS C 239 -46.28 -13.34 30.33
N PRO C 240 -45.93 -14.26 31.22
CA PRO C 240 -46.94 -15.11 31.85
C PRO C 240 -47.83 -14.32 32.80
N LYS C 241 -48.95 -14.94 33.17
CA LYS C 241 -49.94 -14.25 33.98
C LYS C 241 -49.47 -14.11 35.43
N THR C 242 -49.01 -15.20 36.04
CA THR C 242 -48.55 -15.21 37.41
C THR C 242 -47.12 -15.72 37.47
N THR C 243 -46.33 -15.15 38.38
CA THR C 243 -44.92 -15.48 38.53
C THR C 243 -44.66 -16.06 39.92
N PRO C 244 -43.70 -16.98 40.06
CA PRO C 244 -43.40 -17.51 41.40
C PRO C 244 -42.52 -16.57 42.21
N ARG C 245 -42.83 -16.44 43.49
CA ARG C 245 -42.06 -15.58 44.39
C ARG C 245 -41.71 -16.34 45.66
N PHE C 246 -40.40 -16.51 45.89
CA PHE C 246 -39.92 -16.98 47.19
C PHE C 246 -40.01 -15.85 48.20
N GLN C 247 -40.66 -16.12 49.33
CA GLN C 247 -40.76 -15.09 50.36
C GLN C 247 -40.57 -15.74 51.72
N ILE C 248 -40.30 -14.90 52.71
CA ILE C 248 -40.11 -15.33 54.10
C ILE C 248 -41.10 -14.56 54.96
N LEU C 249 -41.88 -15.30 55.75
CA LEU C 249 -42.92 -14.69 56.57
C LEU C 249 -42.33 -13.99 57.78
N THR C 250 -42.88 -12.83 58.11
CA THR C 250 -42.49 -12.09 59.29
C THR C 250 -43.27 -12.58 60.51
N ARG C 251 -43.11 -11.88 61.63
CA ARG C 251 -43.84 -12.25 62.83
C ARG C 251 -45.30 -11.85 62.75
N SER C 252 -45.62 -10.82 61.98
CA SER C 252 -47.02 -10.48 61.73
C SER C 252 -47.68 -11.43 60.74
N GLU C 253 -46.90 -12.17 59.96
CA GLU C 253 -47.43 -13.14 59.01
C GLU C 253 -47.52 -14.54 59.60
N LEU C 254 -46.66 -14.88 60.55
CA LEU C 254 -46.61 -16.24 61.08
C LEU C 254 -47.47 -16.40 62.34
N LYS C 255 -47.76 -15.32 63.05
CA LYS C 255 -48.66 -15.33 64.21
C LYS C 255 -50.10 -15.77 63.87
N PRO C 256 -50.71 -15.40 62.73
CA PRO C 256 -52.00 -16.04 62.38
C PRO C 256 -51.88 -17.52 62.03
N HIS C 257 -50.69 -17.99 61.65
CA HIS C 257 -50.50 -19.39 61.32
C HIS C 257 -49.96 -20.21 62.48
N ALA C 258 -49.25 -19.59 63.43
CA ALA C 258 -48.78 -20.33 64.59
C ALA C 258 -49.88 -20.50 65.63
N GLU C 259 -50.89 -19.63 65.62
CA GLU C 259 -52.03 -19.78 66.51
C GLU C 259 -53.09 -20.72 65.94
N ARG C 260 -52.87 -21.29 64.76
CA ARG C 260 -53.70 -22.36 64.24
C ARG C 260 -53.09 -23.74 64.42
N ALA C 261 -51.78 -23.81 64.69
CA ALA C 261 -51.11 -25.10 64.86
C ALA C 261 -51.20 -25.60 66.30
N ASP C 262 -51.24 -24.70 67.28
CA ASP C 262 -51.43 -25.12 68.66
C ASP C 262 -52.87 -25.49 68.93
N GLN C 263 -53.83 -24.80 68.29
CA GLN C 263 -55.23 -25.15 68.44
C GLN C 263 -55.54 -26.48 67.78
N ALA C 264 -54.90 -26.76 66.64
CA ALA C 264 -55.03 -28.08 66.04
C ALA C 264 -54.31 -29.15 66.86
N ARG C 265 -53.27 -28.75 67.61
CA ARG C 265 -52.71 -29.64 68.62
C ARG C 265 -53.67 -29.76 69.80
N GLU C 266 -54.38 -28.68 70.13
CA GLU C 266 -55.36 -28.71 71.20
C GLU C 266 -56.62 -29.45 70.79
N ALA C 267 -56.95 -29.43 69.49
CA ALA C 267 -58.11 -30.17 69.00
C ALA C 267 -57.87 -31.67 69.03
N GLU C 268 -56.63 -32.11 68.87
CA GLU C 268 -56.25 -33.50 69.03
C GLU C 268 -55.79 -33.81 70.44
N GLU C 269 -55.98 -32.90 71.39
CA GLU C 269 -55.63 -33.12 72.79
C GLU C 269 -56.83 -33.45 73.66
N LYS C 270 -58.01 -32.90 73.36
CA LYS C 270 -59.20 -33.19 74.14
C LYS C 270 -59.72 -34.60 73.86
N ALA C 271 -59.33 -35.19 72.74
CA ALA C 271 -59.72 -36.55 72.39
C ALA C 271 -58.58 -37.55 72.58
N GLU C 272 -57.77 -37.39 73.61
CA GLU C 272 -56.66 -38.30 73.87
C GLU C 272 -57.02 -39.44 74.81
N ALA C 273 -57.78 -39.16 75.86
CA ALA C 273 -58.15 -40.20 76.81
C ALA C 273 -59.40 -40.93 76.36
N SER D 2 -1.40 -30.75 41.92
CA SER D 2 -2.53 -31.04 42.78
C SER D 2 -2.31 -32.32 43.57
N TYR D 3 -3.35 -32.80 44.23
CA TYR D 3 -3.26 -34.02 45.01
C TYR D 3 -3.33 -35.23 44.10
N ASP D 4 -2.21 -35.93 43.94
CA ASP D 4 -2.18 -37.12 43.11
C ASP D 4 -1.37 -38.25 43.73
N ARG D 5 -1.58 -38.49 45.03
CA ARG D 5 -0.94 -39.62 45.69
C ARG D 5 -1.60 -40.92 45.22
N ALA D 6 -0.79 -41.97 45.10
CA ALA D 6 -1.30 -43.24 44.59
C ALA D 6 -2.15 -43.94 45.63
N ILE D 7 -3.44 -44.12 45.30
CA ILE D 7 -4.37 -44.78 46.19
C ILE D 7 -4.57 -46.26 45.85
N THR D 8 -4.90 -46.59 44.60
CA THR D 8 -5.11 -47.97 44.18
C THR D 8 -3.74 -48.60 43.97
N VAL D 9 -3.30 -49.37 44.96
CA VAL D 9 -2.00 -50.04 44.92
C VAL D 9 -2.23 -51.54 45.07
N PHE D 10 -1.17 -52.30 44.87
CA PHE D 10 -1.24 -53.75 44.93
C PHE D 10 -1.01 -54.27 46.35
N SER D 11 -1.67 -55.37 46.66
CA SER D 11 -1.48 -56.09 47.92
C SER D 11 -0.21 -56.93 47.83
N PRO D 12 0.23 -57.55 48.95
CA PRO D 12 1.31 -58.54 48.83
C PRO D 12 0.89 -59.89 48.23
N ASP D 13 -0.36 -60.01 47.77
CA ASP D 13 -0.86 -61.21 47.11
C ASP D 13 -1.38 -60.90 45.71
N GLY D 14 -1.00 -59.75 45.16
CA GLY D 14 -1.39 -59.42 43.80
C GLY D 14 -2.82 -58.95 43.65
N HIS D 15 -3.46 -58.52 44.73
CA HIS D 15 -4.82 -58.00 44.69
C HIS D 15 -4.80 -56.48 44.75
N LEU D 16 -5.84 -55.85 44.22
CA LEU D 16 -6.06 -54.42 44.36
C LEU D 16 -7.07 -54.24 45.47
N PHE D 17 -6.63 -53.62 46.57
CA PHE D 17 -7.52 -53.42 47.72
C PHE D 17 -8.63 -52.43 47.42
N GLN D 18 -8.32 -51.36 46.69
CA GLN D 18 -9.34 -50.34 46.41
C GLN D 18 -10.34 -50.80 45.36
N VAL D 19 -10.06 -51.87 44.64
CA VAL D 19 -11.02 -52.46 43.71
C VAL D 19 -11.86 -53.53 44.40
N GLU D 20 -11.22 -54.36 45.24
CA GLU D 20 -11.96 -55.35 46.01
C GLU D 20 -12.88 -54.71 47.04
N TYR D 21 -12.52 -53.53 47.54
CA TYR D 21 -13.39 -52.82 48.46
C TYR D 21 -14.44 -51.99 47.74
N ALA D 22 -14.24 -51.73 46.45
CA ALA D 22 -15.27 -51.06 45.66
C ALA D 22 -16.33 -52.05 45.21
N GLN D 23 -15.96 -53.31 45.01
CA GLN D 23 -16.92 -54.36 44.72
C GLN D 23 -17.82 -54.68 45.90
N GLU D 24 -17.32 -54.52 47.14
CA GLU D 24 -18.14 -54.70 48.32
C GLU D 24 -19.21 -53.63 48.46
N ALA D 25 -18.97 -52.42 47.94
CA ALA D 25 -19.99 -51.39 47.90
C ALA D 25 -21.08 -51.68 46.89
N VAL D 26 -20.79 -52.50 45.88
CA VAL D 26 -21.81 -52.93 44.93
C VAL D 26 -22.63 -54.07 45.49
N LYS D 27 -22.02 -54.97 46.27
CA LYS D 27 -22.71 -56.10 46.88
C LYS D 27 -23.70 -55.69 47.97
N LYS D 28 -23.66 -54.43 48.40
CA LYS D 28 -24.71 -53.88 49.24
C LYS D 28 -25.71 -53.04 48.45
N GLY D 29 -25.47 -52.83 47.16
CA GLY D 29 -26.39 -52.08 46.33
C GLY D 29 -27.61 -52.90 45.96
N LEU D 30 -28.56 -52.22 45.31
CA LEU D 30 -29.82 -52.84 44.94
C LEU D 30 -29.63 -53.78 43.75
N ALA D 31 -30.34 -54.91 43.78
CA ALA D 31 -30.15 -55.93 42.75
C ALA D 31 -30.83 -55.52 41.45
N ALA D 32 -30.14 -55.77 40.34
CA ALA D 32 -30.66 -55.47 39.02
C ALA D 32 -30.40 -56.65 38.11
N VAL D 33 -31.44 -57.14 37.45
CA VAL D 33 -31.38 -58.37 36.66
C VAL D 33 -31.77 -58.03 35.23
N GLY D 34 -30.96 -58.48 34.27
CA GLY D 34 -31.31 -58.36 32.87
C GLY D 34 -31.10 -59.65 32.11
N VAL D 35 -32.04 -60.03 31.25
CA VAL D 35 -31.91 -61.23 30.43
C VAL D 35 -32.08 -60.85 28.97
N LEU D 36 -31.63 -61.74 28.09
CA LEU D 36 -31.53 -61.48 26.66
C LEU D 36 -32.44 -62.46 25.91
N GLY D 37 -33.34 -61.92 25.11
CA GLY D 37 -34.27 -62.69 24.32
C GLY D 37 -33.90 -62.73 22.86
N SER D 38 -34.90 -62.98 22.02
CA SER D 38 -34.70 -63.05 20.58
C SER D 38 -35.00 -61.73 19.89
N ASP D 39 -35.99 -60.97 20.39
CA ASP D 39 -36.39 -59.71 19.78
C ASP D 39 -36.50 -58.59 20.81
N SER D 40 -36.19 -58.85 22.07
CA SER D 40 -36.37 -57.83 23.09
C SER D 40 -35.35 -58.03 24.21
N VAL D 41 -35.05 -56.94 24.91
CA VAL D 41 -34.19 -56.92 26.07
C VAL D 41 -34.99 -56.37 27.25
N VAL D 42 -35.01 -57.11 28.35
CA VAL D 42 -35.64 -56.61 29.56
C VAL D 42 -34.60 -56.51 30.67
N ILE D 43 -34.75 -55.46 31.48
CA ILE D 43 -33.91 -55.20 32.65
C ILE D 43 -34.82 -54.73 33.78
N ALA D 44 -34.66 -55.34 34.95
CA ALA D 44 -35.50 -55.04 36.10
C ALA D 44 -34.62 -54.71 37.30
N VAL D 45 -34.98 -53.66 38.02
CA VAL D 45 -34.20 -53.18 39.15
C VAL D 45 -35.05 -53.31 40.42
N GLU D 46 -34.45 -52.93 41.55
CA GLU D 46 -35.08 -53.22 42.82
C GLU D 46 -35.96 -52.08 43.33
N LYS D 47 -35.57 -50.82 43.09
CA LYS D 47 -36.41 -49.64 43.35
C LYS D 47 -36.83 -49.55 44.83
N LYS D 48 -35.86 -49.10 45.65
CA LYS D 48 -35.60 -49.42 47.05
C LYS D 48 -36.81 -49.81 47.91
N SER D 49 -37.84 -48.97 47.94
CA SER D 49 -39.05 -49.29 48.70
C SER D 49 -40.24 -48.47 48.22
N ALA D 50 -41.43 -48.87 48.63
CA ALA D 50 -42.64 -48.06 48.48
C ALA D 50 -42.72 -47.17 49.72
N VAL D 51 -42.06 -46.01 49.65
CA VAL D 51 -41.80 -45.21 50.84
C VAL D 51 -43.03 -44.44 51.30
N LYS D 52 -44.02 -44.24 50.40
CA LYS D 52 -45.30 -43.52 50.63
C LYS D 52 -45.07 -42.01 50.85
N LEU D 53 -43.81 -41.59 50.68
CA LEU D 53 -43.35 -40.25 51.00
C LEU D 53 -42.55 -39.78 49.79
N GLN D 54 -42.24 -40.75 48.93
CA GLN D 54 -41.70 -40.49 47.60
C GLN D 54 -42.74 -39.74 46.76
N ASP D 55 -42.26 -39.01 45.74
CA ASP D 55 -43.12 -38.13 44.97
C ASP D 55 -44.10 -38.94 44.13
N SER D 56 -45.29 -38.36 43.91
CA SER D 56 -46.29 -39.00 43.04
C SER D 56 -45.83 -39.00 41.59
N ARG D 57 -45.01 -38.03 41.22
CA ARG D 57 -44.23 -38.12 40.00
C ARG D 57 -43.28 -39.30 40.09
N THR D 58 -43.49 -40.28 39.22
CA THR D 58 -42.78 -41.54 39.34
C THR D 58 -41.34 -41.39 38.86
N ILE D 59 -40.40 -41.82 39.70
CA ILE D 59 -38.99 -41.60 39.46
C ILE D 59 -38.37 -42.85 38.87
N ARG D 60 -37.83 -42.72 37.66
CA ARG D 60 -37.22 -43.86 36.98
C ARG D 60 -35.82 -44.14 37.53
N LYS D 61 -35.53 -45.41 37.72
CA LYS D 61 -34.20 -45.86 38.13
C LYS D 61 -33.31 -46.19 36.94
N ILE D 62 -33.85 -46.81 35.90
CA ILE D 62 -33.10 -47.14 34.69
C ILE D 62 -33.00 -45.89 33.83
N TYR D 63 -31.78 -45.42 33.60
CA TYR D 63 -31.54 -44.14 32.95
C TYR D 63 -31.32 -44.31 31.46
N LYS D 64 -31.76 -43.30 30.70
CA LYS D 64 -31.60 -43.27 29.25
C LYS D 64 -30.23 -42.72 28.89
N VAL D 65 -29.48 -43.46 28.08
CA VAL D 65 -28.17 -43.00 27.66
C VAL D 65 -28.15 -42.63 26.17
N ASP D 66 -28.72 -43.48 25.32
CA ASP D 66 -28.78 -43.22 23.90
C ASP D 66 -30.24 -43.40 23.48
N ALA D 67 -30.50 -43.32 22.17
CA ALA D 67 -31.86 -43.51 21.67
C ALA D 67 -32.30 -44.96 21.84
N ASN D 68 -31.37 -45.90 21.71
CA ASN D 68 -31.66 -47.32 21.84
C ASN D 68 -30.90 -48.00 22.98
N ILE D 69 -29.90 -47.36 23.56
CA ILE D 69 -29.06 -47.95 24.59
C ILE D 69 -29.44 -47.34 25.93
N TYR D 70 -29.93 -48.17 26.85
CA TYR D 70 -30.30 -47.72 28.18
C TYR D 70 -29.42 -48.43 29.21
N LEU D 71 -29.40 -47.90 30.43
CA LEU D 71 -28.45 -48.38 31.43
C LEU D 71 -29.14 -48.53 32.78
N ALA D 72 -28.77 -49.60 33.49
CA ALA D 72 -29.16 -49.80 34.88
C ALA D 72 -27.89 -50.14 35.67
N PHE D 73 -27.81 -49.63 36.90
CA PHE D 73 -26.61 -49.77 37.70
C PHE D 73 -26.91 -50.44 39.04
N ALA D 74 -25.86 -50.56 39.84
CA ALA D 74 -25.94 -51.03 41.22
C ALA D 74 -24.68 -50.58 41.96
N GLY D 75 -24.87 -49.90 43.08
CA GLY D 75 -23.75 -49.40 43.86
C GLY D 75 -24.08 -48.10 44.54
N LEU D 76 -23.17 -47.14 44.50
CA LEU D 76 -23.46 -45.79 44.98
C LEU D 76 -24.17 -45.02 43.90
N SER D 77 -25.36 -44.51 44.22
CA SER D 77 -26.17 -43.80 43.24
C SER D 77 -25.63 -42.43 42.89
N ALA D 78 -24.70 -41.89 43.68
CA ALA D 78 -24.07 -40.64 43.35
C ALA D 78 -22.91 -40.81 42.38
N ASP D 79 -22.17 -41.92 42.51
CA ASP D 79 -21.09 -42.20 41.58
C ASP D 79 -21.62 -42.58 40.20
N ALA D 80 -22.79 -43.23 40.15
CA ALA D 80 -23.33 -43.69 38.88
C ALA D 80 -23.87 -42.55 38.04
N ARG D 81 -24.38 -41.51 38.69
CA ARG D 81 -24.87 -40.33 37.98
C ARG D 81 -23.73 -39.63 37.26
N VAL D 82 -22.56 -39.56 37.89
CA VAL D 82 -21.40 -38.94 37.26
C VAL D 82 -20.87 -39.80 36.12
N LEU D 83 -20.97 -41.13 36.26
CA LEU D 83 -20.53 -42.04 35.23
C LEU D 83 -21.42 -41.97 33.97
N ILE D 84 -22.72 -41.79 34.15
CA ILE D 84 -23.65 -41.76 33.02
C ILE D 84 -23.55 -40.43 32.28
N ASN D 85 -23.33 -39.32 32.99
CA ASN D 85 -23.16 -38.04 32.33
C ASN D 85 -21.82 -37.94 31.61
N LYS D 86 -20.89 -38.86 31.88
CA LYS D 86 -19.75 -39.04 30.98
C LYS D 86 -20.15 -39.85 29.75
N ALA D 87 -21.04 -40.84 29.91
CA ALA D 87 -21.46 -41.64 28.77
C ALA D 87 -22.51 -40.92 27.93
N GLN D 88 -23.34 -40.08 28.56
CA GLN D 88 -24.27 -39.27 27.79
C GLN D 88 -23.55 -38.14 27.05
N LEU D 89 -22.36 -37.77 27.51
CA LEU D 89 -21.53 -36.81 26.79
C LEU D 89 -20.74 -37.48 25.68
N GLU D 90 -20.52 -38.79 25.76
CA GLU D 90 -19.78 -39.52 24.74
C GLU D 90 -20.62 -39.82 23.52
N CYS D 91 -21.92 -40.09 23.70
CA CYS D 91 -22.81 -40.29 22.57
C CYS D 91 -22.93 -39.05 21.70
N GLN D 92 -22.88 -37.86 22.30
CA GLN D 92 -22.96 -36.63 21.52
C GLN D 92 -21.58 -36.24 20.99
N ARG D 93 -20.52 -36.85 21.51
CA ARG D 93 -19.22 -36.73 20.87
C ARG D 93 -19.15 -37.65 19.65
N PHE D 94 -19.85 -38.78 19.71
CA PHE D 94 -19.78 -39.75 18.61
C PHE D 94 -20.61 -39.29 17.42
N SER D 95 -21.87 -38.90 17.65
CA SER D 95 -22.67 -38.34 16.57
C SER D 95 -22.47 -36.85 16.41
N LEU D 96 -21.21 -36.42 16.44
CA LEU D 96 -20.74 -35.13 16.02
C LEU D 96 -19.42 -35.26 15.25
N ASN D 97 -18.79 -36.42 15.31
CA ASN D 97 -17.54 -36.73 14.63
C ASN D 97 -17.69 -37.91 13.67
N TYR D 98 -18.79 -38.65 13.73
CA TYR D 98 -18.95 -39.83 12.89
C TYR D 98 -20.31 -39.96 12.22
N GLU D 99 -21.30 -39.12 12.53
CA GLU D 99 -22.60 -39.03 11.85
C GLU D 99 -23.40 -40.34 11.96
N ASP D 100 -23.12 -41.13 12.99
CA ASP D 100 -23.71 -42.46 13.07
C ASP D 100 -24.28 -42.68 14.46
N THR D 101 -25.26 -43.58 14.53
CA THR D 101 -25.74 -44.08 15.81
C THR D 101 -24.71 -45.01 16.42
N MET D 102 -24.48 -44.83 17.73
CA MET D 102 -23.41 -45.55 18.38
C MET D 102 -23.84 -46.98 18.69
N ASP D 103 -22.92 -47.92 18.48
CA ASP D 103 -23.21 -49.32 18.75
C ASP D 103 -23.25 -49.57 20.26
N VAL D 104 -23.80 -50.73 20.62
CA VAL D 104 -23.90 -51.06 22.03
C VAL D 104 -22.53 -51.46 22.58
N ASP D 105 -21.76 -52.20 21.79
CA ASP D 105 -20.42 -52.60 22.21
C ASP D 105 -19.44 -51.44 22.26
N MET D 106 -19.74 -50.33 21.60
CA MET D 106 -18.84 -49.17 21.67
C MET D 106 -19.02 -48.40 22.97
N LEU D 107 -20.26 -48.22 23.40
CA LEU D 107 -20.54 -47.49 24.64
C LEU D 107 -20.06 -48.24 25.87
N VAL D 108 -20.05 -49.56 25.83
CA VAL D 108 -19.61 -50.33 26.98
C VAL D 108 -18.09 -50.29 27.10
N ARG D 109 -17.39 -50.25 25.97
CA ARG D 109 -15.94 -50.09 25.99
C ARG D 109 -15.53 -48.70 26.45
N TYR D 110 -16.41 -47.71 26.35
CA TYR D 110 -16.11 -46.40 26.89
C TYR D 110 -16.32 -46.35 28.40
N VAL D 111 -17.43 -46.92 28.87
CA VAL D 111 -17.74 -46.89 30.30
C VAL D 111 -16.76 -47.77 31.08
N ALA D 112 -16.38 -48.91 30.50
CA ALA D 112 -15.35 -49.74 31.11
C ALA D 112 -13.98 -49.07 31.03
N GLY D 113 -13.80 -48.20 30.03
CA GLY D 113 -12.56 -47.42 29.97
C GLY D 113 -12.50 -46.34 31.02
N VAL D 114 -13.66 -45.85 31.47
CA VAL D 114 -13.70 -44.85 32.54
C VAL D 114 -13.54 -45.53 33.89
N GLN D 115 -14.12 -46.73 34.06
CA GLN D 115 -13.96 -47.50 35.29
C GLN D 115 -12.51 -47.87 35.53
N GLN D 116 -11.80 -48.28 34.48
CA GLN D 116 -10.39 -48.64 34.62
C GLN D 116 -9.51 -47.40 34.81
N LYS D 117 -9.91 -46.27 34.25
CA LYS D 117 -9.11 -45.05 34.36
C LYS D 117 -9.15 -44.48 35.79
N SER D 118 -10.21 -44.77 36.54
CA SER D 118 -10.27 -44.34 37.93
C SER D 118 -9.55 -45.31 38.86
N THR D 119 -9.17 -46.49 38.37
CA THR D 119 -8.38 -47.43 39.16
C THR D 119 -6.88 -47.23 38.98
N GLN D 120 -6.47 -46.27 38.15
CA GLN D 120 -5.06 -46.04 37.91
C GLN D 120 -4.76 -44.54 37.88
N SER D 121 -5.28 -43.81 38.85
CA SER D 121 -5.06 -42.38 38.95
C SER D 121 -4.67 -42.01 40.38
N GLY D 122 -3.94 -40.91 40.50
CA GLY D 122 -3.57 -40.40 41.80
C GLY D 122 -4.69 -39.58 42.43
N GLY D 123 -5.00 -39.85 43.69
CA GLY D 123 -6.05 -39.16 44.39
C GLY D 123 -7.44 -39.69 44.12
N SER D 124 -7.57 -40.66 43.22
CA SER D 124 -8.85 -41.19 42.79
C SER D 124 -9.06 -42.59 43.36
N ARG D 125 -10.18 -42.77 44.02
CA ARG D 125 -10.64 -44.12 44.29
C ARG D 125 -11.38 -44.65 43.07
N PRO D 126 -11.58 -45.95 42.94
CA PRO D 126 -12.43 -46.46 41.86
C PRO D 126 -13.89 -46.08 42.08
N PHE D 127 -14.64 -46.09 40.97
CA PHE D 127 -16.09 -45.98 41.04
C PHE D 127 -16.65 -47.23 41.70
N GLY D 128 -17.53 -47.03 42.68
CA GLY D 128 -18.13 -48.15 43.36
C GLY D 128 -19.45 -48.57 42.76
N VAL D 129 -19.49 -48.69 41.43
CA VAL D 129 -20.70 -49.04 40.71
C VAL D 129 -20.43 -50.21 39.78
N ALA D 130 -21.46 -51.01 39.53
CA ALA D 130 -21.48 -51.98 38.44
C ALA D 130 -22.71 -51.67 37.61
N THR D 131 -22.60 -51.81 36.29
CA THR D 131 -23.65 -51.43 35.37
C THR D 131 -24.13 -52.63 34.56
N VAL D 132 -25.42 -52.62 34.24
CA VAL D 132 -26.00 -53.51 33.23
C VAL D 132 -26.50 -52.61 32.11
N ILE D 133 -25.96 -52.83 30.91
CA ILE D 133 -26.26 -52.01 29.74
C ILE D 133 -26.93 -52.90 28.70
N GLY D 134 -28.09 -52.48 28.21
CA GLY D 134 -28.79 -53.21 27.18
C GLY D 134 -29.28 -52.27 26.11
N GLY D 135 -29.31 -52.79 24.89
CA GLY D 135 -29.74 -51.99 23.76
C GLY D 135 -29.58 -52.77 22.47
N PHE D 136 -30.08 -52.16 21.40
CA PHE D 136 -30.03 -52.77 20.07
C PHE D 136 -29.04 -51.99 19.22
N ASN D 137 -28.60 -52.61 18.13
CA ASN D 137 -27.82 -51.89 17.12
C ASN D 137 -28.73 -51.22 16.11
N GLU D 138 -28.16 -50.75 15.01
CA GLU D 138 -28.92 -50.23 13.89
C GLU D 138 -29.49 -51.36 13.03
N ASP D 139 -29.02 -52.59 13.22
CA ASP D 139 -29.49 -53.75 12.46
C ASP D 139 -30.13 -54.79 13.37
N GLY D 140 -30.96 -54.34 14.31
CA GLY D 140 -31.53 -55.27 15.28
C GLY D 140 -30.47 -55.66 16.29
N LYS D 141 -30.21 -56.98 16.37
CA LYS D 141 -29.13 -57.62 17.12
C LYS D 141 -29.12 -57.22 18.59
N PRO D 142 -30.00 -57.79 19.41
CA PRO D 142 -30.08 -57.41 20.83
C PRO D 142 -28.82 -57.74 21.61
N HIS D 143 -28.45 -56.81 22.50
CA HIS D 143 -27.24 -56.95 23.28
C HIS D 143 -27.51 -56.71 24.76
N LEU D 144 -26.62 -57.24 25.59
CA LEU D 144 -26.69 -57.11 27.04
C LEU D 144 -25.28 -57.21 27.58
N TRP D 145 -24.86 -56.20 28.34
CA TRP D 145 -23.48 -56.07 28.78
C TRP D 145 -23.41 -55.85 30.28
N LYS D 146 -22.20 -55.93 30.84
CA LYS D 146 -21.99 -55.81 32.27
C LYS D 146 -20.57 -55.33 32.52
N THR D 147 -20.43 -54.26 33.29
CA THR D 147 -19.14 -53.77 33.75
C THR D 147 -19.07 -53.85 35.26
N ASP D 148 -17.86 -54.09 35.75
CA ASP D 148 -17.53 -54.20 37.16
C ASP D 148 -16.68 -53.00 37.55
N PRO D 149 -16.46 -52.75 38.85
CA PRO D 149 -15.55 -51.65 39.23
C PRO D 149 -14.09 -51.84 38.83
N SER D 150 -13.67 -53.04 38.46
CA SER D 150 -12.31 -53.20 37.94
C SER D 150 -12.18 -52.71 36.51
N GLY D 151 -13.28 -52.53 35.79
CA GLY D 151 -13.24 -52.06 34.43
C GLY D 151 -13.27 -53.12 33.36
N MET D 152 -13.83 -54.30 33.64
CA MET D 152 -13.84 -55.42 32.72
C MET D 152 -15.24 -55.48 32.08
N CYS D 153 -15.30 -55.29 30.77
CA CYS D 153 -16.54 -55.41 30.03
C CYS D 153 -16.71 -56.83 29.51
N SER D 154 -17.95 -57.31 29.54
CA SER D 154 -18.28 -58.64 29.04
C SER D 154 -19.77 -58.69 28.71
N ALA D 155 -20.11 -59.28 27.58
CA ALA D 155 -21.50 -59.43 27.19
C ALA D 155 -22.04 -60.76 27.68
N TRP D 156 -23.30 -60.74 28.10
CA TRP D 156 -23.92 -61.84 28.82
C TRP D 156 -25.18 -62.28 28.08
N ARG D 157 -25.66 -63.46 28.46
CA ARG D 157 -26.94 -63.95 27.96
C ARG D 157 -28.05 -63.79 29.00
N ALA D 158 -27.70 -63.78 30.28
CA ALA D 158 -28.58 -63.37 31.37
C ALA D 158 -27.70 -62.91 32.52
N VAL D 159 -27.86 -61.66 32.95
CA VAL D 159 -26.91 -61.06 33.89
C VAL D 159 -27.68 -60.47 35.07
N ALA D 160 -27.05 -60.53 36.24
CA ALA D 160 -27.61 -59.97 37.46
C ALA D 160 -26.48 -59.33 38.27
N ILE D 161 -26.71 -58.13 38.74
CA ILE D 161 -25.74 -57.39 39.55
C ILE D 161 -26.42 -56.97 40.85
N GLY D 162 -25.66 -56.32 41.71
CA GLY D 162 -26.19 -55.85 42.98
C GLY D 162 -25.97 -56.80 44.13
N ARG D 163 -26.83 -56.72 45.15
CA ARG D 163 -26.74 -57.64 46.27
C ARG D 163 -27.20 -59.03 45.83
N HIS D 164 -26.59 -60.05 46.42
CA HIS D 164 -26.72 -61.45 46.00
C HIS D 164 -26.44 -61.62 44.52
N ASP D 165 -25.21 -61.28 44.11
CA ASP D 165 -24.80 -61.34 42.71
C ASP D 165 -24.80 -62.77 42.20
N GLN D 166 -24.13 -63.67 42.92
CA GLN D 166 -23.96 -65.04 42.47
C GLN D 166 -25.24 -65.86 42.65
N THR D 167 -26.13 -65.44 43.55
CA THR D 167 -27.34 -66.20 43.87
C THR D 167 -28.31 -66.25 42.70
N VAL D 168 -28.50 -65.14 41.98
CA VAL D 168 -29.41 -65.15 40.84
C VAL D 168 -28.76 -65.84 39.64
N ILE D 169 -27.46 -65.62 39.42
CA ILE D 169 -26.79 -66.09 38.21
C ILE D 169 -26.69 -67.62 38.19
N GLU D 170 -26.43 -68.24 39.34
CA GLU D 170 -26.45 -69.69 39.39
C GLU D 170 -27.86 -70.24 39.36
N TYR D 171 -28.87 -69.42 39.66
CA TYR D 171 -30.25 -69.89 39.55
C TYR D 171 -30.73 -69.83 38.10
N MET D 172 -30.48 -68.73 37.42
CA MET D 172 -31.01 -68.55 36.07
C MET D 172 -30.05 -69.05 35.00
N GLU D 173 -29.04 -69.83 35.34
CA GLU D 173 -28.27 -70.56 34.34
C GLU D 173 -28.73 -72.01 34.24
N LYS D 174 -29.69 -72.43 35.06
CA LYS D 174 -30.29 -73.75 34.98
C LYS D 174 -31.80 -73.66 34.75
N SER D 175 -32.27 -72.46 34.40
CA SER D 175 -33.68 -72.27 34.10
C SER D 175 -33.85 -71.36 32.88
N TYR D 176 -32.76 -71.05 32.20
CA TYR D 176 -32.77 -70.15 31.05
C TYR D 176 -33.10 -70.95 29.79
N LYS D 177 -34.09 -70.48 29.03
CA LYS D 177 -34.35 -71.03 27.72
C LYS D 177 -33.88 -70.05 26.64
N ASP D 178 -33.10 -70.57 25.69
CA ASP D 178 -32.52 -69.72 24.67
C ASP D 178 -33.57 -69.33 23.63
N GLY D 179 -33.55 -68.06 23.23
CA GLY D 179 -34.47 -67.56 22.24
C GLY D 179 -35.89 -67.44 22.74
N MET D 180 -36.15 -66.53 23.67
CA MET D 180 -37.47 -66.32 24.21
C MET D 180 -38.24 -65.29 23.38
N SER D 181 -39.55 -65.24 23.59
CA SER D 181 -40.38 -64.19 23.03
C SER D 181 -40.41 -63.00 23.98
N ARG D 182 -41.25 -62.00 23.66
CA ARG D 182 -41.35 -60.82 24.50
C ARG D 182 -41.98 -61.12 25.85
N ASP D 183 -43.09 -61.86 25.88
CA ASP D 183 -43.78 -62.16 27.12
C ASP D 183 -43.04 -63.15 28.00
N GLU D 184 -42.10 -63.91 27.45
CA GLU D 184 -41.31 -64.83 28.24
C GLU D 184 -40.17 -64.14 28.95
N CYS D 185 -39.63 -63.05 28.37
CA CYS D 185 -38.50 -62.36 28.98
C CYS D 185 -38.93 -61.57 30.21
N VAL D 186 -40.03 -60.81 30.10
CA VAL D 186 -40.58 -60.11 31.25
C VAL D 186 -41.01 -61.07 32.35
N HIS D 187 -41.52 -62.24 31.97
CA HIS D 187 -41.86 -63.26 32.96
C HIS D 187 -40.63 -63.90 33.58
N PHE D 188 -39.51 -63.95 32.86
CA PHE D 188 -38.32 -64.58 33.40
C PHE D 188 -37.49 -63.60 34.23
N ALA D 189 -37.60 -62.31 33.93
CA ALA D 189 -36.91 -61.30 34.72
C ALA D 189 -37.60 -61.08 36.07
N ILE D 190 -38.90 -61.29 36.14
CA ILE D 190 -39.61 -61.18 37.42
C ILE D 190 -39.22 -62.32 38.34
N LYS D 191 -39.28 -63.56 37.83
CA LYS D 191 -39.05 -64.74 38.67
C LYS D 191 -37.61 -64.87 39.14
N SER D 192 -36.67 -64.18 38.51
CA SER D 192 -35.30 -64.16 39.00
C SER D 192 -35.08 -63.06 40.03
N LEU D 193 -35.84 -61.98 39.94
CA LEU D 193 -35.60 -60.83 40.81
C LEU D 193 -36.30 -60.98 42.16
N LEU D 194 -37.46 -61.63 42.20
CA LEU D 194 -38.14 -61.86 43.47
C LEU D 194 -37.58 -63.06 44.24
N GLU D 195 -36.54 -63.70 43.70
CA GLU D 195 -35.78 -64.66 44.50
C GLU D 195 -35.01 -63.96 45.61
N VAL D 196 -34.54 -62.73 45.36
CA VAL D 196 -33.76 -61.99 46.33
C VAL D 196 -34.58 -60.97 47.09
N VAL D 197 -35.33 -60.12 46.40
CA VAL D 197 -36.12 -59.06 47.03
C VAL D 197 -37.31 -59.71 47.74
N GLU D 198 -37.90 -58.98 48.70
CA GLU D 198 -39.09 -59.46 49.38
C GLU D 198 -40.29 -59.46 48.45
N SER D 199 -41.36 -60.14 48.87
CA SER D 199 -42.50 -60.48 48.03
C SER D 199 -43.40 -59.29 47.65
N GLY D 200 -43.02 -58.07 48.02
CA GLY D 200 -43.74 -56.86 47.67
C GLY D 200 -43.94 -56.64 46.18
N SER D 201 -45.04 -55.99 45.82
CA SER D 201 -45.35 -55.75 44.41
C SER D 201 -45.01 -54.34 43.97
N ARG D 202 -44.63 -53.45 44.88
CA ARG D 202 -44.29 -52.07 44.55
C ARG D 202 -42.81 -51.80 44.64
N ASN D 203 -41.98 -52.84 44.56
CA ASN D 203 -40.53 -52.70 44.49
C ASN D 203 -39.93 -53.53 43.37
N ILE D 204 -40.51 -53.46 42.17
CA ILE D 204 -39.90 -53.91 40.93
C ILE D 204 -40.14 -52.82 39.90
N GLU D 205 -39.08 -52.45 39.18
CA GLU D 205 -39.24 -51.51 38.07
C GLU D 205 -38.62 -52.17 36.83
N LEU D 206 -39.47 -52.65 35.93
CA LEU D 206 -39.03 -53.39 34.76
C LEU D 206 -39.26 -52.56 33.51
N LEU D 207 -38.41 -52.78 32.51
CA LEU D 207 -38.43 -52.05 31.26
C LEU D 207 -38.20 -53.01 30.11
N VAL D 208 -38.99 -52.88 29.04
CA VAL D 208 -38.86 -53.72 27.85
C VAL D 208 -38.28 -52.88 26.71
N LEU D 209 -37.14 -53.32 26.19
CA LEU D 209 -36.48 -52.66 25.07
C LEU D 209 -36.84 -53.38 23.77
N GLN D 210 -37.47 -52.65 22.86
CA GLN D 210 -37.68 -53.11 21.49
C GLN D 210 -37.08 -52.08 20.55
N TYR D 211 -37.09 -52.39 19.25
CA TYR D 211 -36.43 -51.54 18.29
C TYR D 211 -37.25 -50.27 18.06
N LYS D 212 -36.65 -49.12 18.43
CA LYS D 212 -37.28 -47.79 18.38
C LYS D 212 -38.58 -47.72 19.18
N GLU D 213 -38.70 -48.53 20.22
CA GLU D 213 -39.89 -48.55 21.08
C GLU D 213 -39.47 -49.11 22.44
N ALA D 214 -39.49 -48.27 23.46
CA ALA D 214 -39.17 -48.67 24.83
C ALA D 214 -40.38 -48.37 25.71
N ARG D 215 -40.88 -49.40 26.38
CA ARG D 215 -42.10 -49.28 27.17
C ARG D 215 -41.82 -49.69 28.61
N TYR D 216 -41.89 -48.72 29.52
CA TYR D 216 -41.84 -49.00 30.95
C TYR D 216 -43.14 -49.67 31.37
N LEU D 217 -43.04 -50.66 32.25
CA LEU D 217 -44.23 -51.27 32.82
C LEU D 217 -44.76 -50.40 33.96
N THR D 218 -46.06 -50.14 33.92
CA THR D 218 -46.74 -49.37 34.94
C THR D 218 -47.10 -50.25 36.13
N GLU D 219 -47.96 -49.71 37.01
CA GLU D 219 -48.38 -50.43 38.20
C GLU D 219 -49.22 -51.66 37.85
N GLU D 220 -50.30 -51.46 37.09
CA GLU D 220 -51.26 -52.52 36.85
C GLU D 220 -50.78 -53.55 35.84
N GLU D 221 -49.88 -53.18 34.91
CA GLU D 221 -49.32 -54.16 34.00
C GLU D 221 -48.32 -55.05 34.71
N LEU D 222 -47.65 -54.52 35.73
CA LEU D 222 -46.70 -55.33 36.49
C LEU D 222 -47.43 -56.30 37.42
N GLN D 223 -48.67 -55.99 37.77
CA GLN D 223 -49.46 -56.89 38.61
C GLN D 223 -49.85 -58.15 37.85
N LYS D 224 -49.90 -58.08 36.51
CA LYS D 224 -50.31 -59.25 35.75
C LYS D 224 -49.18 -60.27 35.68
N PHE D 225 -47.93 -59.80 35.68
CA PHE D 225 -46.81 -60.73 35.53
C PHE D 225 -46.33 -61.28 36.88
N VAL D 226 -46.51 -60.54 37.97
CA VAL D 226 -46.08 -61.01 39.28
C VAL D 226 -46.95 -62.17 39.75
N VAL D 227 -48.27 -62.06 39.57
CA VAL D 227 -49.19 -63.10 40.01
C VAL D 227 -48.99 -64.38 39.23
N GLU D 228 -48.66 -64.28 37.94
CA GLU D 228 -48.32 -65.46 37.14
C GLU D 228 -47.00 -66.08 37.61
N VAL D 229 -46.13 -65.31 38.24
CA VAL D 229 -44.92 -65.86 38.84
C VAL D 229 -45.19 -66.39 40.24
N GLU D 230 -46.00 -65.67 41.02
CA GLU D 230 -46.30 -66.07 42.40
C GLU D 230 -47.09 -67.37 42.45
N LYS D 231 -48.00 -67.59 41.48
CA LYS D 231 -48.69 -68.86 41.42
C LYS D 231 -47.80 -69.99 40.90
N GLU D 232 -46.72 -69.67 40.19
CA GLU D 232 -45.84 -70.72 39.70
C GLU D 232 -44.78 -71.12 40.72
N ARG D 233 -44.34 -70.18 41.56
CA ARG D 233 -43.36 -70.53 42.59
C ARG D 233 -44.01 -71.36 43.70
N GLU D 234 -45.34 -71.26 43.85
CA GLU D 234 -46.05 -72.18 44.72
C GLU D 234 -46.06 -73.58 44.11
N GLU D 235 -46.10 -73.66 42.78
CA GLU D 235 -46.04 -74.96 42.11
C GLU D 235 -44.62 -75.51 42.14
N GLU D 236 -43.62 -74.63 42.15
CA GLU D 236 -42.23 -75.08 42.24
C GLU D 236 -41.92 -75.65 43.62
N ALA D 237 -42.51 -75.06 44.65
CA ALA D 237 -42.38 -75.62 45.99
C ALA D 237 -43.20 -76.90 46.13
N ALA D 238 -44.34 -76.96 45.43
CA ALA D 238 -45.14 -78.18 45.44
C ALA D 238 -44.47 -79.29 44.63
N ALA D 239 -43.64 -78.91 43.65
CA ALA D 239 -42.90 -79.91 42.89
C ALA D 239 -41.76 -80.51 43.71
N LYS D 240 -41.25 -79.76 44.68
CA LYS D 240 -40.22 -80.30 45.56
C LYS D 240 -40.83 -81.24 46.61
N LYS D 241 -42.01 -80.89 47.11
CA LYS D 241 -42.69 -81.72 48.10
C LYS D 241 -44.03 -82.21 47.57
N GLU E 107 -2.95 -50.68 52.08
CA GLU E 107 -1.82 -50.51 52.98
C GLU E 107 -0.90 -49.41 52.44
N TYR E 108 -0.52 -48.47 53.30
CA TYR E 108 0.22 -47.30 52.87
C TYR E 108 1.43 -46.98 53.73
N ASP E 109 1.97 -47.97 54.46
CA ASP E 109 3.18 -47.75 55.25
C ASP E 109 4.40 -47.61 54.34
N ARG E 110 4.41 -48.33 53.23
CA ARG E 110 5.48 -48.18 52.25
C ARG E 110 5.07 -47.18 51.18
N GLY E 111 5.98 -46.99 50.22
CA GLY E 111 5.69 -46.21 49.05
C GLY E 111 5.55 -47.08 47.81
N VAL E 112 5.28 -46.43 46.68
CA VAL E 112 5.17 -47.15 45.41
C VAL E 112 6.52 -47.34 44.74
N ASN E 113 7.54 -46.59 45.14
CA ASN E 113 8.87 -46.70 44.57
C ASN E 113 9.88 -47.28 45.57
N THR E 114 9.39 -47.83 46.67
CA THR E 114 10.24 -48.33 47.74
C THR E 114 10.87 -49.67 47.34
N PHE E 115 12.20 -49.70 47.39
CA PHE E 115 12.97 -50.91 47.14
C PHE E 115 12.88 -51.85 48.34
N SER E 116 13.13 -53.13 48.09
CA SER E 116 13.35 -54.10 49.15
C SER E 116 14.82 -54.13 49.51
N PRO E 117 15.18 -54.69 50.68
CA PRO E 117 16.60 -54.92 50.97
C PRO E 117 17.26 -55.96 50.08
N GLU E 118 16.48 -56.74 49.33
CA GLU E 118 17.02 -57.68 48.36
C GLU E 118 17.12 -57.09 46.96
N GLY E 119 16.82 -55.80 46.79
CA GLY E 119 16.99 -55.12 45.52
C GLY E 119 15.75 -55.02 44.67
N ARG E 120 14.61 -55.55 45.11
CA ARG E 120 13.40 -55.57 44.31
C ARG E 120 12.48 -54.41 44.67
N ILE E 121 11.75 -53.92 43.67
CA ILE E 121 10.71 -52.93 43.90
C ILE E 121 9.45 -53.64 44.37
N PHE E 122 8.76 -53.05 45.34
CA PHE E 122 7.61 -53.70 45.98
C PHE E 122 6.42 -53.83 45.01
N GLN E 123 6.06 -52.74 44.33
CA GLN E 123 4.85 -52.76 43.53
C GLN E 123 5.04 -53.53 42.23
N ILE E 124 6.28 -53.66 41.75
CA ILE E 124 6.53 -54.48 40.56
C ILE E 124 6.54 -55.96 40.91
N GLU E 125 7.17 -56.32 42.03
CA GLU E 125 7.16 -57.71 42.49
C GLU E 125 5.76 -58.17 42.88
N TYR E 126 4.94 -57.26 43.40
CA TYR E 126 3.56 -57.58 43.74
C TYR E 126 2.65 -57.63 42.52
N ALA E 127 3.11 -57.12 41.37
CA ALA E 127 2.32 -57.20 40.14
C ALA E 127 2.62 -58.45 39.35
N VAL E 128 3.81 -59.04 39.53
CA VAL E 128 4.12 -60.32 38.89
C VAL E 128 3.29 -61.44 39.50
N GLU E 129 2.98 -61.34 40.80
CA GLU E 129 2.13 -62.34 41.45
C GLU E 129 0.68 -62.24 41.00
N ALA E 130 0.25 -61.07 40.50
CA ALA E 130 -1.08 -60.92 39.94
C ALA E 130 -1.20 -61.56 38.55
N ILE E 131 -0.10 -62.00 37.96
CA ILE E 131 -0.17 -62.68 36.67
C ILE E 131 -0.45 -64.16 36.88
N LYS E 132 0.09 -64.74 37.95
CA LYS E 132 -0.14 -66.12 38.31
C LYS E 132 -1.57 -66.40 38.75
N LEU E 133 -2.34 -65.37 39.11
CA LEU E 133 -3.73 -65.52 39.45
C LEU E 133 -4.66 -65.20 38.29
N GLY E 134 -4.21 -65.42 37.05
CA GLY E 134 -5.01 -65.19 35.87
C GLY E 134 -5.08 -66.42 34.99
N SER E 135 -5.75 -66.27 33.86
CA SER E 135 -5.86 -67.35 32.89
C SER E 135 -4.51 -67.57 32.20
N THR E 136 -4.28 -68.81 31.80
CA THR E 136 -3.01 -69.13 31.14
C THR E 136 -3.08 -68.79 29.65
N SER E 137 -1.90 -68.67 29.05
CA SER E 137 -1.77 -68.32 27.65
C SER E 137 -0.47 -68.90 27.12
N LEU E 138 -0.39 -69.08 25.80
CA LEU E 138 0.73 -69.77 25.17
C LEU E 138 1.27 -68.96 24.00
N GLY E 139 2.45 -69.37 23.54
CA GLY E 139 3.03 -68.89 22.31
C GLY E 139 4.15 -69.81 21.88
N ILE E 140 4.11 -70.28 20.63
CA ILE E 140 5.07 -71.25 20.11
C ILE E 140 5.63 -70.71 18.81
N ARG E 141 6.94 -70.43 18.80
CA ARG E 141 7.60 -69.95 17.59
C ARG E 141 8.01 -71.16 16.76
N THR E 142 7.59 -71.17 15.51
CA THR E 142 7.78 -72.27 14.56
C THR E 142 8.19 -71.60 13.25
N PRO E 143 9.02 -72.23 12.41
CA PRO E 143 9.40 -71.58 11.13
C PRO E 143 8.28 -71.41 10.11
N GLU E 144 7.05 -71.86 10.38
CA GLU E 144 5.94 -71.56 9.48
C GLU E 144 5.04 -70.48 10.07
N GLY E 145 5.12 -70.25 11.37
CA GLY E 145 4.31 -69.22 12.00
C GLY E 145 4.37 -69.34 13.51
N VAL E 146 3.58 -68.51 14.17
CA VAL E 146 3.49 -68.53 15.63
C VAL E 146 2.04 -68.73 16.03
N VAL E 147 1.78 -69.75 16.85
CA VAL E 147 0.45 -70.05 17.34
C VAL E 147 0.31 -69.47 18.75
N LEU E 148 -0.86 -68.90 19.03
CA LEU E 148 -1.13 -68.26 20.32
C LEU E 148 -2.39 -68.89 20.91
N ALA E 149 -2.20 -69.89 21.77
CA ALA E 149 -3.33 -70.54 22.43
C ALA E 149 -3.58 -69.91 23.80
N ALA E 150 -4.85 -69.87 24.18
CA ALA E 150 -5.23 -69.22 25.44
C ALA E 150 -6.58 -69.73 25.92
N GLU E 151 -6.66 -70.11 27.20
CA GLU E 151 -7.94 -70.47 27.80
C GLU E 151 -8.74 -69.19 28.00
N LYS E 152 -10.07 -69.31 28.02
CA LYS E 152 -10.91 -68.12 28.12
C LYS E 152 -11.34 -67.88 29.56
N ARG E 153 -11.62 -68.95 30.30
CA ARG E 153 -11.96 -68.94 31.73
C ARG E 153 -13.19 -68.05 31.99
N VAL E 154 -14.30 -68.53 31.46
CA VAL E 154 -15.59 -67.85 31.60
C VAL E 154 -16.05 -67.95 33.05
N PRO E 155 -16.72 -66.93 33.59
CA PRO E 155 -17.25 -67.05 34.96
C PRO E 155 -18.51 -67.88 35.03
N SER E 156 -19.29 -67.95 33.95
CA SER E 156 -20.54 -68.69 33.93
C SER E 156 -20.82 -69.13 32.50
N THR E 157 -21.79 -70.02 32.36
CA THR E 157 -22.25 -70.47 31.06
C THR E 157 -23.20 -69.49 30.39
N LEU E 158 -23.59 -68.43 31.10
CA LEU E 158 -24.43 -67.39 30.51
C LEU E 158 -23.63 -66.30 29.81
N VAL E 159 -22.34 -66.54 29.52
CA VAL E 159 -21.52 -65.55 28.83
C VAL E 159 -21.36 -65.97 27.38
N VAL E 160 -21.63 -65.06 26.46
CA VAL E 160 -21.31 -65.29 25.05
C VAL E 160 -19.79 -65.23 24.91
N PRO E 161 -19.17 -66.21 24.28
CA PRO E 161 -17.70 -66.29 24.30
C PRO E 161 -17.01 -65.32 23.35
N SER E 162 -17.74 -64.64 22.48
CA SER E 162 -17.11 -63.70 21.56
C SER E 162 -16.94 -62.30 22.15
N SER E 163 -17.10 -62.14 23.46
CA SER E 163 -17.01 -60.83 24.11
C SER E 163 -15.76 -60.67 24.96
N MET E 164 -15.07 -61.75 25.30
CA MET E 164 -13.92 -61.71 26.21
C MET E 164 -12.71 -62.30 25.50
N SER E 165 -12.45 -61.79 24.29
CA SER E 165 -11.36 -62.32 23.47
C SER E 165 -10.01 -62.04 24.11
N LYS E 166 -9.31 -63.11 24.47
CA LYS E 166 -7.96 -63.02 25.02
C LYS E 166 -6.91 -62.74 23.94
N ILE E 167 -7.29 -62.75 22.67
CA ILE E 167 -6.39 -62.46 21.58
C ILE E 167 -6.90 -61.22 20.86
N MET E 168 -6.05 -60.22 20.71
CA MET E 168 -6.41 -58.97 20.06
C MET E 168 -5.38 -58.66 18.98
N GLU E 169 -5.85 -58.15 17.85
CA GLU E 169 -4.95 -57.79 16.76
C GLU E 169 -4.39 -56.40 16.97
N VAL E 170 -3.11 -56.24 16.69
CA VAL E 170 -2.46 -54.94 16.67
C VAL E 170 -2.42 -54.37 15.26
N ASP E 171 -2.09 -55.22 14.29
CA ASP E 171 -2.12 -54.89 12.88
C ASP E 171 -2.52 -56.16 12.15
N SER E 172 -2.35 -56.18 10.83
CA SER E 172 -2.62 -57.40 10.08
C SER E 172 -1.58 -58.48 10.32
N HIS E 173 -0.42 -58.12 10.86
CA HIS E 173 0.71 -59.03 10.99
C HIS E 173 1.16 -59.22 12.42
N ILE E 174 0.51 -58.59 13.40
CA ILE E 174 0.88 -58.69 14.80
C ILE E 174 -0.36 -59.03 15.62
N ALA E 175 -0.29 -60.11 16.39
CA ALA E 175 -1.32 -60.46 17.35
C ALA E 175 -0.77 -60.29 18.76
N ALA E 176 -1.66 -60.31 19.74
CA ALA E 176 -1.27 -60.10 21.13
C ALA E 176 -2.23 -60.85 22.04
N VAL E 177 -1.68 -61.71 22.90
CA VAL E 177 -2.45 -62.46 23.89
C VAL E 177 -1.95 -62.06 25.28
N MET E 178 -2.89 -61.87 26.21
CA MET E 178 -2.57 -61.39 27.54
C MET E 178 -2.88 -62.42 28.62
N SER E 179 -2.45 -62.10 29.83
CA SER E 179 -2.83 -62.83 31.03
C SER E 179 -2.82 -61.87 32.20
N GLY E 180 -3.60 -62.21 33.23
CA GLY E 180 -3.77 -61.31 34.35
C GLY E 180 -5.10 -60.60 34.27
N MET E 181 -5.16 -59.34 34.73
CA MET E 181 -6.39 -58.58 34.63
C MET E 181 -6.50 -57.93 33.25
N VAL E 182 -7.64 -58.13 32.59
CA VAL E 182 -7.77 -57.74 31.20
C VAL E 182 -8.24 -56.31 31.02
N ALA E 183 -8.60 -55.62 32.11
CA ALA E 183 -8.95 -54.21 32.00
C ALA E 183 -7.71 -53.36 31.76
N ASP E 184 -6.57 -53.75 32.35
CA ASP E 184 -5.31 -53.10 32.04
C ASP E 184 -4.75 -53.56 30.70
N ALA E 185 -5.20 -54.72 30.22
CA ALA E 185 -4.67 -55.26 28.97
C ALA E 185 -5.17 -54.50 27.76
N ARG E 186 -6.35 -53.87 27.87
CA ARG E 186 -6.92 -53.17 26.73
C ARG E 186 -6.13 -51.91 26.40
N ILE E 187 -5.74 -51.14 27.42
CA ILE E 187 -5.07 -49.86 27.19
C ILE E 187 -3.64 -50.04 26.67
N LEU E 188 -3.02 -51.20 26.90
CA LEU E 188 -1.74 -51.47 26.27
C LEU E 188 -1.91 -51.81 24.79
N VAL E 189 -2.92 -52.63 24.46
CA VAL E 189 -3.19 -52.97 23.07
C VAL E 189 -3.77 -51.78 22.31
N GLU E 190 -4.58 -50.95 22.98
CA GLU E 190 -5.05 -49.71 22.35
C GLU E 190 -3.91 -48.71 22.13
N HIS E 191 -2.80 -48.86 22.85
CA HIS E 191 -1.62 -48.03 22.61
C HIS E 191 -0.74 -48.63 21.52
N ALA E 192 -0.66 -49.96 21.45
CA ALA E 192 0.18 -50.59 20.44
C ALA E 192 -0.45 -50.47 19.05
N ARG E 193 -1.77 -50.36 18.99
CA ARG E 193 -2.43 -50.16 17.70
C ARG E 193 -2.17 -48.76 17.16
N VAL E 194 -2.13 -47.77 18.05
CA VAL E 194 -1.84 -46.40 17.63
C VAL E 194 -0.39 -46.27 17.17
N GLU E 195 0.54 -46.93 17.87
CA GLU E 195 1.94 -46.84 17.49
C GLU E 195 2.23 -47.58 16.19
N SER E 196 1.62 -48.75 15.98
CA SER E 196 1.90 -49.53 14.77
C SER E 196 1.19 -48.97 13.54
N GLN E 197 0.22 -48.07 13.71
CA GLN E 197 -0.34 -47.37 12.56
C GLN E 197 0.37 -46.06 12.28
N ASN E 198 0.98 -45.45 13.30
CA ASN E 198 1.83 -44.29 13.05
C ASN E 198 3.13 -44.70 12.37
N HIS E 199 3.51 -45.97 12.47
CA HIS E 199 4.68 -46.45 11.74
C HIS E 199 4.36 -46.61 10.26
N ARG E 200 3.17 -47.10 9.93
CA ARG E 200 2.76 -47.19 8.53
C ARG E 200 2.48 -45.81 7.97
N PHE E 201 2.11 -44.86 8.83
CA PHE E 201 1.88 -43.50 8.36
C PHE E 201 3.18 -42.79 8.00
N THR E 202 4.25 -43.14 8.70
CA THR E 202 5.52 -42.43 8.56
C THR E 202 6.51 -43.19 7.69
N TYR E 203 6.51 -44.51 7.77
CA TYR E 203 7.55 -45.30 7.13
C TYR E 203 7.05 -46.15 5.96
N ASN E 204 5.73 -46.15 5.69
CA ASN E 204 5.11 -46.83 4.54
C ASN E 204 5.41 -48.33 4.55
N GLU E 205 5.50 -48.91 5.74
CA GLU E 205 5.94 -50.28 5.91
C GLU E 205 5.42 -50.79 7.25
N PRO E 206 5.20 -52.10 7.39
CA PRO E 206 4.73 -52.63 8.66
C PRO E 206 5.79 -52.54 9.76
N MET E 207 5.34 -52.16 10.95
CA MET E 207 6.20 -52.12 12.13
C MET E 207 6.67 -53.51 12.49
N SER E 208 7.97 -53.61 12.80
CA SER E 208 8.58 -54.85 13.22
C SER E 208 7.99 -55.29 14.56
N VAL E 209 8.09 -56.60 14.83
CA VAL E 209 7.48 -57.18 16.00
C VAL E 209 8.22 -56.74 17.26
N GLU E 210 9.54 -56.55 17.15
CA GLU E 210 10.33 -56.03 18.26
C GLU E 210 9.91 -54.62 18.64
N SER E 211 9.72 -53.73 17.66
CA SER E 211 9.42 -52.33 17.95
C SER E 211 8.00 -52.14 18.48
N CYS E 212 7.12 -53.11 18.27
CA CYS E 212 5.79 -53.02 18.87
C CYS E 212 5.82 -53.46 20.33
N THR E 213 6.76 -54.34 20.68
CA THR E 213 6.94 -54.70 22.08
C THR E 213 7.61 -53.58 22.86
N LEU E 214 8.56 -52.89 22.22
CA LEU E 214 9.24 -51.76 22.84
C LEU E 214 8.29 -50.58 23.05
N ALA E 215 7.34 -50.39 22.12
CA ALA E 215 6.38 -49.31 22.28
C ALA E 215 5.40 -49.59 23.40
N THR E 216 5.23 -50.85 23.79
CA THR E 216 4.36 -51.19 24.89
C THR E 216 5.09 -51.10 26.24
N CYS E 217 6.34 -51.57 26.27
CA CYS E 217 7.15 -51.51 27.49
C CYS E 217 7.47 -50.09 27.94
N ASP E 218 7.46 -49.14 27.01
CA ASP E 218 7.65 -47.73 27.38
C ASP E 218 6.46 -47.18 28.16
N LEU E 219 5.27 -47.72 27.93
CA LEU E 219 4.10 -47.34 28.69
C LEU E 219 3.97 -48.12 30.00
N SER E 220 4.54 -49.32 30.06
CA SER E 220 4.38 -50.17 31.25
C SER E 220 5.36 -49.79 32.37
N ILE E 221 6.19 -48.77 32.14
CA ILE E 221 7.13 -48.32 33.17
C ILE E 221 6.79 -46.94 33.72
N GLN E 222 5.87 -46.22 33.08
CA GLN E 222 5.58 -44.82 33.44
C GLN E 222 4.56 -44.79 34.59
N PHE E 223 5.07 -44.95 35.80
CA PHE E 223 4.26 -44.87 37.01
C PHE E 223 5.08 -44.31 38.14
N GLY E 224 4.42 -43.53 39.00
CA GLY E 224 5.07 -42.94 40.16
C GLY E 224 4.05 -42.50 41.20
N GLU E 225 4.40 -41.51 42.02
CA GLU E 225 3.45 -40.98 42.98
C GLU E 225 3.39 -39.45 42.90
N SER E 226 4.48 -38.82 42.47
CA SER E 226 4.51 -37.37 42.34
C SER E 226 4.40 -36.98 40.87
N GLY E 227 3.30 -36.32 40.51
CA GLY E 227 3.08 -35.92 39.13
C GLY E 227 3.95 -34.78 38.66
N GLY E 228 3.71 -33.58 39.19
CA GLY E 228 4.44 -32.41 38.76
C GLY E 228 4.17 -31.99 37.33
N ARG E 229 5.16 -32.21 36.46
CA ARG E 229 5.05 -31.84 35.05
C ARG E 229 4.08 -32.74 34.29
N ARG E 230 4.27 -34.05 34.39
CA ARG E 230 3.45 -35.04 33.71
C ARG E 230 2.53 -35.72 34.71
N LYS E 231 1.33 -36.09 34.28
CA LYS E 231 0.43 -36.91 35.08
C LYS E 231 0.80 -38.37 34.87
N LEU E 232 1.23 -39.04 35.95
CA LEU E 232 1.72 -40.41 35.86
C LEU E 232 0.63 -41.41 36.27
N MET E 233 0.92 -42.69 36.05
CA MET E 233 0.05 -43.74 36.54
C MET E 233 0.31 -43.99 38.02
N SER E 234 -0.72 -44.46 38.73
CA SER E 234 -0.57 -44.65 40.17
C SER E 234 -0.04 -46.04 40.51
N ARG E 235 -0.10 -46.98 39.57
CA ARG E 235 0.30 -48.36 39.82
C ARG E 235 0.83 -48.93 38.51
N PRO E 236 1.69 -49.95 38.59
CA PRO E 236 2.09 -50.67 37.37
C PRO E 236 0.93 -51.49 36.83
N PHE E 237 1.06 -51.89 35.58
CA PHE E 237 0.02 -52.66 34.92
C PHE E 237 0.05 -54.11 35.40
N GLY E 238 -1.10 -54.63 35.81
CA GLY E 238 -1.18 -55.98 36.30
C GLY E 238 -1.45 -56.99 35.22
N VAL E 239 -0.84 -56.80 34.05
CA VAL E 239 -1.03 -57.67 32.90
C VAL E 239 0.31 -57.92 32.22
N SER E 240 0.59 -59.19 31.96
CA SER E 240 1.74 -59.59 31.15
C SER E 240 1.24 -59.91 29.75
N LEU E 241 1.61 -59.08 28.78
CA LEU E 241 1.24 -59.36 27.40
C LEU E 241 2.17 -60.42 26.81
N LEU E 242 1.84 -60.85 25.60
CA LEU E 242 2.66 -61.84 24.89
C LEU E 242 2.41 -61.60 23.39
N ILE E 243 3.34 -60.86 22.78
CA ILE E 243 3.15 -60.35 21.43
C ILE E 243 3.83 -61.29 20.44
N ALA E 244 3.13 -61.63 19.37
CA ALA E 244 3.65 -62.46 18.29
C ALA E 244 3.41 -61.79 16.95
N GLY E 245 4.21 -62.19 15.96
CA GLY E 245 4.02 -61.63 14.63
C GLY E 245 5.12 -62.08 13.69
N VAL E 246 4.99 -61.64 12.43
CA VAL E 246 5.98 -61.92 11.41
C VAL E 246 6.46 -60.60 10.80
N ASP E 247 7.72 -60.57 10.37
CA ASP E 247 8.33 -59.41 9.74
C ASP E 247 9.41 -59.88 8.77
N GLU E 248 10.33 -58.99 8.41
CA GLU E 248 11.48 -59.32 7.58
C GLU E 248 12.40 -60.37 8.20
N LYS E 249 12.40 -60.52 9.52
CA LYS E 249 13.16 -61.55 10.21
C LYS E 249 12.35 -62.82 10.43
N GLY E 250 11.11 -62.86 9.93
CA GLY E 250 10.28 -64.03 10.05
C GLY E 250 9.43 -64.05 11.31
N PRO E 251 9.02 -65.25 11.74
CA PRO E 251 8.18 -65.37 12.93
C PRO E 251 8.96 -65.10 14.21
N GLN E 252 8.44 -64.21 15.05
CA GLN E 252 9.06 -63.85 16.32
C GLN E 252 8.02 -63.86 17.44
N LEU E 253 8.48 -64.17 18.64
CA LEU E 253 7.63 -64.20 19.83
C LEU E 253 8.26 -63.27 20.87
N TRP E 254 7.42 -62.52 21.58
CA TRP E 254 7.88 -61.54 22.56
C TRP E 254 6.95 -61.52 23.76
N GLN E 255 7.52 -61.21 24.91
CA GLN E 255 6.76 -61.08 26.15
C GLN E 255 7.05 -59.74 26.81
N THR E 256 6.01 -59.00 27.13
CA THR E 256 6.08 -57.85 28.01
C THR E 256 5.60 -58.26 29.40
N ASP E 257 6.45 -58.10 30.40
CA ASP E 257 6.07 -58.41 31.77
C ASP E 257 5.74 -57.09 32.48
N PRO E 258 5.13 -57.10 33.67
CA PRO E 258 4.91 -55.81 34.38
C PRO E 258 6.18 -55.15 34.89
N SER E 259 7.34 -55.81 34.81
CA SER E 259 8.59 -55.15 35.17
C SER E 259 9.01 -54.11 34.14
N GLY E 260 8.49 -54.19 32.93
CA GLY E 260 9.00 -53.45 31.81
C GLY E 260 10.04 -54.20 31.02
N THR E 261 10.25 -55.48 31.32
CA THR E 261 11.29 -56.31 30.72
C THR E 261 10.71 -57.04 29.52
N HIS E 262 11.22 -56.71 28.33
CA HIS E 262 10.86 -57.45 27.14
C HIS E 262 11.91 -58.52 26.85
N THR E 263 11.44 -59.69 26.44
CA THR E 263 12.32 -60.82 26.16
C THR E 263 11.77 -61.59 24.98
N ARG E 264 12.60 -61.81 23.97
CA ARG E 264 12.23 -62.65 22.84
C ARG E 264 12.34 -64.11 23.27
N TYR E 265 11.40 -64.93 22.83
CA TYR E 265 11.36 -66.33 23.21
C TYR E 265 11.17 -67.23 21.99
N ASP E 266 11.13 -68.53 22.27
CA ASP E 266 10.69 -69.55 21.32
C ASP E 266 9.42 -70.26 21.76
N ALA E 267 9.28 -70.54 23.05
CA ALA E 267 8.06 -71.15 23.59
C ALA E 267 7.91 -70.63 25.02
N GLN E 268 6.85 -69.88 25.26
CA GLN E 268 6.64 -69.25 26.56
C GLN E 268 5.17 -69.34 26.95
N ALA E 269 4.94 -69.69 28.22
CA ALA E 269 3.61 -69.73 28.80
C ALA E 269 3.54 -68.74 29.95
N ILE E 270 2.45 -67.98 29.98
CA ILE E 270 2.23 -67.01 31.06
C ILE E 270 0.95 -67.38 31.79
N GLY E 271 0.75 -66.80 32.95
CA GLY E 271 -0.47 -67.07 33.71
C GLY E 271 -0.30 -68.13 34.79
N GLY E 272 -1.44 -68.69 35.18
CA GLY E 272 -1.50 -69.68 36.23
C GLY E 272 -0.87 -71.00 35.87
N GLY E 273 -1.23 -71.53 34.71
CA GLY E 273 -0.64 -72.76 34.23
C GLY E 273 0.62 -72.52 33.43
N ALA E 274 1.58 -71.81 34.03
CA ALA E 274 2.82 -71.50 33.34
C ALA E 274 3.99 -72.32 33.85
N GLU E 275 4.00 -72.64 35.15
CA GLU E 275 5.09 -73.42 35.72
C GLU E 275 5.04 -74.86 35.25
N ALA E 276 3.83 -75.42 35.13
CA ALA E 276 3.69 -76.78 34.63
C ALA E 276 3.98 -76.89 33.14
N ALA E 277 3.79 -75.80 32.39
CA ALA E 277 3.97 -75.86 30.95
C ALA E 277 5.45 -75.80 30.57
N GLN E 278 6.28 -75.21 31.43
CA GLN E 278 7.70 -75.11 31.13
C GLN E 278 8.38 -76.47 31.22
N SER E 279 7.86 -77.36 32.06
CA SER E 279 8.35 -78.74 32.05
C SER E 279 7.91 -79.47 30.79
N VAL E 280 6.72 -79.15 30.27
CA VAL E 280 6.28 -79.70 28.99
C VAL E 280 7.01 -79.05 27.82
N PHE E 281 7.46 -77.80 27.97
CA PHE E 281 8.26 -77.11 26.96
C PHE E 281 9.65 -77.70 26.78
N THR E 282 10.20 -78.38 27.80
CA THR E 282 11.57 -78.88 27.72
C THR E 282 11.69 -79.98 26.67
N GLU E 283 10.83 -80.98 26.74
CA GLU E 283 10.64 -81.92 25.67
C GLU E 283 9.59 -81.36 24.71
N ARG E 284 9.24 -82.16 23.69
CA ARG E 284 8.08 -81.94 22.80
C ARG E 284 8.17 -80.61 22.04
N TYR E 285 9.38 -80.14 21.80
CA TYR E 285 9.60 -78.92 21.04
C TYR E 285 10.98 -78.98 20.39
N HIS E 286 11.02 -79.12 19.08
CA HIS E 286 12.24 -78.90 18.31
C HIS E 286 12.07 -77.65 17.45
N ARG E 287 13.19 -77.11 16.97
CA ARG E 287 13.20 -75.80 16.35
C ARG E 287 12.70 -75.78 14.92
N ASN E 288 12.48 -76.95 14.31
CA ASN E 288 11.97 -77.01 12.94
C ASN E 288 10.73 -77.91 12.88
N MET E 289 9.80 -77.65 13.78
CA MET E 289 8.45 -78.21 13.73
C MET E 289 7.68 -77.65 12.53
N THR E 290 6.55 -78.27 12.23
CA THR E 290 5.60 -77.67 11.31
C THR E 290 4.58 -76.87 12.10
N LEU E 291 3.77 -76.08 11.38
CA LEU E 291 2.78 -75.25 12.05
C LEU E 291 1.65 -76.11 12.61
N GLU E 292 1.27 -77.16 11.87
CA GLU E 292 0.22 -78.05 12.34
C GLU E 292 0.69 -78.90 13.52
N GLU E 293 2.00 -79.15 13.60
CA GLU E 293 2.54 -79.80 14.79
C GLU E 293 2.58 -78.80 15.96
N GLY E 294 2.72 -77.51 15.64
CA GLY E 294 2.61 -76.49 16.67
C GLY E 294 1.19 -76.24 17.10
N GLU E 295 0.22 -76.61 16.26
CA GLU E 295 -1.18 -76.56 16.66
C GLU E 295 -1.47 -77.58 17.75
N THR E 296 -1.08 -78.84 17.52
CA THR E 296 -1.45 -79.91 18.44
C THR E 296 -0.57 -79.91 19.68
N LEU E 297 0.54 -79.18 19.66
CA LEU E 297 1.33 -79.03 20.89
C LEU E 297 0.64 -78.10 21.87
N ALA E 298 0.07 -76.99 21.38
CA ALA E 298 -0.49 -75.98 22.25
C ALA E 298 -1.80 -76.45 22.88
N VAL E 299 -2.60 -77.20 22.13
CA VAL E 299 -3.90 -77.61 22.65
C VAL E 299 -3.75 -78.80 23.59
N ASP E 300 -2.60 -79.47 23.56
CA ASP E 300 -2.35 -80.53 24.53
C ASP E 300 -1.82 -79.95 25.84
N ILE E 301 -1.04 -78.88 25.74
CA ILE E 301 -0.58 -78.16 26.94
C ILE E 301 -1.76 -77.47 27.61
N LEU E 302 -2.61 -76.83 26.81
CA LEU E 302 -3.72 -76.06 27.35
C LEU E 302 -4.82 -76.97 27.88
N LYS E 303 -4.79 -78.25 27.50
CA LYS E 303 -5.69 -79.23 28.10
C LYS E 303 -5.20 -79.65 29.48
N GLN E 304 -3.87 -79.73 29.64
CA GLN E 304 -3.31 -80.25 30.88
C GLN E 304 -3.35 -79.21 32.00
N VAL E 305 -3.16 -77.94 31.67
CA VAL E 305 -2.92 -76.93 32.69
C VAL E 305 -4.20 -76.21 33.09
N MET E 306 -5.35 -76.69 32.62
CA MET E 306 -6.61 -76.05 32.95
C MET E 306 -7.45 -77.00 33.78
N GLU E 307 -8.44 -76.45 34.49
CA GLU E 307 -9.21 -77.25 35.43
C GLU E 307 -10.51 -77.76 34.82
N ASP E 308 -10.94 -77.18 33.70
CA ASP E 308 -12.22 -77.52 33.10
C ASP E 308 -12.04 -78.43 31.90
N GLN E 309 -13.17 -78.83 31.31
CA GLN E 309 -13.15 -79.69 30.13
C GLN E 309 -12.91 -78.85 28.89
N LEU E 310 -11.87 -79.21 28.14
CA LEU E 310 -11.48 -78.46 26.95
C LEU E 310 -12.42 -78.74 25.79
N SER E 311 -13.18 -77.73 25.38
CA SER E 311 -14.11 -77.76 24.28
C SER E 311 -13.69 -76.70 23.26
N PRO E 312 -14.21 -76.74 22.03
CA PRO E 312 -13.86 -75.67 21.07
C PRO E 312 -14.36 -74.28 21.46
N GLU E 313 -15.40 -74.18 22.27
CA GLU E 313 -15.89 -72.89 22.75
C GLU E 313 -15.33 -72.54 24.12
N ASN E 314 -14.19 -73.12 24.49
CA ASN E 314 -13.58 -72.92 25.79
C ASN E 314 -12.25 -72.18 25.70
N ILE E 315 -11.55 -72.29 24.57
CA ILE E 315 -10.22 -71.72 24.41
C ILE E 315 -10.22 -70.81 23.18
N GLU E 316 -9.06 -70.20 22.91
CA GLU E 316 -8.85 -69.36 21.74
C GLU E 316 -7.47 -69.64 21.13
N VAL E 317 -7.45 -69.90 19.83
CA VAL E 317 -6.23 -70.19 19.09
C VAL E 317 -6.16 -69.27 17.88
N ALA E 318 -5.01 -68.61 17.69
CA ALA E 318 -4.80 -67.74 16.56
C ALA E 318 -3.36 -67.86 16.08
N VAL E 319 -3.17 -67.81 14.77
CA VAL E 319 -1.86 -67.99 14.15
C VAL E 319 -1.54 -66.83 13.22
N VAL E 320 -0.26 -66.57 13.01
CA VAL E 320 0.22 -65.62 12.02
C VAL E 320 1.17 -66.39 11.12
N ARG E 321 0.75 -66.68 9.89
CA ARG E 321 1.53 -67.55 9.01
C ARG E 321 2.68 -66.77 8.38
N ALA E 322 3.74 -67.49 8.00
CA ALA E 322 4.91 -66.83 7.45
C ALA E 322 4.74 -66.52 5.97
N ASP E 323 4.30 -67.51 5.19
CA ASP E 323 4.12 -67.29 3.75
C ASP E 323 2.90 -66.42 3.46
N ASP E 324 1.92 -66.44 4.37
CA ASP E 324 0.77 -65.55 4.22
C ASP E 324 1.11 -64.15 4.71
N GLY E 325 1.75 -64.05 5.87
CA GLY E 325 2.08 -62.78 6.46
C GLY E 325 0.95 -62.14 7.24
N LYS E 326 -0.23 -62.74 7.27
CA LYS E 326 -1.41 -62.15 7.89
C LYS E 326 -1.85 -62.97 9.09
N LEU E 327 -2.57 -62.30 9.99
CA LEU E 327 -3.14 -62.95 11.17
C LEU E 327 -4.39 -63.75 10.78
N HIS E 328 -4.47 -64.97 11.30
CA HIS E 328 -5.61 -65.85 11.05
C HIS E 328 -6.12 -66.36 12.38
N MET E 329 -7.16 -65.72 12.91
CA MET E 329 -7.82 -66.23 14.11
C MET E 329 -8.72 -67.40 13.74
N TYR E 330 -8.99 -68.27 14.70
CA TYR E 330 -9.80 -69.45 14.42
C TYR E 330 -11.22 -69.28 14.95
N THR E 331 -12.10 -70.08 14.44
CA THR E 331 -13.50 -70.39 14.66
C THR E 331 -13.62 -71.69 15.46
N PRO E 332 -14.74 -71.91 16.19
CA PRO E 332 -14.88 -73.18 16.95
C PRO E 332 -14.96 -74.43 16.08
N THR E 333 -15.32 -74.29 14.80
CA THR E 333 -15.25 -75.44 13.91
C THR E 333 -13.83 -75.71 13.45
N GLU E 334 -12.93 -74.72 13.61
CA GLU E 334 -11.53 -74.93 13.24
C GLU E 334 -10.72 -75.46 14.42
N ILE E 335 -11.06 -75.04 15.64
CA ILE E 335 -10.37 -75.50 16.83
C ILE E 335 -10.66 -76.98 17.10
N LYS E 336 -11.85 -77.47 16.76
CA LYS E 336 -12.20 -78.88 16.92
C LYS E 336 -11.36 -79.79 16.02
N ALA E 337 -11.00 -79.33 14.81
CA ALA E 337 -10.19 -80.11 13.89
C ALA E 337 -8.76 -80.32 14.39
N ILE E 338 -8.29 -79.52 15.35
CA ILE E 338 -6.99 -79.72 15.95
C ILE E 338 -7.05 -80.78 17.04
N MET E 339 -8.21 -80.92 17.66
CA MET E 339 -8.36 -81.87 18.77
C MET E 339 -8.40 -83.30 18.26
N SER E 340 -8.99 -83.52 17.09
CA SER E 340 -9.16 -84.86 16.54
C SER E 340 -8.03 -85.16 15.56
N ARG E 341 -6.81 -85.22 16.11
CA ARG E 341 -5.64 -85.57 15.32
C ARG E 341 -4.83 -86.67 15.99
N ASN F 168 13.77 -51.42 61.55
CA ASN F 168 14.44 -50.48 60.67
C ASN F 168 13.41 -49.51 60.08
N GLU F 169 13.24 -48.36 60.74
CA GLU F 169 12.24 -47.37 60.35
C GLU F 169 12.88 -46.20 59.60
N TYR F 170 14.16 -46.36 59.22
CA TYR F 170 14.87 -45.34 58.46
C TYR F 170 15.22 -45.80 57.06
N ASP F 171 14.46 -46.74 56.51
CA ASP F 171 14.78 -47.36 55.23
C ASP F 171 13.60 -47.28 54.27
N SER F 172 12.47 -46.77 54.74
CA SER F 172 11.27 -46.65 53.92
C SER F 172 11.37 -45.56 52.88
N ASP F 173 11.77 -44.35 53.26
CA ASP F 173 11.82 -43.22 52.37
C ASP F 173 13.23 -43.02 51.82
N ILE F 174 13.29 -42.36 50.66
CA ILE F 174 14.56 -42.02 50.02
C ILE F 174 15.22 -40.81 50.68
N THR F 175 14.45 -39.91 51.28
CA THR F 175 14.97 -38.67 51.82
C THR F 175 15.13 -38.75 53.34
N THR F 176 15.54 -39.91 53.83
CA THR F 176 15.68 -40.14 55.26
C THR F 176 17.07 -40.68 55.58
N TRP F 177 17.87 -39.87 56.26
CA TRP F 177 19.16 -40.28 56.76
C TRP F 177 18.99 -41.15 57.99
N SER F 178 19.88 -42.12 58.16
CA SER F 178 19.90 -42.91 59.37
C SER F 178 20.55 -42.12 60.49
N PRO F 179 20.38 -42.54 61.75
CA PRO F 179 21.16 -41.93 62.84
C PRO F 179 22.63 -42.30 62.84
N THR F 180 23.07 -43.20 61.96
CA THR F 180 24.50 -43.44 61.73
C THR F 180 25.00 -42.75 60.48
N GLY F 181 24.11 -42.10 59.73
CA GLY F 181 24.50 -41.36 58.55
C GLY F 181 24.56 -42.20 57.29
N ARG F 182 23.55 -43.03 57.06
CA ARG F 182 23.48 -43.89 55.89
C ARG F 182 22.15 -43.68 55.18
N LEU F 183 22.15 -43.91 53.87
CA LEU F 183 20.95 -43.82 53.04
C LEU F 183 20.63 -45.23 52.56
N PHE F 184 19.57 -45.82 53.13
CA PHE F 184 19.32 -47.24 52.88
C PHE F 184 18.67 -47.49 51.53
N GLN F 185 17.83 -46.57 51.06
CA GLN F 185 17.19 -46.75 49.74
C GLN F 185 18.20 -46.70 48.61
N ILE F 186 19.30 -45.98 48.79
CA ILE F 186 20.41 -46.03 47.85
C ILE F 186 21.19 -47.33 48.03
N GLU F 187 21.38 -47.78 49.26
CA GLU F 187 22.08 -49.04 49.50
C GLU F 187 21.23 -50.25 49.15
N TYR F 188 19.90 -50.09 49.08
CA TYR F 188 19.05 -51.19 48.65
C TYR F 188 19.03 -51.31 47.13
N ALA F 189 19.19 -50.20 46.41
CA ALA F 189 19.26 -50.25 44.96
C ALA F 189 20.58 -50.81 44.48
N ASN F 190 21.60 -50.79 45.34
CA ASN F 190 22.90 -51.35 45.00
C ASN F 190 22.86 -52.87 44.98
N GLU F 191 21.87 -53.48 45.64
CA GLU F 191 21.73 -54.93 45.58
C GLU F 191 21.08 -55.40 44.30
N ALA F 192 20.42 -54.51 43.57
CA ALA F 192 19.89 -54.87 42.26
C ALA F 192 21.00 -55.11 41.25
N VAL F 193 22.09 -54.35 41.35
CA VAL F 193 23.22 -54.51 40.43
C VAL F 193 23.97 -55.81 40.74
N ASN F 194 24.06 -56.15 42.02
CA ASN F 194 24.74 -57.37 42.44
C ASN F 194 23.93 -58.64 42.18
N ASN F 195 22.69 -58.50 41.71
CA ASN F 195 21.85 -59.63 41.38
C ASN F 195 21.65 -59.80 39.87
N GLY F 196 22.08 -58.83 39.06
CA GLY F 196 22.00 -58.96 37.62
C GLY F 196 23.07 -59.87 37.06
N SER F 197 23.03 -60.04 35.74
CA SER F 197 23.95 -60.96 35.07
C SER F 197 25.37 -60.42 35.08
N ALA F 198 26.34 -61.32 35.10
CA ALA F 198 27.73 -60.92 35.23
C ALA F 198 28.28 -60.41 33.91
N THR F 199 28.92 -59.26 33.94
CA THR F 199 29.57 -58.66 32.79
C THR F 199 30.94 -58.15 33.19
N VAL F 200 31.90 -58.30 32.27
CA VAL F 200 33.31 -58.01 32.54
C VAL F 200 33.81 -57.03 31.49
N GLY F 201 34.29 -55.89 31.94
CA GLY F 201 34.93 -54.91 31.07
C GLY F 201 36.44 -54.90 31.28
N VAL F 202 37.18 -54.94 30.17
CA VAL F 202 38.63 -54.95 30.18
C VAL F 202 39.14 -53.91 29.20
N LYS F 203 39.92 -52.97 29.69
CA LYS F 203 40.48 -51.88 28.88
C LYS F 203 41.92 -52.21 28.52
N GLY F 204 42.28 -52.02 27.27
CA GLY F 204 43.64 -52.21 26.80
C GLY F 204 44.36 -50.91 26.55
N LYS F 205 45.19 -50.91 25.50
CA LYS F 205 45.92 -49.70 25.13
C LYS F 205 45.14 -48.85 24.14
N ASN F 206 44.46 -49.47 23.19
CA ASN F 206 43.59 -48.78 22.26
C ASN F 206 42.22 -49.41 22.13
N PHE F 207 41.91 -50.43 22.93
CA PHE F 207 40.68 -51.20 22.79
C PHE F 207 40.05 -51.41 24.15
N VAL F 208 38.72 -51.37 24.18
CA VAL F 208 37.93 -51.75 25.36
C VAL F 208 37.04 -52.91 24.96
N VAL F 209 37.09 -53.98 25.75
CA VAL F 209 36.35 -55.20 25.45
C VAL F 209 35.34 -55.44 26.57
N LEU F 210 34.06 -55.45 26.22
CA LEU F 210 33.01 -55.85 27.15
C LEU F 210 32.59 -57.29 26.85
N ALA F 211 32.42 -58.08 27.90
CA ALA F 211 32.04 -59.47 27.75
C ALA F 211 30.89 -59.76 28.70
N ALA F 212 29.67 -59.75 28.17
CA ALA F 212 28.47 -59.96 28.96
C ALA F 212 28.03 -61.42 28.88
N LEU F 213 27.41 -61.90 29.97
CA LEU F 213 26.94 -63.28 30.06
C LEU F 213 25.43 -63.28 29.97
N LYS F 214 24.90 -63.51 28.78
CA LYS F 214 23.46 -63.60 28.60
C LYS F 214 22.98 -65.02 28.91
N ARG F 215 21.67 -65.22 28.91
CA ARG F 215 21.05 -66.41 29.46
C ARG F 215 21.16 -67.58 28.48
N SER F 216 21.57 -68.73 29.01
CA SER F 216 21.65 -69.99 28.28
C SER F 216 20.25 -70.51 27.95
N PRO F 217 20.11 -71.27 26.87
CA PRO F 217 18.79 -71.83 26.53
C PRO F 217 18.39 -72.93 27.49
N VAL F 218 17.08 -73.10 27.64
CA VAL F 218 16.53 -74.17 28.47
C VAL F 218 16.36 -75.39 27.57
N ALA F 219 17.49 -76.05 27.29
CA ALA F 219 17.66 -77.39 26.72
C ALA F 219 17.25 -77.46 25.25
N GLU F 220 16.41 -76.57 24.71
CA GLU F 220 16.43 -76.24 23.29
C GLU F 220 16.00 -74.80 23.01
N LEU F 221 15.15 -74.22 23.85
CA LEU F 221 14.48 -72.96 23.54
C LEU F 221 15.34 -71.80 24.02
N SER F 222 15.59 -70.84 23.13
CA SER F 222 16.59 -69.81 23.35
C SER F 222 15.89 -68.47 23.60
N SER F 223 15.90 -68.03 24.86
CA SER F 223 15.41 -66.72 25.20
C SER F 223 16.49 -65.66 24.98
N TYR F 224 16.09 -64.55 24.35
CA TYR F 224 17.03 -63.49 24.03
C TYR F 224 16.59 -62.20 24.72
N GLN F 225 17.53 -61.54 25.39
CA GLN F 225 17.29 -60.29 26.09
C GLN F 225 18.50 -59.38 25.92
N GLU F 226 18.27 -58.20 25.35
CA GLU F 226 19.36 -57.33 24.95
C GLU F 226 19.90 -56.57 26.15
N LYS F 227 21.18 -56.78 26.45
CA LYS F 227 21.88 -56.06 27.51
C LYS F 227 22.83 -54.99 26.99
N VAL F 228 23.70 -55.35 26.06
CA VAL F 228 24.70 -54.43 25.53
C VAL F 228 24.03 -53.46 24.56
N PHE F 229 24.27 -52.17 24.78
CA PHE F 229 23.64 -51.11 24.01
C PHE F 229 24.71 -50.29 23.28
N GLU F 230 24.39 -49.85 22.08
CA GLU F 230 25.21 -48.89 21.36
C GLU F 230 24.67 -47.48 21.62
N ILE F 231 25.55 -46.58 22.03
CA ILE F 231 25.14 -45.23 22.38
C ILE F 231 25.48 -44.28 21.24
N ASP F 232 26.65 -44.46 20.66
CA ASP F 232 27.09 -43.70 19.49
C ASP F 232 28.13 -44.56 18.79
N GLU F 233 28.85 -43.98 17.81
CA GLU F 233 29.88 -44.71 17.09
C GLU F 233 31.05 -45.10 17.97
N HIS F 234 31.31 -44.33 19.03
CA HIS F 234 32.48 -44.52 19.88
C HIS F 234 32.12 -44.93 21.30
N VAL F 235 30.83 -44.98 21.65
CA VAL F 235 30.40 -45.31 23.00
C VAL F 235 29.54 -46.56 22.93
N GLY F 236 29.58 -47.38 23.99
CA GLY F 236 28.64 -48.46 24.18
C GLY F 236 28.64 -48.89 25.63
N MET F 237 27.57 -49.53 26.09
CA MET F 237 27.48 -49.90 27.49
C MET F 237 26.79 -51.25 27.64
N SER F 238 27.06 -51.91 28.76
CA SER F 238 26.39 -53.14 29.15
C SER F 238 25.83 -52.98 30.56
N ILE F 239 24.59 -53.45 30.74
CA ILE F 239 23.83 -53.16 31.94
C ILE F 239 23.77 -54.39 32.82
N SER F 240 23.35 -54.18 34.07
CA SER F 240 23.14 -55.24 35.05
C SER F 240 22.16 -54.75 36.10
N GLY F 241 21.12 -55.53 36.34
CA GLY F 241 20.10 -55.14 37.29
C GLY F 241 18.74 -54.99 36.66
N LEU F 242 18.02 -53.94 37.03
CA LEU F 242 16.73 -53.63 36.42
C LEU F 242 16.94 -53.18 34.99
N VAL F 243 16.60 -54.03 34.02
CA VAL F 243 16.79 -53.69 32.62
C VAL F 243 15.78 -52.66 32.13
N ALA F 244 14.71 -52.42 32.88
CA ALA F 244 13.76 -51.37 32.55
C ALA F 244 14.29 -49.99 32.86
N ASP F 245 15.23 -49.86 33.79
CA ASP F 245 15.93 -48.61 34.01
C ASP F 245 17.19 -48.49 33.18
N GLY F 246 17.73 -49.62 32.71
CA GLY F 246 18.85 -49.60 31.80
C GLY F 246 18.51 -49.11 30.41
N ARG F 247 17.22 -49.09 30.07
CA ARG F 247 16.79 -48.54 28.79
C ARG F 247 16.32 -47.10 28.91
N VAL F 248 15.95 -46.67 30.12
CA VAL F 248 15.69 -45.25 30.33
C VAL F 248 17.00 -44.48 30.33
N LEU F 249 18.08 -45.08 30.85
CA LEU F 249 19.42 -44.52 30.66
C LEU F 249 19.84 -44.57 29.20
N ALA F 250 19.49 -45.62 28.46
CA ALA F 250 19.83 -45.71 27.05
C ALA F 250 19.09 -44.67 26.21
N ARG F 251 17.91 -44.23 26.67
CA ARG F 251 17.27 -43.13 25.97
C ARG F 251 17.96 -41.81 26.24
N TYR F 252 18.48 -41.61 27.46
CA TYR F 252 19.12 -40.35 27.80
C TYR F 252 20.52 -40.25 27.20
N LEU F 253 21.27 -41.35 27.23
CA LEU F 253 22.65 -41.32 26.73
C LEU F 253 22.68 -41.19 25.21
N ARG F 254 21.76 -41.84 24.52
CA ARG F 254 21.73 -41.75 23.06
C ARG F 254 21.25 -40.39 22.61
N THR F 255 20.33 -39.76 23.36
CA THR F 255 19.85 -38.44 23.00
C THR F 255 20.92 -37.38 23.20
N GLU F 256 21.68 -37.46 24.30
CA GLU F 256 22.70 -36.47 24.59
C GLU F 256 23.97 -36.67 23.77
N CYS F 257 24.12 -37.80 23.08
CA CYS F 257 25.19 -37.94 22.11
C CYS F 257 24.77 -37.52 20.72
N MET F 258 23.47 -37.51 20.43
CA MET F 258 22.98 -36.91 19.20
C MET F 258 23.00 -35.39 19.29
N ASN F 259 22.73 -34.85 20.47
CA ASN F 259 22.72 -33.40 20.63
C ASN F 259 24.14 -32.84 20.63
N TYR F 260 25.11 -33.66 21.02
CA TYR F 260 26.52 -33.25 20.93
C TYR F 260 26.97 -33.21 19.48
N ARG F 261 26.82 -34.31 18.75
CA ARG F 261 27.29 -34.43 17.38
C ARG F 261 26.49 -33.54 16.41
N TYR F 262 25.29 -33.12 16.80
CA TYR F 262 24.61 -32.06 16.05
C TYR F 262 25.35 -30.74 16.18
N MET F 263 25.74 -30.38 17.40
CA MET F 263 26.36 -29.07 17.64
C MET F 263 27.80 -29.05 17.14
N TYR F 264 28.61 -30.03 17.53
CA TYR F 264 30.04 -29.94 17.36
C TYR F 264 30.58 -30.79 16.22
N SER F 265 29.75 -31.65 15.63
CA SER F 265 30.09 -32.53 14.50
C SER F 265 31.26 -33.46 14.83
N ASN F 266 31.33 -33.91 16.08
CA ASN F 266 32.36 -34.85 16.48
C ASN F 266 31.80 -35.65 17.66
N GLY F 267 32.51 -36.73 17.99
CA GLY F 267 32.07 -37.59 19.07
C GLY F 267 32.27 -36.94 20.42
N MET F 268 31.43 -37.33 21.37
CA MET F 268 31.46 -36.75 22.70
C MET F 268 32.58 -37.39 23.52
N PRO F 269 33.36 -36.60 24.27
CA PRO F 269 34.44 -37.18 25.07
C PRO F 269 33.88 -37.95 26.26
N MET F 270 34.66 -38.93 26.72
CA MET F 270 34.15 -39.85 27.72
C MET F 270 34.20 -39.26 29.12
N ASN F 271 35.12 -38.32 29.35
CA ASN F 271 35.19 -37.69 30.68
C ASN F 271 34.05 -36.71 30.89
N GLN F 272 33.56 -36.10 29.80
CA GLN F 272 32.35 -35.30 29.87
C GLN F 272 31.11 -36.17 30.04
N MET F 273 31.08 -37.33 29.40
CA MET F 273 29.91 -38.18 29.42
C MET F 273 29.73 -38.91 30.74
N ALA F 274 30.84 -39.34 31.36
CA ALA F 274 30.78 -39.99 32.66
C ALA F 274 30.33 -39.02 33.74
N ASP F 275 30.60 -37.73 33.54
CA ASP F 275 30.11 -36.70 34.46
C ASP F 275 28.66 -36.35 34.18
N MET F 276 28.12 -36.79 33.05
CA MET F 276 26.73 -36.47 32.71
C MET F 276 25.79 -37.59 33.17
N ILE F 277 26.29 -38.82 33.23
CA ILE F 277 25.51 -39.91 33.79
C ILE F 277 25.35 -39.74 35.30
N GLY F 278 26.40 -39.24 35.95
CA GLY F 278 26.39 -39.11 37.40
C GLY F 278 25.42 -38.05 37.89
N GLU F 279 25.14 -37.06 37.05
CA GLU F 279 24.13 -36.07 37.42
C GLU F 279 22.73 -36.53 37.01
N LYS F 280 22.65 -37.56 36.17
CA LYS F 280 21.36 -38.17 35.86
C LYS F 280 20.91 -39.09 36.99
N HIS F 281 21.86 -39.78 37.62
CA HIS F 281 21.55 -40.56 38.81
C HIS F 281 21.26 -39.67 40.02
N GLN F 282 21.74 -38.42 40.01
CA GLN F 282 21.67 -37.59 41.19
C GLN F 282 20.33 -36.86 41.33
N ARG F 283 19.65 -36.58 40.21
CA ARG F 283 18.33 -35.95 40.30
C ARG F 283 17.28 -36.87 40.90
N HIS F 284 17.52 -38.18 40.85
CA HIS F 284 16.56 -39.19 41.28
C HIS F 284 16.84 -39.70 42.69
N ILE F 285 17.75 -39.07 43.43
CA ILE F 285 18.10 -39.57 44.77
C ILE F 285 17.95 -38.49 45.84
N GLN F 286 17.22 -37.41 45.54
CA GLN F 286 17.05 -36.38 46.56
C GLN F 286 15.62 -35.88 46.69
N CYS F 287 14.74 -36.13 45.72
CA CYS F 287 13.33 -35.82 45.84
C CYS F 287 12.59 -37.02 46.42
N SER F 288 11.46 -36.74 47.08
CA SER F 288 10.75 -37.78 47.82
C SER F 288 10.00 -38.74 46.91
N GLY F 289 9.39 -38.24 45.84
CA GLY F 289 8.61 -39.10 44.96
C GLY F 289 9.40 -39.61 43.77
N LYS F 290 10.67 -39.90 43.97
CA LYS F 290 11.56 -40.42 42.94
C LYS F 290 12.36 -41.56 43.54
N ARG F 291 12.97 -42.35 42.69
CA ARG F 291 13.72 -43.52 43.13
C ARG F 291 14.99 -43.63 42.32
N PRO F 292 16.04 -44.26 42.88
CA PRO F 292 17.28 -44.43 42.12
C PRO F 292 17.13 -45.45 40.99
N PHE F 293 18.00 -45.32 40.00
CA PHE F 293 18.06 -46.30 38.92
C PHE F 293 18.76 -47.56 39.40
N GLY F 294 18.00 -48.62 39.64
CA GLY F 294 18.59 -49.86 40.09
C GLY F 294 19.29 -50.63 39.00
N VAL F 295 20.34 -50.06 38.43
CA VAL F 295 21.06 -50.65 37.31
C VAL F 295 22.47 -50.07 37.28
N GLY F 296 23.45 -50.93 36.99
CA GLY F 296 24.82 -50.50 36.80
C GLY F 296 25.15 -50.46 35.32
N LEU F 297 26.22 -49.75 34.98
CA LEU F 297 26.65 -49.62 33.59
C LEU F 297 28.12 -49.98 33.47
N LEU F 298 28.56 -50.21 32.23
CA LEU F 298 29.98 -50.33 31.89
C LEU F 298 30.19 -49.61 30.57
N LEU F 299 30.54 -48.33 30.63
CA LEU F 299 30.81 -47.53 29.44
C LEU F 299 32.06 -48.05 28.75
N ALA F 300 31.97 -48.28 27.44
CA ALA F 300 33.13 -48.60 26.62
C ALA F 300 33.31 -47.47 25.63
N GLY F 301 34.29 -46.61 25.87
CA GLY F 301 34.42 -45.43 25.06
C GLY F 301 35.78 -45.26 24.41
N TYR F 302 35.83 -44.47 23.35
CA TYR F 302 37.08 -44.06 22.74
C TYR F 302 36.93 -42.62 22.28
N ASP F 303 37.97 -41.83 22.51
CA ASP F 303 38.00 -40.46 22.01
C ASP F 303 39.44 -40.07 21.70
N ARG F 304 39.71 -38.76 21.62
CA ARG F 304 41.05 -38.28 21.33
C ARG F 304 42.03 -38.64 22.44
N GLN F 305 41.56 -38.75 23.68
CA GLN F 305 42.41 -39.13 24.80
C GLN F 305 42.61 -40.63 24.94
N GLY F 306 42.10 -41.44 24.01
CA GLY F 306 42.28 -42.87 24.08
C GLY F 306 41.11 -43.59 24.72
N PRO F 307 41.27 -44.89 24.96
CA PRO F 307 40.14 -45.69 25.44
C PRO F 307 39.83 -45.45 26.90
N HIS F 308 38.55 -45.58 27.24
CA HIS F 308 38.05 -45.37 28.58
C HIS F 308 37.12 -46.51 28.98
N LEU F 309 37.09 -46.82 30.28
CA LEU F 309 36.21 -47.83 30.83
C LEU F 309 35.65 -47.31 32.15
N TYR F 310 34.37 -47.01 32.17
CA TYR F 310 33.70 -46.48 33.35
C TYR F 310 32.73 -47.50 33.91
N GLN F 311 32.17 -47.18 35.07
CA GLN F 311 31.16 -48.00 35.72
C GLN F 311 30.38 -47.11 36.70
N THR F 312 29.09 -47.00 36.48
CA THR F 312 28.22 -46.25 37.38
C THR F 312 27.44 -47.21 38.27
N VAL F 313 27.09 -46.71 39.45
CA VAL F 313 26.34 -47.45 40.46
C VAL F 313 25.11 -46.60 40.80
N PRO F 314 24.07 -47.20 41.40
CA PRO F 314 22.85 -46.40 41.70
C PRO F 314 23.02 -45.28 42.72
N SER F 315 24.17 -45.16 43.38
CA SER F 315 24.41 -44.06 44.30
C SER F 315 24.66 -42.74 43.59
N GLY F 316 25.09 -42.80 42.33
CA GLY F 316 25.53 -41.61 41.62
C GLY F 316 27.02 -41.51 41.42
N ASP F 317 27.78 -42.46 41.95
CA ASP F 317 29.21 -42.50 41.71
C ASP F 317 29.50 -42.90 40.27
N VAL F 318 30.71 -42.60 39.82
CA VAL F 318 31.22 -43.06 38.53
C VAL F 318 32.71 -43.30 38.69
N TYR F 319 33.14 -44.51 38.39
CA TYR F 319 34.50 -44.95 38.66
C TYR F 319 35.23 -45.21 37.36
N ASP F 320 36.43 -44.67 37.24
CA ASP F 320 37.24 -44.92 36.05
C ASP F 320 38.16 -46.10 36.34
N TYR F 321 37.98 -47.19 35.60
CA TYR F 321 38.69 -48.44 35.85
C TYR F 321 39.74 -48.71 34.80
N LYS F 322 40.59 -49.67 35.11
CA LYS F 322 41.41 -50.40 34.14
C LYS F 322 40.73 -51.70 33.72
N ALA F 323 40.11 -52.40 34.68
CA ALA F 323 39.29 -53.57 34.43
C ALA F 323 38.36 -53.74 35.62
N THR F 324 37.16 -54.25 35.38
CA THR F 324 36.18 -54.42 36.43
C THR F 324 35.21 -55.52 36.04
N ALA F 325 34.31 -55.85 36.97
CA ALA F 325 33.29 -56.87 36.75
C ALA F 325 32.16 -56.64 37.72
N MET F 326 30.94 -56.57 37.20
CA MET F 326 29.76 -56.43 38.04
C MET F 326 28.76 -57.51 37.66
N GLY F 327 27.87 -57.84 38.59
CA GLY F 327 26.90 -58.89 38.36
C GLY F 327 26.86 -59.90 39.49
N VAL F 328 26.04 -60.95 39.34
CA VAL F 328 25.97 -61.96 40.37
C VAL F 328 27.21 -62.84 40.33
N ARG F 329 27.83 -63.02 41.50
CA ARG F 329 29.07 -63.78 41.68
C ARG F 329 30.22 -63.24 40.82
N SER F 330 30.25 -61.92 40.64
CA SER F 330 31.29 -61.26 39.88
C SER F 330 32.50 -60.91 40.74
N GLN F 331 32.46 -61.27 42.02
CA GLN F 331 33.63 -61.12 42.89
C GLN F 331 34.75 -62.06 42.46
N ALA F 332 34.41 -63.23 41.92
CA ALA F 332 35.44 -64.16 41.45
C ALA F 332 36.05 -63.70 40.14
N SER F 333 35.26 -63.03 39.29
CA SER F 333 35.81 -62.43 38.07
C SER F 333 36.71 -61.25 38.40
N ARG F 334 36.37 -60.49 39.43
CA ARG F 334 37.20 -59.39 39.88
C ARG F 334 38.51 -59.89 40.49
N THR F 335 38.49 -61.07 41.12
CA THR F 335 39.70 -61.67 41.68
C THR F 335 40.66 -62.11 40.57
N TYR F 336 40.11 -62.57 39.44
CA TYR F 336 40.95 -62.93 38.30
C TYR F 336 41.57 -61.71 37.65
N LEU F 337 40.82 -60.60 37.57
CA LEU F 337 41.33 -59.39 36.94
C LEU F 337 42.36 -58.68 37.80
N GLU F 338 42.39 -58.93 39.11
CA GLU F 338 43.38 -58.34 39.99
C GLU F 338 44.73 -59.05 39.96
N ARG F 339 44.97 -59.91 38.96
CA ARG F 339 46.27 -60.51 38.73
C ARG F 339 46.81 -60.24 37.35
N HIS F 340 45.99 -59.73 36.44
CA HIS F 340 46.38 -59.50 35.06
C HIS F 340 46.22 -58.05 34.63
N PHE F 341 45.79 -57.16 35.53
CA PHE F 341 45.47 -55.79 35.11
C PHE F 341 46.70 -54.93 34.86
N GLU F 342 47.88 -55.41 35.26
CA GLU F 342 49.12 -54.71 34.94
C GLU F 342 49.61 -55.03 33.54
N HIS F 343 49.09 -56.10 32.92
CA HIS F 343 49.52 -56.56 31.61
C HIS F 343 48.39 -56.37 30.59
N PHE F 344 47.71 -55.22 30.66
CA PHE F 344 46.67 -54.90 29.69
C PHE F 344 47.07 -53.84 28.68
N SER F 345 48.09 -53.06 28.97
CA SER F 345 48.61 -52.10 28.00
C SER F 345 49.60 -52.71 27.03
N ASP F 346 49.85 -54.01 27.13
CA ASP F 346 50.81 -54.70 26.28
C ASP F 346 50.19 -55.74 25.35
N CYS F 347 49.00 -56.24 25.66
CA CYS F 347 48.39 -57.28 24.85
C CYS F 347 47.78 -56.69 23.58
N THR F 348 47.67 -57.53 22.55
CA THR F 348 46.95 -57.17 21.34
C THR F 348 45.45 -57.36 21.56
N LEU F 349 44.67 -57.19 20.48
CA LEU F 349 43.23 -57.30 20.60
C LEU F 349 42.79 -58.75 20.84
N ASP F 350 43.49 -59.69 20.22
CA ASP F 350 43.09 -61.09 20.34
C ASP F 350 43.40 -61.65 21.72
N GLU F 351 44.42 -61.11 22.38
CA GLU F 351 44.70 -61.49 23.75
C GLU F 351 43.80 -60.74 24.72
N LEU F 352 43.33 -59.57 24.32
CA LEU F 352 42.53 -58.75 25.23
C LEU F 352 41.11 -59.30 25.36
N VAL F 353 40.61 -59.92 24.29
CA VAL F 353 39.34 -60.64 24.36
C VAL F 353 39.50 -61.90 25.23
N THR F 354 40.68 -62.52 25.19
CA THR F 354 40.90 -63.76 25.92
C THR F 354 40.98 -63.53 27.43
N HIS F 355 41.52 -62.40 27.86
CA HIS F 355 41.53 -62.09 29.29
C HIS F 355 40.13 -61.74 29.79
N ALA F 356 39.28 -61.20 28.92
CA ALA F 356 37.92 -60.87 29.31
C ALA F 356 37.04 -62.10 29.40
N LEU F 357 37.27 -63.09 28.55
CA LEU F 357 36.44 -64.29 28.55
C LEU F 357 36.88 -65.29 29.61
N LYS F 358 38.17 -65.33 29.94
CA LYS F 358 38.61 -66.12 31.08
C LYS F 358 38.11 -65.53 32.39
N ALA F 359 37.98 -64.21 32.45
CA ALA F 359 37.39 -63.57 33.63
C ALA F 359 35.89 -63.83 33.72
N LEU F 360 35.18 -63.74 32.60
CA LEU F 360 33.74 -63.98 32.58
C LEU F 360 33.39 -65.44 32.89
N ALA F 361 34.26 -66.38 32.55
CA ALA F 361 33.98 -67.79 32.78
C ALA F 361 34.10 -68.18 34.25
N SER F 362 34.72 -67.36 35.09
CA SER F 362 34.86 -67.65 36.50
C SER F 362 33.72 -67.07 37.33
N ALA F 363 32.71 -66.50 36.69
CA ALA F 363 31.50 -66.05 37.38
C ALA F 363 30.30 -66.94 37.06
N THR F 364 30.50 -67.97 36.26
CA THR F 364 29.41 -68.84 35.83
C THR F 364 29.08 -69.85 36.93
N SER F 365 28.15 -70.75 36.65
CA SER F 365 27.76 -71.76 37.62
C SER F 365 28.80 -72.88 37.68
N GLU F 366 28.48 -73.90 38.47
CA GLU F 366 29.41 -74.99 38.72
C GLU F 366 29.55 -75.92 37.51
N GLY F 367 28.48 -76.05 36.73
CA GLY F 367 28.50 -76.98 35.62
C GLY F 367 28.20 -76.40 34.24
N ILE F 368 28.69 -75.19 33.97
CA ILE F 368 28.46 -74.53 32.69
C ILE F 368 29.75 -73.83 32.27
N GLU F 369 30.01 -73.79 30.97
CA GLU F 369 31.14 -73.06 30.40
C GLU F 369 30.63 -72.19 29.26
N LEU F 370 31.55 -71.40 28.69
CA LEU F 370 31.15 -70.39 27.72
C LEU F 370 31.10 -70.95 26.31
N ASN F 371 30.21 -70.39 25.50
CA ASN F 371 30.12 -70.64 24.07
C ASN F 371 29.48 -69.42 23.43
N VAL F 372 29.08 -69.57 22.16
CA VAL F 372 28.42 -68.48 21.44
C VAL F 372 26.96 -68.30 21.84
N LYS F 373 26.42 -69.19 22.66
CA LYS F 373 25.00 -69.15 23.00
C LYS F 373 24.70 -68.33 24.25
N ASN F 374 25.71 -67.94 25.01
CA ASN F 374 25.46 -67.28 26.30
C ASN F 374 26.41 -66.09 26.51
N THR F 375 27.12 -65.68 25.47
CA THR F 375 28.10 -64.61 25.61
C THR F 375 27.94 -63.52 24.55
N THR F 376 27.99 -62.28 25.00
CA THR F 376 27.99 -61.11 24.13
C THR F 376 29.30 -60.35 24.29
N ILE F 377 30.01 -60.19 23.17
CA ILE F 377 31.33 -59.58 23.17
C ILE F 377 31.25 -58.27 22.40
N ALA F 378 31.58 -57.16 23.04
CA ALA F 378 31.51 -55.84 22.45
C ALA F 378 32.87 -55.16 22.51
N ILE F 379 33.31 -54.66 21.36
CA ILE F 379 34.66 -54.09 21.21
C ILE F 379 34.57 -52.71 20.58
N VAL F 380 35.21 -51.73 21.22
CA VAL F 380 35.40 -50.40 20.64
C VAL F 380 36.91 -50.14 20.59
N GLY F 381 37.35 -49.44 19.55
CA GLY F 381 38.78 -49.25 19.31
C GLY F 381 39.07 -47.92 18.65
N LYS F 382 40.29 -47.81 18.10
CA LYS F 382 40.73 -46.52 17.56
C LYS F 382 40.29 -46.33 16.11
N ASP F 383 40.34 -47.41 15.32
CA ASP F 383 39.80 -47.41 13.97
C ASP F 383 38.61 -48.36 13.90
N THR F 384 38.04 -48.64 15.07
CA THR F 384 36.98 -49.63 15.21
C THR F 384 35.80 -48.97 15.92
N PRO F 385 34.67 -48.79 15.25
CA PRO F 385 33.47 -48.32 15.95
C PRO F 385 32.92 -49.41 16.85
N PHE F 386 31.95 -49.03 17.69
CA PHE F 386 31.42 -49.95 18.69
C PHE F 386 30.65 -51.08 18.04
N THR F 387 31.22 -52.28 18.08
CA THR F 387 30.71 -53.43 17.37
C THR F 387 30.34 -54.52 18.37
N ILE F 388 29.11 -54.99 18.30
CA ILE F 388 28.64 -56.08 19.14
C ILE F 388 28.79 -57.38 18.36
N PHE F 389 29.63 -58.27 18.87
CA PHE F 389 29.88 -59.58 18.23
C PHE F 389 28.89 -60.58 18.80
N GLU F 390 27.81 -60.80 18.07
CA GLU F 390 26.84 -61.83 18.39
C GLU F 390 27.08 -63.04 17.49
N GLU F 391 26.10 -63.96 17.52
CA GLU F 391 26.17 -65.39 17.22
C GLU F 391 27.10 -65.81 16.08
N GLU F 392 27.03 -65.14 14.93
CA GLU F 392 27.81 -65.57 13.78
C GLU F 392 29.26 -65.13 13.86
N SER F 393 29.49 -63.82 14.04
CA SER F 393 30.85 -63.30 14.04
C SER F 393 31.59 -63.52 15.36
N ALA F 394 30.90 -64.02 16.39
CA ALA F 394 31.56 -64.22 17.68
C ALA F 394 32.25 -65.58 17.78
N ARG F 395 32.11 -66.41 16.75
CA ARG F 395 32.62 -67.79 16.80
C ARG F 395 34.15 -67.83 16.70
N LYS F 396 34.77 -66.76 16.22
CA LYS F 396 36.20 -66.76 15.99
C LYS F 396 36.98 -66.60 17.29
N TYR F 397 36.31 -66.16 18.37
CA TYR F 397 36.93 -66.09 19.68
C TYR F 397 36.34 -67.07 20.68
N LEU F 398 35.30 -67.80 20.31
CA LEU F 398 34.56 -68.63 21.24
C LEU F 398 34.54 -70.11 20.91
N ASP F 399 34.86 -70.50 19.67
CA ASP F 399 34.97 -71.92 19.35
C ASP F 399 36.20 -72.54 20.00
N GLY F 400 37.35 -71.89 19.88
CA GLY F 400 38.51 -72.33 20.62
C GLY F 400 38.63 -71.57 21.92
N PHE F 401 38.13 -72.17 23.01
CA PHE F 401 38.17 -71.55 24.33
C PHE F 401 37.96 -72.65 25.36
N LYS F 402 38.79 -72.66 26.40
CA LYS F 402 38.65 -73.61 27.50
C LYS F 402 39.11 -72.95 28.78
N MET F 403 38.29 -73.03 29.82
CA MET F 403 38.63 -72.49 31.13
C MET F 403 39.53 -73.49 31.83
N ARG F 404 40.83 -73.27 31.73
CA ARG F 404 41.82 -74.17 32.32
C ARG F 404 42.11 -73.74 33.75
N PRO F 405 42.42 -74.67 34.67
CA PRO F 405 42.77 -74.30 36.04
C PRO F 405 44.26 -73.99 36.20
N SER G 6 11.72 -41.35 67.35
CA SER G 6 10.34 -41.54 66.93
C SER G 6 10.11 -40.92 65.55
N GLY G 7 9.09 -40.08 65.44
CA GLY G 7 8.81 -39.41 64.19
C GLY G 7 9.34 -37.99 64.15
N HIS G 8 10.18 -37.65 65.12
CA HIS G 8 10.76 -36.32 65.22
C HIS G 8 12.12 -36.23 64.54
N ASP G 9 12.53 -37.27 63.83
CA ASP G 9 13.81 -37.24 63.11
C ASP G 9 13.66 -37.90 61.74
N GLN G 10 12.48 -37.74 61.14
CA GLN G 10 12.18 -38.40 59.87
C GLN G 10 12.27 -37.47 58.68
N SER G 11 12.21 -36.16 58.89
CA SER G 11 12.34 -35.20 57.82
C SER G 11 13.01 -33.95 58.36
N THR G 12 13.07 -32.93 57.51
CA THR G 12 13.83 -31.72 57.79
C THR G 12 13.01 -30.61 58.42
N ASP G 13 11.70 -30.62 58.22
CA ASP G 13 10.82 -29.55 58.72
C ASP G 13 10.31 -29.81 60.12
N VAL G 14 11.05 -30.57 60.92
CA VAL G 14 10.65 -30.95 62.26
C VAL G 14 11.73 -30.51 63.23
N PHE G 15 11.45 -29.45 63.99
CA PHE G 15 12.28 -29.14 65.14
C PHE G 15 12.08 -30.18 66.24
N SER G 16 13.11 -30.38 67.04
CA SER G 16 13.05 -31.30 68.16
C SER G 16 12.36 -30.64 69.35
N ALA G 17 12.40 -31.32 70.50
CA ALA G 17 11.84 -30.74 71.71
C ALA G 17 12.72 -29.64 72.28
N GLU G 18 13.96 -29.54 71.82
CA GLU G 18 14.89 -28.51 72.26
C GLU G 18 15.36 -27.61 71.11
N GLY G 19 14.71 -27.69 69.95
CA GLY G 19 15.05 -26.80 68.85
C GLY G 19 16.15 -27.29 67.94
N ARG G 20 16.28 -28.60 67.78
CA ARG G 20 17.30 -29.18 66.91
C ARG G 20 16.63 -29.86 65.71
N VAL G 21 17.39 -29.94 64.62
CA VAL G 21 16.94 -30.61 63.41
C VAL G 21 17.89 -31.79 63.20
N PHE G 22 17.36 -33.00 63.33
CA PHE G 22 18.23 -34.17 63.37
C PHE G 22 18.71 -34.59 61.99
N GLN G 23 17.90 -34.41 60.96
CA GLN G 23 18.29 -34.85 59.61
C GLN G 23 19.43 -34.00 59.06
N VAL G 24 19.55 -32.77 59.54
CA VAL G 24 20.78 -32.01 59.31
C VAL G 24 21.93 -32.59 60.11
N GLU G 25 21.71 -32.88 61.39
CA GLU G 25 22.76 -33.42 62.24
C GLU G 25 23.10 -34.87 61.91
N TYR G 26 22.15 -35.61 61.33
CA TYR G 26 22.47 -36.94 60.83
C TYR G 26 23.28 -36.86 59.54
N ALA G 27 23.08 -35.80 58.76
CA ALA G 27 23.89 -35.59 57.56
C ALA G 27 25.31 -35.17 57.92
N GLY G 28 25.50 -34.56 59.10
CA GLY G 28 26.83 -34.24 59.56
C GLY G 28 27.64 -35.44 59.98
N LYS G 29 26.98 -36.58 60.23
CA LYS G 29 27.69 -37.82 60.49
C LYS G 29 28.13 -38.51 59.20
N ALA G 30 27.63 -38.08 58.06
CA ALA G 30 28.11 -38.59 56.79
C ALA G 30 29.44 -37.96 56.39
N VAL G 31 29.70 -36.75 56.88
CA VAL G 31 30.99 -36.12 56.63
C VAL G 31 32.03 -36.63 57.63
N ASP G 32 31.62 -36.86 58.88
CA ASP G 32 32.54 -37.32 59.91
C ASP G 32 32.98 -38.77 59.71
N ASN G 33 32.27 -39.52 58.87
CA ASN G 33 32.68 -40.87 58.51
C ASN G 33 33.32 -40.92 57.12
N SER G 34 33.71 -39.78 56.57
CA SER G 34 34.31 -39.70 55.25
C SER G 34 35.80 -39.42 55.35
N SER G 35 36.46 -39.46 54.19
CA SER G 35 37.92 -39.33 54.09
C SER G 35 38.40 -37.95 54.55
N THR G 36 39.69 -37.86 54.89
CA THR G 36 40.24 -36.70 55.56
C THR G 36 40.55 -35.59 54.56
N ALA G 37 40.13 -34.37 54.91
CA ALA G 37 40.37 -33.17 54.11
C ALA G 37 41.17 -32.18 54.93
N VAL G 38 42.03 -31.42 54.26
CA VAL G 38 42.80 -30.38 54.94
C VAL G 38 42.97 -29.21 53.98
N ALA G 39 43.25 -28.03 54.53
CA ALA G 39 43.48 -26.84 53.73
C ALA G 39 44.35 -25.86 54.52
N ALA G 40 44.85 -24.85 53.82
CA ALA G 40 45.74 -23.86 54.41
C ALA G 40 45.75 -22.60 53.57
N CYS G 41 45.76 -21.44 54.23
CA CYS G 41 45.86 -20.14 53.59
C CYS G 41 47.28 -19.61 53.80
N CYS G 42 48.00 -19.37 52.71
CA CYS G 42 49.43 -19.16 52.75
C CYS G 42 49.87 -17.78 52.30
N LYS G 43 49.11 -16.73 52.61
CA LYS G 43 49.35 -15.29 52.48
C LYS G 43 49.63 -14.83 51.04
N ASP G 44 49.62 -15.72 50.05
CA ASP G 44 49.53 -15.36 48.64
C ASP G 44 48.66 -16.36 47.90
N GLY G 45 48.00 -17.25 48.62
CA GLY G 45 47.19 -18.28 48.02
C GLY G 45 46.74 -19.30 49.04
N VAL G 46 45.99 -20.29 48.54
CA VAL G 46 45.35 -21.31 49.36
C VAL G 46 45.69 -22.68 48.77
N VAL G 47 46.10 -23.61 49.63
CA VAL G 47 46.42 -24.97 49.23
C VAL G 47 45.41 -25.91 49.88
N VAL G 48 44.87 -26.85 49.10
CA VAL G 48 43.88 -27.82 49.57
C VAL G 48 44.32 -29.22 49.18
N ALA G 49 44.32 -30.13 50.15
CA ALA G 49 44.72 -31.52 49.91
C ALA G 49 43.68 -32.47 50.50
N VAL G 50 43.42 -33.57 49.80
CA VAL G 50 42.49 -34.61 50.25
C VAL G 50 43.05 -35.99 49.95
N GLU G 51 42.52 -36.98 50.66
CA GLU G 51 42.96 -38.36 50.54
C GLU G 51 41.88 -39.18 49.85
N LYS G 52 42.21 -39.73 48.68
CA LYS G 52 41.30 -40.58 47.94
C LYS G 52 41.45 -42.02 48.42
N VAL G 53 40.38 -42.56 48.99
CA VAL G 53 40.36 -43.94 49.47
C VAL G 53 39.89 -44.80 48.30
N HIS G 54 40.84 -45.41 47.60
CA HIS G 54 40.48 -46.33 46.53
C HIS G 54 40.06 -47.67 47.13
N THR G 55 38.95 -48.19 46.63
CA THR G 55 38.41 -49.46 47.12
C THR G 55 38.85 -50.64 46.27
N SER G 56 39.60 -50.41 45.21
CA SER G 56 40.09 -51.48 44.36
C SER G 56 41.43 -51.08 43.78
N ARG G 57 42.25 -52.08 43.46
CA ARG G 57 43.55 -51.85 42.86
C ARG G 57 43.48 -51.40 41.41
N MET G 58 42.34 -51.58 40.75
CA MET G 58 42.24 -51.41 39.31
C MET G 58 41.65 -50.07 38.92
N LEU G 59 41.45 -49.16 39.87
CA LEU G 59 40.99 -47.82 39.56
C LEU G 59 42.09 -47.01 38.87
N GLU G 60 41.68 -46.29 37.84
CA GLU G 60 42.59 -45.44 37.07
C GLU G 60 43.02 -44.25 37.93
N LYS G 61 44.28 -43.85 37.77
CA LYS G 61 44.79 -42.67 38.46
C LYS G 61 44.10 -41.42 37.92
N GLY G 62 43.40 -40.71 38.79
CA GLY G 62 42.56 -39.59 38.41
C GLY G 62 41.09 -39.84 38.64
N SER G 63 40.69 -41.08 38.94
CA SER G 63 39.31 -41.37 39.26
C SER G 63 38.96 -40.83 40.64
N ASN G 64 37.69 -40.42 40.78
CA ASN G 64 37.09 -39.95 42.04
C ASN G 64 37.82 -38.76 42.62
N ASN G 65 38.24 -37.85 41.75
CA ASN G 65 38.86 -36.61 42.20
C ASN G 65 37.83 -35.72 42.88
N ARG G 66 38.05 -35.46 44.16
CA ARG G 66 37.12 -34.67 44.96
C ARG G 66 37.35 -33.18 44.81
N ILE G 67 38.36 -32.78 44.05
CA ILE G 67 38.68 -31.38 43.80
C ILE G 67 38.18 -31.01 42.41
N HIS G 68 37.33 -30.00 42.33
CA HIS G 68 36.79 -29.56 41.06
C HIS G 68 36.99 -28.05 40.93
N ALA G 69 37.30 -27.61 39.72
CA ALA G 69 37.44 -26.19 39.46
C ALA G 69 36.07 -25.56 39.22
N VAL G 70 35.73 -24.56 40.01
CA VAL G 70 34.49 -23.83 39.84
C VAL G 70 34.64 -22.65 38.89
N ASP G 71 35.59 -21.76 39.13
CA ASP G 71 35.91 -20.67 38.20
C ASP G 71 37.39 -20.81 37.88
N ARG G 72 37.96 -19.81 37.20
CA ARG G 72 39.39 -19.85 36.92
C ARG G 72 40.19 -19.59 38.18
N GLN G 73 39.65 -18.80 39.10
CA GLN G 73 40.35 -18.41 40.31
C GLN G 73 39.87 -19.16 41.55
N ALA G 74 38.78 -19.91 41.45
CA ALA G 74 38.20 -20.58 42.59
C ALA G 74 37.88 -22.02 42.24
N GLY G 75 37.80 -22.86 43.27
CA GLY G 75 37.44 -24.25 43.08
C GLY G 75 37.02 -24.86 44.38
N ILE G 76 36.02 -25.73 44.32
CA ILE G 76 35.43 -26.34 45.50
C ILE G 76 35.89 -27.79 45.60
N CYS G 77 36.53 -28.11 46.71
CA CYS G 77 36.79 -29.50 47.09
C CYS G 77 35.73 -29.91 48.10
N ILE G 78 35.17 -31.11 47.92
CA ILE G 78 34.07 -31.59 48.74
C ILE G 78 34.59 -32.64 49.71
N CYS G 79 33.94 -32.74 50.86
CA CYS G 79 34.27 -33.73 51.88
C CYS G 79 32.97 -34.31 52.42
N GLY G 80 32.75 -35.60 52.19
CA GLY G 80 31.49 -36.24 52.47
C GLY G 80 31.10 -37.17 51.35
N LEU G 81 29.83 -37.18 50.96
CA LEU G 81 29.42 -37.97 49.81
C LEU G 81 29.84 -37.31 48.51
N LEU G 82 30.50 -38.07 47.65
CA LEU G 82 30.90 -37.59 46.33
C LEU G 82 29.74 -37.21 45.41
N PRO G 83 28.67 -38.02 45.22
CA PRO G 83 27.62 -37.57 44.28
C PRO G 83 26.75 -36.45 44.82
N ASP G 84 26.65 -36.29 46.13
CA ASP G 84 25.90 -35.17 46.68
C ASP G 84 26.68 -33.87 46.53
N GLY G 85 28.01 -33.95 46.57
CA GLY G 85 28.82 -32.75 46.45
C GLY G 85 28.93 -32.27 45.02
N ARG G 86 28.68 -33.16 44.05
CA ARG G 86 28.69 -32.75 42.67
C ARG G 86 27.44 -31.96 42.28
N ALA G 87 26.40 -31.98 43.13
CA ALA G 87 25.30 -31.04 42.95
C ALA G 87 25.65 -29.68 43.53
N ILE G 88 26.58 -29.63 44.47
CA ILE G 88 27.05 -28.36 45.01
C ILE G 88 28.03 -27.71 44.05
N VAL G 89 28.90 -28.52 43.45
CA VAL G 89 29.87 -28.02 42.48
C VAL G 89 29.16 -27.52 41.23
N SER G 90 28.21 -28.29 40.70
CA SER G 90 27.48 -27.87 39.51
C SER G 90 26.50 -26.72 39.77
N ARG G 91 26.26 -26.38 41.04
CA ARG G 91 25.48 -25.19 41.36
C ARG G 91 26.37 -23.97 41.52
N ALA G 92 27.52 -24.13 42.16
CA ALA G 92 28.41 -23.00 42.38
C ALA G 92 29.13 -22.59 41.11
N ARG G 93 29.28 -23.53 40.17
CA ARG G 93 29.69 -23.16 38.81
C ARG G 93 28.65 -22.26 38.16
N GLN G 94 27.36 -22.59 38.32
CA GLN G 94 26.28 -21.78 37.79
C GLN G 94 26.20 -20.42 38.48
N GLU G 95 26.57 -20.35 39.76
CA GLU G 95 26.65 -19.06 40.43
C GLU G 95 27.82 -18.22 39.95
N ALA G 96 28.92 -18.87 39.56
CA ALA G 96 30.08 -18.16 39.06
C ALA G 96 29.96 -17.79 37.58
N GLU G 97 29.18 -18.56 36.81
CA GLU G 97 28.90 -18.20 35.43
C GLU G 97 27.96 -17.01 35.35
N ASN G 98 27.12 -16.81 36.36
CA ASN G 98 26.18 -15.69 36.34
C ASN G 98 26.90 -14.36 36.54
N SER G 99 27.91 -14.33 37.42
CA SER G 99 28.63 -13.08 37.65
C SER G 99 29.51 -12.71 36.46
N ARG G 100 29.99 -13.70 35.71
CA ARG G 100 30.79 -13.40 34.53
C ARG G 100 29.92 -12.94 33.37
N ASP G 101 28.70 -13.46 33.26
CA ASP G 101 27.86 -13.17 32.12
C ASP G 101 26.93 -11.98 32.34
N ILE G 102 26.52 -11.73 33.59
CA ILE G 102 25.65 -10.59 33.88
C ILE G 102 26.43 -9.39 34.40
N PHE G 103 27.32 -9.57 35.37
CA PHE G 103 27.97 -8.45 36.03
C PHE G 103 29.39 -8.20 35.54
N ALA G 104 29.89 -9.00 34.59
CA ALA G 104 31.16 -8.80 33.88
C ALA G 104 32.36 -8.77 34.84
N THR G 105 32.24 -9.51 35.92
CA THR G 105 33.27 -9.49 36.95
C THR G 105 33.46 -10.89 37.52
N PRO G 106 34.68 -11.25 37.93
CA PRO G 106 34.86 -12.53 38.62
C PRO G 106 34.17 -12.52 39.97
N ILE G 107 33.66 -13.68 40.38
CA ILE G 107 32.92 -13.76 41.62
C ILE G 107 33.91 -13.72 42.78
N ARG G 108 33.55 -12.96 43.82
CA ARG G 108 34.44 -12.81 44.97
C ARG G 108 34.39 -14.07 45.81
N GLY G 109 35.40 -14.24 46.68
CA GLY G 109 35.50 -15.47 47.44
C GLY G 109 34.43 -15.57 48.53
N SER G 110 34.16 -14.46 49.20
CA SER G 110 33.12 -14.45 50.22
C SER G 110 31.72 -14.46 49.64
N VAL G 111 31.58 -14.16 48.36
CA VAL G 111 30.27 -14.13 47.74
C VAL G 111 29.91 -15.48 47.14
N LEU G 112 30.90 -16.19 46.59
CA LEU G 112 30.67 -17.56 46.11
C LEU G 112 30.35 -18.50 47.25
N ALA G 113 30.99 -18.33 48.41
CA ALA G 113 30.69 -19.18 49.55
C ALA G 113 29.32 -18.91 50.13
N ASN G 114 28.90 -17.64 50.15
CA ASN G 114 27.55 -17.32 50.60
C ASN G 114 26.47 -17.81 49.65
N ARG G 115 26.80 -18.07 48.38
CA ARG G 115 25.84 -18.69 47.48
C ARG G 115 25.81 -20.20 47.65
N VAL G 116 26.90 -20.80 48.10
CA VAL G 116 26.91 -22.23 48.41
C VAL G 116 26.11 -22.50 49.68
N GLY G 117 26.31 -21.67 50.72
CA GLY G 117 25.62 -21.86 51.98
C GLY G 117 24.12 -21.58 51.94
N GLU G 118 23.63 -20.96 50.87
CA GLU G 118 22.19 -20.76 50.72
C GLU G 118 21.56 -21.84 49.86
N PHE G 119 22.35 -22.48 48.99
CA PHE G 119 21.85 -23.63 48.26
C PHE G 119 21.80 -24.87 49.15
N MET G 120 22.75 -24.99 50.08
CA MET G 120 22.76 -26.13 50.99
C MET G 120 21.73 -25.96 52.10
N HIS G 121 21.44 -24.72 52.48
CA HIS G 121 20.42 -24.46 53.49
C HIS G 121 19.00 -24.61 52.97
N ALA G 122 18.78 -24.33 51.67
CA ALA G 122 17.43 -24.38 51.14
C ALA G 122 16.87 -25.79 51.04
N TYR G 123 17.71 -26.81 51.19
CA TYR G 123 17.28 -28.19 51.22
C TYR G 123 17.20 -28.74 52.64
N THR G 124 17.23 -27.86 53.64
CA THR G 124 17.05 -28.26 55.03
C THR G 124 15.79 -27.65 55.64
N THR G 125 14.96 -27.00 54.82
CA THR G 125 13.77 -26.33 55.30
C THR G 125 12.47 -26.89 54.73
N HIS G 126 12.54 -27.82 53.79
CA HIS G 126 11.37 -28.33 53.11
C HIS G 126 11.29 -29.84 53.31
N PHE G 127 10.06 -30.36 53.39
CA PHE G 127 9.83 -31.75 53.75
C PHE G 127 10.25 -32.72 52.66
N ALA G 128 10.17 -32.32 51.39
CA ALA G 128 10.43 -33.22 50.27
C ALA G 128 11.91 -33.41 49.99
N TYR G 129 12.79 -32.68 50.67
CA TYR G 129 14.21 -32.69 50.36
C TYR G 129 15.00 -33.11 51.58
N ARG G 130 16.17 -33.68 51.35
CA ARG G 130 17.07 -34.07 52.41
C ARG G 130 18.36 -33.28 52.31
N PRO G 131 19.04 -33.01 53.45
CA PRO G 131 20.27 -32.22 53.40
C PRO G 131 21.42 -32.98 52.77
N PHE G 132 22.47 -32.27 52.38
CA PHE G 132 23.61 -32.89 51.72
C PHE G 132 24.47 -33.62 52.73
N GLY G 133 25.03 -34.75 52.31
CA GLY G 133 26.05 -35.42 53.09
C GLY G 133 27.42 -34.96 52.65
N CYS G 134 27.71 -33.68 52.82
CA CYS G 134 28.87 -33.08 52.18
C CYS G 134 29.27 -31.79 52.89
N SER G 135 30.57 -31.62 53.06
CA SER G 135 31.14 -30.34 53.47
C SER G 135 31.99 -29.80 52.34
N ALA G 136 31.61 -28.64 51.80
CA ALA G 136 32.28 -28.05 50.65
C ALA G 136 33.32 -27.04 51.13
N ILE G 137 34.53 -27.15 50.59
CA ILE G 137 35.63 -26.26 50.93
C ILE G 137 35.88 -25.36 49.73
N ILE G 138 35.53 -24.08 49.85
CA ILE G 138 35.70 -23.12 48.77
C ILE G 138 37.09 -22.50 48.93
N ALA G 139 37.96 -22.73 47.96
CA ALA G 139 39.28 -22.12 47.93
C ALA G 139 39.33 -21.17 46.76
N SER G 140 39.47 -19.88 47.04
CA SER G 140 39.33 -18.84 46.04
C SER G 140 40.52 -17.88 46.11
N TYR G 141 40.79 -17.20 45.00
CA TYR G 141 41.70 -16.07 45.02
C TYR G 141 41.12 -14.99 44.10
N ALA G 142 40.28 -14.14 44.67
CA ALA G 142 39.57 -13.10 43.93
C ALA G 142 40.23 -11.75 44.24
N ASP G 143 39.64 -10.61 43.88
CA ASP G 143 40.19 -9.30 44.19
C ASP G 143 40.06 -8.90 45.66
N ASP G 144 39.60 -9.80 46.52
CA ASP G 144 39.61 -9.61 47.97
C ASP G 144 40.66 -10.49 48.66
N GLY G 145 41.64 -10.99 47.89
CA GLY G 145 42.72 -11.77 48.45
C GLY G 145 42.42 -13.25 48.50
N PRO G 146 43.33 -14.03 49.10
CA PRO G 146 43.11 -15.47 49.20
C PRO G 146 42.09 -15.80 50.28
N GLN G 147 41.10 -16.62 49.90
CA GLN G 147 39.98 -16.93 50.78
C GLN G 147 39.88 -18.44 50.94
N LEU G 148 39.44 -18.85 52.12
CA LEU G 148 39.26 -20.26 52.44
C LEU G 148 38.00 -20.38 53.28
N PHE G 149 36.96 -20.99 52.71
CA PHE G 149 35.67 -21.13 53.37
C PHE G 149 35.28 -22.59 53.45
N VAL G 150 34.42 -22.91 54.42
CA VAL G 150 33.88 -24.25 54.61
C VAL G 150 32.39 -24.12 54.84
N SER G 151 31.60 -24.79 54.00
CA SER G 151 30.15 -24.86 54.15
C SER G 151 29.77 -26.24 54.65
N ASP G 152 29.15 -26.29 55.82
CA ASP G 152 28.72 -27.54 56.44
C ASP G 152 27.35 -27.91 55.89
N PRO G 153 26.81 -29.12 56.15
CA PRO G 153 25.46 -29.44 55.65
C PRO G 153 24.33 -28.59 56.21
N SER G 154 24.53 -27.88 57.31
CA SER G 154 23.48 -26.99 57.81
C SER G 154 23.34 -25.72 56.98
N GLY G 155 24.31 -25.42 56.13
CA GLY G 155 24.34 -24.17 55.41
C GLY G 155 25.13 -23.07 56.08
N THR G 156 26.00 -23.42 57.02
CA THR G 156 26.79 -22.43 57.75
C THR G 156 28.15 -22.28 57.07
N VAL G 157 28.47 -21.06 56.65
CA VAL G 157 29.75 -20.77 56.03
C VAL G 157 30.59 -19.98 57.03
N ALA G 158 31.91 -20.14 56.93
CA ALA G 158 32.85 -19.48 57.82
C ALA G 158 34.20 -19.41 57.15
N GLY G 159 34.85 -18.26 57.25
CA GLY G 159 36.21 -18.11 56.77
C GLY G 159 37.19 -18.69 57.78
N TYR G 160 38.13 -19.47 57.27
CA TYR G 160 39.12 -20.15 58.10
C TYR G 160 40.51 -19.75 57.63
N TYR G 161 41.50 -20.00 58.49
CA TYR G 161 42.90 -20.03 58.08
C TYR G 161 43.35 -21.44 57.73
N GLY G 162 42.90 -22.41 58.51
CA GLY G 162 43.11 -23.81 58.17
C GLY G 162 41.95 -24.62 58.68
N VAL G 163 41.75 -25.79 58.08
CA VAL G 163 40.60 -26.63 58.41
C VAL G 163 40.99 -28.08 58.24
N ALA G 164 40.49 -28.93 59.14
CA ALA G 164 40.55 -30.37 58.99
C ALA G 164 39.14 -30.92 59.01
N LEU G 165 38.84 -31.76 58.01
CA LEU G 165 37.50 -32.34 57.89
C LEU G 165 37.66 -33.81 57.50
N GLY G 166 36.77 -34.65 58.02
CA GLY G 166 36.81 -36.07 57.73
C GLY G 166 36.71 -36.87 59.00
N LYS G 167 37.28 -38.08 58.97
CA LYS G 167 37.30 -38.91 60.16
C LYS G 167 38.26 -38.36 61.20
N ALA G 168 39.54 -38.27 60.86
CA ALA G 168 40.57 -37.81 61.78
C ALA G 168 40.79 -36.31 61.65
N LYS G 169 39.70 -35.56 61.80
CA LYS G 169 39.74 -34.11 61.75
C LYS G 169 40.18 -33.50 63.07
N THR G 170 40.24 -34.30 64.13
CA THR G 170 40.67 -33.78 65.43
C THR G 170 42.18 -33.92 65.59
N VAL G 171 42.77 -34.98 65.04
CA VAL G 171 44.21 -35.15 65.12
C VAL G 171 44.90 -34.24 64.10
N ALA G 172 44.29 -34.08 62.93
CA ALA G 172 44.86 -33.22 61.89
C ALA G 172 44.69 -31.73 62.19
N LYS G 173 43.74 -31.37 63.05
CA LYS G 173 43.62 -29.99 63.49
C LYS G 173 44.78 -29.54 64.38
N SER G 174 45.25 -30.41 65.28
CA SER G 174 46.42 -30.11 66.08
C SER G 174 47.70 -30.07 65.26
N GLU G 175 47.74 -30.78 64.14
CA GLU G 175 48.89 -30.71 63.24
C GLU G 175 48.91 -29.44 62.41
N LEU G 176 47.77 -28.76 62.27
CA LEU G 176 47.70 -27.46 61.62
C LEU G 176 48.05 -26.31 62.55
N GLU G 177 47.95 -26.50 63.86
CA GLU G 177 48.28 -25.47 64.82
C GLU G 177 49.78 -25.22 64.95
N LYS G 178 50.60 -26.13 64.43
CA LYS G 178 52.04 -25.97 64.43
C LYS G 178 52.56 -25.20 63.22
N LEU G 179 51.73 -25.01 62.20
CA LEU G 179 52.11 -24.18 61.07
C LEU G 179 51.93 -22.71 61.42
N ASP G 180 52.28 -21.84 60.47
CA ASP G 180 52.36 -20.42 60.77
C ASP G 180 51.20 -19.60 60.20
N PHE G 181 50.93 -19.77 58.89
CA PHE G 181 49.88 -19.13 58.08
C PHE G 181 50.12 -17.65 57.81
N SER G 182 51.18 -17.08 58.40
CA SER G 182 51.57 -15.71 58.14
C SER G 182 52.88 -15.63 57.37
N SER G 183 53.88 -16.43 57.77
CA SER G 183 55.08 -16.62 56.98
C SER G 183 55.00 -17.82 56.05
N LEU G 184 53.90 -18.59 56.16
CA LEU G 184 53.74 -19.80 55.37
C LEU G 184 53.49 -19.46 53.91
N THR G 185 54.22 -20.13 53.03
CA THR G 185 54.10 -19.93 51.59
C THR G 185 53.46 -21.15 50.94
N CYS G 186 53.11 -21.01 49.67
CA CYS G 186 52.51 -22.11 48.94
C CYS G 186 53.57 -23.09 48.45
N ASP G 187 54.84 -22.70 48.53
CA ASP G 187 55.93 -23.57 48.07
C ASP G 187 56.18 -24.70 49.05
N GLU G 188 56.18 -24.39 50.34
CA GLU G 188 56.45 -25.37 51.39
C GLU G 188 55.21 -26.13 51.83
N ALA G 189 54.02 -25.55 51.69
CA ALA G 189 52.82 -26.10 52.31
C ALA G 189 52.28 -27.32 51.59
N VAL G 190 52.62 -27.52 50.32
CA VAL G 190 52.22 -28.74 49.64
C VAL G 190 52.95 -29.95 50.24
N GLY G 191 54.21 -29.76 50.63
CA GLY G 191 54.94 -30.81 51.30
C GLY G 191 54.52 -30.99 52.75
N LYS G 192 54.05 -29.91 53.37
CA LYS G 192 53.61 -29.99 54.76
C LYS G 192 52.23 -30.65 54.87
N LEU G 193 51.25 -30.16 54.09
CA LEU G 193 49.87 -30.65 54.20
C LEU G 193 49.72 -32.08 53.73
N ALA G 194 50.47 -32.48 52.71
CA ALA G 194 50.50 -33.89 52.33
C ALA G 194 51.13 -34.75 53.39
N SER G 195 52.11 -34.23 54.13
CA SER G 195 52.70 -34.97 55.24
C SER G 195 51.80 -35.03 56.46
N ILE G 196 50.78 -34.17 56.52
CA ILE G 196 49.77 -34.32 57.58
C ILE G 196 48.95 -35.58 57.30
N LEU G 197 48.54 -35.77 56.05
CA LEU G 197 47.65 -36.87 55.68
C LEU G 197 48.33 -38.23 55.79
N HIS G 198 49.64 -38.30 55.55
CA HIS G 198 50.30 -39.59 55.66
C HIS G 198 50.63 -39.94 57.11
N GLU G 199 50.47 -38.98 58.03
CA GLU G 199 50.69 -39.26 59.44
C GLU G 199 49.38 -39.37 60.21
N VAL G 200 48.33 -38.70 59.74
CA VAL G 200 47.06 -38.72 60.46
C VAL G 200 46.24 -39.94 60.07
N HIS G 201 46.58 -40.61 58.97
CA HIS G 201 45.77 -41.68 58.44
C HIS G 201 46.50 -43.02 58.54
N ASP G 202 45.75 -44.06 58.88
CA ASP G 202 46.31 -45.39 59.14
C ASP G 202 46.08 -46.31 57.95
N LYS G 203 47.05 -47.20 57.71
CA LYS G 203 46.96 -48.18 56.64
C LYS G 203 46.44 -49.53 57.11
N GLN G 204 45.97 -49.61 58.35
CA GLN G 204 45.47 -50.87 58.91
C GLN G 204 43.98 -51.04 58.67
N LYS G 205 43.37 -50.13 57.92
CA LYS G 205 41.97 -50.27 57.54
C LYS G 205 41.86 -50.41 56.03
N ASP G 206 42.53 -49.52 55.30
CA ASP G 206 42.55 -49.55 53.84
C ASP G 206 43.98 -49.79 53.35
N LYS G 207 44.11 -50.43 52.20
CA LYS G 207 45.44 -50.62 51.63
C LYS G 207 45.74 -49.57 50.57
N LEU G 208 44.73 -49.15 49.83
CA LEU G 208 44.87 -48.18 48.73
C LEU G 208 44.44 -46.81 49.25
N TYR G 209 45.41 -45.92 49.45
CA TYR G 209 45.13 -44.52 49.72
C TYR G 209 46.21 -43.66 49.09
N GLU G 210 45.78 -42.63 48.37
CA GLU G 210 46.68 -41.64 47.80
C GLU G 210 46.11 -40.26 48.10
N VAL G 211 46.92 -39.25 47.84
CA VAL G 211 46.56 -37.87 48.15
C VAL G 211 46.38 -37.09 46.87
N GLU G 212 45.52 -36.08 46.92
CA GLU G 212 45.25 -35.18 45.81
C GLU G 212 45.32 -33.75 46.30
N VAL G 213 46.28 -32.99 45.79
CA VAL G 213 46.55 -31.63 46.26
C VAL G 213 46.22 -30.68 45.12
N ALA G 214 45.73 -29.49 45.47
CA ALA G 214 45.46 -28.46 44.48
C ALA G 214 45.58 -27.10 45.16
N TRP G 215 46.05 -26.11 44.39
CA TRP G 215 46.20 -24.78 44.94
C TRP G 215 45.64 -23.73 43.97
N VAL G 216 45.64 -22.49 44.46
CA VAL G 216 45.54 -21.30 43.61
C VAL G 216 46.38 -20.21 44.27
N CYS G 217 47.36 -19.68 43.54
CA CYS G 217 48.30 -18.72 44.12
C CYS G 217 48.88 -17.87 42.99
N ASP G 218 49.77 -16.95 43.36
CA ASP G 218 50.36 -16.04 42.38
C ASP G 218 51.34 -16.74 41.46
N LYS G 219 51.94 -17.85 41.90
CA LYS G 219 52.88 -18.58 41.06
C LYS G 219 52.18 -19.28 39.90
N SER G 220 50.94 -19.71 40.11
CA SER G 220 50.15 -20.33 39.06
C SER G 220 49.32 -19.32 38.27
N ASP G 221 49.69 -18.03 38.31
CA ASP G 221 49.01 -16.91 37.66
C ASP G 221 47.55 -16.79 38.09
N ARG G 222 47.32 -16.93 39.41
CA ARG G 222 46.01 -16.78 40.07
C ARG G 222 44.98 -17.77 39.55
N LYS G 223 45.44 -18.92 39.05
CA LYS G 223 44.59 -19.93 38.45
C LYS G 223 44.49 -21.12 39.39
N PHE G 224 43.27 -21.64 39.56
CA PHE G 224 43.08 -22.83 40.36
C PHE G 224 43.50 -24.05 39.56
N VAL G 225 44.61 -24.67 39.94
CA VAL G 225 45.15 -25.82 39.21
C VAL G 225 45.38 -26.97 40.20
N HIS G 226 45.46 -28.17 39.64
CA HIS G 226 45.97 -29.33 40.38
C HIS G 226 47.50 -29.31 40.36
N VAL G 227 48.10 -30.29 41.02
CA VAL G 227 49.57 -30.27 41.12
C VAL G 227 50.17 -30.84 39.84
N PRO G 228 51.40 -30.47 39.49
CA PRO G 228 52.24 -31.39 38.72
C PRO G 228 52.54 -32.57 39.62
N ALA G 229 52.55 -33.79 39.09
CA ALA G 229 52.59 -35.01 39.90
C ALA G 229 53.87 -35.15 40.73
N ASP G 230 54.96 -34.54 40.27
CA ASP G 230 56.22 -34.56 41.01
C ASP G 230 56.38 -33.23 41.76
N MET G 231 55.51 -33.00 42.75
CA MET G 231 55.78 -32.00 43.76
C MET G 231 55.32 -32.56 45.11
N VAL G 232 54.50 -33.60 45.05
CA VAL G 232 53.94 -34.22 46.24
C VAL G 232 55.00 -35.12 46.86
N PRO G 233 55.14 -35.15 48.19
CA PRO G 233 56.02 -36.14 48.83
C PRO G 233 55.54 -37.57 48.58
N ALA G 234 56.49 -38.51 48.64
CA ALA G 234 56.21 -39.87 48.20
C ALA G 234 55.36 -40.63 49.21
N GLU G 235 55.68 -40.49 50.50
CA GLU G 235 54.98 -41.24 51.53
C GLU G 235 54.89 -40.47 52.84
N THR H 1 19.59 16.73 21.89
CA THR H 1 20.43 16.20 22.97
C THR H 1 21.87 16.05 22.53
N THR H 2 22.78 16.68 23.27
CA THR H 2 24.22 16.48 23.07
C THR H 2 24.86 16.08 24.40
N ILE H 3 25.32 14.83 24.43
CA ILE H 3 25.94 14.27 25.61
C ILE H 3 27.35 13.81 25.26
N LEU H 4 28.24 13.89 26.26
CA LEU H 4 29.63 13.48 26.08
C LEU H 4 30.25 13.21 27.43
N ALA H 5 31.30 12.39 27.43
CA ALA H 5 32.04 12.05 28.64
C ALA H 5 33.51 11.92 28.27
N VAL H 6 34.38 12.61 29.01
CA VAL H 6 35.80 12.68 28.69
C VAL H 6 36.60 12.28 29.92
N SER H 7 37.63 11.43 29.71
CA SER H 7 38.47 10.94 30.77
C SER H 7 39.72 11.81 30.94
N TYR H 8 40.09 12.08 32.19
CA TYR H 8 41.37 12.64 32.56
C TYR H 8 42.07 11.64 33.49
N ASN H 9 43.16 12.07 34.14
CA ASN H 9 43.97 11.16 34.93
C ASN H 9 43.22 10.63 36.15
N GLY H 10 42.58 11.52 36.90
CA GLY H 10 41.83 11.11 38.08
C GLY H 10 40.57 10.33 37.78
N GLY H 11 39.62 10.96 37.10
CA GLY H 11 38.36 10.32 36.79
C GLY H 11 37.78 10.74 35.46
N VAL H 12 36.48 11.02 35.42
CA VAL H 12 35.77 11.36 34.18
C VAL H 12 34.99 12.65 34.37
N VAL H 13 34.66 13.29 33.25
CA VAL H 13 33.84 14.49 33.20
C VAL H 13 32.64 14.23 32.31
N LEU H 14 31.46 14.20 32.90
CA LEU H 14 30.20 14.01 32.18
C LEU H 14 29.69 15.40 31.77
N ALA H 15 29.12 15.51 30.59
CA ALA H 15 28.62 16.79 30.10
C ALA H 15 27.39 16.57 29.22
N ALA H 16 26.39 17.45 29.41
CA ALA H 16 25.13 17.30 28.71
C ALA H 16 24.41 18.64 28.67
N ASP H 17 23.48 18.76 27.71
CA ASP H 17 22.60 19.90 27.66
C ASP H 17 21.37 19.69 28.55
N SER H 18 20.41 20.57 28.43
CA SER H 18 19.14 20.43 29.16
C SER H 18 17.99 20.84 28.27
N ARG H 19 17.47 19.91 27.47
CA ARG H 19 16.28 20.19 26.67
C ARG H 19 15.67 18.89 26.18
N THR H 20 14.42 18.62 26.59
CA THR H 20 13.60 17.60 25.96
C THR H 20 12.60 18.32 25.06
N SER H 21 12.53 17.93 23.79
CA SER H 21 11.74 18.65 22.82
C SER H 21 10.90 17.67 22.01
N SER H 22 9.58 17.85 22.06
CA SER H 22 8.66 17.00 21.31
C SER H 22 8.64 17.47 19.85
N GLY H 23 9.65 17.01 19.11
CA GLY H 23 9.74 17.32 17.69
C GLY H 23 10.23 18.72 17.39
N THR H 24 9.41 19.71 17.71
CA THR H 24 9.74 21.10 17.40
C THR H 24 9.42 22.07 18.53
N TYR H 25 8.85 21.60 19.62
CA TYR H 25 8.47 22.45 20.74
C TYR H 25 9.21 22.01 21.99
N VAL H 26 9.74 22.99 22.72
CA VAL H 26 10.54 22.74 23.91
C VAL H 26 9.59 22.43 25.06
N VAL H 27 9.42 21.15 25.36
CA VAL H 27 8.59 20.74 26.48
C VAL H 27 9.26 21.10 27.80
N ASN H 28 10.56 20.86 27.88
CA ASN H 28 11.35 21.17 29.06
C ASN H 28 12.66 21.79 28.60
N ARG H 29 13.02 22.91 29.21
CA ARG H 29 14.30 23.56 28.93
C ARG H 29 15.28 23.45 30.08
N ALA H 30 15.00 22.60 31.06
CA ALA H 30 15.88 22.37 32.21
C ALA H 30 15.89 20.90 32.57
N SER H 31 16.04 20.05 31.57
CA SER H 31 16.14 18.61 31.75
C SER H 31 17.44 18.25 32.47
N ASN H 32 17.51 17.02 32.96
CA ASN H 32 18.73 16.54 33.60
C ASN H 32 19.04 15.17 33.01
N LYS H 33 19.96 15.14 32.05
CA LYS H 33 20.32 13.94 31.33
C LYS H 33 21.49 13.21 31.97
N LEU H 34 21.90 13.62 33.16
CA LEU H 34 22.98 12.98 33.90
C LEU H 34 22.36 12.21 35.05
N THR H 35 22.23 10.90 34.89
CA THR H 35 21.45 10.06 35.78
C THR H 35 22.36 9.33 36.75
N LYS H 36 22.04 9.42 38.05
CA LYS H 36 22.86 8.75 39.06
C LYS H 36 22.51 7.28 39.14
N LEU H 37 23.53 6.42 38.97
CA LEU H 37 23.34 5.00 39.18
C LEU H 37 23.78 4.61 40.59
N THR H 38 25.06 4.81 40.87
CA THR H 38 25.63 4.76 42.21
C THR H 38 26.30 6.10 42.49
N LYS H 39 27.05 6.19 43.60
CA LYS H 39 27.64 7.47 44.01
C LYS H 39 28.70 7.95 43.03
N LYS H 40 29.45 7.03 42.43
CA LYS H 40 30.56 7.41 41.56
C LYS H 40 30.37 6.99 40.11
N ILE H 41 29.23 6.39 39.75
CA ILE H 41 28.96 5.94 38.39
C ILE H 41 27.67 6.60 37.93
N TYR H 42 27.77 7.46 36.90
CA TYR H 42 26.58 8.04 36.28
C TYR H 42 26.45 7.52 34.86
N CYS H 43 25.37 7.95 34.21
CA CYS H 43 25.18 7.70 32.79
C CYS H 43 24.56 8.93 32.14
N CYS H 44 25.05 9.25 30.94
CA CYS H 44 24.41 10.20 30.06
C CYS H 44 23.24 9.50 29.39
N ARG H 45 22.32 10.27 28.83
CA ARG H 45 21.01 9.75 28.51
C ARG H 45 20.42 10.48 27.30
N SER H 46 20.37 9.81 26.16
CA SER H 46 19.87 10.38 24.92
C SER H 46 18.79 9.50 24.33
N GLY H 47 18.01 10.08 23.42
CA GLY H 47 17.00 9.33 22.71
C GLY H 47 15.61 9.54 23.29
N SER H 48 14.90 8.44 23.51
CA SER H 48 13.55 8.53 24.06
C SER H 48 13.62 8.86 25.55
N ALA H 49 12.81 9.85 25.96
CA ALA H 49 12.87 10.31 27.34
C ALA H 49 12.24 9.30 28.30
N ALA H 50 11.33 8.45 27.81
CA ALA H 50 10.70 7.46 28.67
C ALA H 50 11.44 6.12 28.63
N ASP H 51 11.92 5.72 27.45
CA ASP H 51 12.56 4.42 27.29
C ASP H 51 13.93 4.38 27.97
N THR H 52 14.60 5.52 28.06
CA THR H 52 15.90 5.56 28.72
C THR H 52 15.79 5.86 30.20
N GLN H 53 14.69 6.48 30.63
CA GLN H 53 14.45 6.66 32.05
C GLN H 53 14.07 5.36 32.74
N ALA H 54 13.31 4.50 32.06
CA ALA H 54 12.96 3.20 32.62
C ALA H 54 14.15 2.26 32.69
N LEU H 55 15.09 2.36 31.75
CA LEU H 55 16.30 1.56 31.84
C LEU H 55 17.23 2.04 32.93
N ALA H 56 17.30 3.36 33.12
CA ALA H 56 18.29 3.92 34.05
C ALA H 56 17.93 3.63 35.50
N GLU H 57 16.64 3.54 35.81
CA GLU H 57 16.23 3.22 37.17
C GLU H 57 15.95 1.73 37.37
N ARG H 58 16.02 0.93 36.30
CA ARG H 58 16.03 -0.51 36.47
C ARG H 58 17.44 -1.04 36.66
N VAL H 59 18.42 -0.44 35.98
CA VAL H 59 19.81 -0.78 36.22
C VAL H 59 20.24 -0.31 37.61
N SER H 60 19.78 0.86 38.03
CA SER H 60 20.22 1.43 39.30
C SER H 60 19.62 0.68 40.50
N ASN H 61 18.62 -0.17 40.28
CA ASN H 61 18.12 -0.97 41.38
C ASN H 61 18.79 -2.34 41.42
N TYR H 62 19.13 -2.89 40.25
CA TYR H 62 20.01 -4.07 40.23
C TYR H 62 21.38 -3.74 40.78
N LEU H 63 21.84 -2.51 40.60
CA LEU H 63 23.21 -2.14 40.91
C LEU H 63 23.37 -1.79 42.38
N GLY H 64 22.29 -1.33 43.02
CA GLY H 64 22.34 -1.09 44.45
C GLY H 64 22.02 -2.34 45.25
N SER H 65 21.25 -3.26 44.67
CA SER H 65 21.03 -4.55 45.30
C SER H 65 22.28 -5.41 45.22
N TYR H 66 23.09 -5.19 44.18
CA TYR H 66 24.36 -5.88 44.06
C TYR H 66 25.37 -5.37 45.08
N GLN H 67 25.46 -4.05 45.27
CA GLN H 67 26.39 -3.42 46.18
C GLN H 67 26.16 -3.79 47.63
N THR H 68 24.91 -4.03 48.03
CA THR H 68 24.62 -4.46 49.39
C THR H 68 25.03 -5.91 49.62
N ASP H 69 24.79 -6.79 48.64
CA ASP H 69 25.13 -8.20 48.79
C ASP H 69 26.64 -8.42 48.73
N ILE H 70 27.32 -7.66 47.88
CA ILE H 70 28.79 -7.73 47.82
C ILE H 70 29.42 -7.18 49.09
N GLY H 71 29.06 -5.98 49.50
CA GLY H 71 29.72 -5.33 50.61
C GLY H 71 30.96 -4.57 50.21
N ALA H 72 31.07 -4.20 48.94
CA ALA H 72 32.21 -3.44 48.44
C ALA H 72 31.68 -2.46 47.39
N GLY H 73 32.60 -1.88 46.62
CA GLY H 73 32.23 -0.93 45.60
C GLY H 73 31.94 -1.58 44.27
N VAL H 74 31.12 -0.91 43.48
CA VAL H 74 30.71 -1.40 42.18
C VAL H 74 31.68 -0.90 41.12
N ASN H 75 32.16 -1.81 40.28
CA ASN H 75 32.99 -1.42 39.15
C ASN H 75 32.14 -0.80 38.06
N VAL H 76 32.78 0.05 37.24
CA VAL H 76 32.07 0.67 36.13
C VAL H 76 31.75 -0.34 35.03
N ALA H 77 32.64 -1.31 34.80
CA ALA H 77 32.39 -2.39 33.85
C ALA H 77 31.21 -3.26 34.25
N THR H 78 30.88 -3.33 35.54
CA THR H 78 29.68 -4.01 35.99
C THR H 78 28.42 -3.27 35.56
N ALA H 79 28.41 -1.94 35.72
CA ALA H 79 27.23 -1.16 35.36
C ALA H 79 27.04 -1.03 33.86
N ALA H 80 28.12 -1.16 33.08
CA ALA H 80 28.02 -1.06 31.64
C ALA H 80 27.61 -2.37 30.97
N ASN H 81 27.57 -3.46 31.74
CA ASN H 81 27.09 -4.71 31.18
C ASN H 81 25.63 -4.95 31.55
N LEU H 82 25.06 -4.06 32.35
CA LEU H 82 23.64 -4.14 32.65
C LEU H 82 22.83 -3.27 31.70
N PHE H 83 23.46 -2.23 31.14
CA PHE H 83 22.82 -1.50 30.06
C PHE H 83 22.93 -2.24 28.74
N GLN H 84 24.07 -2.87 28.47
CA GLN H 84 24.24 -3.63 27.24
C GLN H 84 23.29 -4.82 27.18
N LYS H 85 23.06 -5.48 28.32
CA LYS H 85 22.11 -6.58 28.36
C LYS H 85 20.68 -6.11 28.08
N MET H 86 20.31 -4.92 28.57
CA MET H 86 18.95 -4.44 28.41
C MET H 86 18.73 -3.70 27.10
N CYS H 87 19.75 -2.99 26.61
CA CYS H 87 19.61 -2.29 25.34
C CYS H 87 19.73 -3.21 24.14
N TYR H 88 20.14 -4.46 24.34
CA TYR H 88 20.20 -5.42 23.25
C TYR H 88 18.96 -6.30 23.15
N MET H 89 18.38 -6.70 24.27
CA MET H 89 17.16 -7.50 24.24
C MET H 89 15.90 -6.66 24.16
N ASN H 90 16.03 -5.35 23.97
CA ASN H 90 14.92 -4.45 23.73
C ASN H 90 15.18 -3.52 22.55
N ARG H 91 16.13 -3.90 21.68
CA ARG H 91 16.68 -2.94 20.72
C ARG H 91 15.71 -2.61 19.60
N TRP H 92 14.66 -3.41 19.43
CA TRP H 92 13.67 -3.12 18.40
C TRP H 92 12.50 -2.32 18.97
N ASN H 93 12.44 -2.15 20.29
CA ASN H 93 11.30 -1.51 20.93
C ASN H 93 11.63 -0.19 21.59
N ILE H 94 12.90 0.10 21.86
CA ILE H 94 13.30 1.32 22.54
C ILE H 94 14.16 2.15 21.60
N SER H 95 14.43 3.38 21.99
CA SER H 95 15.38 4.26 21.32
C SER H 95 16.30 4.81 22.40
N ALA H 96 17.50 4.26 22.49
CA ALA H 96 18.35 4.49 23.67
C ALA H 96 19.81 4.57 23.27
N GLY H 97 20.37 5.77 23.36
CA GLY H 97 21.81 5.96 23.31
C GLY H 97 22.30 6.38 24.69
N ILE H 98 23.15 5.53 25.28
CA ILE H 98 23.60 5.70 26.65
C ILE H 98 25.12 5.79 26.65
N ILE H 99 25.65 6.75 27.40
CA ILE H 99 27.08 6.86 27.66
C ILE H 99 27.28 6.65 29.15
N VAL H 100 27.90 5.55 29.53
CA VAL H 100 28.16 5.22 30.92
C VAL H 100 29.59 5.59 31.25
N ALA H 101 29.76 6.47 32.23
CA ALA H 101 31.08 6.87 32.68
C ALA H 101 31.08 6.96 34.18
N GLY H 102 32.19 6.58 34.81
CA GLY H 102 32.25 6.60 36.25
C GLY H 102 33.66 6.48 36.77
N TYR H 103 33.76 6.09 38.03
CA TYR H 103 35.03 5.90 38.71
C TYR H 103 34.95 4.71 39.64
N ASP H 104 35.99 3.89 39.63
CA ASP H 104 36.16 2.78 40.55
C ASP H 104 37.63 2.76 40.97
N PRO H 105 37.93 2.28 42.19
CA PRO H 105 39.34 2.28 42.63
C PRO H 105 40.23 1.30 41.89
N ILE H 106 39.66 0.29 41.23
CA ILE H 106 40.49 -0.69 40.53
C ILE H 106 40.99 -0.11 39.20
N ASN H 107 40.08 0.37 38.36
CA ASN H 107 40.43 0.79 37.01
C ASN H 107 40.48 2.30 36.84
N GLY H 108 40.19 3.07 37.88
CA GLY H 108 40.26 4.51 37.73
C GLY H 108 39.03 5.06 37.04
N GLY H 109 39.25 5.87 36.01
CA GLY H 109 38.16 6.47 35.26
C GLY H 109 37.87 5.66 34.00
N SER H 110 36.61 5.30 33.83
CA SER H 110 36.18 4.47 32.71
C SER H 110 35.05 5.17 31.95
N VAL H 111 35.05 5.00 30.63
CA VAL H 111 34.00 5.55 29.77
C VAL H 111 33.52 4.46 28.83
N TYR H 112 32.22 4.18 28.86
CA TYR H 112 31.60 3.19 28.00
C TYR H 112 30.51 3.88 27.20
N SER H 113 30.56 3.71 25.87
CA SER H 113 29.55 4.26 24.98
C SER H 113 28.67 3.13 24.48
N ILE H 114 27.38 3.21 24.77
CA ILE H 114 26.45 2.17 24.36
C ILE H 114 25.46 2.78 23.38
N PRO H 115 25.64 2.55 22.07
CA PRO H 115 24.76 3.19 21.08
C PRO H 115 23.37 2.58 21.02
N SER H 116 22.60 3.00 20.01
CA SER H 116 21.24 2.50 19.84
C SER H 116 21.23 1.05 19.40
N GLY H 117 22.32 0.58 18.79
CA GLY H 117 22.37 -0.81 18.34
C GLY H 117 22.52 -1.80 19.48
N GLY H 118 23.02 -1.35 20.62
CA GLY H 118 23.21 -2.20 21.77
C GLY H 118 24.63 -2.70 22.01
N SER H 119 25.62 -2.19 21.30
CA SER H 119 27.00 -2.60 21.50
C SER H 119 27.60 -1.86 22.68
N CYS H 120 28.77 -2.30 23.11
CA CYS H 120 29.50 -1.67 24.21
C CYS H 120 30.93 -1.46 23.78
N VAL H 121 31.39 -0.22 23.85
CA VAL H 121 32.76 0.11 23.51
C VAL H 121 33.35 0.99 24.61
N LYS H 122 34.50 0.57 25.14
CA LYS H 122 35.22 1.30 26.16
C LYS H 122 36.15 2.30 25.50
N LEU H 123 36.11 3.55 25.94
CA LEU H 123 36.73 4.64 25.19
C LEU H 123 37.57 5.50 26.12
N ASP H 124 38.22 6.49 25.51
CA ASP H 124 38.80 7.61 26.23
C ASP H 124 37.84 8.78 26.33
N TYR H 125 37.16 9.11 25.23
CA TYR H 125 36.05 10.05 25.25
C TYR H 125 34.93 9.47 24.42
N ALA H 126 33.70 9.83 24.77
CA ALA H 126 32.53 9.36 24.04
C ALA H 126 31.66 10.53 23.65
N LEU H 127 30.91 10.35 22.56
CA LEU H 127 29.93 11.33 22.09
C LEU H 127 28.60 10.64 21.86
N GLY H 128 27.52 11.39 22.01
CA GLY H 128 26.20 10.81 21.83
C GLY H 128 25.15 11.88 21.60
N GLY H 129 24.01 11.43 21.08
CA GLY H 129 22.90 12.31 20.79
C GLY H 129 22.90 12.79 19.36
N SER H 130 21.85 13.54 19.02
CA SER H 130 21.73 14.08 17.68
C SER H 130 22.69 15.23 17.41
N GLY H 131 23.15 15.91 18.45
CA GLY H 131 24.11 16.98 18.32
C GLY H 131 25.55 16.55 18.36
N SER H 132 25.82 15.24 18.45
CA SER H 132 27.18 14.74 18.54
C SER H 132 27.91 14.77 17.21
N ILE H 133 27.19 14.79 16.09
CA ILE H 133 27.83 14.78 14.77
C ILE H 133 28.56 16.07 14.45
N PHE H 134 28.32 17.14 15.20
CA PHE H 134 29.10 18.36 15.08
C PHE H 134 30.43 18.26 15.80
N LEU H 135 30.56 17.35 16.76
CA LEU H 135 31.69 17.35 17.68
C LEU H 135 32.80 16.38 17.30
N TYR H 136 32.67 15.66 16.20
CA TYR H 136 33.76 14.77 15.80
C TYR H 136 34.91 15.58 15.21
N SER H 137 34.61 16.47 14.27
CA SER H 137 35.62 17.36 13.72
C SER H 137 36.06 18.44 14.70
N PHE H 138 35.30 18.70 15.75
CA PHE H 138 35.75 19.59 16.80
C PHE H 138 36.73 18.92 17.75
N PHE H 139 36.57 17.61 18.00
CA PHE H 139 37.51 16.91 18.85
C PHE H 139 38.72 16.40 18.07
N ASP H 140 38.62 16.31 16.75
CA ASP H 140 39.79 15.96 15.96
C ASP H 140 40.80 17.08 15.93
N ALA H 141 40.35 18.33 16.05
CA ALA H 141 41.22 19.48 15.93
C ALA H 141 41.62 20.07 17.27
N ASN H 142 40.68 20.21 18.19
CA ASN H 142 40.86 21.02 19.39
C ASN H 142 41.11 20.20 20.64
N TYR H 143 41.02 18.88 20.58
CA TYR H 143 41.15 18.03 21.75
C TYR H 143 42.52 17.37 21.75
N LYS H 144 43.25 17.54 22.85
CA LYS H 144 44.49 16.87 23.19
C LYS H 144 44.29 16.05 24.46
N PRO H 145 44.64 14.77 24.45
CA PRO H 145 44.42 13.94 25.64
C PRO H 145 45.42 14.26 26.74
N GLY H 146 45.03 13.96 27.97
CA GLY H 146 45.84 14.21 29.12
C GLY H 146 45.67 15.57 29.77
N MET H 147 44.45 16.10 29.80
CA MET H 147 44.19 17.37 30.45
C MET H 147 43.94 17.15 31.94
N SER H 148 43.94 18.25 32.69
CA SER H 148 43.67 18.19 34.12
C SER H 148 42.15 18.18 34.35
N LYS H 149 41.76 18.16 35.63
CA LYS H 149 40.34 18.22 35.95
C LYS H 149 39.74 19.58 35.64
N SER H 150 40.44 20.67 35.96
CA SER H 150 39.95 22.01 35.67
C SER H 150 39.96 22.32 34.18
N GLU H 151 40.81 21.64 33.39
CA GLU H 151 40.82 21.88 31.96
C GLU H 151 39.76 21.06 31.24
N CYS H 152 39.43 19.87 31.76
CA CYS H 152 38.38 19.08 31.13
C CYS H 152 36.99 19.64 31.40
N VAL H 153 36.82 20.34 32.51
CA VAL H 153 35.53 20.99 32.77
C VAL H 153 35.31 22.16 31.81
N ALA H 154 36.33 22.99 31.62
CA ALA H 154 36.17 24.15 30.73
C ALA H 154 36.17 23.73 29.27
N PHE H 155 36.75 22.56 28.97
CA PHE H 155 36.69 22.07 27.59
C PHE H 155 35.34 21.49 27.25
N CYS H 156 34.79 20.64 28.13
CA CYS H 156 33.50 20.01 27.87
C CYS H 156 32.36 21.02 27.92
N GLN H 157 32.50 22.10 28.68
CA GLN H 157 31.52 23.17 28.60
C GLN H 157 31.67 23.94 27.30
N ARG H 158 32.90 24.06 26.80
CA ARG H 158 33.09 24.70 25.51
C ARG H 158 32.73 23.75 24.37
N ALA H 159 32.75 22.45 24.64
CA ALA H 159 32.38 21.47 23.62
C ALA H 159 30.88 21.42 23.39
N VAL H 160 30.11 21.41 24.48
CA VAL H 160 28.65 21.37 24.37
C VAL H 160 28.12 22.66 23.77
N ALA H 161 28.75 23.80 24.08
CA ALA H 161 28.27 25.10 23.60
C ALA H 161 28.42 25.25 22.09
N HIS H 162 29.44 24.63 21.48
CA HIS H 162 29.49 24.58 20.03
C HIS H 162 28.47 23.60 19.45
N ALA H 163 28.06 22.59 20.21
CA ALA H 163 27.09 21.63 19.70
C ALA H 163 25.68 22.19 19.65
N TYR H 164 25.19 22.85 20.71
CA TYR H 164 23.83 23.33 20.68
C TYR H 164 23.70 24.71 20.04
N SER H 165 24.78 25.29 19.55
CA SER H 165 24.67 26.49 18.74
C SER H 165 24.19 26.19 17.33
N ARG H 166 24.60 25.07 16.77
CA ARG H 166 24.16 24.65 15.44
C ARG H 166 22.97 23.71 15.48
N ASP H 167 22.88 22.84 16.47
CA ASP H 167 21.82 21.86 16.58
C ASP H 167 20.52 22.54 17.01
N GLY H 168 19.42 22.16 16.39
CA GLY H 168 18.13 22.64 16.83
C GLY H 168 17.53 21.81 17.94
N SER H 169 17.86 20.52 17.97
CA SER H 169 17.39 19.63 19.01
C SER H 169 17.94 19.97 20.39
N SER H 170 19.14 20.50 20.47
CA SER H 170 19.85 20.71 21.72
C SER H 170 19.83 22.18 22.09
N GLY H 171 20.03 22.45 23.37
CA GLY H 171 20.01 23.81 23.85
C GLY H 171 19.74 23.85 25.34
N GLY H 172 19.70 25.07 25.87
CA GLY H 172 19.36 25.27 27.26
C GLY H 172 20.56 25.48 28.16
N LEU H 173 20.62 24.74 29.27
CA LEU H 173 21.71 24.83 30.20
C LEU H 173 22.82 23.88 29.80
N ILE H 174 23.93 23.93 30.52
CA ILE H 174 25.01 22.97 30.37
C ILE H 174 25.27 22.34 31.73
N ARG H 175 24.90 21.09 31.90
CA ARG H 175 25.07 20.39 33.15
C ARG H 175 26.28 19.48 33.07
N THR H 176 27.26 19.72 33.93
CA THR H 176 28.48 18.92 33.98
C THR H 176 28.67 18.42 35.39
N ILE H 177 29.38 17.29 35.51
CA ILE H 177 29.74 16.73 36.80
C ILE H 177 31.03 15.92 36.63
N THR H 178 31.89 15.93 37.64
CA THR H 178 33.13 15.18 37.61
C THR H 178 33.05 14.03 38.62
N LEU H 179 33.53 12.86 38.23
CA LEU H 179 33.47 11.67 39.05
C LEU H 179 34.89 11.16 39.23
N ASP H 180 35.44 11.33 40.42
CA ASP H 180 36.78 10.84 40.73
C ASP H 180 36.81 10.50 42.22
N ALA H 181 38.01 10.37 42.78
CA ALA H 181 38.19 9.90 44.14
C ALA H 181 37.69 10.88 45.20
N ASP H 182 37.44 12.13 44.84
CA ASP H 182 36.87 13.10 45.74
C ASP H 182 35.34 12.99 45.69
N GLU H 183 34.65 13.96 46.28
CA GLU H 183 33.20 13.98 46.18
C GLU H 183 32.80 14.42 44.77
N PRO H 184 31.68 13.93 44.25
CA PRO H 184 31.24 14.34 42.90
C PRO H 184 30.79 15.79 42.86
N GLU H 185 31.49 16.60 42.09
CA GLU H 185 31.22 18.03 41.97
C GLU H 185 30.45 18.31 40.69
N ASP H 186 29.26 18.89 40.84
CA ASP H 186 28.41 19.24 39.72
C ASP H 186 28.44 20.74 39.48
N GLN H 187 28.11 21.13 38.26
CA GLN H 187 28.12 22.53 37.86
C GLN H 187 27.17 22.72 36.70
N THR H 188 26.32 23.73 36.81
CA THR H 188 25.34 24.06 35.78
C THR H 188 25.52 25.51 35.37
N ILE H 189 26.09 25.74 34.19
CA ILE H 189 26.25 27.09 33.69
C ILE H 189 25.09 27.41 32.76
N PRO H 190 24.55 28.62 32.78
CA PRO H 190 23.37 28.93 31.99
C PRO H 190 23.68 29.17 30.53
N TRP H 191 22.65 29.58 29.79
CA TRP H 191 22.84 30.01 28.42
C TRP H 191 23.53 31.36 28.34
N ASN H 192 23.15 32.32 29.19
CA ASN H 192 23.68 33.66 29.06
C ASN H 192 25.09 33.81 29.63
N ARG H 193 25.62 32.77 30.28
CA ARG H 193 27.04 32.71 30.62
C ARG H 193 27.71 31.51 29.94
N SER H 194 27.22 31.10 28.79
CA SER H 194 27.83 30.01 28.06
C SER H 194 29.13 30.48 27.41
N PRO H 195 30.10 29.57 27.23
CA PRO H 195 31.38 29.98 26.64
C PRO H 195 31.32 30.26 25.14
N TYR H 196 30.24 29.89 24.46
CA TYR H 196 30.10 30.23 23.04
C TYR H 196 28.64 30.41 22.66
N CYS H 197 28.38 31.38 21.78
CA CYS H 197 27.08 31.57 21.16
C CYS H 197 27.29 32.34 19.86
N MET H 198 26.46 32.01 18.85
CA MET H 198 26.65 32.65 17.55
C MET H 198 26.13 34.08 17.54
N GLU H 199 25.30 34.46 18.50
CA GLU H 199 24.75 35.81 18.51
C GLU H 199 25.80 36.84 18.93
N LYS H 200 26.76 36.43 19.75
CA LYS H 200 27.87 37.30 20.14
C LYS H 200 29.17 36.90 19.47
N ASP H 201 29.11 35.96 18.51
CA ASP H 201 30.26 35.63 17.69
C ASP H 201 30.53 36.81 16.76
N PRO H 202 31.71 37.45 16.82
CA PRO H 202 31.89 38.72 16.10
C PRO H 202 32.03 38.60 14.59
N LYS H 203 31.95 37.40 14.01
CA LYS H 203 31.98 37.27 12.57
C LYS H 203 30.59 37.09 11.96
N TYR H 204 29.56 36.98 12.79
CA TYR H 204 28.18 36.92 12.31
C TYR H 204 27.45 38.22 12.60
N VAL H 205 28.19 39.29 12.86
CA VAL H 205 27.57 40.58 13.12
C VAL H 205 27.06 41.22 11.84
N THR H 206 27.84 41.18 10.76
CA THR H 206 27.42 41.74 9.49
C THR H 206 26.36 40.86 8.84
N GLN H 207 25.21 41.45 8.56
CA GLN H 207 24.13 40.77 7.86
C GLN H 207 24.57 40.44 6.44
N ALA H 208 24.09 39.31 5.94
CA ALA H 208 24.34 38.93 4.55
C ALA H 208 23.54 39.82 3.62
N THR H 209 24.22 40.46 2.68
CA THR H 209 23.58 41.52 1.88
C THR H 209 22.61 40.91 0.87
N GLN H 210 21.41 40.63 1.34
CA GLN H 210 20.34 40.06 0.54
C GLN H 210 19.42 41.10 -0.09
N ASN H 211 18.99 42.09 0.68
CA ASN H 211 17.93 42.99 0.28
C ASN H 211 18.57 44.24 -0.30
N GLN H 212 18.99 44.14 -1.56
CA GLN H 212 19.70 45.21 -2.23
C GLN H 212 18.77 46.39 -2.51
N PRO H 213 19.28 47.61 -2.41
CA PRO H 213 18.52 48.76 -2.88
C PRO H 213 18.40 48.74 -4.39
N PHE H 214 17.32 49.34 -4.88
CA PHE H 214 17.11 49.46 -6.32
C PHE H 214 18.03 50.54 -6.87
N SER H 215 19.01 50.12 -7.66
CA SER H 215 20.13 50.99 -8.01
C SER H 215 20.44 50.92 -9.50
N SER H 216 21.42 51.72 -9.91
CA SER H 216 21.85 51.83 -11.30
C SER H 216 23.05 50.96 -11.63
N SER H 217 23.72 50.40 -10.63
CA SER H 217 24.95 49.65 -10.87
C SER H 217 24.86 48.28 -10.22
N ALA H 218 25.81 47.42 -10.61
CA ALA H 218 25.95 46.10 -10.01
C ALA H 218 26.82 46.12 -8.75
N LYS H 219 27.21 47.30 -8.27
CA LYS H 219 28.03 47.41 -7.08
C LYS H 219 27.18 47.12 -5.85
N ILE H 220 27.49 46.03 -5.16
CA ILE H 220 26.75 45.62 -3.98
C ILE H 220 27.15 46.50 -2.80
N THR H 221 26.17 47.16 -2.19
CA THR H 221 26.43 48.18 -1.18
C THR H 221 25.65 47.91 0.11
N GLY H 222 25.29 46.66 0.36
CA GLY H 222 24.64 46.30 1.61
C GLY H 222 23.13 46.29 1.50
N ASN H 223 22.48 45.98 2.63
CA ASN H 223 21.04 45.84 2.68
C ASN H 223 20.36 47.21 2.64
N ARG H 224 19.05 47.17 2.46
CA ARG H 224 18.22 48.37 2.50
C ARG H 224 17.50 48.42 3.83
N MET H 225 17.86 49.39 4.68
CA MET H 225 17.38 49.43 6.05
C MET H 225 16.31 50.50 6.27
N SER H 226 15.99 51.30 5.26
CA SER H 226 15.00 52.36 5.39
C SER H 226 14.25 52.52 4.07
N SER H 227 13.04 53.07 4.16
CA SER H 227 12.21 53.22 2.97
C SER H 227 12.69 54.39 2.12
N THR H 228 13.23 55.43 2.76
CA THR H 228 13.73 56.58 2.01
C THR H 228 15.06 56.25 1.34
N GLY H 229 16.07 55.90 2.13
CA GLY H 229 17.38 55.57 1.59
C GLY H 229 17.72 54.10 1.69
N THR I 1 -7.32 20.43 26.09
CA THR I 1 -7.22 20.47 27.53
C THR I 1 -6.08 21.44 27.88
N THR I 2 -6.21 22.17 28.98
CA THR I 2 -5.27 23.23 29.32
C THR I 2 -4.92 23.11 30.81
N ILE I 3 -4.49 21.93 31.26
CA ILE I 3 -4.12 21.74 32.66
C ILE I 3 -2.73 22.35 32.89
N VAL I 4 -2.58 23.10 33.99
CA VAL I 4 -1.32 23.74 34.34
C VAL I 4 -1.00 23.47 35.81
N GLY I 5 0.21 23.82 36.21
CA GLY I 5 0.60 23.79 37.61
C GLY I 5 1.69 24.79 37.88
N VAL I 6 1.74 25.30 39.12
CA VAL I 6 2.69 26.33 39.54
C VAL I 6 3.12 26.06 40.98
N VAL I 7 4.43 26.00 41.22
CA VAL I 7 4.98 25.95 42.57
C VAL I 7 5.08 27.38 43.11
N TYR I 8 4.43 27.63 44.24
CA TYR I 8 4.59 28.92 44.90
C TYR I 8 5.35 28.70 46.22
N ARG I 9 5.37 29.74 47.06
CA ARG I 9 6.15 29.80 48.30
C ARG I 9 5.95 28.61 49.23
N ASP I 10 4.70 28.24 49.50
CA ASP I 10 4.44 27.07 50.31
C ASP I 10 3.32 26.24 49.67
N GLY I 11 3.71 25.34 48.78
CA GLY I 11 2.77 24.44 48.14
C GLY I 11 2.69 24.70 46.66
N VAL I 12 1.74 24.02 46.02
CA VAL I 12 1.51 24.14 44.58
C VAL I 12 0.07 24.54 44.34
N VAL I 13 -0.19 25.07 43.13
CA VAL I 13 -1.53 25.40 42.66
C VAL I 13 -1.75 24.70 41.32
N LEU I 14 -2.82 23.91 41.23
CA LEU I 14 -3.16 23.21 40.00
C LEU I 14 -4.34 23.89 39.31
N GLY I 15 -4.27 23.91 37.98
CA GLY I 15 -5.32 24.54 37.20
C GLY I 15 -5.78 23.62 36.10
N ALA I 16 -7.02 23.83 35.65
CA ALA I 16 -7.61 23.02 34.59
C ALA I 16 -8.77 23.78 33.95
N ASP I 17 -9.24 23.26 32.83
CA ASP I 17 -10.46 23.72 32.18
C ASP I 17 -11.60 22.74 32.48
N THR I 18 -12.77 22.97 31.86
CA THR I 18 -13.92 22.11 32.08
C THR I 18 -14.54 21.53 30.82
N ARG I 19 -14.13 21.97 29.63
CA ARG I 19 -14.73 21.50 28.40
C ARG I 19 -14.25 20.10 28.06
N ALA I 20 -15.18 19.22 27.67
CA ALA I 20 -14.86 17.90 27.15
C ALA I 20 -15.64 17.70 25.85
N THR I 21 -14.94 17.41 24.77
CA THR I 21 -15.54 17.29 23.44
C THR I 21 -15.37 15.88 22.93
N GLU I 22 -16.41 15.34 22.27
CA GLU I 22 -16.28 14.06 21.57
C GLU I 22 -16.44 14.29 20.06
N GLY I 23 -15.30 14.51 19.42
CA GLY I 23 -15.27 14.64 17.97
C GLY I 23 -15.90 15.91 17.45
N SER I 24 -15.25 17.06 17.70
CA SER I 24 -15.57 18.38 17.19
C SER I 24 -16.88 18.96 17.70
N ILE I 25 -17.57 18.28 18.62
CA ILE I 25 -18.79 18.82 19.23
C ILE I 25 -18.60 18.76 20.74
N VAL I 26 -19.10 19.77 21.45
CA VAL I 26 -18.89 19.85 22.89
C VAL I 26 -19.80 18.87 23.60
N ALA I 27 -19.22 17.80 24.17
CA ALA I 27 -20.02 16.84 24.93
C ALA I 27 -20.45 17.43 26.26
N ASP I 28 -19.49 17.79 27.10
CA ASP I 28 -19.77 18.34 28.42
C ASP I 28 -19.09 19.70 28.54
N LYS I 29 -19.74 20.61 29.23
CA LYS I 29 -19.22 21.96 29.44
C LYS I 29 -18.64 22.16 30.83
N ARG I 30 -18.94 21.27 31.78
CA ARG I 30 -18.50 21.42 33.16
C ARG I 30 -17.92 20.09 33.65
N CYS I 31 -17.04 19.50 32.85
CA CYS I 31 -16.34 18.31 33.30
C CYS I 31 -15.29 18.70 34.34
N ARG I 32 -14.93 17.72 35.19
CA ARG I 32 -14.00 17.95 36.28
C ARG I 32 -12.72 17.19 35.98
N LYS I 33 -11.59 17.90 35.95
CA LYS I 33 -10.33 17.32 35.51
C LYS I 33 -9.26 17.30 36.59
N ILE I 34 -9.49 17.95 37.72
CA ILE I 34 -8.56 17.92 38.85
C ILE I 34 -9.05 16.83 39.79
N HIS I 35 -8.29 15.74 39.87
CA HIS I 35 -8.75 14.57 40.58
C HIS I 35 -8.14 14.48 41.97
N TYR I 36 -8.62 13.50 42.73
CA TYR I 36 -8.16 13.26 44.09
C TYR I 36 -7.19 12.09 44.10
N MET I 37 -6.12 12.23 44.88
CA MET I 37 -5.12 11.18 45.02
C MET I 37 -4.83 10.83 46.47
N ALA I 38 -4.87 11.82 47.35
CA ALA I 38 -4.43 11.74 48.73
C ALA I 38 -4.94 13.00 49.42
N PRO I 39 -4.88 13.11 50.75
CA PRO I 39 -5.21 14.40 51.37
C PRO I 39 -4.22 15.51 51.05
N ASN I 40 -3.03 15.17 50.56
CA ASN I 40 -2.04 16.17 50.17
C ASN I 40 -1.72 16.16 48.68
N ILE I 41 -2.26 15.23 47.90
CA ILE I 41 -1.89 15.08 46.50
C ILE I 41 -3.15 15.21 45.65
N MET I 42 -3.09 16.06 44.64
CA MET I 42 -4.11 16.13 43.59
C MET I 42 -3.44 15.82 42.26
N CYS I 43 -4.26 15.65 41.21
CA CYS I 43 -3.71 15.25 39.91
C CYS I 43 -4.64 15.74 38.81
N CYS I 44 -4.15 16.67 38.00
CA CYS I 44 -4.85 17.07 36.79
C CYS I 44 -4.71 15.98 35.72
N GLY I 45 -5.57 16.04 34.72
CA GLY I 45 -5.53 15.04 33.69
C GLY I 45 -6.01 15.51 32.32
N ALA I 46 -5.34 15.06 31.27
CA ALA I 46 -5.71 15.37 29.90
C ALA I 46 -5.85 14.07 29.12
N GLY I 47 -6.25 14.18 27.86
CA GLY I 47 -6.38 13.02 27.02
C GLY I 47 -7.77 12.44 26.97
N THR I 48 -7.89 11.13 27.20
CA THR I 48 -9.18 10.47 27.14
C THR I 48 -9.77 10.37 28.54
N SER I 49 -11.09 10.62 28.65
CA SER I 49 -11.76 10.57 29.94
C SER I 49 -11.79 9.16 30.52
N ALA I 50 -11.79 8.14 29.66
CA ALA I 50 -11.77 6.76 30.14
C ALA I 50 -10.42 6.43 30.76
N ASP I 51 -9.34 6.79 30.07
CA ASP I 51 -8.00 6.43 30.49
C ASP I 51 -7.48 7.29 31.64
N THR I 52 -7.87 8.56 31.71
CA THR I 52 -7.47 9.42 32.81
C THR I 52 -8.11 9.03 34.14
N GLU I 53 -9.42 8.81 34.14
CA GLU I 53 -10.15 8.41 35.34
C GLU I 53 -9.75 7.03 35.86
N ALA I 54 -9.36 6.11 34.97
CA ALA I 54 -9.11 4.74 35.39
C ALA I 54 -7.65 4.52 35.78
N VAL I 55 -6.75 5.42 35.37
CA VAL I 55 -5.39 5.35 35.90
C VAL I 55 -5.33 6.09 37.24
N THR I 56 -6.25 7.03 37.47
CA THR I 56 -6.20 7.82 38.68
C THR I 56 -6.83 7.07 39.85
N ASN I 57 -7.99 6.46 39.63
CA ASN I 57 -8.70 5.78 40.72
C ASN I 57 -7.95 4.53 41.17
N MET I 58 -7.25 3.87 40.25
CA MET I 58 -6.49 2.67 40.60
C MET I 58 -5.30 3.02 41.48
N VAL I 59 -4.59 4.09 41.14
CA VAL I 59 -3.44 4.52 41.94
C VAL I 59 -3.89 5.17 43.25
N SER I 60 -4.94 5.99 43.22
CA SER I 60 -5.42 6.63 44.44
C SER I 60 -6.03 5.65 45.43
N SER I 61 -6.51 4.50 44.97
CA SER I 61 -6.88 3.43 45.88
C SER I 61 -5.67 2.61 46.31
N HIS I 62 -4.62 2.61 45.49
CA HIS I 62 -3.39 1.92 45.87
C HIS I 62 -2.60 2.76 46.86
N LEU I 63 -2.66 4.09 46.75
CA LEU I 63 -2.02 4.94 47.73
C LEU I 63 -2.76 4.92 49.06
N ALA I 64 -4.08 4.79 49.01
CA ALA I 64 -4.85 4.67 50.23
C ALA I 64 -4.59 3.32 50.91
N LEU I 65 -4.53 2.25 50.12
CA LEU I 65 -4.25 0.92 50.67
C LEU I 65 -2.84 0.84 51.23
N HIS I 66 -1.90 1.58 50.65
CA HIS I 66 -0.54 1.61 51.15
C HIS I 66 -0.39 2.56 52.33
N ARG I 67 -1.42 3.38 52.60
CA ARG I 67 -1.39 4.29 53.72
C ARG I 67 -1.86 3.62 55.01
N LEU I 68 -2.78 2.65 54.91
CA LEU I 68 -3.19 1.89 56.08
C LEU I 68 -2.05 1.00 56.59
N GLU I 69 -1.17 0.56 55.69
CA GLU I 69 -0.06 -0.29 56.11
C GLU I 69 1.02 0.53 56.81
N THR I 70 1.44 1.64 56.20
CA THR I 70 2.49 2.46 56.80
C THR I 70 2.00 3.27 57.99
N GLY I 71 0.75 3.75 57.94
CA GLY I 71 0.26 4.65 58.96
C GLY I 71 0.82 6.06 58.88
N LYS I 72 1.42 6.42 57.75
CA LYS I 72 2.06 7.72 57.58
C LYS I 72 1.46 8.46 56.39
N GLN I 73 1.87 9.71 56.25
CA GLN I 73 1.44 10.53 55.13
C GLN I 73 2.15 10.11 53.85
N SER I 74 1.38 10.00 52.78
CA SER I 74 1.91 9.44 51.54
C SER I 74 2.76 10.46 50.79
N ARG I 75 3.86 9.97 50.22
CA ARG I 75 4.78 10.79 49.44
C ARG I 75 4.19 11.10 48.08
N VAL I 76 4.68 12.17 47.45
CA VAL I 76 4.25 12.47 46.10
C VAL I 76 5.17 11.77 45.10
N LEU I 77 6.37 11.38 45.54
CA LEU I 77 7.26 10.62 44.69
C LEU I 77 6.80 9.18 44.53
N GLU I 78 6.07 8.63 45.50
CA GLU I 78 5.48 7.31 45.32
C GLU I 78 4.15 7.37 44.57
N ALA I 79 3.47 8.50 44.59
CA ALA I 79 2.34 8.73 43.69
C ALA I 79 2.81 8.82 42.24
N LEU I 80 4.00 9.37 42.01
CA LEU I 80 4.53 9.49 40.67
C LEU I 80 5.03 8.17 40.13
N THR I 81 5.63 7.34 40.99
CA THR I 81 6.19 6.07 40.53
C THR I 81 5.09 5.10 40.12
N LEU I 82 3.96 5.09 40.82
CA LEU I 82 2.86 4.23 40.43
C LEU I 82 2.20 4.69 39.13
N LEU I 83 2.27 5.99 38.82
CA LEU I 83 1.68 6.48 37.59
C LEU I 83 2.60 6.21 36.40
N LYS I 84 3.92 6.34 36.58
CA LYS I 84 4.83 6.21 35.46
C LYS I 84 5.08 4.76 35.07
N ARG I 85 4.84 3.82 35.99
CA ARG I 85 5.04 2.41 35.63
C ARG I 85 3.80 1.84 34.98
N HIS I 86 2.63 2.39 35.29
CA HIS I 86 1.42 2.01 34.57
C HIS I 86 1.45 2.53 33.14
N LEU I 87 1.81 3.81 32.97
CA LEU I 87 1.76 4.42 31.65
C LEU I 87 2.90 3.93 30.75
N TYR I 88 3.94 3.36 31.34
CA TYR I 88 5.01 2.80 30.53
C TYR I 88 4.66 1.41 30.02
N ARG I 89 4.03 0.58 30.85
CA ARG I 89 3.80 -0.81 30.48
C ARG I 89 2.64 -1.01 29.51
N TYR I 90 1.97 0.06 29.10
CA TYR I 90 1.01 0.00 28.00
C TYR I 90 1.51 0.74 26.77
N GLN I 91 2.70 1.36 26.86
CA GLN I 91 3.45 1.95 25.76
C GLN I 91 2.68 3.04 25.01
N GLY I 92 2.05 3.95 25.75
CA GLY I 92 1.34 5.04 25.13
C GLY I 92 -0.04 4.70 24.62
N HIS I 93 -0.55 3.49 24.88
CA HIS I 93 -1.92 3.17 24.52
C HIS I 93 -2.90 3.78 25.50
N VAL I 94 -2.51 3.92 26.77
CA VAL I 94 -3.32 4.64 27.74
C VAL I 94 -3.04 6.12 27.52
N SER I 95 -3.85 6.76 26.69
CA SER I 95 -3.61 8.15 26.32
C SER I 95 -4.07 9.10 27.40
N ALA I 96 -3.21 9.31 28.40
CA ALA I 96 -3.50 10.21 29.51
C ALA I 96 -2.24 11.02 29.81
N ALA I 97 -2.32 12.33 29.65
CA ALA I 97 -1.27 13.24 30.08
C ALA I 97 -1.63 13.74 31.47
N LEU I 98 -0.68 13.71 32.39
CA LEU I 98 -0.96 13.97 33.79
C LEU I 98 -0.09 15.10 34.31
N VAL I 99 -0.66 15.89 35.22
CA VAL I 99 0.08 16.88 36.00
C VAL I 99 -0.16 16.57 37.46
N LEU I 100 0.91 16.26 38.18
CA LEU I 100 0.84 15.77 39.55
C LEU I 100 1.40 16.82 40.50
N GLY I 101 0.60 17.23 41.46
CA GLY I 101 1.06 18.20 42.45
C GLY I 101 0.78 17.75 43.86
N GLY I 102 1.70 18.01 44.78
CA GLY I 102 1.51 17.62 46.16
C GLY I 102 2.51 18.28 47.08
N VAL I 103 2.32 18.05 48.39
CA VAL I 103 3.20 18.56 49.42
C VAL I 103 3.56 17.41 50.36
N ASP I 104 4.85 17.26 50.64
CA ASP I 104 5.34 16.25 51.59
C ASP I 104 6.14 16.92 52.69
N VAL I 105 6.85 16.11 53.49
CA VAL I 105 7.81 16.64 54.45
C VAL I 105 9.01 17.29 53.78
N GLU I 106 9.24 17.03 52.49
CA GLU I 106 10.36 17.59 51.75
C GLU I 106 9.99 18.82 50.94
N GLY I 107 8.76 19.32 51.07
CA GLY I 107 8.36 20.50 50.35
C GLY I 107 7.40 20.21 49.22
N PRO I 108 7.05 21.23 48.44
CA PRO I 108 6.13 21.01 47.31
C PRO I 108 6.77 20.22 46.19
N PHE I 109 5.97 19.34 45.58
CA PHE I 109 6.40 18.47 44.51
C PHE I 109 5.44 18.68 43.35
N LEU I 110 5.88 19.34 42.30
CA LEU I 110 5.12 19.44 41.07
C LEU I 110 5.88 18.75 39.96
N ALA I 111 5.24 17.79 39.31
CA ALA I 111 5.84 17.10 38.18
C ALA I 111 4.75 16.59 37.26
N THR I 112 5.12 16.40 36.01
CA THR I 112 4.20 15.92 34.98
C THR I 112 4.62 14.54 34.50
N ILE I 113 3.66 13.79 33.99
CA ILE I 113 3.91 12.47 33.41
C ILE I 113 3.35 12.47 32.00
N ALA I 114 4.21 12.16 31.03
CA ALA I 114 3.81 12.06 29.65
C ALA I 114 3.00 10.77 29.44
N PRO I 115 2.21 10.69 28.36
CA PRO I 115 1.49 9.42 28.09
C PRO I 115 2.40 8.26 27.69
N HIS I 116 3.67 8.49 27.38
CA HIS I 116 4.58 7.38 27.14
C HIS I 116 5.30 6.92 28.41
N GLY I 117 5.26 7.70 29.48
CA GLY I 117 5.80 7.29 30.75
C GLY I 117 6.97 8.11 31.25
N SER I 118 7.31 9.24 30.63
CA SER I 118 8.43 10.03 31.09
C SER I 118 7.97 11.10 32.07
N THR I 119 8.84 11.42 33.02
CA THR I 119 8.52 12.34 34.10
C THR I 119 9.48 13.52 34.09
N ASP I 120 8.95 14.70 34.41
CA ASP I 120 9.70 15.94 34.45
C ASP I 120 9.28 16.74 35.68
N ARG I 121 10.24 16.99 36.59
CA ARG I 121 9.99 17.73 37.82
C ARG I 121 10.41 19.17 37.62
N LEU I 122 9.44 20.07 37.50
CA LEU I 122 9.68 21.46 37.15
C LEU I 122 8.95 22.38 38.10
N PRO I 123 9.34 23.67 38.17
CA PRO I 123 8.54 24.62 38.94
C PRO I 123 7.16 24.87 38.36
N PHE I 124 7.02 24.86 37.04
CA PHE I 124 5.72 25.06 36.41
C PHE I 124 5.62 24.19 35.18
N VAL I 125 4.50 23.47 35.03
CA VAL I 125 4.27 22.56 33.93
C VAL I 125 2.90 22.83 33.34
N THR I 126 2.76 22.54 32.04
CA THR I 126 1.48 22.58 31.33
C THR I 126 1.34 21.30 30.52
N MET I 127 0.13 20.76 30.48
CA MET I 127 -0.18 19.62 29.63
C MET I 127 -1.52 19.85 28.96
N GLY I 128 -1.81 18.98 27.99
CA GLY I 128 -3.05 19.05 27.24
C GLY I 128 -2.82 19.67 25.88
N SER I 129 -3.93 19.98 25.21
CA SER I 129 -3.86 20.55 23.88
C SER I 129 -3.54 22.05 23.89
N GLY I 130 -4.02 22.79 24.89
CA GLY I 130 -3.71 24.19 25.00
C GLY I 130 -2.52 24.45 25.91
N SER I 131 -1.63 23.47 26.02
CA SER I 131 -0.43 23.59 26.83
C SER I 131 0.58 24.57 26.26
N ILE I 132 0.61 24.72 24.95
CA ILE I 132 1.54 25.65 24.33
C ILE I 132 1.12 27.09 24.57
N ALA I 133 -0.17 27.39 24.46
CA ALA I 133 -0.68 28.74 24.71
C ALA I 133 -0.66 29.10 26.19
N ALA I 134 -0.71 28.10 27.08
CA ALA I 134 -0.68 28.38 28.51
C ALA I 134 0.74 28.51 29.03
N MET I 135 1.70 27.91 28.33
CA MET I 135 3.09 28.01 28.77
C MET I 135 3.65 29.40 28.51
N ALA I 136 3.17 30.07 27.46
CA ALA I 136 3.69 31.38 27.11
C ALA I 136 3.25 32.44 28.12
N GLN I 137 2.14 32.20 28.80
CA GLN I 137 1.78 33.07 29.92
C GLN I 137 2.65 32.78 31.14
N LEU I 138 3.03 31.53 31.34
CA LEU I 138 3.85 31.18 32.49
C LEU I 138 5.30 31.58 32.27
N GLU I 139 5.78 31.53 31.03
CA GLU I 139 7.16 31.92 30.76
C GLU I 139 7.36 33.42 30.84
N ALA I 140 6.26 34.18 30.77
CA ALA I 140 6.36 35.64 30.81
C ALA I 140 6.10 36.24 32.19
N ALA I 141 5.57 35.48 33.13
CA ALA I 141 5.18 36.06 34.41
C ALA I 141 5.48 35.22 35.63
N TYR I 142 6.23 34.13 35.52
CA TYR I 142 6.58 33.35 36.71
C TYR I 142 7.80 33.94 37.38
N LYS I 143 7.80 33.90 38.71
CA LYS I 143 8.96 34.27 39.51
C LYS I 143 8.98 33.43 40.77
N ASP I 144 10.16 33.33 41.37
CA ASP I 144 10.33 32.49 42.55
C ASP I 144 9.64 33.11 43.76
N ASN I 145 9.06 32.24 44.58
CA ASN I 145 8.47 32.56 45.89
C ASN I 145 7.33 33.57 45.77
N MET I 146 6.33 33.20 44.96
CA MET I 146 5.13 34.02 44.87
C MET I 146 4.19 33.69 46.01
N THR I 147 3.33 34.66 46.32
CA THR I 147 2.30 34.47 47.33
C THR I 147 1.19 33.56 46.80
N CYS I 148 0.27 33.20 47.70
CA CYS I 148 -0.84 32.34 47.33
C CYS I 148 -1.80 33.04 46.38
N GLU I 149 -1.91 34.37 46.48
CA GLU I 149 -2.82 35.11 45.63
C GLU I 149 -2.21 35.40 44.26
N GLU I 150 -0.89 35.63 44.22
CA GLU I 150 -0.25 35.91 42.94
C GLU I 150 -0.09 34.65 42.11
N ALA I 151 0.00 33.48 42.76
CA ALA I 151 0.09 32.23 42.02
C ALA I 151 -1.28 31.75 41.57
N LYS I 152 -2.32 32.02 42.36
CA LYS I 152 -3.67 31.63 41.99
C LYS I 152 -4.17 32.46 40.82
N GLU I 153 -3.67 33.70 40.68
CA GLU I 153 -4.06 34.53 39.56
C GLU I 153 -3.19 34.28 38.33
N LEU I 154 -1.94 33.86 38.53
CA LEU I 154 -1.09 33.45 37.40
C LEU I 154 -1.59 32.16 36.77
N VAL I 155 -2.03 31.21 37.60
CA VAL I 155 -2.63 29.97 37.11
C VAL I 155 -3.90 30.26 36.32
N ALA I 156 -4.78 31.08 36.90
CA ALA I 156 -6.07 31.36 36.25
C ALA I 156 -5.93 32.19 34.99
N SER I 157 -4.88 33.01 34.90
CA SER I 157 -4.66 33.77 33.67
C SER I 157 -3.95 32.93 32.62
N ALA I 158 -3.45 31.76 33.00
CA ALA I 158 -2.87 30.84 32.03
C ALA I 158 -3.91 29.88 31.46
N ILE I 159 -4.97 29.58 32.21
CA ILE I 159 -6.05 28.76 31.69
C ILE I 159 -6.80 29.51 30.59
N ARG I 160 -6.97 30.82 30.76
CA ARG I 160 -7.73 31.59 29.79
C ARG I 160 -6.97 31.81 28.49
N LYS I 161 -5.67 31.53 28.47
CA LYS I 161 -4.95 31.48 27.21
C LYS I 161 -5.25 30.20 26.44
N GLY I 162 -5.79 29.20 27.12
CA GLY I 162 -6.26 28.00 26.45
C GLY I 162 -7.76 28.04 26.24
N ILE I 163 -8.46 28.84 27.03
CA ILE I 163 -9.90 28.99 26.83
C ILE I 163 -10.18 29.78 25.56
N PHE I 164 -9.56 30.95 25.42
CA PHE I 164 -9.90 31.85 24.34
C PHE I 164 -9.10 31.60 23.07
N ASN I 165 -8.23 30.61 23.04
CA ASN I 165 -7.38 30.38 21.88
C ASN I 165 -7.37 28.94 21.38
N ASP I 166 -7.52 27.96 22.26
CA ASP I 166 -7.63 26.56 21.90
C ASP I 166 -9.11 26.19 21.80
N PRO I 167 -9.57 25.67 20.66
CA PRO I 167 -10.97 25.25 20.55
C PRO I 167 -11.33 24.02 21.38
N TYR I 168 -10.36 23.22 21.81
CA TYR I 168 -10.64 22.04 22.61
C TYR I 168 -10.71 22.33 24.11
N SER I 169 -10.82 23.60 24.52
CA SER I 169 -10.77 23.98 25.91
C SER I 169 -11.66 25.17 26.19
N GLY I 170 -12.28 25.19 27.37
CA GLY I 170 -12.96 26.41 27.76
C GLY I 170 -13.98 26.25 28.85
N THR I 171 -14.82 27.28 28.94
CA THR I 171 -16.06 27.52 29.70
C THR I 171 -15.91 27.82 31.19
N GLN I 172 -14.76 27.52 31.81
CA GLN I 172 -14.46 27.75 33.23
C GLN I 172 -12.97 27.59 33.51
N VAL I 173 -12.58 28.01 34.71
CA VAL I 173 -11.24 27.78 35.24
C VAL I 173 -11.39 27.06 36.57
N ASP I 174 -10.83 25.85 36.65
CA ASP I 174 -10.78 25.10 37.90
C ASP I 174 -9.42 25.32 38.55
N VAL I 175 -9.41 25.69 39.81
CA VAL I 175 -8.16 25.99 40.54
C VAL I 175 -8.17 25.19 41.83
N CYS I 176 -7.10 24.42 42.06
CA CYS I 176 -6.93 23.68 43.30
C CYS I 176 -5.62 24.06 43.97
N VAL I 177 -5.70 24.62 45.16
CA VAL I 177 -4.53 25.03 45.93
C VAL I 177 -4.18 23.90 46.88
N ILE I 178 -2.91 23.49 46.88
CA ILE I 178 -2.41 22.46 47.77
C ILE I 178 -1.40 23.10 48.71
N THR I 179 -1.71 23.08 50.00
CA THR I 179 -0.79 23.60 51.00
C THR I 179 -0.24 22.43 51.82
N LYS I 180 0.56 22.73 52.83
CA LYS I 180 1.01 21.69 53.74
C LYS I 180 -0.11 21.25 54.66
N ASP I 181 -0.88 22.20 55.17
CA ASP I 181 -1.95 21.93 56.12
C ASP I 181 -3.24 21.52 55.40
N LYS I 182 -3.80 22.42 54.60
CA LYS I 182 -5.09 22.18 53.98
C LYS I 182 -4.97 22.00 52.47
N THR I 183 -6.14 21.93 51.82
CA THR I 183 -6.23 21.92 50.36
C THR I 183 -7.58 22.54 49.97
N GLU I 184 -7.52 23.58 49.15
CA GLU I 184 -8.70 24.36 48.78
C GLU I 184 -8.98 24.16 47.29
N LEU I 185 -10.20 23.73 46.97
CA LEU I 185 -10.61 23.47 45.60
C LEU I 185 -11.76 24.39 45.24
N THR I 186 -11.50 25.34 44.34
CA THR I 186 -12.55 26.20 43.81
C THR I 186 -12.84 25.84 42.35
N ILE I 187 -14.12 25.88 41.98
CA ILE I 187 -14.51 25.51 40.62
C ILE I 187 -14.93 26.74 39.83
N GLY I 188 -15.63 27.67 40.49
CA GLY I 188 -16.09 28.87 39.84
C GLY I 188 -15.20 30.06 40.11
N TYR I 189 -13.87 29.85 40.07
CA TYR I 189 -12.94 30.93 40.38
C TYR I 189 -12.95 32.00 39.31
N ASP I 190 -12.94 31.59 38.04
CA ASP I 190 -12.95 32.53 36.93
C ASP I 190 -13.83 31.96 35.84
N LYS I 191 -14.97 32.61 35.60
CA LYS I 191 -15.91 32.26 34.55
C LYS I 191 -15.96 33.45 33.58
N PRO I 192 -15.00 33.55 32.65
CA PRO I 192 -14.94 34.73 31.79
C PRO I 192 -16.03 34.73 30.72
N ASN I 193 -16.40 33.54 30.24
CA ASN I 193 -17.48 33.40 29.28
C ASN I 193 -18.78 33.17 30.05
N GLU I 194 -19.56 34.23 30.23
CA GLU I 194 -20.86 34.13 30.85
C GLU I 194 -21.91 33.71 29.81
N ARG I 195 -23.18 33.78 30.18
CA ARG I 195 -24.26 33.48 29.24
C ARG I 195 -24.76 34.79 28.65
N MET I 196 -24.27 35.13 27.47
CA MET I 196 -24.80 36.25 26.72
C MET I 196 -26.09 35.84 26.03
N TYR I 197 -27.08 36.75 26.04
CA TYR I 197 -28.41 36.59 25.44
C TYR I 197 -29.11 35.32 25.95
N PRO I 198 -29.70 35.36 27.15
CA PRO I 198 -30.39 34.17 27.67
C PRO I 198 -31.56 33.74 26.79
N ARG I 199 -31.93 32.46 26.94
CA ARG I 199 -32.73 31.73 25.97
C ARG I 199 -34.17 32.25 25.86
N GLN I 200 -34.70 32.25 24.64
CA GLN I 200 -36.07 32.66 24.35
C GLN I 200 -37.10 31.76 25.00
N GLU I 201 -36.78 30.48 25.21
CA GLU I 201 -37.61 29.48 25.88
C GLU I 201 -38.96 29.30 25.16
N VAL I 202 -38.85 28.71 23.96
CA VAL I 202 -40.02 28.37 23.16
C VAL I 202 -40.92 27.43 23.93
N LEU I 203 -42.14 27.88 24.22
CA LEU I 203 -43.08 27.17 25.07
C LEU I 203 -43.92 26.22 24.23
N LEU I 204 -44.00 24.97 24.66
CA LEU I 204 -44.88 23.99 24.05
C LEU I 204 -45.85 23.48 25.12
N PRO I 205 -47.15 23.52 24.90
CA PRO I 205 -48.11 23.11 25.94
C PRO I 205 -48.11 21.61 26.12
N PRO I 206 -48.41 21.13 27.34
CA PRO I 206 -48.41 19.68 27.58
C PRO I 206 -49.56 18.95 26.89
N GLY I 207 -49.25 18.18 25.86
CA GLY I 207 -50.25 17.40 25.15
C GLY I 207 -50.27 17.64 23.66
N THR I 208 -49.38 18.50 23.16
CA THR I 208 -49.39 18.84 21.75
C THR I 208 -48.65 17.84 20.88
N THR I 209 -47.94 16.89 21.47
CA THR I 209 -47.28 15.83 20.71
C THR I 209 -48.24 14.65 20.61
N PRO I 210 -48.51 14.12 19.42
CA PRO I 210 -49.46 13.01 19.31
C PRO I 210 -48.90 11.71 19.86
N VAL I 211 -49.68 11.07 20.74
CA VAL I 211 -49.30 9.87 21.45
C VAL I 211 -50.28 8.75 21.08
N LEU I 212 -49.75 7.57 20.76
CA LEU I 212 -50.59 6.46 20.33
C LEU I 212 -50.99 5.55 21.49
N LYS I 213 -50.05 5.17 22.35
CA LYS I 213 -50.40 4.45 23.57
C LYS I 213 -49.65 5.05 24.74
N GLU I 214 -50.24 4.92 25.93
CA GLU I 214 -49.59 5.31 27.17
C GLU I 214 -49.98 4.34 28.28
N GLU I 215 -49.02 4.01 29.13
CA GLU I 215 -49.20 3.04 30.20
C GLU I 215 -48.61 3.61 31.48
N ILE I 216 -49.45 3.81 32.49
CA ILE I 216 -49.05 4.44 33.75
C ILE I 216 -48.89 3.36 34.81
N ARG I 217 -47.73 3.35 35.47
CA ARG I 217 -47.41 2.35 36.48
C ARG I 217 -47.15 3.07 37.81
N GLN I 218 -48.09 2.97 38.74
CA GLN I 218 -47.93 3.57 40.05
C GLN I 218 -46.87 2.82 40.86
N LEU I 219 -46.26 3.51 41.81
CA LEU I 219 -45.22 2.91 42.63
C LEU I 219 -45.63 2.87 44.10
N SER J 2 -19.46 2.34 9.03
CA SER J 2 -18.80 2.00 10.29
C SER J 2 -19.60 0.97 11.08
N ILE J 3 -18.93 0.32 12.04
CA ILE J 3 -19.58 -0.70 12.86
C ILE J 3 -20.56 -0.10 13.86
N MET J 4 -20.29 1.10 14.37
CA MET J 4 -21.17 1.77 15.31
C MET J 4 -22.50 2.19 14.71
N ALA J 5 -22.53 2.62 13.45
CA ALA J 5 -23.77 2.98 12.79
C ALA J 5 -24.29 1.87 11.88
N TYR J 6 -24.02 0.61 12.24
CA TYR J 6 -24.49 -0.50 11.42
C TYR J 6 -25.96 -0.78 11.65
N SER J 7 -26.40 -0.74 12.91
CA SER J 7 -27.76 -1.12 13.26
C SER J 7 -28.73 0.04 13.31
N GLY J 8 -28.24 1.27 13.51
CA GLY J 8 -29.11 2.42 13.63
C GLY J 8 -29.76 2.54 14.98
N GLY J 9 -30.29 3.73 15.30
CA GLY J 9 -30.97 3.92 16.56
C GLY J 9 -30.36 4.98 17.43
N SER J 10 -31.19 5.87 17.98
CA SER J 10 -30.73 6.98 18.79
C SER J 10 -31.48 6.99 20.11
N VAL J 11 -30.72 7.11 21.21
CA VAL J 11 -31.26 7.14 22.55
C VAL J 11 -30.80 8.42 23.23
N MET J 12 -31.75 9.17 23.80
CA MET J 12 -31.40 10.34 24.57
C MET J 12 -32.18 10.38 25.87
N ALA J 13 -31.82 11.34 26.72
CA ALA J 13 -32.43 11.53 28.03
C ALA J 13 -32.25 12.97 28.45
N MET J 14 -33.27 13.54 29.10
CA MET J 14 -33.20 14.89 29.64
C MET J 14 -33.47 14.84 31.13
N ALA J 15 -32.99 15.86 31.83
CA ALA J 15 -33.18 15.97 33.28
C ALA J 15 -34.13 17.13 33.58
N GLY J 16 -35.06 16.88 34.50
CA GLY J 16 -36.01 17.90 34.90
C GLY J 16 -35.85 18.30 36.35
N LYS J 17 -36.95 18.75 36.97
CA LYS J 17 -36.90 19.19 38.35
C LYS J 17 -36.84 18.01 39.29
N GLU J 18 -37.89 17.19 39.30
CA GLU J 18 -37.94 15.98 40.12
C GLU J 18 -38.24 14.76 39.26
N CYS J 19 -37.75 14.78 38.02
CA CYS J 19 -38.09 13.77 37.04
C CYS J 19 -36.99 13.74 35.99
N PHE J 20 -37.02 12.70 35.17
CA PHE J 20 -36.23 12.68 33.96
C PHE J 20 -36.98 11.89 32.90
N VAL J 21 -36.60 12.08 31.65
CA VAL J 21 -37.20 11.37 30.53
C VAL J 21 -36.11 10.52 29.89
N ILE J 22 -36.51 9.53 29.11
CA ILE J 22 -35.62 8.77 28.25
C ILE J 22 -36.45 8.29 27.06
N ILE J 23 -35.85 8.30 25.87
CA ILE J 23 -36.59 8.08 24.64
C ILE J 23 -35.66 7.51 23.58
N SER J 24 -36.10 6.42 22.95
CA SER J 24 -35.38 5.80 21.84
C SER J 24 -36.29 5.78 20.62
N ASP J 25 -35.72 5.40 19.49
CA ASP J 25 -36.49 5.22 18.27
C ASP J 25 -36.96 3.77 18.16
N ASN J 26 -37.44 3.37 16.98
CA ASN J 26 -37.98 2.03 16.81
C ASN J 26 -37.36 1.27 15.65
N ARG J 27 -36.25 1.75 15.08
CA ARG J 27 -35.70 1.16 13.87
C ARG J 27 -34.55 0.21 14.19
N LEU J 28 -34.52 -0.92 13.49
CA LEU J 28 -33.36 -1.81 13.44
C LEU J 28 -33.04 -2.03 11.97
N GLY J 29 -31.76 -2.08 11.63
CA GLY J 29 -31.41 -2.14 10.23
C GLY J 29 -30.04 -2.73 9.95
N GLU J 30 -29.76 -2.87 8.65
CA GLU J 30 -28.43 -3.25 8.18
C GLU J 30 -28.03 -2.24 7.11
N GLN J 31 -27.57 -1.08 7.58
CA GLN J 31 -26.91 0.03 6.90
C GLN J 31 -27.77 0.82 5.92
N LEU J 32 -28.81 0.23 5.33
CA LEU J 32 -29.82 0.97 4.60
C LEU J 32 -31.22 0.38 4.74
N LYS J 33 -31.33 -0.91 5.01
CA LYS J 33 -32.60 -1.59 4.91
C LYS J 33 -33.18 -1.85 6.30
N THR J 34 -34.48 -1.66 6.43
CA THR J 34 -35.16 -1.84 7.71
C THR J 34 -35.38 -3.32 7.96
N ILE J 35 -34.90 -3.82 9.10
CA ILE J 35 -35.17 -5.18 9.53
C ILE J 35 -36.43 -5.25 10.38
N SER J 36 -36.60 -4.29 11.29
CA SER J 36 -37.77 -4.24 12.14
C SER J 36 -38.17 -2.79 12.37
N THR J 37 -39.43 -2.59 12.70
CA THR J 37 -40.00 -1.26 12.84
C THR J 37 -40.58 -1.05 14.24
N GLU J 38 -40.60 -2.08 15.07
CA GLU J 38 -41.19 -2.06 16.40
C GLU J 38 -40.21 -2.56 17.44
N VAL J 39 -38.99 -2.04 17.42
CA VAL J 39 -37.97 -2.48 18.38
C VAL J 39 -37.40 -1.30 19.17
N PRO J 40 -37.70 -1.23 20.48
CA PRO J 40 -37.09 -0.18 21.31
C PRO J 40 -35.65 -0.53 21.68
N LYS J 41 -34.99 0.45 22.31
CA LYS J 41 -33.62 0.29 22.75
C LYS J 41 -33.49 0.47 24.27
N LEU J 42 -34.61 0.60 24.96
CA LEU J 42 -34.61 0.90 26.39
C LEU J 42 -34.63 -0.37 27.22
N HIS J 43 -34.11 -0.26 28.44
CA HIS J 43 -34.09 -1.36 29.39
C HIS J 43 -34.38 -0.81 30.78
N VAL J 44 -35.20 -1.52 31.54
CA VAL J 44 -35.58 -1.11 32.89
C VAL J 44 -35.12 -2.18 33.88
N VAL J 45 -34.33 -1.78 34.87
CA VAL J 45 -33.83 -2.74 35.85
C VAL J 45 -34.56 -2.64 37.18
N ASN J 46 -35.03 -1.45 37.55
CA ASN J 46 -35.84 -1.26 38.75
C ASN J 46 -36.71 -0.02 38.54
N ASP J 47 -37.36 0.45 39.61
CA ASP J 47 -38.27 1.58 39.53
C ASP J 47 -37.56 2.93 39.61
N SER J 48 -36.23 2.94 39.52
CA SER J 48 -35.46 4.17 39.52
C SER J 48 -34.49 4.31 38.36
N ILE J 49 -33.94 3.21 37.83
CA ILE J 49 -32.93 3.25 36.80
C ILE J 49 -33.51 2.69 35.50
N VAL J 50 -33.41 3.47 34.44
CA VAL J 50 -33.73 3.02 33.09
C VAL J 50 -32.60 3.45 32.16
N TYR J 51 -32.03 2.51 31.43
CA TYR J 51 -30.91 2.78 30.55
C TYR J 51 -31.22 2.32 29.13
N GLY J 52 -30.54 2.94 28.17
CA GLY J 52 -30.74 2.64 26.77
C GLY J 52 -29.42 2.40 26.07
N LEU J 53 -29.39 1.39 25.21
CA LEU J 53 -28.19 1.02 24.46
C LEU J 53 -28.35 1.36 23.00
N THR J 54 -27.27 1.85 22.39
CA THR J 54 -27.22 2.07 20.96
C THR J 54 -25.91 1.47 20.44
N GLY J 55 -25.78 1.41 19.12
CA GLY J 55 -24.60 0.84 18.52
C GLY J 55 -24.94 -0.43 17.77
N LEU J 56 -24.02 -1.38 17.81
CA LEU J 56 -24.21 -2.64 17.10
C LEU J 56 -25.17 -3.55 17.87
N ARG J 57 -26.20 -4.03 17.17
CA ARG J 57 -27.31 -4.75 17.81
C ARG J 57 -26.87 -6.09 18.40
N THR J 58 -25.84 -6.71 17.82
CA THR J 58 -25.25 -7.90 18.44
C THR J 58 -24.65 -7.58 19.80
N ASP J 59 -24.01 -6.41 19.91
CA ASP J 59 -23.49 -5.99 21.20
C ASP J 59 -24.57 -5.38 22.08
N GLN J 60 -25.66 -4.85 21.50
CA GLN J 60 -26.75 -4.31 22.31
C GLN J 60 -27.47 -5.40 23.09
N GLN J 61 -27.45 -6.64 22.61
CA GLN J 61 -28.13 -7.72 23.31
C GLN J 61 -27.16 -8.49 24.21
N THR J 62 -25.90 -8.62 23.79
CA THR J 62 -24.92 -9.37 24.58
C THR J 62 -24.52 -8.60 25.83
N PHE J 63 -24.26 -7.30 25.69
CA PHE J 63 -23.93 -6.46 26.84
C PHE J 63 -25.10 -6.35 27.80
N ALA J 64 -26.33 -6.29 27.29
CA ALA J 64 -27.50 -6.20 28.16
C ALA J 64 -27.81 -7.51 28.84
N ASN J 65 -27.27 -8.62 28.35
CA ASN J 65 -27.37 -9.87 29.09
C ASN J 65 -26.35 -9.92 30.22
N LYS J 66 -25.15 -9.36 30.00
CA LYS J 66 -24.15 -9.32 31.05
C LYS J 66 -24.51 -8.31 32.14
N VAL J 67 -25.23 -7.24 31.78
CA VAL J 67 -25.73 -6.31 32.78
C VAL J 67 -26.80 -6.96 33.64
N GLN J 68 -27.74 -7.68 33.03
CA GLN J 68 -28.79 -8.36 33.78
C GLN J 68 -28.23 -9.54 34.57
N PHE J 69 -27.14 -10.14 34.10
CA PHE J 69 -26.43 -11.14 34.89
C PHE J 69 -25.79 -10.51 36.13
N ARG J 70 -25.39 -9.25 36.03
CA ARG J 70 -24.64 -8.63 37.10
C ARG J 70 -25.56 -7.82 38.03
N THR J 71 -26.67 -7.32 37.49
CA THR J 71 -27.62 -6.58 38.33
C THR J 71 -28.40 -7.53 39.23
N GLU J 72 -28.76 -8.71 38.73
CA GLU J 72 -29.52 -9.66 39.55
C GLU J 72 -28.61 -10.39 40.52
N MET J 73 -27.32 -10.51 40.20
CA MET J 73 -26.37 -11.07 41.15
C MET J 73 -26.02 -10.07 42.24
N TYR J 74 -26.14 -8.77 41.92
CA TYR J 74 -25.95 -7.72 42.92
C TYR J 74 -27.09 -7.72 43.93
N LYS J 75 -28.29 -8.11 43.50
CA LYS J 75 -29.44 -8.12 44.39
C LYS J 75 -29.48 -9.39 45.25
N LEU J 76 -28.78 -10.44 44.85
CA LEU J 76 -28.71 -11.64 45.67
C LEU J 76 -27.64 -11.50 46.75
N ARG J 77 -26.46 -11.00 46.39
CA ARG J 77 -25.41 -10.74 47.36
C ARG J 77 -25.83 -9.63 48.32
N GLU J 78 -26.03 -8.42 47.81
CA GLU J 78 -26.49 -7.31 48.62
C GLU J 78 -28.01 -7.34 48.62
N GLU J 79 -28.60 -7.39 49.81
CA GLU J 79 -30.06 -7.47 49.90
C GLU J 79 -30.73 -6.13 49.65
N ARG J 80 -30.54 -5.56 48.46
CA ARG J 80 -31.07 -4.24 48.14
C ARG J 80 -31.06 -4.00 46.63
N ASP J 81 -31.87 -3.05 46.17
CA ASP J 81 -31.84 -2.62 44.79
C ASP J 81 -30.59 -1.78 44.52
N ILE J 82 -30.09 -1.87 43.30
CA ILE J 82 -28.90 -1.11 42.92
C ILE J 82 -29.28 0.36 42.75
N THR J 83 -28.36 1.25 43.14
CA THR J 83 -28.59 2.68 43.01
C THR J 83 -28.02 3.19 41.70
N GLY J 84 -28.31 4.46 41.40
CA GLY J 84 -27.94 5.01 40.11
C GLY J 84 -26.44 5.27 39.99
N LYS J 85 -25.82 5.76 41.07
CA LYS J 85 -24.39 6.02 41.03
C LYS J 85 -23.59 4.72 41.07
N ALA J 86 -24.16 3.67 41.67
CA ALA J 86 -23.49 2.38 41.72
C ALA J 86 -23.68 1.60 40.42
N PHE J 87 -24.82 1.78 39.75
CA PHE J 87 -25.04 1.09 38.49
C PHE J 87 -24.23 1.72 37.37
N ALA J 88 -24.13 3.05 37.36
CA ALA J 88 -23.39 3.73 36.30
C ALA J 88 -21.89 3.51 36.43
N ALA J 89 -21.40 3.38 37.67
CA ALA J 89 -19.99 3.10 37.88
C ALA J 89 -19.69 1.62 37.71
N MET J 90 -20.72 0.78 37.69
CA MET J 90 -20.52 -0.65 37.49
C MET J 90 -20.25 -0.96 36.02
N ILE J 91 -21.10 -0.49 35.12
CA ILE J 91 -20.91 -0.79 33.71
C ILE J 91 -19.98 0.21 33.04
N THR J 92 -19.51 1.22 33.77
CA THR J 92 -18.31 1.94 33.35
C THR J 92 -17.10 1.02 33.41
N SER J 93 -17.02 0.20 34.44
CA SER J 93 -15.90 -0.73 34.61
C SER J 93 -15.98 -1.89 33.63
N MET J 94 -17.17 -2.21 33.15
CA MET J 94 -17.32 -3.32 32.20
C MET J 94 -16.82 -2.92 30.82
N LEU J 95 -16.97 -1.65 30.45
CA LEU J 95 -16.50 -1.21 29.15
C LEU J 95 -15.01 -0.89 29.17
N TYR J 96 -14.39 -0.90 30.36
CA TYR J 96 -12.97 -0.62 30.43
C TYR J 96 -12.14 -1.89 30.52
N GLU J 97 -12.72 -2.98 31.04
CA GLU J 97 -12.02 -4.27 31.04
C GLU J 97 -11.78 -4.76 29.61
N ALA J 98 -12.80 -4.68 28.77
CA ALA J 98 -12.62 -4.87 27.33
C ALA J 98 -12.39 -3.50 26.69
N ARG J 99 -11.14 -3.04 26.81
CA ARG J 99 -10.71 -1.80 26.18
C ARG J 99 -10.02 -2.03 24.85
N PHE J 100 -9.37 -3.18 24.67
CA PHE J 100 -8.72 -3.52 23.41
C PHE J 100 -9.55 -4.46 22.55
N GLY J 101 -10.59 -5.06 23.11
CA GLY J 101 -11.55 -5.83 22.36
C GLY J 101 -12.96 -5.26 22.46
N PRO J 102 -13.11 -3.95 22.28
CA PRO J 102 -14.18 -3.22 22.97
C PRO J 102 -15.57 -3.52 22.44
N TRP J 103 -16.53 -3.42 23.34
CA TRP J 103 -17.93 -3.51 22.96
C TRP J 103 -18.33 -2.28 22.16
N PHE J 104 -19.26 -2.47 21.23
CA PHE J 104 -19.69 -1.38 20.35
C PHE J 104 -21.01 -0.79 20.81
N VAL J 105 -21.19 -0.68 22.12
CA VAL J 105 -22.37 -0.07 22.71
C VAL J 105 -22.01 1.32 23.20
N GLU J 106 -23.03 2.12 23.44
CA GLU J 106 -22.90 3.44 24.05
C GLU J 106 -24.06 3.61 25.01
N PRO J 107 -23.92 3.17 26.26
CA PRO J 107 -25.06 3.19 27.19
C PRO J 107 -25.40 4.59 27.67
N VAL J 108 -26.70 4.87 27.68
CA VAL J 108 -27.25 6.14 28.12
C VAL J 108 -28.06 5.85 29.37
N ILE J 109 -27.51 6.18 30.52
CA ILE J 109 -28.08 5.80 31.81
C ILE J 109 -28.86 6.98 32.37
N GLY J 110 -30.09 6.73 32.77
CA GLY J 110 -30.86 7.70 33.52
C GLY J 110 -31.33 7.06 34.81
N SER J 111 -31.22 7.81 35.89
CA SER J 111 -31.59 7.28 37.20
C SER J 111 -32.06 8.42 38.09
N ILE J 112 -32.65 8.04 39.22
CA ILE J 112 -33.21 9.01 40.16
C ILE J 112 -33.17 8.38 41.55
N ASP J 113 -33.04 9.22 42.58
CA ASP J 113 -33.15 8.75 43.94
C ASP J 113 -34.62 8.68 44.35
N LYS J 114 -35.01 7.54 44.93
CA LYS J 114 -36.41 7.34 45.30
C LYS J 114 -36.78 8.18 46.51
N SER J 115 -35.87 8.33 47.46
CA SER J 115 -36.13 9.07 48.70
C SER J 115 -35.70 10.52 48.62
N THR J 116 -34.61 10.82 47.90
CA THR J 116 -34.11 12.19 47.84
C THR J 116 -34.74 12.97 46.69
N GLY J 117 -34.75 12.40 45.50
CA GLY J 117 -35.28 13.06 44.33
C GLY J 117 -34.27 13.70 43.42
N GLU J 118 -33.02 13.27 43.46
CA GLU J 118 -32.00 13.81 42.58
C GLU J 118 -31.80 12.90 41.37
N VAL J 119 -31.80 13.51 40.19
CA VAL J 119 -31.62 12.79 38.94
C VAL J 119 -30.13 12.67 38.67
N TYR J 120 -29.75 11.60 37.98
CA TYR J 120 -28.35 11.33 37.65
C TYR J 120 -28.28 10.78 36.24
N LEU J 121 -27.70 11.56 35.35
CA LEU J 121 -27.50 11.15 33.96
C LEU J 121 -26.05 10.78 33.74
N CYS J 122 -25.83 9.83 32.83
CA CYS J 122 -24.49 9.37 32.50
C CYS J 122 -24.51 8.76 31.11
N ALA J 123 -23.58 9.16 30.27
CA ALA J 123 -23.42 8.61 28.92
C ALA J 123 -21.95 8.33 28.69
N THR J 124 -21.57 7.06 28.76
CA THR J 124 -20.18 6.70 28.50
C THR J 124 -19.96 6.55 27.00
N ASP J 125 -18.70 6.44 26.62
CA ASP J 125 -18.34 6.16 25.24
C ASP J 125 -18.25 4.64 25.09
N LEU J 126 -17.79 4.14 23.94
CA LEU J 126 -17.64 2.70 23.77
C LEU J 126 -16.47 2.14 24.57
N ILE J 127 -15.55 2.98 25.02
CA ILE J 127 -14.41 2.56 25.82
C ILE J 127 -14.59 2.92 27.30
N GLY J 128 -15.77 3.41 27.68
CA GLY J 128 -16.11 3.55 29.07
C GLY J 128 -15.79 4.88 29.71
N ALA J 129 -15.77 5.96 28.94
CA ALA J 129 -15.43 7.30 29.45
C ALA J 129 -16.58 7.91 30.24
N PRO J 130 -16.46 8.04 31.56
CA PRO J 130 -17.58 8.55 32.35
C PRO J 130 -17.77 10.05 32.17
N CYS J 131 -19.03 10.45 32.12
CA CYS J 131 -19.39 11.84 31.85
C CYS J 131 -20.82 12.05 32.36
N GLU J 132 -20.96 12.91 33.38
CA GLU J 132 -22.28 13.19 33.95
C GLU J 132 -22.69 14.65 33.75
N PRO J 133 -23.42 14.98 32.68
CA PRO J 133 -24.00 16.32 32.57
C PRO J 133 -25.25 16.43 33.42
N GLU J 134 -25.57 17.65 33.86
CA GLU J 134 -26.76 17.91 34.64
C GLU J 134 -27.97 18.27 33.79
N ASP J 135 -27.81 18.35 32.47
CA ASP J 135 -28.86 18.84 31.60
C ASP J 135 -29.45 17.73 30.72
N TYR J 136 -28.63 17.05 29.92
CA TYR J 136 -29.13 16.02 29.02
C TYR J 136 -27.96 15.17 28.55
N VAL J 137 -28.28 13.97 28.08
CA VAL J 137 -27.33 13.08 27.42
C VAL J 137 -28.00 12.51 26.18
N CYS J 138 -27.19 12.08 25.21
CA CYS J 138 -27.71 11.55 23.95
C CYS J 138 -26.62 10.74 23.25
N ALA J 139 -26.99 9.59 22.70
CA ALA J 139 -26.11 8.81 21.86
C ALA J 139 -26.89 8.21 20.71
N GLY J 140 -26.17 7.72 19.71
CA GLY J 140 -26.75 7.07 18.56
C GLY J 140 -26.26 7.67 17.26
N THR J 141 -26.93 7.30 16.17
CA THR J 141 -26.52 7.75 14.85
C THR J 141 -26.93 9.20 14.61
N ALA J 142 -28.02 9.65 15.22
CA ALA J 142 -28.48 11.03 15.11
C ALA J 142 -28.05 11.87 16.30
N ALA J 143 -26.88 11.57 16.87
CA ALA J 143 -26.44 12.24 18.08
C ALA J 143 -25.98 13.66 17.79
N GLU J 144 -25.42 13.90 16.62
CA GLU J 144 -24.97 15.25 16.26
C GLU J 144 -26.16 16.16 16.01
N SER J 145 -27.30 15.58 15.61
CA SER J 145 -28.51 16.37 15.42
C SER J 145 -29.23 16.62 16.73
N LEU J 146 -28.94 15.82 17.76
CA LEU J 146 -29.65 15.96 19.03
C LEU J 146 -29.01 16.98 19.95
N HIS J 147 -27.71 17.27 19.77
CA HIS J 147 -27.08 18.30 20.59
C HIS J 147 -27.55 19.70 20.19
N GLY J 148 -28.05 19.85 18.97
CA GLY J 148 -28.67 21.12 18.60
C GLY J 148 -30.09 21.23 19.09
N MET J 149 -30.84 20.14 19.04
CA MET J 149 -32.23 20.16 19.46
C MET J 149 -32.38 20.26 20.97
N CYS J 150 -31.51 19.59 21.73
CA CYS J 150 -31.69 19.56 23.18
C CYS J 150 -31.18 20.84 23.82
N GLU J 151 -30.12 21.44 23.27
CA GLU J 151 -29.49 22.57 23.93
C GLU J 151 -30.26 23.87 23.67
N ALA J 152 -30.96 23.97 22.55
CA ALA J 152 -31.73 25.16 22.23
C ALA J 152 -33.12 25.17 22.86
N LEU J 153 -33.53 24.07 23.52
CA LEU J 153 -34.88 23.95 24.04
C LEU J 153 -34.94 23.65 25.52
N TRP J 154 -33.81 23.38 26.17
CA TRP J 154 -33.81 22.97 27.57
C TRP J 154 -33.85 24.18 28.51
N ARG J 155 -34.44 24.00 29.68
CA ARG J 155 -34.35 24.91 30.82
C ARG J 155 -34.35 24.07 32.08
N PRO J 156 -33.72 24.52 33.18
CA PRO J 156 -33.53 23.62 34.34
C PRO J 156 -34.78 23.27 35.14
N GLY J 157 -35.85 24.06 35.04
CA GLY J 157 -36.94 23.93 35.99
C GLY J 157 -38.21 23.30 35.49
N MET J 158 -38.13 22.20 34.75
CA MET J 158 -39.27 21.74 33.99
C MET J 158 -40.14 20.75 34.77
N SER J 159 -41.44 20.86 34.53
CA SER J 159 -42.45 19.92 35.01
C SER J 159 -42.33 18.64 34.21
N PRO J 160 -42.80 17.50 34.76
CA PRO J 160 -42.75 16.24 33.97
C PRO J 160 -43.63 16.25 32.72
N GLU J 161 -44.71 17.01 32.72
CA GLU J 161 -45.59 17.01 31.55
C GLU J 161 -45.01 17.86 30.43
N GLU J 162 -44.27 18.92 30.77
CA GLU J 162 -43.71 19.80 29.76
C GLU J 162 -42.29 19.45 29.39
N LEU J 163 -41.65 18.53 30.13
CA LEU J 163 -40.36 18.01 29.71
C LEU J 163 -40.52 16.94 28.65
N PHE J 164 -41.62 16.19 28.69
CA PHE J 164 -41.92 15.21 27.66
C PHE J 164 -42.15 15.88 26.30
N GLU J 165 -42.73 17.08 26.30
CA GLU J 165 -43.06 17.74 25.05
C GLU J 165 -41.81 18.26 24.35
N ILE J 166 -40.76 18.53 25.13
CA ILE J 166 -39.51 19.01 24.55
C ILE J 166 -38.68 17.86 24.02
N ALA J 167 -38.64 16.75 24.77
CA ALA J 167 -37.84 15.60 24.37
C ALA J 167 -38.45 14.89 23.16
N ALA J 168 -39.77 14.94 23.04
CA ALA J 168 -40.43 14.29 21.91
C ALA J 168 -40.24 15.08 20.63
N GLN J 169 -40.28 16.41 20.71
CA GLN J 169 -40.07 17.23 19.52
C GLN J 169 -38.59 17.30 19.16
N ALA J 170 -37.71 16.94 20.08
CA ALA J 170 -36.28 16.91 19.77
C ALA J 170 -35.87 15.61 19.10
N MET J 171 -36.47 14.49 19.52
CA MET J 171 -36.19 13.21 18.89
C MET J 171 -36.73 13.16 17.46
N LEU J 172 -37.96 13.62 17.25
CA LEU J 172 -38.59 13.49 15.94
C LEU J 172 -37.98 14.43 14.92
N SER J 173 -37.63 15.66 15.33
CA SER J 173 -37.06 16.61 14.38
C SER J 173 -35.63 16.24 14.00
N ALA J 174 -34.93 15.51 14.87
CA ALA J 174 -33.61 15.01 14.53
C ALA J 174 -33.67 13.72 13.71
N CYS J 175 -34.70 12.91 13.89
CA CYS J 175 -34.88 11.70 13.09
C CYS J 175 -35.50 11.97 11.72
N ASP J 176 -35.99 13.18 11.47
CA ASP J 176 -36.42 13.53 10.13
C ASP J 176 -35.26 13.99 9.26
N ARG J 177 -34.06 14.12 9.84
CA ARG J 177 -32.85 14.44 9.10
C ARG J 177 -31.86 13.28 9.05
N ASP J 178 -32.10 12.23 9.83
CA ASP J 178 -31.23 11.06 9.87
C ASP J 178 -31.92 9.90 9.16
N SER J 179 -31.20 9.27 8.23
CA SER J 179 -31.75 8.17 7.46
C SER J 179 -31.47 6.81 8.09
N LEU J 180 -30.92 6.76 9.29
CA LEU J 180 -30.73 5.52 10.02
C LEU J 180 -31.53 5.46 11.30
N SER J 181 -32.32 6.48 11.59
CA SER J 181 -33.20 6.51 12.75
C SER J 181 -34.55 7.08 12.35
N GLY J 182 -35.59 6.64 13.03
CA GLY J 182 -36.93 7.14 12.77
C GLY J 182 -37.96 6.10 13.15
N TYR J 183 -39.06 6.13 12.38
CA TYR J 183 -40.20 5.22 12.50
C TYR J 183 -40.84 5.29 13.89
N GLY J 184 -41.17 6.50 14.33
CA GLY J 184 -41.78 6.67 15.63
C GLY J 184 -40.74 6.63 16.75
N ALA J 185 -41.22 6.85 17.97
CA ALA J 185 -40.35 6.88 19.13
C ALA J 185 -41.11 6.38 20.34
N VAL J 186 -40.38 5.71 21.23
CA VAL J 186 -40.92 5.22 22.49
C VAL J 186 -40.22 5.95 23.64
N ALA J 187 -41.00 6.66 24.43
CA ALA J 187 -40.49 7.48 25.52
C ALA J 187 -40.92 6.90 26.86
N MET J 188 -40.28 7.39 27.92
CA MET J 188 -40.59 6.95 29.28
C MET J 188 -40.26 8.08 30.23
N ILE J 189 -41.29 8.78 30.71
CA ILE J 189 -41.14 9.78 31.75
C ILE J 189 -41.25 9.04 33.07
N VAL J 190 -40.53 9.50 34.09
CA VAL J 190 -40.41 8.82 35.37
C VAL J 190 -40.12 9.83 36.46
N THR J 191 -40.94 9.82 37.51
CA THR J 191 -40.84 10.70 38.66
C THR J 191 -40.56 9.86 39.90
N LYS J 192 -40.65 10.50 41.07
CA LYS J 192 -40.51 9.76 42.32
C LYS J 192 -41.73 8.86 42.58
N ASP J 193 -42.88 9.20 42.00
CA ASP J 193 -44.13 8.54 42.34
C ASP J 193 -44.61 7.52 41.30
N LYS J 194 -44.22 7.65 40.04
CA LYS J 194 -44.76 6.79 39.00
C LYS J 194 -43.80 6.72 37.83
N VAL J 195 -44.03 5.74 36.96
CA VAL J 195 -43.33 5.59 35.69
C VAL J 195 -44.39 5.50 34.60
N THR J 196 -44.31 6.40 33.61
CA THR J 196 -45.27 6.44 32.52
C THR J 196 -44.55 6.25 31.20
N THR J 197 -44.99 5.27 30.42
CA THR J 197 -44.36 4.88 29.17
C THR J 197 -45.26 5.25 27.99
N ARG J 198 -44.75 6.12 27.11
CA ARG J 198 -45.57 6.65 26.03
C ARG J 198 -44.96 6.29 24.69
N LEU J 199 -45.81 5.88 23.75
CA LEU J 199 -45.38 5.66 22.38
C LEU J 199 -45.85 6.82 21.52
N ILE J 200 -44.96 7.33 20.68
CA ILE J 200 -45.12 8.61 20.01
C ILE J 200 -45.29 8.37 18.52
N LYS J 201 -46.23 9.09 17.90
CA LYS J 201 -46.38 9.10 16.44
C LYS J 201 -45.13 9.63 15.77
N GLY J 202 -44.74 9.00 14.67
CA GLY J 202 -43.62 9.47 13.89
C GLY J 202 -43.80 9.23 12.40
N ARG J 203 -42.86 9.70 11.59
CA ARG J 203 -42.91 9.43 10.16
C ARG J 203 -42.53 7.99 9.88
N LYS J 204 -43.28 7.35 9.01
CA LYS J 204 -43.02 5.97 8.62
C LYS J 204 -42.10 5.89 7.41
N ASP J 205 -41.18 6.83 7.28
CA ASP J 205 -40.28 6.94 6.15
C ASP J 205 -38.93 6.33 6.47
N MET K 1 -26.14 -15.86 0.41
CA MET K 1 -26.85 -14.72 -0.14
C MET K 1 -27.38 -15.02 -1.54
N ALA K 2 -26.71 -15.95 -2.22
CA ALA K 2 -27.19 -16.40 -3.53
C ALA K 2 -28.48 -17.20 -3.39
N GLU K 3 -28.65 -17.88 -2.26
CA GLU K 3 -29.85 -18.65 -1.97
C GLU K 3 -30.70 -17.91 -0.94
N THR K 4 -32.01 -17.90 -1.17
CA THR K 4 -32.94 -17.15 -0.34
C THR K 4 -33.62 -18.08 0.65
N ALA K 5 -33.99 -17.51 1.80
CA ALA K 5 -34.88 -18.15 2.75
C ALA K 5 -36.06 -17.24 3.00
N ILE K 6 -37.27 -17.77 2.90
CA ILE K 6 -38.49 -17.00 3.09
C ILE K 6 -39.31 -17.67 4.17
N ALA K 7 -39.69 -16.90 5.19
CA ALA K 7 -40.50 -17.45 6.26
C ALA K 7 -41.49 -16.39 6.74
N PHE K 8 -42.73 -16.81 6.95
CA PHE K 8 -43.73 -15.93 7.55
C PHE K 8 -44.60 -16.76 8.47
N ARG K 9 -45.01 -16.16 9.58
CA ARG K 9 -45.86 -16.82 10.56
C ARG K 9 -47.29 -16.29 10.46
N CYS K 10 -48.24 -17.16 10.77
CA CYS K 10 -49.65 -16.80 10.76
C CYS K 10 -50.30 -17.28 12.05
N LYS K 11 -51.65 -17.31 12.06
CA LYS K 11 -52.39 -17.56 13.29
C LYS K 11 -52.13 -18.96 13.85
N ASP K 12 -51.97 -19.96 13.00
CA ASP K 12 -51.79 -21.32 13.49
C ASP K 12 -50.76 -22.11 12.68
N TYR K 13 -49.85 -21.43 11.99
CA TYR K 13 -48.78 -22.11 11.26
C TYR K 13 -47.65 -21.13 11.00
N VAL K 14 -46.47 -21.69 10.71
CA VAL K 14 -45.32 -20.93 10.22
C VAL K 14 -44.83 -21.61 8.94
N MET K 15 -44.88 -20.87 7.83
CA MET K 15 -44.31 -21.32 6.57
C MET K 15 -42.82 -21.02 6.57
N VAL K 16 -42.03 -21.92 5.99
CA VAL K 16 -40.64 -21.67 5.65
C VAL K 16 -40.39 -22.18 4.23
N ALA K 17 -39.39 -21.60 3.57
CA ALA K 17 -38.99 -22.03 2.24
C ALA K 17 -37.54 -21.64 2.02
N ALA K 18 -36.74 -22.58 1.54
CA ALA K 18 -35.32 -22.34 1.32
C ALA K 18 -34.89 -23.04 0.06
N ALA K 19 -34.35 -22.27 -0.89
CA ALA K 19 -33.92 -22.80 -2.17
C ALA K 19 -32.76 -23.78 -1.99
N GLY K 20 -32.88 -24.94 -2.63
CA GLY K 20 -31.94 -26.01 -2.46
C GLY K 20 -30.74 -25.97 -3.39
N LEU K 21 -30.35 -24.77 -3.79
CA LEU K 21 -29.21 -24.60 -4.67
C LEU K 21 -27.90 -24.69 -3.90
N ASN K 22 -26.96 -25.45 -4.45
CA ASN K 22 -25.58 -25.49 -3.95
C ASN K 22 -24.68 -25.32 -5.17
N ALA K 23 -23.72 -24.40 -5.08
CA ALA K 23 -22.94 -24.02 -6.24
C ALA K 23 -21.46 -23.99 -5.91
N PHE K 24 -20.63 -24.01 -6.95
CA PHE K 24 -19.19 -23.81 -6.83
C PHE K 24 -18.83 -22.67 -7.77
N TYR K 25 -19.06 -21.45 -7.30
CA TYR K 25 -18.67 -20.14 -7.84
C TYR K 25 -19.37 -19.74 -9.14
N TYR K 26 -19.76 -20.70 -9.99
CA TYR K 26 -20.84 -20.54 -10.96
C TYR K 26 -21.46 -21.87 -11.37
N ILE K 27 -21.02 -22.99 -10.80
CA ILE K 27 -21.40 -24.31 -11.29
C ILE K 27 -22.40 -24.94 -10.32
N LYS K 28 -23.59 -25.26 -10.81
CA LYS K 28 -24.65 -25.85 -9.99
C LYS K 28 -24.27 -27.28 -9.61
N ILE K 29 -23.95 -27.49 -8.33
CA ILE K 29 -23.70 -28.83 -7.83
C ILE K 29 -25.01 -29.59 -7.70
N THR K 30 -25.95 -29.03 -6.94
CA THR K 30 -27.24 -29.66 -6.68
C THR K 30 -28.35 -28.76 -7.20
N ASP K 31 -29.58 -29.24 -7.05
CA ASP K 31 -30.76 -28.40 -7.07
C ASP K 31 -31.73 -28.76 -5.95
N ALA K 32 -31.58 -29.93 -5.34
CA ALA K 32 -32.42 -30.37 -4.24
C ALA K 32 -31.52 -30.79 -3.08
N GLU K 33 -31.15 -29.82 -2.25
CA GLU K 33 -30.45 -30.08 -0.98
C GLU K 33 -31.31 -29.45 0.11
N ASP K 34 -31.62 -30.22 1.15
CA ASP K 34 -32.45 -29.70 2.22
C ASP K 34 -31.64 -28.77 3.11
N LYS K 35 -32.08 -27.51 3.18
CA LYS K 35 -31.40 -26.51 4.00
C LYS K 35 -32.24 -26.08 5.19
N ILE K 36 -33.37 -26.74 5.42
CA ILE K 36 -34.22 -26.47 6.57
C ILE K 36 -34.07 -27.63 7.54
N THR K 37 -33.24 -27.43 8.56
CA THR K 37 -32.88 -28.49 9.48
C THR K 37 -33.95 -28.64 10.56
N GLN K 38 -34.47 -29.85 10.68
CA GLN K 38 -35.45 -30.17 11.72
C GLN K 38 -34.73 -30.39 13.04
N LEU K 39 -34.76 -29.38 13.90
CA LEU K 39 -34.12 -29.44 15.21
C LEU K 39 -34.91 -30.31 16.18
N ASP K 40 -36.16 -29.95 16.42
CA ASP K 40 -37.02 -30.69 17.34
C ASP K 40 -38.25 -31.12 16.55
N THR K 41 -39.22 -31.76 17.20
CA THR K 41 -40.46 -32.15 16.53
C THR K 41 -41.37 -30.97 16.22
N HIS K 42 -41.13 -29.81 16.83
CA HIS K 42 -41.94 -28.63 16.61
C HIS K 42 -41.07 -27.42 16.28
N GLN K 43 -39.78 -27.64 16.05
CA GLN K 43 -38.84 -26.55 15.81
C GLN K 43 -37.97 -26.88 14.61
N LEU K 44 -37.71 -25.87 13.79
CA LEU K 44 -36.78 -26.00 12.66
C LEU K 44 -36.11 -24.65 12.39
N VAL K 45 -35.00 -24.71 11.66
CA VAL K 45 -34.22 -23.52 11.33
C VAL K 45 -33.84 -23.60 9.84
N ALA K 46 -33.98 -22.48 9.14
CA ALA K 46 -33.66 -22.41 7.72
C ALA K 46 -32.39 -21.58 7.53
N CYS K 47 -31.23 -22.24 7.58
CA CYS K 47 -29.95 -21.57 7.47
C CYS K 47 -29.59 -21.36 6.01
N THR K 48 -28.97 -20.21 5.73
CA THR K 48 -28.40 -19.93 4.42
C THR K 48 -26.92 -19.66 4.59
N GLY K 49 -26.17 -19.82 3.50
CA GLY K 49 -24.74 -19.66 3.56
C GLY K 49 -24.07 -20.80 2.80
N GLU K 50 -22.74 -20.77 2.78
CA GLU K 50 -22.01 -21.84 2.14
C GLU K 50 -22.05 -23.08 3.01
N ASN K 51 -21.75 -24.23 2.41
CA ASN K 51 -22.11 -25.50 3.01
C ASN K 51 -21.11 -25.92 4.10
N GLY K 52 -20.02 -25.18 4.25
CA GLY K 52 -19.05 -25.48 5.26
C GLY K 52 -19.54 -25.22 6.67
N PRO K 53 -19.71 -23.94 7.03
CA PRO K 53 -20.22 -23.62 8.37
C PRO K 53 -21.67 -23.96 8.59
N ARG K 54 -22.46 -24.18 7.52
CA ARG K 54 -23.89 -24.35 7.67
C ARG K 54 -24.24 -25.70 8.31
N VAL K 55 -23.56 -26.77 7.90
CA VAL K 55 -23.78 -28.06 8.54
C VAL K 55 -23.19 -28.07 9.95
N ASN K 56 -22.00 -27.52 10.11
CA ASN K 56 -21.30 -27.61 11.38
C ASN K 56 -21.90 -26.72 12.45
N PHE K 57 -22.65 -25.68 12.06
CA PHE K 57 -23.40 -24.92 13.05
C PHE K 57 -24.69 -25.63 13.42
N THR K 58 -25.40 -26.17 12.44
CA THR K 58 -26.68 -26.83 12.73
C THR K 58 -26.50 -28.14 13.47
N GLU K 59 -25.40 -28.86 13.23
CA GLU K 59 -25.19 -30.09 13.97
C GLU K 59 -24.79 -29.81 15.41
N TYR K 60 -24.12 -28.67 15.66
CA TYR K 60 -23.81 -28.30 17.03
C TYR K 60 -25.06 -27.84 17.79
N ILE K 61 -25.97 -27.16 17.10
CA ILE K 61 -27.22 -26.75 17.73
C ILE K 61 -28.14 -27.95 17.95
N LYS K 62 -28.28 -28.82 16.96
CA LYS K 62 -29.23 -29.93 17.05
C LYS K 62 -28.79 -30.98 18.07
N CYS K 63 -27.50 -31.28 18.15
CA CYS K 63 -27.03 -32.28 19.11
C CYS K 63 -27.05 -31.77 20.53
N ASN K 64 -27.10 -30.45 20.73
CA ASN K 64 -27.17 -29.90 22.07
C ASN K 64 -28.60 -29.75 22.57
N LEU K 65 -29.56 -29.55 21.66
CA LEU K 65 -30.96 -29.65 22.04
C LEU K 65 -31.32 -31.08 22.44
N ALA K 66 -30.78 -32.06 21.70
CA ALA K 66 -31.05 -33.45 22.02
C ALA K 66 -30.36 -33.86 23.31
N LEU K 67 -29.16 -33.33 23.57
CA LEU K 67 -28.48 -33.59 24.83
C LEU K 67 -29.22 -32.96 26.00
N ASN K 68 -29.79 -31.77 25.79
CA ASN K 68 -30.57 -31.13 26.84
C ASN K 68 -31.94 -31.79 27.02
N ARG K 69 -32.32 -32.68 26.11
CA ARG K 69 -33.50 -33.51 26.36
C ARG K 69 -33.12 -34.85 27.00
N MET K 70 -31.87 -35.29 26.82
CA MET K 70 -31.41 -36.48 27.53
C MET K 70 -31.27 -36.22 29.02
N ARG K 71 -30.56 -35.15 29.37
CA ARG K 71 -30.28 -34.79 30.74
C ARG K 71 -31.49 -34.23 31.49
N GLN K 72 -32.57 -33.88 30.78
CA GLN K 72 -33.74 -33.31 31.42
C GLN K 72 -34.98 -34.16 31.20
N HIS K 73 -34.79 -35.45 30.95
CA HIS K 73 -35.83 -36.48 30.90
C HIS K 73 -36.88 -36.20 29.81
N GLY K 74 -36.39 -35.81 28.64
CA GLY K 74 -37.25 -35.66 27.48
C GLY K 74 -38.19 -34.47 27.52
N ARG K 75 -37.79 -33.39 28.19
CA ARG K 75 -38.63 -32.21 28.32
C ARG K 75 -38.22 -31.20 27.25
N HIS K 76 -39.14 -30.89 26.35
CA HIS K 76 -38.83 -30.02 25.22
C HIS K 76 -38.83 -28.56 25.65
N SER K 77 -37.72 -27.89 25.40
CA SER K 77 -37.56 -26.48 25.75
C SER K 77 -38.35 -25.60 24.80
N SER K 78 -38.53 -24.34 25.21
CA SER K 78 -39.33 -23.40 24.44
C SER K 78 -38.56 -22.93 23.21
N CYS K 79 -39.26 -22.20 22.35
CA CYS K 79 -38.63 -21.71 21.13
C CYS K 79 -37.75 -20.51 21.39
N GLU K 80 -38.05 -19.73 22.43
CA GLU K 80 -37.19 -18.60 22.78
C GLU K 80 -35.91 -19.07 23.46
N SER K 81 -35.96 -20.22 24.14
CA SER K 81 -34.79 -20.75 24.80
C SER K 81 -33.83 -21.36 23.79
N THR K 82 -34.37 -21.88 22.69
CA THR K 82 -33.52 -22.39 21.62
C THR K 82 -32.92 -21.24 20.82
N ALA K 83 -33.70 -20.19 20.58
CA ALA K 83 -33.25 -19.06 19.78
C ALA K 83 -32.18 -18.26 20.51
N ASN K 84 -32.31 -18.14 21.83
CA ASN K 84 -31.30 -17.43 22.62
C ASN K 84 -30.04 -18.27 22.80
N PHE K 85 -30.17 -19.60 22.71
CA PHE K 85 -28.99 -20.45 22.71
C PHE K 85 -28.26 -20.36 21.37
N MET K 86 -28.99 -20.07 20.30
CA MET K 86 -28.37 -19.98 18.99
C MET K 86 -27.52 -18.72 18.84
N ARG K 87 -28.07 -17.55 19.22
CA ARG K 87 -27.33 -16.31 19.04
C ARG K 87 -26.19 -16.18 20.03
N ASN K 88 -26.19 -16.97 21.10
CA ASN K 88 -25.01 -17.09 21.95
C ASN K 88 -23.85 -17.71 21.19
N CYS K 89 -24.14 -18.61 20.24
CA CYS K 89 -23.08 -19.23 19.47
C CYS K 89 -22.63 -18.34 18.31
N LEU K 90 -23.50 -17.45 17.84
CA LEU K 90 -23.07 -16.49 16.82
C LEU K 90 -22.23 -15.38 17.45
N ALA K 91 -22.65 -14.90 18.63
CA ALA K 91 -22.01 -13.73 19.22
C ALA K 91 -20.66 -14.08 19.85
N SER K 92 -20.53 -15.30 20.37
CA SER K 92 -19.25 -15.70 20.92
C SER K 92 -18.26 -16.14 19.85
N ALA K 93 -18.68 -16.27 18.60
CA ALA K 93 -17.79 -16.70 17.54
C ALA K 93 -17.20 -15.53 16.75
N ILE K 94 -17.79 -14.34 16.83
CA ILE K 94 -17.20 -13.18 16.17
C ILE K 94 -16.06 -12.58 16.96
N ARG K 95 -15.83 -13.05 18.18
CA ARG K 95 -14.72 -12.60 19.01
C ARG K 95 -13.89 -13.80 19.47
N SER K 96 -13.59 -14.71 18.56
CA SER K 96 -12.85 -15.93 18.87
C SER K 96 -11.72 -16.12 17.87
N ARG K 97 -11.04 -17.26 18.00
CA ARG K 97 -9.91 -17.56 17.13
C ARG K 97 -10.38 -17.96 15.74
N GLU K 98 -11.33 -18.89 15.66
CA GLU K 98 -11.68 -19.53 14.40
C GLU K 98 -12.45 -18.60 13.46
N GLY K 99 -13.07 -17.56 13.99
CA GLY K 99 -13.79 -16.60 13.16
C GLY K 99 -15.29 -16.77 13.24
N ALA K 100 -15.99 -15.87 12.55
CA ALA K 100 -17.44 -15.82 12.60
C ALA K 100 -18.05 -16.89 11.68
N TYR K 101 -19.18 -17.44 12.12
CA TYR K 101 -19.99 -18.29 11.27
C TYR K 101 -20.62 -17.42 10.20
N GLN K 102 -20.48 -17.82 8.93
CA GLN K 102 -21.09 -17.08 7.83
C GLN K 102 -22.44 -17.71 7.48
N VAL K 103 -23.31 -17.78 8.48
CA VAL K 103 -24.63 -18.37 8.30
C VAL K 103 -25.69 -17.32 8.65
N ASN K 104 -26.70 -17.22 7.80
CA ASN K 104 -27.87 -16.39 8.05
C ASN K 104 -29.08 -17.31 8.15
N CYS K 105 -29.85 -17.19 9.22
CA CYS K 105 -30.85 -18.19 9.52
C CYS K 105 -32.13 -17.56 10.04
N LEU K 106 -33.23 -18.31 9.85
CA LEU K 106 -34.56 -17.96 10.32
C LEU K 106 -35.05 -19.10 11.20
N PHE K 107 -35.22 -18.84 12.49
CA PHE K 107 -35.72 -19.84 13.41
C PHE K 107 -37.25 -19.81 13.39
N ALA K 108 -37.87 -20.99 13.46
CA ALA K 108 -39.31 -21.12 13.42
C ALA K 108 -39.75 -22.21 14.40
N GLY K 109 -40.94 -22.05 14.96
CA GLY K 109 -41.42 -23.05 15.90
C GLY K 109 -42.84 -22.78 16.33
N TYR K 110 -43.37 -23.73 17.10
CA TYR K 110 -44.71 -23.65 17.67
C TYR K 110 -44.61 -24.01 19.14
N ASP K 111 -45.21 -23.19 20.00
CA ASP K 111 -45.14 -23.40 21.44
C ASP K 111 -46.36 -24.16 21.94
N THR K 112 -46.13 -25.35 22.50
CA THR K 112 -47.18 -26.15 23.08
C THR K 112 -47.02 -26.21 24.59
N PRO K 113 -48.12 -26.28 25.35
CA PRO K 113 -47.99 -26.45 26.80
C PRO K 113 -47.49 -27.84 27.16
N VAL K 114 -46.34 -27.91 27.81
CA VAL K 114 -45.72 -29.18 28.15
C VAL K 114 -46.42 -29.83 29.34
N SER K 115 -47.09 -29.06 30.20
CA SER K 115 -47.82 -29.61 31.33
C SER K 115 -49.01 -28.71 31.60
N GLU K 116 -49.75 -29.02 32.66
CA GLU K 116 -50.88 -28.19 33.05
C GLU K 116 -50.46 -26.92 33.77
N ASP K 117 -49.25 -26.89 34.32
CA ASP K 117 -48.77 -25.69 35.00
C ASP K 117 -48.13 -24.70 34.02
N ASP K 118 -47.88 -25.13 32.79
CA ASP K 118 -47.30 -24.23 31.80
C ASP K 118 -48.38 -23.28 31.28
N ASP K 119 -48.15 -21.99 31.49
CA ASP K 119 -49.07 -20.94 31.03
C ASP K 119 -48.32 -19.95 30.15
N GLY K 120 -47.36 -20.45 29.39
CA GLY K 120 -46.52 -19.64 28.54
C GLY K 120 -47.16 -19.31 27.21
N VAL K 121 -46.36 -19.41 26.15
CA VAL K 121 -46.83 -19.07 24.82
C VAL K 121 -47.62 -20.25 24.24
N VAL K 122 -48.70 -19.93 23.51
CA VAL K 122 -49.51 -20.93 22.86
C VAL K 122 -49.31 -20.81 21.34
N GLY K 123 -49.03 -19.60 20.88
CA GLY K 123 -48.99 -19.33 19.46
C GLY K 123 -47.71 -19.75 18.76
N PRO K 124 -47.55 -19.31 17.51
CA PRO K 124 -46.34 -19.63 16.75
C PRO K 124 -45.21 -18.67 17.03
N GLN K 125 -43.99 -19.10 16.69
CA GLN K 125 -42.79 -18.30 16.90
C GLN K 125 -41.94 -18.28 15.64
N LEU K 126 -41.41 -17.09 15.33
CA LEU K 126 -40.59 -16.86 14.15
C LEU K 126 -39.55 -15.81 14.49
N PHE K 127 -38.27 -16.15 14.33
CA PHE K 127 -37.18 -15.30 14.76
C PHE K 127 -36.21 -15.04 13.60
N TYR K 128 -35.95 -13.76 13.33
CA TYR K 128 -34.92 -13.36 12.39
C TYR K 128 -33.58 -13.39 13.10
N MET K 129 -32.55 -13.87 12.41
CA MET K 129 -31.20 -13.88 12.95
C MET K 129 -30.21 -13.37 11.91
N ASP K 130 -28.94 -13.34 12.30
CA ASP K 130 -27.88 -12.84 11.45
C ASP K 130 -26.58 -13.60 11.75
N TYR K 131 -25.54 -13.34 10.96
CA TYR K 131 -24.26 -14.01 11.20
C TYR K 131 -23.50 -13.38 12.36
N LEU K 132 -23.78 -12.13 12.68
CA LEU K 132 -23.12 -11.47 13.80
C LEU K 132 -23.68 -11.94 15.14
N GLY K 133 -25.00 -12.11 15.23
CA GLY K 133 -25.63 -12.46 16.49
C GLY K 133 -26.86 -11.63 16.80
N THR K 134 -27.35 -10.90 15.79
CA THR K 134 -28.60 -10.18 15.92
C THR K 134 -29.75 -11.17 16.05
N LEU K 135 -30.68 -10.88 16.96
CA LEU K 135 -31.88 -11.68 17.14
C LEU K 135 -33.08 -10.75 17.21
N GLN K 136 -34.12 -11.05 16.43
CA GLN K 136 -35.31 -10.23 16.40
C GLN K 136 -36.52 -11.10 16.09
N ALA K 137 -37.51 -11.07 16.98
CA ALA K 137 -38.79 -11.70 16.69
C ALA K 137 -39.58 -10.82 15.73
N VAL K 138 -40.02 -11.41 14.62
CA VAL K 138 -40.54 -10.64 13.49
C VAL K 138 -41.70 -11.39 12.87
N PRO K 139 -42.70 -10.66 12.34
CA PRO K 139 -43.82 -11.33 11.64
C PRO K 139 -43.41 -12.13 10.40
N TYR K 140 -42.38 -11.68 9.70
CA TYR K 140 -41.84 -12.41 8.56
C TYR K 140 -40.39 -11.96 8.32
N GLY K 141 -39.55 -12.91 7.95
CA GLY K 141 -38.14 -12.63 7.75
C GLY K 141 -37.65 -13.25 6.47
N CYS K 142 -36.62 -12.64 5.90
CA CYS K 142 -36.13 -13.04 4.59
C CYS K 142 -34.61 -12.83 4.53
N HIS K 143 -33.93 -13.76 3.86
CA HIS K 143 -32.50 -13.61 3.60
C HIS K 143 -32.25 -13.81 2.11
N GLY K 144 -31.02 -13.56 1.70
CA GLY K 144 -30.56 -13.80 0.35
C GLY K 144 -30.67 -12.56 -0.53
N TYR K 145 -30.31 -12.75 -1.81
CA TYR K 145 -30.46 -11.71 -2.81
C TYR K 145 -31.91 -11.32 -3.07
N GLY K 146 -32.80 -12.30 -3.16
CA GLY K 146 -34.20 -12.04 -3.40
C GLY K 146 -35.03 -11.65 -2.20
N ALA K 147 -34.39 -11.40 -1.06
CA ALA K 147 -35.08 -11.03 0.17
C ALA K 147 -35.83 -9.71 0.03
N CYS K 148 -35.20 -8.73 -0.62
CA CYS K 148 -35.82 -7.41 -0.74
C CYS K 148 -36.94 -7.41 -1.76
N PHE K 149 -36.92 -8.36 -2.70
CA PHE K 149 -38.05 -8.50 -3.61
C PHE K 149 -39.28 -9.01 -2.88
N VAL K 150 -39.07 -9.88 -1.90
CA VAL K 150 -40.19 -10.60 -1.30
C VAL K 150 -40.57 -10.04 0.07
N THR K 151 -39.70 -9.26 0.70
CA THR K 151 -40.09 -8.60 1.95
C THR K 151 -41.09 -7.47 1.67
N ALA K 152 -40.93 -6.78 0.55
CA ALA K 152 -41.92 -5.77 0.17
C ALA K 152 -43.12 -6.41 -0.50
N LEU K 153 -42.99 -7.66 -0.95
CA LEU K 153 -44.17 -8.41 -1.38
C LEU K 153 -45.02 -8.80 -0.18
N LEU K 154 -44.38 -9.19 0.92
CA LEU K 154 -45.12 -9.53 2.13
C LEU K 154 -45.58 -8.28 2.89
N ASP K 155 -45.00 -7.12 2.59
CA ASP K 155 -45.60 -5.86 3.05
C ASP K 155 -46.97 -5.63 2.41
N ARG K 156 -47.17 -6.15 1.19
CA ARG K 156 -48.41 -5.92 0.46
C ARG K 156 -49.49 -6.93 0.80
N LEU K 157 -49.13 -8.21 0.94
CA LEU K 157 -50.11 -9.28 0.86
C LEU K 157 -50.26 -10.11 2.13
N TRP K 158 -49.32 -10.04 3.06
CA TRP K 158 -49.41 -10.85 4.27
C TRP K 158 -50.50 -10.32 5.19
N ARG K 159 -51.27 -11.24 5.76
CA ARG K 159 -52.31 -10.93 6.73
C ARG K 159 -52.16 -11.87 7.92
N PRO K 160 -52.48 -11.42 9.14
CA PRO K 160 -52.30 -12.29 10.30
C PRO K 160 -53.28 -13.45 10.37
N ASP K 161 -54.37 -13.40 9.62
CA ASP K 161 -55.44 -14.39 9.67
C ASP K 161 -55.49 -15.26 8.41
N LEU K 162 -54.34 -15.45 7.77
CA LEU K 162 -54.27 -16.31 6.59
C LEU K 162 -54.47 -17.77 6.98
N SER K 163 -55.12 -18.52 6.09
CA SER K 163 -55.35 -19.93 6.32
C SER K 163 -54.21 -20.75 5.74
N GLN K 164 -54.36 -22.08 5.82
CA GLN K 164 -53.32 -22.98 5.35
C GLN K 164 -53.21 -22.95 3.83
N GLN K 165 -54.32 -22.72 3.13
CA GLN K 165 -54.28 -22.67 1.67
C GLN K 165 -53.99 -21.26 1.17
N GLU K 166 -54.48 -20.23 1.87
CA GLU K 166 -54.23 -18.85 1.45
C GLU K 166 -52.78 -18.46 1.65
N GLY K 167 -52.13 -18.99 2.69
CA GLY K 167 -50.70 -18.80 2.82
C GLY K 167 -49.90 -19.73 1.94
N LEU K 168 -50.55 -20.77 1.41
CA LEU K 168 -49.86 -21.66 0.49
C LEU K 168 -49.75 -21.04 -0.90
N GLU K 169 -50.78 -20.31 -1.33
CA GLU K 169 -50.74 -19.58 -2.59
C GLU K 169 -50.02 -18.25 -2.47
N LEU K 170 -49.78 -17.77 -1.24
CA LEU K 170 -48.91 -16.63 -1.04
C LEU K 170 -47.44 -17.00 -1.20
N MET K 171 -47.03 -18.14 -0.64
CA MET K 171 -45.68 -18.66 -0.80
C MET K 171 -45.38 -19.01 -2.26
N GLN K 172 -46.38 -19.42 -3.04
CA GLN K 172 -46.18 -19.62 -4.46
C GLN K 172 -45.88 -18.32 -5.19
N LYS K 173 -46.52 -17.22 -4.79
CA LYS K 173 -46.15 -15.91 -5.30
C LYS K 173 -44.78 -15.48 -4.81
N CYS K 174 -44.38 -15.92 -3.61
CA CYS K 174 -43.04 -15.63 -3.10
C CYS K 174 -41.95 -16.35 -3.88
N CYS K 175 -42.25 -17.56 -4.35
CA CYS K 175 -41.26 -18.33 -5.09
C CYS K 175 -41.19 -17.90 -6.56
N ASP K 176 -42.29 -17.35 -7.10
CA ASP K 176 -42.30 -16.99 -8.52
C ASP K 176 -41.67 -15.63 -8.74
N GLU K 177 -41.55 -14.81 -7.69
CA GLU K 177 -40.89 -13.51 -7.84
C GLU K 177 -39.38 -13.67 -7.87
N VAL K 178 -38.85 -14.61 -7.08
CA VAL K 178 -37.42 -14.88 -7.06
C VAL K 178 -36.97 -15.50 -8.38
N LYS K 179 -37.85 -16.26 -9.03
CA LYS K 179 -37.54 -16.79 -10.35
C LYS K 179 -37.63 -15.72 -11.44
N ARG K 180 -38.19 -14.55 -11.13
CA ARG K 180 -38.49 -13.58 -12.17
C ARG K 180 -37.42 -12.50 -12.25
N ARG K 181 -36.85 -12.10 -11.11
CA ARG K 181 -35.94 -10.97 -11.07
C ARG K 181 -34.51 -11.32 -10.68
N VAL K 182 -34.30 -12.33 -9.85
CA VAL K 182 -32.97 -12.68 -9.37
C VAL K 182 -32.25 -13.43 -10.50
N ILE K 183 -30.99 -13.06 -10.75
CA ILE K 183 -30.22 -13.71 -11.79
C ILE K 183 -29.80 -15.11 -11.35
N ILE K 184 -29.78 -15.35 -10.05
CA ILE K 184 -29.38 -16.66 -9.52
C ILE K 184 -30.52 -17.64 -9.70
N SER K 185 -30.22 -18.80 -10.28
CA SER K 185 -31.25 -19.75 -10.67
C SER K 185 -31.72 -20.54 -9.46
N ASN K 186 -32.78 -20.07 -8.81
CA ASN K 186 -33.44 -20.80 -7.73
C ASN K 186 -34.74 -21.39 -8.29
N SER K 187 -34.73 -22.72 -8.45
CA SER K 187 -35.85 -23.38 -9.12
C SER K 187 -36.65 -24.28 -8.18
N TYR K 188 -36.06 -24.74 -7.09
CA TYR K 188 -36.71 -25.65 -6.16
C TYR K 188 -36.50 -25.16 -4.73
N PHE K 189 -37.61 -25.01 -3.99
CA PHE K 189 -37.64 -24.13 -2.83
C PHE K 189 -37.91 -24.80 -1.49
N PHE K 190 -38.24 -26.09 -1.45
CA PHE K 190 -38.38 -26.88 -0.22
C PHE K 190 -39.31 -26.29 0.85
N VAL K 191 -40.60 -26.17 0.56
CA VAL K 191 -41.52 -25.52 1.48
C VAL K 191 -41.90 -26.49 2.59
N LYS K 192 -41.66 -26.07 3.83
CA LYS K 192 -42.09 -26.81 5.00
C LYS K 192 -42.97 -25.91 5.85
N ALA K 193 -43.66 -26.50 6.81
CA ALA K 193 -44.57 -25.78 7.67
C ALA K 193 -44.58 -26.37 9.07
N VAL K 194 -44.72 -25.50 10.08
CA VAL K 194 -44.78 -25.90 11.48
C VAL K 194 -46.17 -25.61 12.00
N THR K 195 -46.87 -26.64 12.44
CA THR K 195 -48.21 -26.49 12.99
C THR K 195 -48.28 -27.12 14.37
N LYS K 196 -49.50 -27.25 14.92
CA LYS K 196 -49.67 -27.83 16.25
C LYS K 196 -49.40 -29.32 16.30
N ASN K 197 -49.34 -29.98 15.15
CA ASN K 197 -49.10 -31.42 15.07
C ASN K 197 -47.67 -31.75 14.65
N GLY K 198 -46.78 -30.77 14.71
CA GLY K 198 -45.40 -30.97 14.30
C GLY K 198 -45.08 -30.30 12.98
N VAL K 199 -43.99 -30.75 12.39
CA VAL K 199 -43.56 -30.23 11.10
C VAL K 199 -44.20 -31.06 9.99
N GLU K 200 -44.26 -30.47 8.79
CA GLU K 200 -44.80 -31.15 7.62
C GLU K 200 -44.13 -30.62 6.37
N VAL K 201 -43.81 -31.52 5.44
CA VAL K 201 -43.11 -31.16 4.22
C VAL K 201 -44.13 -30.98 3.12
N ILE K 202 -44.36 -29.74 2.71
CA ILE K 202 -45.36 -29.43 1.69
C ILE K 202 -44.80 -29.77 0.32
N THR K 203 -45.49 -30.65 -0.40
CA THR K 203 -45.06 -31.14 -1.70
C THR K 203 -45.46 -30.20 -2.84
N ALA K 204 -46.56 -29.45 -2.67
CA ALA K 204 -47.17 -28.72 -3.77
C ALA K 204 -46.30 -27.54 -4.22
N VAL K 205 -46.06 -26.60 -3.32
CA VAL K 205 -45.30 -25.41 -3.69
C VAL K 205 -43.81 -25.74 -3.73
N HIS K 206 -43.19 -25.55 -4.88
CA HIS K 206 -41.79 -25.83 -5.09
C HIS K 206 -41.10 -24.70 -5.85
N THR L 1 -6.12 -31.12 -13.19
CA THR L 1 -6.89 -32.17 -12.55
C THR L 1 -8.36 -32.09 -12.99
N THR L 2 -8.90 -33.21 -13.48
CA THR L 2 -10.30 -33.30 -13.86
C THR L 2 -10.90 -34.60 -13.33
N THR L 3 -10.82 -34.81 -12.02
CA THR L 3 -11.44 -35.97 -11.43
C THR L 3 -12.97 -35.89 -11.50
N LEU L 4 -13.59 -36.98 -11.96
CA LEU L 4 -15.04 -37.13 -11.83
C LEU L 4 -15.36 -38.53 -11.31
N ALA L 5 -16.60 -38.69 -10.86
CA ALA L 5 -17.13 -39.96 -10.40
C ALA L 5 -18.66 -39.86 -10.40
N PHE L 6 -19.33 -40.95 -10.75
CA PHE L 6 -20.79 -40.94 -10.72
C PHE L 6 -21.31 -42.26 -10.19
N ARG L 7 -22.57 -42.22 -9.74
CA ARG L 7 -23.24 -43.31 -9.05
C ARG L 7 -24.44 -43.73 -9.87
N PHE L 8 -24.56 -45.04 -10.12
CA PHE L 8 -25.62 -45.51 -11.00
C PHE L 8 -26.12 -46.88 -10.55
N ASN L 9 -26.99 -47.50 -11.35
CA ASN L 9 -27.53 -48.83 -11.04
C ASN L 9 -26.46 -49.87 -11.36
N GLY L 10 -25.66 -50.19 -10.36
CA GLY L 10 -24.60 -51.17 -10.52
C GLY L 10 -23.32 -50.79 -9.79
N GLY L 11 -23.32 -49.62 -9.16
CA GLY L 11 -22.16 -49.19 -8.40
C GLY L 11 -21.69 -47.79 -8.73
N ILE L 12 -20.42 -47.51 -8.46
CA ILE L 12 -19.83 -46.19 -8.65
C ILE L 12 -18.59 -46.34 -9.53
N ILE L 13 -18.45 -45.48 -10.52
CA ILE L 13 -17.27 -45.46 -11.40
C ILE L 13 -16.51 -44.16 -11.18
N VAL L 14 -15.23 -44.29 -10.86
CA VAL L 14 -14.34 -43.16 -10.62
C VAL L 14 -13.38 -43.04 -11.80
N ALA L 15 -13.17 -41.82 -12.27
CA ALA L 15 -12.34 -41.59 -13.45
C ALA L 15 -11.53 -40.31 -13.29
N VAL L 16 -10.23 -40.39 -13.55
CA VAL L 16 -9.28 -39.32 -13.28
C VAL L 16 -8.36 -39.12 -14.48
N ASP L 17 -7.58 -38.04 -14.44
CA ASP L 17 -6.37 -37.88 -15.23
C ASP L 17 -5.15 -38.13 -14.35
N SER L 18 -3.96 -37.82 -14.87
CA SER L 18 -2.72 -38.07 -14.13
C SER L 18 -1.68 -36.96 -14.34
N ARG L 19 -2.09 -35.70 -14.25
CA ARG L 19 -1.19 -34.60 -14.59
C ARG L 19 -1.08 -33.63 -13.42
N ALA L 20 0.16 -33.24 -13.10
CA ALA L 20 0.43 -32.29 -12.02
C ALA L 20 1.29 -31.16 -12.58
N SER L 21 0.72 -29.96 -12.66
CA SER L 21 1.40 -28.80 -13.23
C SER L 21 1.49 -27.71 -12.16
N THR L 22 2.70 -27.16 -11.99
CA THR L 22 2.94 -26.07 -11.05
C THR L 22 2.91 -24.72 -11.79
N GLY L 23 1.83 -24.51 -12.53
CA GLY L 23 1.67 -23.31 -13.31
C GLY L 23 1.69 -23.55 -14.81
N GLN L 24 2.73 -23.08 -15.49
CA GLN L 24 2.90 -23.40 -16.90
C GLN L 24 3.92 -24.51 -17.14
N TYR L 25 4.52 -25.06 -16.09
CA TYR L 25 5.43 -26.19 -16.21
C TYR L 25 4.74 -27.44 -15.68
N ILE L 26 4.85 -28.53 -16.43
CA ILE L 26 4.26 -29.81 -16.03
C ILE L 26 5.28 -30.54 -15.17
N ALA L 27 4.95 -30.76 -13.90
CA ALA L 27 5.89 -31.40 -12.99
C ALA L 27 6.00 -32.89 -13.27
N SER L 28 4.86 -33.55 -13.47
CA SER L 28 4.82 -34.99 -13.62
C SER L 28 3.65 -35.39 -14.50
N GLN L 29 3.64 -36.66 -14.92
CA GLN L 29 2.60 -37.16 -15.81
C GLN L 29 2.10 -38.55 -15.37
N THR L 30 2.62 -39.07 -14.26
CA THR L 30 2.13 -40.36 -13.77
C THR L 30 1.69 -40.24 -12.31
N VAL L 31 0.86 -39.25 -12.01
CA VAL L 31 0.37 -39.06 -10.65
C VAL L 31 -0.89 -39.89 -10.42
N MET L 32 -0.87 -40.70 -9.37
CA MET L 32 -2.04 -41.47 -8.97
C MET L 32 -3.00 -40.52 -8.27
N LYS L 33 -4.09 -40.15 -8.95
CA LYS L 33 -5.06 -39.25 -8.34
C LYS L 33 -6.19 -39.99 -7.65
N VAL L 34 -6.09 -41.30 -7.46
CA VAL L 34 -6.99 -42.06 -6.60
C VAL L 34 -6.16 -42.77 -5.55
N LEU L 35 -6.24 -42.32 -4.32
CA LEU L 35 -5.70 -43.06 -3.18
C LEU L 35 -6.81 -44.01 -2.74
N GLU L 36 -6.59 -45.30 -2.92
CA GLU L 36 -7.51 -46.29 -2.36
C GLU L 36 -7.33 -46.31 -0.85
N ILE L 37 -8.43 -46.03 -0.13
CA ILE L 37 -8.33 -45.90 1.32
C ILE L 37 -8.22 -47.28 1.96
N ASN L 38 -9.10 -48.20 1.57
CA ASN L 38 -8.92 -49.62 1.82
C ASN L 38 -9.60 -50.41 0.70
N ASP L 39 -9.87 -51.69 0.91
CA ASP L 39 -10.36 -52.55 -0.17
C ASP L 39 -11.85 -52.40 -0.45
N TYR L 40 -12.53 -51.42 0.15
CA TYR L 40 -13.90 -51.09 -0.23
C TYR L 40 -14.16 -49.59 -0.33
N LEU L 41 -13.16 -48.74 -0.09
CA LEU L 41 -13.30 -47.30 -0.22
C LEU L 41 -12.34 -46.78 -1.28
N LEU L 42 -12.63 -45.59 -1.78
CA LEU L 42 -11.73 -44.84 -2.62
C LEU L 42 -11.73 -43.37 -2.20
N GLY L 43 -10.63 -42.70 -2.49
CA GLY L 43 -10.56 -41.26 -2.31
C GLY L 43 -9.88 -40.65 -3.50
N THR L 44 -10.30 -39.44 -3.86
CA THR L 44 -9.79 -38.77 -5.03
C THR L 44 -9.01 -37.53 -4.64
N LEU L 45 -8.36 -36.91 -5.63
CA LEU L 45 -7.40 -35.86 -5.37
C LEU L 45 -7.60 -34.71 -6.35
N ALA L 46 -7.64 -33.48 -5.81
CA ALA L 46 -7.69 -32.28 -6.61
C ALA L 46 -7.17 -31.11 -5.78
N GLY L 47 -6.48 -30.18 -6.44
CA GLY L 47 -5.94 -29.04 -5.75
C GLY L 47 -4.47 -29.21 -5.41
N GLY L 48 -4.11 -28.98 -4.15
CA GLY L 48 -2.74 -29.15 -3.70
C GLY L 48 -2.33 -30.60 -3.67
N ALA L 49 -1.14 -30.90 -4.17
CA ALA L 49 -0.70 -32.29 -4.25
C ALA L 49 -0.30 -32.83 -2.89
N ALA L 50 0.31 -32.01 -2.04
CA ALA L 50 0.70 -32.47 -0.71
C ALA L 50 -0.45 -32.44 0.28
N ASP L 51 -1.40 -31.51 0.12
CA ASP L 51 -2.53 -31.43 1.04
C ASP L 51 -3.46 -32.62 0.87
N CYS L 52 -3.56 -33.16 -0.35
CA CYS L 52 -4.40 -34.32 -0.59
C CYS L 52 -3.73 -35.60 -0.14
N GLN L 53 -2.44 -35.75 -0.44
CA GLN L 53 -1.75 -37.01 -0.14
C GLN L 53 -1.46 -37.14 1.34
N TYR L 54 -1.42 -36.03 2.08
CA TYR L 54 -1.27 -36.12 3.52
C TYR L 54 -2.58 -36.53 4.19
N TRP L 55 -3.65 -35.76 3.97
CA TRP L 55 -4.85 -35.96 4.77
C TRP L 55 -5.68 -37.16 4.33
N GLU L 56 -5.48 -37.67 3.13
CA GLU L 56 -6.09 -38.95 2.79
C GLU L 56 -5.25 -40.13 3.22
N ARG L 57 -4.00 -39.89 3.62
CA ARG L 57 -3.24 -40.89 4.34
C ARG L 57 -3.57 -40.86 5.83
N VAL L 58 -3.93 -39.68 6.34
CA VAL L 58 -4.52 -39.58 7.68
C VAL L 58 -5.90 -40.22 7.70
N LEU L 59 -6.67 -40.05 6.63
CA LEU L 59 -7.98 -40.68 6.52
C LEU L 59 -7.87 -42.19 6.40
N GLY L 60 -6.86 -42.70 5.69
CA GLY L 60 -6.62 -44.12 5.64
C GLY L 60 -6.11 -44.71 6.95
N MET L 61 -5.64 -43.86 7.86
CA MET L 61 -5.21 -44.34 9.17
C MET L 61 -6.38 -44.39 10.15
N GLU L 62 -7.30 -43.44 10.05
CA GLU L 62 -8.49 -43.45 10.89
C GLU L 62 -9.50 -44.49 10.47
N CYS L 63 -9.46 -44.94 9.21
CA CYS L 63 -10.32 -46.04 8.80
C CYS L 63 -9.76 -47.39 9.22
N ARG L 64 -8.44 -47.54 9.25
CA ARG L 64 -7.84 -48.77 9.72
C ARG L 64 -7.98 -48.93 11.23
N LEU L 65 -7.85 -47.83 11.98
CA LEU L 65 -8.04 -47.87 13.43
C LEU L 65 -9.50 -48.07 13.82
N TRP L 66 -10.44 -47.77 12.93
CA TRP L 66 -11.83 -48.10 13.17
C TRP L 66 -12.05 -49.61 13.20
N GLU L 67 -11.46 -50.31 12.24
CA GLU L 67 -11.64 -51.76 12.12
C GLU L 67 -10.94 -52.51 13.24
N LEU L 68 -9.87 -51.95 13.80
CA LEU L 68 -9.16 -52.58 14.91
C LEU L 68 -9.98 -52.51 16.18
N ARG L 69 -10.60 -51.37 16.46
CA ARG L 69 -11.32 -51.19 17.71
C ARG L 69 -12.71 -51.82 17.64
N ASN L 70 -13.47 -51.50 16.60
CA ASN L 70 -14.88 -51.87 16.56
C ASN L 70 -15.11 -53.20 15.87
N GLY L 71 -14.08 -53.79 15.27
CA GLY L 71 -14.18 -55.10 14.66
C GLY L 71 -14.95 -55.17 13.36
N SER L 72 -15.44 -54.05 12.86
CA SER L 72 -16.23 -54.04 11.63
C SER L 72 -15.73 -52.94 10.72
N ARG L 73 -16.26 -52.93 9.50
CA ARG L 73 -15.89 -51.94 8.51
C ARG L 73 -16.45 -50.57 8.86
N ILE L 74 -15.79 -49.52 8.39
CA ILE L 74 -16.32 -48.18 8.54
C ILE L 74 -17.27 -47.88 7.39
N THR L 75 -18.32 -47.12 7.68
CA THR L 75 -19.21 -46.67 6.64
C THR L 75 -18.58 -45.51 5.88
N VAL L 76 -19.26 -45.08 4.82
CA VAL L 76 -18.76 -43.92 4.09
C VAL L 76 -19.30 -42.64 4.74
N ALA L 77 -20.44 -42.74 5.43
CA ALA L 77 -20.98 -41.59 6.15
C ALA L 77 -20.13 -41.26 7.37
N ALA L 78 -19.38 -42.23 7.88
CA ALA L 78 -18.43 -41.94 8.94
C ALA L 78 -17.07 -41.56 8.37
N ALA L 79 -16.74 -42.07 7.17
CA ALA L 79 -15.41 -41.83 6.61
C ALA L 79 -15.25 -40.40 6.12
N SER L 80 -16.27 -39.85 5.46
CA SER L 80 -16.19 -38.45 5.04
C SER L 80 -16.31 -37.49 6.20
N LYS L 81 -17.09 -37.85 7.22
CA LYS L 81 -17.23 -37.03 8.41
C LYS L 81 -15.93 -36.95 9.20
N ILE L 82 -15.08 -37.98 9.13
CA ILE L 82 -13.71 -37.84 9.62
C ILE L 82 -12.95 -36.84 8.77
N LEU L 83 -13.06 -36.92 7.45
CA LEU L 83 -12.32 -36.02 6.57
C LEU L 83 -12.90 -34.61 6.58
N ALA L 84 -14.20 -34.48 6.82
CA ALA L 84 -14.81 -33.14 6.86
C ALA L 84 -14.54 -32.42 8.17
N ASN L 85 -14.40 -33.14 9.28
CA ASN L 85 -14.08 -32.49 10.54
C ASN L 85 -12.61 -32.05 10.57
N ILE L 86 -11.74 -32.81 9.92
CA ILE L 86 -10.35 -32.40 9.77
C ILE L 86 -10.26 -31.16 8.90
N THR L 87 -11.04 -31.14 7.81
CA THR L 87 -10.94 -30.06 6.83
C THR L 87 -11.52 -28.76 7.37
N TYR L 88 -12.65 -28.83 8.06
CA TYR L 88 -13.26 -27.65 8.66
C TYR L 88 -12.41 -27.09 9.79
N ALA L 89 -11.61 -27.92 10.45
CA ALA L 89 -10.75 -27.45 11.53
C ALA L 89 -9.61 -26.59 11.02
N TYR L 90 -9.18 -26.80 9.78
CA TYR L 90 -8.09 -26.06 9.17
C TYR L 90 -8.56 -25.21 8.01
N ARG L 91 -9.70 -24.53 8.17
CA ARG L 91 -10.27 -23.79 7.05
C ARG L 91 -9.62 -22.44 6.88
N ASN L 92 -8.97 -21.91 7.92
CA ASN L 92 -8.27 -20.64 7.86
C ASN L 92 -6.78 -20.81 7.63
N HIS L 93 -6.32 -22.05 7.41
CA HIS L 93 -4.90 -22.33 7.23
C HIS L 93 -4.50 -22.42 5.77
N GLY L 94 -5.39 -22.02 4.86
CA GLY L 94 -5.03 -21.94 3.45
C GLY L 94 -4.81 -23.26 2.74
N LEU L 95 -5.48 -24.32 3.17
CA LEU L 95 -5.41 -25.59 2.47
C LEU L 95 -6.17 -25.51 1.15
N SER L 96 -5.76 -26.35 0.20
CA SER L 96 -6.39 -26.42 -1.12
C SER L 96 -6.51 -27.89 -1.49
N MET L 97 -7.69 -28.45 -1.26
CA MET L 97 -7.97 -29.85 -1.57
C MET L 97 -9.46 -30.04 -1.81
N GLY L 98 -9.78 -30.75 -2.89
CA GLY L 98 -11.16 -31.12 -3.14
C GLY L 98 -11.28 -32.60 -3.46
N THR L 99 -11.88 -33.36 -2.55
CA THR L 99 -11.77 -34.81 -2.57
C THR L 99 -13.16 -35.44 -2.53
N MET L 100 -13.33 -36.48 -3.34
CA MET L 100 -14.51 -37.33 -3.29
C MET L 100 -14.15 -38.63 -2.61
N VAL L 101 -15.02 -39.11 -1.74
CA VAL L 101 -14.92 -40.47 -1.22
C VAL L 101 -16.06 -41.30 -1.82
N ALA L 102 -15.75 -42.53 -2.19
CA ALA L 102 -16.71 -43.42 -2.83
C ALA L 102 -16.48 -44.83 -2.32
N GLY L 103 -17.56 -45.51 -1.97
CA GLY L 103 -17.41 -46.84 -1.41
C GLY L 103 -18.73 -47.57 -1.30
N TRP L 104 -18.62 -48.85 -0.96
CA TRP L 104 -19.75 -49.74 -0.76
C TRP L 104 -19.80 -50.13 0.71
N ASP L 105 -20.63 -49.44 1.49
CA ASP L 105 -20.89 -49.85 2.86
C ASP L 105 -22.09 -50.79 2.89
N GLN L 106 -22.65 -51.05 4.07
CA GLN L 106 -23.79 -51.95 4.21
C GLN L 106 -25.11 -51.30 3.83
N PHE L 107 -25.08 -50.04 3.39
CA PHE L 107 -26.28 -49.35 2.93
C PHE L 107 -26.22 -49.04 1.44
N GLY L 108 -25.44 -49.80 0.68
CA GLY L 108 -25.36 -49.62 -0.75
C GLY L 108 -24.24 -48.68 -1.16
N PRO L 109 -24.45 -47.93 -2.23
CA PRO L 109 -23.45 -46.93 -2.64
C PRO L 109 -23.67 -45.61 -1.93
N SER L 110 -22.62 -44.78 -1.97
CA SER L 110 -22.68 -43.39 -1.57
C SER L 110 -21.46 -42.67 -2.11
N LEU L 111 -21.71 -41.53 -2.75
CA LEU L 111 -20.67 -40.70 -3.35
C LEU L 111 -20.71 -39.31 -2.73
N TYR L 112 -19.74 -39.01 -1.88
CA TYR L 112 -19.69 -37.75 -1.16
C TYR L 112 -18.67 -36.84 -1.81
N TYR L 113 -18.52 -35.64 -1.26
CA TYR L 113 -17.53 -34.69 -1.74
C TYR L 113 -17.17 -33.70 -0.66
N VAL L 114 -15.87 -33.57 -0.39
CA VAL L 114 -15.36 -32.70 0.67
C VAL L 114 -14.52 -31.59 0.05
N ASP L 115 -14.79 -30.35 0.43
CA ASP L 115 -14.04 -29.18 0.00
C ASP L 115 -12.72 -29.07 0.76
N ASP L 116 -12.06 -27.91 0.62
CA ASP L 116 -11.02 -27.47 1.53
C ASP L 116 -11.55 -26.54 2.60
N LYS L 117 -12.87 -26.34 2.66
CA LYS L 117 -13.50 -25.44 3.60
C LYS L 117 -14.49 -26.12 4.53
N GLY L 118 -14.58 -27.45 4.50
CA GLY L 118 -15.42 -28.19 5.41
C GLY L 118 -16.77 -28.61 4.88
N SER L 119 -17.06 -28.36 3.61
CA SER L 119 -18.33 -28.76 3.03
C SER L 119 -18.37 -30.27 2.83
N ARG L 120 -19.57 -30.85 2.92
CA ARG L 120 -19.78 -32.24 2.52
C ARG L 120 -21.17 -32.36 1.92
N VAL L 121 -21.23 -32.84 0.69
CA VAL L 121 -22.48 -32.94 -0.06
C VAL L 121 -22.66 -34.39 -0.50
N LYS L 122 -23.91 -34.76 -0.76
CA LYS L 122 -24.28 -36.11 -1.13
C LYS L 122 -25.12 -36.07 -2.40
N GLN L 123 -24.51 -36.43 -3.51
CA GLN L 123 -25.17 -36.56 -4.80
C GLN L 123 -24.78 -37.89 -5.42
N ASP L 124 -25.15 -38.06 -6.69
CA ASP L 124 -24.77 -39.23 -7.47
C ASP L 124 -23.91 -38.88 -8.67
N LEU L 125 -23.46 -37.63 -8.77
CA LEU L 125 -22.82 -37.15 -10.00
C LEU L 125 -21.95 -35.95 -9.66
N PHE L 126 -20.64 -36.10 -9.76
CA PHE L 126 -19.74 -34.98 -9.56
C PHE L 126 -18.68 -34.95 -10.65
N SER L 127 -18.02 -33.80 -10.74
CA SER L 127 -16.84 -33.62 -11.57
C SER L 127 -16.07 -32.47 -10.95
N VAL L 128 -14.86 -32.74 -10.47
CA VAL L 128 -14.11 -31.75 -9.73
C VAL L 128 -12.81 -31.44 -10.45
N GLY L 129 -12.27 -30.26 -10.20
CA GLY L 129 -11.01 -29.84 -10.76
C GLY L 129 -11.14 -28.60 -11.61
N SER L 130 -10.01 -28.17 -12.13
CA SER L 130 -9.96 -26.94 -12.92
C SER L 130 -10.60 -27.13 -14.30
N GLY L 131 -10.54 -28.34 -14.83
CA GLY L 131 -11.12 -28.61 -16.13
C GLY L 131 -12.40 -29.38 -16.04
N SER L 132 -13.03 -29.34 -14.86
CA SER L 132 -14.26 -30.10 -14.63
C SER L 132 -15.43 -29.52 -15.40
N ILE L 133 -15.37 -28.23 -15.71
CA ILE L 133 -16.43 -27.55 -16.44
C ILE L 133 -16.56 -28.08 -17.86
N TYR L 134 -15.48 -28.64 -18.40
CA TYR L 134 -15.57 -29.36 -19.67
C TYR L 134 -16.13 -30.76 -19.49
N ALA L 135 -15.98 -31.36 -18.31
CA ALA L 135 -16.42 -32.73 -18.14
C ALA L 135 -17.89 -32.82 -17.76
N TYR L 136 -18.54 -31.69 -17.47
CA TYR L 136 -19.98 -31.75 -17.17
C TYR L 136 -20.81 -31.86 -18.43
N GLY L 137 -20.47 -31.09 -19.47
CA GLY L 137 -21.36 -30.96 -20.62
C GLY L 137 -21.46 -32.23 -21.45
N VAL L 138 -20.39 -33.04 -21.44
CA VAL L 138 -20.42 -34.32 -22.13
C VAL L 138 -20.98 -35.43 -21.25
N LEU L 139 -20.97 -35.24 -19.93
CA LEU L 139 -21.50 -36.24 -19.01
C LEU L 139 -22.98 -36.04 -18.73
N ASP L 140 -23.42 -34.79 -18.52
CA ASP L 140 -24.84 -34.52 -18.29
C ASP L 140 -25.71 -34.79 -19.51
N THR L 141 -25.13 -34.75 -20.71
CA THR L 141 -25.84 -35.12 -21.92
C THR L 141 -26.09 -36.62 -22.00
N GLY L 142 -25.18 -37.44 -21.49
CA GLY L 142 -25.29 -38.87 -21.65
C GLY L 142 -25.52 -39.68 -20.38
N TYR L 143 -25.72 -39.01 -19.25
CA TYR L 143 -25.94 -39.73 -18.00
C TYR L 143 -27.39 -40.17 -17.87
N ARG L 144 -27.58 -41.38 -17.38
CA ARG L 144 -28.87 -41.88 -16.93
C ARG L 144 -28.59 -42.93 -15.87
N LYS L 145 -29.58 -43.18 -14.99
CA LYS L 145 -29.34 -44.00 -13.81
C LYS L 145 -29.10 -45.46 -14.17
N ASP L 146 -29.87 -45.99 -15.12
CA ASP L 146 -29.75 -47.39 -15.50
C ASP L 146 -28.85 -47.59 -16.73
N LEU L 147 -27.60 -47.14 -16.62
CA LEU L 147 -26.59 -47.50 -17.60
C LEU L 147 -26.06 -48.89 -17.33
N SER L 148 -25.47 -49.49 -18.35
CA SER L 148 -24.80 -50.76 -18.16
C SER L 148 -23.40 -50.53 -17.60
N VAL L 149 -22.74 -51.62 -17.24
CA VAL L 149 -21.40 -51.52 -16.66
C VAL L 149 -20.40 -51.08 -17.73
N GLU L 150 -20.55 -51.58 -18.95
CA GLU L 150 -19.61 -51.24 -20.02
C GLU L 150 -19.85 -49.85 -20.58
N ASP L 151 -21.11 -49.43 -20.71
CA ASP L 151 -21.41 -48.09 -21.22
C ASP L 151 -21.07 -46.99 -20.25
N ALA L 152 -21.21 -47.23 -18.95
CA ALA L 152 -20.83 -46.22 -17.97
C ALA L 152 -19.32 -46.13 -17.82
N CYS L 153 -18.59 -47.23 -18.03
CA CYS L 153 -17.15 -47.14 -18.17
C CYS L 153 -16.75 -46.40 -19.43
N ASP L 154 -17.55 -46.51 -20.50
CA ASP L 154 -17.25 -45.78 -21.72
C ASP L 154 -17.57 -44.31 -21.57
N LEU L 155 -18.65 -43.98 -20.86
CA LEU L 155 -19.03 -42.59 -20.66
C LEU L 155 -18.05 -41.86 -19.76
N ALA L 156 -17.49 -42.57 -18.77
CA ALA L 156 -16.51 -41.95 -17.89
C ALA L 156 -15.18 -41.73 -18.59
N ARG L 157 -14.70 -42.71 -19.37
CA ARG L 157 -13.44 -42.59 -20.08
C ARG L 157 -13.51 -41.53 -21.17
N ARG L 158 -14.68 -41.32 -21.75
CA ARG L 158 -14.87 -40.33 -22.79
C ARG L 158 -15.11 -38.94 -22.23
N SER L 159 -15.62 -38.83 -21.01
CA SER L 159 -15.83 -37.52 -20.39
C SER L 159 -14.58 -36.94 -19.76
N ILE L 160 -13.65 -37.78 -19.31
CA ILE L 160 -12.33 -37.29 -18.94
C ILE L 160 -11.62 -36.72 -20.15
N PHE L 161 -11.70 -37.43 -21.29
CA PHE L 161 -10.88 -37.14 -22.45
C PHE L 161 -11.20 -35.78 -23.06
N HIS L 162 -12.47 -35.38 -23.05
CA HIS L 162 -12.83 -34.11 -23.65
C HIS L 162 -12.47 -32.95 -22.75
N ALA L 163 -12.09 -33.21 -21.51
CA ALA L 163 -11.59 -32.15 -20.64
C ALA L 163 -10.08 -32.09 -20.63
N THR L 164 -9.41 -33.23 -20.77
CA THR L 164 -7.96 -33.24 -20.95
C THR L 164 -7.55 -32.60 -22.25
N TYR L 165 -8.37 -32.73 -23.29
CA TYR L 165 -8.12 -32.13 -24.59
C TYR L 165 -8.25 -30.61 -24.56
N ARG L 166 -9.05 -30.05 -23.66
CA ARG L 166 -9.34 -28.62 -23.67
C ARG L 166 -8.66 -27.85 -22.55
N ASP L 167 -8.44 -28.45 -21.38
CA ASP L 167 -7.83 -27.74 -20.27
C ASP L 167 -6.32 -27.94 -20.29
N GLY L 168 -5.58 -26.88 -19.98
CA GLY L 168 -4.13 -26.99 -19.92
C GLY L 168 -3.63 -27.67 -18.66
N ALA L 169 -4.43 -27.69 -17.60
CA ALA L 169 -4.03 -28.29 -16.34
C ALA L 169 -4.51 -29.72 -16.18
N SER L 170 -4.92 -30.37 -17.26
CA SER L 170 -5.46 -31.72 -17.23
C SER L 170 -4.85 -32.56 -18.34
N GLY L 171 -4.63 -33.84 -18.06
CA GLY L 171 -4.24 -34.76 -19.11
C GLY L 171 -3.47 -35.95 -18.57
N GLY L 172 -2.91 -36.71 -19.52
CA GLY L 172 -2.03 -37.81 -19.18
C GLY L 172 -2.60 -39.17 -19.49
N ILE L 173 -2.95 -39.91 -18.45
CA ILE L 173 -3.37 -41.31 -18.56
C ILE L 173 -4.68 -41.47 -17.80
N VAL L 174 -5.76 -41.77 -18.52
CA VAL L 174 -7.10 -41.81 -17.94
C VAL L 174 -7.28 -43.14 -17.22
N THR L 175 -7.55 -43.07 -15.92
CA THR L 175 -7.70 -44.24 -15.08
C THR L 175 -9.16 -44.38 -14.64
N VAL L 176 -9.76 -45.53 -14.92
CA VAL L 176 -11.17 -45.77 -14.62
C VAL L 176 -11.28 -46.91 -13.62
N TYR L 177 -11.98 -46.66 -12.51
CA TYR L 177 -12.26 -47.68 -11.51
C TYR L 177 -13.75 -47.99 -11.50
N HIS L 178 -14.12 -49.07 -10.84
CA HIS L 178 -15.51 -49.48 -10.68
C HIS L 178 -15.71 -50.02 -9.28
N VAL L 179 -16.62 -49.41 -8.53
CA VAL L 179 -16.87 -49.78 -7.14
C VAL L 179 -18.14 -50.62 -7.13
N HIS L 180 -17.98 -51.93 -7.07
CA HIS L 180 -19.11 -52.83 -6.92
C HIS L 180 -19.18 -53.29 -5.48
N GLU L 181 -20.05 -54.28 -5.21
CA GLU L 181 -20.36 -54.65 -3.83
C GLU L 181 -19.22 -55.41 -3.16
N LYS L 182 -18.32 -56.02 -3.93
CA LYS L 182 -17.21 -56.74 -3.34
C LYS L 182 -15.97 -55.88 -3.16
N GLY L 183 -16.01 -54.62 -3.59
CA GLY L 183 -14.87 -53.73 -3.46
C GLY L 183 -14.69 -52.87 -4.69
N TRP L 184 -13.44 -52.76 -5.17
CA TRP L 184 -13.15 -51.97 -6.36
C TRP L 184 -12.19 -52.75 -7.24
N THR L 185 -12.29 -52.53 -8.55
CA THR L 185 -11.39 -53.13 -9.52
C THR L 185 -10.90 -52.03 -10.46
N LYS L 186 -9.61 -52.08 -10.79
CA LYS L 186 -9.06 -51.18 -11.81
C LYS L 186 -9.51 -51.65 -13.19
N ILE L 187 -10.39 -50.89 -13.82
CA ILE L 187 -10.95 -51.31 -15.10
C ILE L 187 -9.94 -51.16 -16.22
N SER L 188 -9.48 -49.94 -16.47
CA SER L 188 -8.57 -49.70 -17.58
C SER L 188 -7.55 -48.63 -17.16
N ARG L 189 -6.50 -48.50 -17.96
CA ARG L 189 -5.40 -47.57 -17.73
C ARG L 189 -4.75 -47.28 -19.07
N ASP L 190 -5.05 -46.14 -19.68
CA ASP L 190 -4.66 -45.89 -21.07
C ASP L 190 -4.30 -44.43 -21.30
N ASP L 191 -3.39 -44.22 -22.26
CA ASP L 191 -2.89 -42.90 -22.59
C ASP L 191 -3.96 -42.07 -23.29
N GLN L 192 -3.89 -40.75 -23.08
CA GLN L 192 -4.82 -39.82 -23.71
C GLN L 192 -4.56 -39.65 -25.20
N THR L 193 -3.31 -39.77 -25.62
CA THR L 193 -2.96 -39.68 -27.03
C THR L 193 -3.38 -40.91 -27.82
N LYS L 194 -3.26 -42.10 -27.21
CA LYS L 194 -3.83 -43.31 -27.80
C LYS L 194 -5.35 -43.27 -27.83
N LEU L 195 -5.96 -42.52 -26.90
CA LEU L 195 -7.41 -42.47 -26.81
C LEU L 195 -7.99 -41.46 -27.80
N TYR L 196 -7.14 -40.65 -28.43
CA TYR L 196 -7.61 -39.73 -29.46
C TYR L 196 -7.84 -40.43 -30.79
N HIS L 197 -7.01 -41.42 -31.11
CA HIS L 197 -7.16 -42.15 -32.35
C HIS L 197 -8.15 -43.31 -32.24
N ARG L 198 -8.80 -43.45 -31.10
CA ARG L 198 -9.96 -44.34 -30.97
C ARG L 198 -11.27 -43.60 -31.15
N TYR L 199 -11.37 -42.40 -30.58
CA TYR L 199 -12.62 -41.65 -30.58
C TYR L 199 -12.76 -40.77 -31.82
N PHE L 200 -11.65 -40.50 -32.52
CA PHE L 200 -11.64 -39.76 -33.77
C PHE L 200 -10.61 -40.39 -34.72
N PRO L 201 -10.95 -41.54 -35.33
CA PRO L 201 -9.96 -42.22 -36.17
C PRO L 201 -9.79 -41.58 -37.55
N TRP M 126 15.56 -7.34 5.59
CA TRP M 126 16.12 -8.69 5.65
C TRP M 126 15.08 -9.75 5.31
N SER M 127 15.45 -10.69 4.44
CA SER M 127 14.59 -11.80 4.09
C SER M 127 15.24 -13.13 4.46
N PRO M 128 14.51 -14.02 5.15
CA PRO M 128 15.13 -15.27 5.62
C PRO M 128 15.20 -16.38 4.59
N TYR M 129 15.00 -16.07 3.31
CA TYR M 129 15.09 -17.06 2.25
C TYR M 129 16.05 -16.57 1.17
N GLN M 130 16.81 -17.51 0.62
CA GLN M 130 17.87 -17.19 -0.33
C GLN M 130 18.19 -18.43 -1.16
N ASP M 131 18.23 -18.27 -2.48
CA ASP M 131 18.52 -19.36 -3.39
C ASP M 131 20.02 -19.43 -3.63
N ASN M 132 20.61 -20.62 -3.47
CA ASN M 132 22.04 -20.80 -3.61
C ASN M 132 22.43 -21.61 -4.83
N GLY M 133 21.58 -21.62 -5.87
CA GLY M 133 21.92 -22.19 -7.16
C GLY M 133 22.15 -23.70 -7.15
N GLY M 134 22.93 -24.13 -8.13
CA GLY M 134 23.28 -25.53 -8.28
C GLY M 134 22.15 -26.37 -8.85
N THR M 135 22.50 -27.57 -9.27
CA THR M 135 21.50 -28.53 -9.74
C THR M 135 21.94 -29.94 -9.37
N THR M 136 20.95 -30.82 -9.25
CA THR M 136 21.17 -32.24 -9.02
C THR M 136 20.33 -33.03 -10.00
N ALA M 137 20.93 -34.08 -10.55
CA ALA M 137 20.24 -34.97 -11.48
C ALA M 137 20.63 -36.41 -11.18
N ALA M 138 19.69 -37.32 -11.35
CA ALA M 138 19.93 -38.74 -11.14
C ALA M 138 19.21 -39.54 -12.20
N ILE M 139 19.83 -40.63 -12.65
CA ILE M 139 19.23 -41.57 -13.58
C ILE M 139 19.40 -42.96 -12.99
N ALA M 140 18.30 -43.68 -12.80
CA ALA M 140 18.35 -44.98 -12.16
C ALA M 140 18.27 -46.09 -13.20
N GLY M 141 19.07 -47.13 -13.02
CA GLY M 141 19.18 -48.24 -13.94
C GLY M 141 18.49 -49.49 -13.42
N LYS M 142 19.05 -50.64 -13.79
CA LYS M 142 18.44 -51.91 -13.42
C LYS M 142 18.89 -52.42 -12.06
N ASP M 143 20.13 -52.17 -11.66
CA ASP M 143 20.59 -52.54 -10.33
C ASP M 143 21.51 -51.46 -9.77
N PHE M 144 21.32 -50.22 -10.21
CA PHE M 144 22.21 -49.13 -9.85
C PHE M 144 21.44 -47.83 -9.98
N VAL M 145 21.95 -46.79 -9.32
CA VAL M 145 21.56 -45.42 -9.62
C VAL M 145 22.83 -44.62 -9.79
N ILE M 146 22.85 -43.72 -10.77
CA ILE M 146 23.87 -42.70 -10.90
C ILE M 146 23.31 -41.42 -10.29
N LEU M 147 24.02 -40.83 -9.34
CA LEU M 147 23.58 -39.60 -8.70
C LEU M 147 24.64 -38.52 -8.81
N ALA M 148 24.22 -37.35 -9.29
CA ALA M 148 25.16 -36.27 -9.57
C ALA M 148 24.65 -34.96 -9.00
N GLY M 149 25.57 -34.03 -8.78
CA GLY M 149 25.22 -32.69 -8.35
C GLY M 149 26.46 -31.82 -8.39
N ASP M 150 26.36 -30.63 -8.99
CA ASP M 150 27.52 -29.78 -9.17
C ASP M 150 27.92 -29.11 -7.87
N THR M 151 29.20 -28.78 -7.75
CA THR M 151 29.75 -28.16 -6.55
C THR M 151 29.95 -26.69 -6.82
N ARG M 152 28.95 -25.89 -6.48
CA ARG M 152 29.00 -24.45 -6.71
C ARG M 152 28.02 -23.77 -5.76
N LEU M 153 28.55 -22.98 -4.84
CA LEU M 153 27.75 -22.19 -3.91
C LEU M 153 27.85 -20.72 -4.31
N ASN M 154 26.71 -20.05 -4.34
CA ASN M 154 26.67 -18.64 -4.71
C ASN M 154 25.50 -17.95 -4.02
N GLY M 155 25.66 -16.65 -3.79
CA GLY M 155 24.74 -15.87 -2.99
C GLY M 155 23.95 -14.86 -3.80
N ASP M 156 23.98 -13.61 -3.32
CA ASP M 156 23.20 -12.51 -3.88
C ASP M 156 23.62 -12.18 -5.31
N PHE M 157 24.86 -11.73 -5.51
CA PHE M 157 25.42 -11.61 -6.84
C PHE M 157 26.85 -12.14 -6.93
N CYS M 158 27.42 -12.61 -5.84
CA CYS M 158 28.79 -13.07 -5.80
C CYS M 158 28.85 -14.58 -6.03
N LEU M 159 30.02 -15.17 -5.80
CA LEU M 159 30.23 -16.61 -5.83
C LEU M 159 30.93 -16.95 -4.52
N HIS M 160 30.24 -17.69 -3.64
CA HIS M 160 30.83 -17.99 -2.34
C HIS M 160 31.92 -19.04 -2.45
N SER M 161 31.62 -20.18 -3.07
CA SER M 161 32.59 -21.25 -3.13
C SER M 161 32.46 -21.99 -4.46
N ARG M 162 33.38 -22.94 -4.66
CA ARG M 162 33.38 -23.82 -5.81
C ARG M 162 33.53 -25.28 -5.43
N HIS M 163 33.52 -25.60 -4.13
CA HIS M 163 33.88 -26.93 -3.65
C HIS M 163 32.95 -27.37 -2.53
N ASP M 164 31.68 -27.01 -2.59
CA ASP M 164 30.73 -27.41 -1.54
C ASP M 164 30.27 -28.84 -1.81
N GLN M 165 30.58 -29.74 -0.87
CA GLN M 165 30.12 -31.12 -0.93
C GLN M 165 28.82 -31.33 -0.19
N SER M 166 28.16 -30.24 0.21
CA SER M 166 26.99 -30.30 1.08
C SER M 166 25.70 -30.39 0.28
N LYS M 167 25.77 -30.83 -0.96
CA LYS M 167 24.59 -30.89 -1.82
C LYS M 167 24.01 -32.29 -1.91
N ILE M 168 24.82 -33.31 -1.77
CA ILE M 168 24.36 -34.69 -1.74
C ILE M 168 24.79 -35.33 -0.43
N PHE M 169 23.83 -35.88 0.31
CA PHE M 169 24.05 -36.39 1.65
C PHE M 169 23.73 -37.88 1.70
N GLN M 170 24.52 -38.63 2.44
CA GLN M 170 24.33 -40.06 2.61
C GLN M 170 23.56 -40.33 3.89
N LEU M 171 22.46 -41.10 3.78
CA LEU M 171 21.68 -41.47 4.95
C LEU M 171 21.99 -42.90 5.39
N THR M 172 21.85 -43.86 4.47
CA THR M 172 22.16 -45.26 4.67
C THR M 172 23.14 -45.66 3.58
N PRO M 173 23.80 -46.85 3.64
CA PRO M 173 24.68 -47.24 2.53
C PRO M 173 23.98 -47.52 1.21
N TYR M 174 22.66 -47.58 1.17
CA TYR M 174 21.94 -47.83 -0.07
C TYR M 174 21.06 -46.67 -0.52
N THR M 175 20.83 -45.67 0.32
CA THR M 175 19.90 -44.59 0.01
C THR M 175 20.54 -43.25 0.34
N TYR M 176 20.56 -42.34 -0.65
CA TYR M 176 21.07 -40.99 -0.45
C TYR M 176 19.92 -40.00 -0.53
N MET M 177 20.16 -38.79 -0.02
CA MET M 177 19.33 -37.64 -0.33
C MET M 177 20.18 -36.62 -1.07
N ALA M 178 19.57 -35.97 -2.06
CA ALA M 178 20.27 -35.03 -2.93
C ALA M 178 19.41 -33.80 -3.12
N SER M 179 19.71 -32.77 -2.34
CA SER M 179 18.85 -31.60 -2.26
C SER M 179 19.64 -30.36 -2.63
N ASN M 180 18.91 -29.28 -2.96
CA ASN M 180 19.49 -28.02 -3.39
C ASN M 180 18.46 -26.91 -3.24
N GLY M 181 18.86 -25.69 -3.55
CA GLY M 181 18.04 -24.54 -3.24
C GLY M 181 18.72 -23.63 -2.24
N MET M 182 18.22 -23.64 -1.00
CA MET M 182 18.83 -22.84 0.06
C MET M 182 19.82 -23.70 0.84
N GLN M 183 21.04 -23.18 1.01
CA GLN M 183 22.11 -23.99 1.60
C GLN M 183 21.94 -24.11 3.11
N ALA M 184 21.31 -23.11 3.74
CA ALA M 184 21.19 -23.12 5.19
C ALA M 184 20.13 -24.10 5.65
N ASP M 185 18.98 -24.14 4.98
CA ASP M 185 17.94 -25.10 5.32
C ASP M 185 18.24 -26.48 4.76
N ARG M 186 19.20 -26.57 3.84
CA ARG M 186 19.65 -27.89 3.40
C ARG M 186 20.37 -28.63 4.50
N LEU M 187 21.26 -27.95 5.22
CA LEU M 187 22.06 -28.63 6.24
C LEU M 187 21.23 -29.00 7.46
N GLN M 188 20.14 -28.26 7.71
CA GLN M 188 19.26 -28.59 8.81
C GLN M 188 18.39 -29.81 8.48
N LEU M 189 17.93 -29.91 7.24
CA LEU M 189 17.11 -31.05 6.84
C LEU M 189 17.94 -32.32 6.73
N GLN M 190 19.24 -32.19 6.42
CA GLN M 190 20.10 -33.36 6.32
C GLN M 190 20.40 -33.95 7.69
N GLN M 191 20.32 -33.14 8.76
CA GLN M 191 20.60 -33.65 10.09
C GLN M 191 19.37 -34.26 10.74
N MET M 192 18.20 -33.69 10.51
CA MET M 192 16.98 -34.27 11.06
C MET M 192 16.62 -35.56 10.34
N LEU M 193 17.00 -35.66 9.06
CA LEU M 193 16.93 -36.95 8.38
C LEU M 193 17.98 -37.91 8.89
N LYS M 194 19.09 -37.38 9.42
CA LYS M 194 20.18 -38.24 9.85
C LYS M 194 19.86 -38.96 11.15
N TYR M 195 19.11 -38.32 12.04
CA TYR M 195 18.87 -38.93 13.34
C TYR M 195 17.56 -39.70 13.41
N ARG M 196 16.60 -39.42 12.52
CA ARG M 196 15.42 -40.28 12.44
C ARG M 196 15.76 -41.64 11.85
N VAL M 197 16.83 -41.71 11.05
CA VAL M 197 17.36 -43.01 10.64
C VAL M 197 18.04 -43.69 11.83
N LYS M 198 18.68 -42.93 12.71
CA LYS M 198 19.36 -43.54 13.84
C LYS M 198 18.39 -44.01 14.92
N TRP M 199 17.26 -43.32 15.09
CA TRP M 199 16.24 -43.83 15.99
C TRP M 199 15.51 -45.03 15.37
N TYR M 200 15.51 -45.11 14.04
CA TYR M 200 15.00 -46.30 13.38
C TYR M 200 15.93 -47.48 13.61
N LYS M 201 17.23 -47.23 13.58
CA LYS M 201 18.21 -48.30 13.69
C LYS M 201 18.31 -48.82 15.13
N TYR M 202 18.08 -47.94 16.10
CA TYR M 202 18.14 -48.34 17.50
C TYR M 202 16.87 -49.07 17.93
N ASN M 203 15.71 -48.70 17.41
CA ASN M 203 14.45 -49.28 17.85
C ASN M 203 14.07 -50.55 17.10
N ASN M 204 14.81 -50.92 16.05
CA ASN M 204 14.46 -52.07 15.23
C ASN M 204 15.56 -53.12 15.25
N GLY M 205 16.44 -53.06 16.24
CA GLY M 205 17.50 -54.03 16.34
C GLY M 205 18.56 -53.95 15.28
N GLY M 206 18.99 -52.76 14.91
CA GLY M 206 20.06 -52.60 13.95
C GLY M 206 19.64 -52.71 12.50
N LYS M 207 18.35 -52.83 12.21
CA LYS M 207 17.90 -52.97 10.83
C LYS M 207 17.95 -51.64 10.13
N VAL M 208 18.65 -51.60 9.00
CA VAL M 208 18.84 -50.39 8.22
C VAL M 208 17.55 -50.11 7.46
N PRO M 209 17.07 -48.86 7.41
CA PRO M 209 15.83 -48.59 6.68
C PRO M 209 16.05 -48.60 5.17
N SER M 210 15.01 -49.03 4.46
CA SER M 210 15.01 -49.11 3.01
C SER M 210 14.85 -47.72 2.40
N THR M 211 14.84 -47.67 1.06
CA THR M 211 14.62 -46.40 0.37
C THR M 211 13.17 -45.97 0.50
N LYS M 212 12.25 -46.92 0.49
CA LYS M 212 10.83 -46.62 0.59
C LYS M 212 10.47 -46.09 1.98
N ALA M 213 11.20 -46.54 3.01
CA ALA M 213 10.94 -46.07 4.37
C ALA M 213 11.50 -44.67 4.58
N ILE M 214 12.68 -44.39 4.04
CA ILE M 214 13.30 -43.08 4.15
C ILE M 214 12.52 -42.04 3.36
N ALA M 215 12.03 -42.41 2.18
CA ALA M 215 11.42 -41.43 1.30
C ALA M 215 9.99 -41.11 1.72
N GLN M 216 9.39 -41.95 2.56
CA GLN M 216 8.13 -41.58 3.17
C GLN M 216 8.35 -40.78 4.45
N LEU M 217 9.49 -41.02 5.11
CA LEU M 217 9.91 -40.16 6.21
C LEU M 217 10.18 -38.75 5.72
N MET M 218 10.80 -38.62 4.54
CA MET M 218 11.00 -37.32 3.92
C MET M 218 9.69 -36.64 3.58
N SER M 219 8.71 -37.42 3.10
CA SER M 219 7.47 -36.82 2.61
C SER M 219 6.59 -36.32 3.74
N THR M 220 6.73 -36.89 4.93
CA THR M 220 5.99 -36.41 6.08
C THR M 220 6.64 -35.20 6.73
N MET M 221 7.97 -35.19 6.89
CA MET M 221 8.64 -34.09 7.59
C MET M 221 8.60 -32.79 6.78
N LEU M 222 8.41 -32.88 5.47
CA LEU M 222 8.24 -31.68 4.68
C LEU M 222 6.87 -31.08 4.87
N TYR M 223 5.91 -31.88 5.38
CA TYR M 223 4.58 -31.36 5.60
C TYR M 223 4.39 -30.92 7.04
N HIS M 224 5.18 -31.47 7.97
CA HIS M 224 5.08 -31.03 9.37
C HIS M 224 5.53 -29.58 9.50
N ARG M 225 6.50 -29.16 8.70
CA ARG M 225 6.82 -27.75 8.53
C ARG M 225 6.23 -27.26 7.20
N ARG M 226 4.93 -27.03 7.22
CA ARG M 226 4.23 -26.53 6.04
C ARG M 226 4.04 -25.03 6.06
N PHE M 227 3.97 -24.42 7.24
CA PHE M 227 3.67 -23.00 7.34
C PHE M 227 4.92 -22.15 7.51
N PHE M 228 6.02 -22.72 8.00
CA PHE M 228 7.34 -22.10 7.89
C PHE M 228 8.25 -23.15 7.28
N PRO M 229 8.17 -23.35 5.96
CA PRO M 229 8.79 -24.53 5.36
C PRO M 229 10.26 -24.30 5.03
N TYR M 230 10.90 -25.40 4.62
CA TYR M 230 12.25 -25.33 4.09
C TYR M 230 12.21 -24.82 2.66
N TYR M 231 13.23 -24.04 2.28
CA TYR M 231 13.41 -23.64 0.89
C TYR M 231 14.38 -24.61 0.23
N THR M 232 14.06 -25.89 0.36
CA THR M 232 14.83 -26.94 -0.28
C THR M 232 13.94 -27.67 -1.27
N PHE M 233 14.58 -28.29 -2.24
CA PHE M 233 13.91 -29.12 -3.23
C PHE M 233 14.68 -30.43 -3.29
N ASN M 234 14.02 -31.51 -2.93
CA ASN M 234 14.69 -32.72 -2.47
C ASN M 234 14.58 -33.84 -3.50
N MET M 235 15.52 -34.77 -3.41
CA MET M 235 15.45 -36.05 -4.12
C MET M 235 15.96 -37.13 -3.19
N VAL M 236 15.14 -38.12 -2.92
CA VAL M 236 15.62 -39.30 -2.22
C VAL M 236 15.95 -40.38 -3.25
N VAL M 237 17.21 -40.81 -3.25
CA VAL M 237 17.76 -41.68 -4.28
C VAL M 237 18.30 -42.94 -3.63
N GLY M 238 17.81 -44.09 -4.07
CA GLY M 238 18.25 -45.34 -3.49
C GLY M 238 17.89 -46.53 -4.34
N LEU M 239 18.09 -47.72 -3.77
CA LEU M 239 17.75 -48.98 -4.40
C LEU M 239 16.50 -49.57 -3.75
N ASP M 240 15.83 -50.45 -4.47
CA ASP M 240 14.64 -51.11 -3.95
C ASP M 240 15.02 -52.25 -3.03
N GLU M 241 14.01 -52.95 -2.50
CA GLU M 241 14.23 -54.24 -1.87
C GLU M 241 14.54 -55.32 -2.90
N GLU M 242 14.10 -55.12 -4.15
CA GLU M 242 14.41 -56.05 -5.22
C GLU M 242 15.79 -55.81 -5.82
N GLY M 243 16.35 -54.63 -5.62
CA GLY M 243 17.65 -54.28 -6.16
C GLY M 243 17.62 -53.22 -7.23
N HIS M 244 16.44 -52.94 -7.79
CA HIS M 244 16.32 -51.92 -8.82
C HIS M 244 16.41 -50.53 -8.19
N GLY M 245 16.91 -49.57 -8.95
CA GLY M 245 17.05 -48.21 -8.43
C GLY M 245 15.84 -47.37 -8.78
N VAL M 246 15.38 -46.58 -7.81
CA VAL M 246 14.24 -45.68 -7.98
C VAL M 246 14.58 -44.35 -7.35
N CYS M 247 14.38 -43.25 -8.08
CA CYS M 247 14.57 -41.90 -7.58
C CYS M 247 13.22 -41.26 -7.27
N TYR M 248 13.15 -40.50 -6.20
CA TYR M 248 11.92 -39.76 -5.92
C TYR M 248 12.21 -38.26 -6.03
N SER M 249 11.14 -37.47 -6.11
CA SER M 249 11.26 -36.03 -6.17
C SER M 249 10.21 -35.40 -5.26
N TYR M 250 10.47 -34.17 -4.82
CA TYR M 250 9.64 -33.49 -3.84
C TYR M 250 9.49 -32.02 -4.22
N ASP M 251 8.33 -31.46 -3.90
CA ASP M 251 8.18 -30.03 -3.93
C ASP M 251 8.62 -29.45 -2.58
N ALA M 252 8.26 -28.19 -2.32
CA ALA M 252 8.63 -27.59 -1.03
C ALA M 252 7.80 -28.12 0.13
N VAL M 253 6.72 -28.86 -0.14
CA VAL M 253 5.83 -29.36 0.90
C VAL M 253 5.63 -30.86 0.84
N GLY M 254 6.36 -31.58 -0.01
CA GLY M 254 6.49 -33.03 0.10
C GLY M 254 5.69 -33.87 -0.88
N SER M 255 5.38 -33.37 -2.08
CA SER M 255 4.68 -34.20 -3.05
C SER M 255 5.61 -35.24 -3.68
N THR M 256 5.42 -36.50 -3.32
CA THR M 256 6.31 -37.58 -3.72
C THR M 256 5.74 -38.38 -4.88
N GLU M 257 6.65 -39.04 -5.61
CA GLU M 257 6.32 -39.97 -6.68
C GLU M 257 7.54 -40.83 -7.04
N PRO M 258 7.42 -42.15 -7.06
CA PRO M 258 8.53 -42.98 -7.57
C PRO M 258 8.63 -42.87 -9.08
N PHE M 259 9.86 -42.70 -9.56
CA PHE M 259 10.11 -42.44 -10.97
C PHE M 259 11.54 -42.86 -11.27
N LEU M 260 11.86 -43.04 -12.56
CA LEU M 260 13.16 -43.59 -12.92
C LEU M 260 14.26 -42.56 -13.01
N TYR M 261 13.94 -41.27 -13.01
CA TYR M 261 14.95 -40.23 -12.97
C TYR M 261 14.41 -38.97 -12.30
N GLY M 262 15.17 -37.89 -12.34
CA GLY M 262 14.74 -36.67 -11.69
C GLY M 262 15.83 -35.62 -11.69
N THR M 263 15.45 -34.36 -11.89
CA THR M 263 16.40 -33.27 -11.99
C THR M 263 15.86 -32.03 -11.28
N ARG M 264 16.59 -31.57 -10.27
CA ARG M 264 16.16 -30.40 -9.53
C ARG M 264 17.21 -29.32 -9.65
N GLY M 265 16.85 -28.11 -9.24
CA GLY M 265 17.79 -27.01 -9.18
C GLY M 265 17.41 -25.92 -10.15
N SER M 266 18.38 -25.04 -10.42
CA SER M 266 18.15 -23.94 -11.34
C SER M 266 18.15 -24.39 -12.79
N ALA M 267 18.90 -25.43 -13.12
CA ALA M 267 18.96 -25.94 -14.49
C ALA M 267 18.06 -27.16 -14.68
N ALA M 268 16.95 -27.22 -13.97
CA ALA M 268 16.05 -28.36 -14.09
C ALA M 268 15.29 -28.33 -15.42
N SER M 269 14.92 -27.14 -15.87
CA SER M 269 14.18 -27.01 -17.13
C SER M 269 15.05 -27.23 -18.36
N PHE M 270 16.37 -27.26 -18.21
CA PHE M 270 17.25 -27.70 -19.28
C PHE M 270 17.32 -29.21 -19.39
N VAL M 271 17.39 -29.90 -18.25
CA VAL M 271 17.83 -31.29 -18.22
C VAL M 271 16.64 -32.25 -18.19
N GLU M 272 15.57 -31.88 -17.47
CA GLU M 272 14.38 -32.73 -17.37
C GLU M 272 13.65 -32.92 -18.72
N PRO M 273 13.56 -31.93 -19.63
CA PRO M 273 13.13 -32.29 -20.99
C PRO M 273 14.17 -33.10 -21.76
N LEU M 274 15.46 -32.96 -21.44
CA LEU M 274 16.47 -33.76 -22.12
C LEU M 274 16.40 -35.21 -21.70
N LEU M 275 16.10 -35.47 -20.43
CA LEU M 275 16.00 -36.85 -19.96
C LEU M 275 14.69 -37.48 -20.42
N ASP M 276 13.69 -36.67 -20.78
CA ASP M 276 12.48 -37.20 -21.38
C ASP M 276 12.73 -37.75 -22.77
N CYS M 277 13.65 -37.14 -23.50
CA CYS M 277 13.83 -37.43 -24.92
C CYS M 277 14.75 -38.62 -25.17
N LEU M 278 15.55 -39.02 -24.18
CA LEU M 278 16.56 -40.04 -24.40
C LEU M 278 16.45 -41.22 -23.46
N ILE M 279 15.56 -41.17 -22.47
CA ILE M 279 15.34 -42.32 -21.60
C ILE M 279 14.01 -43.00 -21.91
N ASN M 280 12.94 -42.22 -22.02
CA ASN M 280 11.62 -42.76 -22.34
C ASN M 280 11.53 -43.31 -23.75
N ARG M 281 12.32 -42.76 -24.68
CA ARG M 281 12.31 -43.08 -26.11
C ARG M 281 10.89 -42.92 -26.68
N GLN M 282 10.44 -41.66 -26.68
CA GLN M 282 9.11 -41.29 -27.12
C GLN M 282 9.21 -40.42 -28.37
N HIS M 283 8.17 -40.48 -29.20
CA HIS M 283 8.04 -39.73 -30.47
C HIS M 283 9.15 -40.08 -31.46
N MET M 284 9.68 -41.30 -31.37
CA MET M 284 10.71 -41.76 -32.28
C MET M 284 10.30 -43.11 -32.82
N THR M 285 9.97 -43.17 -34.11
CA THR M 285 9.57 -44.42 -34.76
C THR M 285 10.80 -45.27 -35.03
N SER M 286 11.24 -45.95 -33.98
CA SER M 286 12.41 -46.82 -34.05
C SER M 286 12.29 -47.85 -32.94
N GLN M 287 12.93 -49.00 -33.10
CA GLN M 287 12.89 -50.05 -32.09
C GLN M 287 13.66 -49.65 -30.84
N ALA M 288 13.39 -50.32 -29.74
CA ALA M 288 13.98 -49.94 -28.46
C ALA M 288 15.44 -50.39 -28.38
N PRO M 289 16.34 -49.55 -27.88
CA PRO M 289 17.70 -50.00 -27.57
C PRO M 289 17.70 -50.95 -26.39
N PRO M 290 18.78 -51.73 -26.19
CA PRO M 290 18.86 -52.56 -24.98
C PRO M 290 19.04 -51.75 -23.71
N GLU M 291 19.12 -52.45 -22.57
CA GLU M 291 19.17 -51.77 -21.27
C GLU M 291 20.49 -51.04 -21.09
N MET M 292 20.42 -49.85 -20.49
CA MET M 292 21.58 -49.01 -20.31
C MET M 292 22.47 -49.55 -19.19
N THR M 293 23.77 -49.58 -19.45
CA THR M 293 24.74 -50.00 -18.45
C THR M 293 25.07 -48.85 -17.52
N LYS M 294 26.00 -49.09 -16.59
CA LYS M 294 26.46 -48.01 -15.71
C LYS M 294 27.29 -47.00 -16.48
N GLU M 295 27.99 -47.47 -17.51
CA GLU M 295 28.90 -46.59 -18.25
C GLU M 295 28.15 -45.73 -19.26
N GLU M 296 27.14 -46.31 -19.91
CA GLU M 296 26.38 -45.56 -20.91
C GLU M 296 25.42 -44.58 -20.25
N THR M 297 25.06 -44.84 -19.00
CA THR M 297 24.27 -43.89 -18.23
C THR M 297 25.14 -42.74 -17.75
N LEU M 298 26.39 -43.05 -17.36
CA LEU M 298 27.31 -42.04 -16.86
C LEU M 298 27.75 -41.09 -17.96
N ALA M 299 28.01 -41.63 -19.16
CA ALA M 299 28.42 -40.78 -20.26
C ALA M 299 27.26 -39.95 -20.80
N MET M 300 26.04 -40.47 -20.62
CA MET M 300 24.85 -39.68 -20.94
C MET M 300 24.67 -38.51 -19.99
N LEU M 301 24.85 -38.75 -18.69
CA LEU M 301 24.59 -37.73 -17.69
C LEU M 301 25.68 -36.65 -17.69
N LYS M 302 26.86 -36.94 -18.26
CA LYS M 302 27.86 -35.91 -18.45
C LYS M 302 27.47 -34.95 -19.56
N ASN M 303 26.62 -35.39 -20.48
CA ASN M 303 26.22 -34.54 -21.59
C ASN M 303 25.17 -33.51 -21.16
N ALA M 304 24.55 -33.74 -20.00
CA ALA M 304 23.59 -32.77 -19.48
C ALA M 304 24.29 -31.68 -18.67
N PHE M 305 25.27 -32.06 -17.86
CA PHE M 305 25.98 -31.09 -17.04
C PHE M 305 26.97 -30.27 -17.86
N THR M 306 27.50 -30.86 -18.94
CA THR M 306 28.22 -30.02 -19.92
C THR M 306 27.27 -29.20 -20.76
N GLY M 307 25.97 -29.49 -20.72
CA GLY M 307 24.98 -28.65 -21.36
C GLY M 307 24.37 -27.61 -20.46
N ALA M 308 24.32 -27.87 -19.16
CA ALA M 308 23.84 -26.89 -18.19
C ALA M 308 24.92 -25.88 -17.79
N ALA M 309 26.20 -26.22 -17.97
CA ALA M 309 27.28 -25.30 -17.71
C ALA M 309 27.44 -24.26 -18.81
N GLU M 310 26.88 -24.54 -19.99
CA GLU M 310 26.92 -23.60 -21.10
C GLU M 310 25.82 -22.55 -21.02
N ARG M 311 24.63 -22.92 -20.56
CA ARG M 311 23.47 -22.05 -20.68
C ARG M 311 22.86 -21.59 -19.36
N ASP M 312 23.34 -22.03 -18.21
CA ASP M 312 22.81 -21.59 -16.93
C ASP M 312 23.92 -20.92 -16.13
N ILE M 313 23.66 -19.69 -15.67
CA ILE M 313 24.69 -18.90 -15.02
C ILE M 313 24.91 -19.28 -13.56
N TYR M 314 23.96 -19.99 -12.94
CA TYR M 314 24.10 -20.40 -11.55
C TYR M 314 24.55 -21.84 -11.40
N THR M 315 25.07 -22.46 -12.44
CA THR M 315 25.33 -23.89 -12.47
C THR M 315 26.69 -24.18 -13.09
N GLY M 316 27.52 -24.92 -12.36
CA GLY M 316 28.67 -25.54 -12.96
C GLY M 316 30.02 -25.01 -12.54
N ASP M 317 30.70 -25.76 -11.67
CA ASP M 317 32.14 -25.62 -11.51
C ASP M 317 32.78 -26.99 -11.68
N SER M 318 32.16 -27.99 -11.08
CA SER M 318 32.56 -29.40 -11.13
C SER M 318 31.43 -30.24 -10.58
N VAL M 319 31.11 -31.36 -11.23
CA VAL M 319 30.00 -32.21 -10.85
C VAL M 319 30.55 -33.52 -10.31
N SER M 320 29.99 -33.98 -9.19
CA SER M 320 30.44 -35.19 -8.53
C SER M 320 29.43 -36.31 -8.71
N PHE M 321 29.88 -37.39 -9.34
CA PHE M 321 29.02 -38.53 -9.66
C PHE M 321 29.14 -39.60 -8.60
N PHE M 322 27.99 -40.05 -8.09
CA PHE M 322 27.91 -41.15 -7.13
C PHE M 322 27.23 -42.33 -7.83
N ILE M 323 27.83 -43.51 -7.70
CA ILE M 323 27.32 -44.69 -8.38
C ILE M 323 26.97 -45.71 -7.30
N ILE M 324 25.68 -45.85 -7.02
CA ILE M 324 25.20 -46.67 -5.91
C ILE M 324 24.89 -48.07 -6.43
N THR M 325 25.71 -49.04 -6.04
CA THR M 325 25.53 -50.43 -6.44
C THR M 325 25.37 -51.26 -5.16
N LYS M 326 25.02 -52.54 -5.30
CA LYS M 326 24.83 -53.39 -4.13
C LYS M 326 26.14 -53.71 -3.43
N ASP M 327 27.26 -53.69 -4.14
CA ASP M 327 28.57 -53.92 -3.55
C ASP M 327 29.25 -52.57 -3.30
N GLY M 328 28.64 -51.79 -2.41
CA GLY M 328 29.16 -50.50 -2.05
C GLY M 328 28.95 -49.45 -3.13
N VAL M 329 29.55 -48.28 -2.90
CA VAL M 329 29.38 -47.12 -3.75
C VAL M 329 30.76 -46.69 -4.23
N GLN M 330 30.88 -46.37 -5.52
CA GLN M 330 32.08 -45.74 -6.02
C GLN M 330 31.80 -44.29 -6.36
N GLN M 331 32.83 -43.46 -6.25
CA GLN M 331 32.70 -42.02 -6.34
C GLN M 331 33.66 -41.45 -7.38
N GLU M 332 33.12 -40.64 -8.28
CA GLU M 332 33.91 -40.01 -9.33
C GLU M 332 33.68 -38.50 -9.30
N SER M 333 34.53 -37.79 -10.04
CA SER M 333 34.41 -36.36 -10.23
C SER M 333 34.51 -36.03 -11.70
N PHE M 334 34.19 -34.78 -12.04
CA PHE M 334 34.16 -34.35 -13.43
C PHE M 334 34.25 -32.83 -13.46
N GLU M 335 34.87 -32.30 -14.52
CA GLU M 335 35.15 -30.87 -14.60
C GLU M 335 34.20 -30.17 -15.56
N LEU M 336 33.63 -29.06 -15.12
CA LEU M 336 32.76 -28.23 -15.92
C LEU M 336 33.43 -26.89 -16.20
N ARG M 337 32.69 -26.00 -16.86
CA ARG M 337 33.23 -24.68 -17.16
C ARG M 337 33.23 -23.82 -15.89
N LYS M 338 34.28 -23.02 -15.72
CA LYS M 338 34.48 -22.26 -14.51
C LYS M 338 33.76 -20.91 -14.51
N ASP M 339 33.16 -20.53 -15.63
CA ASP M 339 32.46 -19.24 -15.70
C ASP M 339 30.94 -19.40 -15.61
N ALA N 2 26.67 0.80 15.07
CA ALA N 2 28.05 0.42 14.84
C ALA N 2 28.13 -0.78 13.91
N SER N 3 28.94 -0.67 12.87
CA SER N 3 29.01 -1.71 11.85
C SER N 3 30.44 -1.87 11.37
N GLY N 4 30.83 -3.11 11.12
CA GLY N 4 32.17 -3.43 10.64
C GLY N 4 32.23 -3.51 9.13
N GLY N 5 33.46 -3.45 8.61
CA GLY N 5 33.69 -3.48 7.18
C GLY N 5 34.19 -4.83 6.70
N SER N 6 34.86 -4.85 5.55
CA SER N 6 35.23 -6.08 4.87
C SER N 6 36.39 -6.78 5.56
N VAL N 7 36.32 -8.11 5.55
CA VAL N 7 37.30 -8.99 6.19
C VAL N 7 37.78 -10.01 5.15
N ILE N 8 39.10 -10.12 4.97
CA ILE N 8 39.66 -11.06 4.01
C ILE N 8 40.60 -12.01 4.74
N ALA N 9 40.73 -13.22 4.19
CA ALA N 9 41.54 -14.26 4.81
C ALA N 9 42.01 -15.24 3.74
N ILE N 10 43.16 -15.87 4.00
CA ILE N 10 43.75 -16.80 3.03
C ILE N 10 44.61 -17.81 3.78
N LYS N 11 44.72 -19.02 3.23
CA LYS N 11 45.63 -20.04 3.72
C LYS N 11 46.97 -19.91 3.03
N TYR N 12 48.04 -20.29 3.72
CA TYR N 12 49.35 -20.44 3.13
C TYR N 12 49.95 -21.78 3.54
N LYS N 13 51.21 -22.00 3.17
CA LYS N 13 51.92 -23.22 3.58
C LYS N 13 52.28 -23.11 5.05
N GLY N 14 51.41 -23.66 5.89
CA GLY N 14 51.73 -23.75 7.31
C GLY N 14 50.71 -23.11 8.23
N GLY N 15 49.88 -22.23 7.70
CA GLY N 15 48.91 -21.55 8.55
C GLY N 15 47.93 -20.74 7.74
N VAL N 16 47.13 -19.94 8.45
CA VAL N 16 46.08 -19.13 7.85
C VAL N 16 46.30 -17.68 8.28
N LEU N 17 46.15 -16.75 7.34
CA LEU N 17 46.20 -15.33 7.61
C LEU N 17 44.80 -14.75 7.52
N MET N 18 44.53 -13.67 8.26
CA MET N 18 43.24 -12.99 8.23
C MET N 18 43.42 -11.53 8.57
N ALA N 19 42.99 -10.65 7.67
CA ALA N 19 43.14 -9.22 7.83
C ALA N 19 41.77 -8.55 7.90
N ALA N 20 41.74 -7.40 8.59
CA ALA N 20 40.52 -6.60 8.74
C ALA N 20 40.92 -5.20 9.17
N ASP N 21 40.21 -4.20 8.65
CA ASP N 21 40.43 -2.84 9.07
C ASP N 21 39.95 -2.65 10.50
N THR N 22 40.56 -1.69 11.19
CA THR N 22 40.16 -1.36 12.55
C THR N 22 39.26 -0.14 12.55
N LEU N 23 38.10 -0.30 11.93
CA LEU N 23 37.11 0.78 11.85
C LEU N 23 35.76 0.22 12.25
N LEU N 24 34.92 1.06 12.86
CA LEU N 24 33.58 0.68 13.24
C LEU N 24 32.64 1.83 12.92
N SER N 25 32.11 1.83 11.70
CA SER N 25 31.30 2.92 11.19
C SER N 25 29.86 2.81 11.67
N TYR N 26 29.13 3.92 11.57
CA TYR N 26 27.71 4.00 11.88
C TYR N 26 27.03 4.69 10.71
N GLY N 27 26.59 3.90 9.75
CA GLY N 27 26.05 4.45 8.51
C GLY N 27 27.16 4.91 7.59
N SER N 28 27.27 6.23 7.40
CA SER N 28 28.41 6.82 6.72
C SER N 28 29.46 7.36 7.68
N LEU N 29 29.04 7.80 8.87
CA LEU N 29 29.93 8.32 9.90
C LEU N 29 30.88 7.24 10.39
N ALA N 30 32.19 7.51 10.29
CA ALA N 30 33.20 6.64 10.88
C ALA N 30 33.46 7.09 12.31
N LYS N 31 32.83 6.43 13.28
CA LYS N 31 32.90 6.90 14.65
C LYS N 31 34.24 6.59 15.29
N TRP N 32 34.67 5.34 15.25
CA TRP N 32 35.85 4.93 16.01
C TRP N 32 36.86 4.20 15.14
N PRO N 33 38.00 4.80 14.84
CA PRO N 33 39.05 4.09 14.08
C PRO N 33 40.03 3.31 14.93
N ASN N 34 39.71 3.00 16.18
CA ASN N 34 40.70 2.42 17.09
C ASN N 34 40.11 1.28 17.90
N ILE N 35 39.31 0.42 17.30
CA ILE N 35 38.76 -0.75 17.98
C ILE N 35 39.26 -2.00 17.25
N PRO N 36 39.61 -3.07 17.97
CA PRO N 36 40.05 -4.31 17.32
C PRO N 36 38.86 -5.21 17.01
N ARG N 37 38.86 -5.76 15.81
CA ARG N 37 37.78 -6.64 15.39
C ARG N 37 38.19 -8.10 15.41
N ILE N 38 39.48 -8.39 15.43
CA ILE N 38 39.95 -9.76 15.42
C ILE N 38 39.88 -10.30 16.86
N ARG N 39 38.86 -11.08 17.15
CA ARG N 39 38.83 -11.83 18.40
C ARG N 39 39.37 -13.23 18.18
N LEU N 40 40.12 -13.72 19.16
CA LEU N 40 40.69 -15.05 19.07
C LEU N 40 40.06 -15.96 20.12
N LEU N 41 39.87 -17.22 19.76
CA LEU N 41 38.97 -18.12 20.46
C LEU N 41 39.78 -19.27 21.05
N GLY N 42 39.88 -19.30 22.38
CA GLY N 42 40.59 -20.39 23.00
C GLY N 42 42.10 -20.22 22.87
N SER N 43 42.72 -21.19 22.17
CA SER N 43 44.16 -21.18 21.99
C SER N 43 44.59 -21.55 20.58
N HIS N 44 43.65 -21.81 19.66
CA HIS N 44 44.01 -22.24 18.33
C HIS N 44 43.26 -21.55 17.20
N SER N 45 42.31 -20.65 17.49
CA SER N 45 41.40 -20.16 16.48
C SER N 45 41.05 -18.70 16.74
N ALA N 46 40.45 -18.08 15.72
CA ALA N 46 40.09 -16.67 15.75
C ALA N 46 38.96 -16.39 14.76
N VAL N 47 38.09 -15.45 15.11
CA VAL N 47 36.96 -15.09 14.25
C VAL N 47 36.92 -13.59 14.09
N CYS N 48 36.36 -13.12 12.98
CA CYS N 48 36.14 -11.71 12.73
C CYS N 48 34.89 -11.56 11.86
N ALA N 49 34.17 -10.45 12.04
CA ALA N 49 32.84 -10.31 11.46
C ALA N 49 32.72 -9.07 10.58
N THR N 50 31.82 -9.17 9.61
CA THR N 50 31.39 -8.04 8.79
C THR N 50 29.90 -7.85 8.97
N GLY N 51 29.51 -6.73 9.53
CA GLY N 51 28.10 -6.49 9.78
C GLY N 51 27.88 -5.79 11.11
N SER N 52 26.80 -6.13 11.80
CA SER N 52 26.49 -5.49 13.07
C SER N 52 27.50 -5.90 14.13
N TYR N 53 27.99 -4.93 14.89
CA TYR N 53 28.98 -5.22 15.92
C TYR N 53 28.34 -5.71 17.21
N ALA N 54 27.10 -5.28 17.49
CA ALA N 54 26.41 -5.72 18.69
C ALA N 54 26.03 -7.18 18.60
N ASP N 55 25.72 -7.67 17.40
CA ASP N 55 25.43 -9.08 17.23
C ASP N 55 26.70 -9.92 17.37
N PHE N 56 27.82 -9.42 16.86
CA PHE N 56 29.10 -10.13 16.98
C PHE N 56 29.61 -10.11 18.41
N GLN N 57 29.37 -9.02 19.14
CA GLN N 57 29.90 -8.88 20.48
C GLN N 57 29.17 -9.80 21.47
N MET N 58 27.90 -10.09 21.22
CA MET N 58 27.14 -11.05 22.01
C MET N 58 27.34 -12.49 21.56
N MET N 59 27.58 -12.71 20.26
CA MET N 59 27.81 -14.07 19.77
C MET N 59 29.19 -14.57 20.18
N ALA N 60 30.21 -13.74 20.03
CA ALA N 60 31.56 -14.17 20.38
C ALA N 60 31.75 -14.26 21.89
N LYS N 61 30.94 -13.53 22.66
CA LYS N 61 30.92 -13.72 24.10
C LYS N 61 30.36 -15.08 24.48
N GLN N 62 29.36 -15.55 23.73
CA GLN N 62 28.76 -16.85 23.95
C GLN N 62 29.68 -18.01 23.59
N VAL N 63 30.35 -17.93 22.43
CA VAL N 63 31.17 -19.06 21.99
C VAL N 63 32.56 -19.05 22.63
N GLU N 64 32.95 -17.96 23.30
CA GLU N 64 34.16 -18.00 24.11
C GLU N 64 33.90 -18.63 25.46
N ASP N 65 32.71 -18.41 26.02
CA ASP N 65 32.32 -19.08 27.26
C ASP N 65 32.13 -20.57 27.03
N ASN N 66 31.84 -20.99 25.81
CA ASN N 66 31.64 -22.41 25.57
C ASN N 66 32.96 -23.15 25.50
N ILE N 67 34.00 -22.51 24.99
CA ILE N 67 35.31 -23.18 24.88
C ILE N 67 35.90 -23.42 26.25
N GLU N 68 35.87 -22.40 27.12
CA GLU N 68 36.56 -22.48 28.39
C GLU N 68 35.85 -23.40 29.38
N ARG N 69 34.52 -23.31 29.45
CA ARG N 69 33.78 -24.06 30.47
C ARG N 69 33.74 -25.55 30.17
N GLN N 70 33.79 -25.93 28.88
CA GLN N 70 33.96 -27.33 28.54
C GLN N 70 35.34 -27.83 28.93
N LYS N 71 36.35 -26.99 28.79
CA LYS N 71 37.73 -27.34 29.11
C LYS N 71 38.02 -27.26 30.60
N MET N 72 37.48 -26.25 31.30
CA MET N 72 37.71 -26.06 32.72
C MET N 72 37.04 -27.13 33.58
N TYR N 73 35.78 -27.47 33.27
CA TYR N 73 34.99 -28.29 34.18
C TYR N 73 35.39 -29.76 34.07
N HIS N 74 35.62 -30.23 32.86
CA HIS N 74 35.89 -31.63 32.60
C HIS N 74 37.36 -31.85 32.29
N ASN N 75 37.77 -33.11 32.27
CA ASN N 75 39.14 -33.49 31.93
C ASN N 75 39.22 -33.86 30.45
N VAL N 76 38.82 -32.91 29.62
CA VAL N 76 38.75 -33.13 28.18
C VAL N 76 39.71 -32.18 27.49
N ASP N 77 39.98 -32.45 26.22
CA ASP N 77 40.80 -31.55 25.42
C ASP N 77 40.01 -30.31 25.04
N GLU N 78 40.73 -29.29 24.58
CA GLU N 78 40.09 -28.11 24.03
C GLU N 78 39.46 -28.45 22.68
N LEU N 79 38.38 -27.76 22.36
CA LEU N 79 37.67 -27.93 21.10
C LEU N 79 38.57 -27.54 19.93
N SER N 80 38.51 -28.32 18.86
CA SER N 80 39.25 -28.01 17.64
C SER N 80 38.57 -26.85 16.93
N PRO N 81 39.26 -26.19 15.98
CA PRO N 81 38.59 -25.15 15.18
C PRO N 81 37.41 -25.65 14.35
N SER N 82 37.41 -26.90 13.91
CA SER N 82 36.28 -27.42 13.15
C SER N 82 35.07 -27.69 14.02
N GLU N 83 35.23 -27.73 15.34
CA GLU N 83 34.12 -28.03 16.23
C GLU N 83 33.55 -26.78 16.88
N VAL N 84 34.35 -25.74 17.05
CA VAL N 84 33.84 -24.48 17.57
C VAL N 84 33.26 -23.62 16.45
N PHE N 85 33.71 -23.82 15.20
CA PHE N 85 32.98 -23.24 14.08
C PHE N 85 31.64 -23.91 13.89
N SER N 86 31.54 -25.20 14.23
CA SER N 86 30.28 -25.90 14.12
C SER N 86 29.29 -25.42 15.18
N TYR N 87 29.79 -25.06 16.37
CA TYR N 87 28.91 -24.43 17.36
C TYR N 87 28.56 -23.01 16.95
N LEU N 88 29.46 -22.35 16.23
CA LEU N 88 29.18 -21.00 15.75
C LEU N 88 28.13 -21.02 14.65
N HIS N 89 28.11 -22.10 13.86
CA HIS N 89 27.12 -22.22 12.79
C HIS N 89 25.74 -22.54 13.33
N ARG N 90 25.65 -23.46 14.31
CA ARG N 90 24.34 -23.86 14.82
C ARG N 90 23.73 -22.80 15.73
N SER N 91 24.52 -21.85 16.21
CA SER N 91 23.98 -20.78 17.05
C SER N 91 23.41 -19.65 16.22
N ILE N 92 23.95 -19.43 15.02
CA ILE N 92 23.40 -18.40 14.16
C ILE N 92 22.12 -18.88 13.49
N TYR N 93 22.07 -20.15 13.08
CA TYR N 93 20.86 -20.71 12.49
C TYR N 93 19.73 -20.79 13.50
N GLN N 94 20.04 -20.96 14.78
CA GLN N 94 19.00 -20.98 15.80
C GLN N 94 18.36 -19.60 15.97
N LYS N 95 19.12 -18.54 15.70
CA LYS N 95 18.61 -17.20 15.92
C LYS N 95 17.69 -16.73 14.79
N ARG N 96 17.93 -17.16 13.55
CA ARG N 96 17.02 -16.80 12.48
C ARG N 96 15.71 -17.58 12.52
N CYS N 97 15.73 -18.79 13.10
CA CYS N 97 14.49 -19.53 13.30
C CYS N 97 13.69 -18.97 14.47
N ASP N 98 14.31 -18.22 15.37
CA ASP N 98 13.62 -17.47 16.40
C ASP N 98 13.24 -16.07 15.94
N PHE N 99 13.45 -15.76 14.66
CA PHE N 99 13.19 -14.46 14.04
C PHE N 99 13.90 -13.32 14.77
N ASP N 100 15.18 -13.54 15.04
CA ASP N 100 16.07 -12.56 15.67
C ASP N 100 17.51 -12.91 15.34
N PRO N 101 17.95 -12.72 14.09
CA PRO N 101 19.21 -13.34 13.67
C PRO N 101 20.43 -12.56 14.14
N CYS N 102 21.60 -13.11 13.81
CA CYS N 102 22.89 -12.48 14.06
C CYS N 102 23.34 -11.85 12.74
N LEU N 103 22.89 -10.62 12.50
CA LEU N 103 22.95 -10.00 11.18
C LEU N 103 24.36 -9.58 10.76
N CYS N 104 25.22 -10.56 10.47
CA CYS N 104 26.59 -10.29 10.04
C CYS N 104 27.17 -11.53 9.38
N GLN N 105 28.02 -11.30 8.39
CA GLN N 105 28.90 -12.33 7.86
C GLN N 105 30.11 -12.43 8.76
N MET N 106 30.66 -13.64 8.90
CA MET N 106 31.84 -13.85 9.72
C MET N 106 32.89 -14.63 8.94
N VAL N 107 34.15 -14.44 9.32
CA VAL N 107 35.27 -15.22 8.79
C VAL N 107 35.95 -15.91 9.97
N PHE N 108 36.14 -17.21 9.87
CA PHE N 108 36.69 -18.01 10.96
C PHE N 108 38.00 -18.63 10.50
N ILE N 109 39.04 -18.51 11.31
CA ILE N 109 40.32 -19.15 11.04
C ILE N 109 40.68 -20.02 12.24
N GLY N 110 41.55 -21.00 12.00
CA GLY N 110 42.01 -21.85 13.08
C GLY N 110 43.00 -22.87 12.56
N VAL N 111 44.04 -23.10 13.37
CA VAL N 111 45.06 -24.10 13.07
C VAL N 111 45.31 -24.93 14.32
N ARG N 112 45.10 -26.24 14.20
CA ARG N 112 45.36 -27.18 15.29
C ARG N 112 46.30 -28.23 14.70
N ASP N 113 47.56 -28.21 15.17
CA ASP N 113 48.68 -29.11 14.89
C ASP N 113 48.78 -29.61 13.45
N GLY N 114 48.94 -28.69 12.51
CA GLY N 114 49.00 -29.04 11.10
C GLY N 114 47.71 -28.86 10.35
N GLU N 115 46.59 -29.32 10.91
CA GLU N 115 45.31 -29.19 10.25
C GLU N 115 44.82 -27.75 10.30
N THR N 116 44.90 -27.06 9.17
CA THR N 116 44.46 -25.67 9.06
C THR N 116 42.98 -25.63 8.72
N PHE N 117 42.26 -24.65 9.27
CA PHE N 117 40.83 -24.53 9.07
C PHE N 117 40.50 -23.10 8.71
N LEU N 118 39.73 -22.92 7.64
CA LEU N 118 39.31 -21.61 7.18
C LEU N 118 37.90 -21.71 6.61
N ALA N 119 36.97 -20.99 7.22
CA ALA N 119 35.57 -21.08 6.83
C ALA N 119 34.86 -19.79 7.19
N GLY N 120 33.71 -19.58 6.56
CA GLY N 120 32.88 -18.42 6.84
C GLY N 120 31.45 -18.84 7.10
N VAL N 121 30.68 -17.91 7.64
CA VAL N 121 29.29 -18.17 7.99
C VAL N 121 28.48 -16.88 7.83
N ASP N 122 27.24 -17.02 7.38
CA ASP N 122 26.35 -15.89 7.15
C ASP N 122 25.33 -15.80 8.28
N ASP N 123 24.56 -14.71 8.29
CA ASP N 123 23.45 -14.54 9.21
C ASP N 123 22.33 -15.55 9.02
N VAL N 124 22.14 -16.00 7.78
CA VAL N 124 21.11 -16.98 7.47
C VAL N 124 21.48 -18.38 7.97
N GLY N 125 22.73 -18.79 7.83
CA GLY N 125 23.16 -20.11 8.18
C GLY N 125 24.00 -20.78 7.12
N THR N 126 24.32 -20.09 6.04
CA THR N 126 25.21 -20.62 5.02
C THR N 126 26.61 -20.75 5.58
N ARG N 127 27.29 -21.86 5.25
CA ARG N 127 28.67 -22.07 5.64
C ARG N 127 29.41 -22.68 4.47
N TRP N 128 30.68 -22.29 4.30
CA TRP N 128 31.49 -22.80 3.21
C TRP N 128 32.95 -22.79 3.64
N GLU N 129 33.72 -23.68 3.05
CA GLU N 129 35.14 -23.80 3.34
C GLU N 129 35.92 -23.65 2.04
N ASP N 130 37.02 -22.91 2.11
CA ASP N 130 37.79 -22.63 0.90
C ASP N 130 39.23 -22.37 1.35
N ASP N 131 40.09 -21.95 0.43
CA ASP N 131 41.40 -21.44 0.78
C ASP N 131 41.46 -19.93 0.75
N CYS N 132 40.32 -19.26 0.56
CA CYS N 132 40.25 -17.80 0.51
C CYS N 132 38.83 -17.37 0.83
N ILE N 133 38.67 -16.66 1.94
CA ILE N 133 37.37 -16.19 2.37
C ILE N 133 37.41 -14.67 2.41
N ALA N 134 36.36 -14.05 1.90
CA ALA N 134 36.22 -12.61 1.97
C ALA N 134 34.74 -12.28 2.14
N THR N 135 34.45 -11.35 3.04
CA THR N 135 33.08 -10.94 3.31
C THR N 135 32.97 -9.43 3.12
N GLY N 136 31.73 -8.97 3.02
CA GLY N 136 31.50 -7.55 2.79
C GLY N 136 31.72 -7.21 1.33
N TYR N 137 32.39 -6.10 1.09
CA TYR N 137 32.75 -5.70 -0.26
C TYR N 137 34.12 -6.19 -0.66
N GLY N 138 34.83 -6.87 0.26
CA GLY N 138 36.01 -7.61 -0.13
C GLY N 138 35.70 -8.88 -0.89
N ALA N 139 34.46 -9.36 -0.82
CA ALA N 139 34.04 -10.48 -1.65
C ALA N 139 33.90 -10.08 -3.10
N TYR N 140 33.61 -8.81 -3.36
CA TYR N 140 33.56 -8.29 -4.71
C TYR N 140 34.90 -7.76 -5.18
N ILE N 141 35.62 -7.04 -4.31
CA ILE N 141 36.87 -6.38 -4.69
C ILE N 141 38.04 -7.32 -4.49
N ALA N 142 38.27 -7.73 -3.24
CA ALA N 142 39.55 -8.37 -2.89
C ALA N 142 39.55 -9.85 -3.21
N LEU N 143 38.38 -10.48 -3.25
CA LEU N 143 38.30 -11.92 -3.47
C LEU N 143 38.70 -12.39 -4.88
N PRO N 144 38.44 -11.66 -5.99
CA PRO N 144 39.05 -12.08 -7.26
C PRO N 144 40.57 -12.06 -7.29
N LEU N 145 41.21 -11.15 -6.55
CA LEU N 145 42.67 -11.14 -6.52
C LEU N 145 43.22 -12.28 -5.69
N LEU N 146 42.47 -12.70 -4.66
CA LEU N 146 42.90 -13.81 -3.83
C LEU N 146 42.75 -15.15 -4.54
N ARG N 147 41.83 -15.22 -5.50
CA ARG N 147 41.57 -16.49 -6.17
C ARG N 147 42.59 -16.81 -7.24
N GLN N 148 43.12 -15.79 -7.95
CA GLN N 148 44.11 -16.09 -8.97
C GLN N 148 45.45 -16.47 -8.38
N ALA N 149 45.76 -16.01 -7.16
CA ALA N 149 47.08 -16.27 -6.60
C ALA N 149 47.13 -17.62 -5.90
N LEU N 150 46.00 -18.31 -5.79
CA LEU N 150 46.01 -19.67 -5.26
C LEU N 150 46.07 -20.69 -6.39
N GLU N 151 45.76 -20.27 -7.61
CA GLU N 151 45.77 -21.16 -8.77
C GLU N 151 46.96 -20.95 -9.68
N LYS N 152 47.72 -19.86 -9.49
CA LYS N 152 48.99 -19.69 -10.19
C LYS N 152 50.13 -20.48 -9.54
N ASN N 153 49.86 -21.13 -8.42
CA ASN N 153 50.77 -22.11 -7.80
C ASN N 153 49.98 -23.09 -6.95
N PRO N 154 49.61 -24.24 -7.50
CA PRO N 154 48.83 -25.24 -6.73
C PRO N 154 49.62 -25.93 -5.63
N ASP N 155 50.95 -25.77 -5.59
CA ASP N 155 51.72 -26.31 -4.47
C ASP N 155 51.39 -25.57 -3.17
N GLY N 156 51.10 -24.28 -3.27
CA GLY N 156 50.70 -23.49 -2.12
C GLY N 156 51.50 -22.20 -2.03
N LEU N 157 50.92 -21.23 -1.33
CA LEU N 157 51.61 -19.98 -1.04
C LEU N 157 52.46 -20.12 0.22
N SER N 158 53.63 -19.51 0.19
CA SER N 158 54.39 -19.34 1.41
C SER N 158 53.83 -18.17 2.20
N ARG N 159 54.36 -17.95 3.41
CA ARG N 159 53.88 -16.85 4.22
C ARG N 159 54.29 -15.51 3.63
N GLY N 160 55.45 -15.46 2.99
CA GLY N 160 55.94 -14.21 2.43
C GLY N 160 55.15 -13.74 1.23
N GLU N 161 54.74 -14.67 0.36
CA GLU N 161 53.99 -14.27 -0.82
C GLU N 161 52.49 -14.22 -0.58
N ALA N 162 51.98 -14.83 0.49
CA ALA N 162 50.60 -14.62 0.89
C ALA N 162 50.41 -13.33 1.66
N MET N 163 51.50 -12.75 2.17
CA MET N 163 51.40 -11.46 2.83
C MET N 163 51.52 -10.32 1.82
N ARG N 164 52.15 -10.58 0.67
CA ARG N 164 52.22 -9.55 -0.37
C ARG N 164 50.85 -9.33 -1.00
N ILE N 165 50.07 -10.40 -1.16
CA ILE N 165 48.82 -10.27 -1.91
C ILE N 165 47.69 -9.78 -1.02
N LEU N 166 47.77 -10.00 0.29
CA LEU N 166 46.81 -9.37 1.19
C LEU N 166 47.02 -7.87 1.22
N THR N 167 48.28 -7.44 1.23
CA THR N 167 48.59 -6.01 1.18
C THR N 167 48.19 -5.41 -0.17
N ASP N 168 48.25 -6.22 -1.24
CA ASP N 168 47.72 -5.78 -2.52
C ASP N 168 46.19 -5.72 -2.51
N CYS N 169 45.54 -6.54 -1.69
CA CYS N 169 44.09 -6.52 -1.58
C CYS N 169 43.58 -5.47 -0.61
N LEU N 170 44.30 -5.21 0.47
CA LEU N 170 43.90 -4.18 1.41
C LEU N 170 44.09 -2.79 0.81
N ARG N 171 45.01 -2.66 -0.14
CA ARG N 171 45.25 -1.37 -0.77
C ARG N 171 44.10 -0.98 -1.69
N VAL N 172 43.49 -1.97 -2.34
CA VAL N 172 42.39 -1.69 -3.26
C VAL N 172 41.09 -1.53 -2.49
N LEU N 173 41.00 -2.16 -1.31
CA LEU N 173 39.85 -1.92 -0.43
C LEU N 173 39.84 -0.49 0.11
N PHE N 174 41.01 0.12 0.25
CA PHE N 174 41.05 1.51 0.66
C PHE N 174 40.70 2.43 -0.51
N TYR N 175 41.04 2.01 -1.73
CA TYR N 175 40.73 2.81 -2.91
C TYR N 175 39.24 2.83 -3.20
N ARG N 176 38.57 1.69 -3.05
CA ARG N 176 37.28 1.48 -3.68
C ARG N 176 36.13 1.22 -2.73
N GLU N 177 36.38 1.06 -1.44
CA GLU N 177 35.30 0.98 -0.46
C GLU N 177 35.19 2.30 0.29
N CYS N 178 33.95 2.79 0.44
CA CYS N 178 33.74 4.07 1.09
C CYS N 178 34.01 3.98 2.59
N ARG N 179 33.46 2.96 3.23
CA ARG N 179 33.46 2.85 4.69
C ARG N 179 34.70 2.06 5.14
N ALA N 180 35.86 2.65 4.90
CA ALA N 180 37.14 2.01 5.18
C ALA N 180 38.17 3.07 5.53
N ILE N 181 39.16 2.65 6.33
CA ILE N 181 40.32 3.48 6.66
C ILE N 181 41.59 2.69 6.36
N ASN N 182 42.72 3.38 6.44
CA ASN N 182 44.01 2.77 6.17
C ASN N 182 44.72 2.38 7.47
N LYS N 183 44.11 1.46 8.19
CA LYS N 183 44.69 0.94 9.43
C LYS N 183 44.21 -0.50 9.60
N PHE N 184 45.12 -1.46 9.44
CA PHE N 184 44.76 -2.86 9.31
C PHE N 184 45.52 -3.70 10.32
N GLN N 185 44.83 -4.70 10.88
CA GLN N 185 45.46 -5.73 11.70
C GLN N 185 45.36 -7.07 10.98
N VAL N 186 46.42 -7.86 11.07
CA VAL N 186 46.49 -9.18 10.44
C VAL N 186 46.68 -10.23 11.51
N ALA N 187 45.72 -11.14 11.63
CA ALA N 187 45.89 -12.30 12.47
C ALA N 187 46.72 -13.35 11.74
N ASP N 188 47.43 -14.17 12.50
CA ASP N 188 48.32 -15.17 11.94
C ASP N 188 48.20 -16.43 12.78
N ALA N 189 47.38 -17.38 12.32
CA ALA N 189 47.18 -18.64 13.03
C ALA N 189 48.14 -19.66 12.45
N ALA N 190 49.10 -20.11 13.26
CA ALA N 190 50.07 -21.11 12.85
C ALA N 190 50.08 -22.25 13.87
N SER N 191 51.09 -23.11 13.79
CA SER N 191 51.19 -24.22 14.75
C SER N 191 51.57 -23.72 16.14
N ASP N 192 52.11 -22.50 16.23
CA ASP N 192 52.39 -21.91 17.53
C ASP N 192 51.11 -21.36 18.16
N GLY N 193 50.15 -20.95 17.34
CA GLY N 193 48.93 -20.35 17.82
C GLY N 193 48.55 -19.09 17.07
N VAL N 194 47.51 -18.42 17.51
CA VAL N 194 47.01 -17.22 16.82
C VAL N 194 47.74 -16.00 17.36
N ARG N 195 48.21 -15.15 16.46
CA ARG N 195 48.97 -13.96 16.83
C ARG N 195 48.46 -12.78 16.03
N ILE N 196 47.94 -11.77 16.73
CA ILE N 196 47.42 -10.56 16.10
C ILE N 196 48.53 -9.52 16.09
N SER N 197 48.73 -8.88 14.94
CA SER N 197 49.80 -7.91 14.79
C SER N 197 49.34 -6.51 15.17
N GLU N 198 50.32 -5.65 15.44
CA GLU N 198 50.15 -4.22 15.63
C GLU N 198 49.59 -3.59 14.35
N PRO N 199 48.69 -2.61 14.48
CA PRO N 199 48.10 -2.01 13.28
C PRO N 199 49.11 -1.29 12.40
N PHE N 200 48.98 -1.49 11.09
CA PHE N 200 49.86 -0.90 10.09
C PHE N 200 49.01 -0.19 9.03
N ASP N 201 49.67 0.30 8.00
CA ASP N 201 49.01 0.89 6.85
C ASP N 201 49.72 0.46 5.58
N VAL N 202 49.10 0.77 4.44
CA VAL N 202 49.63 0.40 3.15
C VAL N 202 50.07 1.65 2.41
N GLU N 203 50.95 1.48 1.44
CA GLU N 203 51.44 2.58 0.63
C GLU N 203 50.54 2.79 -0.57
N THR N 204 49.88 3.94 -0.61
CA THR N 204 48.92 4.27 -1.66
C THR N 204 49.55 5.25 -2.65
N HIS N 205 49.20 5.06 -3.92
CA HIS N 205 49.71 5.89 -5.00
C HIS N 205 48.56 6.71 -5.56
N TRP N 206 48.70 8.04 -5.48
CA TRP N 206 47.68 8.97 -5.94
C TRP N 206 48.24 9.91 -6.99
N GLU N 207 49.34 9.53 -7.62
CA GLU N 207 50.16 10.43 -8.44
C GLU N 207 50.11 10.10 -9.92
N TYR N 208 48.96 9.72 -10.45
CA TYR N 208 48.87 9.46 -11.88
C TYR N 208 48.74 10.78 -12.64
N GLU N 209 49.27 10.80 -13.86
CA GLU N 209 49.23 12.02 -14.65
C GLU N 209 47.86 12.27 -15.28
N GLY N 210 46.97 11.28 -15.23
CA GLY N 210 45.60 11.46 -15.66
C GLY N 210 44.67 11.93 -14.58
N TYR N 211 45.18 12.10 -13.36
CA TYR N 211 44.38 12.58 -12.25
C TYR N 211 44.51 14.07 -12.03
N CYS N 212 45.20 14.77 -12.93
CA CYS N 212 45.47 16.19 -12.74
C CYS N 212 44.21 17.02 -12.98
N PHE N 213 44.31 18.31 -12.63
CA PHE N 213 43.13 19.17 -12.57
C PHE N 213 42.60 19.48 -13.95
N GLU N 214 43.47 19.54 -14.96
CA GLU N 214 43.03 20.01 -16.27
C GLU N 214 42.46 18.88 -17.12
N LYS N 215 42.92 17.65 -16.89
CA LYS N 215 42.37 16.52 -17.63
C LYS N 215 40.97 16.13 -17.15
N THR N 216 40.76 16.01 -15.85
CA THR N 216 39.48 15.55 -15.31
C THR N 216 38.44 16.66 -15.24
N ALA N 217 38.75 17.85 -15.73
CA ALA N 217 37.84 18.99 -15.67
C ALA N 217 36.72 18.83 -16.70
N ILE N 218 35.53 19.30 -16.33
CA ILE N 218 34.38 19.34 -17.22
C ILE N 218 34.11 20.82 -17.46
N ILE N 219 34.68 21.37 -18.53
CA ILE N 219 34.59 22.80 -18.74
C ILE N 219 33.30 23.16 -19.46
N ALA O 4 5.90 37.76 -66.43
CA ALA O 4 6.54 38.68 -67.37
C ALA O 4 6.17 40.13 -67.03
N GLY O 5 5.29 40.29 -66.06
CA GLY O 5 4.84 41.60 -65.65
C GLY O 5 5.87 42.37 -64.86
N PHE O 6 6.44 41.76 -63.83
CA PHE O 6 7.39 42.46 -62.97
C PHE O 6 8.84 42.14 -63.35
N ASP O 7 9.18 40.84 -63.40
CA ASP O 7 10.47 40.20 -63.73
C ASP O 7 11.59 40.49 -62.72
N LYS O 8 11.37 41.42 -61.78
CA LYS O 8 12.48 41.87 -60.95
C LYS O 8 12.13 42.18 -59.50
N TYR O 9 10.89 41.96 -59.05
CA TYR O 9 10.46 42.51 -57.78
C TYR O 9 10.42 41.52 -56.63
N ILE O 10 10.30 40.22 -56.92
CA ILE O 10 10.45 39.17 -55.92
C ILE O 10 11.40 38.11 -56.49
N THR O 11 11.66 37.08 -55.69
CA THR O 11 12.63 36.04 -56.03
C THR O 11 12.03 35.11 -57.08
N VAL O 12 12.15 35.53 -58.34
CA VAL O 12 11.65 34.81 -59.50
C VAL O 12 12.75 34.80 -60.55
N PHE O 13 12.96 33.63 -61.17
CA PHE O 13 13.93 33.49 -62.25
C PHE O 13 13.59 34.38 -63.44
N SER O 14 14.56 35.19 -63.85
CA SER O 14 14.46 35.94 -65.08
C SER O 14 14.52 34.99 -66.27
N PRO O 15 14.04 35.39 -67.44
CA PRO O 15 14.10 34.50 -68.62
C PRO O 15 15.52 34.16 -69.09
N GLU O 16 16.54 34.89 -68.67
CA GLU O 16 17.92 34.47 -68.89
C GLU O 16 18.46 33.63 -67.75
N GLY O 17 17.63 33.31 -66.75
CA GLY O 17 18.04 32.42 -65.69
C GLY O 17 18.77 33.07 -64.55
N SER O 18 18.46 34.32 -64.22
CA SER O 18 19.10 35.01 -63.12
C SER O 18 18.07 35.39 -62.05
N LEU O 19 18.57 35.75 -60.88
CA LEU O 19 17.75 36.31 -59.81
C LEU O 19 18.11 37.78 -59.71
N TYR O 20 17.14 38.67 -59.94
CA TYR O 20 17.43 40.09 -59.91
C TYR O 20 17.50 40.64 -58.50
N GLN O 21 16.92 39.94 -57.52
CA GLN O 21 17.05 40.37 -56.14
C GLN O 21 18.38 39.94 -55.52
N VAL O 22 19.10 39.04 -56.18
CA VAL O 22 20.48 38.77 -55.79
C VAL O 22 21.41 39.84 -56.35
N GLU O 23 21.23 40.19 -57.62
CA GLU O 23 22.11 41.16 -58.27
C GLU O 23 21.90 42.57 -57.74
N TYR O 24 20.72 42.85 -57.18
CA TYR O 24 20.48 44.15 -56.58
C TYR O 24 20.95 44.23 -55.14
N ALA O 25 21.18 43.08 -54.50
CA ALA O 25 21.74 43.08 -53.15
C ALA O 25 23.26 43.15 -53.14
N PHE O 26 23.91 42.79 -54.26
CA PHE O 26 25.34 43.06 -54.41
C PHE O 26 25.62 44.55 -54.45
N LYS O 27 24.69 45.35 -55.00
CA LYS O 27 24.87 46.78 -55.11
C LYS O 27 24.65 47.51 -53.80
N ALA O 28 24.02 46.86 -52.81
CA ALA O 28 23.92 47.43 -51.48
C ALA O 28 25.21 47.28 -50.68
N VAL O 29 26.17 46.50 -51.20
CA VAL O 29 27.48 46.40 -50.57
C VAL O 29 28.34 47.60 -50.93
N THR O 30 28.32 47.99 -52.20
CA THR O 30 29.12 49.11 -52.67
C THR O 30 28.45 50.46 -52.45
N TYR O 31 27.20 50.48 -52.01
CA TYR O 31 26.44 51.71 -51.80
C TYR O 31 26.88 52.57 -50.61
N PRO O 32 27.31 52.04 -49.44
CA PRO O 32 27.88 52.94 -48.43
C PRO O 32 29.21 53.57 -48.82
N GLY O 33 29.93 53.02 -49.80
CA GLY O 33 31.18 53.59 -50.24
C GLY O 33 32.37 53.19 -49.42
N LEU O 34 32.25 52.18 -48.57
CA LEU O 34 33.35 51.76 -47.73
C LEU O 34 34.16 50.67 -48.42
N LEU O 35 35.15 50.14 -47.71
CA LEU O 35 36.06 49.14 -48.26
C LEU O 35 36.74 48.38 -47.13
N THR O 36 36.93 47.08 -47.32
CA THR O 36 37.76 46.27 -46.44
C THR O 36 38.71 45.43 -47.27
N VAL O 37 39.81 45.03 -46.65
CA VAL O 37 40.78 44.10 -47.24
C VAL O 37 41.20 43.12 -46.15
N ALA O 38 41.10 41.83 -46.44
CA ALA O 38 41.59 40.80 -45.55
C ALA O 38 42.72 40.03 -46.21
N ILE O 39 43.66 39.56 -45.40
CA ILE O 39 44.82 38.80 -45.90
C ILE O 39 45.32 37.91 -44.77
N ARG O 40 45.85 36.75 -45.13
CA ARG O 40 46.48 35.86 -44.17
C ARG O 40 47.93 35.64 -44.56
N CYS O 41 48.81 35.76 -43.58
CA CYS O 41 50.23 35.48 -43.75
C CYS O 41 50.49 34.03 -43.35
N LYS O 42 51.76 33.70 -43.13
CA LYS O 42 52.14 32.34 -42.74
C LYS O 42 51.59 31.98 -41.36
N ASP O 43 51.51 32.94 -40.45
CA ASP O 43 51.14 32.65 -39.07
C ASP O 43 50.10 33.59 -38.48
N ALA O 44 49.43 34.41 -39.28
CA ALA O 44 48.39 35.29 -38.75
C ALA O 44 47.37 35.61 -39.83
N VAL O 45 46.24 36.16 -39.40
CA VAL O 45 45.19 36.66 -40.27
C VAL O 45 45.02 38.14 -39.96
N LEU O 46 44.80 38.94 -41.00
CA LEU O 46 44.53 40.36 -40.81
C LEU O 46 43.26 40.75 -41.54
N VAL O 47 42.53 41.70 -40.98
CA VAL O 47 41.38 42.33 -41.61
C VAL O 47 41.52 43.83 -41.40
N VAL O 48 41.74 44.58 -42.48
CA VAL O 48 41.70 46.03 -42.41
C VAL O 48 40.38 46.47 -43.01
N THR O 49 39.87 47.59 -42.54
CA THR O 49 38.62 48.14 -43.06
C THR O 49 38.64 49.65 -42.86
N GLN O 50 37.95 50.37 -43.74
CA GLN O 50 37.85 51.81 -43.59
C GLN O 50 36.91 52.14 -42.45
N HIS O 51 37.44 52.82 -41.43
CA HIS O 51 36.67 53.24 -40.27
C HIS O 51 36.66 54.77 -40.27
N LEU O 52 35.76 55.35 -41.04
CA LEU O 52 35.71 56.79 -41.21
C LEU O 52 34.39 57.32 -40.67
N ILE O 53 34.47 58.37 -39.86
CA ILE O 53 33.28 59.04 -39.36
C ILE O 53 33.24 60.44 -39.94
N PRO O 54 32.21 60.78 -40.73
CA PRO O 54 32.17 62.11 -41.36
C PRO O 54 31.84 63.21 -40.37
N ASP O 55 30.95 62.93 -39.42
CA ASP O 55 30.60 63.91 -38.42
C ASP O 55 31.64 63.92 -37.32
N ARG O 56 32.07 65.11 -36.92
CA ARG O 56 33.00 65.27 -35.81
C ARG O 56 32.30 65.17 -34.46
N LEU O 57 30.96 65.23 -34.44
CA LEU O 57 30.18 65.17 -33.23
C LEU O 57 29.74 63.74 -32.92
N MET O 58 30.29 62.76 -33.61
CA MET O 58 29.99 61.35 -33.42
C MET O 58 31.08 60.70 -32.59
N ARG O 59 30.68 59.88 -31.62
CA ARG O 59 31.63 59.15 -30.78
C ARG O 59 32.27 58.04 -31.60
N PRO O 60 33.60 58.11 -31.84
CA PRO O 60 34.24 57.26 -32.85
C PRO O 60 34.56 55.84 -32.42
N ASP O 61 34.25 55.52 -31.17
CA ASP O 61 34.53 54.18 -30.67
C ASP O 61 33.23 53.41 -30.46
N SER O 62 32.16 53.86 -31.11
CA SER O 62 30.90 53.14 -31.10
C SER O 62 30.56 52.54 -32.46
N VAL O 63 30.83 53.25 -33.54
CA VAL O 63 30.58 52.77 -34.89
C VAL O 63 31.74 51.89 -35.29
N THR O 64 31.47 50.61 -35.53
CA THR O 64 32.50 49.66 -35.90
C THR O 64 31.91 48.60 -36.81
N ALA O 65 32.78 47.98 -37.60
CA ALA O 65 32.42 46.86 -38.45
C ALA O 65 33.02 45.54 -37.98
N LEU O 66 34.04 45.59 -37.13
CA LEU O 66 34.66 44.38 -36.61
C LEU O 66 33.87 43.87 -35.41
N TYR O 67 33.38 42.64 -35.52
CA TYR O 67 32.59 42.03 -34.47
C TYR O 67 33.28 40.76 -34.01
N GLU O 68 32.90 40.29 -32.83
CA GLU O 68 33.35 39.00 -32.33
C GLU O 68 32.19 38.01 -32.35
N VAL O 69 32.38 36.90 -33.04
CA VAL O 69 31.34 35.87 -33.09
C VAL O 69 31.51 34.88 -31.94
N THR O 70 32.66 34.22 -31.89
CA THR O 70 33.04 33.38 -30.75
C THR O 70 34.43 33.86 -30.35
N PRO O 71 34.94 33.49 -29.15
CA PRO O 71 36.29 33.94 -28.78
C PRO O 71 37.47 33.48 -29.65
N ASN O 72 37.25 32.74 -30.73
CA ASN O 72 38.30 32.43 -31.69
C ASN O 72 37.92 32.78 -33.13
N ILE O 73 36.77 33.44 -33.34
CA ILE O 73 36.32 33.81 -34.69
C ILE O 73 35.89 35.27 -34.63
N GLY O 74 36.47 36.10 -35.50
CA GLY O 74 36.03 37.46 -35.68
C GLY O 74 35.54 37.68 -37.10
N CYS O 75 34.84 38.78 -37.31
CA CYS O 75 34.26 39.05 -38.62
C CYS O 75 34.20 40.54 -38.86
N CYS O 76 34.17 40.91 -40.13
CA CYS O 76 33.81 42.26 -40.55
C CYS O 76 32.62 42.16 -41.49
N MET O 77 31.73 43.14 -41.42
CA MET O 77 30.50 43.15 -42.20
C MET O 77 30.56 44.34 -43.15
N THR O 78 30.68 44.05 -44.44
CA THR O 78 30.83 45.09 -45.46
C THR O 78 29.57 45.14 -46.31
N GLY O 79 28.81 46.18 -46.14
CA GLY O 79 27.58 46.36 -46.87
C GLY O 79 26.66 47.28 -46.11
N ARG O 80 25.36 46.96 -46.14
CA ARG O 80 24.38 47.71 -45.37
C ARG O 80 24.61 47.42 -43.89
N ALA O 81 24.98 48.47 -43.14
CA ALA O 81 25.44 48.37 -41.76
C ALA O 81 24.43 47.77 -40.75
N PRO O 82 23.11 48.06 -40.79
CA PRO O 82 22.24 47.31 -39.87
C PRO O 82 21.99 45.87 -40.30
N ASP O 83 22.25 45.53 -41.56
CA ASP O 83 22.12 44.13 -41.97
C ASP O 83 23.29 43.30 -41.45
N GLY O 84 24.44 43.94 -41.27
CA GLY O 84 25.60 43.23 -40.77
C GLY O 84 25.47 42.88 -39.30
N ARG O 85 24.83 43.75 -38.54
CA ARG O 85 24.55 43.48 -37.13
C ARG O 85 23.54 42.34 -36.98
N ALA O 86 22.67 42.19 -37.98
CA ALA O 86 21.71 41.09 -37.96
C ALA O 86 22.38 39.74 -38.15
N LEU O 87 23.35 39.65 -39.07
CA LEU O 87 24.00 38.37 -39.32
C LEU O 87 25.05 38.02 -38.29
N VAL O 88 25.50 39.00 -37.50
CA VAL O 88 26.34 38.68 -36.35
C VAL O 88 25.54 37.95 -35.30
N GLN O 89 24.32 38.42 -35.03
CA GLN O 89 23.46 37.80 -34.03
C GLN O 89 23.00 36.41 -34.48
N ARG O 90 22.91 36.20 -35.80
CA ARG O 90 22.61 34.87 -36.31
C ARG O 90 23.80 33.94 -36.13
N ALA O 91 25.01 34.45 -36.38
CA ALA O 91 26.21 33.62 -36.28
C ALA O 91 26.59 33.35 -34.84
N ARG O 92 26.20 34.23 -33.92
CA ARG O 92 26.45 34.00 -32.50
C ARG O 92 25.50 32.95 -31.95
N GLU O 93 24.30 32.85 -32.53
CA GLU O 93 23.39 31.78 -32.15
C GLU O 93 23.87 30.43 -32.66
N GLU O 94 24.42 30.41 -33.88
CA GLU O 94 24.83 29.14 -34.47
C GLU O 94 26.11 28.63 -33.82
N ALA O 95 26.98 29.55 -33.41
CA ALA O 95 28.22 29.14 -32.76
C ALA O 95 27.97 28.68 -31.33
N SER O 96 26.90 29.19 -30.70
CA SER O 96 26.57 28.79 -29.33
C SER O 96 25.79 27.50 -29.32
N ASP O 97 24.89 27.32 -30.29
CA ASP O 97 24.09 26.10 -30.36
C ASP O 97 24.92 24.94 -30.88
N TYR O 98 26.02 25.25 -31.57
CA TYR O 98 27.00 24.21 -31.88
C TYR O 98 27.72 23.79 -30.62
N GLN O 99 27.97 24.74 -29.71
CA GLN O 99 28.74 24.46 -28.50
C GLN O 99 27.93 23.60 -27.53
N TYR O 100 26.64 23.90 -27.39
CA TYR O 100 25.77 23.11 -26.53
C TYR O 100 25.55 21.71 -27.07
N ARG O 101 25.30 21.57 -28.37
CA ARG O 101 24.93 20.29 -28.94
C ARG O 101 26.13 19.38 -29.19
N TYR O 102 27.29 19.95 -29.52
CA TYR O 102 28.42 19.16 -29.97
C TYR O 102 29.65 19.27 -29.06
N GLY O 103 29.67 20.21 -28.11
CA GLY O 103 30.68 20.24 -27.08
C GLY O 103 32.00 20.87 -27.46
N VAL O 104 32.27 21.05 -28.75
CA VAL O 104 33.51 21.68 -29.20
C VAL O 104 33.17 23.02 -29.83
N GLU O 105 34.19 23.86 -29.98
CA GLU O 105 34.04 25.12 -30.68
C GLU O 105 33.87 24.89 -32.17
N ILE O 106 33.11 25.78 -32.81
CA ILE O 106 32.72 25.61 -34.20
C ILE O 106 33.92 25.89 -35.11
N PRO O 107 34.14 25.05 -36.13
CA PRO O 107 35.15 25.37 -37.13
C PRO O 107 34.73 26.59 -37.95
N ILE O 108 35.74 27.25 -38.51
CA ILE O 108 35.49 28.49 -39.25
C ILE O 108 34.87 28.17 -40.60
N ALA O 109 35.29 27.05 -41.21
CA ALA O 109 34.72 26.63 -42.48
C ALA O 109 33.28 26.15 -42.33
N VAL O 110 32.90 25.70 -41.14
CA VAL O 110 31.54 25.21 -40.91
C VAL O 110 30.62 26.36 -40.53
N LEU O 111 31.15 27.35 -39.82
CA LEU O 111 30.36 28.54 -39.49
C LEU O 111 30.11 29.40 -40.73
N ALA O 112 30.98 29.31 -41.73
CA ALA O 112 30.73 30.00 -42.99
C ALA O 112 29.69 29.26 -43.83
N LYS O 113 29.65 27.93 -43.73
CA LYS O 113 28.68 27.15 -44.49
C LYS O 113 27.28 27.31 -43.91
N ARG O 114 27.16 27.32 -42.58
CA ARG O 114 25.84 27.41 -41.96
C ARG O 114 25.28 28.83 -42.05
N MET O 115 26.11 29.82 -42.31
CA MET O 115 25.62 31.17 -42.58
C MET O 115 25.31 31.38 -44.05
N GLY O 116 25.88 30.57 -44.93
CA GLY O 116 25.50 30.62 -46.33
C GLY O 116 24.22 29.87 -46.60
N ASP O 117 23.85 28.93 -45.73
CA ASP O 117 22.56 28.26 -45.86
C ASP O 117 21.44 29.15 -45.38
N LYS O 118 21.75 30.11 -44.50
CA LYS O 118 20.73 31.06 -44.05
C LYS O 118 20.46 32.10 -45.13
N ALA O 119 21.44 32.36 -45.99
CA ALA O 119 21.26 33.37 -47.03
C ALA O 119 20.56 32.78 -48.25
N GLN O 120 20.66 31.47 -48.43
CA GLN O 120 20.00 30.84 -49.57
C GLN O 120 18.50 30.74 -49.36
N VAL O 121 18.07 30.59 -48.11
CA VAL O 121 16.64 30.48 -47.82
C VAL O 121 15.96 31.82 -48.06
N ARG O 122 16.63 32.92 -47.75
CA ARG O 122 16.03 34.24 -47.93
C ARG O 122 15.95 34.65 -49.39
N THR O 123 16.72 34.01 -50.27
CA THR O 123 16.60 34.31 -51.70
C THR O 123 15.83 33.25 -52.46
N GLN O 124 15.21 32.28 -51.76
CA GLN O 124 14.34 31.32 -52.40
C GLN O 124 12.88 31.47 -51.99
N GLN O 125 12.60 31.74 -50.73
CA GLN O 125 11.25 32.14 -50.36
C GLN O 125 11.01 33.58 -50.82
N ALA O 126 9.77 33.82 -51.28
CA ALA O 126 9.48 35.05 -52.01
C ALA O 126 9.40 36.27 -51.10
N GLY O 127 8.93 36.07 -49.88
CA GLY O 127 8.70 37.19 -48.98
C GLY O 127 9.93 37.80 -48.33
N LEU O 128 10.98 37.01 -48.16
CA LEU O 128 12.12 37.43 -47.35
C LEU O 128 13.11 38.25 -48.16
N ARG O 129 13.65 39.30 -47.54
CA ARG O 129 14.64 40.15 -48.18
C ARG O 129 16.04 39.58 -47.96
N PRO O 130 16.90 39.59 -48.98
CA PRO O 130 18.30 39.20 -48.75
C PRO O 130 19.04 40.24 -47.94
N MET O 131 20.03 39.77 -47.19
CA MET O 131 20.90 40.65 -46.42
C MET O 131 21.89 41.32 -47.36
N GLY O 132 21.86 42.65 -47.43
CA GLY O 132 22.76 43.38 -48.29
C GLY O 132 24.09 43.65 -47.65
N VAL O 133 24.85 42.58 -47.38
CA VAL O 133 26.13 42.69 -46.66
C VAL O 133 26.96 41.46 -47.00
N VAL O 134 28.25 41.68 -47.20
CA VAL O 134 29.22 40.60 -47.43
C VAL O 134 29.94 40.36 -46.12
N SER O 135 29.84 39.14 -45.59
CA SER O 135 30.50 38.79 -44.35
C SER O 135 31.88 38.22 -44.64
N THR O 136 32.82 38.43 -43.72
CA THR O 136 34.17 37.90 -43.83
C THR O 136 34.58 37.32 -42.48
N PHE O 137 34.32 36.04 -42.27
CA PHE O 137 34.65 35.38 -41.03
C PHE O 137 36.09 34.90 -41.07
N ILE O 138 36.90 35.38 -40.12
CA ILE O 138 38.31 35.04 -40.09
C ILE O 138 38.64 34.36 -38.77
N GLY O 139 39.62 33.48 -38.80
CA GLY O 139 40.00 32.73 -37.62
C GLY O 139 41.09 31.74 -37.96
N MET O 140 41.44 30.92 -36.99
CA MET O 140 42.46 29.91 -37.17
C MET O 140 41.93 28.55 -36.73
N ASP O 141 42.02 27.57 -37.62
CA ASP O 141 41.48 26.25 -37.36
C ASP O 141 42.58 25.30 -36.85
N GLN O 142 42.14 24.32 -36.07
CA GLN O 142 43.02 23.26 -35.58
C GLN O 142 43.31 22.31 -36.74
N SER O 143 44.56 22.29 -37.20
CA SER O 143 44.94 21.40 -38.29
C SER O 143 44.99 19.96 -37.82
N ASP O 144 44.84 19.04 -38.76
CA ASP O 144 44.90 17.62 -38.45
C ASP O 144 46.27 17.05 -38.82
N GLN O 145 46.57 15.90 -38.23
CA GLN O 145 47.77 15.06 -38.43
C GLN O 145 49.05 15.69 -37.91
N ASP O 146 48.99 16.91 -37.40
CA ASP O 146 50.13 17.53 -36.73
C ASP O 146 49.78 18.36 -35.50
N GLY O 147 48.55 18.86 -35.40
CA GLY O 147 48.13 19.60 -34.21
C GLY O 147 48.39 21.08 -34.24
N SER O 148 48.95 21.62 -35.32
CA SER O 148 49.23 23.04 -35.39
C SER O 148 47.96 23.83 -35.71
N LEU O 149 48.08 25.16 -35.65
CA LEU O 149 47.03 26.06 -36.10
C LEU O 149 47.34 26.56 -37.50
N LYS O 150 46.31 27.06 -38.18
CA LYS O 150 46.43 27.43 -39.59
C LYS O 150 45.52 28.61 -39.87
N PRO O 151 46.00 29.64 -40.57
CA PRO O 151 45.17 30.83 -40.83
C PRO O 151 44.05 30.55 -41.84
N GLN O 152 42.88 31.12 -41.58
CA GLN O 152 41.69 30.90 -42.41
C GLN O 152 40.97 32.20 -42.66
N ILE O 153 40.49 32.38 -43.89
CA ILE O 153 39.63 33.49 -44.28
C ILE O 153 38.45 32.91 -45.03
N TYR O 154 37.23 33.26 -44.62
CA TYR O 154 36.03 32.76 -45.28
C TYR O 154 35.05 33.90 -45.51
N THR O 155 34.48 33.93 -46.72
CA THR O 155 33.63 35.00 -47.19
C THR O 155 32.35 34.41 -47.76
N VAL O 156 31.21 34.94 -47.34
CA VAL O 156 29.90 34.49 -47.83
C VAL O 156 29.17 35.68 -48.45
N ASP O 157 28.74 35.49 -49.69
CA ASP O 157 28.03 36.51 -50.47
C ASP O 157 26.61 36.66 -49.96
N PRO O 158 25.87 37.69 -50.41
CA PRO O 158 24.42 37.72 -50.14
C PRO O 158 23.64 36.60 -50.83
N ALA O 159 24.18 35.97 -51.87
CA ALA O 159 23.51 34.83 -52.48
C ALA O 159 23.73 33.55 -51.69
N GLY O 160 24.88 33.41 -51.03
CA GLY O 160 25.24 32.21 -50.34
C GLY O 160 26.50 31.53 -50.83
N TRP O 161 27.35 32.25 -51.58
CA TRP O 161 28.57 31.67 -52.14
C TRP O 161 29.67 31.74 -51.10
N THR O 162 29.82 30.66 -50.34
CA THR O 162 30.91 30.59 -49.38
C THR O 162 32.19 30.07 -50.05
N GLY O 163 33.31 30.36 -49.42
CA GLY O 163 34.59 29.91 -49.94
C GLY O 163 35.78 30.47 -49.21
N GLY O 164 36.88 29.71 -49.17
CA GLY O 164 38.10 30.18 -48.57
C GLY O 164 38.82 31.19 -49.45
N HIS O 165 39.76 31.91 -48.86
CA HIS O 165 40.50 32.93 -49.60
C HIS O 165 41.92 33.03 -49.06
N ILE O 166 42.82 33.50 -49.92
CA ILE O 166 44.13 33.94 -49.48
C ILE O 166 44.10 35.42 -49.15
N ALA O 167 43.48 36.22 -50.01
CA ALA O 167 43.27 37.64 -49.77
C ALA O 167 42.01 38.08 -50.50
N CYS O 168 41.14 38.80 -49.79
CA CYS O 168 39.87 39.22 -50.36
C CYS O 168 39.66 40.71 -50.12
N ALA O 169 38.60 41.24 -50.72
CA ALA O 169 38.27 42.65 -50.63
C ALA O 169 36.78 42.81 -50.90
N ALA O 170 36.17 43.77 -50.22
CA ALA O 170 34.74 43.98 -50.34
C ALA O 170 34.42 45.45 -50.13
N GLY O 171 33.46 45.95 -50.89
CA GLY O 171 33.02 47.33 -50.77
C GLY O 171 33.22 48.09 -52.07
N LYS O 172 33.29 49.41 -51.93
CA LYS O 172 33.45 50.27 -53.09
C LYS O 172 34.88 50.20 -53.63
N LYS O 173 34.98 50.07 -54.95
CA LYS O 173 36.23 49.88 -55.68
C LYS O 173 37.00 48.66 -55.16
N GLN O 174 36.25 47.58 -54.96
CA GLN O 174 36.80 46.28 -54.62
C GLN O 174 37.51 45.62 -55.80
N VAL O 175 37.28 46.11 -57.02
CA VAL O 175 37.97 45.57 -58.18
C VAL O 175 39.41 46.09 -58.25
N GLU O 176 39.63 47.36 -57.89
CA GLU O 176 40.98 47.90 -57.85
C GLU O 176 41.77 47.39 -56.65
N ALA O 177 41.07 46.84 -55.65
CA ALA O 177 41.76 46.25 -54.52
C ALA O 177 42.16 44.81 -54.80
N MET O 178 41.34 44.10 -55.57
CA MET O 178 41.73 42.77 -56.04
C MET O 178 42.88 42.85 -57.02
N ALA O 179 42.90 43.90 -57.85
CA ALA O 179 43.92 44.01 -58.90
C ALA O 179 45.30 44.33 -58.30
N PHE O 180 45.32 45.03 -57.17
CA PHE O 180 46.59 45.29 -56.51
C PHE O 180 47.13 44.03 -55.84
N LEU O 181 46.22 43.22 -55.27
CA LEU O 181 46.65 42.03 -54.53
C LEU O 181 47.12 40.94 -55.49
N GLU O 182 46.50 40.83 -56.66
CA GLU O 182 46.96 39.86 -57.66
C GLU O 182 48.28 40.29 -58.28
N LYS O 183 48.49 41.60 -58.43
CA LYS O 183 49.75 42.11 -58.92
C LYS O 183 50.87 41.85 -57.91
N ARG O 184 50.55 41.97 -56.62
CA ARG O 184 51.50 41.64 -55.57
C ARG O 184 51.70 40.13 -55.45
N GLN O 185 50.72 39.32 -55.84
CA GLN O 185 50.81 37.87 -55.76
C GLN O 185 51.77 37.30 -56.80
N LYS O 186 52.04 38.04 -57.88
CA LYS O 186 52.86 37.52 -58.97
C LYS O 186 54.34 37.44 -58.59
N SER O 187 54.78 38.23 -57.61
CA SER O 187 56.18 38.22 -57.23
C SER O 187 56.48 37.20 -56.12
N THR O 188 55.88 37.39 -54.94
CA THR O 188 56.15 36.53 -53.80
C THR O 188 55.07 35.46 -53.67
N GLU O 189 55.10 34.74 -52.55
CA GLU O 189 54.13 33.69 -52.23
C GLU O 189 53.58 34.05 -50.84
N LEU O 190 52.29 34.40 -50.79
CA LEU O 190 51.71 35.09 -49.64
C LEU O 190 51.62 34.23 -48.39
N ASP O 191 51.75 32.91 -48.53
CA ASP O 191 51.68 32.03 -47.37
C ASP O 191 53.05 31.84 -46.73
N ALA O 192 54.05 32.59 -47.20
CA ALA O 192 55.38 32.58 -46.61
C ALA O 192 55.74 33.90 -45.95
N LEU O 193 54.93 34.94 -46.14
CA LEU O 193 55.23 36.24 -45.58
C LEU O 193 54.94 36.26 -44.08
N THR O 194 55.46 37.29 -43.42
CA THR O 194 55.27 37.47 -41.99
C THR O 194 54.14 38.45 -41.72
N GLN O 195 53.86 38.66 -40.44
CA GLN O 195 52.76 39.54 -40.04
C GLN O 195 53.09 41.01 -40.33
N LYS O 196 54.36 41.37 -40.22
CA LYS O 196 54.77 42.74 -40.54
C LYS O 196 54.71 42.98 -42.04
N GLU O 197 55.08 41.97 -42.84
CA GLU O 197 55.11 42.14 -44.29
C GLU O 197 53.70 42.13 -44.88
N ALA O 198 52.82 41.29 -44.34
CA ALA O 198 51.47 41.19 -44.85
C ALA O 198 50.59 42.36 -44.42
N ALA O 199 50.93 43.01 -43.31
CA ALA O 199 50.20 44.21 -42.90
C ALA O 199 50.46 45.37 -43.84
N MET O 200 51.64 45.40 -44.47
CA MET O 200 51.97 46.46 -45.40
C MET O 200 51.18 46.35 -46.69
N ILE O 201 50.82 45.13 -47.10
CA ILE O 201 50.13 44.94 -48.36
C ILE O 201 48.65 45.28 -48.24
N ALA O 202 47.99 44.82 -47.16
CA ALA O 202 46.57 45.07 -46.97
C ALA O 202 46.27 46.54 -46.72
N LEU O 203 47.22 47.29 -46.15
CA LEU O 203 47.05 48.72 -46.00
C LEU O 203 47.37 49.49 -47.27
N ALA O 204 48.33 49.00 -48.08
CA ALA O 204 48.60 49.62 -49.37
C ALA O 204 47.50 49.31 -50.37
N ALA O 205 46.86 48.14 -50.26
CA ALA O 205 45.71 47.83 -51.11
C ALA O 205 44.53 48.71 -50.75
N LEU O 206 44.42 49.12 -49.49
CA LEU O 206 43.40 50.10 -49.12
C LEU O 206 43.78 51.50 -49.57
N GLN O 207 45.07 51.74 -49.83
CA GLN O 207 45.51 53.04 -50.32
C GLN O 207 45.33 53.18 -51.82
N SER O 208 45.59 52.12 -52.59
CA SER O 208 45.53 52.20 -54.04
C SER O 208 44.10 52.34 -54.56
N ALA O 209 43.10 51.96 -53.78
CA ALA O 209 41.72 52.09 -54.19
C ALA O 209 41.12 53.44 -53.81
N ILE O 210 41.43 53.95 -52.62
CA ILE O 210 40.88 55.24 -52.22
C ILE O 210 41.74 56.40 -52.71
N GLY O 211 43.02 56.17 -53.00
CA GLY O 211 43.92 57.19 -53.51
C GLY O 211 44.18 58.34 -52.56
N THR O 212 44.19 58.05 -51.26
CA THR O 212 44.19 59.11 -50.27
C THR O 212 45.35 58.96 -49.29
N ALA O 213 45.82 57.72 -49.12
CA ALA O 213 46.84 57.32 -48.13
C ALA O 213 46.40 57.74 -46.72
N VAL O 214 45.34 57.05 -46.28
CA VAL O 214 44.54 57.46 -45.12
C VAL O 214 45.35 57.44 -43.82
N LYS O 215 44.77 58.07 -42.80
CA LYS O 215 45.36 58.15 -41.47
C LYS O 215 45.11 56.85 -40.72
N ALA O 216 45.74 56.74 -39.54
CA ALA O 216 45.62 55.53 -38.75
C ALA O 216 44.33 55.47 -37.95
N LYS O 217 43.64 56.60 -37.78
CA LYS O 217 42.34 56.62 -37.14
C LYS O 217 41.21 56.38 -38.14
N GLU O 218 41.50 56.48 -39.43
CA GLU O 218 40.51 56.24 -40.46
C GLU O 218 40.42 54.78 -40.88
N VAL O 219 41.11 53.88 -40.16
CA VAL O 219 40.96 52.44 -40.32
C VAL O 219 40.85 51.82 -38.94
N GLU O 220 40.31 50.60 -38.88
CA GLU O 220 40.44 49.74 -37.73
C GLU O 220 40.80 48.34 -38.19
N VAL O 221 41.72 47.70 -37.47
CA VAL O 221 42.28 46.43 -37.90
C VAL O 221 42.10 45.41 -36.78
N GLY O 222 41.61 44.22 -37.15
CA GLY O 222 41.54 43.11 -36.23
C GLY O 222 42.40 41.97 -36.76
N ARG O 223 42.88 41.15 -35.82
CA ARG O 223 43.84 40.12 -36.20
C ARG O 223 43.69 38.90 -35.31
N CYS O 224 44.17 37.76 -35.82
CA CYS O 224 44.29 36.52 -35.09
C CYS O 224 45.66 35.92 -35.38
N THR O 225 46.37 35.50 -34.35
CA THR O 225 47.76 35.05 -34.46
C THR O 225 47.86 33.66 -33.85
N ALA O 226 48.84 32.87 -34.32
CA ALA O 226 49.00 31.50 -33.85
C ALA O 226 49.43 31.44 -32.39
N ALA O 227 50.02 32.52 -31.85
CA ALA O 227 50.41 32.53 -30.45
C ALA O 227 49.24 32.93 -29.55
N ASN O 228 48.50 33.96 -29.97
CA ASN O 228 47.29 34.40 -29.27
C ASN O 228 46.10 34.15 -30.19
N PRO O 229 45.46 32.98 -30.12
CA PRO O 229 44.43 32.63 -31.12
C PRO O 229 43.13 33.38 -30.98
N ALA O 230 42.94 34.17 -29.93
CA ALA O 230 41.70 34.90 -29.76
C ALA O 230 41.63 36.10 -30.70
N PHE O 231 40.42 36.41 -31.15
CA PHE O 231 40.24 37.58 -32.00
C PHE O 231 40.30 38.85 -31.16
N GLN O 232 41.13 39.79 -31.59
CA GLN O 232 41.21 41.09 -30.94
C GLN O 232 41.58 42.12 -31.99
N ARG O 233 41.16 43.36 -31.75
CA ARG O 233 41.51 44.45 -32.63
C ARG O 233 42.81 45.10 -32.15
N VAL O 234 43.57 45.63 -33.10
CA VAL O 234 44.91 46.14 -32.83
C VAL O 234 44.78 47.48 -32.12
N PRO O 235 45.80 47.94 -31.39
CA PRO O 235 45.81 49.33 -30.95
C PRO O 235 46.09 50.27 -32.12
N ASN O 236 45.73 51.53 -31.93
CA ASN O 236 45.98 52.52 -32.96
C ASN O 236 47.45 52.87 -33.10
N SER O 237 48.26 52.62 -32.06
CA SER O 237 49.69 52.87 -32.14
C SER O 237 50.41 51.89 -33.03
N GLU O 238 49.85 50.70 -33.25
CA GLU O 238 50.48 49.71 -34.10
C GLU O 238 50.12 49.90 -35.57
N VAL O 239 49.04 50.62 -35.83
CA VAL O 239 48.71 51.00 -37.20
C VAL O 239 49.68 52.07 -37.69
N GLU O 240 50.14 52.94 -36.77
CA GLU O 240 51.06 54.00 -37.16
C GLU O 240 52.44 53.47 -37.48
N GLU O 241 52.84 52.36 -36.85
CA GLU O 241 54.11 51.74 -37.18
C GLU O 241 54.07 51.04 -38.54
N TRP O 242 52.88 50.76 -39.04
CA TRP O 242 52.69 50.13 -40.35
C TRP O 242 52.52 51.17 -41.46
N LEU O 243 51.85 52.29 -41.16
CA LEU O 243 51.63 53.31 -42.18
C LEU O 243 52.91 54.09 -42.51
N THR O 244 53.86 54.13 -41.60
CA THR O 244 55.16 54.71 -41.94
C THR O 244 55.94 53.81 -42.88
N ALA O 245 55.85 52.48 -42.71
CA ALA O 245 56.59 51.56 -43.56
C ALA O 245 56.04 51.50 -44.97
N VAL O 246 54.75 51.78 -45.16
CA VAL O 246 54.18 51.83 -46.50
C VAL O 246 54.68 53.06 -47.24
N ALA O 247 54.86 54.18 -46.52
CA ALA O 247 55.42 55.38 -47.11
C ALA O 247 56.91 55.23 -47.41
N GLU O 248 57.60 54.30 -46.77
CA GLU O 248 59.00 54.05 -47.05
C GLU O 248 59.14 53.24 -48.33
N GLU P 3 1.91 34.27 -44.99
CA GLU P 3 3.33 34.42 -45.26
C GLU P 3 3.67 33.98 -46.67
N ALA P 4 2.88 34.48 -47.63
CA ALA P 4 3.00 34.18 -49.06
C ALA P 4 2.93 32.69 -49.33
N PHE P 5 1.76 32.11 -49.03
CA PHE P 5 1.51 30.71 -49.25
C PHE P 5 0.99 30.40 -50.64
N TYR P 6 0.93 31.40 -51.52
CA TYR P 6 0.53 31.15 -52.90
C TYR P 6 1.70 30.61 -53.71
N GLY P 7 1.37 29.94 -54.81
CA GLY P 7 2.39 29.36 -55.65
C GLY P 7 3.00 30.38 -56.59
N LEU P 8 4.29 30.21 -56.87
CA LEU P 8 5.02 31.08 -57.79
C LEU P 8 5.16 30.48 -59.17
N THR P 9 5.14 29.16 -59.28
CA THR P 9 5.22 28.47 -60.56
C THR P 9 3.85 27.93 -60.95
N THR P 10 3.36 28.39 -62.11
CA THR P 10 2.04 28.03 -62.61
C THR P 10 2.15 27.67 -64.08
N PHE P 11 1.00 27.35 -64.68
CA PHE P 11 0.97 26.99 -66.09
C PHE P 11 0.81 28.23 -66.95
N SER P 12 1.23 28.10 -68.21
CA SER P 12 1.14 29.14 -69.22
C SER P 12 -0.03 28.84 -70.14
N PRO P 13 -0.51 29.85 -70.93
CA PRO P 13 -1.55 29.56 -71.93
C PRO P 13 -1.11 28.61 -73.04
N SER P 14 0.20 28.45 -73.24
CA SER P 14 0.72 27.41 -74.12
C SER P 14 0.74 26.04 -73.45
N GLY P 15 0.53 25.98 -72.13
CA GLY P 15 0.55 24.71 -71.43
C GLY P 15 1.90 24.27 -70.92
N LYS P 16 2.80 25.21 -70.60
CA LYS P 16 4.14 24.89 -70.17
C LYS P 16 4.45 25.59 -68.85
N LEU P 17 5.16 24.88 -67.97
CA LEU P 17 5.64 25.47 -66.72
C LEU P 17 6.84 26.35 -67.05
N ILE P 18 6.56 27.64 -67.22
CA ILE P 18 7.52 28.60 -67.76
C ILE P 18 8.56 28.96 -66.70
N GLN P 19 8.22 28.72 -65.42
CA GLN P 19 9.16 28.99 -64.35
C GLN P 19 10.25 27.94 -64.30
N ILE P 20 9.92 26.69 -64.59
CA ILE P 20 10.90 25.62 -64.61
C ILE P 20 11.74 25.69 -65.88
N GLU P 21 11.15 26.18 -66.97
CA GLU P 21 11.91 26.44 -68.20
C GLU P 21 12.97 27.51 -67.98
N TYR P 22 12.71 28.49 -67.12
CA TYR P 22 13.72 29.48 -66.78
C TYR P 22 14.79 28.88 -65.87
N ALA P 23 14.41 27.95 -65.00
CA ALA P 23 15.36 27.33 -64.09
C ALA P 23 16.31 26.37 -64.81
N THR P 24 15.91 25.82 -65.95
CA THR P 24 16.80 24.96 -66.71
C THR P 24 17.83 25.79 -67.47
N THR P 25 17.48 27.03 -67.81
CA THR P 25 18.47 27.97 -68.31
C THR P 25 19.48 28.32 -67.23
N ALA P 26 19.01 28.49 -65.99
CA ALA P 26 19.91 28.80 -64.87
C ALA P 26 20.80 27.62 -64.51
N ALA P 27 20.33 26.39 -64.75
CA ALA P 27 21.09 25.19 -64.46
C ALA P 27 22.03 24.80 -65.59
N GLY P 28 22.08 25.57 -66.66
CA GLY P 28 22.97 25.28 -67.77
C GLY P 28 24.03 26.35 -67.94
N LYS P 29 24.06 27.31 -67.01
CA LYS P 29 25.05 28.38 -67.04
C LYS P 29 26.20 28.13 -66.06
N GLY P 30 26.24 26.96 -65.43
CA GLY P 30 27.34 26.61 -64.56
C GLY P 30 28.54 26.12 -65.36
N THR P 31 29.52 25.62 -64.62
CA THR P 31 30.71 25.08 -65.27
C THR P 31 30.48 23.63 -65.67
N THR P 32 31.36 23.12 -66.53
CA THR P 32 31.15 21.83 -67.17
C THR P 32 31.47 20.69 -66.22
N ALA P 33 30.44 19.97 -65.80
CA ALA P 33 30.57 18.76 -65.01
C ALA P 33 30.09 17.58 -65.85
N LEU P 34 30.75 16.43 -65.70
CA LEU P 34 30.46 15.30 -66.56
C LEU P 34 30.77 13.99 -65.83
N GLY P 35 30.41 12.89 -66.48
CA GLY P 35 30.69 11.58 -65.92
C GLY P 35 30.57 10.51 -66.98
N VAL P 36 31.36 9.44 -66.81
CA VAL P 36 31.28 8.27 -67.67
C VAL P 36 31.21 7.02 -66.81
N LYS P 37 30.68 5.95 -67.38
CA LYS P 37 30.64 4.64 -66.73
C LYS P 37 31.67 3.71 -67.34
N ALA P 38 31.80 2.54 -66.71
CA ALA P 38 32.70 1.50 -67.18
C ALA P 38 32.19 0.16 -66.68
N THR P 39 32.95 -0.90 -66.97
CA THR P 39 32.62 -2.22 -66.45
C THR P 39 33.12 -2.41 -65.03
N ASP P 40 34.00 -1.53 -64.54
CA ASP P 40 34.61 -1.69 -63.24
C ASP P 40 34.35 -0.51 -62.30
N GLY P 41 33.76 0.57 -62.79
CA GLY P 41 33.52 1.73 -61.94
C GLY P 41 32.88 2.84 -62.74
N VAL P 42 32.67 3.96 -62.06
CA VAL P 42 32.06 5.15 -62.63
C VAL P 42 32.91 6.35 -62.24
N VAL P 43 33.29 7.17 -63.22
CA VAL P 43 34.11 8.36 -63.00
C VAL P 43 33.19 9.58 -63.07
N ILE P 44 33.41 10.54 -62.19
CA ILE P 44 32.77 11.85 -62.28
C ILE P 44 33.89 12.88 -62.35
N ALA P 45 33.71 13.91 -63.17
CA ALA P 45 34.74 14.92 -63.37
C ALA P 45 34.12 16.31 -63.29
N ALA P 46 34.79 17.21 -62.59
CA ALA P 46 34.31 18.57 -62.39
C ALA P 46 35.31 19.57 -62.96
N LYS P 47 35.05 20.84 -62.72
CA LYS P 47 35.90 21.92 -63.22
C LYS P 47 35.80 23.08 -62.23
N LYS P 48 36.76 23.18 -61.32
CA LYS P 48 36.76 24.22 -60.30
C LYS P 48 37.26 25.51 -60.94
N LYS P 49 36.33 26.39 -61.32
CA LYS P 49 36.68 27.66 -61.92
C LYS P 49 36.97 28.66 -60.82
N ALA P 50 38.23 29.04 -60.70
CA ALA P 50 38.62 30.03 -59.70
C ALA P 50 38.36 31.43 -60.22
N PRO P 51 37.61 32.26 -59.49
CA PRO P 51 37.38 33.64 -59.96
C PRO P 51 38.64 34.51 -59.90
N SER P 52 39.61 34.16 -59.08
CA SER P 52 40.88 34.86 -58.99
C SER P 52 41.96 33.86 -58.58
N THR P 53 43.17 34.35 -58.43
CA THR P 53 44.25 33.51 -57.91
C THR P 53 44.28 33.52 -56.39
N LEU P 54 43.37 34.27 -55.77
CA LEU P 54 43.35 34.49 -54.33
C LEU P 54 42.13 33.87 -53.66
N VAL P 55 41.56 32.81 -54.25
CA VAL P 55 40.30 32.27 -53.77
C VAL P 55 40.46 30.85 -53.22
N ASP P 56 41.69 30.41 -52.95
CA ASP P 56 42.02 29.20 -52.20
C ASP P 56 41.41 27.95 -52.87
N ALA P 57 42.00 27.61 -54.02
CA ALA P 57 41.50 26.52 -54.86
C ALA P 57 41.43 25.16 -54.16
N SER P 58 42.19 24.95 -53.09
CA SER P 58 42.05 23.75 -52.29
C SER P 58 40.85 23.77 -51.36
N SER P 59 40.21 24.93 -51.17
CA SER P 59 39.07 25.04 -50.27
C SER P 59 37.75 24.79 -50.98
N ILE P 60 37.54 25.38 -52.15
CA ILE P 60 36.29 25.19 -52.88
C ILE P 60 36.28 23.79 -53.48
N GLN P 61 35.10 23.21 -53.58
CA GLN P 61 34.95 21.85 -54.06
C GLN P 61 33.62 21.72 -54.79
N LYS P 62 33.60 20.84 -55.79
CA LYS P 62 32.41 20.61 -56.59
C LYS P 62 32.01 19.15 -56.64
N VAL P 63 32.92 18.22 -56.37
CA VAL P 63 32.59 16.81 -56.27
C VAL P 63 32.26 16.54 -54.81
N PHE P 64 30.99 16.24 -54.54
CA PHE P 64 30.49 16.04 -53.20
C PHE P 64 30.31 14.55 -52.95
N VAL P 65 30.91 14.06 -51.88
CA VAL P 65 30.73 12.68 -51.46
C VAL P 65 29.61 12.61 -50.45
N LEU P 66 28.65 11.71 -50.69
CA LEU P 66 27.41 11.64 -49.92
C LEU P 66 27.41 10.56 -48.86
N ASP P 67 28.05 9.42 -49.13
CA ASP P 67 28.18 8.36 -48.15
C ASP P 67 29.40 7.55 -48.56
N GLU P 68 29.53 6.35 -48.01
CA GLU P 68 30.63 5.46 -48.36
C GLU P 68 30.46 4.82 -49.73
N HIS P 69 29.39 5.11 -50.48
CA HIS P 69 29.21 4.52 -51.80
C HIS P 69 28.59 5.46 -52.84
N VAL P 70 28.24 6.69 -52.49
CA VAL P 70 27.55 7.60 -53.41
C VAL P 70 28.36 8.89 -53.50
N GLY P 71 28.42 9.48 -54.70
CA GLY P 71 28.97 10.80 -54.88
C GLY P 71 28.10 11.64 -55.79
N CYS P 72 28.49 12.91 -55.93
CA CYS P 72 27.68 13.86 -56.67
C CYS P 72 28.54 15.01 -57.18
N THR P 73 28.07 15.64 -58.26
CA THR P 73 28.70 16.83 -58.82
C THR P 73 27.60 17.63 -59.52
N TYR P 74 27.59 18.95 -59.28
CA TYR P 74 26.53 19.81 -59.76
C TYR P 74 27.01 20.73 -60.87
N SER P 75 26.05 21.44 -61.48
CA SER P 75 26.34 22.55 -62.37
C SER P 75 25.12 23.46 -62.39
N GLY P 76 25.21 24.58 -61.68
CA GLY P 76 24.13 25.54 -61.63
C GLY P 76 24.35 26.58 -60.55
N MET P 77 23.32 26.84 -59.74
CA MET P 77 23.49 27.69 -58.57
C MET P 77 24.08 26.90 -57.42
N GLY P 78 25.28 27.29 -57.01
CA GLY P 78 26.01 26.70 -55.91
C GLY P 78 25.28 26.56 -54.58
N PRO P 79 24.80 27.67 -53.99
CA PRO P 79 24.06 27.57 -52.73
C PRO P 79 22.75 26.80 -52.81
N ASP P 80 22.10 26.76 -53.98
CA ASP P 80 20.90 25.91 -54.11
C ASP P 80 21.26 24.43 -54.05
N CYS P 81 22.47 24.07 -54.47
CA CYS P 81 22.89 22.67 -54.45
C CYS P 81 23.09 22.15 -53.04
N ARG P 82 23.55 23.01 -52.12
CA ARG P 82 23.88 22.58 -50.78
C ARG P 82 22.65 22.16 -49.98
N VAL P 83 21.47 22.65 -50.35
CA VAL P 83 20.23 22.14 -49.75
C VAL P 83 19.98 20.72 -50.22
N LEU P 84 20.27 20.45 -51.50
CA LEU P 84 20.06 19.12 -52.06
C LEU P 84 21.06 18.09 -51.53
N ILE P 85 22.30 18.50 -51.32
CA ILE P 85 23.31 17.56 -50.84
C ILE P 85 23.11 17.28 -49.35
N ASP P 86 22.75 18.29 -48.58
CA ASP P 86 22.49 18.08 -47.15
C ASP P 86 21.22 17.29 -46.91
N SER P 87 20.27 17.31 -47.84
CA SER P 87 19.11 16.45 -47.73
C SER P 87 19.38 15.06 -48.29
N ALA P 88 20.38 14.93 -49.16
CA ALA P 88 20.74 13.61 -49.68
C ALA P 88 21.70 12.88 -48.76
N ARG P 89 22.56 13.61 -48.06
CA ARG P 89 23.39 13.00 -47.02
C ARG P 89 22.56 12.60 -45.82
N LYS P 90 21.47 13.32 -45.56
CA LYS P 90 20.61 13.00 -44.43
C LYS P 90 19.71 11.80 -44.74
N ASN P 91 19.15 11.74 -45.96
CA ASN P 91 18.29 10.63 -46.34
C ASN P 91 19.07 9.34 -46.55
N CYS P 92 20.39 9.42 -46.72
CA CYS P 92 21.18 8.21 -46.88
C CYS P 92 21.61 7.65 -45.53
N GLN P 93 21.69 8.48 -44.50
CA GLN P 93 21.96 7.99 -43.16
C GLN P 93 20.70 7.44 -42.49
N GLN P 94 19.52 7.93 -42.89
CA GLN P 94 18.28 7.38 -42.38
C GLN P 94 17.98 6.01 -42.97
N TYR P 95 18.58 5.67 -44.12
CA TYR P 95 18.41 4.34 -44.68
C TYR P 95 19.25 3.32 -43.93
N LYS P 96 20.41 3.72 -43.43
CA LYS P 96 21.28 2.78 -42.73
C LYS P 96 20.83 2.56 -41.29
N LEU P 97 20.12 3.53 -40.70
CA LEU P 97 19.54 3.35 -39.38
C LEU P 97 18.25 2.57 -39.39
N MET P 98 17.79 2.12 -40.56
CA MET P 98 16.52 1.45 -40.71
C MET P 98 16.63 0.10 -41.42
N TYR P 99 17.64 -0.10 -42.26
CA TYR P 99 17.82 -1.38 -42.92
C TYR P 99 19.17 -2.03 -42.72
N ASN P 100 20.16 -1.31 -42.15
CA ASN P 100 21.55 -1.78 -42.00
C ASN P 100 22.13 -2.22 -43.35
N GLU P 101 22.12 -1.29 -44.30
CA GLU P 101 22.45 -1.58 -45.68
C GLU P 101 22.77 -0.26 -46.35
N PRO P 102 23.76 -0.20 -47.25
CA PRO P 102 23.91 0.98 -48.10
C PRO P 102 22.71 1.16 -49.00
N ILE P 103 22.39 2.43 -49.26
CA ILE P 103 21.20 2.73 -50.08
C ILE P 103 21.51 2.38 -51.53
N PRO P 104 20.53 1.99 -52.33
CA PRO P 104 20.75 1.94 -53.77
C PRO P 104 20.69 3.32 -54.39
N ILE P 105 21.37 3.43 -55.54
CA ILE P 105 21.45 4.70 -56.26
C ILE P 105 20.09 5.05 -56.85
N SER P 106 19.26 4.03 -57.10
CA SER P 106 17.89 4.27 -57.56
C SER P 106 17.08 4.99 -56.50
N GLN P 107 17.09 4.48 -55.25
CA GLN P 107 16.19 5.01 -54.23
C GLN P 107 16.62 6.37 -53.71
N LEU P 108 17.92 6.69 -53.77
CA LEU P 108 18.36 8.01 -53.31
C LEU P 108 17.95 9.08 -54.31
N VAL P 109 17.97 8.76 -55.60
CA VAL P 109 17.61 9.72 -56.63
C VAL P 109 16.10 9.92 -56.72
N ARG P 110 15.31 8.89 -56.37
CA ARG P 110 13.87 9.10 -56.21
C ARG P 110 13.55 10.03 -55.04
N LYS P 111 14.38 10.01 -54.00
CA LYS P 111 14.11 10.87 -52.84
C LYS P 111 14.48 12.32 -53.11
N ILE P 112 15.59 12.59 -53.80
CA ILE P 112 15.95 13.96 -54.11
C ILE P 112 15.14 14.51 -55.27
N SER P 113 14.52 13.66 -56.08
CA SER P 113 13.60 14.14 -57.11
C SER P 113 12.27 14.55 -56.50
N ALA P 114 11.95 14.03 -55.32
CA ALA P 114 10.78 14.50 -54.59
C ALA P 114 11.05 15.80 -53.85
N ILE P 115 12.28 16.31 -53.87
CA ILE P 115 12.60 17.60 -53.29
C ILE P 115 12.59 18.69 -54.35
N TYR P 116 12.98 18.37 -55.59
CA TYR P 116 12.77 19.28 -56.71
C TYR P 116 11.29 19.53 -56.95
N GLN P 117 10.50 18.45 -57.03
CA GLN P 117 9.09 18.56 -57.35
C GLN P 117 8.31 19.21 -56.21
N GLU P 118 8.80 19.06 -54.98
CA GLU P 118 8.19 19.70 -53.81
C GLU P 118 8.19 21.22 -53.92
N PHE P 119 9.27 21.81 -54.42
CA PHE P 119 9.39 23.26 -54.54
C PHE P 119 8.85 23.79 -55.86
N THR P 120 8.47 22.92 -56.80
CA THR P 120 7.74 23.34 -57.98
C THR P 120 6.23 23.25 -57.79
N GLN P 121 5.77 22.92 -56.58
CA GLN P 121 4.34 22.85 -56.33
C GLN P 121 4.06 23.37 -54.92
N SER P 122 5.03 24.05 -54.32
CA SER P 122 4.85 24.60 -52.99
C SER P 122 4.37 26.05 -53.08
N GLY P 123 4.10 26.62 -51.92
CA GLY P 123 3.63 27.99 -51.84
C GLY P 123 4.68 28.97 -51.39
N GLY P 124 5.12 29.86 -52.28
CA GLY P 124 6.03 30.91 -51.93
C GLY P 124 7.47 30.68 -52.27
N VAL P 125 7.82 29.54 -52.84
CA VAL P 125 9.20 29.25 -53.19
C VAL P 125 9.33 29.20 -54.69
N ARG P 126 10.55 29.31 -55.16
CA ARG P 126 10.95 29.12 -56.54
C ARG P 126 11.62 27.76 -56.69
N PRO P 127 11.67 27.20 -57.91
CA PRO P 127 12.38 25.93 -58.10
C PRO P 127 13.89 26.07 -57.93
N PHE P 128 14.56 24.92 -57.89
CA PHE P 128 16.01 24.93 -57.83
C PHE P 128 16.58 25.35 -59.19
N GLY P 129 17.79 25.90 -59.14
CA GLY P 129 18.46 26.33 -60.34
C GLY P 129 19.74 25.56 -60.59
N CYS P 130 19.73 24.26 -60.33
CA CYS P 130 20.91 23.44 -60.49
C CYS P 130 20.50 21.98 -60.71
N SER P 131 21.32 21.28 -61.48
CA SER P 131 21.17 19.84 -61.70
C SER P 131 22.33 19.12 -61.02
N LEU P 132 22.22 17.80 -60.92
CA LEU P 132 23.25 17.00 -60.25
C LEU P 132 23.74 15.88 -61.16
N LEU P 133 24.77 15.20 -60.69
CA LEU P 133 25.29 13.98 -61.33
C LEU P 133 25.54 12.98 -60.21
N VAL P 134 24.51 12.23 -59.84
CA VAL P 134 24.63 11.23 -58.80
C VAL P 134 25.17 9.94 -59.40
N ALA P 135 26.18 9.35 -58.76
CA ALA P 135 26.76 8.11 -59.25
C ALA P 135 27.33 7.32 -58.09
N GLY P 136 27.23 6.00 -58.20
CA GLY P 136 27.74 5.14 -57.15
C GLY P 136 27.37 3.69 -57.39
N VAL P 137 27.61 2.88 -56.36
CA VAL P 137 27.40 1.45 -56.43
C VAL P 137 26.21 1.05 -55.58
N ASP P 138 25.72 -0.16 -55.82
CA ASP P 138 24.75 -0.84 -54.99
C ASP P 138 24.85 -2.33 -55.30
N ALA P 139 23.85 -3.11 -54.87
CA ALA P 139 23.93 -4.56 -55.00
C ALA P 139 23.69 -5.06 -56.42
N ASN P 140 23.42 -4.19 -57.38
CA ASN P 140 23.22 -4.61 -58.76
C ASN P 140 23.98 -3.74 -59.75
N GLY P 141 25.26 -3.47 -59.46
CA GLY P 141 26.16 -2.89 -60.42
C GLY P 141 26.44 -1.43 -60.15
N TYR P 142 26.76 -0.73 -61.25
CA TYR P 142 27.24 0.65 -61.21
C TYR P 142 26.22 1.55 -61.87
N HIS P 143 26.10 2.78 -61.38
CA HIS P 143 25.04 3.68 -61.84
C HIS P 143 25.56 5.10 -62.02
N LEU P 144 24.92 5.82 -62.93
CA LEU P 144 25.20 7.23 -63.17
C LEU P 144 23.87 7.88 -63.52
N TYR P 145 23.31 8.66 -62.61
CA TYR P 145 22.03 9.32 -62.84
C TYR P 145 22.25 10.82 -62.99
N GLN P 146 21.19 11.52 -63.40
CA GLN P 146 21.28 12.96 -63.65
C GLN P 146 19.89 13.56 -63.48
N VAL P 147 19.66 14.21 -62.35
CA VAL P 147 18.38 14.86 -62.10
C VAL P 147 18.34 16.21 -62.83
N ASP P 148 17.15 16.78 -62.89
CA ASP P 148 16.88 18.06 -63.53
C ASP P 148 16.16 18.94 -62.52
N PRO P 149 16.14 20.26 -62.74
CA PRO P 149 15.35 21.13 -61.84
C PRO P 149 13.83 20.91 -61.90
N SER P 150 13.33 20.20 -62.90
CA SER P 150 11.92 19.81 -62.92
C SER P 150 11.64 18.64 -61.99
N GLY P 151 12.66 17.90 -61.60
CA GLY P 151 12.49 16.64 -60.89
C GLY P 151 12.68 15.43 -61.76
N THR P 152 12.76 15.62 -63.08
CA THR P 152 12.92 14.49 -63.98
C THR P 152 14.34 13.96 -63.93
N PHE P 153 14.48 12.71 -63.50
CA PHE P 153 15.78 12.07 -63.36
C PHE P 153 15.96 11.06 -64.49
N TRP P 154 17.22 10.78 -64.80
CA TRP P 154 17.55 9.86 -65.89
C TRP P 154 18.52 8.80 -65.40
N ALA P 155 18.83 7.89 -66.31
CA ALA P 155 19.82 6.84 -66.09
C ALA P 155 20.75 6.90 -67.27
N TRP P 156 21.75 7.77 -67.20
CA TRP P 156 22.66 7.93 -68.31
C TRP P 156 23.77 6.88 -68.24
N LYS P 157 24.58 6.88 -69.28
CA LYS P 157 25.75 6.03 -69.37
C LYS P 157 27.02 6.83 -69.56
N ALA P 158 26.94 7.98 -70.23
CA ALA P 158 27.98 9.01 -70.23
C ALA P 158 27.29 10.31 -70.60
N THR P 159 27.47 11.35 -69.78
CA THR P 159 26.75 12.60 -70.00
C THR P 159 27.58 13.77 -69.50
N ALA P 160 27.03 14.98 -69.67
CA ALA P 160 27.70 16.20 -69.28
C ALA P 160 26.65 17.28 -69.06
N ILE P 161 26.91 18.17 -68.10
CA ILE P 161 26.01 19.27 -67.78
C ILE P 161 26.82 20.56 -67.65
N GLY P 162 26.19 21.67 -68.00
CA GLY P 162 26.79 22.99 -67.85
C GLY P 162 26.96 23.72 -69.17
N THR P 163 27.84 24.72 -69.15
CA THR P 163 28.22 25.41 -70.36
C THR P 163 29.20 24.57 -71.15
N GLY P 164 29.03 24.54 -72.47
CA GLY P 164 29.85 23.69 -73.30
C GLY P 164 29.50 22.23 -73.18
N SER P 165 28.29 21.92 -72.72
CA SER P 165 27.80 20.55 -72.59
C SER P 165 27.29 19.87 -73.88
N PRO P 166 26.52 20.54 -74.78
CA PRO P 166 26.08 19.80 -75.99
C PRO P 166 27.20 19.41 -76.94
N ASP P 167 28.29 20.17 -77.00
CA ASP P 167 29.43 19.76 -77.81
C ASP P 167 30.41 18.89 -77.05
N ALA P 168 30.24 18.73 -75.74
CA ALA P 168 31.02 17.74 -75.00
C ALA P 168 30.26 16.43 -74.86
N LYS P 169 28.94 16.48 -74.96
CA LYS P 169 28.17 15.23 -74.93
C LYS P 169 28.24 14.52 -76.28
N ALA P 170 28.36 15.28 -77.37
CA ALA P 170 28.59 14.69 -78.68
C ALA P 170 29.98 14.07 -78.77
N PHE P 171 30.95 14.62 -78.05
CA PHE P 171 32.28 14.02 -78.00
C PHE P 171 32.27 12.74 -77.18
N LEU P 172 31.32 12.59 -76.26
CA LEU P 172 31.18 11.34 -75.52
C LEU P 172 30.56 10.23 -76.35
N GLU P 173 29.75 10.57 -77.35
CA GLU P 173 29.20 9.56 -78.25
C GLU P 173 30.30 8.92 -79.08
N LYS P 174 31.24 9.73 -79.55
CA LYS P 174 32.30 9.28 -80.44
C LYS P 174 33.40 8.51 -79.71
N ARG P 175 33.46 8.59 -78.39
CA ARG P 175 34.57 8.02 -77.64
C ARG P 175 34.16 6.89 -76.70
N TYR P 176 32.87 6.66 -76.49
CA TYR P 176 32.43 5.62 -75.58
C TYR P 176 32.49 4.26 -76.27
N THR P 177 32.81 3.24 -75.50
CA THR P 177 32.80 1.85 -75.96
C THR P 177 32.13 1.02 -74.87
N VAL P 178 31.45 -0.06 -75.27
CA VAL P 178 30.65 -0.83 -74.33
C VAL P 178 31.52 -1.60 -73.33
N ASP P 179 32.78 -1.90 -73.66
CA ASP P 179 33.63 -2.63 -72.75
C ASP P 179 34.82 -1.79 -72.30
N MET P 180 34.58 -0.50 -72.01
CA MET P 180 35.61 0.36 -71.46
C MET P 180 35.96 -0.07 -70.04
N GLU P 181 37.25 -0.20 -69.77
CA GLU P 181 37.70 -0.46 -68.42
C GLU P 181 37.72 0.84 -67.63
N LEU P 182 38.05 0.71 -66.34
CA LEU P 182 38.01 1.85 -65.44
C LEU P 182 39.15 2.84 -65.70
N GLU P 183 40.35 2.33 -65.93
CA GLU P 183 41.48 3.20 -66.24
C GLU P 183 41.31 3.83 -67.62
N ASP P 184 40.60 3.16 -68.52
CA ASP P 184 40.27 3.74 -69.80
C ASP P 184 39.21 4.82 -69.66
N ALA P 185 38.39 4.73 -68.60
CA ALA P 185 37.34 5.72 -68.39
C ALA P 185 37.92 7.04 -67.89
N VAL P 186 38.90 6.98 -66.99
CA VAL P 186 39.51 8.19 -66.45
C VAL P 186 40.35 8.86 -67.53
N HIS P 187 40.90 8.05 -68.45
CA HIS P 187 41.68 8.55 -69.57
C HIS P 187 40.85 9.41 -70.51
N THR P 188 39.55 9.11 -70.61
CA THR P 188 38.71 9.81 -71.57
C THR P 188 37.78 10.81 -70.89
N ALA P 189 37.62 10.70 -69.56
CA ALA P 189 36.82 11.69 -68.84
C ALA P 189 37.61 12.98 -68.65
N LEU P 190 38.92 12.88 -68.46
CA LEU P 190 39.76 14.06 -68.38
C LEU P 190 40.01 14.65 -69.77
N LEU P 191 39.97 13.79 -70.79
CA LEU P 191 40.28 14.24 -72.14
C LEU P 191 39.12 15.03 -72.74
N THR P 192 37.89 14.73 -72.33
CA THR P 192 36.74 15.50 -72.77
C THR P 192 36.51 16.76 -71.96
N LEU P 193 37.24 16.95 -70.87
CA LEU P 193 37.27 18.25 -70.20
C LEU P 193 38.17 19.23 -70.93
N LYS P 194 39.26 18.73 -71.51
CA LYS P 194 40.31 19.59 -72.05
C LYS P 194 39.85 20.33 -73.30
N GLU P 195 39.08 19.67 -74.16
CA GLU P 195 38.71 20.22 -75.46
C GLU P 195 37.71 21.37 -75.37
N GLY P 196 37.10 21.58 -74.21
CA GLY P 196 36.24 22.73 -74.02
C GLY P 196 36.81 23.67 -72.98
N PHE P 197 37.93 23.26 -72.38
CA PHE P 197 38.55 24.05 -71.33
C PHE P 197 39.28 25.24 -71.92
N ASP P 198 39.29 26.36 -71.18
CA ASP P 198 39.89 27.57 -71.70
C ASP P 198 41.42 27.52 -71.67
N GLY P 199 42.01 27.31 -70.49
CA GLY P 199 43.44 27.39 -70.34
C GLY P 199 44.13 26.05 -70.23
N GLN P 200 44.91 25.86 -69.16
CA GLN P 200 45.67 24.64 -68.94
C GLN P 200 45.30 24.07 -67.57
N MET P 201 44.66 22.91 -67.58
CA MET P 201 44.09 22.33 -66.37
C MET P 201 45.18 21.73 -65.49
N THR P 202 45.11 22.03 -64.19
CA THR P 202 46.08 21.57 -63.21
C THR P 202 45.37 20.73 -62.15
N SER P 203 46.13 20.29 -61.14
CA SER P 203 45.59 19.43 -60.11
C SER P 203 44.70 20.20 -59.14
N GLU P 204 44.92 21.50 -59.01
CA GLU P 204 44.07 22.36 -58.21
C GLU P 204 42.98 23.02 -59.02
N ASN P 205 42.81 22.63 -60.29
CA ASN P 205 41.90 23.32 -61.18
C ASN P 205 40.68 22.47 -61.52
N THR P 206 40.83 21.15 -61.54
CA THR P 206 39.72 20.22 -61.68
C THR P 206 39.66 19.31 -60.45
N GLN P 207 38.61 18.53 -60.38
CA GLN P 207 38.39 17.63 -59.25
C GLN P 207 37.58 16.44 -59.74
N VAL P 208 38.12 15.25 -59.59
CA VAL P 208 37.44 14.05 -60.05
C VAL P 208 37.24 13.09 -58.88
N GLY P 209 36.33 12.15 -59.07
CA GLY P 209 36.12 11.08 -58.10
C GLY P 209 35.58 9.85 -58.80
N ARG P 210 36.26 8.72 -58.65
CA ARG P 210 35.91 7.50 -59.35
C ARG P 210 35.45 6.45 -58.34
N VAL P 211 34.19 6.03 -58.44
CA VAL P 211 33.64 5.13 -57.43
C VAL P 211 34.11 3.71 -57.75
N VAL P 212 34.84 3.10 -56.81
CA VAL P 212 35.50 1.83 -57.07
C VAL P 212 35.06 0.77 -56.06
N GLU P 213 34.33 -0.21 -56.58
CA GLU P 213 34.11 -1.54 -56.03
C GLU P 213 33.28 -1.61 -54.75
N ASN P 214 33.32 -0.57 -53.91
CA ASN P 214 32.30 -0.32 -52.90
C ASN P 214 32.26 1.16 -52.50
N ARG P 215 33.16 1.98 -53.04
CA ARG P 215 33.50 3.23 -52.37
C ARG P 215 33.77 4.32 -53.39
N PHE P 216 33.39 5.54 -53.03
CA PHE P 216 33.39 6.66 -53.97
C PHE P 216 34.76 7.31 -54.13
N GLU P 217 35.41 7.68 -53.01
CA GLU P 217 36.83 8.08 -52.91
C GLU P 217 37.29 9.15 -53.90
N ILE P 218 36.89 10.41 -53.65
CA ILE P 218 37.43 11.60 -54.34
C ILE P 218 38.95 11.56 -54.38
N LEU P 219 39.52 11.65 -55.59
CA LEU P 219 40.95 11.49 -55.75
C LEU P 219 41.70 12.71 -55.23
N SER P 220 42.84 12.46 -54.60
CA SER P 220 43.63 13.52 -53.97
C SER P 220 44.43 14.30 -55.00
N VAL P 221 45.21 15.26 -54.52
CA VAL P 221 45.97 16.13 -55.40
C VAL P 221 47.19 15.39 -55.97
N ASP P 222 47.63 14.32 -55.30
CA ASP P 222 48.76 13.56 -55.80
C ASP P 222 48.31 12.49 -56.79
N GLN P 223 47.14 11.88 -56.54
CA GLN P 223 46.65 10.83 -57.42
C GLN P 223 46.10 11.42 -58.72
N LEU P 224 45.61 12.65 -58.68
CA LEU P 224 45.12 13.28 -59.89
C LEU P 224 46.26 13.89 -60.70
N ARG P 225 47.36 14.29 -60.05
CA ARG P 225 48.56 14.72 -60.75
C ARG P 225 49.21 13.60 -61.55
N ASP P 226 49.03 12.35 -61.13
CA ASP P 226 49.47 11.19 -61.88
C ASP P 226 48.74 11.04 -63.22
N TYR P 227 47.51 11.54 -63.31
CA TYR P 227 46.68 11.35 -64.49
C TYR P 227 46.80 12.48 -65.50
N LEU P 228 47.19 13.69 -65.07
CA LEU P 228 47.22 14.83 -65.97
C LEU P 228 48.42 14.76 -66.92
N ASP P 229 49.52 14.16 -66.46
CA ASP P 229 50.73 14.05 -67.27
C ASP P 229 50.81 12.68 -67.95
N GLN P 230 49.62 12.16 -68.28
CA GLN P 230 49.47 10.87 -68.92
C GLN P 230 48.53 11.03 -70.12
N ILE P 231 47.77 12.13 -70.12
CA ILE P 231 46.85 12.44 -71.20
C ILE P 231 47.37 13.63 -72.02
N SER Q 2 4.14 38.99 -51.00
CA SER Q 2 3.15 40.05 -51.04
C SER Q 2 1.91 39.59 -51.82
N HIS Q 3 0.76 40.17 -51.49
CA HIS Q 3 -0.52 39.76 -52.07
C HIS Q 3 -0.72 40.24 -53.50
N ARG Q 4 0.17 41.06 -54.03
CA ARG Q 4 0.03 41.57 -55.39
C ARG Q 4 0.35 40.52 -56.45
N TYR Q 5 1.35 39.69 -56.22
CA TYR Q 5 1.83 38.75 -57.22
C TYR Q 5 1.23 37.36 -57.07
N ASP Q 6 0.10 37.24 -56.39
CA ASP Q 6 -0.63 35.99 -56.36
C ASP Q 6 -1.32 35.78 -57.69
N SER Q 7 -1.05 34.64 -58.31
CA SER Q 7 -1.54 34.36 -59.66
C SER Q 7 -2.99 33.89 -59.69
N ARG Q 8 -3.59 33.63 -58.52
CA ARG Q 8 -5.00 33.30 -58.33
C ARG Q 8 -5.41 32.05 -59.11
N THR Q 9 -4.86 30.91 -58.75
CA THR Q 9 -5.13 29.68 -59.48
C THR Q 9 -6.50 29.10 -59.15
N THR Q 10 -6.94 29.20 -57.90
CA THR Q 10 -8.21 28.63 -57.47
C THR Q 10 -9.32 29.69 -57.53
N THR Q 11 -9.43 30.34 -58.68
CA THR Q 11 -10.47 31.33 -58.94
C THR Q 11 -11.11 31.05 -60.28
N PHE Q 12 -12.40 31.37 -60.40
CA PHE Q 12 -13.09 31.21 -61.66
C PHE Q 12 -12.73 32.32 -62.65
N SER Q 13 -12.99 32.06 -63.91
CA SER Q 13 -12.94 33.03 -64.99
C SER Q 13 -14.24 33.83 -64.96
N PRO Q 14 -14.37 34.91 -65.73
CA PRO Q 14 -15.72 35.52 -65.87
C PRO Q 14 -16.69 34.74 -66.76
N GLU Q 15 -16.32 33.54 -67.24
CA GLU Q 15 -17.24 32.66 -67.94
C GLU Q 15 -17.34 31.29 -67.26
N GLY Q 16 -16.75 31.17 -66.07
CA GLY Q 16 -16.90 29.95 -65.29
C GLY Q 16 -15.89 28.86 -65.60
N ARG Q 17 -14.67 29.21 -65.97
CA ARG Q 17 -13.64 28.25 -66.34
C ARG Q 17 -12.42 28.40 -65.45
N LEU Q 18 -11.72 27.29 -65.26
CA LEU Q 18 -10.52 27.26 -64.42
C LEU Q 18 -9.32 27.14 -65.35
N TYR Q 19 -8.58 28.25 -65.51
CA TYR Q 19 -7.52 28.32 -66.50
C TYR Q 19 -6.33 27.41 -66.18
N GLN Q 20 -6.03 27.20 -64.91
CA GLN Q 20 -4.88 26.37 -64.56
C GLN Q 20 -5.18 24.90 -64.78
N VAL Q 21 -6.46 24.51 -64.70
CA VAL Q 21 -6.85 23.16 -65.07
C VAL Q 21 -6.79 22.97 -66.58
N GLU Q 22 -7.28 23.97 -67.33
CA GLU Q 22 -7.36 23.87 -68.77
C GLU Q 22 -5.97 23.92 -69.41
N TYR Q 23 -5.04 24.62 -68.77
CA TYR Q 23 -3.68 24.66 -69.29
C TYR Q 23 -2.92 23.40 -68.89
N ALA Q 24 -3.38 22.73 -67.83
CA ALA Q 24 -2.83 21.44 -67.45
C ALA Q 24 -3.26 20.35 -68.42
N VAL Q 25 -4.47 20.50 -68.98
CA VAL Q 25 -4.95 19.58 -70.01
C VAL Q 25 -4.11 19.72 -71.26
N GLU Q 26 -3.75 20.96 -71.62
CA GLU Q 26 -2.89 21.20 -72.78
C GLU Q 26 -1.47 20.67 -72.58
N ALA Q 27 -1.02 20.61 -71.32
CA ALA Q 27 0.31 20.04 -71.03
C ALA Q 27 0.35 18.55 -71.30
N ILE Q 28 -0.79 17.87 -71.17
CA ILE Q 28 -0.88 16.45 -71.46
C ILE Q 28 -1.03 16.22 -72.95
N GLN Q 29 -1.45 17.25 -73.70
CA GLN Q 29 -1.62 17.11 -75.14
C GLN Q 29 -0.30 16.98 -75.89
N GLN Q 30 0.79 17.44 -75.27
CA GLN Q 30 2.12 17.19 -75.83
C GLN Q 30 2.86 16.07 -75.11
N ALA Q 31 2.18 15.32 -74.24
CA ALA Q 31 2.83 14.21 -73.58
C ALA Q 31 2.84 12.98 -74.49
N GLY Q 32 3.51 11.93 -74.02
CA GLY Q 32 3.60 10.72 -74.81
C GLY Q 32 2.27 9.99 -74.87
N THR Q 33 1.92 9.52 -76.06
CA THR Q 33 0.65 8.85 -76.28
C THR Q 33 0.69 7.44 -75.71
N VAL Q 34 -0.29 7.11 -74.85
CA VAL Q 34 -0.47 5.77 -74.34
C VAL Q 34 -1.95 5.41 -74.42
N ILE Q 35 -2.23 4.21 -74.93
CA ILE Q 35 -3.59 3.75 -75.13
C ILE Q 35 -3.77 2.44 -74.37
N GLY Q 36 -4.99 2.18 -73.94
CA GLY Q 36 -5.32 0.89 -73.35
C GLY Q 36 -6.63 0.39 -73.92
N VAL Q 37 -6.85 -0.91 -73.83
CA VAL Q 37 -8.09 -1.54 -74.30
C VAL Q 37 -8.39 -2.74 -73.41
N CYS Q 38 -9.63 -2.84 -72.94
CA CYS Q 38 -10.06 -3.87 -72.00
C CYS Q 38 -10.75 -4.98 -72.77
N THR Q 39 -10.12 -6.13 -72.83
CA THR Q 39 -10.72 -7.31 -73.45
C THR Q 39 -11.44 -8.13 -72.39
N LYS Q 40 -11.84 -9.35 -72.72
CA LYS Q 40 -12.55 -10.23 -71.81
C LYS Q 40 -11.62 -11.00 -70.90
N ASP Q 41 -10.43 -11.36 -71.38
CA ASP Q 41 -9.48 -12.14 -70.60
C ASP Q 41 -8.19 -11.34 -70.38
N GLY Q 42 -8.34 -10.08 -70.03
CA GLY Q 42 -7.19 -9.24 -69.76
C GLY Q 42 -7.33 -7.86 -70.35
N VAL Q 43 -6.47 -6.95 -69.90
CA VAL Q 43 -6.44 -5.58 -70.38
C VAL Q 43 -4.99 -5.16 -70.60
N VAL Q 44 -4.71 -4.66 -71.81
CA VAL Q 44 -3.35 -4.35 -72.24
C VAL Q 44 -3.18 -2.84 -72.34
N LEU Q 45 -2.00 -2.37 -71.96
CA LEU Q 45 -1.60 -0.98 -72.12
C LEU Q 45 -0.43 -0.92 -73.08
N ALA Q 46 -0.45 0.05 -73.99
CA ALA Q 46 0.61 0.25 -74.97
C ALA Q 46 0.85 1.74 -75.13
N GLY Q 47 2.11 2.16 -74.98
CA GLY Q 47 2.46 3.56 -75.07
C GLY Q 47 3.76 3.76 -75.82
N GLU Q 48 4.04 5.02 -76.11
CA GLU Q 48 5.23 5.40 -76.86
C GLU Q 48 6.11 6.31 -76.01
N LYS Q 49 7.41 5.99 -75.96
CA LYS Q 49 8.42 6.80 -75.31
C LYS Q 49 9.30 7.43 -76.39
N MET Q 50 9.92 8.57 -76.08
CA MET Q 50 10.68 9.26 -77.11
C MET Q 50 12.00 8.57 -77.38
N VAL Q 51 12.70 9.08 -78.39
CA VAL Q 51 13.78 8.38 -79.11
C VAL Q 51 14.95 8.02 -78.21
N PRO Q 52 15.43 6.77 -78.28
CA PRO Q 52 16.58 6.38 -77.46
C PRO Q 52 17.89 6.91 -78.02
N HIS Q 53 18.43 7.92 -77.35
CA HIS Q 53 19.79 8.36 -77.55
C HIS Q 53 20.75 7.23 -77.18
N PRO Q 54 21.86 7.06 -77.92
CA PRO Q 54 22.74 5.90 -77.67
C PRO Q 54 23.52 5.95 -76.36
N LEU Q 55 23.42 7.02 -75.57
CA LEU Q 55 24.07 7.08 -74.26
C LEU Q 55 23.10 6.92 -73.11
N PHE Q 56 21.86 6.50 -73.37
CA PHE Q 56 21.00 6.05 -72.28
C PHE Q 56 21.49 4.73 -71.72
N ASP Q 57 21.11 4.45 -70.48
CA ASP Q 57 21.44 3.20 -69.83
C ASP Q 57 20.19 2.64 -69.17
N SER Q 58 20.09 1.33 -69.14
CA SER Q 58 19.02 0.63 -68.45
C SER Q 58 19.46 0.42 -67.00
N GLU Q 59 18.67 0.96 -66.07
CA GLU Q 59 18.93 0.70 -64.66
C GLU Q 59 18.62 -0.75 -64.34
N SER Q 60 19.67 -1.53 -64.07
CA SER Q 60 19.55 -2.97 -63.96
C SER Q 60 18.85 -3.36 -62.67
N MET Q 61 17.55 -3.61 -62.75
CA MET Q 61 16.74 -3.95 -61.59
C MET Q 61 16.63 -5.46 -61.45
N GLN Q 62 16.03 -5.91 -60.36
CA GLN Q 62 15.51 -7.26 -60.28
C GLN Q 62 14.03 -7.21 -60.68
N ASP Q 63 13.44 -8.37 -60.98
CA ASP Q 63 12.03 -8.68 -61.30
C ASP Q 63 11.29 -7.61 -62.11
N LYS Q 64 11.74 -7.38 -63.34
CA LYS Q 64 11.28 -6.25 -64.15
C LYS Q 64 9.85 -6.48 -64.65
N ASN Q 65 8.89 -6.24 -63.74
CA ASN Q 65 7.47 -6.23 -64.09
C ASN Q 65 6.75 -5.09 -63.39
N THR Q 66 7.44 -4.31 -62.58
CA THR Q 66 6.82 -3.33 -61.71
C THR Q 66 7.19 -1.89 -61.99
N SER Q 67 8.25 -1.64 -62.74
CA SER Q 67 8.64 -0.27 -63.07
C SER Q 67 9.22 -0.23 -64.47
N GLY Q 68 8.44 0.27 -65.42
CA GLY Q 68 8.90 0.52 -66.76
C GLY Q 68 9.18 1.99 -67.00
N GLU Q 69 9.31 2.34 -68.27
CA GLU Q 69 9.49 3.75 -68.61
C GLU Q 69 8.17 4.51 -68.47
N LYS Q 70 7.05 3.87 -68.82
CA LYS Q 70 5.79 4.58 -68.97
C LYS Q 70 4.71 3.94 -68.09
N MET Q 71 4.83 2.64 -67.84
CA MET Q 71 3.85 1.91 -67.04
C MET Q 71 4.43 1.61 -65.66
N TYR Q 72 3.58 1.67 -64.65
CA TYR Q 72 3.98 1.48 -63.26
C TYR Q 72 3.01 0.56 -62.54
N LYS Q 73 3.53 -0.20 -61.59
CA LYS Q 73 2.73 -1.07 -60.75
C LYS Q 73 2.35 -0.35 -59.47
N ILE Q 74 1.07 -0.38 -59.13
CA ILE Q 74 0.58 0.26 -57.92
C ILE Q 74 0.39 -0.78 -56.83
N ALA Q 75 -0.30 -1.85 -57.14
CA ALA Q 75 -0.47 -2.99 -56.25
C ALA Q 75 -0.38 -4.24 -57.11
N GLU Q 76 -0.57 -5.41 -56.49
CA GLU Q 76 -0.45 -6.66 -57.24
C GLU Q 76 -1.61 -6.86 -58.19
N HIS Q 77 -2.71 -6.13 -57.99
CA HIS Q 77 -3.88 -6.21 -58.84
C HIS Q 77 -4.19 -4.88 -59.53
N ILE Q 78 -3.28 -3.91 -59.50
CA ILE Q 78 -3.52 -2.58 -60.07
C ILE Q 78 -2.28 -2.17 -60.85
N GLY Q 79 -2.49 -1.70 -62.08
CA GLY Q 79 -1.43 -1.07 -62.84
C GLY Q 79 -1.89 0.28 -63.35
N CYS Q 80 -0.94 1.05 -63.88
CA CYS Q 80 -1.26 2.38 -64.38
C CYS Q 80 -0.29 2.78 -65.48
N SER Q 81 -0.58 3.93 -66.08
CA SER Q 81 0.31 4.57 -67.04
C SER Q 81 0.02 6.06 -67.05
N VAL Q 82 1.01 6.84 -67.47
CA VAL Q 82 1.09 8.26 -67.17
C VAL Q 82 1.25 9.06 -68.46
N ALA Q 83 0.43 10.10 -68.63
CA ALA Q 83 0.71 11.17 -69.58
C ALA Q 83 0.57 12.50 -68.87
N GLY Q 84 1.62 13.30 -68.92
CA GLY Q 84 1.62 14.62 -68.31
C GLY Q 84 3.05 15.01 -67.94
N VAL Q 85 3.15 15.83 -66.88
CA VAL Q 85 4.45 16.15 -66.30
C VAL Q 85 5.01 14.90 -65.65
N THR Q 86 6.26 14.56 -66.00
CA THR Q 86 6.82 13.26 -65.61
C THR Q 86 7.13 13.21 -64.13
N SER Q 87 7.78 14.24 -63.60
CA SER Q 87 8.12 14.27 -62.18
C SER Q 87 6.91 14.50 -61.29
N ASP Q 88 5.80 14.99 -61.84
CA ASP Q 88 4.59 15.24 -61.05
C ASP Q 88 3.83 13.96 -60.76
N ALA Q 89 4.02 12.92 -61.57
CA ALA Q 89 3.29 11.67 -61.39
C ALA Q 89 3.80 10.86 -60.22
N TYR Q 90 5.10 10.95 -59.91
CA TYR Q 90 5.70 10.15 -58.85
C TYR Q 90 5.17 10.52 -57.48
N ALA Q 91 4.70 11.75 -57.29
CA ALA Q 91 4.04 12.10 -56.04
C ALA Q 91 2.70 11.40 -55.92
N LEU Q 92 1.92 11.36 -57.01
CA LEU Q 92 0.64 10.65 -57.00
C LEU Q 92 0.81 9.15 -57.13
N LEU Q 93 1.88 8.69 -57.78
CA LEU Q 93 2.15 7.26 -57.82
C LEU Q 93 2.51 6.72 -56.44
N ASN Q 94 3.27 7.49 -55.67
CA ASN Q 94 3.55 7.10 -54.29
C ASN Q 94 2.29 7.20 -53.43
N TYR Q 95 1.43 8.18 -53.71
CA TYR Q 95 0.19 8.31 -52.95
C TYR Q 95 -0.80 7.21 -53.31
N ALA Q 96 -0.77 6.75 -54.57
CA ALA Q 96 -1.66 5.65 -54.95
C ALA Q 96 -1.19 4.31 -54.41
N ARG Q 97 0.13 4.13 -54.26
CA ARG Q 97 0.64 2.90 -53.69
C ARG Q 97 0.39 2.83 -52.20
N LEU Q 98 0.36 3.98 -51.51
CA LEU Q 98 0.09 3.96 -50.07
C LEU Q 98 -1.37 3.67 -49.78
N SER Q 99 -2.28 4.28 -50.54
CA SER Q 99 -3.71 4.08 -50.29
C SER Q 99 -4.16 2.68 -50.66
N ALA Q 100 -3.52 2.07 -51.67
CA ALA Q 100 -3.82 0.69 -52.00
C ALA Q 100 -3.31 -0.29 -50.96
N LEU Q 101 -2.25 0.05 -50.24
CA LEU Q 101 -1.74 -0.81 -49.18
C LEU Q 101 -2.31 -0.48 -47.82
N ARG Q 102 -2.79 0.75 -47.59
CA ARG Q 102 -3.54 1.03 -46.38
C ARG Q 102 -4.90 0.36 -46.38
N HIS Q 103 -5.45 0.06 -47.56
CA HIS Q 103 -6.69 -0.70 -47.63
C HIS Q 103 -6.47 -2.15 -47.23
N GLN Q 104 -5.35 -2.73 -47.64
CA GLN Q 104 -5.04 -4.11 -47.28
C GLN Q 104 -4.67 -4.24 -45.81
N TYR Q 105 -4.21 -3.16 -45.18
CA TYR Q 105 -3.95 -3.20 -43.75
C TYR Q 105 -5.25 -3.28 -42.95
N THR Q 106 -6.21 -2.41 -43.26
CA THR Q 106 -7.43 -2.29 -42.47
C THR Q 106 -8.53 -3.24 -42.91
N PHE Q 107 -8.36 -3.97 -44.02
CA PHE Q 107 -9.41 -4.87 -44.51
C PHE Q 107 -8.91 -6.25 -44.91
N GLN Q 108 -7.62 -6.42 -45.22
CA GLN Q 108 -7.02 -7.69 -45.66
C GLN Q 108 -7.69 -8.23 -46.93
N GLU Q 109 -8.06 -7.34 -47.83
CA GLU Q 109 -8.62 -7.67 -49.13
C GLU Q 109 -7.96 -6.79 -50.17
N PRO Q 110 -7.95 -7.23 -51.44
CA PRO Q 110 -7.52 -6.32 -52.51
C PRO Q 110 -8.51 -5.18 -52.69
N MET Q 111 -7.97 -3.99 -52.99
CA MET Q 111 -8.79 -2.80 -53.14
C MET Q 111 -9.45 -2.80 -54.51
N ALA Q 112 -10.67 -2.25 -54.58
CA ALA Q 112 -11.36 -2.13 -55.86
C ALA Q 112 -10.67 -1.11 -56.74
N ILE Q 113 -10.82 -1.29 -58.06
CA ILE Q 113 -10.14 -0.40 -59.00
C ILE Q 113 -10.84 0.96 -59.05
N GLU Q 114 -12.16 0.94 -58.87
CA GLU Q 114 -12.91 2.18 -58.72
C GLU Q 114 -12.64 2.85 -57.39
N ASP Q 115 -12.22 2.09 -56.39
CA ASP Q 115 -11.94 2.65 -55.07
C ASP Q 115 -10.62 3.40 -55.06
N LEU Q 116 -9.62 2.92 -55.80
CA LEU Q 116 -8.34 3.63 -55.90
C LEU Q 116 -8.48 4.84 -56.80
N CYS Q 117 -9.23 4.69 -57.88
CA CYS Q 117 -9.41 5.76 -58.85
C CYS Q 117 -10.22 6.90 -58.25
N ARG Q 118 -11.04 6.60 -57.24
CA ARG Q 118 -11.73 7.63 -56.50
C ARG Q 118 -10.80 8.34 -55.52
N ILE Q 119 -9.88 7.61 -54.90
CA ILE Q 119 -9.08 8.19 -53.82
C ILE Q 119 -7.88 8.97 -54.35
N LEU Q 120 -7.47 8.76 -55.59
CA LEU Q 120 -6.42 9.59 -56.17
C LEU Q 120 -6.97 10.77 -56.95
N CYS Q 121 -8.24 10.72 -57.33
CA CYS Q 121 -8.90 11.89 -57.90
C CYS Q 121 -9.47 12.81 -56.84
N ASP Q 122 -9.60 12.34 -55.61
CA ASP Q 122 -9.87 13.24 -54.50
C ASP Q 122 -8.66 14.11 -54.20
N GLU Q 123 -7.45 13.59 -54.43
CA GLU Q 123 -6.24 14.37 -54.23
C GLU Q 123 -6.06 15.41 -55.34
N LYS Q 124 -6.43 15.05 -56.58
CA LYS Q 124 -6.19 15.94 -57.69
C LYS Q 124 -7.18 17.10 -57.70
N GLN Q 125 -8.42 16.85 -57.29
CA GLN Q 125 -9.39 17.94 -57.17
C GLN Q 125 -9.06 18.86 -56.01
N LEU Q 126 -8.33 18.34 -55.01
CA LEU Q 126 -8.06 19.09 -53.78
C LEU Q 126 -7.14 20.28 -54.06
N TYR Q 127 -6.16 20.10 -54.96
CA TYR Q 127 -5.26 21.20 -55.27
C TYR Q 127 -5.82 22.14 -56.32
N THR Q 128 -7.00 21.86 -56.86
CA THR Q 128 -7.67 22.77 -57.78
C THR Q 128 -8.53 23.77 -57.04
N GLN Q 129 -8.85 23.51 -55.78
CA GLN Q 129 -9.77 24.35 -55.03
C GLN Q 129 -9.13 24.96 -53.78
N TYR Q 130 -8.17 24.30 -53.14
CA TYR Q 130 -7.51 24.81 -51.95
C TYR Q 130 -6.05 25.05 -52.25
N GLY Q 131 -5.44 25.98 -51.52
CA GLY Q 131 -4.01 26.17 -51.49
C GLY Q 131 -3.48 27.29 -52.34
N GLY Q 132 -4.20 27.65 -53.41
CA GLY Q 132 -3.73 28.73 -54.27
C GLY Q 132 -2.49 28.39 -55.07
N VAL Q 133 -2.24 27.11 -55.29
CA VAL Q 133 -1.06 26.63 -56.00
C VAL Q 133 -1.56 25.88 -57.24
N ARG Q 134 -0.63 25.51 -58.13
CA ARG Q 134 -1.01 24.87 -59.38
C ARG Q 134 -1.50 23.44 -59.11
N PRO Q 135 -2.40 22.94 -59.95
CA PRO Q 135 -2.86 21.55 -59.80
C PRO Q 135 -1.87 20.57 -60.42
N TYR Q 136 -2.17 19.29 -60.26
CA TYR Q 136 -1.40 18.23 -60.90
C TYR Q 136 -1.65 18.25 -62.40
N GLY Q 137 -0.59 18.42 -63.18
CA GLY Q 137 -0.72 18.33 -64.62
C GLY Q 137 -0.39 16.94 -65.13
N VAL Q 138 -1.19 15.95 -64.73
CA VAL Q 138 -0.93 14.56 -65.08
C VAL Q 138 -2.26 13.89 -65.37
N SER Q 139 -2.22 12.83 -66.19
CA SER Q 139 -3.39 12.03 -66.51
C SER Q 139 -3.02 10.56 -66.45
N PHE Q 140 -3.87 9.76 -65.82
CA PHE Q 140 -3.59 8.35 -65.58
C PHE Q 140 -4.45 7.46 -66.46
N LEU Q 141 -4.08 6.18 -66.50
CA LEU Q 141 -4.90 5.09 -67.04
C LEU Q 141 -4.79 3.90 -66.10
N LEU Q 142 -5.69 3.83 -65.12
CA LEU Q 142 -5.67 2.73 -64.16
C LEU Q 142 -6.29 1.49 -64.78
N VAL Q 143 -5.60 0.37 -64.69
CA VAL Q 143 -6.12 -0.92 -65.10
C VAL Q 143 -6.00 -1.87 -63.92
N GLY Q 144 -6.78 -2.93 -63.96
CA GLY Q 144 -6.68 -3.94 -62.92
C GLY Q 144 -7.93 -4.77 -62.81
N TRP Q 145 -7.77 -5.91 -62.14
CA TRP Q 145 -8.84 -6.86 -61.92
C TRP Q 145 -9.26 -6.83 -60.46
N ASP Q 146 -10.57 -6.84 -60.23
CA ASP Q 146 -11.14 -7.10 -58.92
C ASP Q 146 -12.25 -8.13 -59.07
N ARG Q 147 -12.73 -8.63 -57.94
CA ARG Q 147 -13.81 -9.62 -57.99
C ARG Q 147 -15.18 -8.97 -58.01
N TYR Q 148 -15.26 -7.65 -58.17
CA TYR Q 148 -16.55 -6.97 -58.13
C TYR Q 148 -17.10 -6.79 -59.53
N TYR Q 149 -16.28 -6.32 -60.48
CA TYR Q 149 -16.71 -6.20 -61.87
C TYR Q 149 -15.68 -6.72 -62.86
N GLY Q 150 -14.63 -7.40 -62.40
CA GLY Q 150 -13.68 -7.98 -63.35
C GLY Q 150 -12.65 -6.97 -63.80
N TYR Q 151 -12.22 -7.11 -65.06
CA TYR Q 151 -11.22 -6.20 -65.61
C TYR Q 151 -11.83 -4.83 -65.86
N GLN Q 152 -11.13 -3.79 -65.41
CA GLN Q 152 -11.61 -2.42 -65.52
C GLN Q 152 -10.54 -1.55 -66.16
N LEU Q 153 -10.96 -0.39 -66.67
CA LEU Q 153 -10.04 0.56 -67.29
C LEU Q 153 -10.60 1.95 -67.03
N TYR Q 154 -9.78 2.85 -66.51
CA TYR Q 154 -10.22 4.18 -66.13
C TYR Q 154 -9.36 5.25 -66.78
N SER Q 155 -9.94 6.43 -66.92
CA SER Q 155 -9.22 7.64 -67.25
C SER Q 155 -9.06 8.47 -65.99
N THR Q 156 -8.31 9.56 -66.10
CA THR Q 156 -8.14 10.50 -65.01
C THR Q 156 -7.79 11.86 -65.59
N GLU Q 157 -8.61 12.77 -65.40
CA GLU Q 157 -8.45 14.13 -65.88
C GLU Q 157 -7.70 14.96 -64.84
N PRO Q 158 -6.94 15.99 -65.23
CA PRO Q 158 -6.35 16.88 -64.22
C PRO Q 158 -7.32 17.90 -63.62
N SER Q 159 -8.49 17.44 -63.22
CA SER Q 159 -9.45 18.24 -62.48
C SER Q 159 -10.11 17.49 -61.35
N GLY Q 160 -9.79 16.20 -61.16
CA GLY Q 160 -10.48 15.37 -60.20
C GLY Q 160 -11.55 14.48 -60.82
N ASP Q 161 -11.82 14.63 -62.10
CA ASP Q 161 -12.86 13.85 -62.77
C ASP Q 161 -12.26 12.60 -63.40
N TYR Q 162 -12.97 11.48 -63.26
CA TYR Q 162 -12.58 10.24 -63.92
C TYR Q 162 -13.80 9.65 -64.61
N SER Q 163 -13.54 8.63 -65.42
CA SER Q 163 -14.60 7.92 -66.11
C SER Q 163 -14.10 6.53 -66.46
N ALA Q 164 -15.00 5.54 -66.37
CA ALA Q 164 -14.66 4.19 -66.81
C ALA Q 164 -14.70 4.14 -68.33
N TRP Q 165 -13.91 3.26 -68.91
CA TRP Q 165 -13.84 3.11 -70.36
C TRP Q 165 -13.64 1.66 -70.72
N SER Q 166 -13.80 1.37 -72.00
CA SER Q 166 -13.40 0.10 -72.58
C SER Q 166 -12.16 0.22 -73.46
N ALA Q 167 -11.89 1.41 -73.99
CA ALA Q 167 -10.64 1.73 -74.67
C ALA Q 167 -10.50 3.24 -74.62
N TYR Q 168 -9.28 3.75 -74.44
CA TYR Q 168 -9.11 5.18 -74.25
C TYR Q 168 -7.69 5.57 -74.63
N ALA Q 169 -7.49 6.88 -74.84
CA ALA Q 169 -6.22 7.43 -75.30
C ALA Q 169 -5.91 8.72 -74.56
N ILE Q 170 -4.69 8.84 -74.07
CA ILE Q 170 -4.17 10.09 -73.52
C ILE Q 170 -2.80 10.38 -74.13
N GLY Q 171 -2.53 11.67 -74.35
CA GLY Q 171 -1.28 12.10 -74.92
C GLY Q 171 -1.48 12.86 -76.22
N GLN Q 172 -0.47 12.77 -77.08
CA GLN Q 172 -0.57 13.35 -78.42
C GLN Q 172 -1.57 12.57 -79.26
N ASN Q 173 -2.43 13.31 -79.97
CA ASN Q 173 -3.42 12.78 -80.92
C ASN Q 173 -4.38 11.80 -80.25
N ASP Q 174 -4.95 12.21 -79.11
CA ASP Q 174 -5.93 11.37 -78.43
C ASP Q 174 -7.30 11.46 -79.10
N GLN Q 175 -7.59 12.59 -79.74
CA GLN Q 175 -8.83 12.71 -80.51
C GLN Q 175 -8.78 11.85 -81.76
N VAL Q 176 -7.59 11.63 -82.31
CA VAL Q 176 -7.44 10.76 -83.47
C VAL Q 176 -7.57 9.30 -83.06
N ALA Q 177 -6.90 8.91 -81.97
CA ALA Q 177 -6.86 7.51 -81.54
C ALA Q 177 -8.17 7.03 -80.94
N HIS Q 178 -9.07 7.94 -80.55
CA HIS Q 178 -10.40 7.52 -80.13
C HIS Q 178 -11.22 7.01 -81.31
N ALA Q 179 -11.13 7.70 -82.46
CA ALA Q 179 -11.92 7.33 -83.62
C ALA Q 179 -11.44 6.02 -84.24
N LEU Q 180 -10.14 5.73 -84.11
CA LEU Q 180 -9.61 4.50 -84.67
C LEU Q 180 -9.96 3.31 -83.79
N LEU Q 181 -10.06 3.52 -82.48
CA LEU Q 181 -10.54 2.48 -81.58
C LEU Q 181 -12.04 2.33 -81.67
N LYS Q 182 -12.74 3.41 -82.03
CA LYS Q 182 -14.19 3.36 -82.18
C LYS Q 182 -14.58 2.58 -83.43
N LYS Q 183 -13.72 2.60 -84.45
CA LYS Q 183 -14.03 1.95 -85.72
C LYS Q 183 -14.05 0.44 -85.59
N ASP Q 184 -13.17 -0.12 -84.73
CA ASP Q 184 -13.16 -1.55 -84.47
C ASP Q 184 -12.84 -1.83 -82.98
N TRP Q 185 -13.90 -1.93 -82.19
CA TRP Q 185 -13.86 -2.56 -80.87
C TRP Q 185 -15.16 -3.33 -80.67
N HIS Q 186 -15.04 -4.60 -80.34
CA HIS Q 186 -16.20 -5.44 -80.05
C HIS Q 186 -16.00 -6.15 -78.72
N GLU Q 187 -17.10 -6.65 -78.16
CA GLU Q 187 -17.13 -7.16 -76.80
C GLU Q 187 -16.36 -8.46 -76.65
N SER Q 188 -16.73 -9.48 -77.41
CA SER Q 188 -16.09 -10.78 -77.30
C SER Q 188 -14.75 -10.77 -78.03
N MET Q 189 -13.74 -10.16 -77.43
CA MET Q 189 -12.42 -10.01 -78.02
C MET Q 189 -11.39 -10.68 -77.14
N THR Q 190 -10.50 -11.48 -77.75
CA THR Q 190 -9.44 -12.13 -76.99
C THR Q 190 -8.32 -11.14 -76.70
N LEU Q 191 -7.35 -11.58 -75.89
CA LEU Q 191 -6.22 -10.73 -75.55
C LEU Q 191 -5.27 -10.57 -76.73
N GLU Q 192 -5.09 -11.64 -77.52
CA GLU Q 192 -4.24 -11.55 -78.70
C GLU Q 192 -4.87 -10.68 -79.78
N ASP Q 193 -6.21 -10.65 -79.84
CA ASP Q 193 -6.90 -9.72 -80.73
C ASP Q 193 -6.95 -8.32 -80.13
N GLY Q 194 -6.78 -8.18 -78.82
CA GLY Q 194 -6.75 -6.89 -78.18
C GLY Q 194 -5.37 -6.26 -78.19
N MET Q 195 -4.33 -7.08 -78.05
CA MET Q 195 -2.97 -6.56 -78.14
C MET Q 195 -2.62 -6.22 -79.59
N LEU Q 196 -3.15 -6.97 -80.55
CA LEU Q 196 -2.99 -6.62 -81.95
C LEU Q 196 -3.78 -5.37 -82.31
N LEU Q 197 -4.91 -5.15 -81.64
CA LEU Q 197 -5.61 -3.87 -81.76
C LEU Q 197 -4.83 -2.74 -81.12
N ALA Q 198 -4.11 -3.03 -80.03
CA ALA Q 198 -3.43 -1.98 -79.28
C ALA Q 198 -2.22 -1.45 -80.04
N LEU Q 199 -1.45 -2.36 -80.67
CA LEU Q 199 -0.25 -1.92 -81.38
C LEU Q 199 -0.61 -1.24 -82.70
N ARG Q 200 -1.72 -1.65 -83.31
CA ARG Q 200 -2.06 -1.15 -84.64
C ARG Q 200 -2.53 0.30 -84.59
N VAL Q 201 -3.29 0.65 -83.56
CA VAL Q 201 -3.71 2.05 -83.39
C VAL Q 201 -2.54 2.92 -82.95
N LEU Q 202 -1.53 2.34 -82.29
CA LEU Q 202 -0.39 3.11 -81.84
C LEU Q 202 0.47 3.56 -83.02
N GLY Q 203 0.54 2.74 -84.07
CA GLY Q 203 1.30 3.11 -85.26
C GLY Q 203 0.59 4.14 -86.10
N LYS Q 204 -0.73 4.28 -85.92
CA LYS Q 204 -1.51 5.22 -86.72
C LYS Q 204 -1.24 6.66 -86.33
N THR Q 205 -1.21 6.95 -85.03
CA THR Q 205 -1.07 8.32 -84.55
C THR Q 205 0.33 8.88 -84.79
N MET Q 206 1.37 8.09 -84.56
CA MET Q 206 2.74 8.50 -84.84
C MET Q 206 3.20 8.04 -86.22
N ASP Q 207 2.25 7.91 -87.15
CA ASP Q 207 2.33 7.69 -88.61
C ASP Q 207 3.51 6.84 -89.08
N THR Q 208 3.65 5.66 -88.47
CA THR Q 208 4.82 4.81 -88.65
C THR Q 208 4.38 3.39 -89.03
N ALA Q 209 4.57 3.05 -90.29
CA ALA Q 209 4.55 1.64 -90.70
C ALA Q 209 5.85 1.01 -90.22
N LYS Q 210 5.84 -0.31 -90.02
CA LYS Q 210 6.93 -1.08 -89.40
C LYS Q 210 7.18 -0.51 -88.01
N ILE Q 211 6.25 -0.80 -87.09
CA ILE Q 211 6.31 -0.39 -85.69
C ILE Q 211 7.64 -0.79 -85.05
N ASP Q 212 8.35 0.21 -84.51
CA ASP Q 212 9.66 -0.04 -83.92
C ASP Q 212 9.53 -0.44 -82.45
N LEU Q 213 10.41 -1.36 -82.02
CA LEU Q 213 10.35 -1.87 -80.66
C LEU Q 213 11.13 -1.02 -79.67
N ASP Q 214 12.00 -0.14 -80.15
CA ASP Q 214 12.73 0.77 -79.27
C ASP Q 214 11.90 1.96 -78.81
N ARG Q 215 10.76 2.20 -79.47
CA ARG Q 215 9.97 3.41 -79.24
C ARG Q 215 8.58 3.07 -78.72
N VAL Q 216 8.32 1.80 -78.40
CA VAL Q 216 7.02 1.32 -77.96
C VAL Q 216 7.20 0.53 -76.65
N GLU Q 217 6.44 0.89 -75.63
CA GLU Q 217 6.43 0.21 -74.36
C GLU Q 217 5.05 -0.37 -74.12
N VAL Q 218 4.97 -1.65 -73.74
CA VAL Q 218 3.69 -2.32 -73.52
C VAL Q 218 3.67 -2.97 -72.15
N ALA Q 219 2.46 -3.20 -71.65
CA ALA Q 219 2.23 -3.85 -70.37
C ALA Q 219 0.81 -4.40 -70.36
N VAL Q 220 0.66 -5.63 -69.90
CA VAL Q 220 -0.62 -6.33 -69.94
C VAL Q 220 -1.02 -6.69 -68.51
N MET Q 221 -2.34 -6.73 -68.27
CA MET Q 221 -2.91 -6.99 -66.95
C MET Q 221 -3.91 -8.14 -67.08
N ARG Q 222 -3.43 -9.37 -66.87
CA ARG Q 222 -4.31 -10.53 -66.92
C ARG Q 222 -4.08 -11.42 -65.70
N LYS Q 223 -4.82 -12.52 -65.61
CA LYS Q 223 -4.75 -13.42 -64.47
C LYS Q 223 -3.91 -14.64 -64.83
N VAL Q 224 -2.96 -14.96 -63.98
CA VAL Q 224 -2.08 -16.12 -64.16
C VAL Q 224 -2.48 -17.15 -63.11
N PRO Q 225 -2.16 -18.44 -63.27
CA PRO Q 225 -2.46 -19.41 -62.21
C PRO Q 225 -1.61 -19.16 -60.97
N ALA Q 226 -2.25 -19.27 -59.81
CA ALA Q 226 -1.60 -18.97 -58.53
C ALA Q 226 -0.58 -20.04 -58.18
N SER Q 227 0.62 -19.61 -57.82
CA SER Q 227 1.72 -20.50 -57.51
C SER Q 227 2.15 -20.45 -56.04
N ASN Q 228 1.87 -19.35 -55.35
CA ASN Q 228 2.33 -19.14 -53.98
C ASN Q 228 1.23 -19.49 -52.97
N ILE Q 229 0.42 -20.49 -53.29
CA ILE Q 229 -0.62 -20.94 -52.37
C ILE Q 229 0.01 -21.81 -51.29
N ASP Q 230 -0.27 -21.50 -50.03
CA ASP Q 230 0.29 -22.25 -48.89
C ASP Q 230 -0.83 -22.60 -47.92
N GLN Q 231 -1.46 -23.74 -48.18
CA GLN Q 231 -2.59 -24.21 -47.40
C GLN Q 231 -2.16 -24.75 -46.04
N LEU Q 232 -0.88 -25.10 -45.87
CA LEU Q 232 -0.46 -25.75 -44.63
C LEU Q 232 -0.28 -24.75 -43.48
N LEU Q 233 0.23 -23.55 -43.75
CA LEU Q 233 0.32 -22.51 -42.74
C LEU Q 233 -0.96 -21.69 -42.63
N ASP Q 234 -1.93 -21.91 -43.51
CA ASP Q 234 -3.24 -21.26 -43.43
C ASP Q 234 -4.29 -22.35 -43.55
N PRO Q 235 -4.64 -23.02 -42.44
CA PRO Q 235 -5.58 -24.15 -42.52
C PRO Q 235 -7.01 -23.73 -42.79
N PHE Q 236 -7.44 -22.56 -42.31
CA PHE Q 236 -8.82 -22.11 -42.48
C PHE Q 236 -8.92 -20.91 -43.41
N LYS Q 237 -7.93 -20.70 -44.25
CA LYS Q 237 -7.92 -19.62 -45.23
C LYS Q 237 -7.97 -20.21 -46.63
N HIS Q 238 -8.91 -19.74 -47.44
CA HIS Q 238 -9.09 -20.23 -48.79
C HIS Q 238 -8.31 -19.36 -49.76
N HIS Q 239 -7.53 -19.99 -50.64
CA HIS Q 239 -6.78 -19.30 -51.68
C HIS Q 239 -7.49 -19.48 -53.02
N PRO Q 240 -7.63 -18.42 -53.81
CA PRO Q 240 -8.26 -18.57 -55.13
C PRO Q 240 -7.39 -19.36 -56.09
N LYS Q 241 -8.01 -19.81 -57.19
CA LYS Q 241 -7.31 -20.67 -58.14
C LYS Q 241 -6.28 -19.89 -58.95
N THR Q 242 -6.69 -18.75 -59.52
CA THR Q 242 -5.81 -17.93 -60.35
C THR Q 242 -5.76 -16.52 -59.77
N THR Q 243 -4.59 -15.89 -59.86
CA THR Q 243 -4.36 -14.56 -59.33
C THR Q 243 -3.97 -13.59 -60.44
N PRO Q 244 -4.33 -12.32 -60.33
CA PRO Q 244 -3.96 -11.36 -61.37
C PRO Q 244 -2.52 -10.89 -61.20
N ARG Q 245 -1.81 -10.77 -62.33
CA ARG Q 245 -0.43 -10.32 -62.32
C ARG Q 245 -0.24 -9.22 -63.36
N PHE Q 246 0.14 -8.03 -62.89
CA PHE Q 246 0.61 -6.98 -63.78
C PHE Q 246 2.02 -7.31 -64.24
N GLN Q 247 2.23 -7.30 -65.55
CA GLN Q 247 3.56 -7.56 -66.06
C GLN Q 247 3.86 -6.63 -67.23
N ILE Q 248 5.13 -6.52 -67.57
CA ILE Q 248 5.60 -5.69 -68.67
C ILE Q 248 6.37 -6.58 -69.64
N LEU Q 249 5.99 -6.55 -70.91
CA LEU Q 249 6.61 -7.41 -71.91
C LEU Q 249 7.98 -6.90 -72.29
N THR Q 250 8.92 -7.83 -72.46
CA THR Q 250 10.26 -7.51 -72.93
C THR Q 250 10.29 -7.47 -74.45
N ARG Q 251 11.51 -7.33 -74.99
CA ARG Q 251 11.65 -7.31 -76.45
C ARG Q 251 11.48 -8.70 -77.05
N SER Q 252 11.78 -9.75 -76.29
CA SER Q 252 11.51 -11.10 -76.74
C SER Q 252 10.03 -11.46 -76.66
N GLU Q 253 9.25 -10.71 -75.87
CA GLU Q 253 7.83 -10.95 -75.74
C GLU Q 253 7.01 -10.08 -76.70
N LEU Q 254 7.51 -8.92 -77.08
CA LEU Q 254 6.75 -8.00 -77.92
C LEU Q 254 7.03 -8.17 -79.40
N LYS Q 255 8.19 -8.72 -79.76
CA LYS Q 255 8.54 -9.04 -81.15
C LYS Q 255 7.59 -10.05 -81.81
N PRO Q 256 7.09 -11.12 -81.14
CA PRO Q 256 6.02 -11.90 -81.78
C PRO Q 256 4.70 -11.15 -81.92
N HIS Q 257 4.47 -10.09 -81.14
CA HIS Q 257 3.24 -9.34 -81.25
C HIS Q 257 3.38 -8.09 -82.11
N ALA Q 258 4.59 -7.55 -82.25
CA ALA Q 258 4.79 -6.41 -83.14
C ALA Q 258 4.88 -6.83 -84.59
N GLU Q 259 5.26 -8.09 -84.85
CA GLU Q 259 5.28 -8.60 -86.20
C GLU Q 259 3.93 -9.13 -86.65
N ARG Q 260 2.90 -9.05 -85.81
CA ARG Q 260 1.53 -9.33 -86.21
C ARG Q 260 0.74 -8.06 -86.47
N ALA Q 261 1.20 -6.92 -85.99
CA ALA Q 261 0.48 -5.67 -86.18
C ALA Q 261 0.83 -4.99 -87.50
N ASP Q 262 2.06 -5.17 -87.98
CA ASP Q 262 2.42 -4.63 -89.29
C ASP Q 262 1.85 -5.49 -90.42
N GLN Q 263 1.77 -6.81 -90.21
CA GLN Q 263 1.16 -7.68 -91.20
C GLN Q 263 -0.34 -7.46 -91.29
N ALA Q 264 -0.99 -7.18 -90.16
CA ALA Q 264 -2.39 -6.79 -90.19
C ALA Q 264 -2.57 -5.41 -90.79
N ARG Q 265 -1.56 -4.54 -90.66
CA ARG Q 265 -1.54 -3.30 -91.44
C ARG Q 265 -1.28 -3.60 -92.91
N GLU Q 266 -0.47 -4.61 -93.20
CA GLU Q 266 -0.19 -5.01 -94.58
C GLU Q 266 -1.38 -5.75 -95.18
N ALA Q 267 -2.16 -6.45 -94.35
CA ALA Q 267 -3.35 -7.14 -94.84
C ALA Q 267 -4.43 -6.15 -95.23
N GLU Q 268 -4.50 -5.01 -94.56
CA GLU Q 268 -5.41 -3.93 -94.95
C GLU Q 268 -4.75 -2.93 -95.88
N GLU Q 269 -3.58 -3.26 -96.43
CA GLU Q 269 -2.89 -2.40 -97.38
C GLU Q 269 -3.03 -2.88 -98.82
N LYS Q 270 -3.11 -4.19 -99.03
CA LYS Q 270 -3.25 -4.71 -100.39
C LYS Q 270 -4.67 -4.48 -100.92
N ALA Q 271 -5.63 -4.24 -100.03
CA ALA Q 271 -7.02 -3.95 -100.41
C ALA Q 271 -7.37 -2.47 -100.27
N GLU Q 272 -6.43 -1.57 -100.58
CA GLU Q 272 -6.69 -0.14 -100.47
C GLU Q 272 -7.19 0.48 -101.76
N ALA Q 273 -6.63 0.09 -102.91
CA ALA Q 273 -7.03 0.66 -104.18
C ALA Q 273 -8.23 -0.09 -104.75
N SER R 2 -1.82 28.87 -43.20
CA SER R 2 -1.90 28.41 -44.57
C SER R 2 -2.41 29.51 -45.49
N TYR R 3 -2.74 29.15 -46.72
CA TYR R 3 -3.24 30.12 -47.68
C TYR R 3 -4.72 30.38 -47.42
N ASP R 4 -5.03 31.57 -46.92
CA ASP R 4 -6.42 31.93 -46.66
C ASP R 4 -6.74 33.36 -47.08
N ARG R 5 -6.28 33.76 -48.27
CA ARG R 5 -6.64 35.06 -48.81
C ARG R 5 -8.10 35.05 -49.24
N ALA R 6 -8.77 36.19 -49.06
CA ALA R 6 -10.19 36.28 -49.36
C ALA R 6 -10.44 36.31 -50.87
N ILE R 7 -11.11 35.28 -51.38
CA ILE R 7 -11.42 35.18 -52.78
C ILE R 7 -12.82 35.67 -53.12
N THR R 8 -13.86 35.16 -52.45
CA THR R 8 -15.23 35.56 -52.70
C THR R 8 -15.46 36.90 -52.01
N VAL R 9 -15.39 37.98 -52.78
CA VAL R 9 -15.58 39.33 -52.28
C VAL R 9 -16.74 39.98 -53.02
N PHE R 10 -17.15 41.16 -52.54
CA PHE R 10 -18.29 41.86 -53.10
C PHE R 10 -17.85 42.77 -54.25
N SER R 11 -18.75 42.93 -55.22
CA SER R 11 -18.58 43.87 -56.32
C SER R 11 -18.92 45.28 -55.83
N PRO R 12 -18.67 46.31 -56.66
CA PRO R 12 -19.22 47.64 -56.33
C PRO R 12 -20.72 47.80 -56.54
N ASP R 13 -21.43 46.72 -56.91
CA ASP R 13 -22.87 46.73 -57.07
C ASP R 13 -23.54 45.69 -56.17
N GLY R 14 -22.83 45.22 -55.16
CA GLY R 14 -23.41 44.29 -54.21
C GLY R 14 -23.52 42.86 -54.71
N HIS R 15 -22.79 42.50 -55.75
CA HIS R 15 -22.79 41.15 -56.28
C HIS R 15 -21.55 40.40 -55.80
N LEU R 16 -21.65 39.08 -55.75
CA LEU R 16 -20.51 38.21 -55.50
C LEU R 16 -20.04 37.69 -56.86
N PHE R 17 -18.83 38.08 -57.26
CA PHE R 17 -18.32 37.65 -58.55
C PHE R 17 -18.01 36.17 -58.60
N GLN R 18 -17.47 35.61 -57.51
CA GLN R 18 -17.11 34.20 -57.51
C GLN R 18 -18.33 33.29 -57.39
N VAL R 19 -19.49 33.83 -57.04
CA VAL R 19 -20.72 33.07 -57.04
C VAL R 19 -21.43 33.18 -58.38
N GLU R 20 -21.45 34.39 -58.96
CA GLU R 20 -22.04 34.57 -60.29
C GLU R 20 -21.23 33.86 -61.37
N TYR R 21 -19.92 33.70 -61.16
CA TYR R 21 -19.11 32.96 -62.11
C TYR R 21 -19.15 31.46 -61.84
N ALA R 22 -19.59 31.06 -60.65
CA ALA R 22 -19.79 29.63 -60.38
C ALA R 22 -21.11 29.15 -60.95
N GLN R 23 -22.11 30.04 -61.01
CA GLN R 23 -23.38 29.72 -61.65
C GLN R 23 -23.25 29.58 -63.15
N GLU R 24 -22.31 30.29 -63.78
CA GLU R 24 -22.03 30.12 -65.20
C GLU R 24 -21.42 28.78 -65.54
N ALA R 25 -20.69 28.17 -64.59
CA ALA R 25 -20.18 26.82 -64.78
C ALA R 25 -21.28 25.76 -64.68
N VAL R 26 -22.39 26.08 -64.03
CA VAL R 26 -23.53 25.19 -63.99
C VAL R 26 -24.37 25.32 -65.26
N LYS R 27 -24.47 26.53 -65.82
CA LYS R 27 -25.24 26.76 -67.04
C LYS R 27 -24.60 26.13 -68.28
N LYS R 28 -23.36 25.66 -68.17
CA LYS R 28 -22.78 24.82 -69.21
C LYS R 28 -22.83 23.34 -68.86
N GLY R 29 -23.30 22.99 -67.67
CA GLY R 29 -23.42 21.61 -67.28
C GLY R 29 -24.61 20.93 -67.91
N LEU R 30 -24.70 19.63 -67.70
CA LEU R 30 -25.76 18.83 -68.31
C LEU R 30 -27.09 19.07 -67.61
N ALA R 31 -28.16 19.10 -68.39
CA ALA R 31 -29.47 19.43 -67.84
C ALA R 31 -30.05 18.25 -67.07
N ALA R 32 -30.66 18.56 -65.92
CA ALA R 32 -31.29 17.54 -65.08
C ALA R 32 -32.64 18.07 -64.64
N VAL R 33 -33.69 17.28 -64.86
CA VAL R 33 -35.07 17.69 -64.62
C VAL R 33 -35.69 16.73 -63.61
N GLY R 34 -36.33 17.28 -62.59
CA GLY R 34 -37.10 16.47 -61.66
C GLY R 34 -38.47 17.06 -61.39
N VAL R 35 -39.51 16.22 -61.37
CA VAL R 35 -40.86 16.67 -61.07
C VAL R 35 -41.40 15.85 -59.89
N LEU R 36 -42.44 16.39 -59.27
CA LEU R 36 -43.00 15.85 -58.04
C LEU R 36 -44.43 15.39 -58.27
N GLY R 37 -44.69 14.13 -57.97
CA GLY R 37 -46.01 13.54 -58.12
C GLY R 37 -46.73 13.36 -56.80
N SER R 38 -47.67 12.42 -56.78
CA SER R 38 -48.44 12.14 -55.59
C SER R 38 -47.87 10.98 -54.78
N ASP R 39 -47.28 10.00 -55.45
CA ASP R 39 -46.73 8.82 -54.78
C ASP R 39 -45.31 8.49 -55.24
N SER R 40 -44.75 9.29 -56.14
CA SER R 40 -43.43 8.96 -56.69
C SER R 40 -42.70 10.24 -57.06
N VAL R 41 -41.38 10.14 -57.07
CA VAL R 41 -40.47 11.21 -57.49
C VAL R 41 -39.63 10.69 -58.65
N VAL R 42 -39.61 11.42 -59.76
CA VAL R 42 -38.75 11.06 -60.88
C VAL R 42 -37.77 12.20 -61.13
N ILE R 43 -36.55 11.81 -61.49
CA ILE R 43 -35.47 12.73 -61.85
C ILE R 43 -34.74 12.14 -63.05
N ALA R 44 -34.54 12.97 -64.07
CA ALA R 44 -33.91 12.53 -65.31
C ALA R 44 -32.77 13.46 -65.66
N VAL R 45 -31.63 12.87 -66.04
CA VAL R 45 -30.42 13.61 -66.35
C VAL R 45 -30.08 13.44 -67.82
N GLU R 46 -28.99 14.09 -68.23
CA GLU R 46 -28.71 14.17 -69.66
C GLU R 46 -27.79 13.05 -70.15
N LYS R 47 -26.82 12.62 -69.34
CA LYS R 47 -25.98 11.43 -69.59
C LYS R 47 -25.22 11.56 -70.93
N LYS R 48 -24.14 12.36 -70.89
CA LYS R 48 -23.56 13.20 -71.94
C LYS R 48 -23.75 12.74 -73.38
N SER R 49 -23.37 11.50 -73.69
CA SER R 49 -23.56 10.95 -75.03
C SER R 49 -23.51 9.43 -75.03
N ALA R 50 -23.95 8.83 -76.13
CA ALA R 50 -23.74 7.42 -76.41
C ALA R 50 -22.39 7.30 -77.11
N VAL R 51 -21.32 7.20 -76.31
CA VAL R 51 -19.96 7.39 -76.81
C VAL R 51 -19.46 6.17 -77.57
N LYS R 52 -20.07 4.98 -77.35
CA LYS R 52 -19.75 3.68 -77.98
C LYS R 52 -18.37 3.16 -77.52
N LEU R 53 -17.77 3.88 -76.58
CA LEU R 53 -16.41 3.66 -76.12
C LEU R 53 -16.47 3.65 -74.60
N GLN R 54 -17.61 4.10 -74.08
CA GLN R 54 -17.97 3.95 -72.69
C GLN R 54 -18.13 2.47 -72.35
N ASP R 55 -17.96 2.14 -71.07
CA ASP R 55 -17.94 0.74 -70.64
C ASP R 55 -19.32 0.10 -70.79
N SER R 56 -19.33 -1.21 -71.08
CA SER R 56 -20.58 -1.95 -71.17
C SER R 56 -21.24 -2.08 -69.80
N ARG R 57 -20.45 -2.05 -68.74
CA ARG R 57 -20.95 -1.80 -67.41
C ARG R 57 -21.56 -0.40 -67.35
N THR R 58 -22.87 -0.36 -67.12
CA THR R 58 -23.59 0.90 -67.26
C THR R 58 -23.32 1.80 -66.06
N ILE R 59 -22.94 3.04 -66.34
CA ILE R 59 -22.48 3.97 -65.31
C ILE R 59 -23.62 4.90 -64.94
N ARG R 60 -24.03 4.86 -63.68
CA ARG R 60 -25.11 5.70 -63.19
C ARG R 60 -24.62 7.13 -62.95
N LYS R 61 -25.46 8.09 -63.37
CA LYS R 61 -25.21 9.50 -63.11
C LYS R 61 -25.85 9.98 -61.82
N ILE R 62 -27.07 9.53 -61.51
CA ILE R 62 -27.77 9.88 -60.29
C ILE R 62 -27.22 9.03 -59.15
N TYR R 63 -26.62 9.68 -58.16
CA TYR R 63 -25.89 9.00 -57.11
C TYR R 63 -26.77 8.76 -55.88
N LYS R 64 -26.52 7.64 -55.21
CA LYS R 64 -27.24 7.26 -54.00
C LYS R 64 -26.60 7.94 -52.79
N VAL R 65 -27.41 8.65 -52.01
CA VAL R 65 -26.90 9.30 -50.81
C VAL R 65 -27.41 8.64 -49.54
N ASP R 66 -28.71 8.35 -49.46
CA ASP R 66 -29.30 7.69 -48.31
C ASP R 66 -30.09 6.49 -48.84
N ALA R 67 -30.80 5.80 -47.95
CA ALA R 67 -31.61 4.67 -48.38
C ALA R 67 -32.80 5.11 -49.22
N ASN R 68 -33.34 6.30 -48.93
CA ASN R 68 -34.47 6.84 -49.67
C ASN R 68 -34.18 8.16 -50.36
N ILE R 69 -33.06 8.83 -50.04
CA ILE R 69 -32.74 10.14 -50.57
C ILE R 69 -31.63 9.97 -51.62
N TYR R 70 -31.93 10.31 -52.87
CA TYR R 70 -30.96 10.23 -53.94
C TYR R 70 -30.71 11.63 -54.49
N LEU R 71 -29.62 11.78 -55.25
CA LEU R 71 -29.18 13.11 -55.67
C LEU R 71 -28.77 13.09 -57.14
N ALA R 72 -29.12 14.17 -57.83
CA ALA R 72 -28.63 14.44 -59.18
C ALA R 72 -28.10 15.87 -59.23
N PHE R 73 -27.02 16.08 -59.96
CA PHE R 73 -26.35 17.37 -59.98
C PHE R 73 -26.23 17.92 -61.38
N ALA R 74 -25.60 19.09 -61.48
CA ALA R 74 -25.23 19.73 -62.74
C ALA R 74 -24.12 20.73 -62.47
N GLY R 75 -23.02 20.59 -63.21
CA GLY R 75 -21.89 21.48 -63.04
C GLY R 75 -20.58 20.78 -63.32
N LEU R 76 -19.59 20.99 -62.46
CA LEU R 76 -18.35 20.24 -62.54
C LEU R 76 -18.53 18.90 -61.84
N SER R 77 -18.29 17.80 -62.56
CA SER R 77 -18.50 16.47 -62.01
C SER R 77 -17.45 16.07 -60.99
N ALA R 78 -16.33 16.81 -60.92
CA ALA R 78 -15.33 16.54 -59.89
C ALA R 78 -15.67 17.23 -58.58
N ASP R 79 -16.27 18.42 -58.65
CA ASP R 79 -16.69 19.12 -57.43
C ASP R 79 -17.89 18.43 -56.79
N ALA R 80 -18.75 17.83 -57.59
CA ALA R 80 -19.97 17.23 -57.07
C ALA R 80 -19.67 15.92 -56.33
N ARG R 81 -18.65 15.19 -56.77
CA ARG R 81 -18.25 13.97 -56.08
C ARG R 81 -17.75 14.26 -54.68
N VAL R 82 -17.03 15.36 -54.50
CA VAL R 82 -16.54 15.75 -53.19
C VAL R 82 -17.69 16.24 -52.31
N LEU R 83 -18.68 16.90 -52.91
CA LEU R 83 -19.86 17.36 -52.18
C LEU R 83 -20.72 16.21 -51.68
N ILE R 84 -20.86 15.14 -52.47
CA ILE R 84 -21.71 14.02 -52.07
C ILE R 84 -21.04 13.17 -51.01
N ASN R 85 -19.72 13.01 -51.08
CA ASN R 85 -19.02 12.26 -50.03
C ASN R 85 -18.93 13.03 -48.73
N LYS R 86 -19.27 14.33 -48.74
CA LYS R 86 -19.56 15.01 -47.49
C LYS R 86 -20.98 14.71 -47.03
N ALA R 87 -21.92 14.57 -47.96
CA ALA R 87 -23.30 14.27 -47.58
C ALA R 87 -23.50 12.80 -47.26
N GLN R 88 -22.73 11.91 -47.91
CA GLN R 88 -22.77 10.50 -47.55
C GLN R 88 -22.08 10.24 -46.22
N LEU R 89 -21.19 11.15 -45.80
CA LEU R 89 -20.59 11.07 -44.48
C LEU R 89 -21.50 11.66 -43.41
N GLU R 90 -22.42 12.55 -43.79
CA GLU R 90 -23.33 13.17 -42.85
C GLU R 90 -24.49 12.25 -42.46
N CYS R 91 -24.96 11.41 -43.40
CA CYS R 91 -26.00 10.44 -43.08
C CYS R 91 -25.52 9.43 -42.05
N GLN R 92 -24.24 9.05 -42.10
CA GLN R 92 -23.72 8.10 -41.12
C GLN R 92 -23.30 8.81 -39.84
N ARG R 93 -23.20 10.13 -39.88
CA ARG R 93 -23.08 10.89 -38.63
C ARG R 93 -24.45 11.01 -37.96
N PHE R 94 -25.51 11.06 -38.76
CA PHE R 94 -26.84 11.25 -38.21
C PHE R 94 -27.37 9.96 -37.58
N SER R 95 -27.29 8.85 -38.31
CA SER R 95 -27.68 7.55 -37.72
C SER R 95 -26.52 6.90 -36.99
N LEU R 96 -25.82 7.69 -36.20
CA LEU R 96 -24.89 7.25 -35.17
C LEU R 96 -25.02 8.09 -33.92
N ASN R 97 -25.74 9.22 -34.01
CA ASN R 97 -25.99 10.14 -32.92
C ASN R 97 -27.48 10.31 -32.64
N TYR R 98 -28.35 9.84 -33.53
CA TYR R 98 -29.78 10.03 -33.36
C TYR R 98 -30.65 8.81 -33.62
N GLU R 99 -30.08 7.71 -34.13
CA GLU R 99 -30.76 6.40 -34.28
C GLU R 99 -31.96 6.49 -35.23
N ASP R 100 -31.95 7.46 -36.14
CA ASP R 100 -33.12 7.71 -36.96
C ASP R 100 -32.71 7.83 -38.42
N THR R 101 -33.66 7.55 -39.31
CA THR R 101 -33.49 7.84 -40.72
C THR R 101 -33.60 9.34 -40.94
N MET R 102 -32.69 9.87 -41.76
CA MET R 102 -32.59 11.30 -41.93
C MET R 102 -33.68 11.80 -42.87
N ASP R 103 -34.27 12.93 -42.52
CA ASP R 103 -35.30 13.52 -43.36
C ASP R 103 -34.70 14.12 -44.62
N VAL R 104 -35.58 14.40 -45.59
CA VAL R 104 -35.10 14.97 -46.86
C VAL R 104 -34.73 16.42 -46.66
N ASP R 105 -35.52 17.17 -45.88
CA ASP R 105 -35.22 18.57 -45.61
C ASP R 105 -33.99 18.76 -44.73
N MET R 106 -33.55 17.73 -44.01
CA MET R 106 -32.36 17.86 -43.19
C MET R 106 -31.10 17.76 -44.04
N LEU R 107 -31.07 16.83 -44.98
CA LEU R 107 -29.90 16.64 -45.84
C LEU R 107 -29.68 17.81 -46.78
N VAL R 108 -30.75 18.50 -47.19
CA VAL R 108 -30.60 19.63 -48.10
C VAL R 108 -30.07 20.84 -47.35
N ARG R 109 -30.45 20.99 -46.08
CA ARG R 109 -29.90 22.07 -45.25
C ARG R 109 -28.43 21.83 -44.93
N TYR R 110 -27.97 20.58 -45.00
CA TYR R 110 -26.54 20.33 -44.81
C TYR R 110 -25.75 20.64 -46.07
N VAL R 111 -26.26 20.21 -47.23
CA VAL R 111 -25.54 20.43 -48.49
C VAL R 111 -25.54 21.91 -48.85
N ALA R 112 -26.65 22.61 -48.58
CA ALA R 112 -26.67 24.06 -48.77
C ALA R 112 -25.79 24.76 -47.74
N GLY R 113 -25.59 24.13 -46.58
CA GLY R 113 -24.66 24.68 -45.60
C GLY R 113 -23.22 24.51 -46.02
N VAL R 114 -22.93 23.49 -46.83
CA VAL R 114 -21.57 23.31 -47.34
C VAL R 114 -21.32 24.24 -48.52
N GLN R 115 -22.34 24.44 -49.36
CA GLN R 115 -22.23 25.39 -50.49
C GLN R 115 -21.98 26.81 -50.01
N GLN R 116 -22.67 27.22 -48.94
CA GLN R 116 -22.47 28.57 -48.40
C GLN R 116 -21.15 28.69 -47.67
N LYS R 117 -20.66 27.60 -47.08
CA LYS R 117 -19.41 27.64 -46.32
C LYS R 117 -18.20 27.80 -47.25
N SER R 118 -18.33 27.35 -48.51
CA SER R 118 -17.25 27.56 -49.47
C SER R 118 -17.31 28.93 -50.12
N THR R 119 -18.39 29.67 -49.93
CA THR R 119 -18.48 31.04 -50.42
C THR R 119 -17.99 32.06 -49.40
N GLN R 120 -17.56 31.61 -48.22
CA GLN R 120 -17.11 32.54 -47.19
C GLN R 120 -15.86 31.99 -46.51
N SER R 121 -14.90 31.52 -47.30
CA SER R 121 -13.66 30.99 -46.78
C SER R 121 -12.48 31.58 -47.54
N GLY R 122 -11.33 31.63 -46.86
CA GLY R 122 -10.12 32.09 -47.50
C GLY R 122 -9.46 30.99 -48.32
N GLY R 123 -9.07 31.31 -49.55
CA GLY R 123 -8.44 30.36 -50.42
C GLY R 123 -9.41 29.44 -51.14
N SER R 124 -10.69 29.55 -50.85
CA SER R 124 -11.72 28.66 -51.40
C SER R 124 -12.56 29.40 -52.41
N ARG R 125 -12.68 28.83 -53.59
CA ARG R 125 -13.73 29.26 -54.50
C ARG R 125 -15.01 28.53 -54.13
N PRO R 126 -16.17 29.01 -54.58
CA PRO R 126 -17.41 28.24 -54.38
C PRO R 126 -17.41 26.96 -55.21
N PHE R 127 -18.23 26.01 -54.76
CA PHE R 127 -18.52 24.84 -55.57
C PHE R 127 -19.31 25.24 -56.80
N GLY R 128 -18.87 24.78 -57.96
CA GLY R 128 -19.56 25.11 -59.20
C GLY R 128 -20.60 24.08 -59.59
N VAL R 129 -21.43 23.67 -58.62
CA VAL R 129 -22.44 22.65 -58.83
C VAL R 129 -23.79 23.16 -58.35
N ALA R 130 -24.85 22.69 -59.00
CA ALA R 130 -26.21 22.80 -58.49
C ALA R 130 -26.79 21.40 -58.41
N THR R 131 -27.57 21.12 -57.38
CA THR R 131 -28.07 19.78 -57.12
C THR R 131 -29.60 19.76 -57.16
N VAL R 132 -30.14 18.63 -57.61
CA VAL R 132 -31.54 18.29 -57.44
C VAL R 132 -31.59 17.07 -56.54
N ILE R 133 -32.26 17.20 -55.40
CA ILE R 133 -32.34 16.16 -54.39
C ILE R 133 -33.79 15.75 -54.24
N GLY R 134 -34.06 14.44 -54.36
CA GLY R 134 -35.39 13.93 -54.19
C GLY R 134 -35.39 12.70 -53.31
N GLY R 135 -36.46 12.53 -52.55
CA GLY R 135 -36.57 11.41 -51.65
C GLY R 135 -37.84 11.50 -50.84
N PHE R 136 -38.08 10.44 -50.07
CA PHE R 136 -39.27 10.35 -49.23
C PHE R 136 -38.83 10.46 -47.78
N ASN R 137 -39.79 10.76 -46.90
CA ASN R 137 -39.55 10.67 -45.47
C ASN R 137 -39.82 9.26 -44.96
N GLU R 138 -39.89 9.11 -43.64
CA GLU R 138 -40.30 7.87 -43.02
C GLU R 138 -41.83 7.71 -43.04
N ASP R 139 -42.56 8.79 -43.34
CA ASP R 139 -44.02 8.75 -43.39
C ASP R 139 -44.53 9.09 -44.79
N GLY R 140 -43.91 8.51 -45.82
CA GLY R 140 -44.27 8.86 -47.19
C GLY R 140 -43.73 10.25 -47.52
N LYS R 141 -44.65 11.16 -47.89
CA LYS R 141 -44.44 12.59 -48.09
C LYS R 141 -43.31 12.87 -49.08
N PRO R 142 -43.59 12.75 -50.39
CA PRO R 142 -42.53 12.96 -51.40
C PRO R 142 -42.01 14.38 -51.42
N HIS R 143 -40.69 14.50 -51.60
CA HIS R 143 -40.02 15.79 -51.58
C HIS R 143 -39.11 15.93 -52.78
N LEU R 144 -38.82 17.19 -53.13
CA LEU R 144 -37.95 17.55 -54.24
C LEU R 144 -37.33 18.90 -53.92
N TRP R 145 -36.00 18.97 -53.95
CA TRP R 145 -35.26 20.13 -53.49
C TRP R 145 -34.25 20.57 -54.55
N LYS R 146 -33.68 21.74 -54.33
CA LYS R 146 -32.74 22.33 -55.28
C LYS R 146 -31.81 23.29 -54.55
N THR R 147 -30.51 23.09 -54.71
CA THR R 147 -29.51 24.01 -54.20
C THR R 147 -28.73 24.63 -55.36
N ASP R 148 -28.30 25.86 -55.16
CA ASP R 148 -27.53 26.64 -56.10
C ASP R 148 -26.13 26.83 -55.54
N PRO R 149 -25.16 27.31 -56.34
CA PRO R 149 -23.82 27.58 -55.77
C PRO R 149 -23.78 28.69 -54.74
N SER R 150 -24.81 29.53 -54.62
CA SER R 150 -24.82 30.50 -53.54
C SER R 150 -25.18 29.89 -52.19
N GLY R 151 -25.73 28.69 -52.18
CA GLY R 151 -26.09 28.01 -50.96
C GLY R 151 -27.53 28.19 -50.50
N MET R 152 -28.45 28.45 -51.42
CA MET R 152 -29.85 28.71 -51.08
C MET R 152 -30.64 27.42 -51.37
N CYS R 153 -31.22 26.84 -50.33
CA CYS R 153 -32.07 25.68 -50.47
C CYS R 153 -33.53 26.10 -50.64
N SER R 154 -34.25 25.38 -51.49
CA SER R 154 -35.66 25.63 -51.72
C SER R 154 -36.30 24.39 -52.31
N ALA R 155 -37.48 24.05 -51.81
CA ALA R 155 -38.21 22.89 -52.31
C ALA R 155 -39.15 23.31 -53.44
N TRP R 156 -39.26 22.45 -54.44
CA TRP R 156 -39.92 22.76 -55.69
C TRP R 156 -41.02 21.75 -55.95
N ARG R 157 -41.89 22.10 -56.90
CA ARG R 157 -42.92 21.19 -57.37
C ARG R 157 -42.54 20.56 -58.72
N ALA R 158 -41.74 21.28 -59.51
CA ALA R 158 -41.08 20.72 -60.69
C ALA R 158 -39.83 21.57 -60.95
N VAL R 159 -38.67 20.94 -60.94
CA VAL R 159 -37.40 21.68 -60.96
C VAL R 159 -36.52 21.17 -62.08
N ALA R 160 -35.76 22.08 -62.68
CA ALA R 160 -34.81 21.76 -63.73
C ALA R 160 -33.55 22.59 -63.53
N ILE R 161 -32.40 21.94 -63.60
CA ILE R 161 -31.10 22.60 -63.47
C ILE R 161 -30.26 22.27 -64.70
N GLY R 162 -29.06 22.84 -64.74
CA GLY R 162 -28.15 22.59 -65.84
C GLY R 162 -28.22 23.63 -66.92
N ARG R 163 -27.84 23.26 -68.14
CA ARG R 163 -27.94 24.18 -69.27
C ARG R 163 -29.40 24.38 -69.64
N HIS R 164 -29.71 25.59 -70.10
CA HIS R 164 -31.09 26.08 -70.32
C HIS R 164 -31.95 25.88 -69.08
N ASP R 165 -31.54 26.54 -67.99
CA ASP R 165 -32.24 26.43 -66.70
C ASP R 165 -33.64 27.00 -66.79
N GLN R 166 -33.76 28.23 -67.29
CA GLN R 166 -35.05 28.92 -67.31
C GLN R 166 -35.96 28.39 -68.40
N THR R 167 -35.40 27.78 -69.45
CA THR R 167 -36.16 27.31 -70.60
C THR R 167 -37.13 26.18 -70.24
N VAL R 168 -36.69 25.23 -69.43
CA VAL R 168 -37.57 24.14 -69.04
C VAL R 168 -38.59 24.60 -68.00
N ILE R 169 -38.16 25.45 -67.05
CA ILE R 169 -39.00 25.81 -65.90
C ILE R 169 -40.18 26.67 -66.34
N GLU R 170 -39.97 27.58 -67.28
CA GLU R 170 -41.10 28.33 -67.83
C GLU R 170 -41.96 27.49 -68.76
N TYR R 171 -41.44 26.38 -69.27
CA TYR R 171 -42.26 25.49 -70.08
C TYR R 171 -43.14 24.59 -69.21
N MET R 172 -42.56 24.00 -68.18
CA MET R 172 -43.30 23.04 -67.37
C MET R 172 -44.01 23.68 -66.18
N GLU R 173 -44.15 25.01 -66.16
CA GLU R 173 -45.05 25.66 -65.23
C GLU R 173 -46.38 26.02 -65.87
N LYS R 174 -46.54 25.74 -67.17
CA LYS R 174 -47.80 25.93 -67.87
C LYS R 174 -48.29 24.61 -68.47
N SER R 175 -47.67 23.50 -68.06
CA SER R 175 -48.08 22.19 -68.53
C SER R 175 -48.07 21.18 -67.38
N TYR R 176 -47.89 21.66 -66.16
CA TYR R 176 -47.80 20.80 -64.98
C TYR R 176 -49.21 20.53 -64.46
N LYS R 177 -49.54 19.26 -64.25
CA LYS R 177 -50.76 18.91 -63.56
C LYS R 177 -50.44 18.41 -62.15
N ASP R 178 -51.14 18.97 -61.17
CA ASP R 178 -50.86 18.66 -59.78
C ASP R 178 -51.42 17.28 -59.42
N GLY R 179 -50.62 16.52 -58.67
CA GLY R 179 -51.03 15.20 -58.25
C GLY R 179 -51.08 14.18 -59.37
N MET R 180 -49.92 13.81 -59.92
CA MET R 180 -49.85 12.83 -60.98
C MET R 180 -49.70 11.43 -60.41
N SER R 181 -49.92 10.44 -61.27
CA SER R 181 -49.65 9.05 -60.94
C SER R 181 -48.19 8.73 -61.28
N ARG R 182 -47.82 7.45 -61.17
CA ARG R 182 -46.46 7.05 -61.47
C ARG R 182 -46.14 7.15 -62.96
N ASP R 183 -47.04 6.67 -63.83
CA ASP R 183 -46.78 6.68 -65.25
C ASP R 183 -46.87 8.08 -65.87
N GLU R 184 -47.52 9.02 -65.18
CA GLU R 184 -47.59 10.38 -65.68
C GLU R 184 -46.32 11.17 -65.37
N CYS R 185 -45.63 10.83 -64.27
CA CYS R 185 -44.43 11.57 -63.89
C CYS R 185 -43.25 11.24 -64.80
N VAL R 186 -43.04 9.94 -65.07
CA VAL R 186 -42.01 9.52 -66.02
C VAL R 186 -42.31 10.04 -67.42
N HIS R 187 -43.57 10.11 -67.81
CA HIS R 187 -43.94 10.70 -69.09
C HIS R 187 -43.75 12.22 -69.11
N PHE R 188 -43.86 12.88 -67.96
CA PHE R 188 -43.72 14.34 -67.94
C PHE R 188 -42.27 14.75 -67.80
N ALA R 189 -41.43 13.90 -67.20
CA ALA R 189 -40.01 14.20 -67.10
C ALA R 189 -39.30 13.99 -68.43
N ILE R 190 -39.81 13.08 -69.28
CA ILE R 190 -39.22 12.89 -70.60
C ILE R 190 -39.52 14.09 -71.49
N LYS R 191 -40.78 14.53 -71.55
CA LYS R 191 -41.19 15.59 -72.45
C LYS R 191 -40.64 16.95 -72.08
N SER R 192 -40.16 17.13 -70.85
CA SER R 192 -39.48 18.36 -70.48
C SER R 192 -37.99 18.31 -70.79
N LEU R 193 -37.41 17.12 -70.78
CA LEU R 193 -35.96 17.01 -70.93
C LEU R 193 -35.54 16.98 -72.40
N LEU R 194 -36.37 16.41 -73.28
CA LEU R 194 -36.05 16.42 -74.71
C LEU R 194 -36.42 17.72 -75.38
N GLU R 195 -36.93 18.70 -74.63
CA GLU R 195 -37.03 20.06 -75.15
C GLU R 195 -35.65 20.68 -75.35
N VAL R 196 -34.69 20.34 -74.50
CA VAL R 196 -33.35 20.90 -74.58
C VAL R 196 -32.36 19.97 -75.26
N VAL R 197 -32.28 18.70 -74.86
CA VAL R 197 -31.33 17.75 -75.42
C VAL R 197 -31.79 17.38 -76.83
N GLU R 198 -30.88 16.87 -77.64
CA GLU R 198 -31.22 16.40 -78.98
C GLU R 198 -32.08 15.13 -78.90
N SER R 199 -32.68 14.79 -80.04
CA SER R 199 -33.73 13.78 -80.12
C SER R 199 -33.26 12.33 -79.92
N GLY R 200 -31.99 12.13 -79.59
CA GLY R 200 -31.44 10.81 -79.31
C GLY R 200 -32.13 10.05 -78.19
N SER R 201 -32.13 8.72 -78.30
CA SER R 201 -32.79 7.89 -77.31
C SER R 201 -31.82 7.28 -76.29
N ARG R 202 -30.52 7.42 -76.50
CA ARG R 202 -29.51 6.86 -75.61
C ARG R 202 -28.82 7.93 -74.78
N ASN R 203 -29.44 9.10 -74.62
CA ASN R 203 -28.96 10.13 -73.72
C ASN R 203 -30.06 10.66 -72.82
N ILE R 204 -30.82 9.78 -72.19
CA ILE R 204 -31.67 10.09 -71.05
C ILE R 204 -31.44 8.98 -70.01
N GLU R 205 -31.23 9.39 -68.77
CA GLU R 205 -31.14 8.42 -67.68
C GLU R 205 -32.15 8.83 -66.61
N LEU R 206 -33.27 8.11 -66.54
CA LEU R 206 -34.36 8.45 -65.65
C LEU R 206 -34.44 7.42 -64.52
N LEU R 207 -34.93 7.88 -63.38
CA LEU R 207 -35.04 7.07 -62.17
C LEU R 207 -36.36 7.36 -61.48
N VAL R 208 -37.05 6.32 -61.05
CA VAL R 208 -38.32 6.45 -60.33
C VAL R 208 -38.11 6.11 -58.87
N LEU R 209 -38.41 7.06 -57.99
CA LEU R 209 -38.32 6.86 -56.54
C LEU R 209 -39.69 6.53 -55.98
N GLN R 210 -39.80 5.34 -55.38
CA GLN R 210 -40.97 4.97 -54.59
C GLN R 210 -40.48 4.60 -53.19
N TYR R 211 -41.44 4.31 -52.31
CA TYR R 211 -41.09 4.07 -50.91
C TYR R 211 -40.46 2.70 -50.75
N LYS R 212 -39.18 2.69 -50.35
CA LYS R 212 -38.34 1.50 -50.20
C LYS R 212 -38.22 0.69 -51.50
N GLU R 213 -38.33 1.38 -52.64
CA GLU R 213 -38.21 0.74 -53.95
C GLU R 213 -37.80 1.80 -54.95
N ALA R 214 -36.59 1.69 -55.48
CA ALA R 214 -36.07 2.60 -56.50
C ALA R 214 -35.70 1.80 -57.72
N ARG R 215 -36.29 2.14 -58.87
CA ARG R 215 -36.12 1.38 -60.09
C ARG R 215 -35.58 2.29 -61.19
N TYR R 216 -34.34 2.04 -61.60
CA TYR R 216 -33.76 2.70 -62.76
C TYR R 216 -34.44 2.16 -64.02
N LEU R 217 -34.72 3.04 -64.98
CA LEU R 217 -35.23 2.60 -66.26
C LEU R 217 -34.08 2.12 -67.14
N THR R 218 -34.27 0.94 -67.73
CA THR R 218 -33.29 0.35 -68.62
C THR R 218 -33.45 0.91 -70.03
N GLU R 219 -32.79 0.25 -70.99
CA GLU R 219 -32.83 0.68 -72.38
C GLU R 219 -34.23 0.53 -72.98
N GLU R 220 -34.80 -0.68 -72.91
CA GLU R 220 -36.05 -0.96 -73.60
C GLU R 220 -37.27 -0.38 -72.89
N GLU R 221 -37.21 -0.18 -71.57
CA GLU R 221 -38.33 0.47 -70.89
C GLU R 221 -38.37 1.95 -71.20
N LEU R 222 -37.20 2.55 -71.45
CA LEU R 222 -37.15 3.97 -71.79
C LEU R 222 -37.61 4.20 -73.22
N GLN R 223 -37.54 3.17 -74.06
CA GLN R 223 -38.02 3.29 -75.43
C GLN R 223 -39.54 3.38 -75.49
N LYS R 224 -40.22 2.87 -74.47
CA LYS R 224 -41.68 2.89 -74.47
C LYS R 224 -42.20 4.29 -74.16
N PHE R 225 -41.47 5.04 -73.33
CA PHE R 225 -41.96 6.35 -72.91
C PHE R 225 -41.54 7.46 -73.87
N VAL R 226 -40.40 7.30 -74.56
CA VAL R 226 -39.93 8.32 -75.49
C VAL R 226 -40.84 8.39 -76.71
N VAL R 227 -41.24 7.22 -77.25
CA VAL R 227 -42.07 7.18 -78.45
C VAL R 227 -43.47 7.75 -78.16
N GLU R 228 -43.98 7.52 -76.95
CA GLU R 228 -45.25 8.13 -76.55
C GLU R 228 -45.12 9.65 -76.39
N VAL R 229 -43.90 10.15 -76.16
CA VAL R 229 -43.67 11.59 -76.14
C VAL R 229 -43.40 12.11 -77.56
N GLU R 230 -42.64 11.35 -78.35
CA GLU R 230 -42.30 11.79 -79.71
C GLU R 230 -43.52 11.84 -80.61
N LYS R 231 -44.48 10.93 -80.43
CA LYS R 231 -45.72 11.01 -81.17
C LYS R 231 -46.63 12.13 -80.67
N GLU R 232 -46.45 12.58 -79.43
CA GLU R 232 -47.31 13.65 -78.92
C GLU R 232 -46.76 15.03 -79.28
N ARG R 233 -45.43 15.18 -79.37
CA ARG R 233 -44.88 16.48 -79.75
C ARG R 233 -45.11 16.76 -81.23
N GLU R 234 -45.33 15.71 -82.03
CA GLU R 234 -45.79 15.90 -83.40
C GLU R 234 -47.22 16.42 -83.41
N GLU R 235 -48.03 15.99 -82.43
CA GLU R 235 -49.39 16.48 -82.30
C GLU R 235 -49.41 17.90 -81.75
N GLU R 236 -48.41 18.24 -80.92
CA GLU R 236 -48.33 19.60 -80.38
C GLU R 236 -47.94 20.59 -81.47
N ALA R 237 -47.07 20.17 -82.39
CA ALA R 237 -46.75 21.01 -83.54
C ALA R 237 -47.92 21.06 -84.51
N ALA R 238 -48.68 19.96 -84.61
CA ALA R 238 -49.87 19.96 -85.46
C ALA R 238 -50.99 20.80 -84.85
N ALA R 239 -50.99 20.93 -83.51
CA ALA R 239 -51.98 21.78 -82.86
C ALA R 239 -51.67 23.25 -83.07
N LYS R 240 -50.41 23.60 -83.29
CA LYS R 240 -50.07 24.99 -83.60
C LYS R 240 -50.40 25.32 -85.04
N LYS R 241 -50.20 24.39 -85.96
CA LYS R 241 -50.51 24.60 -87.37
C LYS R 241 -51.57 23.62 -87.85
N GLU S 107 -12.45 41.31 -58.51
CA GLU S 107 -11.50 42.42 -58.53
C GLU S 107 -10.67 42.40 -57.26
N TYR S 108 -9.35 42.50 -57.40
CA TYR S 108 -8.44 42.34 -56.27
C TYR S 108 -7.38 43.43 -56.17
N ASP S 109 -7.62 44.60 -56.77
CA ASP S 109 -6.66 45.70 -56.64
C ASP S 109 -6.69 46.30 -55.25
N ARG S 110 -7.87 46.30 -54.62
CA ARG S 110 -7.98 46.75 -53.25
C ARG S 110 -7.89 45.56 -52.30
N GLY S 111 -8.00 45.85 -51.00
CA GLY S 111 -8.11 44.83 -50.00
C GLY S 111 -9.51 44.76 -49.41
N VAL S 112 -9.68 43.84 -48.46
CA VAL S 112 -10.97 43.70 -47.79
C VAL S 112 -11.10 44.65 -46.61
N ASN S 113 -10.00 45.20 -46.11
CA ASN S 113 -10.02 46.12 -44.98
C ASN S 113 -9.64 47.54 -45.40
N THR S 114 -9.62 47.80 -46.70
CA THR S 114 -9.20 49.10 -47.22
C THR S 114 -10.29 50.15 -47.03
N PHE S 115 -9.92 51.23 -46.37
CA PHE S 115 -10.78 52.39 -46.16
C PHE S 115 -10.90 53.19 -47.44
N SER S 116 -11.98 53.97 -47.55
CA SER S 116 -12.10 54.99 -48.57
C SER S 116 -11.50 56.29 -48.07
N PRO S 117 -11.21 57.24 -48.95
CA PRO S 117 -10.82 58.58 -48.49
C PRO S 117 -11.95 59.34 -47.79
N GLU S 118 -13.19 58.89 -47.90
CA GLU S 118 -14.31 59.47 -47.17
C GLU S 118 -14.57 58.77 -45.84
N GLY S 119 -13.73 57.83 -45.44
CA GLY S 119 -13.83 57.19 -44.14
C GLY S 119 -14.57 55.87 -44.12
N ARG S 120 -15.07 55.39 -45.25
CA ARG S 120 -15.87 54.18 -45.30
C ARG S 120 -15.02 52.97 -45.69
N ILE S 121 -15.39 51.81 -45.15
CA ILE S 121 -14.77 50.55 -45.55
C ILE S 121 -15.44 50.08 -46.85
N PHE S 122 -14.64 49.55 -47.77
CA PHE S 122 -15.14 49.18 -49.09
C PHE S 122 -16.09 48.00 -49.05
N GLN S 123 -15.72 46.92 -48.35
CA GLN S 123 -16.52 45.71 -48.39
C GLN S 123 -17.78 45.83 -47.54
N ILE S 124 -17.79 46.71 -46.55
CA ILE S 124 -19.00 46.93 -45.77
C ILE S 124 -19.98 47.82 -46.52
N GLU S 125 -19.48 48.87 -47.17
CA GLU S 125 -20.33 49.74 -47.99
C GLU S 125 -20.88 49.00 -49.21
N TYR S 126 -20.11 48.06 -49.76
CA TYR S 126 -20.58 47.24 -50.87
C TYR S 126 -21.55 46.14 -50.43
N ALA S 127 -21.63 45.85 -49.14
CA ALA S 127 -22.57 44.87 -48.63
C ALA S 127 -23.92 45.49 -48.28
N VAL S 128 -23.95 46.78 -47.98
CA VAL S 128 -25.21 47.48 -47.74
C VAL S 128 -26.00 47.60 -49.04
N GLU S 129 -25.31 47.74 -50.17
CA GLU S 129 -25.99 47.80 -51.47
C GLU S 129 -26.57 46.45 -51.87
N ALA S 130 -26.03 45.35 -51.33
CA ALA S 130 -26.61 44.02 -51.57
C ALA S 130 -27.89 43.79 -50.78
N ILE S 131 -28.25 44.69 -49.87
CA ILE S 131 -29.51 44.56 -49.14
C ILE S 131 -30.65 45.17 -49.95
N LYS S 132 -30.36 46.24 -50.69
CA LYS S 132 -31.33 46.90 -51.54
C LYS S 132 -31.72 46.06 -52.75
N LEU S 133 -30.93 45.04 -53.10
CA LEU S 133 -31.26 44.13 -54.17
C LEU S 133 -31.90 42.84 -53.67
N GLY S 134 -32.62 42.90 -52.54
CA GLY S 134 -33.30 41.76 -51.99
C GLY S 134 -34.77 42.04 -51.76
N SER S 135 -35.46 41.05 -51.21
CA SER S 135 -36.86 41.21 -50.88
C SER S 135 -37.03 42.16 -49.69
N THR S 136 -38.17 42.85 -49.67
CA THR S 136 -38.40 43.79 -48.58
C THR S 136 -38.96 43.07 -47.36
N SER S 137 -38.88 43.74 -46.21
CA SER S 137 -39.32 43.19 -44.94
C SER S 137 -39.70 44.35 -44.03
N LEU S 138 -40.52 44.07 -43.03
CA LEU S 138 -41.10 45.10 -42.17
C LEU S 138 -40.94 44.72 -40.70
N GLY S 139 -41.18 45.71 -39.84
CA GLY S 139 -41.30 45.51 -38.43
C GLY S 139 -41.94 46.73 -37.78
N ILE S 140 -43.00 46.52 -37.01
CA ILE S 140 -43.78 47.61 -36.42
C ILE S 140 -43.89 47.34 -34.92
N ARG S 141 -43.32 48.22 -34.11
CA ARG S 141 -43.41 48.11 -32.66
C ARG S 141 -44.69 48.78 -32.21
N THR S 142 -45.50 48.03 -31.47
CA THR S 142 -46.83 48.44 -31.01
C THR S 142 -46.90 47.98 -29.55
N PRO S 143 -47.61 48.68 -28.66
CA PRO S 143 -47.69 48.22 -27.26
C PRO S 143 -48.42 46.91 -27.01
N GLU S 144 -48.98 46.26 -28.03
CA GLU S 144 -49.55 44.93 -27.85
C GLU S 144 -48.64 43.84 -28.42
N GLY S 145 -47.72 44.23 -29.30
CA GLY S 145 -46.80 43.27 -29.89
C GLY S 145 -46.06 43.88 -31.05
N VAL S 146 -45.26 43.05 -31.73
CA VAL S 146 -44.51 43.48 -32.90
C VAL S 146 -44.88 42.56 -34.06
N VAL S 147 -45.31 43.15 -35.17
CA VAL S 147 -45.65 42.43 -36.38
C VAL S 147 -44.47 42.48 -37.34
N LEU S 148 -44.19 41.36 -38.01
CA LEU S 148 -43.06 41.23 -38.94
C LEU S 148 -43.61 40.77 -40.28
N ALA S 149 -43.88 41.71 -41.18
CA ALA S 149 -44.35 41.37 -42.50
C ALA S 149 -43.18 41.31 -43.49
N ALA S 150 -43.29 40.41 -44.45
CA ALA S 150 -42.22 40.18 -45.42
C ALA S 150 -42.75 39.55 -46.69
N GLU S 151 -42.37 40.10 -47.85
CA GLU S 151 -42.69 39.47 -49.13
C GLU S 151 -41.80 38.25 -49.28
N LYS S 152 -42.27 37.27 -50.06
CA LYS S 152 -41.51 36.03 -50.19
C LYS S 152 -40.66 36.03 -51.44
N ARG S 153 -41.18 36.61 -52.54
CA ARG S 153 -40.49 36.81 -53.81
C ARG S 153 -40.00 35.48 -54.38
N VAL S 154 -40.99 34.66 -54.75
CA VAL S 154 -40.73 33.34 -55.32
C VAL S 154 -40.16 33.51 -56.72
N PRO S 155 -39.26 32.64 -57.16
CA PRO S 155 -38.76 32.72 -58.53
C PRO S 155 -39.74 32.18 -59.55
N SER S 156 -40.60 31.25 -59.17
CA SER S 156 -41.55 30.64 -60.08
C SER S 156 -42.74 30.16 -59.28
N THR S 157 -43.81 29.81 -59.99
CA THR S 157 -45.01 29.24 -59.39
C THR S 157 -44.86 27.77 -59.06
N LEU S 158 -43.75 27.14 -59.46
CA LEU S 158 -43.49 25.76 -59.11
C LEU S 158 -42.78 25.60 -57.77
N VAL S 159 -42.76 26.64 -56.93
CA VAL S 159 -42.12 26.54 -55.62
C VAL S 159 -43.19 26.41 -54.56
N VAL S 160 -43.05 25.41 -53.69
CA VAL S 160 -43.91 25.32 -52.51
C VAL S 160 -43.50 26.44 -51.56
N PRO S 161 -44.45 27.24 -51.06
CA PRO S 161 -44.07 28.44 -50.31
C PRO S 161 -43.62 28.18 -48.89
N SER S 162 -43.77 26.96 -48.37
CA SER S 162 -43.35 26.67 -47.00
C SER S 162 -41.87 26.29 -46.90
N SER S 163 -41.09 26.51 -47.94
CA SER S 163 -39.68 26.12 -47.96
C SER S 163 -38.72 27.31 -47.88
N MET S 164 -39.20 28.52 -48.13
CA MET S 164 -38.35 29.71 -48.20
C MET S 164 -38.85 30.74 -47.19
N SER S 165 -39.04 30.29 -45.96
CA SER S 165 -39.58 31.13 -44.91
C SER S 165 -38.63 32.28 -44.57
N LYS S 166 -39.08 33.51 -44.83
CA LYS S 166 -38.34 34.71 -44.49
C LYS S 166 -38.39 35.04 -43.01
N ILE S 167 -39.19 34.31 -42.24
CA ILE S 167 -39.30 34.52 -40.80
C ILE S 167 -38.87 33.24 -40.11
N MET S 168 -37.91 33.35 -39.19
CA MET S 168 -37.38 32.21 -38.48
C MET S 168 -37.43 32.50 -36.98
N GLU S 169 -37.77 31.49 -36.19
CA GLU S 169 -37.83 31.65 -34.75
C GLU S 169 -36.45 31.45 -34.14
N VAL S 170 -36.11 32.29 -33.17
CA VAL S 170 -34.91 32.12 -32.37
C VAL S 170 -35.22 31.39 -31.06
N ASP S 171 -36.32 31.77 -30.44
CA ASP S 171 -36.83 31.12 -29.25
C ASP S 171 -38.35 31.21 -29.32
N SER S 172 -39.04 30.92 -28.22
CA SER S 172 -40.49 31.07 -28.20
C SER S 172 -40.91 32.54 -28.18
N HIS S 173 -40.00 33.45 -27.85
CA HIS S 173 -40.32 34.84 -27.64
C HIS S 173 -39.57 35.78 -28.57
N ILE S 174 -38.73 35.27 -29.47
CA ILE S 174 -37.93 36.08 -30.38
C ILE S 174 -38.12 35.54 -31.79
N ALA S 175 -38.53 36.40 -32.71
CA ALA S 175 -38.57 36.09 -34.13
C ALA S 175 -37.52 36.91 -34.85
N ALA S 176 -37.25 36.53 -36.10
CA ALA S 176 -36.22 37.20 -36.89
C ALA S 176 -36.59 37.14 -38.37
N VAL S 177 -36.65 38.30 -39.02
CA VAL S 177 -36.93 38.41 -40.45
C VAL S 177 -35.72 39.05 -41.12
N MET S 178 -35.33 38.52 -42.28
CA MET S 178 -34.13 38.96 -42.96
C MET S 178 -34.45 39.60 -44.31
N SER S 179 -33.41 40.19 -44.91
CA SER S 179 -33.45 40.65 -46.28
C SER S 179 -32.06 40.57 -46.86
N GLY S 180 -31.98 40.46 -48.19
CA GLY S 180 -30.71 40.24 -48.85
C GLY S 180 -30.57 38.79 -49.27
N MET S 181 -29.36 38.25 -49.23
CA MET S 181 -29.15 36.86 -49.57
C MET S 181 -29.42 35.98 -48.35
N VAL S 182 -30.25 34.96 -48.52
CA VAL S 182 -30.74 34.19 -47.38
C VAL S 182 -29.85 33.02 -47.03
N ALA S 183 -28.81 32.75 -47.83
CA ALA S 183 -27.85 31.72 -47.46
C ALA S 183 -26.98 32.18 -46.32
N ASP S 184 -26.63 33.47 -46.29
CA ASP S 184 -25.92 34.03 -45.15
C ASP S 184 -26.86 34.26 -43.96
N ALA S 185 -28.16 34.35 -44.22
CA ALA S 185 -29.12 34.63 -43.16
C ALA S 185 -29.31 33.44 -42.24
N ARG S 186 -29.10 32.23 -42.75
CA ARG S 186 -29.32 31.03 -41.95
C ARG S 186 -28.28 30.90 -40.85
N ILE S 187 -27.01 31.15 -41.17
CA ILE S 187 -25.94 30.95 -40.19
C ILE S 187 -25.96 31.99 -39.08
N LEU S 188 -26.57 33.16 -39.31
CA LEU S 188 -26.76 34.11 -38.22
C LEU S 188 -27.87 33.65 -37.29
N VAL S 189 -28.99 33.16 -37.85
CA VAL S 189 -30.09 32.67 -37.04
C VAL S 189 -29.72 31.34 -36.38
N GLU S 190 -28.94 30.48 -37.05
CA GLU S 190 -28.43 29.28 -36.40
C GLU S 190 -27.44 29.60 -35.28
N HIS S 191 -26.85 30.78 -35.29
CA HIS S 191 -26.00 31.21 -34.18
C HIS S 191 -26.81 31.85 -33.06
N ALA S 192 -27.86 32.58 -33.42
CA ALA S 192 -28.69 33.23 -32.39
C ALA S 192 -29.52 32.22 -31.62
N ARG S 193 -29.85 31.09 -32.25
CA ARG S 193 -30.57 30.03 -31.55
C ARG S 193 -29.69 29.34 -30.53
N VAL S 194 -28.41 29.16 -30.85
CA VAL S 194 -27.47 28.54 -29.91
C VAL S 194 -27.20 29.47 -28.73
N GLU S 195 -27.09 30.78 -28.99
CA GLU S 195 -26.82 31.72 -27.91
C GLU S 195 -28.03 31.89 -26.99
N SER S 196 -29.23 31.95 -27.55
CA SER S 196 -30.43 32.15 -26.74
C SER S 196 -30.86 30.91 -25.98
N GLN S 197 -30.33 29.74 -26.33
CA GLN S 197 -30.57 28.55 -25.51
C GLN S 197 -29.49 28.34 -24.48
N ASN S 198 -28.27 28.85 -24.72
CA ASN S 198 -27.26 28.85 -23.69
C ASN S 198 -27.58 29.86 -22.60
N HIS S 199 -28.42 30.84 -22.89
CA HIS S 199 -28.86 31.77 -21.86
C HIS S 199 -29.87 31.11 -20.94
N ARG S 200 -30.78 30.32 -21.50
CA ARG S 200 -31.73 29.57 -20.68
C ARG S 200 -31.03 28.45 -19.93
N PHE S 201 -29.92 27.96 -20.46
CA PHE S 201 -29.16 26.90 -19.78
C PHE S 201 -28.43 27.46 -18.57
N THR S 202 -28.01 28.72 -18.64
CA THR S 202 -27.17 29.31 -17.61
C THR S 202 -27.96 30.20 -16.66
N TYR S 203 -28.96 30.91 -17.15
CA TYR S 203 -29.64 31.93 -16.37
C TYR S 203 -31.08 31.58 -16.02
N ASN S 204 -31.61 30.45 -16.52
CA ASN S 204 -32.95 29.93 -16.20
C ASN S 204 -34.04 30.93 -16.56
N GLU S 205 -33.82 31.69 -17.61
CA GLU S 205 -34.69 32.80 -17.96
C GLU S 205 -34.51 33.10 -19.45
N PRO S 206 -35.53 33.64 -20.11
CA PRO S 206 -35.39 33.97 -21.54
C PRO S 206 -34.43 35.12 -21.78
N MET S 207 -33.60 34.96 -22.80
CA MET S 207 -32.68 36.01 -23.24
C MET S 207 -33.46 37.24 -23.72
N SER S 208 -32.99 38.40 -23.29
CA SER S 208 -33.57 39.67 -23.71
C SER S 208 -33.36 39.87 -25.20
N VAL S 209 -34.22 40.71 -25.79
CA VAL S 209 -34.21 40.92 -27.23
C VAL S 209 -32.97 41.69 -27.65
N GLU S 210 -32.51 42.60 -26.78
CA GLU S 210 -31.26 43.33 -27.03
C GLU S 210 -30.06 42.40 -27.08
N SER S 211 -29.95 41.47 -26.14
CA SER S 211 -28.77 40.61 -26.05
C SER S 211 -28.74 39.56 -27.16
N CYS S 212 -29.88 39.29 -27.80
CA CYS S 212 -29.85 38.40 -28.95
C CYS S 212 -29.40 39.13 -30.20
N THR S 213 -29.63 40.44 -30.27
CA THR S 213 -29.11 41.23 -31.37
C THR S 213 -27.60 41.45 -31.23
N LEU S 214 -27.14 41.64 -29.99
CA LEU S 214 -25.71 41.79 -29.73
C LEU S 214 -24.94 40.51 -30.01
N ALA S 215 -25.56 39.36 -29.75
CA ALA S 215 -24.90 38.08 -30.02
C ALA S 215 -24.79 37.82 -31.51
N THR S 216 -25.63 38.47 -32.32
CA THR S 216 -25.54 38.33 -33.77
C THR S 216 -24.54 39.30 -34.37
N CYS S 217 -24.52 40.55 -33.88
CA CYS S 217 -23.60 41.56 -34.36
C CYS S 217 -22.14 41.23 -34.06
N ASP S 218 -21.88 40.42 -33.02
CA ASP S 218 -20.52 39.98 -32.74
C ASP S 218 -20.01 39.01 -33.80
N LEU S 219 -20.89 38.27 -34.45
CA LEU S 219 -20.51 37.40 -35.55
C LEU S 219 -20.45 38.14 -36.88
N SER S 220 -21.21 39.22 -37.03
CA SER S 220 -21.28 39.93 -38.30
C SER S 220 -20.09 40.87 -38.50
N ILE S 221 -19.17 40.95 -37.54
CA ILE S 221 -17.99 41.79 -37.68
C ILE S 221 -16.69 40.99 -37.82
N GLN S 222 -16.73 39.68 -37.60
CA GLN S 222 -15.52 38.85 -37.56
C GLN S 222 -15.16 38.42 -38.97
N PHE S 223 -14.48 39.31 -39.70
CA PHE S 223 -14.00 39.01 -41.03
C PHE S 223 -12.70 39.76 -41.28
N GLY S 224 -11.81 39.12 -42.03
CA GLY S 224 -10.53 39.71 -42.38
C GLY S 224 -9.92 39.03 -43.58
N GLU S 225 -8.59 39.06 -43.70
CA GLU S 225 -7.91 38.36 -44.77
C GLU S 225 -6.76 37.51 -44.24
N SER S 226 -6.19 37.91 -43.10
CA SER S 226 -5.11 37.13 -42.50
C SER S 226 -5.63 36.36 -41.29
N GLY S 227 -5.62 35.03 -41.39
CA GLY S 227 -6.12 34.20 -40.32
C GLY S 227 -5.22 34.14 -39.10
N GLY S 228 -4.05 33.51 -39.24
CA GLY S 228 -3.15 33.34 -38.11
C GLY S 228 -3.68 32.44 -37.02
N ARG S 229 -4.06 33.04 -35.89
CA ARG S 229 -4.55 32.30 -34.73
C ARG S 229 -5.94 31.74 -34.98
N ARG S 230 -6.87 32.60 -35.39
CA ARG S 230 -8.25 32.22 -35.64
C ARG S 230 -8.51 32.18 -37.14
N LYS S 231 -9.38 31.28 -37.57
CA LYS S 231 -9.84 31.26 -38.96
C LYS S 231 -11.01 32.24 -39.09
N LEU S 232 -10.83 33.27 -39.91
CA LEU S 232 -11.82 34.33 -40.03
C LEU S 232 -12.70 34.13 -41.27
N MET S 233 -13.74 34.95 -41.38
CA MET S 233 -14.57 34.96 -42.58
C MET S 233 -13.88 35.78 -43.66
N SER S 234 -14.15 35.45 -44.93
CA SER S 234 -13.49 36.14 -46.02
C SER S 234 -14.25 37.38 -46.46
N ARG S 235 -15.51 37.51 -46.07
CA ARG S 235 -16.35 38.62 -46.51
C ARG S 235 -17.36 38.90 -45.41
N PRO S 236 -17.89 40.12 -45.35
CA PRO S 236 -18.99 40.40 -44.43
C PRO S 236 -20.27 39.73 -44.92
N PHE S 237 -21.24 39.62 -44.02
CA PHE S 237 -22.50 38.97 -44.34
C PHE S 237 -23.35 39.90 -45.17
N GLY S 238 -23.88 39.39 -46.29
CA GLY S 238 -24.71 40.19 -47.17
C GLY S 238 -26.18 40.14 -46.81
N VAL S 239 -26.48 40.13 -45.52
CA VAL S 239 -27.84 40.04 -45.02
C VAL S 239 -28.03 41.02 -43.86
N SER S 240 -29.09 41.81 -43.92
CA SER S 240 -29.52 42.65 -42.82
C SER S 240 -30.68 41.95 -42.12
N LEU S 241 -30.45 41.49 -40.89
CA LEU S 241 -31.53 40.89 -40.12
C LEU S 241 -32.41 41.97 -39.53
N LEU S 242 -33.51 41.53 -38.91
CA LEU S 242 -34.43 42.45 -38.24
C LEU S 242 -35.12 41.65 -37.15
N ILE S 243 -34.62 41.79 -35.93
CA ILE S 243 -35.01 40.93 -34.82
C ILE S 243 -36.09 41.62 -34.00
N ALA S 244 -37.14 40.88 -33.66
CA ALA S 244 -38.23 41.36 -32.84
C ALA S 244 -38.51 40.38 -31.70
N GLY S 245 -39.12 40.89 -30.65
CA GLY S 245 -39.46 40.02 -29.53
C GLY S 245 -40.01 40.80 -28.36
N VAL S 246 -40.39 40.05 -27.32
CA VAL S 246 -40.89 40.65 -26.07
C VAL S 246 -40.03 40.14 -24.92
N ASP S 247 -39.88 40.98 -23.89
CA ASP S 247 -39.14 40.65 -22.68
C ASP S 247 -39.72 41.43 -21.51
N GLU S 248 -38.95 41.58 -20.43
CA GLU S 248 -39.34 42.38 -19.28
C GLU S 248 -39.57 43.85 -19.61
N LYS S 249 -38.96 44.36 -20.68
CA LYS S 249 -39.19 45.73 -21.14
C LYS S 249 -40.31 45.81 -22.18
N GLY S 250 -40.95 44.69 -22.48
CA GLY S 250 -42.06 44.68 -23.41
C GLY S 250 -41.63 44.44 -24.84
N PRO S 251 -42.46 44.87 -25.80
CA PRO S 251 -42.15 44.66 -27.22
C PRO S 251 -41.01 45.57 -27.69
N GLN S 252 -40.01 44.97 -28.32
CA GLN S 252 -38.87 45.70 -28.85
C GLN S 252 -38.56 45.26 -30.27
N LEU S 253 -38.01 46.17 -31.06
CA LEU S 253 -37.63 45.92 -32.44
C LEU S 253 -36.16 46.28 -32.60
N TRP S 254 -35.41 45.46 -33.34
CA TRP S 254 -33.98 45.66 -33.51
C TRP S 254 -33.58 45.31 -34.94
N GLN S 255 -32.54 45.98 -35.42
CA GLN S 255 -31.98 45.72 -36.74
C GLN S 255 -30.49 45.49 -36.65
N THR S 256 -30.03 44.38 -37.21
CA THR S 256 -28.61 44.15 -37.47
C THR S 256 -28.32 44.43 -38.93
N ASP S 257 -27.40 45.35 -39.19
CA ASP S 257 -27.01 45.68 -40.56
C ASP S 257 -25.68 44.97 -40.84
N PRO S 258 -25.22 44.89 -42.10
CA PRO S 258 -23.89 44.29 -42.32
C PRO S 258 -22.71 45.11 -41.81
N SER S 259 -22.95 46.34 -41.34
CA SER S 259 -21.88 47.12 -40.73
C SER S 259 -21.50 46.57 -39.35
N GLY S 260 -22.38 45.81 -38.73
CA GLY S 260 -22.24 45.46 -37.34
C GLY S 260 -22.97 46.41 -36.41
N THR S 261 -23.76 47.32 -36.96
CA THR S 261 -24.43 48.37 -36.22
C THR S 261 -25.83 47.89 -35.84
N HIS S 262 -26.08 47.73 -34.55
CA HIS S 262 -27.42 47.43 -34.06
C HIS S 262 -28.12 48.71 -33.64
N THR S 263 -29.39 48.81 -33.96
CA THR S 263 -30.19 49.98 -33.65
C THR S 263 -31.60 49.55 -33.30
N ARG S 264 -32.08 49.99 -32.15
CA ARG S 264 -33.47 49.77 -31.75
C ARG S 264 -34.34 50.73 -32.52
N TYR S 265 -35.51 50.26 -32.96
CA TYR S 265 -36.42 51.08 -33.76
C TYR S 265 -37.84 50.99 -33.21
N ASP S 266 -38.73 51.71 -33.89
CA ASP S 266 -40.17 51.58 -33.73
C ASP S 266 -40.86 51.09 -34.99
N ALA S 267 -40.41 51.55 -36.16
CA ALA S 267 -40.96 51.08 -37.43
C ALA S 267 -39.81 51.17 -38.44
N GLN S 268 -39.38 50.02 -38.95
CA GLN S 268 -38.25 49.96 -39.86
C GLN S 268 -38.52 48.98 -40.99
N ALA S 269 -38.18 49.40 -42.21
CA ALA S 269 -38.28 48.56 -43.39
C ALA S 269 -36.89 48.37 -43.99
N ILE S 270 -36.58 47.14 -44.34
CA ILE S 270 -35.29 46.82 -44.96
C ILE S 270 -35.55 46.24 -46.35
N GLY S 271 -34.52 46.17 -47.17
CA GLY S 271 -34.66 45.59 -48.49
C GLY S 271 -34.86 46.63 -49.58
N GLY S 272 -35.42 46.15 -50.70
CA GLY S 272 -35.64 46.96 -51.87
C GLY S 272 -36.71 48.01 -51.69
N GLY S 273 -37.87 47.61 -51.17
CA GLY S 273 -38.93 48.56 -50.89
C GLY S 273 -38.81 49.17 -49.52
N ALA S 274 -37.65 49.76 -49.22
CA ALA S 274 -37.42 50.35 -47.91
C ALA S 274 -37.46 51.87 -47.95
N GLU S 275 -37.01 52.47 -49.06
CA GLU S 275 -37.01 53.93 -49.17
C GLU S 275 -38.42 54.47 -49.31
N ALA S 276 -39.27 53.76 -50.05
CA ALA S 276 -40.66 54.19 -50.21
C ALA S 276 -41.46 53.97 -48.93
N ALA S 277 -41.06 53.01 -48.10
CA ALA S 277 -41.84 52.71 -46.90
C ALA S 277 -41.58 53.72 -45.80
N GLN S 278 -40.41 54.35 -45.80
CA GLN S 278 -40.08 55.33 -44.77
C GLN S 278 -40.92 56.60 -44.93
N SER S 279 -41.32 56.93 -46.16
CA SER S 279 -42.27 58.02 -46.35
C SER S 279 -43.65 57.63 -45.85
N VAL S 280 -44.03 56.35 -45.99
CA VAL S 280 -45.29 55.87 -45.44
C VAL S 280 -45.20 55.71 -43.92
N PHE S 281 -44.00 55.47 -43.38
CA PHE S 281 -43.77 55.43 -41.94
C PHE S 281 -43.93 56.76 -41.23
N THR S 282 -43.77 57.88 -41.94
CA THR S 282 -43.81 59.20 -41.31
C THR S 282 -45.21 59.51 -40.80
N GLU S 283 -46.21 59.38 -41.66
CA GLU S 283 -47.60 59.34 -41.26
C GLU S 283 -47.98 57.91 -40.89
N ARG S 284 -49.26 57.71 -40.58
CA ARG S 284 -49.89 56.38 -40.44
C ARG S 284 -49.24 55.51 -39.36
N TYR S 285 -48.64 56.16 -38.35
CA TYR S 285 -48.04 55.45 -37.24
C TYR S 285 -48.05 56.35 -36.02
N HIS S 286 -48.86 56.02 -35.03
CA HIS S 286 -48.75 56.61 -33.71
C HIS S 286 -48.28 55.55 -32.71
N ARG S 287 -47.79 56.00 -31.55
CA ARG S 287 -47.09 55.13 -30.64
C ARG S 287 -48.01 54.24 -29.80
N ASN S 288 -49.33 54.47 -29.83
CA ASN S 288 -50.26 53.64 -29.07
C ASN S 288 -51.35 53.10 -29.99
N MET S 289 -50.93 52.54 -31.13
CA MET S 289 -51.77 51.74 -31.99
C MET S 289 -52.20 50.45 -31.29
N THR S 290 -53.17 49.77 -31.89
CA THR S 290 -53.48 48.40 -31.49
C THR S 290 -52.70 47.45 -32.39
N LEU S 291 -52.70 46.17 -32.00
CA LEU S 291 -51.97 45.18 -32.78
C LEU S 291 -52.67 44.91 -34.10
N GLU S 292 -54.00 44.91 -34.10
CA GLU S 292 -54.76 44.69 -35.33
C GLU S 292 -54.65 45.89 -36.26
N GLU S 293 -54.43 47.09 -35.70
CA GLU S 293 -54.13 48.24 -36.55
C GLU S 293 -52.71 48.14 -37.09
N GLY S 294 -51.82 47.48 -36.33
CA GLY S 294 -50.49 47.22 -36.84
C GLY S 294 -50.46 46.11 -37.87
N GLU S 295 -51.49 45.26 -37.86
CA GLU S 295 -51.63 44.25 -38.91
C GLU S 295 -51.92 44.91 -40.26
N THR S 296 -52.93 45.79 -40.29
CA THR S 296 -53.38 46.36 -41.55
C THR S 296 -52.46 47.47 -42.04
N LEU S 297 -51.57 47.96 -41.18
CA LEU S 297 -50.56 48.90 -41.64
C LEU S 297 -49.50 48.21 -42.47
N ALA S 298 -49.05 47.04 -42.01
CA ALA S 298 -47.94 46.35 -42.66
C ALA S 298 -48.34 45.78 -44.01
N VAL S 299 -49.57 45.27 -44.11
CA VAL S 299 -49.98 44.63 -45.36
C VAL S 299 -50.36 45.66 -46.40
N ASP S 300 -50.58 46.92 -45.98
CA ASP S 300 -50.81 47.98 -46.95
C ASP S 300 -49.50 48.55 -47.47
N ILE S 301 -48.47 48.57 -46.62
CA ILE S 301 -47.15 48.97 -47.05
C ILE S 301 -46.56 47.90 -47.97
N LEU S 302 -46.74 46.63 -47.60
CA LEU S 302 -46.15 45.53 -48.36
C LEU S 302 -46.90 45.30 -49.67
N LYS S 303 -48.10 45.86 -49.80
CA LYS S 303 -48.80 45.86 -51.07
C LYS S 303 -48.25 46.92 -52.01
N GLN S 304 -47.85 48.06 -51.45
CA GLN S 304 -47.42 49.19 -52.26
C GLN S 304 -46.01 48.99 -52.80
N VAL S 305 -45.13 48.37 -52.02
CA VAL S 305 -43.70 48.38 -52.34
C VAL S 305 -43.28 47.14 -53.10
N MET S 306 -44.24 46.32 -53.52
CA MET S 306 -43.92 45.10 -54.24
C MET S 306 -44.46 45.20 -55.66
N GLU S 307 -43.92 44.37 -56.55
CA GLU S 307 -44.26 44.48 -57.96
C GLU S 307 -45.36 43.52 -58.37
N ASP S 308 -45.64 42.52 -57.55
CA ASP S 308 -46.61 41.48 -57.90
C ASP S 308 -47.92 41.69 -57.17
N GLN S 309 -48.88 40.81 -57.46
CA GLN S 309 -50.19 40.87 -56.83
C GLN S 309 -50.14 40.21 -55.46
N LEU S 310 -50.53 40.97 -54.44
CA LEU S 310 -50.48 40.50 -53.06
C LEU S 310 -51.60 39.52 -52.76
N SER S 311 -51.23 38.26 -52.53
CA SER S 311 -52.11 37.17 -52.19
C SER S 311 -51.71 36.63 -50.82
N PRO S 312 -52.56 35.82 -50.17
CA PRO S 312 -52.14 35.22 -48.88
C PRO S 312 -50.99 34.25 -48.98
N GLU S 313 -50.75 33.65 -50.15
CA GLU S 313 -49.62 32.76 -50.35
C GLU S 313 -48.43 33.47 -50.98
N ASN S 314 -48.37 34.80 -50.85
CA ASN S 314 -47.33 35.61 -51.46
C ASN S 314 -46.41 36.25 -50.42
N ILE S 315 -46.91 36.48 -49.20
CA ILE S 315 -46.18 37.19 -48.16
C ILE S 315 -46.12 36.31 -46.91
N GLU S 316 -45.46 36.82 -45.87
CA GLU S 316 -45.38 36.17 -44.57
C GLU S 316 -45.53 37.20 -43.46
N VAL S 317 -46.43 36.92 -42.52
CA VAL S 317 -46.72 37.80 -41.39
C VAL S 317 -46.63 36.97 -40.11
N ALA S 318 -45.88 37.48 -39.13
CA ALA S 318 -45.74 36.82 -37.83
C ALA S 318 -45.69 37.87 -36.74
N VAL S 319 -46.31 37.55 -35.60
CA VAL S 319 -46.41 38.48 -34.48
C VAL S 319 -45.92 37.81 -33.20
N VAL S 320 -45.46 38.63 -32.26
CA VAL S 320 -45.11 38.20 -30.92
C VAL S 320 -45.94 39.04 -29.96
N ARG S 321 -46.96 38.44 -29.34
CA ARG S 321 -47.89 39.22 -28.54
C ARG S 321 -47.29 39.52 -27.16
N ALA S 322 -47.76 40.60 -26.54
CA ALA S 322 -47.21 41.01 -25.25
C ALA S 322 -47.83 40.22 -24.11
N ASP S 323 -49.16 40.12 -24.06
CA ASP S 323 -49.81 39.39 -22.99
C ASP S 323 -49.62 37.89 -23.13
N ASP S 324 -49.43 37.41 -24.36
CA ASP S 324 -49.15 36.00 -24.57
C ASP S 324 -47.66 35.71 -24.31
N GLY S 325 -46.78 36.55 -24.81
CA GLY S 325 -45.36 36.35 -24.67
C GLY S 325 -44.75 35.39 -25.67
N LYS S 326 -45.55 34.79 -26.54
CA LYS S 326 -45.08 33.75 -27.45
C LYS S 326 -45.20 34.22 -28.89
N LEU S 327 -44.39 33.61 -29.75
CA LEU S 327 -44.43 33.88 -31.19
C LEU S 327 -45.61 33.18 -31.83
N HIS S 328 -46.33 33.91 -32.68
CA HIS S 328 -47.48 33.37 -33.39
C HIS S 328 -47.30 33.69 -34.88
N MET S 329 -46.82 32.70 -35.63
CA MET S 329 -46.75 32.84 -37.09
C MET S 329 -48.13 32.61 -37.68
N TYR S 330 -48.37 33.16 -38.86
CA TYR S 330 -49.69 33.04 -39.47
C TYR S 330 -49.67 32.00 -40.59
N THR S 331 -50.83 31.54 -40.95
CA THR S 331 -51.36 30.67 -41.99
C THR S 331 -51.99 31.51 -43.10
N PRO S 332 -52.07 30.99 -44.34
CA PRO S 332 -52.71 31.77 -45.42
C PRO S 332 -54.19 32.06 -45.21
N THR S 333 -54.87 31.29 -44.38
CA THR S 333 -56.25 31.63 -44.04
C THR S 333 -56.31 32.75 -43.00
N GLU S 334 -55.19 33.01 -42.31
CA GLU S 334 -55.15 34.09 -41.34
C GLU S 334 -54.71 35.40 -41.99
N ILE S 335 -53.80 35.31 -42.97
CA ILE S 335 -53.33 36.49 -43.68
C ILE S 335 -54.42 37.12 -44.53
N LYS S 336 -55.34 36.31 -45.08
CA LYS S 336 -56.46 36.82 -45.85
C LYS S 336 -57.43 37.64 -45.02
N ALA S 337 -57.62 37.30 -43.74
CA ALA S 337 -58.51 38.04 -42.85
C ALA S 337 -57.99 39.44 -42.53
N ILE S 338 -56.71 39.71 -42.74
CA ILE S 338 -56.16 41.05 -42.56
C ILE S 338 -56.42 41.91 -43.80
N MET S 339 -56.54 41.27 -44.96
CA MET S 339 -56.72 42.00 -46.21
C MET S 339 -58.14 42.55 -46.31
N SER S 340 -59.12 41.80 -45.81
CA SER S 340 -60.52 42.16 -45.93
C SER S 340 -60.96 42.89 -44.66
N ARG S 341 -60.36 44.06 -44.44
CA ARG S 341 -60.73 44.92 -43.31
C ARG S 341 -61.02 46.33 -43.77
N ASN T 168 -3.02 58.01 -57.04
CA ASN T 168 -2.56 57.76 -55.68
C ASN T 168 -2.42 56.25 -55.47
N GLU T 169 -1.21 55.74 -55.69
CA GLU T 169 -0.92 54.31 -55.61
C GLU T 169 -0.23 53.96 -54.29
N TYR T 170 -0.18 54.91 -53.35
CA TYR T 170 0.42 54.70 -52.05
C TYR T 170 -0.60 54.74 -50.92
N ASP T 171 -1.87 54.44 -51.23
CA ASP T 171 -2.96 54.58 -50.28
C ASP T 171 -3.76 53.30 -50.15
N SER T 172 -3.42 52.30 -50.96
CA SER T 172 -4.13 51.03 -50.94
C SER T 172 -3.81 50.20 -49.71
N ASP T 173 -2.53 50.01 -49.40
CA ASP T 173 -2.10 49.15 -48.31
C ASP T 173 -1.84 49.98 -47.06
N ILE T 174 -1.92 49.31 -45.92
CA ILE T 174 -1.64 49.90 -44.62
C ILE T 174 -0.14 50.02 -44.35
N THR T 175 0.67 49.15 -44.94
CA THR T 175 2.11 49.09 -44.67
C THR T 175 2.91 49.76 -45.78
N THR T 176 2.39 50.86 -46.32
CA THR T 176 3.01 51.56 -47.43
C THR T 176 3.17 53.04 -47.09
N TRP T 177 4.41 53.48 -46.92
CA TRP T 177 4.73 54.88 -46.73
C TRP T 177 4.66 55.60 -48.06
N SER T 178 4.25 56.86 -48.02
CA SER T 178 4.28 57.69 -49.21
C SER T 178 5.71 58.17 -49.46
N PRO T 179 6.01 58.67 -50.66
CA PRO T 179 7.31 59.33 -50.88
C PRO T 179 7.44 60.69 -50.20
N THR T 180 6.39 61.21 -49.57
CA THR T 180 6.48 62.37 -48.70
C THR T 180 6.50 61.98 -47.23
N GLY T 181 6.34 60.71 -46.93
CA GLY T 181 6.39 60.22 -45.56
C GLY T 181 5.08 60.29 -44.83
N ARG T 182 4.00 59.85 -45.48
CA ARG T 182 2.67 59.86 -44.90
C ARG T 182 2.06 58.46 -45.00
N LEU T 183 1.18 58.14 -44.07
CA LEU T 183 0.44 56.88 -44.05
C LEU T 183 -1.03 57.20 -44.33
N PHE T 184 -1.49 56.87 -45.53
CA PHE T 184 -2.81 57.32 -45.94
C PHE T 184 -3.94 56.49 -45.34
N GLN T 185 -3.72 55.19 -45.13
CA GLN T 185 -4.74 54.34 -44.53
C GLN T 185 -5.03 54.74 -43.08
N ILE T 186 -4.04 55.29 -42.39
CA ILE T 186 -4.28 55.88 -41.08
C ILE T 186 -4.97 57.22 -41.21
N GLU T 187 -4.61 58.01 -42.23
CA GLU T 187 -5.27 59.30 -42.43
C GLU T 187 -6.66 59.14 -43.02
N TYR T 188 -6.95 57.99 -43.64
CA TYR T 188 -8.29 57.74 -44.13
C TYR T 188 -9.23 57.29 -43.01
N ALA T 189 -8.69 56.60 -42.01
CA ALA T 189 -9.50 56.19 -40.87
C ALA T 189 -9.82 57.37 -39.96
N ASN T 190 -9.04 58.44 -40.06
CA ASN T 190 -9.29 59.65 -39.27
C ASN T 190 -10.52 60.40 -39.78
N GLU T 191 -10.93 60.16 -41.03
CA GLU T 191 -12.13 60.78 -41.55
C GLU T 191 -13.39 60.08 -41.07
N ALA T 192 -13.28 58.85 -40.57
CA ALA T 192 -14.43 58.19 -39.97
C ALA T 192 -14.84 58.85 -38.66
N VAL T 193 -13.87 59.35 -37.90
CA VAL T 193 -14.17 60.01 -36.63
C VAL T 193 -14.80 61.38 -36.88
N ASN T 194 -14.36 62.06 -37.93
CA ASN T 194 -14.90 63.37 -38.29
C ASN T 194 -16.26 63.30 -38.95
N ASN T 195 -16.78 62.09 -39.22
CA ASN T 195 -18.09 61.91 -39.78
C ASN T 195 -19.09 61.33 -38.79
N GLY T 196 -18.64 60.90 -37.61
CA GLY T 196 -19.55 60.42 -36.59
C GLY T 196 -20.26 61.55 -35.87
N SER T 197 -21.13 61.18 -34.93
CA SER T 197 -21.94 62.15 -34.23
C SER T 197 -21.09 62.99 -33.28
N ALA T 198 -21.52 64.23 -33.05
CA ALA T 198 -20.73 65.16 -32.28
C ALA T 198 -20.89 64.89 -30.79
N THR T 199 -19.76 64.80 -30.09
CA THR T 199 -19.74 64.61 -28.64
C THR T 199 -18.72 65.57 -28.03
N VAL T 200 -19.06 66.09 -26.85
CA VAL T 200 -18.27 67.14 -26.20
C VAL T 200 -17.93 66.69 -24.79
N GLY T 201 -16.64 66.61 -24.50
CA GLY T 201 -16.16 66.32 -23.16
C GLY T 201 -15.61 67.56 -22.51
N VAL T 202 -16.01 67.79 -21.25
CA VAL T 202 -15.60 68.96 -20.48
C VAL T 202 -15.17 68.49 -19.09
N LYS T 203 -13.92 68.78 -18.73
CA LYS T 203 -13.35 68.39 -17.45
C LYS T 203 -13.38 69.57 -16.50
N GLY T 204 -13.79 69.33 -15.26
CA GLY T 204 -13.81 70.35 -14.23
C GLY T 204 -12.72 70.15 -13.21
N LYS T 205 -13.05 70.45 -11.95
CA LYS T 205 -12.08 70.28 -10.88
C LYS T 205 -12.17 68.89 -10.26
N ASN T 206 -13.38 68.37 -10.10
CA ASN T 206 -13.59 67.01 -9.62
C ASN T 206 -14.55 66.21 -10.48
N PHE T 207 -15.02 66.77 -11.61
CA PHE T 207 -16.05 66.15 -12.42
C PHE T 207 -15.66 66.22 -13.89
N VAL T 208 -16.00 65.16 -14.62
CA VAL T 208 -15.89 65.14 -16.07
C VAL T 208 -17.28 64.90 -16.63
N VAL T 209 -17.68 65.75 -17.58
CA VAL T 209 -19.02 65.70 -18.15
C VAL T 209 -18.89 65.41 -19.63
N LEU T 210 -19.47 64.30 -20.08
CA LEU T 210 -19.58 63.99 -21.49
C LEU T 210 -20.99 64.30 -21.96
N ALA T 211 -21.10 64.93 -23.12
CA ALA T 211 -22.40 65.31 -23.69
C ALA T 211 -22.44 64.86 -25.13
N ALA T 212 -23.07 63.73 -25.38
CA ALA T 212 -23.17 63.15 -26.72
C ALA T 212 -24.48 63.55 -27.38
N LEU T 213 -24.46 63.65 -28.70
CA LEU T 213 -25.62 64.04 -29.49
C LEU T 213 -26.11 62.82 -30.25
N LYS T 214 -27.10 62.13 -29.68
CA LYS T 214 -27.68 60.98 -30.37
C LYS T 214 -28.77 61.44 -31.33
N ARG T 215 -29.30 60.51 -32.12
CA ARG T 215 -30.14 60.83 -33.27
C ARG T 215 -31.55 61.20 -32.85
N SER T 216 -32.05 62.30 -33.41
CA SER T 216 -33.41 62.77 -33.22
C SER T 216 -34.41 61.82 -33.89
N PRO T 217 -35.63 61.74 -33.38
CA PRO T 217 -36.64 60.90 -34.02
C PRO T 217 -37.10 61.46 -35.36
N VAL T 218 -37.55 60.57 -36.24
CA VAL T 218 -38.09 60.98 -37.52
C VAL T 218 -39.59 61.18 -37.33
N ALA T 219 -39.93 62.32 -36.71
CA ALA T 219 -41.26 62.95 -36.63
C ALA T 219 -42.23 62.18 -35.74
N GLU T 220 -42.06 60.87 -35.49
CA GLU T 220 -42.56 60.24 -34.27
C GLU T 220 -41.70 59.06 -33.81
N LEU T 221 -41.04 58.37 -34.73
CA LEU T 221 -40.41 57.09 -34.44
C LEU T 221 -38.99 57.32 -33.96
N SER T 222 -38.64 56.72 -32.82
CA SER T 222 -37.42 57.04 -32.11
C SER T 222 -36.43 55.89 -32.25
N SER T 223 -35.40 56.09 -33.05
CA SER T 223 -34.32 55.12 -33.16
C SER T 223 -33.30 55.35 -32.05
N TYR T 224 -32.88 54.27 -31.41
CA TYR T 224 -31.93 54.34 -30.30
C TYR T 224 -30.68 53.56 -30.65
N GLN T 225 -29.52 54.17 -30.43
CA GLN T 225 -28.23 53.57 -30.70
C GLN T 225 -27.25 53.99 -29.60
N GLU T 226 -26.70 53.01 -28.91
CA GLU T 226 -25.91 53.28 -27.71
C GLU T 226 -24.49 53.71 -28.10
N LYS T 227 -24.13 54.93 -27.71
CA LYS T 227 -22.79 55.45 -27.90
C LYS T 227 -21.95 55.48 -26.64
N VAL T 228 -22.48 56.03 -25.56
CA VAL T 228 -21.75 56.17 -24.30
C VAL T 228 -21.70 54.82 -23.60
N PHE T 229 -20.51 54.40 -23.21
CA PHE T 229 -20.28 53.10 -22.59
C PHE T 229 -19.71 53.27 -21.20
N GLU T 230 -20.11 52.39 -20.30
CA GLU T 230 -19.49 52.30 -18.97
C GLU T 230 -18.41 51.24 -19.01
N ILE T 231 -17.21 51.59 -18.55
CA ILE T 231 -16.08 50.69 -18.60
C ILE T 231 -15.85 50.08 -17.22
N ASP T 232 -15.98 50.90 -16.19
CA ASP T 232 -15.88 50.47 -14.80
C ASP T 232 -16.64 51.50 -13.98
N GLU T 233 -16.50 51.44 -12.64
CA GLU T 233 -17.17 52.39 -11.77
C GLU T 233 -16.65 53.81 -11.94
N HIS T 234 -15.40 53.96 -12.36
CA HIS T 234 -14.76 55.26 -12.44
C HIS T 234 -14.41 55.67 -13.87
N VAL T 235 -14.63 54.79 -14.85
CA VAL T 235 -14.28 55.07 -16.24
C VAL T 235 -15.56 55.03 -17.07
N GLY T 236 -15.61 55.84 -18.13
CA GLY T 236 -16.63 55.71 -19.15
C GLY T 236 -16.19 56.42 -20.40
N MET T 237 -16.76 56.06 -21.56
CA MET T 237 -16.31 56.66 -22.80
C MET T 237 -17.49 56.87 -23.73
N SER T 238 -17.32 57.80 -24.67
CA SER T 238 -18.29 58.04 -25.75
C SER T 238 -17.57 57.98 -27.09
N ILE T 239 -18.18 57.31 -28.05
CA ILE T 239 -17.53 56.96 -29.30
C ILE T 239 -18.05 57.85 -30.42
N SER T 240 -17.32 57.83 -31.54
CA SER T 240 -17.69 58.55 -32.75
C SER T 240 -17.02 57.87 -33.93
N GLY T 241 -17.80 57.52 -34.95
CA GLY T 241 -17.27 56.84 -36.11
C GLY T 241 -17.89 55.48 -36.31
N LEU T 242 -17.07 54.48 -36.64
CA LEU T 242 -17.53 53.11 -36.78
C LEU T 242 -17.89 52.56 -35.40
N VAL T 243 -19.19 52.43 -35.13
CA VAL T 243 -19.63 51.92 -33.83
C VAL T 243 -19.37 50.43 -33.67
N ALA T 244 -19.08 49.72 -34.75
CA ALA T 244 -18.72 48.31 -34.66
C ALA T 244 -17.30 48.12 -34.14
N ASP T 245 -16.43 49.10 -34.33
CA ASP T 245 -15.11 49.07 -33.70
C ASP T 245 -15.11 49.72 -32.33
N GLY T 246 -16.10 50.58 -32.05
CA GLY T 246 -16.24 51.15 -30.73
C GLY T 246 -16.71 50.16 -29.68
N ARG T 247 -17.26 49.03 -30.11
CA ARG T 247 -17.64 47.99 -29.17
C ARG T 247 -16.58 46.89 -29.06
N VAL T 248 -15.69 46.79 -30.04
CA VAL T 248 -14.53 45.92 -29.88
C VAL T 248 -13.54 46.55 -28.90
N LEU T 249 -13.42 47.87 -28.92
CA LEU T 249 -12.70 48.57 -27.86
C LEU T 249 -13.40 48.44 -26.51
N ALA T 250 -14.74 48.47 -26.49
CA ALA T 250 -15.48 48.31 -25.24
C ALA T 250 -15.32 46.92 -24.66
N ARG T 251 -15.07 45.91 -25.49
CA ARG T 251 -14.77 44.59 -24.96
C ARG T 251 -13.38 44.55 -24.35
N TYR T 252 -12.43 45.26 -24.94
CA TYR T 252 -11.05 45.24 -24.45
C TYR T 252 -10.89 46.07 -23.19
N LEU T 253 -11.51 47.25 -23.16
CA LEU T 253 -11.37 48.14 -22.02
C LEU T 253 -12.08 47.61 -20.78
N ARG T 254 -13.24 46.98 -20.97
CA ARG T 254 -13.97 46.43 -19.83
C ARG T 254 -13.28 45.19 -19.28
N THR T 255 -12.64 44.40 -20.16
CA THR T 255 -11.93 43.21 -19.71
C THR T 255 -10.68 43.57 -18.93
N GLU T 256 -9.92 44.57 -19.40
CA GLU T 256 -8.69 44.95 -18.74
C GLU T 256 -8.91 45.78 -17.48
N CYS T 257 -10.15 46.26 -17.25
CA CYS T 257 -10.47 46.85 -15.95
C CYS T 257 -11.02 45.84 -14.97
N MET T 258 -11.54 44.71 -15.45
CA MET T 258 -11.87 43.61 -14.57
C MET T 258 -10.63 42.86 -14.12
N ASN T 259 -9.63 42.77 -15.00
CA ASN T 259 -8.40 42.06 -14.67
C ASN T 259 -7.55 42.89 -13.71
N TYR T 260 -7.71 44.22 -13.75
CA TYR T 260 -7.03 45.06 -12.77
C TYR T 260 -7.65 44.92 -11.40
N ARG T 261 -8.96 45.14 -11.28
CA ARG T 261 -9.67 45.10 -10.01
C ARG T 261 -9.71 43.70 -9.40
N TYR T 262 -9.52 42.66 -10.21
CA TYR T 262 -9.29 41.33 -9.65
C TYR T 262 -7.96 41.27 -8.92
N MET T 263 -6.89 41.78 -9.53
CA MET T 263 -5.57 41.68 -8.94
C MET T 263 -5.40 42.63 -7.77
N TYR T 264 -5.73 43.90 -7.96
CA TYR T 264 -5.32 44.94 -7.01
C TYR T 264 -6.46 45.42 -6.12
N SER T 265 -7.70 45.02 -6.40
CA SER T 265 -8.91 45.36 -5.64
C SER T 265 -9.12 46.88 -5.56
N ASN T 266 -8.77 47.57 -6.64
CA ASN T 266 -9.00 49.01 -6.70
C ASN T 266 -9.16 49.39 -8.16
N GLY T 267 -9.62 50.60 -8.39
CA GLY T 267 -9.84 51.06 -9.75
C GLY T 267 -8.54 51.34 -10.47
N MET T 268 -8.58 51.20 -11.79
CA MET T 268 -7.38 51.36 -12.60
C MET T 268 -7.12 52.85 -12.84
N PRO T 269 -5.87 53.30 -12.73
CA PRO T 269 -5.58 54.72 -12.96
C PRO T 269 -5.71 55.08 -14.42
N MET T 270 -6.00 56.35 -14.69
CA MET T 270 -6.33 56.76 -16.04
C MET T 270 -5.08 56.96 -16.89
N ASN T 271 -3.95 57.28 -16.26
CA ASN T 271 -2.72 57.45 -17.03
C ASN T 271 -2.16 56.11 -17.49
N GLN T 272 -2.41 55.05 -16.72
CA GLN T 272 -2.10 53.71 -17.17
C GLN T 272 -3.05 53.24 -18.26
N MET T 273 -4.32 53.61 -18.17
CA MET T 273 -5.33 53.13 -19.11
C MET T 273 -5.23 53.81 -20.46
N ALA T 274 -4.92 55.11 -20.46
CA ALA T 274 -4.74 55.83 -21.72
C ALA T 274 -3.52 55.33 -22.48
N ASP T 275 -2.52 54.80 -21.75
CA ASP T 275 -1.37 54.19 -22.39
C ASP T 275 -1.66 52.77 -22.85
N MET T 276 -2.78 52.19 -22.41
CA MET T 276 -3.12 50.83 -22.81
C MET T 276 -4.02 50.82 -24.03
N ILE T 277 -4.81 51.88 -24.22
CA ILE T 277 -5.60 52.02 -25.44
C ILE T 277 -4.69 52.31 -26.63
N GLY T 278 -3.63 53.10 -26.39
CA GLY T 278 -2.75 53.50 -27.47
C GLY T 278 -1.93 52.36 -28.03
N GLU T 279 -1.69 51.33 -27.21
CA GLU T 279 -1.00 50.14 -27.72
C GLU T 279 -1.99 49.15 -28.32
N LYS T 280 -3.28 49.35 -28.06
CA LYS T 280 -4.30 48.54 -28.72
C LYS T 280 -4.54 49.04 -30.14
N HIS T 281 -4.48 50.36 -30.34
CA HIS T 281 -4.53 50.92 -31.68
C HIS T 281 -3.26 50.63 -32.47
N GLN T 282 -2.15 50.36 -31.79
CA GLN T 282 -0.86 50.26 -32.47
C GLN T 282 -0.61 48.88 -33.06
N ARG T 283 -1.19 47.82 -32.48
CA ARG T 283 -1.03 46.49 -33.07
C ARG T 283 -1.74 46.35 -34.40
N HIS T 284 -2.74 47.19 -34.67
CA HIS T 284 -3.57 47.11 -35.86
C HIS T 284 -3.12 48.06 -36.96
N ILE T 285 -1.96 48.69 -36.82
CA ILE T 285 -1.52 49.66 -37.82
C ILE T 285 -0.14 49.35 -38.37
N GLN T 286 0.35 48.12 -38.19
CA GLN T 286 1.65 47.79 -38.73
C GLN T 286 1.70 46.44 -39.45
N CYS T 287 0.73 45.57 -39.26
CA CYS T 287 0.63 44.33 -40.02
C CYS T 287 -0.22 44.56 -41.26
N SER T 288 0.03 43.76 -42.29
CA SER T 288 -0.59 43.98 -43.59
C SER T 288 -2.06 43.58 -43.62
N GLY T 289 -2.43 42.48 -42.96
CA GLY T 289 -3.80 42.03 -42.99
C GLY T 289 -4.62 42.50 -41.81
N LYS T 290 -4.37 43.74 -41.37
CA LYS T 290 -5.09 44.35 -40.26
C LYS T 290 -5.42 45.78 -40.66
N ARG T 291 -6.34 46.40 -39.93
CA ARG T 291 -6.80 47.73 -40.25
C ARG T 291 -6.96 48.53 -38.96
N PRO T 292 -6.85 49.85 -39.03
CA PRO T 292 -7.03 50.67 -37.82
C PRO T 292 -8.48 50.70 -37.38
N PHE T 293 -8.68 50.99 -36.10
CA PHE T 293 -10.01 51.18 -35.56
C PHE T 293 -10.53 52.55 -35.95
N GLY T 294 -11.47 52.58 -36.90
CA GLY T 294 -12.02 53.83 -37.35
C GLY T 294 -13.02 54.45 -36.38
N VAL T 295 -12.57 54.77 -35.17
CA VAL T 295 -13.45 55.28 -34.12
C VAL T 295 -12.60 56.07 -33.13
N GLY T 296 -13.13 57.18 -32.66
CA GLY T 296 -12.51 57.98 -31.62
C GLY T 296 -13.19 57.73 -30.29
N LEU T 297 -12.50 58.09 -29.21
CA LEU T 297 -13.02 57.89 -27.86
C LEU T 297 -12.95 59.20 -27.09
N LEU T 298 -13.67 59.25 -25.97
CA LEU T 298 -13.54 60.31 -24.98
C LEU T 298 -13.63 59.67 -23.60
N LEU T 299 -12.48 59.29 -23.04
CA LEU T 299 -12.42 58.70 -21.71
C LEU T 299 -12.84 59.72 -20.67
N ALA T 300 -13.76 59.33 -19.78
CA ALA T 300 -14.13 60.14 -18.63
C ALA T 300 -13.71 59.36 -17.39
N GLY T 301 -12.62 59.78 -16.76
CA GLY T 301 -12.09 58.99 -15.67
C GLY T 301 -11.90 59.75 -14.38
N TYR T 302 -11.86 59.02 -13.27
CA TYR T 302 -11.49 59.59 -11.99
C TYR T 302 -10.66 58.58 -11.23
N ASP T 303 -9.60 59.05 -10.59
CA ASP T 303 -8.79 58.21 -9.73
C ASP T 303 -8.23 59.03 -8.58
N ARG T 304 -7.16 58.53 -7.94
CA ARG T 304 -6.55 59.25 -6.82
C ARG T 304 -5.94 60.58 -7.27
N GLN T 305 -5.51 60.68 -8.52
CA GLN T 305 -4.94 61.92 -9.04
C GLN T 305 -6.00 62.90 -9.54
N GLY T 306 -7.28 62.61 -9.37
CA GLY T 306 -8.32 63.52 -9.79
C GLY T 306 -8.89 63.18 -11.16
N PRO T 307 -9.73 64.06 -11.68
CA PRO T 307 -10.43 63.76 -12.94
C PRO T 307 -9.53 63.87 -14.16
N HIS T 308 -9.83 63.03 -15.16
CA HIS T 308 -9.08 62.98 -16.40
C HIS T 308 -10.04 62.98 -17.59
N LEU T 309 -9.58 63.54 -18.70
CA LEU T 309 -10.33 63.56 -19.95
C LEU T 309 -9.38 63.30 -21.09
N TYR T 310 -9.50 62.13 -21.71
CA TYR T 310 -8.64 61.73 -22.80
C TYR T 310 -9.42 61.69 -24.11
N GLN T 311 -8.69 61.46 -25.19
CA GLN T 311 -9.28 61.31 -26.52
C GLN T 311 -8.28 60.57 -27.41
N THR T 312 -8.68 59.40 -27.91
CA THR T 312 -7.86 58.65 -28.82
C THR T 312 -8.35 58.82 -30.26
N VAL T 313 -7.41 58.68 -31.19
CA VAL T 313 -7.68 58.81 -32.62
C VAL T 313 -7.18 57.51 -33.27
N PRO T 314 -7.63 57.20 -34.50
CA PRO T 314 -7.19 55.94 -35.13
C PRO T 314 -5.70 55.83 -35.45
N SER T 315 -4.92 56.89 -35.30
CA SER T 315 -3.49 56.81 -35.52
C SER T 315 -2.76 56.09 -34.39
N GLY T 316 -3.35 56.04 -33.20
CA GLY T 316 -2.69 55.52 -32.03
C GLY T 316 -2.28 56.58 -31.03
N ASP T 317 -2.52 57.85 -31.33
CA ASP T 317 -2.26 58.92 -30.38
C ASP T 317 -3.27 58.88 -29.24
N VAL T 318 -2.93 59.52 -28.14
CA VAL T 318 -3.85 59.73 -27.03
C VAL T 318 -3.52 61.07 -26.41
N TYR T 319 -4.52 61.95 -26.35
CA TYR T 319 -4.32 63.34 -25.97
C TYR T 319 -5.01 63.61 -24.65
N ASP T 320 -4.31 64.24 -23.72
CA ASP T 320 -4.91 64.62 -22.45
C ASP T 320 -5.41 66.04 -22.56
N TYR T 321 -6.73 66.22 -22.45
CA TYR T 321 -7.37 67.51 -22.67
C TYR T 321 -7.85 68.12 -21.37
N LYS T 322 -8.19 69.41 -21.47
CA LYS T 322 -9.06 70.10 -20.52
C LYS T 322 -10.50 70.10 -20.99
N ALA T 323 -10.72 70.29 -22.29
CA ALA T 323 -12.01 70.18 -22.94
C ALA T 323 -11.77 69.92 -24.42
N THR T 324 -12.66 69.17 -25.05
CA THR T 324 -12.49 68.82 -26.46
C THR T 324 -13.86 68.50 -27.04
N ALA T 325 -13.89 68.28 -28.35
CA ALA T 325 -15.11 67.94 -29.07
C ALA T 325 -14.72 67.26 -30.37
N MET T 326 -15.30 66.08 -30.61
CA MET T 326 -15.08 65.36 -31.86
C MET T 326 -16.43 65.01 -32.45
N GLY T 327 -16.43 64.80 -33.77
CA GLY T 327 -17.67 64.50 -34.47
C GLY T 327 -17.86 65.35 -35.69
N VAL T 328 -19.02 65.21 -36.37
CA VAL T 328 -19.28 66.03 -37.54
C VAL T 328 -19.62 67.44 -37.11
N ARG T 329 -18.96 68.42 -37.74
CA ARG T 329 -19.09 69.86 -37.46
C ARG T 329 -18.81 70.19 -35.99
N SER T 330 -17.86 69.46 -35.40
CA SER T 330 -17.45 69.68 -34.03
C SER T 330 -16.36 70.74 -33.92
N GLN T 331 -15.95 71.33 -35.04
CA GLN T 331 -15.02 72.46 -35.03
C GLN T 331 -15.67 73.70 -34.40
N ALA T 332 -16.98 73.85 -34.56
CA ALA T 332 -17.67 74.98 -33.94
C ALA T 332 -17.84 74.79 -32.44
N SER T 333 -18.02 73.53 -31.99
CA SER T 333 -18.03 73.25 -30.57
C SER T 333 -16.67 73.46 -29.94
N ARG T 334 -15.61 73.12 -30.66
CA ARG T 334 -14.25 73.37 -30.20
C ARG T 334 -13.93 74.86 -30.13
N THR T 335 -14.52 75.67 -31.00
CA THR T 335 -14.34 77.12 -30.97
C THR T 335 -15.01 77.73 -29.74
N TYR T 336 -16.15 77.16 -29.32
CA TYR T 336 -16.81 77.63 -28.11
C TYR T 336 -16.02 77.26 -26.86
N LEU T 337 -15.41 76.07 -26.85
CA LEU T 337 -14.65 75.63 -25.69
C LEU T 337 -13.32 76.36 -25.55
N GLU T 338 -12.79 76.95 -26.62
CA GLU T 338 -11.56 77.73 -26.57
C GLU T 338 -11.76 79.15 -26.04
N ARG T 339 -12.89 79.44 -25.43
CA ARG T 339 -13.12 80.71 -24.75
C ARG T 339 -13.50 80.53 -23.29
N HIS T 340 -13.84 79.31 -22.87
CA HIS T 340 -14.29 79.04 -21.52
C HIS T 340 -13.42 78.02 -20.79
N PHE T 341 -12.35 77.51 -21.42
CA PHE T 341 -11.60 76.41 -20.83
C PHE T 341 -10.70 76.86 -19.68
N GLU T 342 -10.51 78.16 -19.50
CA GLU T 342 -9.77 78.67 -18.36
C GLU T 342 -10.65 78.74 -17.11
N HIS T 343 -11.97 78.69 -17.27
CA HIS T 343 -12.93 78.83 -16.18
C HIS T 343 -13.66 77.51 -15.94
N PHE T 344 -12.92 76.40 -15.98
CA PHE T 344 -13.49 75.09 -15.71
C PHE T 344 -13.09 74.51 -14.36
N SER T 345 -12.01 75.01 -13.76
CA SER T 345 -11.62 74.60 -12.42
C SER T 345 -12.36 75.37 -11.33
N ASP T 346 -13.25 76.28 -11.70
CA ASP T 346 -13.97 77.12 -10.75
C ASP T 346 -15.47 76.85 -10.72
N CYS T 347 -16.05 76.28 -11.77
CA CYS T 347 -17.48 76.06 -11.82
C CYS T 347 -17.89 74.85 -10.98
N THR T 348 -19.14 74.86 -10.52
CA THR T 348 -19.72 73.70 -9.86
C THR T 348 -20.19 72.70 -10.91
N LEU T 349 -20.87 71.64 -10.45
CA LEU T 349 -21.32 70.59 -11.36
C LEU T 349 -22.44 71.08 -12.26
N ASP T 350 -23.33 71.92 -11.71
CA ASP T 350 -24.48 72.38 -12.47
C ASP T 350 -24.08 73.37 -13.56
N GLU T 351 -22.99 74.11 -13.33
CA GLU T 351 -22.47 74.99 -14.36
C GLU T 351 -21.63 74.21 -15.36
N LEU T 352 -21.05 73.09 -14.91
CA LEU T 352 -20.15 72.34 -15.78
C LEU T 352 -20.92 71.55 -16.83
N VAL T 353 -22.14 71.13 -16.49
CA VAL T 353 -23.04 70.53 -17.48
C VAL T 353 -23.50 71.59 -18.47
N THR T 354 -23.67 72.83 -18.00
CA THR T 354 -24.19 73.89 -18.86
C THR T 354 -23.17 74.33 -19.91
N HIS T 355 -21.88 74.32 -19.57
CA HIS T 355 -20.86 74.64 -20.57
C HIS T 355 -20.73 73.53 -21.60
N ALA T 356 -21.01 72.29 -21.20
CA ALA T 356 -20.93 71.18 -22.15
C ALA T 356 -22.12 71.15 -23.10
N LEU T 357 -23.30 71.57 -22.64
CA LEU T 357 -24.48 71.53 -23.49
C LEU T 357 -24.56 72.75 -24.41
N LYS T 358 -24.04 73.90 -23.96
CA LYS T 358 -23.92 75.04 -24.86
C LYS T 358 -22.89 74.77 -25.95
N ALA T 359 -21.85 74.00 -25.63
CA ALA T 359 -20.88 73.60 -26.64
C ALA T 359 -21.47 72.59 -27.62
N LEU T 360 -22.22 71.61 -27.12
CA LEU T 360 -22.83 70.60 -27.96
C LEU T 360 -23.92 71.18 -28.87
N ALA T 361 -24.59 72.24 -28.45
CA ALA T 361 -25.66 72.83 -29.25
C ALA T 361 -25.14 73.61 -30.45
N SER T 362 -23.85 73.95 -30.47
CA SER T 362 -23.27 74.69 -31.58
C SER T 362 -22.70 73.77 -32.66
N ALA T 363 -22.88 72.46 -32.53
CA ALA T 363 -22.52 71.51 -33.57
C ALA T 363 -23.74 70.92 -34.26
N THR T 364 -24.93 71.34 -33.89
CA THR T 364 -26.16 70.79 -34.43
C THR T 364 -26.45 71.43 -35.79
N SER T 365 -27.58 71.07 -36.38
CA SER T 365 -27.97 71.61 -37.67
C SER T 365 -28.52 73.03 -37.53
N GLU T 366 -28.99 73.57 -38.65
CA GLU T 366 -29.45 74.96 -38.68
C GLU T 366 -30.79 75.14 -37.99
N GLY T 367 -31.63 74.11 -38.00
CA GLY T 367 -32.96 74.23 -37.45
C GLY T 367 -33.32 73.24 -36.36
N ILE T 368 -32.38 72.91 -35.49
CA ILE T 368 -32.63 71.96 -34.40
C ILE T 368 -31.92 72.47 -33.15
N GLU T 369 -32.52 72.23 -31.99
CA GLU T 369 -31.94 72.54 -30.70
C GLU T 369 -32.00 71.31 -29.80
N LEU T 370 -31.44 71.43 -28.60
CA LEU T 370 -31.27 70.27 -27.74
C LEU T 370 -32.50 70.05 -26.86
N ASN T 371 -32.75 68.79 -26.55
CA ASN T 371 -33.75 68.37 -25.57
C ASN T 371 -33.33 67.02 -25.02
N VAL T 372 -34.24 66.36 -24.31
CA VAL T 372 -33.96 65.04 -23.76
C VAL T 372 -34.04 63.93 -24.80
N LYS T 373 -34.44 64.23 -26.02
CA LYS T 373 -34.64 63.21 -27.03
C LYS T 373 -33.41 62.96 -27.89
N ASN T 374 -32.39 63.81 -27.81
CA ASN T 374 -31.25 63.71 -28.71
C ASN T 374 -29.93 63.90 -27.97
N THR T 375 -29.96 63.89 -26.64
CA THR T 375 -28.75 64.16 -25.86
C THR T 375 -28.51 63.11 -24.79
N THR T 376 -27.28 62.66 -24.69
CA THR T 376 -26.83 61.76 -23.63
C THR T 376 -25.76 62.46 -22.79
N ILE T 377 -26.04 62.56 -21.49
CA ILE T 377 -25.17 63.27 -20.57
C ILE T 377 -24.59 62.27 -19.58
N ALA T 378 -23.26 62.18 -19.53
CA ALA T 378 -22.57 61.23 -18.68
C ALA T 378 -21.60 61.97 -17.76
N ILE T 379 -21.69 61.67 -16.47
CA ILE T 379 -20.95 62.40 -15.43
C ILE T 379 -20.21 61.39 -14.54
N VAL T 380 -18.91 61.61 -14.36
CA VAL T 380 -18.13 60.87 -13.38
C VAL T 380 -17.51 61.90 -12.42
N GLY T 381 -17.40 61.54 -11.15
CA GLY T 381 -16.96 62.49 -10.13
C GLY T 381 -16.19 61.80 -9.02
N LYS T 382 -16.04 62.52 -7.90
CA LYS T 382 -15.19 62.01 -6.83
C LYS T 382 -15.96 61.10 -5.88
N ASP T 383 -17.21 61.42 -5.59
CA ASP T 383 -18.10 60.56 -4.85
C ASP T 383 -19.23 60.08 -5.76
N THR T 384 -18.99 60.17 -7.06
CA THR T 384 -20.00 59.89 -8.08
C THR T 384 -19.44 58.87 -9.04
N PRO T 385 -19.99 57.66 -9.08
CA PRO T 385 -19.59 56.70 -10.12
C PRO T 385 -20.12 57.14 -11.48
N PHE T 386 -19.65 56.46 -12.53
CA PHE T 386 -19.98 56.85 -13.89
C PHE T 386 -21.46 56.61 -14.17
N THR T 387 -22.20 57.71 -14.30
CA THR T 387 -23.65 57.65 -14.41
C THR T 387 -24.07 58.26 -15.74
N ILE T 388 -24.84 57.52 -16.51
CA ILE T 388 -25.39 58.00 -17.76
C ILE T 388 -26.79 58.53 -17.51
N PHE T 389 -26.97 59.83 -17.74
CA PHE T 389 -28.26 60.49 -17.55
C PHE T 389 -29.03 60.41 -18.86
N GLU T 390 -29.92 59.43 -18.96
CA GLU T 390 -30.84 59.32 -20.07
C GLU T 390 -32.21 59.83 -19.66
N GLU T 391 -33.20 59.55 -20.51
CA GLU T 391 -34.48 60.25 -20.70
C GLU T 391 -35.16 60.81 -19.46
N GLU T 392 -35.27 60.03 -18.39
CA GLU T 392 -36.01 60.49 -17.22
C GLU T 392 -35.18 61.43 -16.35
N SER T 393 -34.00 60.99 -15.93
CA SER T 393 -33.19 61.79 -15.01
C SER T 393 -32.44 62.92 -15.70
N ALA T 394 -32.47 62.99 -17.04
CA ALA T 394 -31.74 64.04 -17.74
C ALA T 394 -32.56 65.31 -17.89
N ARG T 395 -33.82 65.30 -17.45
CA ARG T 395 -34.72 66.43 -17.66
C ARG T 395 -34.36 67.62 -16.77
N LYS T 396 -33.59 67.38 -15.70
CA LYS T 396 -33.30 68.45 -14.74
C LYS T 396 -32.24 69.40 -15.27
N TYR T 397 -31.52 69.02 -16.32
CA TYR T 397 -30.57 69.90 -16.97
C TYR T 397 -30.98 70.29 -18.39
N LEU T 398 -32.05 69.72 -18.91
CA LEU T 398 -32.40 69.87 -20.31
C LEU T 398 -33.77 70.52 -20.55
N ASP T 399 -34.65 70.56 -19.55
CA ASP T 399 -35.91 71.27 -19.72
C ASP T 399 -35.69 72.78 -19.75
N GLY T 400 -34.92 73.32 -18.81
CA GLY T 400 -34.51 74.70 -18.90
C GLY T 400 -33.17 74.84 -19.58
N PHE T 401 -33.20 75.11 -20.89
CA PHE T 401 -32.00 75.26 -21.69
C PHE T 401 -32.35 76.01 -22.96
N LYS T 402 -31.56 77.01 -23.31
CA LYS T 402 -31.75 77.77 -24.54
C LYS T 402 -30.40 78.22 -25.07
N MET T 403 -30.15 77.96 -26.35
CA MET T 403 -28.90 78.38 -26.99
C MET T 403 -29.05 79.84 -27.38
N ARG T 404 -28.55 80.72 -26.51
CA ARG T 404 -28.66 82.15 -26.73
C ARG T 404 -27.46 82.64 -27.53
N PRO T 405 -27.61 83.67 -28.38
CA PRO T 405 -26.47 84.22 -29.13
C PRO T 405 -25.70 85.28 -28.34
N SER U 6 7.26 52.94 -59.30
CA SER U 6 6.48 51.80 -59.79
C SER U 6 6.15 50.86 -58.64
N GLY U 7 6.45 49.58 -58.82
CA GLY U 7 6.23 48.59 -57.79
C GLY U 7 7.48 48.27 -57.01
N HIS U 8 8.52 49.08 -57.19
CA HIS U 8 9.79 48.88 -56.51
C HIS U 8 9.90 49.68 -55.22
N ASP U 9 8.82 50.31 -54.78
CA ASP U 9 8.82 51.07 -53.54
C ASP U 9 7.52 50.83 -52.78
N GLN U 10 6.97 49.62 -52.89
CA GLN U 10 5.68 49.31 -52.30
C GLN U 10 5.80 48.50 -51.01
N SER U 11 6.93 47.85 -50.78
CA SER U 11 7.15 47.09 -49.55
C SER U 11 8.61 47.15 -49.19
N THR U 12 8.99 46.39 -48.18
CA THR U 12 10.31 46.46 -47.59
C THR U 12 11.28 45.44 -48.15
N ASP U 13 10.79 44.34 -48.71
CA ASP U 13 11.64 43.27 -49.21
C ASP U 13 12.05 43.47 -50.66
N VAL U 14 12.10 44.70 -51.13
CA VAL U 14 12.40 45.03 -52.52
C VAL U 14 13.59 45.97 -52.53
N PHE U 15 14.76 45.47 -52.93
CA PHE U 15 15.87 46.34 -53.26
C PHE U 15 15.57 47.07 -54.56
N SER U 16 16.16 48.26 -54.70
CA SER U 16 16.01 49.05 -55.90
C SER U 16 16.97 48.56 -56.97
N ALA U 17 17.07 49.33 -58.06
CA ALA U 17 18.02 48.99 -59.12
C ALA U 17 19.46 49.30 -58.72
N GLU U 18 19.64 50.08 -57.65
CA GLU U 18 20.96 50.42 -57.15
C GLU U 18 21.19 49.93 -55.72
N GLY U 19 20.32 49.08 -55.19
CA GLY U 19 20.52 48.53 -53.87
C GLY U 19 19.96 49.34 -52.73
N ARG U 20 18.88 50.09 -52.96
CA ARG U 20 18.25 50.89 -51.94
C ARG U 20 16.88 50.32 -51.59
N VAL U 21 16.45 50.60 -50.36
CA VAL U 21 15.12 50.20 -49.88
C VAL U 21 14.37 51.49 -49.61
N PHE U 22 13.32 51.74 -50.39
CA PHE U 22 12.67 53.06 -50.33
C PHE U 22 11.74 53.19 -49.14
N GLN U 23 11.07 52.10 -48.72
CA GLN U 23 10.12 52.21 -47.62
C GLN U 23 10.83 52.48 -46.30
N VAL U 24 12.10 52.10 -46.19
CA VAL U 24 12.94 52.60 -45.10
C VAL U 24 13.25 54.07 -45.29
N GLU U 25 13.63 54.48 -46.50
CA GLU U 25 13.98 55.86 -46.77
C GLU U 25 12.75 56.77 -46.81
N TYR U 26 11.57 56.21 -47.11
CA TYR U 26 10.35 56.99 -46.98
C TYR U 26 9.95 57.15 -45.53
N ALA U 27 10.32 56.20 -44.68
CA ALA U 27 10.07 56.33 -43.25
C ALA U 27 11.01 57.34 -42.62
N GLY U 28 12.18 57.56 -43.23
CA GLY U 28 13.08 58.61 -42.76
C GLY U 28 12.58 60.01 -43.05
N LYS U 29 11.63 60.16 -43.96
CA LYS U 29 11.00 61.44 -44.20
C LYS U 29 9.89 61.73 -43.19
N ALA U 30 9.46 60.73 -42.43
CA ALA U 30 8.50 60.96 -41.35
C ALA U 30 9.17 61.54 -40.12
N VAL U 31 10.47 61.30 -39.95
CA VAL U 31 11.21 61.90 -38.87
C VAL U 31 11.66 63.32 -39.24
N ASP U 32 12.04 63.52 -40.50
CA ASP U 32 12.49 64.83 -40.96
C ASP U 32 11.37 65.85 -41.03
N ASN U 33 10.11 65.41 -41.03
CA ASN U 33 8.98 66.31 -40.96
C ASN U 33 8.37 66.38 -39.56
N SER U 34 9.09 65.92 -38.56
CA SER U 34 8.61 65.91 -37.18
C SER U 34 9.32 66.98 -36.35
N SER U 35 8.86 67.14 -35.11
CA SER U 35 9.34 68.18 -34.20
C SER U 35 10.81 68.01 -33.84
N THR U 36 11.44 69.08 -33.39
CA THR U 36 12.89 69.14 -33.22
C THR U 36 13.31 68.48 -31.92
N ALA U 37 14.33 67.63 -32.01
CA ALA U 37 14.92 66.94 -30.87
C ALA U 37 16.38 67.33 -30.75
N VAL U 38 16.88 67.40 -29.51
CA VAL U 38 18.28 67.68 -29.28
C VAL U 38 18.74 66.90 -28.05
N ALA U 39 20.05 66.69 -27.93
CA ALA U 39 20.63 65.99 -26.81
C ALA U 39 22.07 66.43 -26.62
N ALA U 40 22.65 66.07 -25.48
CA ALA U 40 24.01 66.45 -25.13
C ALA U 40 24.55 65.53 -24.05
N CYS U 41 25.82 65.16 -24.19
CA CYS U 41 26.53 64.36 -23.20
C CYS U 41 27.48 65.27 -22.43
N CYS U 42 27.28 65.35 -21.12
CA CYS U 42 27.90 66.40 -20.31
C CYS U 42 28.86 65.87 -19.25
N LYS U 43 29.64 64.83 -19.57
CA LYS U 43 30.78 64.22 -18.86
C LYS U 43 30.44 63.73 -17.44
N ASP U 44 29.20 63.85 -16.97
CA ASP U 44 28.70 63.15 -15.81
C ASP U 44 27.25 62.73 -16.03
N GLY U 45 26.76 62.90 -17.24
CA GLY U 45 25.38 62.59 -17.55
C GLY U 45 24.99 63.11 -18.92
N VAL U 46 23.73 62.86 -19.27
CA VAL U 46 23.17 63.16 -20.59
C VAL U 46 21.88 63.93 -20.40
N VAL U 47 21.72 65.03 -21.15
CA VAL U 47 20.52 65.85 -21.12
C VAL U 47 19.84 65.76 -22.49
N VAL U 48 18.52 65.56 -22.47
CA VAL U 48 17.72 65.43 -23.69
C VAL U 48 16.53 66.38 -23.62
N ALA U 49 16.33 67.18 -24.67
CA ALA U 49 15.23 68.13 -24.73
C ALA U 49 14.50 68.00 -26.06
N VAL U 50 13.16 68.12 -26.02
CA VAL U 50 12.32 68.08 -27.21
C VAL U 50 11.22 69.13 -27.13
N GLU U 51 10.69 69.47 -28.29
CA GLU U 51 9.66 70.49 -28.42
C GLU U 51 8.33 69.83 -28.73
N LYS U 52 7.35 70.00 -27.83
CA LYS U 52 6.01 69.47 -28.03
C LYS U 52 5.18 70.48 -28.80
N VAL U 53 4.75 70.12 -29.99
CA VAL U 53 3.91 70.97 -30.83
C VAL U 53 2.47 70.66 -30.47
N HIS U 54 1.88 71.48 -29.61
CA HIS U 54 0.47 71.32 -29.29
C HIS U 54 -0.38 71.89 -30.40
N THR U 55 -1.40 71.11 -30.80
CA THR U 55 -2.29 71.51 -31.89
C THR U 55 -3.55 72.18 -31.38
N SER U 56 -3.71 72.31 -30.08
CA SER U 56 -4.88 72.97 -29.51
C SER U 56 -4.48 73.62 -28.19
N ARG U 57 -5.20 74.68 -27.84
CA ARG U 57 -4.97 75.40 -26.60
C ARG U 57 -5.42 74.63 -25.36
N MET U 58 -6.25 73.60 -25.53
CA MET U 58 -6.92 72.96 -24.42
C MET U 58 -6.25 71.66 -23.99
N LEU U 59 -5.07 71.37 -24.53
CA LEU U 59 -4.32 70.20 -24.10
C LEU U 59 -3.74 70.42 -22.70
N GLU U 60 -3.84 69.38 -21.89
CA GLU U 60 -3.31 69.40 -20.54
C GLU U 60 -1.79 69.42 -20.57
N LYS U 61 -1.19 70.14 -19.63
CA LYS U 61 0.26 70.17 -19.50
C LYS U 61 0.76 68.80 -19.04
N GLY U 62 1.59 68.17 -19.86
CA GLY U 62 2.01 66.80 -19.65
C GLY U 62 1.51 65.84 -20.70
N SER U 63 0.58 66.28 -21.55
CA SER U 63 0.12 65.44 -22.65
C SER U 63 1.19 65.33 -23.73
N ASN U 64 1.23 64.17 -24.38
CA ASN U 64 2.09 63.87 -25.54
C ASN U 64 3.57 64.02 -25.19
N ASN U 65 3.94 63.60 -23.99
CA ASN U 65 5.33 63.59 -23.61
C ASN U 65 6.11 62.53 -24.39
N ARG U 66 7.07 63.00 -25.17
CA ARG U 66 7.84 62.13 -26.04
C ARG U 66 9.01 61.48 -25.31
N ILE U 67 9.21 61.82 -24.04
CA ILE U 67 10.28 61.27 -23.21
C ILE U 67 9.67 60.23 -22.28
N HIS U 68 10.17 59.01 -22.35
CA HIS U 68 9.69 57.92 -21.51
C HIS U 68 10.86 57.26 -20.80
N ALA U 69 10.65 56.88 -19.55
CA ALA U 69 11.68 56.17 -18.81
C ALA U 69 11.63 54.69 -19.16
N VAL U 70 12.76 54.16 -19.62
CA VAL U 70 12.88 52.74 -19.92
C VAL U 70 13.34 51.94 -18.72
N ASP U 71 14.45 52.31 -18.09
CA ASP U 71 14.89 51.69 -16.85
C ASP U 71 15.06 52.82 -15.84
N ARG U 72 15.63 52.53 -14.68
CA ARG U 72 15.87 53.58 -13.70
C ARG U 72 16.99 54.50 -14.16
N GLN U 73 17.95 53.96 -14.91
CA GLN U 73 19.12 54.72 -15.34
C GLN U 73 19.05 55.13 -16.80
N ALA U 74 18.10 54.63 -17.55
CA ALA U 74 18.01 54.90 -18.98
C ALA U 74 16.58 55.27 -19.36
N GLY U 75 16.46 55.98 -20.47
CA GLY U 75 15.15 56.37 -20.97
C GLY U 75 15.25 56.77 -22.41
N ILE U 76 14.24 56.42 -23.19
CA ILE U 76 14.22 56.66 -24.63
C ILE U 76 13.27 57.80 -24.93
N CYS U 77 13.79 58.85 -25.55
CA CYS U 77 12.99 59.89 -26.16
C CYS U 77 12.90 59.60 -27.65
N ILE U 78 11.69 59.71 -28.21
CA ILE U 78 11.44 59.37 -29.60
C ILE U 78 11.28 60.65 -30.42
N CYS U 79 11.63 60.56 -31.69
CA CYS U 79 11.50 61.67 -32.63
C CYS U 79 10.95 61.12 -33.94
N GLY U 80 9.74 61.55 -34.29
CA GLY U 80 9.03 60.98 -35.42
C GLY U 80 7.56 60.79 -35.06
N LEU U 81 6.98 59.66 -35.45
CA LEU U 81 5.61 59.36 -35.04
C LEU U 81 5.56 58.91 -33.59
N LEU U 82 4.68 59.56 -32.82
CA LEU U 82 4.48 59.18 -31.42
C LEU U 82 3.93 57.76 -31.22
N PRO U 83 2.88 57.27 -31.91
CA PRO U 83 2.42 55.90 -31.60
C PRO U 83 3.34 54.82 -32.12
N ASP U 84 4.15 55.10 -33.14
CA ASP U 84 5.11 54.09 -33.60
C ASP U 84 6.28 54.00 -32.63
N GLY U 85 6.63 55.10 -31.98
CA GLY U 85 7.75 55.07 -31.05
C GLY U 85 7.39 54.44 -29.72
N ARG U 86 6.10 54.39 -29.40
CA ARG U 86 5.67 53.72 -28.19
C ARG U 86 5.73 52.20 -28.30
N ALA U 87 5.85 51.66 -29.52
CA ALA U 87 6.18 50.26 -29.67
C ALA U 87 7.66 50.01 -29.49
N ILE U 88 8.49 51.03 -29.69
CA ILE U 88 9.92 50.92 -29.44
C ILE U 88 10.20 51.05 -27.95
N VAL U 89 9.49 51.97 -27.28
CA VAL U 89 9.63 52.14 -25.84
C VAL U 89 9.16 50.92 -25.09
N SER U 90 7.99 50.38 -25.46
CA SER U 90 7.46 49.20 -24.79
C SER U 90 8.23 47.92 -25.14
N ARG U 91 9.11 47.96 -26.14
CA ARG U 91 9.99 46.84 -26.42
C ARG U 91 11.30 46.96 -25.66
N ALA U 92 11.85 48.18 -25.58
CA ALA U 92 13.13 48.35 -24.90
C ALA U 92 12.97 48.29 -23.39
N ARG U 93 11.77 48.58 -22.89
CA ARG U 93 11.45 48.27 -21.50
C ARG U 93 11.50 46.76 -21.27
N GLN U 94 10.96 45.98 -22.19
CA GLN U 94 10.99 44.53 -22.11
C GLN U 94 12.41 43.99 -22.23
N GLU U 95 13.27 44.67 -22.99
CA GLU U 95 14.67 44.28 -23.06
C GLU U 95 15.42 44.61 -21.77
N ALA U 96 15.01 45.68 -21.08
CA ALA U 96 15.65 46.07 -19.83
C ALA U 96 15.11 45.30 -18.64
N GLU U 97 13.86 44.82 -18.71
CA GLU U 97 13.31 43.96 -17.67
C GLU U 97 13.93 42.57 -17.72
N ASN U 98 14.38 42.14 -18.90
CA ASN U 98 14.99 40.83 -19.02
C ASN U 98 16.35 40.77 -18.35
N SER U 99 17.14 41.83 -18.47
CA SER U 99 18.47 41.83 -17.85
C SER U 99 18.38 41.95 -16.33
N ARG U 100 17.33 42.58 -15.82
CA ARG U 100 17.16 42.67 -14.37
C ARG U 100 16.65 41.36 -13.79
N ASP U 101 15.82 40.64 -14.54
CA ASP U 101 15.19 39.44 -14.02
C ASP U 101 15.98 38.18 -14.30
N ILE U 102 16.73 38.13 -15.40
CA ILE U 102 17.52 36.95 -15.72
C ILE U 102 18.98 37.11 -15.31
N PHE U 103 19.62 38.22 -15.64
CA PHE U 103 21.05 38.38 -15.43
C PHE U 103 21.41 39.21 -14.20
N ALA U 104 20.41 39.70 -13.45
CA ALA U 104 20.56 40.37 -12.15
C ALA U 104 21.45 41.62 -12.23
N THR U 105 21.42 42.26 -13.39
CA THR U 105 22.29 43.40 -13.63
C THR U 105 21.53 44.46 -14.41
N PRO U 106 21.83 45.74 -14.20
CA PRO U 106 21.25 46.79 -15.05
C PRO U 106 21.78 46.68 -16.46
N ILE U 107 20.93 47.01 -17.44
CA ILE U 107 21.33 46.89 -18.83
C ILE U 107 22.28 48.02 -19.17
N ARG U 108 23.33 47.69 -19.93
CA ARG U 108 24.32 48.68 -20.29
C ARG U 108 23.77 49.59 -21.39
N GLY U 109 24.39 50.75 -21.56
CA GLY U 109 23.88 51.72 -22.51
C GLY U 109 24.07 51.30 -23.95
N SER U 110 25.23 50.73 -24.26
CA SER U 110 25.50 50.24 -25.61
C SER U 110 24.76 48.95 -25.92
N VAL U 111 24.26 48.26 -24.90
CA VAL U 111 23.57 46.99 -25.12
C VAL U 111 22.08 47.22 -25.30
N LEU U 112 21.50 48.18 -24.57
CA LEU U 112 20.11 48.56 -24.77
C LEU U 112 19.87 49.17 -26.15
N ALA U 113 20.82 49.96 -26.64
CA ALA U 113 20.68 50.56 -27.96
C ALA U 113 20.82 49.52 -29.06
N ASN U 114 21.69 48.53 -28.88
CA ASN U 114 21.80 47.46 -29.86
C ASN U 114 20.58 46.54 -29.87
N ARG U 115 19.80 46.51 -28.79
CA ARG U 115 18.54 45.78 -28.82
C ARG U 115 17.42 46.59 -29.46
N VAL U 116 17.51 47.92 -29.42
CA VAL U 116 16.56 48.76 -30.13
C VAL U 116 16.80 48.70 -31.63
N GLY U 117 18.07 48.76 -32.05
CA GLY U 117 18.40 48.73 -33.47
C GLY U 117 18.16 47.40 -34.15
N GLU U 118 17.93 46.34 -33.39
CA GLU U 118 17.60 45.05 -33.98
C GLU U 118 16.09 44.82 -34.01
N PHE U 119 15.34 45.49 -33.13
CA PHE U 119 13.89 45.46 -33.21
C PHE U 119 13.38 46.35 -34.33
N MET U 120 14.06 47.47 -34.58
CA MET U 120 13.66 48.36 -35.65
C MET U 120 14.09 47.84 -37.01
N HIS U 121 15.19 47.09 -37.06
CA HIS U 121 15.65 46.48 -38.30
C HIS U 121 14.83 45.27 -38.71
N ALA U 122 14.29 44.52 -37.74
CA ALA U 122 13.57 43.29 -38.07
C ALA U 122 12.24 43.57 -38.77
N TYR U 123 11.76 44.79 -38.75
CA TYR U 123 10.56 45.18 -39.47
C TYR U 123 10.86 45.87 -40.79
N THR U 124 12.11 45.77 -41.27
CA THR U 124 12.49 46.30 -42.57
C THR U 124 12.93 45.19 -43.52
N THR U 125 12.78 43.93 -43.12
CA THR U 125 13.21 42.79 -43.92
C THR U 125 12.08 41.89 -44.36
N HIS U 126 10.86 42.11 -43.91
CA HIS U 126 9.74 41.21 -44.18
C HIS U 126 8.63 42.00 -44.87
N PHE U 127 7.91 41.32 -45.76
CA PHE U 127 6.95 41.99 -46.63
C PHE U 127 5.70 42.45 -45.88
N ALA U 128 5.32 41.76 -44.81
CA ALA U 128 4.08 42.06 -44.10
C ALA U 128 4.20 43.24 -43.15
N TYR U 129 5.41 43.78 -42.95
CA TYR U 129 5.65 44.80 -41.95
C TYR U 129 6.20 46.05 -42.62
N ARG U 130 5.97 47.19 -41.97
CA ARG U 130 6.49 48.46 -42.45
C ARG U 130 7.45 49.03 -41.41
N PRO U 131 8.46 49.81 -41.83
CA PRO U 131 9.42 50.35 -40.87
C PRO U 131 8.82 51.44 -40.01
N PHE U 132 9.48 51.77 -38.91
CA PHE U 132 8.96 52.77 -38.00
C PHE U 132 9.18 54.17 -38.54
N GLY U 133 8.23 55.06 -38.29
CA GLY U 133 8.42 56.47 -38.57
C GLY U 133 8.94 57.17 -37.33
N CYS U 134 10.13 56.78 -36.89
CA CYS U 134 10.59 57.17 -35.56
C CYS U 134 12.11 57.06 -35.48
N SER U 135 12.73 58.05 -34.84
CA SER U 135 14.12 57.97 -34.43
C SER U 135 14.18 58.00 -32.91
N ALA U 136 14.70 56.92 -32.32
CA ALA U 136 14.75 56.76 -30.88
C ALA U 136 16.09 57.22 -30.36
N ILE U 137 16.07 58.04 -29.32
CA ILE U 137 17.29 58.56 -28.70
C ILE U 137 17.42 57.90 -27.33
N ILE U 138 18.38 56.99 -27.19
CA ILE U 138 18.62 56.29 -25.95
C ILE U 138 19.59 57.11 -25.11
N ALA U 139 19.13 57.60 -23.98
CA ALA U 139 19.98 58.32 -23.03
C ALA U 139 20.12 57.47 -21.78
N SER U 140 21.34 57.01 -21.51
CA SER U 140 21.59 56.03 -20.46
C SER U 140 22.72 56.49 -19.56
N TYR U 141 22.74 55.98 -18.33
CA TYR U 141 23.91 56.13 -17.48
C TYR U 141 24.09 54.81 -16.72
N ALA U 142 24.83 53.89 -17.34
CA ALA U 142 25.03 52.55 -16.80
C ALA U 142 26.46 52.47 -16.24
N ASP U 143 27.00 51.30 -15.91
CA ASP U 143 28.35 51.16 -15.42
C ASP U 143 29.43 51.34 -16.49
N ASP U 144 29.05 51.72 -17.72
CA ASP U 144 29.98 52.12 -18.76
C ASP U 144 29.97 53.62 -19.01
N GLY U 145 29.44 54.40 -18.06
CA GLY U 145 29.45 55.84 -18.16
C GLY U 145 28.22 56.39 -18.85
N PRO U 146 28.19 57.71 -19.08
CA PRO U 146 27.04 58.31 -19.76
C PRO U 146 27.06 58.03 -21.25
N GLN U 147 25.93 57.55 -21.76
CA GLN U 147 25.83 57.12 -23.14
C GLN U 147 24.70 57.87 -23.82
N LEU U 148 24.88 58.13 -25.12
CA LEU U 148 23.88 58.82 -25.92
C LEU U 148 23.88 58.17 -27.29
N PHE U 149 22.79 57.48 -27.62
CA PHE U 149 22.66 56.74 -28.86
C PHE U 149 21.44 57.22 -29.62
N VAL U 150 21.45 57.03 -30.94
CA VAL U 150 20.34 57.37 -31.82
C VAL U 150 20.13 56.20 -32.76
N SER U 151 18.92 55.64 -32.76
CA SER U 151 18.53 54.58 -33.68
C SER U 151 17.59 55.16 -34.73
N ASP U 152 18.00 55.08 -35.99
CA ASP U 152 17.23 55.60 -37.12
C ASP U 152 16.24 54.52 -37.55
N PRO U 153 15.26 54.81 -38.43
CA PRO U 153 14.35 53.75 -38.89
C PRO U 153 14.99 52.60 -39.65
N SER U 154 16.21 52.75 -40.16
CA SER U 154 16.87 51.64 -40.82
C SER U 154 17.39 50.59 -39.84
N GLY U 155 17.45 50.92 -38.56
CA GLY U 155 18.05 50.05 -37.58
C GLY U 155 19.51 50.33 -37.30
N THR U 156 20.00 51.51 -37.67
CA THR U 156 21.40 51.86 -37.48
C THR U 156 21.55 52.63 -36.18
N VAL U 157 22.38 52.12 -35.28
CA VAL U 157 22.66 52.77 -34.01
C VAL U 157 24.06 53.36 -34.06
N ALA U 158 24.27 54.44 -33.33
CA ALA U 158 25.53 55.14 -33.30
C ALA U 158 25.62 55.95 -32.02
N GLY U 159 26.78 55.90 -31.36
CA GLY U 159 27.03 56.74 -30.21
C GLY U 159 27.40 58.13 -30.66
N TYR U 160 26.79 59.12 -30.02
CA TYR U 160 26.98 60.52 -30.34
C TYR U 160 27.46 61.27 -29.09
N TYR U 161 28.01 62.46 -29.31
CA TYR U 161 28.19 63.44 -28.25
C TYR U 161 27.02 64.42 -28.20
N GLY U 162 26.53 64.82 -29.35
CA GLY U 162 25.31 65.60 -29.44
C GLY U 162 24.60 65.26 -30.75
N VAL U 163 23.30 65.51 -30.77
CA VAL U 163 22.49 65.15 -31.91
C VAL U 163 21.35 66.16 -32.05
N ALA U 164 21.02 66.51 -33.30
CA ALA U 164 19.83 67.25 -33.62
C ALA U 164 18.98 66.42 -34.58
N LEU U 165 17.70 66.28 -34.25
CA LEU U 165 16.77 65.50 -35.07
C LEU U 165 15.46 66.25 -35.17
N GLY U 166 14.82 66.16 -36.32
CA GLY U 166 13.55 66.82 -36.54
C GLY U 166 13.57 67.58 -37.86
N LYS U 167 12.77 68.65 -37.92
CA LYS U 167 12.76 69.48 -39.11
C LYS U 167 14.04 70.31 -39.20
N ALA U 168 14.29 71.15 -38.22
CA ALA U 168 15.46 72.03 -38.24
C ALA U 168 16.64 71.38 -37.51
N LYS U 169 16.99 70.19 -37.98
CA LYS U 169 18.12 69.46 -37.43
C LYS U 169 19.45 69.92 -38.01
N THR U 170 19.40 70.72 -39.07
CA THR U 170 20.64 71.24 -39.67
C THR U 170 21.06 72.54 -39.02
N VAL U 171 20.10 73.38 -38.63
CA VAL U 171 20.43 74.63 -37.96
C VAL U 171 20.80 74.37 -36.51
N ALA U 172 20.11 73.42 -35.86
CA ALA U 172 20.40 73.08 -34.48
C ALA U 172 21.68 72.27 -34.32
N LYS U 173 22.16 71.63 -35.37
CA LYS U 173 23.45 70.95 -35.32
C LYS U 173 24.61 71.93 -35.24
N SER U 174 24.56 73.04 -35.96
CA SER U 174 25.57 74.08 -35.86
C SER U 174 25.53 74.80 -34.52
N GLU U 175 24.37 74.83 -33.85
CA GLU U 175 24.28 75.40 -32.53
C GLU U 175 24.85 74.48 -31.45
N LEU U 176 24.97 73.19 -31.74
CA LEU U 176 25.63 72.25 -30.84
C LEU U 176 27.14 72.24 -30.99
N GLU U 177 27.66 72.69 -32.13
CA GLU U 177 29.10 72.73 -32.35
C GLU U 177 29.79 73.83 -31.55
N LYS U 178 29.04 74.79 -31.00
CA LYS U 178 29.59 75.84 -30.17
C LYS U 178 29.69 75.44 -28.70
N LEU U 179 29.04 74.35 -28.30
CA LEU U 179 29.20 73.84 -26.95
C LEU U 179 30.50 73.05 -26.83
N ASP U 180 30.78 72.57 -25.62
CA ASP U 180 32.09 71.99 -25.34
C ASP U 180 32.08 70.48 -25.25
N PHE U 181 31.16 69.91 -24.44
CA PHE U 181 30.92 68.48 -24.18
C PHE U 181 32.03 67.83 -23.35
N SER U 182 33.09 68.56 -23.04
CA SER U 182 34.16 68.07 -22.18
C SER U 182 34.19 68.81 -20.85
N SER U 183 34.06 70.14 -20.88
CA SER U 183 33.83 70.93 -19.67
C SER U 183 32.35 71.17 -19.41
N LEU U 184 31.49 70.74 -20.33
CA LEU U 184 30.06 70.98 -20.21
C LEU U 184 29.47 70.13 -19.10
N THR U 185 28.67 70.76 -18.24
CA THR U 185 28.01 70.08 -17.13
C THR U 185 26.52 70.00 -17.38
N CYS U 186 25.84 69.21 -16.54
CA CYS U 186 24.39 69.09 -16.66
C CYS U 186 23.68 70.27 -16.03
N ASP U 187 24.40 71.09 -15.27
CA ASP U 187 23.78 72.25 -14.61
C ASP U 187 23.48 73.35 -15.61
N GLU U 188 24.43 73.62 -16.51
CA GLU U 188 24.29 74.69 -17.49
C GLU U 188 23.58 74.25 -18.76
N ALA U 189 23.62 72.96 -19.10
CA ALA U 189 23.16 72.51 -20.42
C ALA U 189 21.65 72.47 -20.55
N VAL U 190 20.91 72.43 -19.44
CA VAL U 190 19.46 72.52 -19.54
C VAL U 190 19.05 73.92 -20.01
N GLY U 191 19.77 74.95 -19.57
CA GLY U 191 19.53 76.29 -20.04
C GLY U 191 20.03 76.52 -21.44
N LYS U 192 21.09 75.81 -21.83
CA LYS U 192 21.64 75.95 -23.17
C LYS U 192 20.78 75.24 -24.21
N LEU U 193 20.46 73.96 -23.98
CA LEU U 193 19.74 73.16 -24.96
C LEU U 193 18.31 73.63 -25.16
N ALA U 194 17.65 74.09 -24.09
CA ALA U 194 16.35 74.70 -24.25
C ALA U 194 16.42 76.01 -25.02
N SER U 195 17.52 76.76 -24.88
CA SER U 195 17.71 77.97 -25.67
C SER U 195 18.06 77.69 -27.12
N ILE U 196 18.47 76.47 -27.44
CA ILE U 196 18.63 76.10 -28.85
C ILE U 196 17.25 76.01 -29.49
N LEU U 197 16.30 75.36 -28.82
CA LEU U 197 14.97 75.12 -29.37
C LEU U 197 14.16 76.40 -29.53
N HIS U 198 14.34 77.39 -28.66
CA HIS U 198 13.59 78.62 -28.82
C HIS U 198 14.19 79.53 -29.88
N GLU U 199 15.40 79.21 -30.36
CA GLU U 199 16.00 79.99 -31.42
C GLU U 199 15.95 79.27 -32.76
N VAL U 200 15.92 77.94 -32.74
CA VAL U 200 15.92 77.18 -33.99
C VAL U 200 14.50 77.04 -34.54
N HIS U 201 13.49 77.30 -33.72
CA HIS U 201 12.12 77.04 -34.11
C HIS U 201 11.33 78.34 -34.23
N ASP U 202 10.46 78.39 -35.23
CA ASP U 202 9.73 79.60 -35.57
C ASP U 202 8.28 79.52 -35.08
N LYS U 203 7.73 80.66 -34.67
CA LYS U 203 6.35 80.75 -34.20
C LYS U 203 5.40 81.18 -35.30
N GLN U 204 5.86 81.27 -36.54
CA GLN U 204 5.03 81.72 -37.67
C GLN U 204 4.32 80.55 -38.34
N LYS U 205 4.47 79.35 -37.79
CA LYS U 205 3.74 78.19 -38.28
C LYS U 205 2.78 77.67 -37.23
N ASP U 206 3.29 77.51 -36.00
CA ASP U 206 2.48 77.05 -34.87
C ASP U 206 2.45 78.14 -33.81
N LYS U 207 1.36 78.19 -33.06
CA LYS U 207 1.28 79.15 -31.95
C LYS U 207 1.63 78.50 -30.63
N LEU U 208 1.26 77.23 -30.46
CA LEU U 208 1.48 76.49 -29.22
C LEU U 208 2.72 75.60 -29.40
N TYR U 209 3.81 75.97 -28.74
CA TYR U 209 4.98 75.12 -28.65
C TYR U 209 5.63 75.32 -27.28
N GLU U 210 5.93 74.20 -26.62
CA GLU U 210 6.67 74.21 -25.37
C GLU U 210 7.75 73.16 -25.44
N VAL U 211 8.65 73.18 -24.47
CA VAL U 211 9.80 72.29 -24.46
C VAL U 211 9.67 71.31 -23.30
N GLU U 212 10.25 70.13 -23.48
CA GLU U 212 10.27 69.09 -22.46
C GLU U 212 11.69 68.56 -22.34
N VAL U 213 12.30 68.76 -21.17
CA VAL U 213 13.69 68.42 -20.95
C VAL U 213 13.73 67.29 -19.92
N ALA U 214 14.71 66.39 -20.06
CA ALA U 214 14.93 65.32 -19.11
C ALA U 214 16.40 64.94 -19.12
N TRP U 215 16.91 64.54 -17.95
CA TRP U 215 18.31 64.16 -17.85
C TRP U 215 18.44 62.86 -17.06
N VAL U 216 19.68 62.37 -17.02
CA VAL U 216 20.14 61.41 -16.04
C VAL U 216 21.60 61.72 -15.74
N CYS U 217 21.91 61.97 -14.47
CA CYS U 217 23.25 62.40 -14.09
C CYS U 217 23.48 62.05 -12.62
N ASP U 218 24.67 62.41 -12.12
CA ASP U 218 25.03 62.08 -10.75
C ASP U 218 24.26 62.91 -9.73
N LYS U 219 23.80 64.10 -10.12
CA LYS U 219 23.05 64.94 -9.19
C LYS U 219 21.67 64.38 -8.91
N SER U 220 21.07 63.68 -9.88
CA SER U 220 19.78 63.03 -9.69
C SER U 220 19.91 61.59 -9.20
N ASP U 221 21.06 61.24 -8.61
CA ASP U 221 21.39 59.90 -8.10
C ASP U 221 21.29 58.83 -9.20
N ARG U 222 21.83 59.16 -10.38
CA ARG U 222 21.93 58.26 -11.54
C ARG U 222 20.56 57.78 -12.03
N LYS U 223 19.52 58.57 -11.77
CA LYS U 223 18.15 58.23 -12.09
C LYS U 223 17.70 59.08 -13.28
N PHE U 224 17.03 58.45 -14.24
CA PHE U 224 16.45 59.18 -15.36
C PHE U 224 15.18 59.87 -14.91
N VAL U 225 15.21 61.20 -14.79
CA VAL U 225 14.08 61.98 -14.34
C VAL U 225 13.77 63.07 -15.34
N HIS U 226 12.55 63.59 -15.28
CA HIS U 226 12.18 64.83 -15.95
C HIS U 226 12.62 66.02 -15.10
N VAL U 227 12.38 67.22 -15.60
CA VAL U 227 12.87 68.40 -14.89
C VAL U 227 11.92 68.75 -13.75
N PRO U 228 12.38 69.41 -12.69
CA PRO U 228 11.48 70.30 -11.95
C PRO U 228 11.13 71.44 -12.89
N ALA U 229 9.87 71.90 -12.85
CA ALA U 229 9.37 72.84 -13.87
C ALA U 229 10.07 74.19 -13.86
N ASP U 230 10.62 74.59 -12.72
CA ASP U 230 11.37 75.83 -12.62
C ASP U 230 12.87 75.51 -12.68
N MET U 231 13.33 75.05 -13.83
CA MET U 231 14.76 75.07 -14.15
C MET U 231 14.90 75.44 -15.62
N VAL U 232 13.81 75.31 -16.36
CA VAL U 232 13.81 75.59 -17.79
C VAL U 232 13.73 77.10 -18.00
N PRO U 233 14.47 77.66 -18.96
CA PRO U 233 14.29 79.08 -19.30
C PRO U 233 12.89 79.36 -19.83
N ALA U 234 12.45 80.61 -19.69
CA ALA U 234 11.06 80.95 -19.94
C ALA U 234 10.77 81.01 -21.44
N GLU U 235 11.66 81.61 -22.22
CA GLU U 235 11.42 81.79 -23.64
C GLU U 235 12.72 81.76 -24.44
N THR V 1 30.59 13.91 -0.68
CA THR V 1 31.01 15.19 -1.22
C THR V 1 31.09 16.27 -0.16
N THR V 2 32.26 16.89 -0.03
CA THR V 2 32.43 18.06 0.83
C THR V 2 33.02 19.22 0.02
N ILE V 3 32.20 20.23 -0.17
CA ILE V 3 32.58 21.41 -0.93
C ILE V 3 32.46 22.64 -0.05
N LEU V 4 33.33 23.61 -0.30
CA LEU V 4 33.32 24.87 0.45
C LEU V 4 34.03 25.94 -0.36
N ALA V 5 33.69 27.20 -0.06
CA ALA V 5 34.32 28.35 -0.70
C ALA V 5 34.45 29.46 0.32
N VAL V 6 35.65 30.02 0.47
CA VAL V 6 35.96 30.99 1.51
C VAL V 6 36.55 32.24 0.85
N SER V 7 36.08 33.41 1.28
CA SER V 7 36.53 34.68 0.76
C SER V 7 37.67 35.26 1.59
N TYR V 8 38.67 35.82 0.92
CA TYR V 8 39.70 36.65 1.49
C TYR V 8 39.63 38.03 0.83
N ASN V 9 40.64 38.86 1.05
CA ASN V 9 40.60 40.24 0.59
C ASN V 9 40.63 40.32 -0.94
N GLY V 10 41.53 39.60 -1.58
CA GLY V 10 41.63 39.61 -3.02
C GLY V 10 40.48 38.94 -3.74
N GLY V 11 40.32 37.64 -3.51
CA GLY V 11 39.28 36.88 -4.16
C GLY V 11 38.71 35.77 -3.30
N VAL V 12 38.52 34.58 -3.89
CA VAL V 12 37.90 33.45 -3.20
C VAL V 12 38.78 32.22 -3.35
N VAL V 13 38.57 31.26 -2.45
CA VAL V 13 39.24 29.98 -2.46
C VAL V 13 38.19 28.87 -2.51
N LEU V 14 38.14 28.16 -3.61
CA LEU V 14 37.23 27.03 -3.78
C LEU V 14 37.94 25.77 -3.30
N ALA V 15 37.20 24.87 -2.65
CA ALA V 15 37.79 23.65 -2.13
C ALA V 15 36.78 22.51 -2.19
N ALA V 16 37.26 21.33 -2.57
CA ALA V 16 36.40 20.18 -2.78
C ALA V 16 37.21 18.90 -2.68
N ASP V 17 36.51 17.80 -2.41
CA ASP V 17 37.12 16.48 -2.47
C ASP V 17 37.05 15.94 -3.89
N SER V 18 37.40 14.66 -4.04
CA SER V 18 37.31 13.99 -5.33
C SER V 18 36.80 12.57 -5.13
N ARG V 19 35.48 12.39 -5.10
CA ARG V 19 34.90 11.05 -5.03
C ARG V 19 33.43 11.09 -5.41
N THR V 20 33.07 10.39 -6.49
CA THR V 20 31.69 10.06 -6.77
C THR V 20 31.46 8.61 -6.39
N SER V 21 30.45 8.36 -5.57
CA SER V 21 30.24 7.03 -5.00
C SER V 21 28.79 6.62 -5.16
N SER V 22 28.55 5.50 -5.85
CA SER V 22 27.21 4.98 -6.04
C SER V 22 26.78 4.25 -4.77
N GLY V 23 26.32 5.04 -3.81
CA GLY V 23 25.82 4.49 -2.56
C GLY V 23 26.90 4.05 -1.60
N THR V 24 27.61 2.99 -1.96
CA THR V 24 28.63 2.40 -1.09
C THR V 24 29.90 2.01 -1.81
N TYR V 25 29.96 2.16 -3.13
CA TYR V 25 31.12 1.78 -3.92
C TYR V 25 31.68 3.02 -4.63
N VAL V 26 33.00 3.15 -4.58
CA VAL V 26 33.68 4.30 -5.15
C VAL V 26 33.78 4.08 -6.66
N VAL V 27 32.88 4.73 -7.41
CA VAL V 27 32.92 4.65 -8.86
C VAL V 27 34.12 5.42 -9.40
N ASN V 28 34.37 6.60 -8.84
CA ASN V 28 35.49 7.44 -9.22
C ASN V 28 36.12 7.98 -7.95
N ARG V 29 37.45 7.88 -7.86
CA ARG V 29 38.17 8.46 -6.74
C ARG V 29 39.01 9.67 -7.14
N ALA V 30 38.80 10.20 -8.33
CA ALA V 30 39.50 11.38 -8.82
C ALA V 30 38.54 12.29 -9.57
N SER V 31 37.38 12.52 -9.00
CA SER V 31 36.38 13.42 -9.55
C SER V 31 36.87 14.86 -9.53
N ASN V 32 36.21 15.72 -10.28
CA ASN V 32 36.53 17.14 -10.27
C ASN V 32 35.23 17.91 -10.10
N LYS V 33 34.96 18.34 -8.86
CA LYS V 33 33.74 19.02 -8.50
C LYS V 33 33.86 20.53 -8.61
N LEU V 34 34.95 21.03 -9.17
CA LEU V 34 35.18 22.46 -9.36
C LEU V 34 35.01 22.75 -10.85
N THR V 35 33.86 23.28 -11.22
CA THR V 35 33.45 23.40 -12.61
C THR V 35 33.67 24.82 -13.11
N LYS V 36 34.34 24.95 -14.25
CA LYS V 36 34.62 26.26 -14.82
C LYS V 36 33.40 26.80 -15.56
N LEU V 37 32.94 27.98 -15.15
CA LEU V 37 31.87 28.66 -15.88
C LEU V 37 32.47 29.67 -16.86
N THR V 38 33.17 30.66 -16.33
CA THR V 38 34.03 31.57 -17.08
C THR V 38 35.43 31.49 -16.49
N LYS V 39 36.33 32.39 -16.91
CA LYS V 39 37.72 32.31 -16.49
C LYS V 39 37.90 32.58 -15.00
N LYS V 40 37.07 33.44 -14.43
CA LYS V 40 37.23 33.84 -13.03
C LYS V 40 36.05 33.43 -12.15
N ILE V 41 35.05 32.74 -12.69
CA ILE V 41 33.89 32.32 -11.93
C ILE V 41 33.76 30.81 -12.03
N TYR V 42 33.91 30.11 -10.92
CA TYR V 42 33.67 28.67 -10.89
C TYR V 42 32.46 28.36 -10.03
N CYS V 43 32.12 27.08 -9.97
CA CYS V 43 31.09 26.61 -9.05
C CYS V 43 31.51 25.25 -8.48
N CYS V 44 31.27 25.09 -7.19
CA CYS V 44 31.35 23.78 -6.53
C CYS V 44 30.08 23.03 -6.87
N ARG V 45 30.10 21.72 -6.69
CA ARG V 45 29.12 20.84 -7.32
C ARG V 45 28.87 19.61 -6.46
N SER V 46 27.71 19.55 -5.82
CA SER V 46 27.33 18.45 -4.96
C SER V 46 25.99 17.87 -5.36
N GLY V 47 25.72 16.66 -4.89
CA GLY V 47 24.45 16.03 -5.15
C GLY V 47 24.51 15.02 -6.27
N SER V 48 23.56 15.10 -7.19
CA SER V 48 23.52 14.18 -8.31
C SER V 48 24.60 14.53 -9.32
N ALA V 49 25.36 13.53 -9.75
CA ALA V 49 26.49 13.79 -10.64
C ALA V 49 26.03 14.13 -12.05
N ALA V 50 24.83 13.70 -12.44
CA ALA V 50 24.32 14.01 -13.77
C ALA V 50 23.47 15.27 -13.78
N ASP V 51 22.67 15.48 -12.73
CA ASP V 51 21.75 16.61 -12.69
C ASP V 51 22.49 17.93 -12.49
N THR V 52 23.64 17.89 -11.82
CA THR V 52 24.42 19.11 -11.62
C THR V 52 25.42 19.34 -12.74
N GLN V 53 25.82 18.30 -13.45
CA GLN V 53 26.66 18.47 -14.63
C GLN V 53 25.89 19.09 -15.79
N ALA V 54 24.61 18.72 -15.96
CA ALA V 54 23.80 19.31 -17.01
C ALA V 54 23.45 20.75 -16.72
N LEU V 55 23.31 21.14 -15.46
CA LEU V 55 23.08 22.54 -15.13
C LEU V 55 24.34 23.37 -15.33
N ALA V 56 25.50 22.81 -15.00
CA ALA V 56 26.73 23.58 -15.00
C ALA V 56 27.20 23.92 -16.41
N GLU V 57 26.90 23.05 -17.37
CA GLU V 57 27.27 23.34 -18.76
C GLU V 57 26.12 23.97 -19.55
N ARG V 58 24.94 24.10 -18.94
CA ARG V 58 23.89 24.92 -19.55
C ARG V 58 24.02 26.37 -19.11
N VAL V 59 24.40 26.60 -17.85
CA VAL V 59 24.69 27.95 -17.39
C VAL V 59 25.92 28.50 -18.09
N SER V 60 26.95 27.66 -18.27
CA SER V 60 28.21 28.12 -18.84
C SER V 60 28.10 28.44 -20.33
N ASN V 61 27.00 28.03 -20.98
CA ASN V 61 26.83 28.41 -22.37
C ASN V 61 25.97 29.66 -22.49
N TYR V 62 25.01 29.85 -21.58
CA TYR V 62 24.34 31.14 -21.47
C TYR V 62 25.31 32.23 -21.06
N LEU V 63 26.30 31.88 -20.26
CA LEU V 63 27.17 32.87 -19.64
C LEU V 63 28.29 33.29 -20.58
N GLY V 64 28.68 32.41 -21.50
CA GLY V 64 29.65 32.79 -22.50
C GLY V 64 29.02 33.46 -23.71
N SER V 65 27.75 33.14 -23.97
CA SER V 65 27.02 33.86 -25.01
C SER V 65 26.67 35.26 -24.55
N TYR V 66 26.52 35.45 -23.24
CA TYR V 66 26.30 36.77 -22.68
C TYR V 66 27.55 37.63 -22.76
N GLN V 67 28.71 37.05 -22.43
CA GLN V 67 29.99 37.76 -22.42
C GLN V 67 30.41 38.25 -23.80
N THR V 68 30.07 37.51 -24.85
CA THR V 68 30.37 37.97 -26.21
C THR V 68 29.48 39.13 -26.63
N ASP V 69 28.20 39.07 -26.30
CA ASP V 69 27.27 40.13 -26.70
C ASP V 69 27.52 41.41 -25.91
N ILE V 70 27.87 41.28 -24.63
CA ILE V 70 28.21 42.44 -23.81
C ILE V 70 29.52 43.07 -24.26
N GLY V 71 30.58 42.27 -24.38
CA GLY V 71 31.88 42.83 -24.68
C GLY V 71 32.64 43.26 -23.45
N ALA V 72 32.27 42.75 -22.29
CA ALA V 72 32.94 43.07 -21.03
C ALA V 72 32.98 41.81 -20.18
N GLY V 73 33.29 41.97 -18.90
CA GLY V 73 33.39 40.85 -17.99
C GLY V 73 32.06 40.53 -17.33
N VAL V 74 31.91 39.28 -16.94
CA VAL V 74 30.69 38.79 -16.32
C VAL V 74 30.81 38.95 -14.82
N ASN V 75 29.78 39.52 -14.20
CA ASN V 75 29.73 39.60 -12.75
C ASN V 75 29.36 38.24 -12.15
N VAL V 76 29.77 38.04 -10.91
CA VAL V 76 29.45 36.79 -10.22
C VAL V 76 27.97 36.72 -9.87
N ALA V 77 27.35 37.85 -9.54
CA ALA V 77 25.91 37.91 -9.28
C ALA V 77 25.08 37.57 -10.52
N THR V 78 25.63 37.78 -11.72
CA THR V 78 24.97 37.33 -12.94
C THR V 78 24.95 35.81 -13.05
N ALA V 79 26.07 35.16 -12.74
CA ALA V 79 26.15 33.71 -12.84
C ALA V 79 25.38 33.00 -11.74
N ALA V 80 25.18 33.65 -10.60
CA ALA V 80 24.44 33.06 -9.50
C ALA V 80 22.94 33.21 -9.64
N ASN V 81 22.47 34.01 -10.61
CA ASN V 81 21.04 34.10 -10.85
C ASN V 81 20.63 33.20 -12.01
N LEU V 82 21.60 32.54 -12.64
CA LEU V 82 21.27 31.56 -13.67
C LEU V 82 21.18 30.17 -13.08
N PHE V 83 21.88 29.93 -11.96
CA PHE V 83 21.68 28.69 -11.23
C PHE V 83 20.41 28.73 -10.40
N GLN V 84 20.12 29.87 -9.79
CA GLN V 84 18.90 30.01 -8.98
C GLN V 84 17.65 29.87 -9.83
N LYS V 85 17.68 30.40 -11.06
CA LYS V 85 16.56 30.24 -11.97
C LYS V 85 16.36 28.79 -12.38
N MET V 86 17.43 28.03 -12.57
CA MET V 86 17.31 26.66 -13.02
C MET V 86 17.12 25.67 -11.87
N CYS V 87 17.72 25.93 -10.71
CA CYS V 87 17.54 25.04 -9.57
C CYS V 87 16.20 25.24 -8.88
N TYR V 88 15.45 26.27 -9.23
CA TYR V 88 14.12 26.49 -8.67
C TYR V 88 13.01 25.93 -9.54
N MET V 89 13.13 26.04 -10.86
CA MET V 89 12.12 25.50 -11.76
C MET V 89 12.35 24.04 -12.10
N ASN V 90 13.33 23.39 -11.44
CA ASN V 90 13.56 21.96 -11.58
C ASN V 90 13.72 21.31 -10.21
N ARG V 91 13.25 21.96 -9.15
CA ARG V 91 13.64 21.58 -7.79
C ARG V 91 13.01 20.28 -7.35
N TRP V 92 11.97 19.82 -8.05
CA TRP V 92 11.35 18.55 -7.69
C TRP V 92 11.93 17.40 -8.49
N ASN V 93 12.76 17.69 -9.49
CA ASN V 93 13.26 16.67 -10.40
C ASN V 93 14.76 16.45 -10.30
N ILE V 94 15.51 17.38 -9.72
CA ILE V 94 16.96 17.28 -9.63
C ILE V 94 17.35 17.22 -8.16
N SER V 95 18.63 16.90 -7.93
CA SER V 95 19.23 16.96 -6.60
C SER V 95 20.53 17.75 -6.76
N ALA V 96 20.50 19.02 -6.36
CA ALA V 96 21.56 19.94 -6.73
C ALA V 96 21.86 20.92 -5.60
N GLY V 97 23.02 20.75 -4.98
CA GLY V 97 23.57 21.78 -4.11
C GLY V 97 24.79 22.39 -4.77
N ILE V 98 24.70 23.68 -5.04
CA ILE V 98 25.72 24.40 -5.80
C ILE V 98 26.24 25.55 -4.96
N ILE V 99 27.56 25.70 -4.94
CA ILE V 99 28.22 26.86 -4.34
C ILE V 99 28.92 27.61 -5.44
N VAL V 100 28.45 28.81 -5.76
CA VAL V 100 29.02 29.63 -6.81
C VAL V 100 29.92 30.67 -6.16
N ALA V 101 31.20 30.67 -6.54
CA ALA V 101 32.15 31.64 -6.04
C ALA V 101 33.04 32.09 -7.18
N GLY V 102 33.41 33.36 -7.19
CA GLY V 102 34.23 33.86 -8.27
C GLY V 102 34.83 35.20 -7.95
N TYR V 103 35.25 35.90 -9.00
CA TYR V 103 35.85 37.21 -8.90
C TYR V 103 35.39 38.09 -10.06
N ASP V 104 35.04 39.33 -9.75
CA ASP V 104 34.73 40.34 -10.73
C ASP V 104 35.38 41.65 -10.28
N PRO V 105 35.76 42.53 -11.21
CA PRO V 105 36.42 43.78 -10.80
C PRO V 105 35.52 44.76 -10.06
N ILE V 106 34.19 44.62 -10.19
CA ILE V 106 33.30 45.56 -9.51
C ILE V 106 33.17 45.22 -8.04
N ASN V 107 32.84 43.98 -7.71
CA ASN V 107 32.53 43.59 -6.33
C ASN V 107 33.63 42.78 -5.68
N GLY V 108 34.72 42.49 -6.39
CA GLY V 108 35.80 41.74 -5.77
C GLY V 108 35.48 40.25 -5.72
N GLY V 109 35.62 39.66 -4.54
CA GLY V 109 35.35 38.25 -4.35
C GLY V 109 33.95 38.04 -3.80
N SER V 110 33.19 37.18 -4.46
CA SER V 110 31.81 36.90 -4.11
C SER V 110 31.61 35.41 -3.90
N VAL V 111 30.77 35.07 -2.93
CA VAL V 111 30.41 33.67 -2.65
C VAL V 111 28.90 33.57 -2.54
N TYR V 112 28.31 32.70 -3.36
CA TYR V 112 26.88 32.45 -3.35
C TYR V 112 26.65 30.97 -3.09
N SER V 113 25.82 30.67 -2.10
CA SER V 113 25.47 29.30 -1.77
C SER V 113 24.04 29.04 -2.22
N ILE V 114 23.88 28.08 -3.13
CA ILE V 114 22.56 27.76 -3.65
C ILE V 114 22.21 26.34 -3.22
N PRO V 115 21.37 26.18 -2.20
CA PRO V 115 21.07 24.82 -1.69
C PRO V 115 20.15 24.03 -2.60
N SER V 116 19.71 22.87 -2.09
CA SER V 116 18.81 22.01 -2.86
C SER V 116 17.42 22.62 -3.00
N GLY V 117 17.05 23.52 -2.10
CA GLY V 117 15.73 24.15 -2.19
C GLY V 117 15.62 25.16 -3.30
N GLY V 118 16.74 25.69 -3.76
CA GLY V 118 16.76 26.66 -4.83
C GLY V 118 16.92 28.11 -4.42
N SER V 119 17.23 28.39 -3.16
CA SER V 119 17.43 29.76 -2.71
C SER V 119 18.83 30.23 -3.05
N CYS V 120 19.07 31.52 -2.90
CA CYS V 120 20.37 32.12 -3.16
C CYS V 120 20.74 33.00 -1.98
N VAL V 121 21.89 32.73 -1.37
CA VAL V 121 22.38 33.52 -0.27
C VAL V 121 23.84 33.88 -0.50
N LYS V 122 24.14 35.17 -0.43
CA LYS V 122 25.49 35.69 -0.59
C LYS V 122 26.18 35.68 0.76
N LEU V 123 27.39 35.13 0.80
CA LEU V 123 28.03 34.81 2.07
C LEU V 123 29.47 35.32 2.10
N ASP V 124 30.11 35.11 3.24
CA ASP V 124 31.55 35.21 3.37
C ASP V 124 32.23 33.87 3.15
N TYR V 125 31.70 32.80 3.73
CA TYR V 125 32.11 31.45 3.44
C TYR V 125 30.87 30.60 3.28
N ALA V 126 30.97 29.55 2.46
CA ALA V 126 29.85 28.66 2.24
C ALA V 126 30.30 27.22 2.46
N LEU V 127 29.35 26.38 2.83
CA LEU V 127 29.56 24.94 2.99
C LEU V 127 28.49 24.18 2.23
N GLY V 128 28.84 22.98 1.77
CA GLY V 128 27.90 22.19 1.01
C GLY V 128 28.29 20.73 0.97
N GLY V 129 27.33 19.90 0.62
CA GLY V 129 27.52 18.47 0.51
C GLY V 129 27.12 17.75 1.79
N SER V 130 27.21 16.43 1.74
CA SER V 130 26.87 15.60 2.88
C SER V 130 27.92 15.67 3.98
N GLY V 131 29.15 16.02 3.65
CA GLY V 131 30.20 16.16 4.62
C GLY V 131 30.32 17.53 5.22
N SER V 132 29.43 18.46 4.88
CA SER V 132 29.49 19.83 5.38
C SER V 132 29.01 19.95 6.81
N ILE V 133 28.20 19.01 7.30
CA ILE V 133 27.67 19.09 8.66
C ILE V 133 28.74 18.89 9.73
N PHE V 134 29.90 18.37 9.36
CA PHE V 134 31.02 18.30 10.28
C PHE V 134 31.75 19.63 10.41
N LEU V 135 31.59 20.52 9.43
CA LEU V 135 32.43 21.71 9.34
C LEU V 135 31.79 22.97 9.90
N TYR V 136 30.59 22.90 10.45
CA TYR V 136 30.01 24.08 11.06
C TYR V 136 30.66 24.37 12.41
N SER V 137 30.77 23.36 13.27
CA SER V 137 31.47 23.51 14.53
C SER V 137 32.97 23.61 14.37
N PHE V 138 33.52 23.21 13.21
CA PHE V 138 34.92 23.44 12.94
C PHE V 138 35.20 24.87 12.51
N PHE V 139 34.26 25.51 11.81
CA PHE V 139 34.45 26.91 11.43
C PHE V 139 34.00 27.86 12.52
N ASP V 140 33.18 27.41 13.46
CA ASP V 140 32.82 28.26 14.59
C ASP V 140 34.00 28.45 15.54
N ALA V 141 34.91 27.47 15.59
CA ALA V 141 36.01 27.52 16.55
C ALA V 141 37.32 27.95 15.92
N ASN V 142 37.64 27.44 14.74
CA ASN V 142 38.99 27.55 14.18
C ASN V 142 39.10 28.58 13.07
N TYR V 143 37.99 29.19 12.64
CA TYR V 143 38.01 30.12 11.52
C TYR V 143 37.90 31.54 12.05
N LYS V 144 38.84 32.38 11.64
CA LYS V 144 38.88 33.82 11.83
C LYS V 144 38.87 34.51 10.47
N PRO V 145 37.96 35.45 10.24
CA PRO V 145 37.89 36.10 8.94
C PRO V 145 39.04 37.08 8.74
N GLY V 146 39.34 37.33 7.46
CA GLY V 146 40.42 38.22 7.09
C GLY V 146 41.77 37.57 6.95
N MET V 147 41.84 36.35 6.44
CA MET V 147 43.12 35.69 6.21
C MET V 147 43.68 36.10 4.85
N SER V 148 44.94 35.77 4.63
CA SER V 148 45.58 36.04 3.36
C SER V 148 45.26 34.93 2.36
N LYS V 149 45.80 35.05 1.15
CA LYS V 149 45.60 34.01 0.15
C LYS V 149 46.33 32.72 0.51
N SER V 150 47.56 32.80 1.00
CA SER V 150 48.32 31.62 1.41
C SER V 150 47.75 30.98 2.67
N GLU V 151 47.05 31.75 3.51
CA GLU V 151 46.47 31.17 4.70
C GLU V 151 45.11 30.53 4.42
N CYS V 152 44.36 31.06 3.45
CA CYS V 152 43.08 30.45 3.11
C CYS V 152 43.25 29.15 2.33
N VAL V 153 44.36 29.00 1.60
CA VAL V 153 44.61 27.75 0.92
C VAL V 153 44.95 26.65 1.93
N ALA V 154 45.81 26.94 2.90
CA ALA V 154 46.18 25.92 3.88
C ALA V 154 45.06 25.66 4.87
N PHE V 155 44.15 26.63 5.05
CA PHE V 155 43.00 26.40 5.92
C PHE V 155 41.96 25.53 5.25
N CYS V 156 41.60 25.83 4.00
CA CYS V 156 40.58 25.06 3.29
C CYS V 156 41.05 23.65 2.97
N GLN V 157 42.36 23.45 2.81
CA GLN V 157 42.87 22.08 2.69
C GLN V 157 42.81 21.37 4.04
N ARG V 158 42.99 22.10 5.13
CA ARG V 158 42.86 21.50 6.45
C ARG V 158 41.39 21.34 6.82
N ALA V 159 40.52 22.13 6.20
CA ALA V 159 39.08 22.03 6.47
C ALA V 159 38.48 20.81 5.81
N VAL V 160 38.81 20.56 4.54
CA VAL V 160 38.29 19.39 3.83
C VAL V 160 38.81 18.10 4.43
N ALA V 161 40.07 18.10 4.90
CA ALA V 161 40.68 16.89 5.45
C ALA V 161 40.03 16.44 6.75
N HIS V 162 39.52 17.35 7.56
CA HIS V 162 38.71 16.95 8.69
C HIS V 162 37.33 16.48 8.28
N ALA V 163 36.82 16.93 7.14
CA ALA V 163 35.50 16.50 6.69
C ALA V 163 35.48 15.09 6.15
N TYR V 164 36.43 14.71 5.28
CA TYR V 164 36.39 13.37 4.72
C TYR V 164 37.07 12.33 5.59
N SER V 165 37.59 12.72 6.75
CA SER V 165 38.06 11.74 7.71
C SER V 165 36.92 11.06 8.45
N ARG V 166 35.86 11.79 8.74
CA ARG V 166 34.68 11.24 9.39
C ARG V 166 33.60 10.80 8.41
N ASP V 167 33.45 11.51 7.31
CA ASP V 167 32.40 11.22 6.33
C ASP V 167 32.79 9.99 5.53
N GLY V 168 31.81 9.13 5.28
CA GLY V 168 32.05 8.00 4.40
C GLY V 168 31.82 8.33 2.94
N SER V 169 30.92 9.28 2.67
CA SER V 169 30.64 9.71 1.31
C SER V 169 31.82 10.41 0.66
N SER V 170 32.64 11.10 1.43
CA SER V 170 33.69 11.97 0.91
C SER V 170 35.04 11.30 1.10
N GLY V 171 36.01 11.73 0.30
CA GLY V 171 37.34 11.15 0.36
C GLY V 171 38.10 11.41 -0.92
N GLY V 172 39.32 10.91 -0.96
CA GLY V 172 40.14 10.99 -2.15
C GLY V 172 41.15 12.12 -2.13
N LEU V 173 41.18 12.90 -3.19
CA LEU V 173 42.09 14.03 -3.30
C LEU V 173 41.45 15.27 -2.70
N ILE V 174 42.22 16.35 -2.64
CA ILE V 174 41.71 17.66 -2.27
C ILE V 174 42.03 18.63 -3.38
N ARG V 175 41.03 19.05 -4.13
CA ARG V 175 41.22 19.97 -5.23
C ARG V 175 40.81 21.37 -4.81
N THR V 176 41.77 22.28 -4.86
CA THR V 176 41.53 23.67 -4.50
C THR V 176 41.95 24.56 -5.66
N ILE V 177 41.34 25.74 -5.75
CA ILE V 177 41.72 26.75 -6.73
C ILE V 177 41.38 28.12 -6.16
N THR V 178 42.20 29.12 -6.48
CA THR V 178 41.96 30.50 -6.04
C THR V 178 41.58 31.35 -7.23
N LEU V 179 40.59 32.21 -7.05
CA LEU V 179 40.08 33.07 -8.11
C LEU V 179 40.20 34.52 -7.65
N ASP V 180 41.16 35.24 -8.21
CA ASP V 180 41.35 36.65 -7.90
C ASP V 180 41.89 37.34 -9.15
N ALA V 181 42.45 38.54 -8.97
CA ALA V 181 42.87 39.37 -10.08
C ALA V 181 44.07 38.81 -10.85
N ASP V 182 44.77 37.84 -10.30
CA ASP V 182 45.86 37.16 -10.99
C ASP V 182 45.28 36.01 -11.81
N GLU V 183 46.16 35.15 -12.33
CA GLU V 183 45.70 33.96 -13.02
C GLU V 183 45.15 32.95 -12.01
N PRO V 184 44.14 32.16 -12.37
CA PRO V 184 43.60 31.17 -11.43
C PRO V 184 44.58 30.03 -11.17
N GLU V 185 45.00 29.91 -9.92
CA GLU V 185 45.98 28.91 -9.50
C GLU V 185 45.28 27.74 -8.84
N ASP V 186 45.45 26.55 -9.41
CA ASP V 186 44.86 25.32 -8.89
C ASP V 186 45.93 24.48 -8.19
N GLN V 187 45.47 23.62 -7.29
CA GLN V 187 46.36 22.77 -6.53
C GLN V 187 45.60 21.54 -6.07
N THR V 188 46.19 20.38 -6.28
CA THR V 188 45.59 19.10 -5.92
C THR V 188 46.57 18.35 -5.03
N ILE V 189 46.27 18.29 -3.73
CA ILE V 189 47.13 17.54 -2.81
C ILE V 189 46.51 16.16 -2.61
N PRO V 190 47.31 15.11 -2.53
CA PRO V 190 46.78 13.76 -2.45
C PRO V 190 46.26 13.40 -1.07
N TRP V 191 45.87 12.14 -0.92
CA TRP V 191 45.53 11.61 0.39
C TRP V 191 46.75 11.41 1.26
N ASN V 192 47.85 10.89 0.72
CA ASN V 192 49.00 10.56 1.54
C ASN V 192 49.84 11.78 1.91
N ARG V 193 49.54 12.96 1.35
CA ARG V 193 50.10 14.21 1.84
C ARG V 193 49.00 15.15 2.34
N SER V 194 47.90 14.60 2.83
CA SER V 194 46.83 15.41 3.37
C SER V 194 47.23 15.98 4.72
N PRO V 195 46.72 17.16 5.09
CA PRO V 195 47.10 17.75 6.39
C PRO V 195 46.48 17.07 7.60
N TYR V 196 45.50 16.19 7.42
CA TYR V 196 44.97 15.45 8.55
C TYR V 196 44.46 14.07 8.11
N CYS V 197 44.66 13.08 8.98
CA CYS V 197 44.09 11.75 8.81
C CYS V 197 44.04 11.09 10.18
N MET V 198 43.00 10.29 10.42
CA MET V 198 42.85 9.67 11.73
C MET V 198 43.80 8.51 11.93
N GLU V 199 44.37 7.96 10.86
CA GLU V 199 45.28 6.83 11.00
C GLU V 199 46.62 7.25 11.58
N LYS V 200 47.04 8.48 11.33
CA LYS V 200 48.27 9.03 11.91
C LYS V 200 47.97 10.05 13.01
N ASP V 201 46.72 10.18 13.41
CA ASP V 201 46.34 10.98 14.56
C ASP V 201 46.84 10.28 15.81
N PRO V 202 47.73 10.89 16.61
CA PRO V 202 48.40 10.14 17.68
C PRO V 202 47.53 9.81 18.89
N LYS V 203 46.26 10.19 18.90
CA LYS V 203 45.37 9.80 20.00
C LYS V 203 44.49 8.61 19.65
N TYR V 204 44.53 8.13 18.41
CA TYR V 204 43.82 6.93 18.02
C TYR V 204 44.77 5.76 17.82
N VAL V 205 45.98 5.86 18.38
CA VAL V 205 46.95 4.79 18.27
C VAL V 205 46.60 3.62 19.19
N THR V 206 46.22 3.91 20.44
CA THR V 206 45.84 2.87 21.38
C THR V 206 44.48 2.29 21.02
N GLN V 207 44.45 0.98 20.81
CA GLN V 207 43.21 0.27 20.54
C GLN V 207 42.30 0.32 21.77
N ALA V 208 41.00 0.38 21.53
CA ALA V 208 40.04 0.32 22.61
C ALA V 208 39.99 -1.08 23.19
N THR V 209 40.18 -1.20 24.50
CA THR V 209 40.39 -2.51 25.12
C THR V 209 39.08 -3.28 25.19
N GLN V 210 38.75 -3.93 24.07
CA GLN V 210 37.55 -4.73 23.93
C GLN V 210 37.74 -6.20 24.26
N ASN V 211 38.82 -6.80 23.76
CA ASN V 211 38.99 -8.24 23.78
C ASN V 211 39.84 -8.59 25.00
N GLN V 212 39.21 -8.62 26.16
CA GLN V 212 39.89 -8.84 27.42
C GLN V 212 40.39 -10.28 27.51
N PRO V 213 41.56 -10.49 28.12
CA PRO V 213 41.98 -11.84 28.44
C PRO V 213 41.11 -12.43 29.55
N PHE V 214 41.00 -13.75 29.54
CA PHE V 214 40.24 -14.44 30.57
C PHE V 214 41.06 -14.47 31.85
N SER V 215 40.60 -13.74 32.87
CA SER V 215 41.44 -13.43 34.03
C SER V 215 40.65 -13.62 35.32
N SER V 216 41.36 -13.41 36.43
CA SER V 216 40.83 -13.59 37.78
C SER V 216 40.32 -12.29 38.40
N SER V 217 40.62 -11.14 37.80
CA SER V 217 40.28 -9.86 38.40
C SER V 217 39.52 -9.00 37.40
N ALA V 218 38.93 -7.93 37.93
CA ALA V 218 38.26 -6.93 37.11
C ALA V 218 39.21 -5.85 36.61
N LYS V 219 40.51 -6.01 36.85
CA LYS V 219 41.49 -5.03 36.39
C LYS V 219 41.68 -5.15 34.89
N ILE V 220 41.29 -4.10 34.17
CA ILE V 220 41.39 -4.09 32.71
C ILE V 220 42.83 -3.85 32.31
N THR V 221 43.39 -4.78 31.52
CA THR V 221 44.81 -4.77 31.21
C THR V 221 45.07 -4.82 29.71
N GLY V 222 44.11 -4.37 28.90
CA GLY V 222 44.32 -4.28 27.48
C GLY V 222 43.80 -5.49 26.73
N ASN V 223 43.97 -5.47 25.42
CA ASN V 223 43.46 -6.52 24.54
C ASN V 223 44.31 -7.78 24.65
N ARG V 224 43.78 -8.86 24.07
CA ARG V 224 44.50 -10.12 23.99
C ARG V 224 45.05 -10.28 22.58
N MET V 225 46.37 -10.22 22.44
CA MET V 225 47.01 -10.19 21.14
C MET V 225 47.64 -11.51 20.73
N SER V 226 47.63 -12.52 21.60
CA SER V 226 48.23 -13.81 21.33
C SER V 226 47.42 -14.91 21.99
N SER V 227 47.53 -16.11 21.45
CA SER V 227 46.76 -17.25 21.97
C SER V 227 47.36 -17.76 23.26
N THR V 228 48.69 -17.67 23.41
CA THR V 228 49.33 -18.12 24.64
C THR V 228 49.11 -17.12 25.77
N GLY V 229 49.56 -15.90 25.58
CA GLY V 229 49.40 -14.87 26.60
C GLY V 229 48.40 -13.79 26.22
N THR W 1 28.25 -7.78 -17.29
CA THR W 1 29.10 -7.25 -18.34
C THR W 1 30.38 -6.74 -17.68
N THR W 2 31.51 -6.86 -18.35
CA THR W 2 32.82 -6.55 -17.76
C THR W 2 33.63 -5.74 -18.76
N ILE W 3 33.07 -4.64 -19.26
CA ILE W 3 33.80 -3.79 -20.21
C ILE W 3 34.80 -2.94 -19.43
N VAL W 4 36.04 -2.84 -19.95
CA VAL W 4 37.11 -2.07 -19.33
C VAL W 4 37.78 -1.20 -20.38
N GLY W 5 38.64 -0.29 -19.92
CA GLY W 5 39.48 0.48 -20.80
C GLY W 5 40.74 0.92 -20.09
N VAL W 6 41.81 1.09 -20.85
CA VAL W 6 43.14 1.45 -20.32
C VAL W 6 43.83 2.40 -21.29
N VAL W 7 44.30 3.54 -20.78
CA VAL W 7 45.16 4.44 -21.55
C VAL W 7 46.59 3.95 -21.44
N TYR W 8 47.24 3.69 -22.59
CA TYR W 8 48.65 3.36 -22.58
C TYR W 8 49.41 4.50 -23.26
N ARG W 9 50.70 4.25 -23.55
CA ARG W 9 51.64 5.24 -24.07
C ARG W 9 51.15 6.01 -25.29
N ASP W 10 50.64 5.30 -26.29
CA ASP W 10 50.08 5.97 -27.46
C ASP W 10 48.75 5.32 -27.84
N GLY W 11 47.68 5.80 -27.24
CA GLY W 11 46.35 5.33 -27.56
C GLY W 11 45.72 4.63 -26.36
N VAL W 12 44.56 4.03 -26.60
CA VAL W 12 43.81 3.31 -25.58
C VAL W 12 43.56 1.89 -26.04
N VAL W 13 43.25 1.01 -25.08
CA VAL W 13 42.86 -0.37 -25.33
C VAL W 13 41.52 -0.61 -24.64
N LEU W 14 40.53 -1.08 -25.40
CA LEU W 14 39.22 -1.39 -24.87
C LEU W 14 39.02 -2.89 -24.75
N GLY W 15 38.35 -3.29 -23.69
CA GLY W 15 38.11 -4.70 -23.43
C GLY W 15 36.65 -4.95 -23.14
N ALA W 16 36.21 -6.18 -23.40
CA ALA W 16 34.82 -6.57 -23.16
C ALA W 16 34.73 -8.09 -23.05
N ASP W 17 33.56 -8.56 -22.60
CA ASP W 17 33.23 -9.97 -22.62
C ASP W 17 32.28 -10.26 -23.78
N THR W 18 31.79 -11.50 -23.86
CA THR W 18 30.89 -11.89 -24.94
C THR W 18 29.57 -12.50 -24.49
N ARG W 19 29.39 -12.78 -23.20
CA ARG W 19 28.16 -13.43 -22.73
C ARG W 19 27.02 -12.41 -22.67
N ALA W 20 25.85 -12.82 -23.17
CA ALA W 20 24.62 -12.06 -23.03
C ALA W 20 23.53 -13.00 -22.51
N THR W 21 22.92 -12.65 -21.39
CA THR W 21 21.93 -13.49 -20.73
C THR W 21 20.58 -12.78 -20.73
N GLU W 22 19.51 -13.53 -20.95
CA GLU W 22 18.15 -13.01 -20.76
C GLU W 22 17.47 -13.75 -19.61
N GLY W 23 17.63 -13.18 -18.41
CA GLY W 23 16.95 -13.69 -17.24
C GLY W 23 17.48 -15.03 -16.75
N SER W 24 18.71 -15.02 -16.23
CA SER W 24 19.38 -16.14 -15.55
C SER W 24 19.73 -17.30 -16.48
N ILE W 25 19.51 -17.19 -17.78
CA ILE W 25 19.89 -18.23 -18.73
C ILE W 25 20.72 -17.55 -19.82
N VAL W 26 21.75 -18.24 -20.30
CA VAL W 26 22.67 -17.64 -21.28
C VAL W 26 22.01 -17.62 -22.64
N ALA W 27 21.64 -16.42 -23.12
CA ALA W 27 21.07 -16.30 -24.45
C ALA W 27 22.13 -16.51 -25.52
N ASP W 28 23.15 -15.67 -25.54
CA ASP W 28 24.22 -15.74 -26.52
C ASP W 28 25.54 -15.88 -25.80
N LYS W 29 26.45 -16.63 -26.39
CA LYS W 29 27.78 -16.86 -25.81
C LYS W 29 28.86 -16.06 -26.51
N ARG W 30 28.59 -15.51 -27.70
CA ARG W 30 29.59 -14.79 -28.48
C ARG W 30 28.97 -13.48 -28.99
N CYS W 31 28.34 -12.74 -28.08
CA CYS W 31 27.85 -11.42 -28.45
C CYS W 31 29.03 -10.44 -28.56
N ARG W 32 28.83 -9.39 -29.34
CA ARG W 32 29.89 -8.41 -29.61
C ARG W 32 29.49 -7.10 -28.93
N LYS W 33 30.36 -6.59 -28.07
CA LYS W 33 30.05 -5.45 -27.23
C LYS W 33 30.92 -4.23 -27.50
N ILE W 34 31.99 -4.38 -28.28
CA ILE W 34 32.84 -3.27 -28.67
C ILE W 34 32.35 -2.78 -30.01
N HIS W 35 31.76 -1.59 -30.03
CA HIS W 35 31.09 -1.10 -31.22
C HIS W 35 31.96 -0.11 -31.99
N TYR W 36 31.45 0.27 -33.16
CA TYR W 36 32.14 1.20 -34.04
C TYR W 36 31.51 2.57 -33.91
N MET W 37 32.36 3.60 -33.88
CA MET W 37 31.91 4.98 -33.81
C MET W 37 32.50 5.85 -34.89
N ALA W 38 33.74 5.61 -35.26
CA ALA W 38 34.56 6.45 -36.11
C ALA W 38 35.77 5.62 -36.51
N PRO W 39 36.61 6.04 -37.47
CA PRO W 39 37.85 5.31 -37.70
C PRO W 39 38.85 5.41 -36.55
N ASN W 40 38.67 6.37 -35.63
CA ASN W 40 39.53 6.50 -34.47
C ASN W 40 38.82 6.27 -33.14
N ILE W 41 37.49 6.07 -33.14
CA ILE W 41 36.73 5.98 -31.90
C ILE W 41 35.99 4.65 -31.89
N MET W 42 36.14 3.91 -30.80
CA MET W 42 35.33 2.72 -30.51
C MET W 42 34.55 2.97 -29.22
N CYS W 43 33.60 2.09 -28.91
CA CYS W 43 32.75 2.30 -27.75
C CYS W 43 32.26 0.94 -27.23
N CYS W 44 32.70 0.58 -26.04
CA CYS W 44 32.14 -0.57 -25.35
C CYS W 44 30.75 -0.24 -24.82
N GLY W 45 30.00 -1.29 -24.48
CA GLY W 45 28.65 -1.07 -23.99
C GLY W 45 28.15 -2.14 -23.04
N ALA W 46 27.42 -1.72 -22.00
CA ALA W 46 26.81 -2.63 -21.05
C ALA W 46 25.33 -2.32 -20.95
N GLY W 47 24.62 -3.10 -20.15
CA GLY W 47 23.20 -2.86 -19.96
C GLY W 47 22.32 -3.68 -20.88
N THR W 48 21.38 -3.02 -21.54
CA THR W 48 20.44 -3.71 -22.42
C THR W 48 20.95 -3.68 -23.85
N SER W 49 20.82 -4.80 -24.56
CA SER W 49 21.28 -4.89 -25.95
C SER W 49 20.47 -3.99 -26.88
N ALA W 50 19.21 -3.73 -26.55
CA ALA W 50 18.40 -2.84 -27.36
C ALA W 50 18.87 -1.39 -27.22
N ASP W 51 19.09 -0.96 -25.99
CA ASP W 51 19.43 0.42 -25.71
C ASP W 51 20.88 0.76 -26.04
N THR W 52 21.80 -0.18 -25.88
CA THR W 52 23.20 0.04 -26.22
C THR W 52 23.43 0.16 -27.72
N GLU W 53 22.87 -0.75 -28.52
CA GLU W 53 22.99 -0.71 -29.97
C GLU W 53 22.30 0.49 -30.61
N ALA W 54 21.22 0.98 -30.01
CA ALA W 54 20.45 2.03 -30.65
C ALA W 54 20.91 3.43 -30.25
N VAL W 55 21.66 3.53 -29.14
CA VAL W 55 22.29 4.82 -28.84
C VAL W 55 23.61 4.92 -29.60
N THR W 56 24.20 3.78 -29.96
CA THR W 56 25.50 3.81 -30.60
C THR W 56 25.37 4.08 -32.09
N ASN W 57 24.43 3.41 -32.76
CA ASN W 57 24.27 3.57 -34.21
C ASN W 57 23.75 4.95 -34.56
N MET W 58 22.94 5.54 -33.69
CA MET W 58 22.42 6.88 -33.96
C MET W 58 23.51 7.93 -33.87
N VAL W 59 24.37 7.82 -32.87
CA VAL W 59 25.49 8.76 -32.73
C VAL W 59 26.58 8.49 -33.77
N SER W 60 26.90 7.23 -34.04
CA SER W 60 27.93 6.92 -35.03
C SER W 60 27.51 7.28 -36.45
N SER W 61 26.22 7.35 -36.73
CA SER W 61 25.76 7.91 -37.99
C SER W 61 25.71 9.43 -37.94
N HIS W 62 25.57 9.99 -36.74
CA HIS W 62 25.60 11.44 -36.60
C HIS W 62 27.02 11.96 -36.66
N LEU W 63 27.99 11.18 -36.17
CA LEU W 63 29.39 11.57 -36.29
C LEU W 63 29.88 11.42 -37.72
N ALA W 64 29.35 10.44 -38.45
CA ALA W 64 29.70 10.29 -39.85
C ALA W 64 29.08 11.42 -40.68
N LEU W 65 27.82 11.78 -40.39
CA LEU W 65 27.16 12.86 -41.09
C LEU W 65 27.82 14.21 -40.80
N HIS W 66 28.36 14.36 -39.60
CA HIS W 66 29.05 15.58 -39.24
C HIS W 66 30.49 15.59 -39.76
N ARG W 67 30.97 14.45 -40.24
CA ARG W 67 32.31 14.37 -40.80
C ARG W 67 32.34 14.76 -42.27
N LEU W 68 31.26 14.52 -43.01
CA LEU W 68 31.18 14.98 -44.39
C LEU W 68 31.09 16.49 -44.46
N GLU W 69 30.50 17.13 -43.44
CA GLU W 69 30.40 18.58 -43.44
C GLU W 69 31.73 19.24 -43.13
N THR W 70 32.41 18.79 -42.07
CA THR W 70 33.68 19.38 -41.69
C THR W 70 34.81 18.97 -42.61
N GLY W 71 34.81 17.72 -43.07
CA GLY W 71 35.92 17.19 -43.83
C GLY W 71 37.15 16.88 -43.00
N LYS W 72 37.01 16.79 -41.69
CA LYS W 72 38.12 16.56 -40.78
C LYS W 72 37.87 15.32 -39.94
N GLN W 73 38.90 14.94 -39.19
CA GLN W 73 38.82 13.80 -38.29
C GLN W 73 38.00 14.16 -37.06
N SER W 74 37.10 13.26 -36.67
CA SER W 74 36.15 13.56 -35.61
C SER W 74 36.78 13.47 -34.23
N ARG W 75 36.41 14.39 -33.36
CA ARG W 75 36.91 14.44 -32.00
C ARG W 75 36.24 13.36 -31.15
N VAL W 76 36.89 12.99 -30.05
CA VAL W 76 36.26 12.04 -29.14
C VAL W 76 35.44 12.81 -28.10
N LEU W 77 35.73 14.10 -27.93
CA LEU W 77 34.92 14.93 -27.04
C LEU W 77 33.57 15.26 -27.64
N GLU W 78 33.45 15.29 -28.97
CA GLU W 78 32.15 15.44 -29.59
C GLU W 78 31.39 14.13 -29.71
N ALA W 79 32.10 13.00 -29.72
CA ALA W 79 31.45 11.71 -29.55
C ALA W 79 30.87 11.55 -28.15
N LEU W 80 31.53 12.13 -27.16
CA LEU W 80 31.05 12.03 -25.79
C LEU W 80 29.86 12.94 -25.53
N THR W 81 29.85 14.13 -26.15
CA THR W 81 28.78 15.07 -25.91
C THR W 81 27.46 14.59 -26.51
N LEU W 82 27.51 13.93 -27.66
CA LEU W 82 26.29 13.38 -28.25
C LEU W 82 25.76 12.21 -27.45
N LEU W 83 26.63 11.48 -26.75
CA LEU W 83 26.17 10.36 -25.93
C LEU W 83 25.57 10.83 -24.62
N LYS W 84 26.17 11.85 -24.00
CA LYS W 84 25.73 12.27 -22.68
C LYS W 84 24.45 13.10 -22.73
N ARG W 85 24.14 13.71 -23.88
CA ARG W 85 22.91 14.48 -23.97
C ARG W 85 21.73 13.58 -24.32
N HIS W 86 21.98 12.48 -25.01
CA HIS W 86 20.94 11.48 -25.24
C HIS W 86 20.58 10.77 -23.94
N LEU W 87 21.59 10.33 -23.19
CA LEU W 87 21.35 9.53 -21.99
C LEU W 87 20.81 10.39 -20.86
N TYR W 88 20.99 11.71 -20.93
CA TYR W 88 20.41 12.57 -19.90
C TYR W 88 18.94 12.86 -20.17
N ARG W 89 18.56 13.05 -21.42
CA ARG W 89 17.20 13.49 -21.72
C ARG W 89 16.18 12.36 -21.66
N TYR W 90 16.60 11.13 -21.35
CA TYR W 90 15.67 10.05 -21.03
C TYR W 90 15.74 9.66 -19.57
N GLN W 91 16.61 10.30 -18.79
CA GLN W 91 16.71 10.23 -17.34
C GLN W 91 16.93 8.81 -16.82
N GLY W 92 17.85 8.08 -17.43
CA GLY W 92 18.17 6.74 -16.97
C GLY W 92 17.21 5.66 -17.44
N HIS W 93 16.26 5.99 -18.32
CA HIS W 93 15.42 4.95 -18.88
C HIS W 93 16.13 4.18 -19.98
N VAL W 94 17.05 4.84 -20.70
CA VAL W 94 17.90 4.14 -21.64
C VAL W 94 19.03 3.52 -20.83
N SER W 95 18.85 2.27 -20.42
CA SER W 95 19.79 1.61 -19.53
C SER W 95 21.01 1.12 -20.30
N ALA W 96 21.97 2.01 -20.55
CA ALA W 96 23.20 1.68 -21.26
C ALA W 96 24.36 2.35 -20.55
N ALA W 97 25.28 1.55 -20.02
CA ALA W 97 26.53 2.05 -19.50
C ALA W 97 27.58 1.94 -20.59
N LEU W 98 28.33 3.02 -20.81
CA LEU W 98 29.23 3.12 -21.95
C LEU W 98 30.66 3.38 -21.50
N VAL W 99 31.60 2.84 -22.26
CA VAL W 99 33.01 3.14 -22.13
C VAL W 99 33.48 3.61 -23.49
N LEU W 100 33.96 4.85 -23.57
CA LEU W 100 34.29 5.49 -24.83
C LEU W 100 35.80 5.69 -24.91
N GLY W 101 36.42 5.17 -25.95
CA GLY W 101 37.84 5.34 -26.14
C GLY W 101 38.17 5.82 -27.54
N GLY W 102 39.15 6.73 -27.67
CA GLY W 102 39.54 7.23 -28.96
C GLY W 102 40.86 7.98 -28.92
N VAL W 103 41.32 8.37 -30.10
CA VAL W 103 42.55 9.14 -30.26
C VAL W 103 42.25 10.33 -31.18
N ASP W 104 42.67 11.52 -30.74
CA ASP W 104 42.54 12.74 -31.54
C ASP W 104 43.90 13.38 -31.74
N VAL W 105 43.90 14.63 -32.24
CA VAL W 105 45.12 15.41 -32.29
C VAL W 105 45.62 15.81 -30.90
N GLU W 106 44.78 15.70 -29.87
CA GLU W 106 45.16 16.05 -28.52
C GLU W 106 45.57 14.85 -27.67
N GLY W 107 45.66 13.67 -28.27
CA GLY W 107 46.09 12.49 -27.54
C GLY W 107 44.96 11.52 -27.29
N PRO W 108 45.23 10.45 -26.53
CA PRO W 108 44.19 9.47 -26.24
C PRO W 108 43.14 10.02 -25.27
N PHE W 109 41.90 9.65 -25.54
CA PHE W 109 40.75 10.10 -24.76
C PHE W 109 39.99 8.85 -24.32
N LEU W 110 40.09 8.51 -23.04
CA LEU W 110 39.27 7.45 -22.48
C LEU W 110 38.34 8.04 -21.43
N ALA W 111 37.05 7.83 -21.59
CA ALA W 111 36.06 8.29 -20.63
C ALA W 111 34.85 7.39 -20.68
N THR W 112 34.12 7.37 -19.57
CA THR W 112 32.92 6.56 -19.43
C THR W 112 31.70 7.46 -19.29
N ILE W 113 30.54 6.92 -19.66
CA ILE W 113 29.27 7.61 -19.53
C ILE W 113 28.33 6.71 -18.73
N ALA W 114 27.81 7.23 -17.62
CA ALA W 114 26.87 6.51 -16.81
C ALA W 114 25.51 6.48 -17.50
N PRO W 115 24.63 5.55 -17.13
CA PRO W 115 23.27 5.55 -17.72
C PRO W 115 22.40 6.74 -17.32
N HIS W 116 22.79 7.52 -16.31
CA HIS W 116 22.06 8.74 -16.00
C HIS W 116 22.59 9.95 -16.74
N GLY W 117 23.77 9.87 -17.35
CA GLY W 117 24.31 10.94 -18.16
C GLY W 117 25.56 11.59 -17.64
N SER W 118 26.21 11.07 -16.60
CA SER W 118 27.42 11.69 -16.09
C SER W 118 28.65 11.09 -16.74
N THR W 119 29.68 11.92 -16.89
CA THR W 119 30.89 11.55 -17.60
C THR W 119 32.10 11.69 -16.69
N ASP W 120 33.04 10.75 -16.84
CA ASP W 120 34.27 10.71 -16.04
C ASP W 120 35.44 10.38 -16.94
N ARG W 121 36.40 11.29 -17.05
CA ARG W 121 37.58 11.12 -17.90
C ARG W 121 38.73 10.63 -17.03
N LEU W 122 39.09 9.36 -17.16
CA LEU W 122 40.06 8.71 -16.30
C LEU W 122 41.09 7.97 -17.14
N PRO W 123 42.25 7.62 -16.54
CA PRO W 123 43.19 6.74 -17.26
C PRO W 123 42.67 5.34 -17.48
N PHE W 124 41.90 4.80 -16.54
CA PHE W 124 41.33 3.47 -16.69
C PHE W 124 39.94 3.44 -16.06
N VAL W 125 38.98 2.88 -16.81
CA VAL W 125 37.58 2.82 -16.38
C VAL W 125 37.07 1.40 -16.57
N THR W 126 36.11 1.01 -15.73
CA THR W 126 35.38 -0.24 -15.88
C THR W 126 33.89 0.04 -15.74
N MET W 127 33.09 -0.64 -16.56
CA MET W 127 31.64 -0.57 -16.43
C MET W 127 31.05 -1.97 -16.57
N GLY W 128 29.76 -2.07 -16.27
CA GLY W 128 29.05 -3.32 -16.34
C GLY W 128 28.85 -3.91 -14.95
N SER W 129 28.41 -5.16 -14.94
CA SER W 129 28.16 -5.85 -13.67
C SER W 129 29.44 -6.37 -13.02
N GLY W 130 30.41 -6.80 -13.81
CA GLY W 130 31.68 -7.25 -13.26
C GLY W 130 32.72 -6.15 -13.23
N SER W 131 32.27 -4.91 -13.16
CA SER W 131 33.16 -3.76 -13.09
C SER W 131 33.92 -3.65 -11.78
N ILE W 132 33.34 -4.14 -10.70
CA ILE W 132 34.00 -4.10 -9.40
C ILE W 132 35.15 -5.10 -9.34
N ALA W 133 34.94 -6.31 -9.86
CA ALA W 133 35.99 -7.32 -9.89
C ALA W 133 37.08 -7.01 -10.90
N ALA W 134 36.77 -6.25 -11.94
CA ALA W 134 37.78 -5.90 -12.95
C ALA W 134 38.56 -4.67 -12.54
N MET W 135 38.00 -3.83 -11.66
CA MET W 135 38.72 -2.64 -11.21
C MET W 135 39.84 -3.01 -10.26
N ALA W 136 39.65 -4.09 -9.48
CA ALA W 136 40.65 -4.48 -8.50
C ALA W 136 41.91 -5.03 -9.17
N GLN W 137 41.77 -5.57 -10.38
CA GLN W 137 42.94 -5.94 -11.14
C GLN W 137 43.64 -4.70 -11.70
N LEU W 138 42.87 -3.69 -12.08
CA LEU W 138 43.46 -2.47 -12.64
C LEU W 138 44.09 -1.61 -11.54
N GLU W 139 43.51 -1.62 -10.34
CA GLU W 139 44.07 -0.82 -9.26
C GLU W 139 45.37 -1.43 -8.73
N ALA W 140 45.61 -2.70 -9.01
CA ALA W 140 46.79 -3.38 -8.50
C ALA W 140 47.94 -3.44 -9.50
N ALA W 141 47.69 -3.15 -10.78
CA ALA W 141 48.74 -3.34 -11.77
C ALA W 141 48.83 -2.27 -12.84
N TYR W 142 48.13 -1.14 -12.71
CA TYR W 142 48.26 -0.07 -13.69
C TYR W 142 49.45 0.82 -13.36
N LYS W 143 50.15 1.26 -14.40
CA LYS W 143 51.20 2.24 -14.27
C LYS W 143 51.24 3.10 -15.52
N ASP W 144 51.82 4.29 -15.37
CA ASP W 144 51.87 5.24 -16.47
C ASP W 144 52.81 4.78 -17.57
N ASN W 145 52.40 5.04 -18.81
CA ASN W 145 53.19 4.84 -20.04
C ASN W 145 53.58 3.37 -20.23
N MET W 146 52.56 2.52 -20.25
CA MET W 146 52.80 1.12 -20.57
C MET W 146 52.89 0.91 -22.08
N THR W 147 53.56 -0.16 -22.46
CA THR W 147 53.66 -0.55 -23.86
C THR W 147 52.33 -1.12 -24.35
N CYS W 148 52.27 -1.36 -25.65
CA CYS W 148 51.05 -1.91 -26.26
C CYS W 148 50.81 -3.34 -25.80
N GLU W 149 51.88 -4.08 -25.51
CA GLU W 149 51.73 -5.47 -25.10
C GLU W 149 51.40 -5.58 -23.62
N GLU W 150 51.94 -4.69 -22.78
CA GLU W 150 51.65 -4.74 -21.36
C GLU W 150 50.26 -4.23 -21.05
N ALA W 151 49.73 -3.34 -21.89
CA ALA W 151 48.37 -2.86 -21.68
C ALA W 151 47.34 -3.84 -22.24
N LYS W 152 47.68 -4.54 -23.32
CA LYS W 152 46.77 -5.52 -23.89
C LYS W 152 46.64 -6.73 -22.98
N GLU W 153 47.68 -7.04 -22.20
CA GLU W 153 47.62 -8.14 -21.26
C GLU W 153 47.00 -7.72 -19.93
N LEU W 154 47.16 -6.45 -19.54
CA LEU W 154 46.47 -5.95 -18.35
C LEU W 154 44.96 -5.87 -18.57
N VAL W 155 44.53 -5.45 -19.76
CA VAL W 155 43.12 -5.44 -20.11
C VAL W 155 42.55 -6.85 -20.11
N ALA W 156 43.24 -7.80 -20.74
CA ALA W 156 42.74 -9.16 -20.85
C ALA W 156 42.74 -9.89 -19.52
N SER W 157 43.65 -9.52 -18.60
CA SER W 157 43.65 -10.14 -17.28
C SER W 157 42.63 -9.50 -16.37
N ALA W 158 42.05 -8.37 -16.78
CA ALA W 158 40.97 -7.76 -16.03
C ALA W 158 39.60 -8.25 -16.46
N ILE W 159 39.47 -8.69 -17.72
CA ILE W 159 38.22 -9.29 -18.18
C ILE W 159 37.99 -10.62 -17.48
N ARG W 160 39.06 -11.39 -17.27
CA ARG W 160 38.92 -12.71 -16.67
C ARG W 160 38.61 -12.65 -15.19
N LYS W 161 38.76 -11.48 -14.56
CA LYS W 161 38.25 -11.30 -13.21
C LYS W 161 36.74 -11.12 -13.21
N GLY W 162 36.16 -10.80 -14.36
CA GLY W 162 34.72 -10.77 -14.49
C GLY W 162 34.19 -12.04 -15.12
N ILE W 163 35.04 -12.76 -15.85
CA ILE W 163 34.62 -14.03 -16.42
C ILE W 163 34.47 -15.08 -15.34
N PHE W 164 35.51 -15.24 -14.52
CA PHE W 164 35.52 -16.34 -13.56
C PHE W 164 34.88 -16.00 -12.22
N ASN W 165 34.34 -14.79 -12.06
CA ASN W 165 33.77 -14.39 -10.77
C ASN W 165 32.38 -13.80 -10.86
N ASP W 166 32.04 -13.12 -11.95
CA ASP W 166 30.71 -12.60 -12.20
C ASP W 166 29.93 -13.60 -13.04
N PRO W 167 28.76 -14.06 -12.58
CA PRO W 167 27.96 -14.99 -13.40
C PRO W 167 27.35 -14.37 -14.63
N TYR W 168 27.22 -13.03 -14.71
CA TYR W 168 26.66 -12.38 -15.87
C TYR W 168 27.68 -12.10 -16.97
N SER W 169 28.85 -12.71 -16.92
CA SER W 169 29.94 -12.40 -17.85
C SER W 169 30.76 -13.64 -18.15
N GLY W 170 31.23 -13.75 -19.40
CA GLY W 170 32.21 -14.78 -19.65
C GLY W 170 32.37 -15.15 -21.11
N THR W 171 32.98 -16.33 -21.29
CA THR W 171 33.22 -17.18 -22.46
C THR W 171 34.31 -16.73 -23.44
N GLN W 172 34.75 -15.46 -23.39
CA GLN W 172 35.79 -14.89 -24.26
C GLN W 172 36.26 -13.54 -23.71
N VAL W 173 37.34 -13.05 -24.29
CA VAL W 173 37.85 -11.70 -24.05
C VAL W 173 37.96 -11.00 -25.40
N ASP W 174 37.22 -9.91 -25.57
CA ASP W 174 37.33 -9.07 -26.75
C ASP W 174 38.24 -7.89 -26.43
N VAL W 175 39.24 -7.66 -27.28
CA VAL W 175 40.22 -6.60 -27.08
C VAL W 175 40.29 -5.76 -28.34
N CYS W 176 40.14 -4.44 -28.20
CA CYS W 176 40.27 -3.52 -29.32
C CYS W 176 41.31 -2.46 -28.98
N VAL W 177 42.39 -2.43 -29.77
CA VAL W 177 43.47 -1.47 -29.60
C VAL W 177 43.20 -0.29 -30.52
N ILE W 178 43.26 0.91 -29.97
CA ILE W 178 43.06 2.15 -30.72
C ILE W 178 44.37 2.91 -30.69
N THR W 179 44.97 3.10 -31.86
CA THR W 179 46.19 3.88 -31.96
C THR W 179 45.87 5.20 -32.68
N LYS W 180 46.90 6.00 -32.93
CA LYS W 180 46.71 7.20 -33.74
C LYS W 180 46.52 6.84 -35.20
N ASP W 181 47.34 5.91 -35.71
CA ASP W 181 47.31 5.53 -37.10
C ASP W 181 46.23 4.48 -37.39
N LYS W 182 46.33 3.31 -36.77
CA LYS W 182 45.43 2.22 -37.07
C LYS W 182 44.51 1.90 -35.89
N THR W 183 43.75 0.81 -36.04
CA THR W 183 42.93 0.26 -34.97
C THR W 183 42.81 -1.25 -35.20
N GLU W 184 43.20 -2.02 -34.19
CA GLU W 184 43.26 -3.47 -34.28
C GLU W 184 42.22 -4.08 -33.35
N LEU W 185 41.34 -4.92 -33.89
CA LEU W 185 40.27 -5.56 -33.14
C LEU W 185 40.46 -7.06 -33.19
N THR W 186 40.79 -7.65 -32.04
CA THR W 186 40.88 -9.10 -31.91
C THR W 186 39.72 -9.61 -31.06
N ILE W 187 39.17 -10.76 -31.45
CA ILE W 187 38.03 -11.32 -30.73
C ILE W 187 38.45 -12.56 -29.95
N GLY W 188 39.33 -13.37 -30.53
CA GLY W 188 39.78 -14.57 -29.86
C GLY W 188 41.13 -14.41 -29.20
N TYR W 189 41.33 -13.28 -28.52
CA TYR W 189 42.62 -12.99 -27.91
C TYR W 189 42.88 -13.91 -26.72
N ASP W 190 41.88 -14.09 -25.87
CA ASP W 190 42.00 -14.96 -24.71
C ASP W 190 40.70 -15.72 -24.54
N LYS W 191 40.76 -17.04 -24.75
CA LYS W 191 39.63 -17.94 -24.56
C LYS W 191 40.02 -18.91 -23.44
N PRO W 192 39.88 -18.51 -22.18
CA PRO W 192 40.36 -19.37 -21.08
C PRO W 192 39.46 -20.56 -20.84
N ASN W 193 38.16 -20.41 -21.07
CA ASN W 193 37.21 -21.50 -20.96
C ASN W 193 37.07 -22.14 -22.33
N GLU W 194 37.76 -23.26 -22.53
CA GLU W 194 37.62 -24.03 -23.76
C GLU W 194 36.44 -24.97 -23.66
N ARG W 195 36.31 -25.90 -24.60
CA ARG W 195 35.24 -26.89 -24.57
C ARG W 195 35.82 -28.17 -23.95
N MET W 196 35.58 -28.34 -22.66
CA MET W 196 35.90 -29.59 -21.99
C MET W 196 34.83 -30.63 -22.29
N TYR W 197 35.26 -31.88 -22.53
CA TYR W 197 34.41 -33.03 -22.85
C TYR W 197 33.49 -32.76 -24.03
N PRO W 198 34.00 -32.85 -25.27
CA PRO W 198 33.15 -32.60 -26.44
C PRO W 198 31.99 -33.59 -26.54
N ARG W 199 30.96 -33.17 -27.27
CA ARG W 199 29.61 -33.73 -27.21
C ARG W 199 29.54 -35.16 -27.73
N GLN W 200 28.71 -35.99 -27.06
CA GLN W 200 28.48 -37.37 -27.44
C GLN W 200 27.83 -37.51 -28.81
N GLU W 201 27.03 -36.52 -29.22
CA GLU W 201 26.35 -36.44 -30.52
C GLU W 201 25.42 -37.63 -30.75
N VAL W 202 24.34 -37.63 -29.96
CA VAL W 202 23.30 -38.65 -30.08
C VAL W 202 22.71 -38.62 -31.49
N LEU W 203 22.87 -39.71 -32.22
CA LEU W 203 22.50 -39.80 -33.62
C LEU W 203 21.05 -40.26 -33.73
N LEU W 204 20.27 -39.52 -34.52
CA LEU W 204 18.90 -39.90 -34.86
C LEU W 204 18.81 -40.05 -36.37
N PRO W 205 18.33 -41.17 -36.90
CA PRO W 205 18.30 -41.37 -38.35
C PRO W 205 17.22 -40.53 -38.99
N PRO W 206 17.41 -40.12 -40.26
CA PRO W 206 16.40 -39.28 -40.92
C PRO W 206 15.12 -40.03 -41.26
N GLY W 207 14.04 -39.73 -40.54
CA GLY W 207 12.75 -40.34 -40.79
C GLY W 207 12.12 -40.97 -39.58
N THR W 208 12.78 -40.88 -38.42
CA THR W 208 12.29 -41.54 -37.22
C THR W 208 11.24 -40.72 -36.48
N THR W 209 11.03 -39.47 -36.87
CA THR W 209 9.97 -38.65 -36.29
C THR W 209 8.71 -38.81 -37.11
N PRO W 210 7.56 -39.14 -36.51
CA PRO W 210 6.34 -39.35 -37.31
C PRO W 210 5.79 -38.05 -37.87
N VAL W 211 5.54 -38.06 -39.18
CA VAL W 211 5.09 -36.88 -39.92
C VAL W 211 3.73 -37.20 -40.54
N LEU W 212 2.78 -36.26 -40.40
CA LEU W 212 1.42 -36.50 -40.89
C LEU W 212 1.22 -35.96 -42.30
N LYS W 213 1.66 -34.74 -42.59
CA LYS W 213 1.66 -34.23 -43.95
C LYS W 213 2.99 -33.57 -44.26
N GLU W 214 3.36 -33.58 -45.54
CA GLU W 214 4.53 -32.86 -46.01
C GLU W 214 4.25 -32.30 -47.40
N GLU W 215 4.74 -31.09 -47.64
CA GLU W 215 4.50 -30.39 -48.90
C GLU W 215 5.82 -29.79 -49.37
N ILE W 216 6.28 -30.23 -50.54
CA ILE W 216 7.58 -29.82 -51.09
C ILE W 216 7.35 -28.79 -52.19
N ARG W 217 8.04 -27.66 -52.07
CA ARG W 217 7.90 -26.54 -53.01
C ARG W 217 9.26 -26.28 -53.65
N GLN W 218 9.41 -26.67 -54.92
CA GLN W 218 10.64 -26.42 -55.65
C GLN W 218 10.80 -24.93 -55.95
N LEU W 219 12.04 -24.50 -56.13
CA LEU W 219 12.32 -23.09 -56.40
C LEU W 219 12.96 -22.92 -57.77
N SER X 2 1.05 -13.50 -16.79
CA SER X 2 1.66 -12.39 -17.52
C SER X 2 1.03 -12.23 -18.90
N ILE X 3 1.23 -11.06 -19.50
CA ILE X 3 0.70 -10.75 -20.83
C ILE X 3 1.41 -11.52 -21.93
N MET X 4 2.71 -11.76 -21.77
CA MET X 4 3.50 -12.49 -22.76
C MET X 4 3.11 -13.96 -22.88
N ALA X 5 2.75 -14.62 -21.77
CA ALA X 5 2.32 -16.01 -21.81
C ALA X 5 0.79 -16.14 -21.76
N TYR X 6 0.07 -15.15 -22.30
CA TYR X 6 -1.38 -15.21 -22.29
C TYR X 6 -1.91 -16.15 -23.36
N SER X 7 -1.33 -16.11 -24.56
CA SER X 7 -1.84 -16.87 -25.68
C SER X 7 -1.16 -18.22 -25.87
N GLY X 8 0.05 -18.40 -25.35
CA GLY X 8 0.77 -19.65 -25.52
C GLY X 8 1.41 -19.78 -26.89
N GLY X 9 2.35 -20.72 -27.02
CA GLY X 9 2.99 -20.95 -28.30
C GLY X 9 4.48 -20.72 -28.30
N SER X 10 5.22 -21.66 -28.88
CA SER X 10 6.67 -21.61 -28.89
C SER X 10 7.18 -21.77 -30.31
N VAL X 11 8.09 -20.88 -30.71
CA VAL X 11 8.69 -20.88 -32.04
C VAL X 11 10.19 -20.96 -31.89
N MET X 12 10.81 -21.91 -32.59
CA MET X 12 12.26 -21.99 -32.60
C MET X 12 12.76 -22.20 -34.03
N ALA X 13 14.08 -22.14 -34.17
CA ALA X 13 14.76 -22.28 -35.45
C ALA X 13 16.18 -22.77 -35.19
N MET X 14 16.67 -23.65 -36.06
CA MET X 14 18.05 -24.11 -36.00
C MET X 14 18.74 -23.82 -37.32
N ALA X 15 20.07 -23.74 -37.27
CA ALA X 15 20.88 -23.48 -38.45
C ALA X 15 21.68 -24.72 -38.81
N GLY X 16 21.71 -25.04 -40.11
CA GLY X 16 22.45 -26.18 -40.59
C GLY X 16 23.60 -25.80 -41.49
N LYS X 17 23.96 -26.69 -42.42
CA LYS X 17 25.08 -26.42 -43.32
C LYS X 17 24.66 -25.45 -44.41
N GLU X 18 23.72 -25.85 -45.24
CA GLU X 18 23.19 -25.00 -46.30
C GLU X 18 21.68 -24.88 -46.21
N CYS X 19 21.18 -24.91 -44.99
CA CYS X 19 19.74 -24.97 -44.73
C CYS X 19 19.47 -24.44 -43.34
N PHE X 20 18.20 -24.19 -43.06
CA PHE X 20 17.76 -23.94 -41.71
C PHE X 20 16.35 -24.48 -41.56
N VAL X 21 15.93 -24.69 -40.32
CA VAL X 21 14.57 -25.15 -40.02
C VAL X 21 13.89 -24.07 -39.22
N ILE X 22 12.57 -24.13 -39.15
CA ILE X 22 11.77 -23.31 -38.25
C ILE X 22 10.50 -24.10 -37.94
N ILE X 23 10.04 -24.02 -36.70
CA ILE X 23 8.99 -24.89 -36.20
C ILE X 23 8.23 -24.21 -35.08
N SER X 24 6.91 -24.20 -35.19
CA SER X 24 6.04 -23.68 -34.15
C SER X 24 5.09 -24.77 -33.70
N ASP X 25 4.34 -24.50 -32.65
CA ASP X 25 3.32 -25.42 -32.18
C ASP X 25 1.97 -25.07 -32.82
N ASN X 26 0.88 -25.62 -32.30
CA ASN X 26 -0.42 -25.41 -32.90
C ASN X 26 -1.47 -24.90 -31.92
N ARG X 27 -1.08 -24.47 -30.73
CA ARG X 27 -2.04 -24.12 -29.68
C ARG X 27 -2.27 -22.61 -29.62
N LEU X 28 -3.53 -22.24 -29.45
CA LEU X 28 -3.92 -20.88 -29.07
C LEU X 28 -4.79 -20.99 -27.84
N GLY X 29 -4.63 -20.06 -26.90
CA GLY X 29 -5.34 -20.22 -25.65
C GLY X 29 -5.56 -18.92 -24.90
N GLU X 30 -6.29 -19.04 -23.77
CA GLU X 30 -6.46 -17.95 -22.82
C GLU X 30 -6.12 -18.51 -21.44
N GLN X 31 -4.82 -18.60 -21.17
CA GLN X 31 -4.12 -18.88 -19.91
C GLN X 31 -4.28 -20.29 -19.36
N LEU X 32 -5.36 -20.99 -19.67
CA LEU X 32 -5.48 -22.42 -19.40
C LEU X 32 -6.27 -23.16 -20.46
N LYS X 33 -7.18 -22.49 -21.16
CA LYS X 33 -8.14 -23.18 -21.99
C LYS X 33 -7.77 -23.05 -23.46
N THR X 34 -7.93 -24.13 -24.20
CA THR X 34 -7.57 -24.15 -25.62
C THR X 34 -8.66 -23.47 -26.43
N ILE X 35 -8.29 -22.46 -27.21
CA ILE X 35 -9.22 -21.83 -28.14
C ILE X 35 -9.18 -22.50 -29.50
N SER X 36 -7.99 -22.84 -29.98
CA SER X 36 -7.83 -23.52 -31.26
C SER X 36 -6.68 -24.50 -31.16
N THR X 37 -6.71 -25.50 -32.03
CA THR X 37 -5.76 -26.59 -32.01
C THR X 37 -5.01 -26.71 -33.34
N GLU X 38 -5.38 -25.91 -34.34
CA GLU X 38 -4.81 -25.95 -35.67
C GLU X 38 -4.36 -24.57 -36.11
N VAL X 39 -3.59 -23.88 -35.26
CA VAL X 39 -3.12 -22.55 -35.60
C VAL X 39 -1.60 -22.45 -35.52
N PRO X 40 -0.92 -22.29 -36.66
CA PRO X 40 0.53 -22.08 -36.64
C PRO X 40 0.88 -20.65 -36.27
N LYS X 41 2.18 -20.44 -36.08
CA LYS X 41 2.70 -19.12 -35.73
C LYS X 41 3.70 -18.61 -36.78
N LEU X 42 3.86 -19.34 -37.87
CA LEU X 42 4.87 -19.03 -38.87
C LEU X 42 4.30 -18.12 -39.96
N HIS X 43 5.21 -17.36 -40.59
CA HIS X 43 4.86 -16.46 -41.68
C HIS X 43 5.96 -16.52 -42.72
N VAL X 44 5.57 -16.55 -43.99
CA VAL X 44 6.52 -16.62 -45.10
C VAL X 44 6.34 -15.38 -45.97
N VAL X 45 7.42 -14.64 -46.19
CA VAL X 45 7.35 -13.42 -46.98
C VAL X 45 7.94 -13.62 -48.39
N ASN X 46 8.93 -14.48 -48.53
CA ASN X 46 9.49 -14.83 -49.83
C ASN X 46 10.10 -16.24 -49.73
N ASP X 47 10.85 -16.64 -50.75
CA ASP X 47 11.45 -17.97 -50.80
C ASP X 47 12.75 -18.08 -50.03
N SER X 48 13.10 -17.07 -49.24
CA SER X 48 14.30 -17.10 -48.42
C SER X 48 14.07 -16.79 -46.96
N ILE X 49 13.07 -15.96 -46.62
CA ILE X 49 12.85 -15.51 -45.25
C ILE X 49 11.54 -16.10 -44.75
N VAL X 50 11.60 -16.79 -43.61
CA VAL X 50 10.42 -17.25 -42.89
C VAL X 50 10.59 -16.89 -41.41
N TYR X 51 9.61 -16.18 -40.86
CA TYR X 51 9.69 -15.72 -39.48
C TYR X 51 8.47 -16.19 -38.70
N GLY X 52 8.64 -16.29 -37.40
CA GLY X 52 7.57 -16.75 -36.51
C GLY X 52 7.40 -15.82 -35.33
N LEU X 53 6.14 -15.55 -34.99
CA LEU X 53 5.80 -14.65 -33.89
C LEU X 53 5.22 -15.44 -32.72
N THR X 54 5.60 -15.04 -31.52
CA THR X 54 5.02 -15.58 -30.30
C THR X 54 4.64 -14.41 -29.39
N GLY X 55 3.92 -14.70 -28.32
CA GLY X 55 3.50 -13.67 -27.41
C GLY X 55 1.99 -13.53 -27.43
N LEU X 56 1.53 -12.28 -27.29
CA LEU X 56 0.10 -12.02 -27.25
C LEU X 56 -0.48 -12.05 -28.66
N ARG X 57 -1.55 -12.84 -28.84
CA ARG X 57 -2.09 -13.14 -30.16
C ARG X 57 -2.70 -11.91 -30.83
N THR X 58 -3.19 -10.96 -30.04
CA THR X 58 -3.63 -9.68 -30.59
C THR X 58 -2.46 -8.93 -31.21
N ASP X 59 -1.30 -8.99 -30.57
CA ASP X 59 -0.11 -8.37 -31.15
C ASP X 59 0.54 -9.26 -32.20
N GLN X 60 0.32 -10.58 -32.17
CA GLN X 60 0.85 -11.46 -33.21
C GLN X 60 0.21 -11.21 -34.56
N GLN X 61 -1.02 -10.69 -34.59
CA GLN X 61 -1.69 -10.44 -35.85
C GLN X 61 -1.54 -8.99 -36.28
N THR X 62 -1.49 -8.06 -35.32
CA THR X 62 -1.36 -6.64 -35.65
C THR X 62 0.03 -6.31 -36.15
N PHE X 63 1.07 -6.82 -35.47
CA PHE X 63 2.45 -6.63 -35.91
C PHE X 63 2.71 -7.29 -37.25
N ALA X 64 2.12 -8.46 -37.49
CA ALA X 64 2.32 -9.16 -38.76
C ALA X 64 1.56 -8.49 -39.91
N ASN X 65 0.58 -7.64 -39.59
CA ASN X 65 -0.04 -6.82 -40.63
C ASN X 65 0.84 -5.63 -40.97
N LYS X 66 1.51 -5.05 -39.97
CA LYS X 66 2.42 -3.93 -40.23
C LYS X 66 3.69 -4.39 -40.93
N VAL X 67 4.12 -5.63 -40.68
CA VAL X 67 5.25 -6.19 -41.42
C VAL X 67 4.89 -6.40 -42.88
N GLN X 68 3.72 -6.97 -43.15
CA GLN X 68 3.28 -7.21 -44.53
C GLN X 68 2.94 -5.90 -45.23
N PHE X 69 2.54 -4.87 -44.48
CA PHE X 69 2.39 -3.54 -45.04
C PHE X 69 3.74 -2.95 -45.44
N ARG X 70 4.80 -3.32 -44.74
CA ARG X 70 6.10 -2.71 -44.96
C ARG X 70 6.95 -3.55 -45.90
N THR X 71 6.74 -4.86 -45.92
CA THR X 71 7.48 -5.72 -46.83
C THR X 71 7.00 -5.55 -48.27
N GLU X 72 5.69 -5.38 -48.47
CA GLU X 72 5.16 -5.22 -49.81
C GLU X 72 5.38 -3.80 -50.33
N MET X 73 5.50 -2.83 -49.42
CA MET X 73 5.85 -1.48 -49.82
C MET X 73 7.33 -1.36 -50.15
N TYR X 74 8.14 -2.23 -49.55
CA TYR X 74 9.56 -2.30 -49.87
C TYR X 74 9.79 -2.87 -51.26
N LYS X 75 8.90 -3.76 -51.70
CA LYS X 75 9.02 -4.37 -53.01
C LYS X 75 8.48 -3.47 -54.12
N LEU X 76 7.63 -2.49 -53.78
CA LEU X 76 7.16 -1.54 -54.78
C LEU X 76 8.17 -0.42 -55.00
N ARG X 77 8.71 0.14 -53.91
CA ARG X 77 9.76 1.14 -54.01
C ARG X 77 11.02 0.55 -54.62
N GLU X 78 11.64 -0.40 -53.92
CA GLU X 78 12.82 -1.08 -54.43
C GLU X 78 12.35 -2.26 -55.26
N GLU X 79 12.78 -2.32 -56.52
CA GLU X 79 12.33 -3.38 -57.40
C GLU X 79 13.05 -4.70 -57.12
N ARG X 80 12.91 -5.24 -55.91
CA ARG X 80 13.63 -6.45 -55.51
C ARG X 80 13.01 -7.06 -54.26
N ASP X 81 13.27 -8.34 -54.02
CA ASP X 81 12.86 -8.99 -52.79
C ASP X 81 13.75 -8.52 -51.63
N ILE X 82 13.17 -8.49 -50.44
CA ILE X 82 13.91 -8.07 -49.26
C ILE X 82 14.87 -9.18 -48.84
N THR X 83 16.04 -8.79 -48.36
CA THR X 83 17.03 -9.76 -47.92
C THR X 83 16.90 -10.00 -46.42
N GLY X 84 17.64 -10.99 -45.93
CA GLY X 84 17.49 -11.39 -44.54
C GLY X 84 18.07 -10.40 -43.56
N LYS X 85 19.22 -9.81 -43.90
CA LYS X 85 19.83 -8.83 -43.01
C LYS X 85 19.07 -7.51 -43.05
N ALA X 86 18.40 -7.22 -44.16
CA ALA X 86 17.60 -6.01 -44.25
C ALA X 86 16.23 -6.17 -43.62
N PHE X 87 15.66 -7.39 -43.66
CA PHE X 87 14.37 -7.62 -43.02
C PHE X 87 14.50 -7.67 -41.51
N ALA X 88 15.58 -8.28 -41.00
CA ALA X 88 15.75 -8.39 -39.56
C ALA X 88 16.09 -7.05 -38.94
N ALA X 89 16.80 -6.20 -39.68
CA ALA X 89 17.11 -4.88 -39.16
C ALA X 89 15.95 -3.92 -39.36
N MET X 90 14.97 -4.31 -40.19
CA MET X 90 13.79 -3.47 -40.38
C MET X 90 12.84 -3.57 -39.21
N ILE X 91 12.47 -4.79 -38.82
CA ILE X 91 11.52 -4.94 -37.72
C ILE X 91 12.22 -4.95 -36.37
N THR X 92 13.55 -4.85 -36.35
CA THR X 92 14.24 -4.43 -35.13
C THR X 92 13.90 -2.97 -34.83
N SER X 93 13.84 -2.13 -35.86
CA SER X 93 13.53 -0.72 -35.70
C SER X 93 12.06 -0.49 -35.36
N MET X 94 11.19 -1.44 -35.74
CA MET X 94 9.77 -1.29 -35.46
C MET X 94 9.48 -1.54 -33.99
N LEU X 95 10.23 -2.45 -33.36
CA LEU X 95 10.01 -2.74 -31.95
C LEU X 95 10.72 -1.72 -31.06
N TYR X 96 11.53 -0.84 -31.64
CA TYR X 96 12.22 0.16 -30.84
C TYR X 96 11.50 1.51 -30.89
N GLU X 97 10.76 1.79 -31.96
CA GLU X 97 9.94 3.00 -32.02
C GLU X 97 8.86 2.98 -30.95
N ALA X 98 8.17 1.86 -30.81
CA ALA X 98 7.29 1.63 -29.67
C ALA X 98 8.09 0.90 -28.58
N ARG X 99 8.89 1.69 -27.85
CA ARG X 99 9.65 1.17 -26.73
C ARG X 99 8.94 1.40 -25.40
N PHE X 100 8.14 2.45 -25.28
CA PHE X 100 7.37 2.73 -24.08
C PHE X 100 5.93 2.28 -24.17
N GLY X 101 5.45 1.95 -25.36
CA GLY X 101 4.15 1.36 -25.56
C GLY X 101 4.24 -0.02 -26.21
N PRO X 102 5.13 -0.88 -25.71
CA PRO X 102 5.77 -1.89 -26.58
C PRO X 102 4.84 -2.99 -27.02
N TRP X 103 5.12 -3.52 -28.21
CA TRP X 103 4.43 -4.70 -28.69
C TRP X 103 4.85 -5.91 -27.87
N PHE X 104 3.93 -6.86 -27.72
CA PHE X 104 4.18 -8.04 -26.91
C PHE X 104 4.50 -9.25 -27.78
N VAL X 105 5.25 -9.01 -28.86
CA VAL X 105 5.70 -10.07 -29.74
C VAL X 105 7.17 -10.34 -29.47
N GLU X 106 7.63 -11.50 -29.95
CA GLU X 106 9.05 -11.87 -29.91
C GLU X 106 9.36 -12.57 -31.23
N PRO X 107 9.72 -11.81 -32.26
CA PRO X 107 9.91 -12.42 -33.58
C PRO X 107 11.18 -13.25 -33.69
N VAL X 108 11.01 -14.42 -34.29
CA VAL X 108 12.08 -15.37 -34.51
C VAL X 108 12.30 -15.45 -36.02
N ILE X 109 13.34 -14.81 -36.50
CA ILE X 109 13.58 -14.65 -37.93
C ILE X 109 14.59 -15.69 -38.40
N GLY X 110 14.23 -16.40 -39.45
CA GLY X 110 15.18 -17.27 -40.13
C GLY X 110 15.24 -16.88 -41.59
N SER X 111 16.45 -16.83 -42.13
CA SER X 111 16.63 -16.42 -43.51
C SER X 111 17.87 -17.09 -44.08
N ILE X 112 18.01 -17.00 -45.39
CA ILE X 112 19.11 -17.63 -46.11
C ILE X 112 19.39 -16.81 -47.36
N ASP X 113 20.64 -16.81 -47.81
CA ASP X 113 20.98 -16.21 -49.09
C ASP X 113 20.71 -17.20 -50.22
N LYS X 114 20.01 -16.73 -51.25
CA LYS X 114 19.64 -17.60 -52.35
C LYS X 114 20.85 -17.94 -53.22
N SER X 115 21.75 -16.99 -53.42
CA SER X 115 22.92 -17.17 -54.26
C SER X 115 24.16 -17.61 -53.48
N THR X 116 24.32 -17.15 -52.26
CA THR X 116 25.52 -17.48 -51.48
C THR X 116 25.32 -18.76 -50.67
N GLY X 117 24.22 -18.85 -49.94
CA GLY X 117 23.95 -20.00 -49.11
C GLY X 117 24.27 -19.83 -47.64
N GLU X 118 24.32 -18.60 -47.14
CA GLU X 118 24.57 -18.37 -45.73
C GLU X 118 23.25 -18.15 -44.99
N VAL X 119 23.09 -18.84 -43.88
CA VAL X 119 21.90 -18.73 -43.04
C VAL X 119 22.10 -17.58 -42.06
N TYR X 120 20.99 -16.95 -41.68
CA TYR X 120 21.01 -15.82 -40.78
C TYR X 120 19.84 -15.94 -39.81
N LEU X 121 20.14 -16.17 -38.55
CA LEU X 121 19.12 -16.26 -37.52
C LEU X 121 19.13 -14.99 -36.68
N CYS X 122 17.96 -14.63 -36.16
CA CYS X 122 17.82 -13.44 -35.34
C CYS X 122 16.57 -13.59 -34.49
N ALA X 123 16.71 -13.34 -33.19
CA ALA X 123 15.59 -13.37 -32.26
C ALA X 123 15.67 -12.14 -31.37
N THR X 124 14.83 -11.16 -31.64
CA THR X 124 14.81 -9.97 -30.82
C THR X 124 13.95 -10.20 -29.58
N ASP X 125 14.03 -9.27 -28.63
CA ASP X 125 13.16 -9.29 -27.46
C ASP X 125 11.92 -8.48 -27.82
N LEU X 126 11.03 -8.24 -26.84
CA LEU X 126 9.85 -7.43 -27.11
C LEU X 126 10.18 -5.95 -27.28
N ILE X 127 11.36 -5.51 -26.85
CA ILE X 127 11.80 -4.13 -27.00
C ILE X 127 12.82 -3.98 -28.12
N GLY X 128 13.07 -5.03 -28.88
CA GLY X 128 13.83 -4.92 -30.11
C GLY X 128 15.32 -5.15 -29.98
N ALA X 129 15.77 -5.96 -29.02
CA ALA X 129 17.18 -6.22 -28.79
C ALA X 129 17.76 -7.18 -29.82
N PRO X 130 18.61 -6.73 -30.73
CA PRO X 130 19.12 -7.62 -31.78
C PRO X 130 20.15 -8.59 -31.24
N CYS X 131 20.06 -9.83 -31.76
CA CYS X 131 20.91 -10.92 -31.27
C CYS X 131 20.93 -11.98 -32.37
N GLU X 132 22.11 -12.21 -32.96
CA GLU X 132 22.26 -13.21 -34.01
C GLU X 132 23.18 -14.36 -33.60
N PRO X 133 22.65 -15.45 -33.05
CA PRO X 133 23.47 -16.64 -32.84
C PRO X 133 23.66 -17.41 -34.14
N GLU X 134 24.77 -18.15 -34.24
CA GLU X 134 25.04 -18.98 -35.41
C GLU X 134 24.50 -20.38 -35.27
N ASP X 135 23.90 -20.74 -34.14
CA ASP X 135 23.51 -22.11 -33.88
C ASP X 135 21.98 -22.28 -33.87
N TYR X 136 21.25 -21.54 -33.04
CA TYR X 136 19.80 -21.70 -32.95
C TYR X 136 19.23 -20.49 -32.23
N VAL X 137 17.93 -20.27 -32.44
CA VAL X 137 17.15 -19.27 -31.71
C VAL X 137 15.82 -19.91 -31.31
N CYS X 138 15.21 -19.36 -30.25
CA CYS X 138 13.96 -19.92 -29.73
C CYS X 138 13.26 -18.86 -28.88
N ALA X 139 11.94 -18.74 -29.04
CA ALA X 139 11.13 -17.91 -28.18
C ALA X 139 9.81 -18.60 -27.89
N GLY X 140 9.09 -18.09 -26.89
CA GLY X 140 7.79 -18.61 -26.54
C GLY X 140 7.70 -18.95 -25.07
N THR X 141 6.61 -19.63 -24.71
CA THR X 141 6.38 -19.98 -23.31
C THR X 141 7.27 -21.14 -22.86
N ALA X 142 7.65 -22.02 -23.78
CA ALA X 142 8.53 -23.15 -23.48
C ALA X 142 9.97 -22.85 -23.89
N ALA X 143 10.38 -21.58 -23.80
CA ALA X 143 11.69 -21.18 -24.28
C ALA X 143 12.80 -21.66 -23.35
N GLU X 144 12.51 -21.73 -22.04
CA GLU X 144 13.51 -22.19 -21.09
C GLU X 144 13.74 -23.69 -21.23
N SER X 145 12.74 -24.41 -21.73
CA SER X 145 12.89 -25.84 -21.96
C SER X 145 13.59 -26.10 -23.29
N LEU X 146 13.62 -25.12 -24.19
CA LEU X 146 14.19 -25.35 -25.52
C LEU X 146 15.69 -25.06 -25.54
N HIS X 147 16.20 -24.25 -24.62
CA HIS X 147 17.64 -24.02 -24.57
C HIS X 147 18.38 -25.25 -24.04
N GLY X 148 17.69 -26.12 -23.32
CA GLY X 148 18.32 -27.38 -22.95
C GLY X 148 18.25 -28.42 -24.05
N MET X 149 17.14 -28.46 -24.78
CA MET X 149 16.98 -29.42 -25.85
C MET X 149 17.84 -29.10 -27.07
N CYS X 150 17.97 -27.82 -27.41
CA CYS X 150 18.68 -27.47 -28.64
C CYS X 150 20.18 -27.52 -28.44
N GLU X 151 20.67 -27.17 -27.25
CA GLU X 151 22.10 -27.06 -27.03
C GLU X 151 22.76 -28.41 -26.82
N ALA X 152 22.03 -29.39 -26.29
CA ALA X 152 22.56 -30.72 -26.07
C ALA X 152 22.50 -31.61 -27.31
N LEU X 153 21.88 -31.15 -28.39
CA LEU X 153 21.66 -31.99 -29.56
C LEU X 153 22.21 -31.39 -30.85
N TRP X 154 22.68 -30.15 -30.83
CA TRP X 154 23.12 -29.48 -32.05
C TRP X 154 24.57 -29.83 -32.39
N ARG X 155 24.88 -29.82 -33.69
CA ARG X 155 26.25 -29.85 -34.21
C ARG X 155 26.26 -28.99 -35.47
N PRO X 156 27.40 -28.38 -35.83
CA PRO X 156 27.38 -27.38 -36.92
C PRO X 156 27.17 -27.92 -38.34
N GLY X 157 27.42 -29.20 -38.58
CA GLY X 157 27.52 -29.69 -39.94
C GLY X 157 26.37 -30.54 -40.44
N MET X 158 25.13 -30.13 -40.19
CA MET X 158 24.03 -31.05 -40.38
C MET X 158 23.41 -30.97 -41.77
N SER X 159 22.98 -32.12 -42.25
CA SER X 159 22.21 -32.28 -43.48
C SER X 159 20.79 -31.78 -43.23
N PRO X 160 20.06 -31.38 -44.28
CA PRO X 160 18.67 -30.94 -44.05
C PRO X 160 17.73 -32.04 -43.56
N GLU X 161 18.01 -33.30 -43.89
CA GLU X 161 17.12 -34.38 -43.45
C GLU X 161 17.35 -34.74 -42.00
N GLU X 162 18.58 -34.59 -41.51
CA GLU X 162 18.90 -34.93 -40.13
C GLU X 162 18.84 -33.74 -39.19
N LEU X 163 18.70 -32.52 -39.72
CA LEU X 163 18.45 -31.37 -38.89
C LEU X 163 16.97 -31.28 -38.50
N PHE X 164 16.09 -31.76 -39.38
CA PHE X 164 14.66 -31.82 -39.06
C PHE X 164 14.39 -32.78 -37.91
N GLU X 165 15.17 -33.87 -37.82
CA GLU X 165 14.91 -34.88 -36.81
C GLU X 165 15.32 -34.40 -35.43
N ILE X 166 16.26 -33.45 -35.37
CA ILE X 166 16.68 -32.91 -34.09
C ILE X 166 15.74 -31.82 -33.62
N ALA X 167 15.29 -30.98 -34.54
CA ALA X 167 14.39 -29.88 -34.18
C ALA X 167 13.01 -30.38 -33.81
N ALA X 168 12.58 -31.49 -34.41
CA ALA X 168 11.27 -32.05 -34.11
C ALA X 168 11.25 -32.72 -32.75
N GLN X 169 12.34 -33.41 -32.40
CA GLN X 169 12.40 -34.07 -31.09
C GLN X 169 12.69 -33.06 -29.98
N ALA X 170 13.17 -31.87 -30.35
CA ALA X 170 13.40 -30.83 -29.35
C ALA X 170 12.13 -30.05 -29.04
N MET X 171 11.30 -29.81 -30.06
CA MET X 171 10.03 -29.12 -29.84
C MET X 171 9.06 -29.99 -29.04
N LEU X 172 8.96 -31.27 -29.39
CA LEU X 172 7.95 -32.13 -28.77
C LEU X 172 8.32 -32.48 -27.33
N SER X 173 9.61 -32.70 -27.05
CA SER X 173 10.01 -33.05 -25.69
C SER X 173 9.93 -31.86 -24.75
N ALA X 174 10.03 -30.65 -25.29
CA ALA X 174 9.84 -29.44 -24.48
C ALA X 174 8.37 -29.09 -24.30
N CYS X 175 7.51 -29.43 -25.27
CA CYS X 175 6.08 -29.20 -25.14
C CYS X 175 5.38 -30.27 -24.33
N ASP X 176 6.05 -31.38 -24.00
CA ASP X 176 5.47 -32.34 -23.07
C ASP X 176 5.71 -31.94 -21.62
N ARG X 177 6.47 -30.89 -21.38
CA ARG X 177 6.68 -30.33 -20.05
C ARG X 177 6.03 -28.97 -19.87
N ASP X 178 5.55 -28.36 -20.94
CA ASP X 178 4.91 -27.04 -20.90
C ASP X 178 3.42 -27.21 -21.11
N SER X 179 2.62 -26.63 -20.20
CA SER X 179 1.17 -26.75 -20.28
C SER X 179 0.52 -25.61 -21.05
N LEU X 180 1.31 -24.76 -21.70
CA LEU X 180 0.76 -23.72 -22.57
C LEU X 180 1.19 -23.90 -24.03
N SER X 181 1.92 -24.97 -24.34
CA SER X 181 2.30 -25.29 -25.70
C SER X 181 2.15 -26.78 -25.92
N GLY X 182 1.86 -27.15 -27.16
CA GLY X 182 1.71 -28.55 -27.51
C GLY X 182 0.80 -28.72 -28.70
N TYR X 183 0.09 -29.85 -28.70
CA TYR X 183 -0.90 -30.22 -29.71
C TYR X 183 -0.28 -30.31 -31.11
N GLY X 184 0.81 -31.06 -31.23
CA GLY X 184 1.48 -31.20 -32.50
C GLY X 184 2.35 -30.00 -32.82
N ALA X 185 3.04 -30.09 -33.94
CA ALA X 185 3.96 -29.04 -34.36
C ALA X 185 3.99 -28.98 -35.89
N VAL X 186 4.16 -27.77 -36.40
CA VAL X 186 4.30 -27.53 -37.84
C VAL X 186 5.69 -26.98 -38.11
N ALA X 187 6.46 -27.71 -38.90
CA ALA X 187 7.84 -27.37 -39.19
C ALA X 187 7.99 -26.97 -40.65
N MET X 188 9.13 -26.38 -40.97
CA MET X 188 9.44 -25.95 -42.32
C MET X 188 10.95 -25.96 -42.52
N ILE X 189 11.44 -26.99 -43.21
CA ILE X 189 12.85 -27.05 -43.60
C ILE X 189 12.93 -26.31 -44.94
N VAL X 190 14.06 -25.65 -45.18
CA VAL X 190 14.25 -24.79 -46.34
C VAL X 190 15.74 -24.72 -46.69
N THR X 191 16.05 -25.02 -47.95
CA THR X 191 17.40 -25.02 -48.49
C THR X 191 17.48 -23.96 -49.58
N LYS X 192 18.60 -23.97 -50.32
CA LYS X 192 18.73 -23.07 -51.46
C LYS X 192 17.81 -23.49 -52.62
N ASP X 193 17.42 -24.76 -52.67
CA ASP X 193 16.72 -25.30 -53.83
C ASP X 193 15.22 -25.47 -53.63
N LYS X 194 14.76 -25.66 -52.39
CA LYS X 194 13.35 -25.96 -52.16
C LYS X 194 12.94 -25.57 -50.76
N VAL X 195 11.62 -25.52 -50.54
CA VAL X 195 11.03 -25.31 -49.22
C VAL X 195 10.05 -26.45 -48.98
N THR X 196 10.26 -27.19 -47.89
CA THR X 196 9.41 -28.32 -47.53
C THR X 196 8.76 -28.07 -46.18
N THR X 197 7.43 -28.17 -46.15
CA THR X 197 6.65 -27.88 -44.96
C THR X 197 6.03 -29.17 -44.42
N ARG X 198 6.38 -29.51 -43.18
CA ARG X 198 5.97 -30.78 -42.61
C ARG X 198 5.15 -30.56 -41.35
N LEU X 199 4.06 -31.31 -41.23
CA LEU X 199 3.27 -31.32 -40.00
C LEU X 199 3.59 -32.57 -39.20
N ILE X 200 3.79 -32.39 -37.90
CA ILE X 200 4.39 -33.42 -37.04
C ILE X 200 3.34 -33.92 -36.06
N LYS X 201 3.30 -35.23 -35.85
CA LYS X 201 2.48 -35.83 -34.81
C LYS X 201 2.90 -35.34 -33.43
N GLY X 202 1.92 -35.07 -32.58
CA GLY X 202 2.19 -34.68 -31.21
C GLY X 202 1.15 -35.19 -30.25
N ARG X 203 1.36 -34.96 -28.95
CA ARG X 203 0.36 -35.33 -27.97
C ARG X 203 -0.82 -34.36 -28.01
N LYS X 204 -2.03 -34.91 -27.95
CA LYS X 204 -3.24 -34.11 -27.97
C LYS X 204 -3.69 -33.74 -26.57
N ASP X 205 -2.75 -33.55 -25.66
CA ASP X 205 -3.01 -33.26 -24.27
C ASP X 205 -2.92 -31.77 -23.99
N MET Y 1 -19.96 -12.16 -19.78
CA MET Y 1 -19.54 -13.51 -19.39
C MET Y 1 -20.69 -14.22 -18.69
N ALA Y 2 -21.61 -13.45 -18.10
CA ALA Y 2 -22.80 -14.04 -17.50
C ALA Y 2 -23.74 -14.59 -18.57
N GLU Y 3 -23.71 -14.00 -19.76
CA GLU Y 3 -24.51 -14.45 -20.89
C GLU Y 3 -23.61 -15.16 -21.90
N THR Y 4 -24.10 -16.26 -22.44
CA THR Y 4 -23.33 -17.11 -23.34
C THR Y 4 -23.72 -16.84 -24.78
N ALA Y 5 -22.76 -17.03 -25.68
CA ALA Y 5 -23.01 -17.08 -27.11
C ALA Y 5 -22.48 -18.40 -27.65
N ILE Y 6 -23.31 -19.11 -28.40
CA ILE Y 6 -22.95 -20.41 -28.96
C ILE Y 6 -23.14 -20.35 -30.46
N ALA Y 7 -22.09 -20.70 -31.19
CA ALA Y 7 -22.17 -20.70 -32.65
C ALA Y 7 -21.36 -21.85 -33.21
N PHE Y 8 -21.93 -22.56 -34.18
CA PHE Y 8 -21.21 -23.58 -34.90
C PHE Y 8 -21.60 -23.53 -36.36
N ARG Y 9 -20.65 -23.80 -37.24
CA ARG Y 9 -20.89 -23.81 -38.68
C ARG Y 9 -20.93 -25.23 -39.20
N CYS Y 10 -21.73 -25.43 -40.24
CA CYS Y 10 -21.86 -26.73 -40.89
C CYS Y 10 -21.73 -26.57 -42.39
N LYS Y 11 -22.12 -27.60 -43.14
CA LYS Y 11 -21.88 -27.65 -44.58
C LYS Y 11 -22.60 -26.54 -45.34
N ASP Y 12 -23.80 -26.17 -44.91
CA ASP Y 12 -24.57 -25.17 -45.65
C ASP Y 12 -25.33 -24.21 -44.73
N TYR Y 13 -24.90 -24.09 -43.47
CA TYR Y 13 -25.52 -23.14 -42.55
C TYR Y 13 -24.57 -22.84 -41.41
N VAL Y 14 -24.82 -21.72 -40.73
CA VAL Y 14 -24.16 -21.37 -39.48
C VAL Y 14 -25.24 -21.06 -38.45
N MET Y 15 -25.28 -21.85 -37.37
CA MET Y 15 -26.15 -21.59 -36.24
C MET Y 15 -25.49 -20.57 -35.32
N VAL Y 16 -26.29 -19.69 -34.74
CA VAL Y 16 -25.88 -18.83 -33.63
C VAL Y 16 -26.97 -18.85 -32.59
N ALA Y 17 -26.58 -18.58 -31.35
CA ALA Y 17 -27.52 -18.49 -30.24
C ALA Y 17 -26.92 -17.62 -29.15
N ALA Y 18 -27.69 -16.67 -28.65
CA ALA Y 18 -27.22 -15.75 -27.64
C ALA Y 18 -28.34 -15.48 -26.65
N ALA Y 19 -28.07 -15.77 -25.38
CA ALA Y 19 -29.06 -15.57 -24.33
C ALA Y 19 -29.40 -14.10 -24.16
N GLY Y 20 -30.71 -13.82 -24.11
CA GLY Y 20 -31.19 -12.45 -24.09
C GLY Y 20 -31.32 -11.85 -22.70
N LEU Y 21 -30.47 -12.29 -21.78
CA LEU Y 21 -30.48 -11.78 -20.42
C LEU Y 21 -29.76 -10.44 -20.35
N ASN Y 22 -30.39 -9.48 -19.66
CA ASN Y 22 -29.76 -8.22 -19.29
C ASN Y 22 -30.02 -8.00 -17.81
N ALA Y 23 -28.97 -7.70 -17.06
CA ALA Y 23 -29.08 -7.67 -15.61
C ALA Y 23 -28.45 -6.39 -15.06
N PHE Y 24 -28.79 -6.09 -13.80
CA PHE Y 24 -28.15 -5.02 -13.05
C PHE Y 24 -27.66 -5.64 -11.74
N TYR Y 25 -26.50 -6.29 -11.83
CA TYR Y 25 -25.65 -6.84 -10.78
C TYR Y 25 -26.23 -8.03 -10.00
N TYR Y 26 -27.57 -8.13 -9.88
CA TYR Y 26 -28.28 -9.39 -9.68
C TYR Y 26 -29.72 -9.34 -10.14
N ILE Y 27 -30.18 -8.21 -10.71
CA ILE Y 27 -31.60 -8.01 -10.98
C ILE Y 27 -31.85 -8.13 -12.47
N LYS Y 28 -32.71 -9.07 -12.85
CA LYS Y 28 -33.04 -9.32 -14.25
C LYS Y 28 -33.86 -8.17 -14.81
N ILE Y 29 -33.24 -7.37 -15.68
CA ILE Y 29 -33.96 -6.31 -16.38
C ILE Y 29 -34.86 -6.90 -17.45
N THR Y 30 -34.28 -7.69 -18.35
CA THR Y 30 -35.00 -8.29 -19.47
C THR Y 30 -34.90 -9.80 -19.38
N ASP Y 31 -35.55 -10.46 -20.33
CA ASP Y 31 -35.24 -11.84 -20.68
C ASP Y 31 -35.20 -12.05 -22.18
N ALA Y 32 -35.75 -11.11 -22.95
CA ALA Y 32 -35.74 -11.18 -24.41
C ALA Y 32 -35.18 -9.87 -24.95
N GLU Y 33 -33.86 -9.79 -25.07
CA GLU Y 33 -33.18 -8.70 -25.76
C GLU Y 33 -32.33 -9.33 -26.86
N ASP Y 34 -32.47 -8.83 -28.08
CA ASP Y 34 -31.73 -9.39 -29.19
C ASP Y 34 -30.28 -8.93 -29.13
N LYS Y 35 -29.36 -9.89 -29.00
CA LYS Y 35 -27.93 -9.60 -28.93
C LYS Y 35 -27.19 -10.09 -30.17
N ILE Y 36 -27.91 -10.56 -31.18
CA ILE Y 36 -27.32 -10.99 -32.44
C ILE Y 36 -27.67 -9.94 -33.48
N THR Y 37 -26.73 -9.05 -33.75
CA THR Y 37 -26.96 -7.91 -34.62
C THR Y 37 -26.81 -8.31 -36.08
N GLN Y 38 -27.85 -8.06 -36.86
CA GLN Y 38 -27.82 -8.32 -38.30
C GLN Y 38 -27.07 -7.19 -38.99
N LEU Y 39 -25.81 -7.45 -39.35
CA LEU Y 39 -24.97 -6.47 -40.02
C LEU Y 39 -25.36 -6.31 -41.49
N ASP Y 40 -25.31 -7.41 -42.24
CA ASP Y 40 -25.64 -7.40 -43.65
C ASP Y 40 -26.76 -8.41 -43.87
N THR Y 41 -27.19 -8.62 -45.12
CA THR Y 41 -28.21 -9.62 -45.39
C THR Y 41 -27.72 -11.05 -45.25
N HIS Y 42 -26.41 -11.26 -45.21
CA HIS Y 42 -25.82 -12.59 -45.10
C HIS Y 42 -24.79 -12.64 -43.98
N GLN Y 43 -24.72 -11.59 -43.16
CA GLN Y 43 -23.72 -11.48 -42.10
C GLN Y 43 -24.38 -11.03 -40.82
N LEU Y 44 -23.95 -11.62 -39.70
CA LEU Y 44 -24.39 -11.20 -38.38
C LEU Y 44 -23.28 -11.45 -37.36
N VAL Y 45 -23.40 -10.80 -36.21
CA VAL Y 45 -22.42 -10.91 -35.14
C VAL Y 45 -23.17 -11.07 -33.81
N ALA Y 46 -22.71 -12.00 -32.97
CA ALA Y 46 -23.33 -12.25 -31.68
C ALA Y 46 -22.41 -11.74 -30.57
N CYS Y 47 -22.57 -10.47 -30.20
CA CYS Y 47 -21.73 -9.85 -29.19
C CYS Y 47 -22.26 -10.16 -27.79
N THR Y 48 -21.33 -10.36 -26.86
CA THR Y 48 -21.65 -10.51 -25.46
C THR Y 48 -20.92 -9.42 -24.69
N GLY Y 49 -21.41 -9.11 -23.50
CA GLY Y 49 -20.84 -8.04 -22.71
C GLY Y 49 -21.96 -7.19 -22.13
N GLU Y 50 -21.56 -6.17 -21.39
CA GLU Y 50 -22.55 -5.25 -20.85
C GLU Y 50 -23.07 -4.34 -21.96
N ASN Y 51 -24.21 -3.71 -21.69
CA ASN Y 51 -25.00 -3.14 -22.77
C ASN Y 51 -24.47 -1.78 -23.21
N GLY Y 52 -23.48 -1.25 -22.49
CA GLY Y 52 -22.89 0.01 -22.85
C GLY Y 52 -22.05 -0.04 -24.11
N PRO Y 53 -20.91 -0.71 -24.05
CA PRO Y 53 -20.07 -0.83 -25.26
C PRO Y 53 -20.64 -1.72 -26.33
N ARG Y 54 -21.61 -2.58 -26.01
CA ARG Y 54 -22.08 -3.57 -26.97
C ARG Y 54 -22.90 -2.94 -28.09
N VAL Y 55 -23.78 -1.99 -27.76
CA VAL Y 55 -24.52 -1.27 -28.80
C VAL Y 55 -23.59 -0.34 -29.56
N ASN Y 56 -22.72 0.38 -28.86
CA ASN Y 56 -21.91 1.41 -29.48
C ASN Y 56 -20.79 0.81 -30.35
N PHE Y 57 -20.40 -0.44 -30.11
CA PHE Y 57 -19.48 -1.09 -31.03
C PHE Y 57 -20.20 -1.62 -32.26
N THR Y 58 -21.38 -2.22 -32.06
CA THR Y 58 -22.10 -2.80 -33.19
C THR Y 58 -22.69 -1.73 -34.10
N GLU Y 59 -23.07 -0.57 -33.56
CA GLU Y 59 -23.59 0.49 -34.42
C GLU Y 59 -22.46 1.14 -35.22
N TYR Y 60 -21.25 1.16 -34.68
CA TYR Y 60 -20.11 1.67 -35.44
C TYR Y 60 -19.71 0.70 -36.55
N ILE Y 61 -19.80 -0.60 -36.29
CA ILE Y 61 -19.49 -1.57 -37.32
C ILE Y 61 -20.58 -1.61 -38.39
N LYS Y 62 -21.86 -1.61 -37.99
CA LYS Y 62 -22.96 -1.74 -38.93
C LYS Y 62 -23.11 -0.52 -39.84
N CYS Y 63 -22.93 0.68 -39.29
CA CYS Y 63 -23.07 1.88 -40.11
C CYS Y 63 -21.89 2.09 -41.05
N ASN Y 64 -20.76 1.43 -40.79
CA ASN Y 64 -19.63 1.55 -41.68
C ASN Y 64 -19.65 0.51 -42.79
N LEU Y 65 -20.25 -0.65 -42.55
CA LEU Y 65 -20.53 -1.58 -43.65
C LEU Y 65 -21.54 -0.99 -44.61
N ALA Y 66 -22.56 -0.31 -44.07
CA ALA Y 66 -23.56 0.30 -44.92
C ALA Y 66 -23.00 1.49 -45.69
N LEU Y 67 -22.09 2.24 -45.05
CA LEU Y 67 -21.42 3.34 -45.74
C LEU Y 67 -20.49 2.83 -46.84
N ASN Y 68 -19.84 1.69 -46.59
CA ASN Y 68 -18.99 1.10 -47.63
C ASN Y 68 -19.81 0.42 -48.71
N ARG Y 69 -21.12 0.28 -48.53
CA ARG Y 69 -21.97 -0.13 -49.63
C ARG Y 69 -22.57 1.07 -50.35
N MET Y 70 -22.66 2.23 -49.69
CA MET Y 70 -23.09 3.44 -50.38
C MET Y 70 -22.03 3.91 -51.36
N ARG Y 71 -20.79 4.03 -50.89
CA ARG Y 71 -19.68 4.54 -51.68
C ARG Y 71 -19.19 3.54 -52.72
N GLN Y 72 -19.60 2.27 -52.65
CA GLN Y 72 -19.14 1.26 -53.59
C GLN Y 72 -20.29 0.65 -54.38
N HIS Y 73 -21.39 1.39 -54.51
CA HIS Y 73 -22.54 1.07 -55.38
C HIS Y 73 -23.20 -0.25 -55.02
N GLY Y 74 -23.39 -0.46 -53.71
CA GLY Y 74 -24.14 -1.61 -53.25
C GLY Y 74 -23.45 -2.95 -53.40
N ARG Y 75 -22.12 -2.97 -53.34
CA ARG Y 75 -21.36 -4.21 -53.50
C ARG Y 75 -21.02 -4.75 -52.12
N HIS Y 76 -21.53 -5.95 -51.82
CA HIS Y 76 -21.37 -6.52 -50.51
C HIS Y 76 -19.98 -7.13 -50.35
N SER Y 77 -19.26 -6.69 -49.33
CA SER Y 77 -17.92 -7.17 -49.05
C SER Y 77 -17.96 -8.57 -48.46
N SER Y 78 -16.80 -9.22 -48.46
CA SER Y 78 -16.70 -10.60 -47.99
C SER Y 78 -16.77 -10.65 -46.46
N CYS Y 79 -16.86 -11.87 -45.94
CA CYS Y 79 -16.96 -12.03 -44.49
C CYS Y 79 -15.60 -11.87 -43.82
N GLU Y 80 -14.51 -12.16 -44.53
CA GLU Y 80 -13.19 -11.95 -43.96
C GLU Y 80 -12.83 -10.47 -43.94
N SER Y 81 -13.38 -9.69 -44.87
CA SER Y 81 -13.10 -8.26 -44.92
C SER Y 81 -13.86 -7.54 -43.82
N THR Y 82 -15.02 -8.06 -43.44
CA THR Y 82 -15.75 -7.49 -42.32
C THR Y 82 -15.10 -7.87 -40.99
N ALA Y 83 -14.63 -9.12 -40.89
CA ALA Y 83 -14.04 -9.61 -39.64
C ALA Y 83 -12.70 -8.94 -39.36
N ASN Y 84 -11.93 -8.65 -40.42
CA ASN Y 84 -10.66 -7.97 -40.24
C ASN Y 84 -10.86 -6.48 -39.98
N PHE Y 85 -11.99 -5.93 -40.41
CA PHE Y 85 -12.33 -4.56 -40.05
C PHE Y 85 -12.77 -4.48 -38.59
N MET Y 86 -13.33 -5.57 -38.06
CA MET Y 86 -13.79 -5.56 -36.68
C MET Y 86 -12.63 -5.59 -35.70
N ARG Y 87 -11.67 -6.49 -35.91
CA ARG Y 87 -10.57 -6.62 -34.95
C ARG Y 87 -9.60 -5.45 -35.04
N ASN Y 88 -9.64 -4.69 -36.13
CA ASN Y 88 -8.94 -3.41 -36.19
C ASN Y 88 -9.52 -2.42 -35.18
N CYS Y 89 -10.81 -2.52 -34.89
CA CYS Y 89 -11.42 -1.62 -33.93
C CYS Y 89 -11.22 -2.11 -32.49
N LEU Y 90 -11.01 -3.42 -32.31
CA LEU Y 90 -10.68 -3.92 -30.98
C LEU Y 90 -9.23 -3.62 -30.64
N ALA Y 91 -8.33 -3.80 -31.61
CA ALA Y 91 -6.90 -3.69 -31.33
C ALA Y 91 -6.46 -2.24 -31.21
N SER Y 92 -7.09 -1.34 -31.94
CA SER Y 92 -6.75 0.07 -31.80
C SER Y 92 -7.38 0.71 -30.58
N ALA Y 93 -8.28 0.03 -29.89
CA ALA Y 93 -8.94 0.59 -28.72
C ALA Y 93 -8.28 0.19 -27.42
N ILE Y 94 -7.46 -0.87 -27.40
CA ILE Y 94 -6.73 -1.23 -26.18
C ILE Y 94 -5.51 -0.36 -25.97
N ARG Y 95 -5.15 0.47 -26.94
CA ARG Y 95 -4.03 1.40 -26.84
C ARG Y 95 -4.49 2.82 -27.14
N SER Y 96 -5.62 3.22 -26.56
CA SER Y 96 -6.20 4.53 -26.80
C SER Y 96 -6.57 5.19 -25.48
N ARG Y 97 -7.20 6.36 -25.59
CA ARG Y 97 -7.59 7.11 -24.40
C ARG Y 97 -8.78 6.48 -23.71
N GLU Y 98 -9.84 6.18 -24.48
CA GLU Y 98 -11.12 5.81 -23.91
C GLU Y 98 -11.12 4.41 -23.31
N GLY Y 99 -10.19 3.55 -23.70
CA GLY Y 99 -10.08 2.23 -23.14
C GLY Y 99 -10.60 1.15 -24.07
N ALA Y 100 -10.46 -0.08 -23.62
CA ALA Y 100 -10.82 -1.24 -24.43
C ALA Y 100 -12.33 -1.48 -24.41
N TYR Y 101 -12.86 -1.93 -25.55
CA TYR Y 101 -14.22 -2.42 -25.61
C TYR Y 101 -14.30 -3.73 -24.83
N GLN Y 102 -15.26 -3.83 -23.92
CA GLN Y 102 -15.44 -5.07 -23.16
C GLN Y 102 -16.53 -5.92 -23.83
N VAL Y 103 -16.30 -6.23 -25.11
CA VAL Y 103 -17.22 -7.04 -25.88
C VAL Y 103 -16.51 -8.29 -26.37
N ASN Y 104 -17.18 -9.43 -26.24
CA ASN Y 104 -16.74 -10.69 -26.80
C ASN Y 104 -17.75 -11.13 -27.83
N CYS Y 105 -17.30 -11.45 -29.04
CA CYS Y 105 -18.21 -11.62 -30.15
C CYS Y 105 -17.81 -12.78 -31.05
N LEU Y 106 -18.81 -13.31 -31.74
CA LEU Y 106 -18.66 -14.40 -32.71
C LEU Y 106 -19.23 -13.90 -34.03
N PHE Y 107 -18.38 -13.73 -35.03
CA PHE Y 107 -18.82 -13.29 -36.35
C PHE Y 107 -19.25 -14.52 -37.15
N ALA Y 108 -20.31 -14.37 -37.93
CA ALA Y 108 -20.85 -15.46 -38.73
C ALA Y 108 -21.31 -14.91 -40.08
N GLY Y 109 -21.22 -15.75 -41.11
CA GLY Y 109 -21.64 -15.29 -42.42
C GLY Y 109 -21.61 -16.41 -43.44
N TYR Y 110 -22.10 -16.07 -44.64
CA TYR Y 110 -22.10 -16.98 -45.78
C TYR Y 110 -21.56 -16.22 -46.98
N ASP Y 111 -20.62 -16.83 -47.70
CA ASP Y 111 -19.99 -16.18 -48.85
C ASP Y 111 -20.68 -16.58 -50.14
N THR Y 112 -21.24 -15.60 -50.84
CA THR Y 112 -21.87 -15.82 -52.12
C THR Y 112 -21.05 -15.15 -53.23
N PRO Y 113 -21.01 -15.72 -54.43
CA PRO Y 113 -20.32 -15.05 -55.53
C PRO Y 113 -21.09 -13.82 -56.01
N VAL Y 114 -20.44 -12.66 -55.89
CA VAL Y 114 -21.10 -11.40 -56.24
C VAL Y 114 -21.16 -11.21 -57.75
N SER Y 115 -20.28 -11.85 -58.52
CA SER Y 115 -20.32 -11.77 -59.98
C SER Y 115 -19.79 -13.08 -60.53
N GLU Y 116 -19.68 -13.14 -61.86
CA GLU Y 116 -19.15 -14.34 -62.50
C GLU Y 116 -17.63 -14.42 -62.40
N ASP Y 117 -16.95 -13.29 -62.16
CA ASP Y 117 -15.51 -13.31 -62.03
C ASP Y 117 -15.07 -13.64 -60.60
N ASP Y 118 -16.01 -13.64 -59.65
CA ASP Y 118 -15.66 -13.98 -58.28
C ASP Y 118 -15.49 -15.49 -58.15
N ASP Y 119 -14.30 -15.91 -57.76
CA ASP Y 119 -13.99 -17.32 -57.57
C ASP Y 119 -13.47 -17.54 -56.15
N GLY Y 120 -14.00 -16.79 -55.20
CA GLY Y 120 -13.57 -16.82 -53.83
C GLY Y 120 -14.22 -17.94 -53.04
N VAL Y 121 -14.63 -17.62 -51.81
CA VAL Y 121 -15.23 -18.62 -50.93
C VAL Y 121 -16.70 -18.82 -51.30
N VAL Y 122 -17.14 -20.08 -51.22
CA VAL Y 122 -18.53 -20.42 -51.50
C VAL Y 122 -19.20 -20.83 -50.19
N GLY Y 123 -18.41 -21.40 -49.27
CA GLY Y 123 -18.96 -21.98 -48.07
C GLY Y 123 -19.29 -20.99 -46.97
N PRO Y 124 -19.59 -21.52 -45.78
CA PRO Y 124 -19.90 -20.65 -44.64
C PRO Y 124 -18.66 -20.16 -43.92
N GLN Y 125 -18.84 -19.09 -43.14
CA GLN Y 125 -17.74 -18.49 -42.38
C GLN Y 125 -18.16 -18.25 -40.94
N LEU Y 126 -17.24 -18.56 -40.02
CA LEU Y 126 -17.46 -18.42 -38.59
C LEU Y 126 -16.14 -18.04 -37.93
N PHE Y 127 -16.14 -16.90 -37.23
CA PHE Y 127 -14.91 -16.33 -36.67
C PHE Y 127 -15.06 -16.09 -35.18
N TYR Y 128 -14.13 -16.64 -34.41
CA TYR Y 128 -14.02 -16.36 -32.99
C TYR Y 128 -13.28 -15.04 -32.81
N MET Y 129 -13.72 -14.22 -31.88
CA MET Y 129 -13.05 -12.97 -31.56
C MET Y 129 -12.93 -12.79 -30.05
N ASP Y 130 -12.34 -11.68 -29.65
CA ASP Y 130 -12.08 -11.39 -28.25
C ASP Y 130 -12.16 -9.88 -28.03
N TYR Y 131 -12.08 -9.45 -26.77
CA TYR Y 131 -12.10 -8.02 -26.48
C TYR Y 131 -10.77 -7.35 -26.75
N LEU Y 132 -9.67 -8.12 -26.73
CA LEU Y 132 -8.37 -7.56 -27.03
C LEU Y 132 -8.18 -7.31 -28.51
N GLY Y 133 -8.63 -8.22 -29.36
CA GLY Y 133 -8.42 -8.12 -30.79
C GLY Y 133 -7.94 -9.42 -31.42
N THR Y 134 -8.05 -10.51 -30.68
CA THR Y 134 -7.77 -11.83 -31.22
C THR Y 134 -8.81 -12.18 -32.28
N LEU Y 135 -8.36 -12.76 -33.38
CA LEU Y 135 -9.24 -13.23 -34.44
C LEU Y 135 -8.81 -14.64 -34.84
N GLN Y 136 -9.77 -15.55 -34.90
CA GLN Y 136 -9.48 -16.93 -35.26
C GLN Y 136 -10.68 -17.54 -35.96
N ALA Y 137 -10.47 -18.04 -37.17
CA ALA Y 137 -11.49 -18.82 -37.86
C ALA Y 137 -11.54 -20.22 -37.26
N VAL Y 138 -12.73 -20.63 -36.84
CA VAL Y 138 -12.88 -21.81 -35.99
C VAL Y 138 -14.15 -22.55 -36.40
N PRO Y 139 -14.14 -23.90 -36.30
CA PRO Y 139 -15.37 -24.66 -36.58
C PRO Y 139 -16.55 -24.34 -35.66
N TYR Y 140 -16.29 -24.00 -34.42
CA TYR Y 140 -17.33 -23.58 -33.48
C TYR Y 140 -16.69 -22.76 -32.36
N GLY Y 141 -17.40 -21.73 -31.94
CA GLY Y 141 -16.88 -20.83 -30.93
C GLY Y 141 -17.92 -20.54 -29.87
N CYS Y 142 -17.45 -20.25 -28.66
CA CYS Y 142 -18.32 -20.09 -27.52
C CYS Y 142 -17.76 -19.02 -26.58
N HIS Y 143 -18.65 -18.22 -26.00
CA HIS Y 143 -18.27 -17.27 -24.97
C HIS Y 143 -19.17 -17.47 -23.75
N GLY Y 144 -18.84 -16.76 -22.68
CA GLY Y 144 -19.63 -16.74 -21.47
C GLY Y 144 -19.15 -17.75 -20.44
N TYR Y 145 -19.90 -17.80 -19.33
CA TYR Y 145 -19.66 -18.80 -18.28
C TYR Y 145 -19.90 -20.22 -18.75
N GLY Y 146 -20.98 -20.45 -19.49
CA GLY Y 146 -21.31 -21.78 -19.98
C GLY Y 146 -20.59 -22.21 -21.23
N ALA Y 147 -19.59 -21.46 -21.67
CA ALA Y 147 -18.83 -21.79 -22.88
C ALA Y 147 -18.09 -23.10 -22.74
N CYS Y 148 -17.47 -23.33 -21.57
CA CYS Y 148 -16.67 -24.54 -21.39
C CYS Y 148 -17.54 -25.76 -21.22
N PHE Y 149 -18.80 -25.58 -20.80
CA PHE Y 149 -19.73 -26.70 -20.74
C PHE Y 149 -20.09 -27.17 -22.15
N VAL Y 150 -20.19 -26.23 -23.09
CA VAL Y 150 -20.75 -26.53 -24.40
C VAL Y 150 -19.68 -26.65 -25.47
N THR Y 151 -18.47 -26.16 -25.23
CA THR Y 151 -17.38 -26.39 -26.18
C THR Y 151 -16.94 -27.85 -26.15
N ALA Y 152 -16.95 -28.46 -24.96
CA ALA Y 152 -16.65 -29.88 -24.87
C ALA Y 152 -17.86 -30.73 -25.22
N LEU Y 153 -19.05 -30.13 -25.21
CA LEU Y 153 -20.22 -30.81 -25.77
C LEU Y 153 -20.12 -30.89 -27.29
N LEU Y 154 -19.65 -29.81 -27.93
CA LEU Y 154 -19.46 -29.81 -29.36
C LEU Y 154 -18.21 -30.57 -29.79
N ASP Y 155 -17.28 -30.82 -28.86
CA ASP Y 155 -16.22 -31.78 -29.13
C ASP Y 155 -16.77 -33.19 -29.30
N ARG Y 156 -17.89 -33.48 -28.65
CA ARG Y 156 -18.47 -34.83 -28.67
C ARG Y 156 -19.39 -35.04 -29.87
N LEU Y 157 -20.23 -34.06 -30.20
CA LEU Y 157 -21.39 -34.30 -31.03
C LEU Y 157 -21.41 -33.57 -32.35
N TRP Y 158 -20.58 -32.54 -32.53
CA TRP Y 158 -20.58 -31.79 -33.79
C TRP Y 158 -19.99 -32.62 -34.91
N ARG Y 159 -20.62 -32.55 -36.09
CA ARG Y 159 -20.16 -33.21 -37.30
C ARG Y 159 -20.21 -32.20 -38.44
N PRO Y 160 -19.29 -32.27 -39.39
CA PRO Y 160 -19.30 -31.30 -40.49
C PRO Y 160 -20.46 -31.45 -41.46
N ASP Y 161 -21.14 -32.60 -41.45
CA ASP Y 161 -22.20 -32.89 -42.41
C ASP Y 161 -23.58 -32.91 -41.75
N LEU Y 162 -23.76 -32.13 -40.69
CA LEU Y 162 -25.05 -32.02 -40.03
C LEU Y 162 -26.05 -31.29 -40.91
N SER Y 163 -27.30 -31.72 -40.83
CA SER Y 163 -28.37 -31.09 -41.60
C SER Y 163 -29.00 -29.96 -40.80
N GLN Y 164 -30.04 -29.37 -41.38
CA GLN Y 164 -30.72 -28.24 -40.76
C GLN Y 164 -31.48 -28.68 -39.51
N GLN Y 165 -32.00 -29.91 -39.50
CA GLN Y 165 -32.73 -30.40 -38.33
C GLN Y 165 -31.81 -31.07 -37.33
N GLU Y 166 -30.75 -31.74 -37.80
CA GLU Y 166 -29.83 -32.40 -36.88
C GLU Y 166 -28.99 -31.40 -36.11
N GLY Y 167 -28.66 -30.26 -36.74
CA GLY Y 167 -28.03 -29.18 -36.00
C GLY Y 167 -29.02 -28.37 -35.19
N LEU Y 168 -30.31 -28.52 -35.47
CA LEU Y 168 -31.31 -27.83 -34.67
C LEU Y 168 -31.54 -28.54 -33.35
N GLU Y 169 -31.48 -29.86 -33.34
CA GLU Y 169 -31.58 -30.63 -32.11
C GLU Y 169 -30.26 -30.71 -31.37
N LEU Y 170 -29.15 -30.35 -32.02
CA LEU Y 170 -27.89 -30.19 -31.33
C LEU Y 170 -27.85 -28.89 -30.53
N MET Y 171 -28.33 -27.79 -31.12
CA MET Y 171 -28.43 -26.52 -30.43
C MET Y 171 -29.41 -26.59 -29.25
N GLN Y 172 -30.44 -27.44 -29.34
CA GLN Y 172 -31.32 -27.65 -28.19
C GLN Y 172 -30.60 -28.33 -27.04
N LYS Y 173 -29.70 -29.27 -27.34
CA LYS Y 173 -28.82 -29.82 -26.31
C LYS Y 173 -27.83 -28.80 -25.78
N CYS Y 174 -27.42 -27.85 -26.64
CA CYS Y 174 -26.51 -26.78 -26.21
C CYS Y 174 -27.20 -25.82 -25.27
N CYS Y 175 -28.50 -25.58 -25.46
CA CYS Y 175 -29.22 -24.66 -24.59
C CYS Y 175 -29.66 -25.31 -23.29
N ASP Y 176 -29.83 -26.64 -23.29
CA ASP Y 176 -30.32 -27.31 -22.08
C ASP Y 176 -29.18 -27.59 -21.11
N GLU Y 177 -27.93 -27.58 -21.59
CA GLU Y 177 -26.80 -27.77 -20.69
C GLU Y 177 -26.51 -26.50 -19.90
N VAL Y 178 -26.68 -25.33 -20.53
CA VAL Y 178 -26.45 -24.07 -19.84
C VAL Y 178 -27.53 -23.84 -18.79
N LYS Y 179 -28.74 -24.35 -19.02
CA LYS Y 179 -29.78 -24.28 -18.00
C LYS Y 179 -29.55 -25.26 -16.86
N ARG Y 180 -28.62 -26.20 -17.03
CA ARG Y 180 -28.50 -27.29 -16.06
C ARG Y 180 -27.38 -27.04 -15.07
N ARG Y 181 -26.29 -26.41 -15.49
CA ARG Y 181 -25.12 -26.27 -14.66
C ARG Y 181 -24.76 -24.83 -14.30
N VAL Y 182 -25.05 -23.86 -15.15
CA VAL Y 182 -24.70 -22.48 -14.92
C VAL Y 182 -25.68 -21.91 -13.91
N ILE Y 183 -25.17 -21.18 -12.91
CA ILE Y 183 -26.03 -20.59 -11.89
C ILE Y 183 -26.78 -19.39 -12.47
N ILE Y 184 -26.25 -18.81 -13.55
CA ILE Y 184 -26.88 -17.64 -14.16
C ILE Y 184 -28.08 -18.09 -14.97
N SER Y 185 -29.23 -17.46 -14.73
CA SER Y 185 -30.49 -17.90 -15.32
C SER Y 185 -30.59 -17.45 -16.76
N ASN Y 186 -30.18 -18.31 -17.69
CA ASN Y 186 -30.36 -18.11 -19.11
C ASN Y 186 -31.50 -19.00 -19.59
N SER Y 187 -32.63 -18.37 -19.90
CA SER Y 187 -33.84 -19.14 -20.21
C SER Y 187 -34.28 -18.99 -21.66
N TYR Y 188 -33.87 -17.91 -22.34
CA TYR Y 188 -34.28 -17.64 -23.71
C TYR Y 188 -33.06 -17.25 -24.54
N PHE Y 189 -32.86 -17.95 -25.66
CA PHE Y 189 -31.55 -18.06 -26.29
C PHE Y 189 -31.42 -17.46 -27.68
N PHE Y 190 -32.52 -17.04 -28.32
CA PHE Y 190 -32.52 -16.34 -29.61
C PHE Y 190 -31.76 -17.01 -30.75
N VAL Y 191 -32.17 -18.19 -31.18
CA VAL Y 191 -31.42 -18.94 -32.18
C VAL Y 191 -31.71 -18.37 -33.56
N LYS Y 192 -30.63 -17.97 -34.25
CA LYS Y 192 -30.70 -17.53 -35.63
C LYS Y 192 -29.78 -18.41 -36.46
N ALA Y 193 -29.94 -18.33 -37.78
CA ALA Y 193 -29.15 -19.13 -38.70
C ALA Y 193 -28.86 -18.35 -39.98
N VAL Y 194 -27.68 -18.58 -40.54
CA VAL Y 194 -27.26 -17.95 -41.78
C VAL Y 194 -27.14 -19.02 -42.85
N THR Y 195 -27.93 -18.89 -43.92
CA THR Y 195 -27.89 -19.84 -45.01
C THR Y 195 -27.66 -19.12 -46.33
N LYS Y 196 -27.81 -19.82 -47.46
CA LYS Y 196 -27.59 -19.20 -48.76
C LYS Y 196 -28.68 -18.21 -49.14
N ASN Y 197 -29.81 -18.21 -48.45
CA ASN Y 197 -30.91 -17.30 -48.74
C ASN Y 197 -30.99 -16.15 -47.73
N GLY Y 198 -29.93 -15.93 -46.96
CA GLY Y 198 -29.92 -14.87 -45.98
C GLY Y 198 -30.00 -15.42 -44.56
N VAL Y 199 -30.37 -14.52 -43.65
CA VAL Y 199 -30.53 -14.89 -42.25
C VAL Y 199 -31.97 -15.32 -42.01
N GLU Y 200 -32.17 -16.09 -40.94
CA GLU Y 200 -33.49 -16.54 -40.56
C GLU Y 200 -33.56 -16.72 -39.04
N VAL Y 201 -34.68 -16.31 -38.46
CA VAL Y 201 -34.85 -16.35 -37.01
C VAL Y 201 -35.60 -17.62 -36.66
N ILE Y 202 -34.91 -18.58 -36.06
CA ILE Y 202 -35.50 -19.86 -35.72
C ILE Y 202 -36.35 -19.71 -34.47
N THR Y 203 -37.63 -20.04 -34.59
CA THR Y 203 -38.59 -19.89 -33.51
C THR Y 203 -38.59 -21.07 -32.54
N ALA Y 204 -38.22 -22.27 -33.02
CA ALA Y 204 -38.42 -23.49 -32.26
C ALA Y 204 -37.49 -23.58 -31.06
N VAL Y 205 -36.17 -23.57 -31.30
CA VAL Y 205 -35.22 -23.70 -30.21
C VAL Y 205 -35.08 -22.38 -29.48
N HIS Y 206 -35.38 -22.38 -28.19
CA HIS Y 206 -35.30 -21.19 -27.36
C HIS Y 206 -34.63 -21.48 -26.03
N THR Z 1 -33.17 6.84 -3.09
CA THR Z 1 -33.98 7.13 -4.26
C THR Z 1 -34.61 5.86 -4.80
N THR Z 2 -35.94 5.88 -4.91
CA THR Z 2 -36.70 4.86 -5.60
C THR Z 2 -37.47 5.53 -6.73
N THR Z 3 -37.35 4.98 -7.94
CA THR Z 3 -37.94 5.58 -9.13
C THR Z 3 -38.38 4.49 -10.08
N LEU Z 4 -39.65 4.50 -10.46
CA LEU Z 4 -40.15 3.51 -11.41
C LEU Z 4 -41.03 4.20 -12.43
N ALA Z 5 -41.23 3.51 -13.55
CA ALA Z 5 -42.14 3.92 -14.60
C ALA Z 5 -42.49 2.68 -15.40
N PHE Z 6 -43.77 2.57 -15.78
CA PHE Z 6 -44.16 1.40 -16.56
C PHE Z 6 -45.08 1.81 -17.70
N ARG Z 7 -45.17 0.91 -18.68
CA ARG Z 7 -45.85 1.11 -19.95
C ARG Z 7 -47.06 0.20 -20.00
N PHE Z 8 -48.21 0.74 -20.37
CA PHE Z 8 -49.41 -0.10 -20.43
C PHE Z 8 -50.36 0.42 -21.50
N ASN Z 9 -51.54 -0.20 -21.59
CA ASN Z 9 -52.55 0.18 -22.58
C ASN Z 9 -53.21 1.46 -22.10
N GLY Z 10 -52.66 2.59 -22.54
CA GLY Z 10 -53.17 3.88 -22.15
C GLY Z 10 -52.09 4.91 -21.89
N GLY Z 11 -50.82 4.48 -21.98
CA GLY Z 11 -49.71 5.40 -21.82
C GLY Z 11 -48.66 4.94 -20.83
N ILE Z 12 -47.92 5.88 -20.25
CA ILE Z 12 -46.85 5.58 -19.32
C ILE Z 12 -47.12 6.35 -18.03
N ILE Z 13 -46.97 5.68 -16.89
CA ILE Z 13 -47.09 6.31 -15.58
C ILE Z 13 -45.72 6.30 -14.91
N VAL Z 14 -45.25 7.49 -14.52
CA VAL Z 14 -43.97 7.68 -13.85
C VAL Z 14 -44.25 7.96 -12.38
N ALA Z 15 -43.52 7.29 -11.50
CA ALA Z 15 -43.73 7.44 -10.06
C ALA Z 15 -42.39 7.42 -9.33
N VAL Z 16 -42.19 8.40 -8.45
CA VAL Z 16 -40.89 8.67 -7.82
C VAL Z 16 -41.07 8.95 -6.34
N ASP Z 17 -39.94 9.09 -5.65
CA ASP Z 17 -39.87 9.65 -4.30
C ASP Z 17 -39.34 11.08 -4.38
N SER Z 18 -39.04 11.67 -3.21
CA SER Z 18 -38.52 13.04 -3.15
C SER Z 18 -37.44 13.21 -2.08
N ARG Z 19 -36.49 12.28 -1.99
CA ARG Z 19 -35.54 12.30 -0.88
C ARG Z 19 -34.11 12.27 -1.39
N ALA Z 20 -33.26 13.11 -0.82
CA ALA Z 20 -31.84 13.19 -1.16
C ALA Z 20 -31.02 13.14 0.12
N SER Z 21 -30.22 12.09 0.28
CA SER Z 21 -29.47 11.86 1.51
C SER Z 21 -27.98 11.73 1.19
N THR Z 22 -27.14 12.33 2.03
CA THR Z 22 -25.68 12.23 1.91
C THR Z 22 -25.19 11.21 2.91
N GLY Z 23 -25.39 9.94 2.61
CA GLY Z 23 -24.97 8.87 3.52
C GLY Z 23 -26.04 8.58 4.58
N GLN Z 24 -25.80 9.05 5.80
CA GLN Z 24 -26.78 8.91 6.87
C GLN Z 24 -27.49 10.21 7.23
N TYR Z 25 -27.12 11.33 6.62
CA TYR Z 25 -27.80 12.60 6.82
C TYR Z 25 -28.69 12.87 5.62
N ILE Z 26 -29.93 13.26 5.88
CA ILE Z 26 -30.89 13.58 4.82
C ILE Z 26 -30.74 15.05 4.48
N ALA Z 27 -30.31 15.34 3.24
CA ALA Z 27 -30.07 16.71 2.85
C ALA Z 27 -31.37 17.47 2.63
N SER Z 28 -32.30 16.88 1.88
CA SER Z 28 -33.53 17.56 1.52
C SER Z 28 -34.66 16.55 1.46
N GLN Z 29 -35.89 17.06 1.36
CA GLN Z 29 -37.08 16.21 1.32
C GLN Z 29 -38.07 16.69 0.26
N THR Z 30 -37.74 17.74 -0.49
CA THR Z 30 -38.61 18.19 -1.57
C THR Z 30 -37.85 18.23 -2.89
N VAL Z 31 -37.13 17.16 -3.22
CA VAL Z 31 -36.40 17.11 -4.47
C VAL Z 31 -37.32 16.60 -5.59
N MET Z 32 -37.41 17.38 -6.66
CA MET Z 32 -38.17 16.99 -7.84
C MET Z 32 -37.36 15.93 -8.57
N LYS Z 33 -37.74 14.66 -8.39
CA LYS Z 33 -37.04 13.58 -9.06
C LYS Z 33 -37.35 13.48 -10.55
N VAL Z 34 -38.40 14.13 -11.04
CA VAL Z 34 -38.73 14.10 -12.45
C VAL Z 34 -38.44 15.48 -13.03
N LEU Z 35 -37.52 15.54 -13.98
CA LEU Z 35 -37.29 16.74 -14.77
C LEU Z 35 -38.08 16.56 -16.06
N GLU Z 36 -39.12 17.37 -16.22
CA GLU Z 36 -39.86 17.36 -17.47
C GLU Z 36 -39.01 18.01 -18.55
N ILE Z 37 -38.76 17.29 -19.64
CA ILE Z 37 -37.85 17.78 -20.67
C ILE Z 37 -38.57 18.81 -21.53
N ASN Z 38 -39.75 18.46 -22.03
CA ASN Z 38 -40.67 19.42 -22.61
C ASN Z 38 -42.10 18.92 -22.39
N ASP Z 39 -43.07 19.47 -23.12
CA ASP Z 39 -44.48 19.16 -22.86
C ASP Z 39 -44.94 17.82 -23.41
N TYR Z 40 -44.04 16.98 -23.91
CA TYR Z 40 -44.38 15.61 -24.27
C TYR Z 40 -43.34 14.59 -23.85
N LEU Z 41 -42.26 14.99 -23.19
CA LEU Z 41 -41.23 14.09 -22.69
C LEU Z 41 -41.12 14.21 -21.18
N LEU Z 42 -40.53 13.20 -20.56
CA LEU Z 42 -40.16 13.23 -19.16
C LEU Z 42 -38.78 12.62 -18.98
N GLY Z 43 -38.16 12.97 -17.85
CA GLY Z 43 -36.91 12.33 -17.47
C GLY Z 43 -36.82 12.29 -15.96
N THR Z 44 -36.37 11.15 -15.45
CA THR Z 44 -36.23 10.95 -14.02
C THR Z 44 -34.76 11.08 -13.64
N LEU Z 45 -34.48 11.07 -12.35
CA LEU Z 45 -33.12 11.23 -11.86
C LEU Z 45 -32.87 10.25 -10.72
N ALA Z 46 -31.71 9.59 -10.77
CA ALA Z 46 -31.29 8.69 -9.71
C ALA Z 46 -29.76 8.66 -9.69
N GLY Z 47 -29.20 8.51 -8.50
CA GLY Z 47 -27.76 8.55 -8.35
C GLY Z 47 -27.29 9.92 -7.90
N GLY Z 48 -26.28 10.46 -8.58
CA GLY Z 48 -25.76 11.78 -8.25
C GLY Z 48 -26.75 12.88 -8.57
N ALA Z 49 -26.97 13.79 -7.62
CA ALA Z 49 -27.98 14.83 -7.82
C ALA Z 49 -27.53 15.87 -8.83
N ALA Z 50 -26.25 16.23 -8.84
CA ALA Z 50 -25.78 17.23 -9.77
C ALA Z 50 -25.50 16.67 -11.15
N ASP Z 51 -25.11 15.38 -11.23
CA ASP Z 51 -24.83 14.76 -12.52
C ASP Z 51 -26.12 14.56 -13.31
N CYS Z 52 -27.24 14.39 -12.62
CA CYS Z 52 -28.53 14.24 -13.30
C CYS Z 52 -29.10 15.58 -13.71
N GLN Z 53 -29.07 16.56 -12.81
CA GLN Z 53 -29.70 17.85 -13.08
C GLN Z 53 -28.92 18.66 -14.11
N TYR Z 54 -27.64 18.35 -14.28
CA TYR Z 54 -26.88 18.99 -15.35
C TYR Z 54 -27.23 18.40 -16.70
N TRP Z 55 -27.06 17.08 -16.86
CA TRP Z 55 -27.14 16.50 -18.20
C TRP Z 55 -28.58 16.33 -18.69
N GLU Z 56 -29.57 16.35 -17.81
CA GLU Z 56 -30.94 16.43 -18.28
C GLU Z 56 -31.39 17.84 -18.54
N ARG Z 57 -30.61 18.83 -18.11
CA ARG Z 57 -30.78 20.19 -18.59
C ARG Z 57 -30.06 20.40 -19.92
N VAL Z 58 -28.96 19.67 -20.13
CA VAL Z 58 -28.32 19.61 -21.44
C VAL Z 58 -29.22 18.86 -22.42
N LEU Z 59 -29.88 17.80 -21.96
CA LEU Z 59 -30.82 17.06 -22.80
C LEU Z 59 -32.04 17.90 -23.16
N GLY Z 60 -32.52 18.72 -22.23
CA GLY Z 60 -33.61 19.64 -22.54
C GLY Z 60 -33.21 20.78 -23.46
N MET Z 61 -31.90 21.01 -23.64
CA MET Z 61 -31.44 22.03 -24.57
C MET Z 61 -31.29 21.46 -25.97
N GLU Z 62 -30.87 20.21 -26.09
CA GLU Z 62 -30.75 19.56 -27.38
C GLU Z 62 -32.11 19.16 -27.95
N CYS Z 63 -33.12 18.99 -27.11
CA CYS Z 63 -34.46 18.74 -27.62
C CYS Z 63 -35.13 20.03 -28.09
N ARG Z 64 -34.85 21.15 -27.44
CA ARG Z 64 -35.39 22.44 -27.88
C ARG Z 64 -34.73 22.91 -29.17
N LEU Z 65 -33.43 22.68 -29.32
CA LEU Z 65 -32.73 23.03 -30.55
C LEU Z 65 -33.11 22.13 -31.71
N TRP Z 66 -33.63 20.92 -31.44
CA TRP Z 66 -34.14 20.08 -32.51
C TRP Z 66 -35.39 20.70 -33.13
N GLU Z 67 -36.30 21.21 -32.30
CA GLU Z 67 -37.56 21.78 -32.79
C GLU Z 67 -37.33 23.10 -33.52
N LEU Z 68 -36.27 23.83 -33.18
CA LEU Z 68 -35.97 25.08 -33.86
C LEU Z 68 -35.45 24.85 -35.26
N ARG Z 69 -34.58 23.85 -35.42
CA ARG Z 69 -33.97 23.61 -36.73
C ARG Z 69 -34.90 22.81 -37.63
N ASN Z 70 -35.40 21.68 -37.15
CA ASN Z 70 -36.12 20.76 -38.01
C ASN Z 70 -37.62 21.04 -38.04
N GLY Z 71 -38.11 21.96 -37.23
CA GLY Z 71 -39.50 22.36 -37.27
C GLY Z 71 -40.50 21.37 -36.70
N SER Z 72 -40.05 20.23 -36.19
CA SER Z 72 -40.94 19.22 -35.66
C SER Z 72 -40.42 18.73 -34.32
N ARG Z 73 -41.24 17.91 -33.67
CA ARG Z 73 -40.88 17.36 -32.37
C ARG Z 73 -39.78 16.32 -32.51
N ILE Z 74 -39.03 16.13 -31.43
CA ILE Z 74 -38.05 15.06 -31.38
C ILE Z 74 -38.72 13.77 -30.91
N THR Z 75 -38.28 12.65 -31.46
CA THR Z 75 -38.77 11.36 -30.99
C THR Z 75 -38.10 11.01 -29.66
N VAL Z 76 -38.57 9.93 -29.06
CA VAL Z 76 -37.94 9.47 -27.84
C VAL Z 76 -36.74 8.58 -28.17
N ALA Z 77 -36.74 7.96 -29.36
CA ALA Z 77 -35.61 7.16 -29.78
C ALA Z 77 -34.42 8.04 -30.16
N ALA Z 78 -34.68 9.30 -30.50
CA ALA Z 78 -33.58 10.23 -30.73
C ALA Z 78 -33.19 10.96 -29.45
N ALA Z 79 -34.12 11.10 -28.51
CA ALA Z 79 -33.85 11.85 -27.29
C ALA Z 79 -32.94 11.08 -26.35
N SER Z 80 -33.15 9.78 -26.21
CA SER Z 80 -32.26 8.98 -25.37
C SER Z 80 -30.91 8.77 -26.02
N LYS Z 81 -30.86 8.66 -27.35
CA LYS Z 81 -29.61 8.51 -28.07
C LYS Z 81 -28.73 9.76 -27.97
N ILE Z 82 -29.34 10.93 -27.78
CA ILE Z 82 -28.57 12.10 -27.36
C ILE Z 82 -28.02 11.90 -25.96
N LEU Z 83 -28.85 11.43 -25.02
CA LEU Z 83 -28.40 11.25 -23.65
C LEU Z 83 -27.45 10.07 -23.50
N ALA Z 84 -27.58 9.04 -24.35
CA ALA Z 84 -26.70 7.89 -24.25
C ALA Z 84 -25.33 8.14 -24.89
N ASN Z 85 -25.25 9.00 -25.91
CA ASN Z 85 -23.96 9.32 -26.49
C ASN Z 85 -23.18 10.26 -25.58
N ILE Z 86 -23.87 11.13 -24.86
CA ILE Z 86 -23.24 11.97 -23.84
C ILE Z 86 -22.71 11.09 -22.71
N THR Z 87 -23.50 10.11 -22.30
CA THR Z 87 -23.16 9.28 -21.14
C THR Z 87 -22.01 8.33 -21.45
N TYR Z 88 -22.02 7.72 -22.64
CA TYR Z 88 -20.94 6.83 -23.05
C TYR Z 88 -19.64 7.57 -23.27
N ALA Z 89 -19.70 8.87 -23.61
CA ALA Z 89 -18.49 9.65 -23.82
C ALA Z 89 -17.76 9.93 -22.51
N TYR Z 90 -18.49 9.97 -21.40
CA TYR Z 90 -17.90 10.25 -20.09
C TYR Z 90 -18.01 9.06 -19.16
N ARG Z 91 -17.72 7.85 -19.67
CA ARG Z 91 -17.92 6.65 -18.88
C ARG Z 91 -16.77 6.40 -17.92
N ASN Z 92 -15.60 7.00 -18.19
CA ASN Z 92 -14.45 6.88 -17.31
C ASN Z 92 -14.29 8.08 -16.39
N HIS Z 93 -15.20 9.05 -16.49
CA HIS Z 93 -15.12 10.27 -15.70
C HIS Z 93 -15.90 10.18 -14.41
N GLY Z 94 -16.23 8.98 -13.95
CA GLY Z 94 -16.81 8.77 -12.64
C GLY Z 94 -18.20 9.32 -12.42
N LEU Z 95 -18.99 9.46 -13.47
CA LEU Z 95 -20.37 9.92 -13.32
C LEU Z 95 -21.23 8.83 -12.68
N SER Z 96 -22.29 9.26 -11.98
CA SER Z 96 -23.23 8.36 -11.33
C SER Z 96 -24.64 8.91 -11.58
N MET Z 97 -25.30 8.34 -12.59
CA MET Z 97 -26.64 8.76 -12.97
C MET Z 97 -27.37 7.60 -13.65
N GLY Z 98 -28.60 7.36 -13.23
CA GLY Z 98 -29.45 6.39 -13.89
C GLY Z 98 -30.81 6.97 -14.18
N THR Z 99 -31.12 7.20 -15.44
CA THR Z 99 -32.26 8.00 -15.84
C THR Z 99 -33.13 7.26 -16.84
N MET Z 100 -34.44 7.43 -16.69
CA MET Z 100 -35.42 6.91 -17.65
C MET Z 100 -36.00 8.10 -18.40
N VAL Z 101 -36.13 7.96 -19.71
CA VAL Z 101 -36.88 8.93 -20.51
C VAL Z 101 -38.20 8.27 -20.93
N ALA Z 102 -39.27 9.05 -20.92
CA ALA Z 102 -40.60 8.56 -21.26
C ALA Z 102 -41.36 9.64 -21.99
N GLY Z 103 -42.05 9.25 -23.06
CA GLY Z 103 -42.78 10.24 -23.82
C GLY Z 103 -43.64 9.61 -24.90
N TRP Z 104 -44.46 10.46 -25.52
CA TRP Z 104 -45.34 10.09 -26.60
C TRP Z 104 -44.84 10.75 -27.87
N ASP Z 105 -44.10 10.00 -28.71
CA ASP Z 105 -43.78 10.48 -30.04
C ASP Z 105 -44.84 10.01 -31.03
N GLN Z 106 -44.57 10.11 -32.33
CA GLN Z 106 -45.55 9.75 -33.36
C GLN Z 106 -45.65 8.24 -33.56
N PHE Z 107 -44.85 7.45 -32.83
CA PHE Z 107 -44.94 6.00 -32.92
C PHE Z 107 -45.48 5.39 -31.62
N GLY Z 108 -46.36 6.10 -30.93
CA GLY Z 108 -46.89 5.64 -29.67
C GLY Z 108 -46.03 6.08 -28.50
N PRO Z 109 -45.95 5.26 -27.46
CA PRO Z 109 -44.99 5.52 -26.40
C PRO Z 109 -43.69 4.76 -26.60
N SER Z 110 -42.67 5.17 -25.85
CA SER Z 110 -41.52 4.32 -25.59
C SER Z 110 -40.88 4.74 -24.28
N LEU Z 111 -40.43 3.73 -23.53
CA LEU Z 111 -39.84 3.90 -22.21
C LEU Z 111 -38.44 3.32 -22.21
N TYR Z 112 -37.43 4.17 -22.05
CA TYR Z 112 -36.05 3.77 -22.13
C TYR Z 112 -35.40 3.88 -20.76
N TYR Z 113 -34.12 3.51 -20.69
CA TYR Z 113 -33.33 3.69 -19.48
C TYR Z 113 -31.86 3.81 -19.83
N VAL Z 114 -31.20 4.85 -19.32
CA VAL Z 114 -29.81 5.14 -19.60
C VAL Z 114 -29.01 5.03 -18.31
N ASP Z 115 -27.91 4.28 -18.36
CA ASP Z 115 -26.99 4.13 -17.25
C ASP Z 115 -26.12 5.38 -17.08
N ASP Z 116 -25.11 5.26 -16.22
CA ASP Z 116 -23.97 6.17 -16.23
C ASP Z 116 -22.80 5.62 -17.04
N LYS Z 117 -23.01 4.48 -17.73
CA LYS Z 117 -21.98 3.83 -18.50
C LYS Z 117 -22.32 3.70 -19.98
N GLY Z 118 -23.41 4.31 -20.44
CA GLY Z 118 -23.73 4.34 -21.86
C GLY Z 118 -24.76 3.34 -22.32
N SER Z 119 -25.35 2.56 -21.42
CA SER Z 119 -26.36 1.59 -21.81
C SER Z 119 -27.66 2.28 -22.17
N ARG Z 120 -28.45 1.64 -23.04
CA ARG Z 120 -29.81 2.08 -23.30
C ARG Z 120 -30.64 0.84 -23.64
N VAL Z 121 -31.70 0.63 -22.88
CA VAL Z 121 -32.56 -0.54 -23.01
C VAL Z 121 -33.98 -0.09 -23.26
N LYS Z 122 -34.77 -0.97 -23.88
CA LYS Z 122 -36.15 -0.68 -24.25
C LYS Z 122 -37.04 -1.79 -23.70
N GLN Z 123 -37.75 -1.48 -22.63
CA GLN Z 123 -38.73 -2.38 -22.04
C GLN Z 123 -40.03 -1.63 -21.80
N ASP Z 124 -40.93 -2.27 -21.06
CA ASP Z 124 -42.19 -1.68 -20.66
C ASP Z 124 -42.31 -1.51 -19.15
N LEU Z 125 -41.25 -1.82 -18.41
CA LEU Z 125 -41.35 -1.95 -16.96
C LEU Z 125 -39.97 -1.78 -16.36
N PHE Z 126 -39.76 -0.68 -15.64
CA PHE Z 126 -38.50 -0.48 -14.93
C PHE Z 126 -38.77 -0.03 -13.50
N SER Z 127 -37.72 -0.15 -12.70
CA SER Z 127 -37.70 0.40 -11.34
C SER Z 127 -36.23 0.61 -11.02
N VAL Z 128 -35.83 1.87 -10.81
CA VAL Z 128 -34.42 2.18 -10.65
C VAL Z 128 -34.19 2.84 -9.30
N GLY Z 129 -32.96 2.74 -8.82
CA GLY Z 129 -32.56 3.33 -7.57
C GLY Z 129 -32.08 2.30 -6.57
N SER Z 130 -31.71 2.80 -5.39
CA SER Z 130 -31.23 1.92 -4.33
C SER Z 130 -32.37 1.12 -3.73
N GLY Z 131 -33.56 1.69 -3.65
CA GLY Z 131 -34.72 0.97 -3.15
C GLY Z 131 -35.58 0.46 -4.28
N SER Z 132 -34.97 0.18 -5.42
CA SER Z 132 -35.73 -0.36 -6.54
C SER Z 132 -36.11 -1.81 -6.31
N ILE Z 133 -35.26 -2.54 -5.59
CA ILE Z 133 -35.43 -3.98 -5.38
C ILE Z 133 -36.65 -4.26 -4.52
N TYR Z 134 -37.08 -3.30 -3.71
CA TYR Z 134 -38.36 -3.40 -3.03
C TYR Z 134 -39.53 -3.06 -3.93
N ALA Z 135 -39.32 -2.23 -4.94
CA ALA Z 135 -40.42 -1.80 -5.77
C ALA Z 135 -40.70 -2.79 -6.90
N TYR Z 136 -39.81 -3.74 -7.15
CA TYR Z 136 -40.09 -4.75 -8.18
C TYR Z 136 -41.13 -5.76 -7.71
N GLY Z 137 -40.97 -6.27 -6.48
CA GLY Z 137 -41.73 -7.44 -6.06
C GLY Z 137 -43.21 -7.16 -5.86
N VAL Z 138 -43.54 -5.92 -5.50
CA VAL Z 138 -44.95 -5.53 -5.39
C VAL Z 138 -45.51 -5.10 -6.73
N LEU Z 139 -44.66 -4.73 -7.67
CA LEU Z 139 -45.10 -4.33 -9.00
C LEU Z 139 -45.21 -5.51 -9.95
N ASP Z 140 -44.24 -6.42 -9.95
CA ASP Z 140 -44.28 -7.61 -10.80
C ASP Z 140 -45.40 -8.57 -10.43
N THR Z 141 -45.88 -8.51 -9.18
CA THR Z 141 -47.02 -9.30 -8.75
C THR Z 141 -48.34 -8.76 -9.33
N GLY Z 142 -48.48 -7.44 -9.45
CA GLY Z 142 -49.75 -6.88 -9.84
C GLY Z 142 -49.77 -6.19 -11.19
N TYR Z 143 -48.71 -6.32 -11.98
CA TYR Z 143 -48.67 -5.69 -13.29
C TYR Z 143 -49.36 -6.56 -14.33
N ARG Z 144 -50.10 -5.90 -15.23
CA ARG Z 144 -50.62 -6.50 -16.44
C ARG Z 144 -50.79 -5.38 -17.46
N LYS Z 145 -50.80 -5.74 -18.75
CA LYS Z 145 -50.73 -4.73 -19.80
C LYS Z 145 -52.00 -3.90 -19.88
N ASP Z 146 -53.16 -4.54 -19.74
CA ASP Z 146 -54.44 -3.84 -19.85
C ASP Z 146 -54.99 -3.43 -18.48
N LEU Z 147 -54.21 -2.65 -17.74
CA LEU Z 147 -54.73 -1.99 -16.55
C LEU Z 147 -55.52 -0.75 -16.94
N SER Z 148 -56.38 -0.31 -16.03
CA SER Z 148 -57.08 0.94 -16.23
C SER Z 148 -56.18 2.11 -15.83
N VAL Z 149 -56.65 3.33 -16.12
CA VAL Z 149 -55.86 4.51 -15.80
C VAL Z 149 -55.81 4.72 -14.29
N GLU Z 150 -56.91 4.46 -13.59
CA GLU Z 150 -56.96 4.67 -12.15
C GLU Z 150 -56.23 3.56 -11.38
N ASP Z 151 -56.34 2.31 -11.82
CA ASP Z 151 -55.68 1.21 -11.14
C ASP Z 151 -54.16 1.22 -11.34
N ALA Z 152 -53.69 1.66 -12.51
CA ALA Z 152 -52.26 1.75 -12.72
C ALA Z 152 -51.65 2.94 -11.98
N CYS Z 153 -52.42 4.02 -11.79
CA CYS Z 153 -52.01 5.06 -10.86
C CYS Z 153 -51.99 4.57 -9.42
N ASP Z 154 -52.87 3.64 -9.07
CA ASP Z 154 -52.88 3.09 -7.72
C ASP Z 154 -51.73 2.12 -7.52
N LEU Z 155 -51.40 1.33 -8.56
CA LEU Z 155 -50.30 0.37 -8.44
C LEU Z 155 -48.95 1.07 -8.37
N ALA Z 156 -48.80 2.20 -9.06
CA ALA Z 156 -47.55 2.95 -9.01
C ALA Z 156 -47.37 3.67 -7.68
N ARG Z 157 -48.45 4.26 -7.15
CA ARG Z 157 -48.36 4.95 -5.87
C ARG Z 157 -48.14 3.99 -4.71
N ARG Z 158 -48.63 2.76 -4.84
CA ARG Z 158 -48.48 1.74 -3.81
C ARG Z 158 -47.14 1.03 -3.90
N SER Z 159 -46.53 0.96 -5.09
CA SER Z 159 -45.24 0.31 -5.25
C SER Z 159 -44.07 1.20 -4.85
N ILE Z 160 -44.19 2.52 -5.03
CA ILE Z 160 -43.20 3.43 -4.46
C ILE Z 160 -43.24 3.37 -2.95
N PHE Z 161 -44.44 3.30 -2.37
CA PHE Z 161 -44.63 3.41 -0.92
C PHE Z 161 -43.96 2.26 -0.16
N HIS Z 162 -44.02 1.04 -0.71
CA HIS Z 162 -43.43 -0.08 -0.01
C HIS Z 162 -41.92 -0.10 -0.15
N ALA Z 163 -41.37 0.72 -1.04
CA ALA Z 163 -39.93 0.87 -1.11
C ALA Z 163 -39.43 1.98 -0.21
N THR Z 164 -40.21 3.07 -0.07
CA THR Z 164 -39.87 4.14 0.85
C THR Z 164 -39.95 3.69 2.30
N TYR Z 165 -40.86 2.77 2.60
CA TYR Z 165 -41.02 2.22 3.94
C TYR Z 165 -39.85 1.33 4.34
N ARG Z 166 -39.16 0.70 3.40
CA ARG Z 166 -38.13 -0.27 3.71
C ARG Z 166 -36.71 0.22 3.47
N ASP Z 167 -36.49 1.12 2.51
CA ASP Z 167 -35.15 1.60 2.21
C ASP Z 167 -34.87 2.90 2.96
N GLY Z 168 -33.66 3.04 3.48
CA GLY Z 168 -33.29 4.26 4.17
C GLY Z 168 -33.00 5.42 3.25
N ALA Z 169 -32.70 5.13 1.98
CA ALA Z 169 -32.36 6.18 1.02
C ALA Z 169 -33.55 6.63 0.18
N SER Z 170 -34.74 6.15 0.48
CA SER Z 170 -35.95 6.49 -0.25
C SER Z 170 -37.00 7.05 0.70
N GLY Z 171 -37.81 7.98 0.21
CA GLY Z 171 -38.92 8.46 1.00
C GLY Z 171 -39.39 9.83 0.55
N GLY Z 172 -40.33 10.37 1.34
CA GLY Z 172 -40.76 11.74 1.17
C GLY Z 172 -42.18 11.90 0.65
N ILE Z 173 -42.29 12.36 -0.59
CA ILE Z 173 -43.57 12.71 -1.19
C ILE Z 173 -43.67 12.03 -2.54
N VAL Z 174 -44.60 11.08 -2.66
CA VAL Z 174 -44.71 10.23 -3.85
C VAL Z 174 -45.41 11.02 -4.95
N THR Z 175 -44.71 11.23 -6.06
CA THR Z 175 -45.22 12.00 -7.18
C THR Z 175 -45.52 11.07 -8.35
N VAL Z 176 -46.76 11.11 -8.84
CA VAL Z 176 -47.22 10.23 -9.90
C VAL Z 176 -47.61 11.07 -11.12
N TYR Z 177 -47.01 10.76 -12.27
CA TYR Z 177 -47.36 11.40 -13.53
C TYR Z 177 -48.03 10.39 -14.44
N HIS Z 178 -48.63 10.87 -15.52
CA HIS Z 178 -49.27 10.04 -16.53
C HIS Z 178 -49.00 10.63 -17.91
N VAL Z 179 -48.39 9.84 -18.77
CA VAL Z 179 -47.99 10.29 -20.11
C VAL Z 179 -49.03 9.74 -21.08
N HIS Z 180 -49.98 10.57 -21.47
CA HIS Z 180 -50.93 10.21 -22.49
C HIS Z 180 -50.53 10.87 -23.81
N GLU Z 181 -51.41 10.79 -24.81
CA GLU Z 181 -51.04 11.19 -26.16
C GLU Z 181 -50.94 12.71 -26.32
N LYS Z 182 -51.58 13.48 -25.45
CA LYS Z 182 -51.50 14.92 -25.52
C LYS Z 182 -50.36 15.51 -24.71
N GLY Z 183 -49.62 14.67 -23.97
CA GLY Z 183 -48.53 15.15 -23.16
C GLY Z 183 -48.46 14.44 -21.82
N TRP Z 184 -48.25 15.20 -20.75
CA TRP Z 184 -48.19 14.63 -19.42
C TRP Z 184 -49.00 15.50 -18.47
N THR Z 185 -49.57 14.87 -17.45
CA THR Z 185 -50.30 15.57 -16.39
C THR Z 185 -49.81 15.07 -15.05
N LYS Z 186 -49.65 16.00 -14.10
CA LYS Z 186 -49.34 15.63 -12.73
C LYS Z 186 -50.58 15.07 -12.05
N ILE Z 187 -50.59 13.77 -11.80
CA ILE Z 187 -51.78 13.12 -11.25
C ILE Z 187 -51.96 13.48 -9.78
N SER Z 188 -50.99 13.12 -8.95
CA SER Z 188 -51.12 13.35 -7.51
C SER Z 188 -49.76 13.73 -6.95
N ARG Z 189 -49.77 14.25 -5.72
CA ARG Z 189 -48.59 14.69 -5.00
C ARG Z 189 -48.89 14.61 -3.51
N ASP Z 190 -48.44 13.56 -2.82
CA ASP Z 190 -48.90 13.28 -1.47
C ASP Z 190 -47.79 12.73 -0.59
N ASP Z 191 -47.90 13.03 0.71
CA ASP Z 191 -46.89 12.62 1.68
C ASP Z 191 -46.93 11.12 1.92
N GLN Z 192 -45.76 10.55 2.24
CA GLN Z 192 -45.66 9.13 2.51
C GLN Z 192 -46.25 8.74 3.86
N THR Z 193 -46.19 9.65 4.84
CA THR Z 193 -46.79 9.41 6.15
C THR Z 193 -48.32 9.46 6.10
N LYS Z 194 -48.88 10.38 5.32
CA LYS Z 194 -50.31 10.37 5.04
C LYS Z 194 -50.74 9.15 4.25
N LEU Z 195 -49.83 8.58 3.47
CA LEU Z 195 -50.16 7.45 2.61
C LEU Z 195 -50.06 6.14 3.39
N TYR Z 196 -49.53 6.18 4.61
CA TYR Z 196 -49.49 4.98 5.45
C TYR Z 196 -50.83 4.74 6.13
N HIS Z 197 -51.55 5.79 6.50
CA HIS Z 197 -52.84 5.64 7.14
C HIS Z 197 -53.98 5.51 6.13
N ARG Z 198 -53.67 5.44 4.85
CA ARG Z 198 -54.64 5.05 3.83
C ARG Z 198 -54.52 3.57 3.49
N TYR Z 199 -53.31 3.04 3.40
CA TYR Z 199 -53.08 1.67 2.97
C TYR Z 199 -53.10 0.69 4.13
N PHE Z 200 -52.92 1.18 5.36
CA PHE Z 200 -53.02 0.36 6.57
C PHE Z 200 -53.74 1.15 7.66
N PRO Z 201 -55.07 1.28 7.57
CA PRO Z 201 -55.76 2.08 8.59
C PRO Z 201 -55.98 1.30 9.89
N TRP AA 126 1.75 18.03 1.77
CA TRP AA 126 0.90 19.19 1.57
C TRP AA 126 -0.43 18.80 0.93
N SER AA 127 -1.53 19.30 1.48
CA SER AA 127 -2.86 19.08 0.91
C SER AA 127 -3.50 20.40 0.53
N PRO AA 128 -4.05 20.52 -0.68
CA PRO AA 128 -4.58 21.81 -1.14
C PRO AA 128 -6.01 22.10 -0.68
N TYR AA 129 -6.52 21.36 0.31
CA TYR AA 129 -7.84 21.60 0.85
C TYR AA 129 -7.77 21.74 2.36
N GLN AA 130 -8.59 22.66 2.89
CA GLN AA 130 -8.55 23.01 4.29
C GLN AA 130 -9.88 23.63 4.69
N ASP AA 131 -10.46 23.14 5.79
CA ASP AA 131 -11.74 23.63 6.28
C ASP AA 131 -11.49 24.77 7.26
N ASN AA 132 -12.17 25.90 7.05
CA ASN AA 132 -11.96 27.09 7.87
C ASN AA 132 -13.16 27.40 8.76
N GLY AA 133 -13.98 26.40 9.09
CA GLY AA 133 -15.03 26.53 10.08
C GLY AA 133 -16.14 27.50 9.70
N GLY AA 134 -16.79 28.02 10.73
CA GLY AA 134 -17.88 28.98 10.57
C GLY AA 134 -19.17 28.32 10.12
N THR AA 135 -20.25 29.09 10.23
CA THR AA 135 -21.55 28.63 9.73
C THR AA 135 -22.33 29.83 9.21
N THR AA 136 -23.24 29.55 8.29
CA THR AA 136 -24.17 30.54 7.74
C THR AA 136 -25.58 29.97 7.79
N ALA AA 137 -26.53 30.80 8.19
CA ALA AA 137 -27.93 30.41 8.22
C ALA AA 137 -28.78 31.56 7.73
N ALA AA 138 -29.87 31.24 7.05
CA ALA AA 138 -30.80 32.23 6.55
C ALA AA 138 -32.22 31.73 6.70
N ILE AA 139 -33.14 32.64 7.01
CA ILE AA 139 -34.56 32.34 7.09
C ILE AA 139 -35.28 33.40 6.27
N ALA AA 140 -36.05 32.96 5.28
CA ALA AA 140 -36.73 33.88 4.38
C ALA AA 140 -38.19 34.06 4.77
N GLY AA 141 -38.67 35.29 4.72
CA GLY AA 141 -40.02 35.64 5.12
C GLY AA 141 -40.93 35.93 3.93
N LYS AA 142 -41.87 36.85 4.13
CA LYS AA 142 -42.85 37.13 3.09
C LYS AA 142 -42.38 38.20 2.10
N ASP AA 143 -41.59 39.19 2.56
CA ASP AA 143 -41.03 40.18 1.66
C ASP AA 143 -39.61 40.53 2.10
N PHE AA 144 -38.93 39.60 2.74
CA PHE AA 144 -37.62 39.85 3.31
C PHE AA 144 -36.88 38.52 3.43
N VAL AA 145 -35.56 38.60 3.53
CA VAL AA 145 -34.76 37.49 4.01
C VAL AA 145 -33.85 38.02 5.11
N ILE AA 146 -33.67 37.24 6.17
CA ILE AA 146 -32.65 37.48 7.17
C ILE AA 146 -31.47 36.57 6.82
N LEU AA 147 -30.29 37.15 6.68
CA LEU AA 147 -29.10 36.37 6.34
C LEU AA 147 -28.00 36.61 7.37
N ALA AA 148 -27.46 35.52 7.92
CA ALA AA 148 -26.49 35.60 8.99
C ALA AA 148 -25.30 34.71 8.70
N GLY AA 149 -24.17 35.01 9.35
CA GLY AA 149 -22.99 34.20 9.28
C GLY AA 149 -21.96 34.69 10.28
N ASP AA 150 -21.38 33.81 11.08
CA ASP AA 150 -20.48 34.24 12.14
C ASP AA 150 -19.13 34.62 11.57
N THR AA 151 -18.43 35.50 12.29
CA THR AA 151 -17.14 36.02 11.86
C THR AA 151 -16.07 35.32 12.68
N ARG AA 152 -15.54 34.22 12.13
CA ARG AA 152 -14.51 33.44 12.82
C ARG AA 152 -13.76 32.63 11.79
N LEU AA 153 -12.48 32.94 11.63
CA LEU AA 153 -11.58 32.21 10.75
C LEU AA 153 -10.61 31.39 11.58
N ASN AA 154 -10.43 30.12 11.23
CA ASN AA 154 -9.52 29.25 11.96
C ASN AA 154 -8.95 28.19 11.03
N GLY AA 155 -7.75 27.73 11.36
CA GLY AA 155 -6.97 26.86 10.51
C GLY AA 155 -6.84 25.45 11.05
N ASP AA 156 -5.59 24.97 11.11
CA ASP AA 156 -5.26 23.60 11.49
C ASP AA 156 -5.67 23.29 12.93
N PHE AA 157 -5.06 23.97 13.90
CA PHE AA 157 -5.52 23.92 15.28
C PHE AA 157 -5.57 25.28 15.94
N CYS AA 158 -5.18 26.34 15.25
CA CYS AA 158 -5.12 27.68 15.81
C CYS AA 158 -6.42 28.42 15.52
N LEU AA 159 -6.42 29.73 15.78
CA LEU AA 159 -7.51 30.63 15.43
C LEU AA 159 -6.87 31.79 14.69
N HIS AA 160 -7.16 31.92 13.39
CA HIS AA 160 -6.53 32.98 12.60
C HIS AA 160 -7.10 34.34 12.94
N SER AA 161 -8.42 34.49 12.86
CA SER AA 161 -9.02 35.80 13.09
C SER AA 161 -10.35 35.64 13.79
N ARG AA 162 -10.94 36.79 14.12
CA ARG AA 162 -12.26 36.86 14.72
C ARG AA 162 -13.16 37.87 14.01
N HIS AA 163 -12.71 38.45 12.90
CA HIS AA 163 -13.39 39.58 12.29
C HIS AA 163 -13.40 39.46 10.77
N ASP AA 164 -13.52 38.24 10.24
CA ASP AA 164 -13.53 38.05 8.79
C ASP AA 164 -14.93 38.34 8.26
N GLN AA 165 -15.05 39.35 7.41
CA GLN AA 165 -16.29 39.70 6.76
C GLN AA 165 -16.43 39.03 5.40
N SER AA 166 -15.55 38.08 5.09
CA SER AA 166 -15.46 37.45 3.77
C SER AA 166 -16.33 36.23 3.66
N LYS AA 167 -17.34 36.09 4.51
CA LYS AA 167 -18.20 34.91 4.51
C LYS AA 167 -19.52 35.15 3.79
N ILE AA 168 -20.02 36.38 3.79
CA ILE AA 168 -21.22 36.73 3.05
C ILE AA 168 -20.87 37.84 2.07
N PHE AA 169 -21.19 37.61 0.79
CA PHE AA 169 -20.79 38.49 -0.29
C PHE AA 169 -22.03 39.02 -1.01
N GLN AA 170 -21.99 40.28 -1.40
CA GLN AA 170 -23.09 40.93 -2.11
C GLN AA 170 -22.81 40.88 -3.61
N LEU AA 171 -23.80 40.38 -4.37
CA LEU AA 171 -23.67 40.35 -5.83
C LEU AA 171 -24.48 41.47 -6.47
N THR AA 172 -25.76 41.55 -6.15
CA THR AA 172 -26.67 42.60 -6.62
C THR AA 172 -27.31 43.22 -5.37
N PRO AA 173 -28.00 44.37 -5.46
CA PRO AA 173 -28.67 44.90 -4.26
C PRO AA 173 -29.81 44.06 -3.71
N TYR AA 174 -30.26 43.03 -4.42
CA TYR AA 174 -31.35 42.19 -3.94
C TYR AA 174 -30.94 40.75 -3.68
N THR AA 175 -29.75 40.32 -4.12
CA THR AA 175 -29.33 38.93 -4.02
C THR AA 175 -27.91 38.85 -3.48
N TYR AA 176 -27.74 38.07 -2.41
CA TYR AA 176 -26.41 37.83 -1.84
C TYR AA 176 -26.02 36.39 -2.06
N MET AA 177 -24.72 36.11 -1.92
CA MET AA 177 -24.23 34.76 -1.74
C MET AA 177 -23.57 34.65 -0.37
N ALA AA 178 -23.78 33.51 0.28
CA ALA AA 178 -23.31 33.29 1.63
C ALA AA 178 -22.70 31.91 1.73
N SER AA 179 -21.38 31.87 1.63
CA SER AA 179 -20.66 30.61 1.50
C SER AA 179 -19.66 30.46 2.64
N ASN AA 180 -19.20 29.23 2.84
CA ASN AA 180 -18.27 28.89 3.91
C ASN AA 180 -17.61 27.55 3.60
N GLY AA 181 -16.71 27.13 4.48
CA GLY AA 181 -15.86 25.99 4.18
C GLY AA 181 -14.41 26.38 4.06
N MET AA 182 -13.88 26.40 2.85
CA MET AA 182 -12.51 26.82 2.63
C MET AA 182 -12.46 28.30 2.28
N GLN AA 183 -11.62 29.06 2.98
CA GLN AA 183 -11.63 30.50 2.83
C GLN AA 183 -10.93 30.94 1.55
N ALA AA 184 -10.00 30.13 1.05
CA ALA AA 184 -9.25 30.51 -0.14
C ALA AA 184 -10.07 30.35 -1.41
N ASP AA 185 -10.81 29.24 -1.52
CA ASP AA 185 -11.67 29.03 -2.67
C ASP AA 185 -12.98 29.79 -2.54
N ARG AA 186 -13.28 30.29 -1.34
CA ARG AA 186 -14.42 31.18 -1.18
C ARG AA 186 -14.20 32.50 -1.90
N LEU AA 187 -13.01 33.10 -1.74
CA LEU AA 187 -12.75 34.41 -2.32
C LEU AA 187 -12.62 34.35 -3.84
N GLN AA 188 -12.22 33.20 -4.37
CA GLN AA 188 -12.14 33.03 -5.81
C GLN AA 188 -13.52 32.88 -6.42
N LEU AA 189 -14.41 32.14 -5.76
CA LEU AA 189 -15.77 31.96 -6.27
C LEU AA 189 -16.58 33.24 -6.16
N GLN AA 190 -16.28 34.09 -5.18
CA GLN AA 190 -17.00 35.35 -5.03
C GLN AA 190 -16.63 36.35 -6.12
N GLN AA 191 -15.44 36.20 -6.71
CA GLN AA 191 -15.04 37.13 -7.75
C GLN AA 191 -15.51 36.70 -9.12
N MET AA 192 -15.53 35.40 -9.40
CA MET AA 192 -16.04 34.92 -10.68
C MET AA 192 -17.56 35.07 -10.75
N LEU AA 193 -18.22 35.00 -9.59
CA LEU AA 193 -19.63 35.38 -9.53
C LEU AA 193 -19.79 36.88 -9.68
N LYS AA 194 -18.77 37.65 -9.31
CA LYS AA 194 -18.91 39.11 -9.33
C LYS AA 194 -18.85 39.66 -10.75
N TYR AA 195 -18.08 39.03 -11.63
CA TYR AA 195 -17.91 39.57 -12.97
C TYR AA 195 -18.87 38.97 -13.98
N ARG AA 196 -19.41 37.78 -13.72
CA ARG AA 196 -20.47 37.26 -14.59
C ARG AA 196 -21.76 38.04 -14.40
N VAL AA 197 -21.94 38.66 -13.24
CA VAL AA 197 -23.03 39.62 -13.06
C VAL AA 197 -22.73 40.90 -13.84
N LYS AA 198 -21.46 41.30 -13.92
CA LYS AA 198 -21.13 42.53 -14.63
C LYS AA 198 -21.19 42.36 -16.14
N TRP AA 199 -20.89 41.16 -16.65
CA TRP AA 199 -21.10 40.92 -18.08
C TRP AA 199 -22.58 40.76 -18.39
N TYR AA 200 -23.38 40.37 -17.40
CA TYR AA 200 -24.82 40.36 -17.56
C TYR AA 200 -25.36 41.78 -17.63
N LYS AA 201 -24.79 42.68 -16.81
CA LYS AA 201 -25.29 44.04 -16.73
C LYS AA 201 -24.89 44.84 -17.95
N TYR AA 202 -23.74 44.54 -18.53
CA TYR AA 202 -23.26 45.26 -19.71
C TYR AA 202 -23.98 44.80 -20.98
N ASN AA 203 -24.30 43.51 -21.08
CA ASN AA 203 -24.88 42.96 -22.30
C ASN AA 203 -26.41 43.06 -22.35
N ASN AA 204 -27.05 43.48 -21.27
CA ASN AA 204 -28.51 43.54 -21.20
C ASN AA 204 -29.01 44.96 -20.98
N GLY AA 205 -28.16 45.95 -21.24
CA GLY AA 205 -28.56 47.32 -21.07
C GLY AA 205 -28.78 47.77 -19.64
N GLY AA 206 -27.91 47.37 -18.73
CA GLY AA 206 -28.00 47.81 -17.35
C GLY AA 206 -28.99 47.06 -16.51
N LYS AA 207 -29.63 46.01 -17.03
CA LYS AA 207 -30.62 45.27 -16.26
C LYS AA 207 -29.93 44.38 -15.24
N VAL AA 208 -30.32 44.55 -13.97
CA VAL AA 208 -29.73 43.81 -12.86
C VAL AA 208 -30.31 42.39 -12.88
N PRO AA 209 -29.49 41.35 -12.68
CA PRO AA 209 -30.03 39.99 -12.71
C PRO AA 209 -30.79 39.67 -11.43
N SER AA 210 -31.83 38.84 -11.59
CA SER AA 210 -32.67 38.41 -10.50
C SER AA 210 -31.96 37.35 -9.65
N THR AA 211 -32.66 36.88 -8.60
CA THR AA 211 -32.09 35.82 -7.77
C THR AA 211 -32.09 34.50 -8.52
N LYS AA 212 -33.13 34.27 -9.32
CA LYS AA 212 -33.25 33.02 -10.07
C LYS AA 212 -32.18 32.92 -11.16
N ALA AA 213 -31.76 34.07 -11.71
CA ALA AA 213 -30.73 34.06 -12.73
C ALA AA 213 -29.34 33.85 -12.13
N ILE AA 214 -29.07 34.47 -10.97
CA ILE AA 214 -27.80 34.31 -10.29
C ILE AA 214 -27.64 32.89 -9.76
N ALA AA 215 -28.72 32.32 -9.23
CA ALA AA 215 -28.60 31.02 -8.56
C ALA AA 215 -28.53 29.88 -9.56
N GLN AA 216 -28.91 30.12 -10.81
CA GLN AA 216 -28.66 29.12 -11.84
C GLN AA 216 -27.26 29.31 -12.43
N LEU AA 217 -26.76 30.55 -12.41
CA LEU AA 217 -25.36 30.80 -12.74
C LEU AA 217 -24.45 30.11 -11.74
N MET AA 218 -24.81 30.15 -10.46
CA MET AA 218 -24.06 29.44 -9.42
C MET AA 218 -24.10 27.92 -9.65
N SER AA 219 -25.25 27.40 -10.09
CA SER AA 219 -25.41 25.96 -10.18
C SER AA 219 -24.65 25.37 -11.35
N THR AA 220 -24.42 26.18 -12.39
CA THR AA 220 -23.62 25.73 -13.51
C THR AA 220 -22.12 25.82 -13.25
N MET AA 221 -21.64 26.91 -12.65
CA MET AA 221 -20.21 27.10 -12.46
C MET AA 221 -19.63 26.14 -11.44
N LEU AA 222 -20.47 25.60 -10.55
CA LEU AA 222 -20.00 24.58 -9.62
C LEU AA 222 -19.84 23.24 -10.33
N TYR AA 223 -20.46 23.08 -11.50
CA TYR AA 223 -20.32 21.82 -12.22
C TYR AA 223 -19.24 21.93 -13.30
N HIS AA 224 -18.93 23.14 -13.77
CA HIS AA 224 -17.85 23.29 -14.74
C HIS AA 224 -16.51 22.95 -14.12
N ARG AA 225 -16.34 23.23 -12.83
CA ARG AA 225 -15.23 22.69 -12.06
C ARG AA 225 -15.74 21.53 -11.19
N ARG AA 226 -15.92 20.39 -11.84
CA ARG AA 226 -16.38 19.19 -11.15
C ARG AA 226 -15.24 18.27 -10.75
N PHE AA 227 -14.14 18.29 -11.51
CA PHE AA 227 -13.05 17.35 -11.26
C PHE AA 227 -11.92 17.95 -10.43
N PHE AA 228 -11.79 19.27 -10.41
CA PHE AA 228 -10.98 19.97 -9.40
C PHE AA 228 -11.87 21.02 -8.78
N PRO AA 229 -12.77 20.61 -7.88
CA PRO AA 229 -13.85 21.52 -7.47
C PRO AA 229 -13.43 22.46 -6.35
N TYR AA 230 -14.32 23.40 -6.04
CA TYR AA 230 -14.18 24.25 -4.88
C TYR AA 230 -14.55 23.48 -3.63
N TYR AA 231 -13.85 23.76 -2.53
CA TYR AA 231 -14.25 23.23 -1.22
C TYR AA 231 -15.10 24.29 -0.51
N THR AA 232 -16.12 24.74 -1.22
CA THR AA 232 -17.07 25.69 -0.66
C THR AA 232 -18.44 25.04 -0.62
N PHE AA 233 -19.28 25.53 0.28
CA PHE AA 233 -20.67 25.12 0.39
C PHE AA 233 -21.50 26.37 0.42
N ASN AA 234 -22.36 26.54 -0.58
CA ASN AA 234 -22.85 27.85 -0.97
C ASN AA 234 -24.33 27.99 -0.60
N MET AA 235 -24.75 29.25 -0.48
CA MET AA 235 -26.15 29.62 -0.40
C MET AA 235 -26.35 30.89 -1.19
N VAL AA 236 -27.22 30.85 -2.19
CA VAL AA 236 -27.63 32.08 -2.86
C VAL AA 236 -28.94 32.56 -2.25
N VAL AA 237 -28.92 33.77 -1.71
CA VAL AA 237 -30.00 34.31 -0.91
C VAL AA 237 -30.48 35.61 -1.54
N GLY AA 238 -31.78 35.67 -1.83
CA GLY AA 238 -32.31 36.86 -2.47
C GLY AA 238 -33.82 36.91 -2.41
N LEU AA 239 -34.38 37.86 -3.15
CA LEU AA 239 -35.82 38.05 -3.26
C LEU AA 239 -36.29 37.59 -4.64
N ASP AA 240 -37.58 37.28 -4.73
CA ASP AA 240 -38.15 36.85 -6.00
C ASP AA 240 -38.44 38.05 -6.89
N GLU AA 241 -38.99 37.78 -8.07
CA GLU AA 241 -39.61 38.84 -8.88
C GLU AA 241 -40.93 39.30 -8.27
N GLU AA 242 -41.56 38.43 -7.48
CA GLU AA 242 -42.80 38.81 -6.81
C GLU AA 242 -42.54 39.58 -5.52
N GLY AA 243 -41.33 39.48 -4.96
CA GLY AA 243 -40.97 40.15 -3.73
C GLY AA 243 -40.74 39.20 -2.57
N HIS AA 244 -41.16 37.95 -2.67
CA HIS AA 244 -40.95 36.99 -1.61
C HIS AA 244 -39.50 36.55 -1.59
N GLY AA 245 -38.99 36.19 -0.40
CA GLY AA 245 -37.61 35.77 -0.27
C GLY AA 245 -37.49 34.26 -0.37
N VAL AA 246 -36.47 33.81 -1.12
CA VAL AA 246 -36.20 32.39 -1.31
C VAL AA 246 -34.69 32.18 -1.16
N CYS AA 247 -34.30 31.21 -0.33
CA CYS AA 247 -32.91 30.82 -0.17
C CYS AA 247 -32.63 29.52 -0.92
N TYR AA 248 -31.45 29.43 -1.54
CA TYR AA 248 -31.07 28.17 -2.16
C TYR AA 248 -29.87 27.59 -1.43
N SER AA 249 -29.61 26.31 -1.67
CA SER AA 249 -28.47 25.63 -1.09
C SER AA 249 -27.79 24.77 -2.15
N TYR AA 250 -26.50 24.49 -1.93
CA TYR AA 250 -25.67 23.82 -2.91
C TYR AA 250 -24.76 22.81 -2.21
N ASP AA 251 -24.49 21.71 -2.90
CA ASP AA 251 -23.42 20.83 -2.48
C ASP AA 251 -22.10 21.32 -3.09
N ALA AA 252 -21.07 20.48 -3.07
CA ALA AA 252 -19.80 20.87 -3.65
C ALA AA 252 -19.82 20.89 -5.18
N VAL AA 253 -20.85 20.33 -5.80
CA VAL AA 253 -20.94 20.23 -7.25
C VAL AA 253 -22.22 20.83 -7.81
N GLY AA 254 -23.03 21.50 -7.00
CA GLY AA 254 -24.07 22.39 -7.51
C GLY AA 254 -25.49 21.87 -7.46
N SER AA 255 -25.85 20.98 -6.55
CA SER AA 255 -27.24 20.52 -6.44
C SER AA 255 -28.12 21.59 -5.81
N THR AA 256 -28.98 22.22 -6.60
CA THR AA 256 -29.79 23.34 -6.18
C THR AA 256 -31.22 22.93 -5.87
N GLU AA 257 -31.87 23.74 -5.02
CA GLU AA 257 -33.29 23.62 -4.69
C GLU AA 257 -33.79 24.91 -4.04
N PRO AA 258 -34.88 25.49 -4.53
CA PRO AA 258 -35.50 26.61 -3.81
C PRO AA 258 -36.19 26.14 -2.55
N PHE AA 259 -35.97 26.87 -1.46
CA PHE AA 259 -36.46 26.47 -0.15
C PHE AA 259 -36.54 27.71 0.72
N LEU AA 260 -37.29 27.63 1.81
CA LEU AA 260 -37.54 28.83 2.62
C LEU AA 260 -36.46 29.12 3.64
N TYR AA 261 -35.55 28.20 3.88
CA TYR AA 261 -34.41 28.47 4.75
C TYR AA 261 -33.22 27.62 4.36
N GLY AA 262 -32.16 27.65 5.17
CA GLY AA 262 -30.98 26.88 4.84
C GLY AA 262 -29.83 27.20 5.78
N THR AA 263 -29.06 26.18 6.16
CA THR AA 263 -27.98 26.33 7.12
C THR AA 263 -26.78 25.50 6.69
N ARG AA 264 -25.66 26.16 6.45
CA ARG AA 264 -24.45 25.46 6.04
C ARG AA 264 -23.36 25.70 7.07
N GLY AA 265 -22.29 24.93 6.97
CA GLY AA 265 -21.13 25.11 7.80
C GLY AA 265 -20.90 23.93 8.70
N SER AA 266 -20.08 24.15 9.72
CA SER AA 266 -19.77 23.09 10.68
C SER AA 266 -20.92 22.84 11.64
N ALA AA 267 -21.71 23.87 11.96
CA ALA AA 267 -22.82 23.72 12.87
C ALA AA 267 -24.15 23.59 12.14
N ALA AA 268 -24.14 22.96 10.95
CA ALA AA 268 -25.37 22.82 10.18
C ALA AA 268 -26.27 21.77 10.80
N SER AA 269 -25.70 20.69 11.35
CA SER AA 269 -26.49 19.64 11.95
C SER AA 269 -27.09 20.03 13.31
N PHE AA 270 -26.65 21.15 13.89
CA PHE AA 270 -27.32 21.70 15.05
C PHE AA 270 -28.55 22.51 14.67
N VAL AA 271 -28.45 23.31 13.61
CA VAL AA 271 -29.41 24.37 13.35
C VAL AA 271 -30.49 23.94 12.35
N GLU AA 272 -30.12 23.15 11.35
CA GLU AA 272 -31.08 22.68 10.34
C GLU AA 272 -32.17 21.76 10.92
N PRO AA 273 -31.91 20.87 11.90
CA PRO AA 273 -33.06 20.28 12.60
C PRO AA 273 -33.82 21.26 13.48
N LEU AA 274 -33.16 22.30 13.99
CA LEU AA 274 -33.86 23.30 14.79
C LEU AA 274 -34.80 24.14 13.94
N LEU AA 275 -34.40 24.45 12.72
CA LEU AA 275 -35.25 25.24 11.83
C LEU AA 275 -36.39 24.39 11.27
N ASP AA 276 -36.23 23.06 11.28
CA ASP AA 276 -37.33 22.18 10.90
C ASP AA 276 -38.44 22.20 11.93
N CYS AA 277 -38.10 22.37 13.20
CA CYS AA 277 -39.05 22.20 14.29
C CYS AA 277 -39.85 23.45 14.58
N LEU AA 278 -39.39 24.63 14.13
CA LEU AA 278 -40.03 25.87 14.50
C LEU AA 278 -40.47 26.71 13.31
N ILE AA 279 -40.15 26.30 12.09
CA ILE AA 279 -40.65 27.02 10.91
C ILE AA 279 -41.73 26.22 10.21
N ASN AA 280 -41.50 24.93 9.97
CA ASN AA 280 -42.47 24.06 9.32
C ASN AA 280 -43.71 23.82 10.18
N ARG AA 281 -43.53 23.84 11.51
CA ARG AA 281 -44.58 23.54 12.49
C ARG AA 281 -45.17 22.14 12.22
N GLN AA 282 -44.32 21.14 12.40
CA GLN AA 282 -44.65 19.75 12.14
C GLN AA 282 -44.61 18.96 13.45
N HIS AA 283 -45.41 17.89 13.51
CA HIS AA 283 -45.56 16.99 14.66
C HIS AA 283 -46.04 17.71 15.91
N MET AA 284 -46.80 18.80 15.71
CA MET AA 284 -47.37 19.55 16.82
C MET AA 284 -48.85 19.75 16.57
N THR AA 285 -49.69 19.09 17.37
CA THR AA 285 -51.13 19.20 17.23
C THR AA 285 -51.60 20.54 17.82
N SER AA 286 -51.44 21.58 17.03
CA SER AA 286 -51.82 22.94 17.42
C SER AA 286 -52.07 23.73 16.15
N GLN AA 287 -52.87 24.79 16.25
CA GLN AA 287 -53.16 25.62 15.09
C GLN AA 287 -51.93 26.44 14.68
N ALA AA 288 -51.94 26.95 13.45
CA ALA AA 288 -50.77 27.63 12.92
C ALA AA 288 -50.66 29.04 13.49
N PRO AA 289 -49.47 29.49 13.88
CA PRO AA 289 -49.27 30.89 14.23
C PRO AA 289 -49.36 31.78 13.01
N PRO AA 290 -49.56 33.10 13.18
CA PRO AA 290 -49.54 33.99 12.01
C PRO AA 290 -48.14 34.13 11.39
N GLU AA 291 -48.04 34.93 10.32
CA GLU AA 291 -46.80 35.05 9.59
C GLU AA 291 -45.74 35.77 10.40
N MET AA 292 -44.50 35.30 10.29
CA MET AA 292 -43.40 35.84 11.07
C MET AA 292 -42.96 37.18 10.51
N THR AA 293 -42.75 38.15 11.40
CA THR AA 293 -42.26 39.46 11.02
C THR AA 293 -40.74 39.42 10.87
N LYS AA 294 -40.16 40.59 10.58
CA LYS AA 294 -38.70 40.68 10.51
C LYS AA 294 -38.08 40.56 11.88
N GLU AA 295 -38.81 41.01 12.91
CA GLU AA 295 -38.26 41.03 14.27
C GLU AA 295 -38.35 39.67 14.92
N GLU AA 296 -39.46 38.94 14.68
CA GLU AA 296 -39.63 37.64 15.30
C GLU AA 296 -38.78 36.59 14.59
N THR AA 297 -38.40 36.85 13.34
CA THR AA 297 -37.46 35.99 12.63
C THR AA 297 -36.04 36.25 13.12
N LEU AA 298 -35.72 37.51 13.39
CA LEU AA 298 -34.38 37.89 13.84
C LEU AA 298 -34.11 37.37 15.25
N ALA AA 299 -35.11 37.46 16.14
CA ALA AA 299 -34.93 36.98 17.50
C ALA AA 299 -34.91 35.46 17.55
N MET AA 300 -35.56 34.81 16.58
CA MET AA 300 -35.46 33.36 16.45
C MET AA 300 -34.07 32.94 16.01
N LEU AA 301 -33.50 33.63 15.03
CA LEU AA 301 -32.22 33.23 14.45
C LEU AA 301 -31.06 33.52 15.41
N LYS AA 302 -31.27 34.41 16.38
CA LYS AA 302 -30.26 34.62 17.42
C LYS AA 302 -30.22 33.44 18.38
N ASN AA 303 -31.31 32.69 18.48
CA ASN AA 303 -31.37 31.56 19.40
C ASN AA 303 -30.62 30.36 18.85
N ALA AA 304 -30.35 30.35 17.54
CA ALA AA 304 -29.59 29.27 16.95
C ALA AA 304 -28.09 29.52 17.07
N PHE AA 305 -27.66 30.77 16.84
CA PHE AA 305 -26.24 31.08 16.92
C PHE AA 305 -25.76 31.18 18.36
N THR AA 306 -26.65 31.54 19.30
CA THR AA 306 -26.33 31.35 20.71
C THR AA 306 -26.41 29.90 21.13
N GLY AA 307 -26.99 29.03 20.30
CA GLY AA 307 -26.98 27.62 20.52
C GLY AA 307 -25.84 26.88 19.85
N ALA AA 308 -25.34 27.41 18.73
CA ALA AA 308 -24.18 26.85 18.06
C ALA AA 308 -22.87 27.30 18.66
N ALA AA 309 -22.85 28.42 19.39
CA ALA AA 309 -21.67 28.90 20.09
C ALA AA 309 -21.41 28.10 21.37
N GLU AA 310 -22.44 27.43 21.89
CA GLU AA 310 -22.30 26.61 23.07
C GLU AA 310 -21.75 25.22 22.77
N ARG AA 311 -22.12 24.63 21.64
CA ARG AA 311 -21.84 23.22 21.39
C ARG AA 311 -20.93 22.94 20.20
N ASP AA 312 -20.52 23.93 19.42
CA ASP AA 312 -19.63 23.71 18.30
C ASP AA 312 -18.35 24.49 18.51
N ILE AA 313 -17.20 23.80 18.42
CA ILE AA 313 -15.92 24.42 18.75
C ILE AA 313 -15.36 25.27 17.62
N TYR AA 314 -15.86 25.10 16.38
CA TYR AA 314 -15.38 25.88 15.25
C TYR AA 314 -16.31 27.03 14.88
N THR AA 315 -17.21 27.41 15.77
CA THR AA 315 -18.27 28.36 15.46
C THR AA 315 -18.45 29.37 16.57
N GLY AA 316 -18.39 30.65 16.22
CA GLY AA 316 -18.88 31.68 17.11
C GLY AA 316 -17.83 32.62 17.68
N ASP AA 317 -17.75 33.83 17.13
CA ASP AA 317 -17.14 34.93 17.83
C ASP AA 317 -18.12 36.10 17.85
N SER AA 318 -18.77 36.32 16.71
CA SER AA 318 -19.79 37.35 16.51
C SER AA 318 -20.49 37.08 15.18
N VAL AA 319 -21.81 37.19 15.15
CA VAL AA 319 -22.58 36.88 13.96
C VAL AA 319 -23.17 38.18 13.42
N SER AA 320 -23.09 38.34 12.09
CA SER AA 320 -23.54 39.55 11.42
C SER AA 320 -24.81 39.27 10.64
N PHE AA 321 -25.89 39.98 10.99
CA PHE AA 321 -27.20 39.78 10.40
C PHE AA 321 -27.43 40.79 9.28
N PHE AA 322 -27.84 40.28 8.13
CA PHE AA 322 -28.21 41.10 6.98
C PHE AA 322 -29.70 40.95 6.76
N ILE AA 323 -30.40 42.06 6.58
CA ILE AA 323 -31.85 42.07 6.43
C ILE AA 323 -32.15 42.67 5.07
N ILE AA 324 -32.48 41.82 4.11
CA ILE AA 324 -32.67 42.24 2.72
C ILE AA 324 -34.14 42.55 2.48
N THR AA 325 -34.46 43.82 2.31
CA THR AA 325 -35.82 44.27 2.05
C THR AA 325 -35.82 44.99 0.70
N LYS AA 326 -37.01 45.34 0.19
CA LYS AA 326 -37.09 46.02 -1.11
C LYS AA 326 -36.58 47.44 -1.04
N ASP AA 327 -36.63 48.08 0.13
CA ASP AA 327 -36.11 49.43 0.31
C ASP AA 327 -34.71 49.35 0.93
N GLY AA 328 -33.80 48.75 0.18
CA GLY AA 328 -32.43 48.61 0.61
C GLY AA 328 -32.25 47.55 1.68
N VAL AA 329 -31.04 47.49 2.22
CA VAL AA 329 -30.63 46.47 3.17
C VAL AA 329 -30.16 47.18 4.44
N GLN AA 330 -30.57 46.69 5.59
CA GLN AA 330 -30.01 47.14 6.85
C GLN AA 330 -29.13 46.05 7.44
N GLN AA 331 -28.12 46.48 8.20
CA GLN AA 331 -27.07 45.59 8.67
C GLN AA 331 -26.91 45.71 10.18
N GLU AA 332 -26.92 44.57 10.85
CA GLU AA 332 -26.76 44.52 12.30
C GLU AA 332 -25.64 43.57 12.67
N SER AA 333 -25.23 43.62 13.93
CA SER AA 333 -24.24 42.72 14.48
C SER AA 333 -24.76 42.14 15.79
N PHE AA 334 -24.05 41.13 16.29
CA PHE AA 334 -24.47 40.42 17.49
C PHE AA 334 -23.27 39.70 18.07
N GLU AA 335 -23.24 39.56 19.40
CA GLU AA 335 -22.08 39.02 20.09
C GLU AA 335 -22.34 37.59 20.55
N LEU AA 336 -21.38 36.71 20.28
CA LEU AA 336 -21.43 35.32 20.70
C LEU AA 336 -20.33 35.07 21.72
N ARG AA 337 -20.19 33.81 22.13
CA ARG AA 337 -19.16 33.45 23.09
C ARG AA 337 -17.81 33.42 22.41
N LYS AA 338 -16.79 33.89 23.11
CA LYS AA 338 -15.46 34.05 22.54
C LYS AA 338 -14.61 32.78 22.60
N ASP AA 339 -15.09 31.74 23.27
CA ASP AA 339 -14.31 30.50 23.37
C ASP AA 339 -14.83 29.42 22.43
N ALA BA 2 16.61 25.60 3.02
CA ALA BA 2 16.59 26.81 3.82
C ALA BA 2 15.16 27.18 4.19
N SER BA 3 14.92 27.42 5.47
CA SER BA 3 13.57 27.68 5.96
C SER BA 3 13.61 28.73 7.06
N GLY BA 4 12.61 29.60 7.06
CA GLY BA 4 12.50 30.65 8.06
C GLY BA 4 11.63 30.24 9.23
N GLY BA 5 11.75 31.00 10.32
CA GLY BA 5 11.02 30.72 11.54
C GLY BA 5 9.84 31.65 11.74
N SER BA 6 9.41 31.81 12.99
CA SER BA 6 8.18 32.50 13.31
C SER BA 6 8.34 34.02 13.19
N VAL BA 7 7.27 34.66 12.72
CA VAL BA 7 7.21 36.10 12.49
C VAL BA 7 5.99 36.65 13.20
N ILE BA 8 6.19 37.68 14.03
CA ILE BA 8 5.09 38.30 14.76
C ILE BA 8 5.02 39.79 14.40
N ALA BA 9 3.80 40.33 14.51
CA ALA BA 9 3.56 41.72 14.13
C ALA BA 9 2.35 42.24 14.89
N ILE BA 10 2.32 43.56 15.11
CA ILE BA 10 1.25 44.18 15.88
C ILE BA 10 1.11 45.64 15.44
N LYS BA 11 -0.11 46.17 15.53
CA LYS BA 11 -0.37 47.58 15.31
C LYS BA 11 -0.25 48.34 16.63
N TYR BA 12 0.13 49.60 16.54
CA TYR BA 12 0.08 50.51 17.68
C TYR BA 12 -0.58 51.82 17.24
N LYS BA 13 -0.59 52.81 18.13
CA LYS BA 13 -1.12 54.12 17.82
C LYS BA 13 -0.13 54.84 16.91
N GLY BA 14 -0.35 54.74 15.60
CA GLY BA 14 0.43 55.50 14.66
C GLY BA 14 1.14 54.68 13.60
N GLY BA 15 1.30 53.39 13.84
CA GLY BA 15 2.00 52.56 12.88
C GLY BA 15 1.90 51.10 13.23
N VAL BA 16 2.70 50.29 12.51
CA VAL BA 16 2.70 48.84 12.66
C VAL BA 16 4.14 48.40 12.93
N LEU BA 17 4.32 47.48 13.87
CA LEU BA 17 5.61 46.87 14.15
C LEU BA 17 5.60 45.43 13.65
N MET BA 18 6.77 44.91 13.29
CA MET BA 18 6.90 43.54 12.82
C MET BA 18 8.30 43.02 13.15
N ALA BA 19 8.37 41.92 13.89
CA ALA BA 19 9.64 41.34 14.33
C ALA BA 19 9.81 39.95 13.74
N ALA BA 20 11.07 39.55 13.56
CA ALA BA 20 11.42 38.24 13.04
C ALA BA 20 12.88 37.95 13.39
N ASP BA 21 13.17 36.71 13.73
CA ASP BA 21 14.54 36.31 13.97
C ASP BA 21 15.33 36.30 12.66
N THR BA 22 16.62 36.53 12.78
CA THR BA 22 17.51 36.48 11.62
C THR BA 22 18.20 35.13 11.53
N LEU BA 23 17.39 34.09 11.31
CA LEU BA 23 17.91 32.73 11.19
C LEU BA 23 17.30 32.09 9.96
N LEU BA 24 18.04 31.22 9.31
CA LEU BA 24 17.55 30.48 8.16
C LEU BA 24 18.01 29.03 8.26
N SER BA 25 17.19 28.21 8.91
CA SER BA 25 17.54 26.84 9.22
C SER BA 25 17.29 25.93 8.03
N TYR BA 26 17.90 24.75 8.08
CA TYR BA 26 17.70 23.69 7.08
C TYR BA 26 17.42 22.40 7.85
N GLY BA 27 16.14 22.14 8.09
CA GLY BA 27 15.74 21.02 8.93
C GLY BA 27 15.93 21.34 10.41
N SER BA 28 16.91 20.69 11.03
CA SER BA 28 17.34 21.05 12.38
C SER BA 28 18.59 21.91 12.38
N LEU BA 29 19.45 21.75 11.39
CA LEU BA 29 20.69 22.51 11.25
C LEU BA 29 20.39 23.99 11.03
N ALA BA 30 20.93 24.84 11.90
CA ALA BA 30 20.86 26.28 11.72
C ALA BA 30 22.06 26.73 10.90
N LYS BA 31 21.87 26.90 9.60
CA LYS BA 31 23.00 27.17 8.73
C LYS BA 31 23.50 28.59 8.87
N TRP BA 32 22.62 29.58 8.72
CA TRP BA 32 23.07 30.97 8.64
C TRP BA 32 22.32 31.85 9.62
N PRO BA 33 22.96 32.33 10.68
CA PRO BA 33 22.30 33.26 11.60
C PRO BA 33 22.43 34.73 11.23
N ASN BA 34 22.77 35.06 9.99
CA ASN BA 34 23.09 36.44 9.64
C ASN BA 34 22.47 36.85 8.31
N ILE BA 35 21.23 36.46 8.05
CA ILE BA 35 20.52 36.88 6.85
C ILE BA 35 19.28 37.67 7.28
N PRO BA 36 18.93 38.75 6.57
CA PRO BA 36 17.73 39.53 6.91
C PRO BA 36 16.50 38.97 6.21
N ARG BA 37 15.42 38.85 6.96
CA ARG BA 37 14.18 38.32 6.41
C ARG BA 37 13.16 39.41 6.13
N ILE BA 38 13.33 40.58 6.73
CA ILE BA 38 12.37 41.67 6.54
C ILE BA 38 12.71 42.36 5.22
N ARG BA 39 11.95 42.08 4.18
CA ARG BA 39 12.03 42.85 2.95
C ARG BA 39 10.97 43.94 2.96
N LEU BA 40 11.32 45.11 2.45
CA LEU BA 40 10.39 46.22 2.40
C LEU BA 40 10.07 46.55 0.95
N LEU BA 41 8.82 46.95 0.72
CA LEU BA 41 8.22 46.94 -0.61
C LEU BA 41 7.88 48.37 -1.00
N GLY BA 42 8.60 48.90 -1.99
CA GLY BA 42 8.30 50.24 -2.43
C GLY BA 42 8.80 51.30 -1.45
N SER BA 43 7.85 52.04 -0.89
CA SER BA 43 8.17 53.12 0.04
C SER BA 43 7.24 53.18 1.24
N HIS BA 44 6.27 52.27 1.35
CA HIS BA 44 5.31 52.33 2.44
C HIS BA 44 5.03 51.00 3.12
N SER BA 45 5.61 49.89 2.67
CA SER BA 45 5.18 48.58 3.11
C SER BA 45 6.36 47.62 3.21
N ALA BA 46 6.13 46.49 3.87
CA ALA BA 46 7.16 45.48 4.10
C ALA BA 46 6.50 44.13 4.34
N VAL BA 47 7.18 43.06 3.91
CA VAL BA 47 6.66 41.71 4.06
C VAL BA 47 7.76 40.83 4.67
N CYS BA 48 7.35 39.78 5.36
CA CYS BA 48 8.26 38.78 5.90
C CYS BA 48 7.55 37.44 5.93
N ALA BA 49 8.30 36.36 5.78
CA ALA BA 49 7.72 35.05 5.54
C ALA BA 49 8.18 34.01 6.56
N THR BA 50 7.31 33.03 6.78
CA THR BA 50 7.62 31.83 7.56
C THR BA 50 7.43 30.61 6.67
N GLY BA 51 8.51 29.91 6.38
CA GLY BA 51 8.42 28.77 5.51
C GLY BA 51 9.62 28.67 4.59
N SER BA 52 9.41 28.24 3.35
CA SER BA 52 10.51 28.08 2.41
C SER BA 52 11.05 29.45 2.01
N TYR BA 53 12.38 29.58 2.01
CA TYR BA 53 13.00 30.84 1.66
C TYR BA 53 13.12 31.03 0.15
N ALA BA 54 13.25 29.92 -0.59
CA ALA BA 54 13.35 30.02 -2.05
C ALA BA 54 12.03 30.44 -2.67
N ASP BA 55 10.91 30.06 -2.06
CA ASP BA 55 9.61 30.51 -2.55
C ASP BA 55 9.40 31.99 -2.24
N PHE BA 56 9.86 32.43 -1.07
CA PHE BA 56 9.74 33.85 -0.71
C PHE BA 56 10.68 34.72 -1.53
N GLN BA 57 11.86 34.21 -1.85
CA GLN BA 57 12.85 35.01 -2.57
C GLN BA 57 12.46 35.23 -4.01
N MET BA 58 11.71 34.31 -4.61
CA MET BA 58 11.16 34.47 -5.96
C MET BA 58 9.84 35.24 -5.96
N MET BA 59 9.03 35.10 -4.91
CA MET BA 59 7.77 35.83 -4.84
C MET BA 59 7.99 37.31 -4.57
N ALA BA 60 8.88 37.63 -3.63
CA ALA BA 60 9.12 39.03 -3.31
C ALA BA 60 9.92 39.74 -4.39
N LYS BA 61 10.67 38.98 -5.20
CA LYS BA 61 11.30 39.54 -6.38
C LYS BA 61 10.27 39.93 -7.42
N GLN BA 62 9.20 39.15 -7.55
CA GLN BA 62 8.11 39.43 -8.47
C GLN BA 62 7.27 40.62 -8.05
N VAL BA 63 6.91 40.73 -6.78
CA VAL BA 63 6.03 41.82 -6.35
C VAL BA 63 6.78 43.11 -6.08
N GLU BA 64 8.12 43.08 -6.04
CA GLU BA 64 8.88 44.32 -6.01
C GLU BA 64 9.04 44.89 -7.41
N ASP BA 65 9.16 44.02 -8.42
CA ASP BA 65 9.20 44.48 -9.80
C ASP BA 65 7.84 45.04 -10.22
N ASN BA 66 6.77 44.62 -9.58
CA ASN BA 66 5.46 45.12 -9.97
C ASN BA 66 5.22 46.53 -9.43
N ILE BA 67 5.76 46.85 -8.25
CA ILE BA 67 5.55 48.18 -7.68
C ILE BA 67 6.29 49.23 -8.48
N GLU BA 68 7.54 48.96 -8.85
CA GLU BA 68 8.38 49.97 -9.48
C GLU BA 68 7.97 50.22 -10.93
N ARG BA 69 7.69 49.16 -11.68
CA ARG BA 69 7.44 49.30 -13.11
C ARG BA 69 6.08 49.95 -13.38
N GLN BA 70 5.11 49.76 -12.49
CA GLN BA 70 3.87 50.51 -12.59
C GLN BA 70 4.09 51.99 -12.31
N LYS BA 71 4.98 52.29 -11.37
CA LYS BA 71 5.28 53.66 -10.98
C LYS BA 71 6.24 54.35 -11.95
N MET BA 72 7.24 53.64 -12.45
CA MET BA 72 8.23 54.19 -13.36
C MET BA 72 7.66 54.51 -14.74
N TYR BA 73 6.86 53.59 -15.30
CA TYR BA 73 6.47 53.70 -16.69
C TYR BA 73 5.38 54.74 -16.87
N HIS BA 74 4.41 54.76 -15.96
CA HIS BA 74 3.24 55.63 -16.08
C HIS BA 74 3.34 56.79 -15.10
N ASN BA 75 2.44 57.76 -15.28
CA ASN BA 75 2.39 58.92 -14.39
C ASN BA 75 1.30 58.69 -13.34
N VAL BA 76 1.49 57.60 -12.59
CA VAL BA 76 0.51 57.17 -11.60
C VAL BA 76 1.18 57.20 -10.23
N ASP BA 77 0.35 57.13 -9.19
CA ASP BA 77 0.87 57.04 -7.83
C ASP BA 77 1.41 55.65 -7.56
N GLU BA 78 2.16 55.53 -6.48
CA GLU BA 78 2.62 54.23 -6.02
C GLU BA 78 1.44 53.46 -5.44
N LEU BA 79 1.50 52.13 -5.55
CA LEU BA 79 0.47 51.26 -5.02
C LEU BA 79 0.41 51.37 -3.50
N SER BA 80 -0.81 51.37 -2.96
CA SER BA 80 -1.00 51.38 -1.52
C SER BA 80 -0.67 50.00 -0.96
N PRO BA 81 -0.46 49.89 0.37
CA PRO BA 81 -0.28 48.55 0.96
C PRO BA 81 -1.46 47.60 0.79
N SER BA 82 -2.69 48.12 0.73
CA SER BA 82 -3.84 47.25 0.53
C SER BA 82 -3.95 46.72 -0.90
N GLU BA 83 -3.21 47.31 -1.84
CA GLU BA 83 -3.30 46.90 -3.23
C GLU BA 83 -2.13 46.01 -3.64
N VAL BA 84 -0.97 46.16 -2.99
CA VAL BA 84 0.14 45.27 -3.26
C VAL BA 84 0.04 43.98 -2.43
N PHE BA 85 -0.66 44.03 -1.28
CA PHE BA 85 -1.02 42.78 -0.62
C PHE BA 85 -2.05 42.01 -1.44
N SER BA 86 -2.90 42.72 -2.16
CA SER BA 86 -3.88 42.06 -3.01
C SER BA 86 -3.22 41.39 -4.21
N TYR BA 87 -2.16 41.99 -4.73
CA TYR BA 87 -1.38 41.30 -5.77
C TYR BA 87 -0.59 40.15 -5.18
N LEU BA 88 -0.19 40.27 -3.92
CA LEU BA 88 0.53 39.19 -3.26
C LEU BA 88 -0.39 38.01 -2.99
N HIS BA 89 -1.67 38.29 -2.75
CA HIS BA 89 -2.63 37.22 -2.50
C HIS BA 89 -3.00 36.48 -3.77
N ARG BA 90 -3.22 37.22 -4.87
CA ARG BA 90 -3.64 36.57 -6.11
C ARG BA 90 -2.51 35.84 -6.80
N SER BA 91 -1.25 36.12 -6.44
CA SER BA 91 -0.12 35.42 -7.03
C SER BA 91 0.16 34.11 -6.33
N ILE BA 92 -0.16 34.02 -5.04
CA ILE BA 92 0.02 32.76 -4.33
C ILE BA 92 -1.09 31.78 -4.67
N TYR BA 93 -2.33 32.27 -4.80
CA TYR BA 93 -3.45 31.41 -5.18
C TYR BA 93 -3.31 30.91 -6.60
N GLN BA 94 -2.65 31.67 -7.49
CA GLN BA 94 -2.42 31.20 -8.85
C GLN BA 94 -1.43 30.04 -8.88
N LYS BA 95 -0.52 29.99 -7.90
CA LYS BA 95 0.51 28.96 -7.91
C LYS BA 95 0.00 27.62 -7.39
N ARG BA 96 -0.94 27.61 -6.45
CA ARG BA 96 -1.51 26.35 -6.00
C ARG BA 96 -2.49 25.75 -7.00
N CYS BA 97 -3.12 26.59 -7.82
CA CYS BA 97 -3.94 26.06 -8.90
C CYS BA 97 -3.12 25.54 -10.06
N ASP BA 98 -1.85 25.93 -10.16
CA ASP BA 98 -0.91 25.35 -11.09
C ASP BA 98 -0.18 24.16 -10.50
N PHE BA 99 -0.56 23.75 -9.28
CA PHE BA 99 0.05 22.65 -8.53
C PHE BA 99 1.56 22.85 -8.33
N ASP BA 100 1.91 24.08 -7.91
CA ASP BA 100 3.28 24.46 -7.60
C ASP BA 100 3.25 25.66 -6.66
N PRO BA 101 2.85 25.50 -5.40
CA PRO BA 101 2.51 26.66 -4.58
C PRO BA 101 3.74 27.38 -4.04
N CYS BA 102 3.47 28.47 -3.32
CA CYS BA 102 4.49 29.23 -2.60
C CYS BA 102 4.40 28.82 -1.14
N LEU BA 103 5.10 27.74 -0.79
CA LEU BA 103 4.89 27.03 0.46
C LEU BA 103 5.41 27.78 1.69
N CYS BA 104 4.73 28.86 2.07
CA CYS BA 104 5.12 29.65 3.23
C CYS BA 104 3.96 30.54 3.65
N GLN BA 105 3.85 30.76 4.96
CA GLN BA 105 3.00 31.81 5.51
C GLN BA 105 3.78 33.11 5.45
N MET BA 106 3.07 34.22 5.24
CA MET BA 106 3.68 35.53 5.18
C MET BA 106 2.95 36.50 6.10
N VAL BA 107 3.68 37.52 6.57
CA VAL BA 107 3.12 38.62 7.32
C VAL BA 107 3.41 39.91 6.56
N PHE BA 108 2.38 40.71 6.31
CA PHE BA 108 2.50 41.91 5.51
C PHE BA 108 2.15 43.11 6.38
N ILE BA 109 2.99 44.14 6.36
CA ILE BA 109 2.72 45.40 7.05
C ILE BA 109 2.79 46.53 6.05
N GLY BA 110 2.14 47.65 6.38
CA GLY BA 110 2.19 48.81 5.53
C GLY BA 110 1.41 49.95 6.12
N VAL BA 111 1.95 51.15 5.99
CA VAL BA 111 1.31 52.38 6.45
C VAL BA 111 1.39 53.43 5.36
N ARG BA 112 0.25 53.90 4.91
CA ARG BA 112 0.17 54.95 3.90
C ARG BA 112 -0.70 56.06 4.52
N ASP BA 113 -0.06 57.18 4.86
CA ASP BA 113 -0.59 58.45 5.40
C ASP BA 113 -1.74 58.29 6.39
N GLY BA 114 -1.46 57.63 7.51
CA GLY BA 114 -2.48 57.39 8.51
C GLY BA 114 -3.13 56.02 8.45
N GLU BA 115 -3.52 55.59 7.25
CA GLU BA 115 -4.16 54.29 7.12
C GLU BA 115 -3.13 53.16 7.28
N THR BA 116 -3.18 52.49 8.41
CA THR BA 116 -2.27 51.39 8.71
C THR BA 116 -2.87 50.08 8.17
N PHE BA 117 -2.00 49.20 7.69
CA PHE BA 117 -2.43 47.95 7.10
C PHE BA 117 -1.60 46.82 7.67
N LEU BA 118 -2.26 45.76 8.12
CA LEU BA 118 -1.61 44.60 8.68
C LEU BA 118 -2.40 43.35 8.32
N ALA BA 119 -1.79 42.44 7.58
CA ALA BA 119 -2.48 41.27 7.09
C ALA BA 119 -1.48 40.15 6.83
N GLY BA 120 -1.99 38.93 6.77
CA GLY BA 120 -1.16 37.77 6.47
C GLY BA 120 -1.78 36.95 5.36
N VAL BA 121 -0.98 36.04 4.83
CA VAL BA 121 -1.41 35.20 3.72
C VAL BA 121 -0.71 33.85 3.82
N ASP BA 122 -1.43 32.79 3.45
CA ASP BA 122 -0.93 31.43 3.51
C ASP BA 122 -0.54 30.95 2.11
N ASP BA 123 0.09 29.79 2.04
CA ASP BA 123 0.41 29.14 0.78
C ASP BA 123 -0.83 28.72 -0.01
N VAL BA 124 -1.92 28.38 0.68
CA VAL BA 124 -3.16 27.99 0.05
C VAL BA 124 -3.88 29.16 -0.60
N GLY BA 125 -3.91 30.32 0.06
CA GLY BA 125 -4.64 31.47 -0.41
C GLY BA 125 -5.50 32.13 0.65
N THR BA 126 -5.43 31.67 1.88
CA THR BA 126 -6.15 32.29 2.98
C THR BA 126 -5.53 33.65 3.27
N ARG BA 127 -6.39 34.63 3.53
CA ARG BA 127 -5.92 35.97 3.93
C ARG BA 127 -6.82 36.48 5.03
N TRP BA 128 -6.25 37.21 5.97
CA TRP BA 128 -6.98 37.75 7.09
C TRP BA 128 -6.31 39.03 7.55
N GLU BA 129 -7.11 39.91 8.15
CA GLU BA 129 -6.64 41.19 8.66
C GLU BA 129 -6.99 41.28 10.13
N ASP BA 130 -6.05 41.79 10.93
CA ASP BA 130 -6.24 41.84 12.37
C ASP BA 130 -5.38 43.00 12.89
N ASP BA 131 -5.29 43.12 14.20
CA ASP BA 131 -4.32 44.01 14.82
C ASP BA 131 -3.12 43.26 15.38
N CYS BA 132 -3.04 41.95 15.12
CA CYS BA 132 -1.93 41.12 15.60
C CYS BA 132 -1.84 39.89 14.71
N ILE BA 133 -0.73 39.76 13.99
CA ILE BA 133 -0.51 38.64 13.11
C ILE BA 133 0.72 37.90 13.59
N ALA BA 134 0.64 36.57 13.62
CA ALA BA 134 1.76 35.73 13.96
C ALA BA 134 1.67 34.46 13.14
N THR BA 135 2.81 34.05 12.57
CA THR BA 135 2.87 32.84 11.77
C THR BA 135 3.93 31.91 12.34
N GLY BA 136 3.87 30.65 11.89
CA GLY BA 136 4.79 29.66 12.41
C GLY BA 136 4.34 29.16 13.76
N TYR BA 137 5.28 29.02 14.68
CA TYR BA 137 4.98 28.65 16.04
C TYR BA 137 4.78 29.86 16.94
N GLY BA 138 4.95 31.06 16.40
CA GLY BA 138 4.49 32.25 17.09
C GLY BA 138 2.99 32.42 17.10
N ALA BA 139 2.29 31.72 16.21
CA ALA BA 139 0.84 31.70 16.26
C ALA BA 139 0.32 30.89 17.43
N TYR BA 140 1.10 29.92 17.89
CA TYR BA 140 0.77 29.15 19.08
C TYR BA 140 1.32 29.78 20.35
N ILE BA 141 2.57 30.25 20.31
CA ILE BA 141 3.25 30.77 21.48
C ILE BA 141 2.96 32.25 21.67
N ALA BA 142 3.39 33.06 20.69
CA ALA BA 142 3.45 34.50 20.90
C ALA BA 142 2.11 35.17 20.67
N LEU BA 143 1.25 34.57 19.86
CA LEU BA 143 -0.03 35.18 19.52
C LEU BA 143 -1.04 35.28 20.67
N PRO BA 144 -1.15 34.32 21.63
CA PRO BA 144 -1.98 34.60 22.80
C PRO BA 144 -1.54 35.77 23.67
N LEU BA 145 -0.24 36.04 23.74
CA LEU BA 145 0.22 37.19 24.51
C LEU BA 145 -0.07 38.50 23.79
N LEU BA 146 -0.07 38.47 22.46
CA LEU BA 146 -0.36 39.66 21.69
C LEU BA 146 -1.84 40.01 21.72
N ARG BA 147 -2.69 39.00 21.93
CA ARG BA 147 -4.13 39.24 21.89
C ARG BA 147 -4.66 39.85 23.18
N GLN BA 148 -4.08 39.50 24.33
CA GLN BA 148 -4.58 40.09 25.58
C GLN BA 148 -4.17 41.54 25.72
N ALA BA 149 -3.06 41.95 25.09
CA ALA BA 149 -2.58 43.31 25.30
C ALA BA 149 -3.23 44.28 24.35
N LEU BA 150 -4.06 43.78 23.42
CA LEU BA 150 -4.84 44.68 22.57
C LEU BA 150 -6.23 44.89 23.15
N GLU BA 151 -6.65 44.02 24.07
CA GLU BA 151 -7.98 44.12 24.66
C GLU BA 151 -7.95 44.62 26.09
N LYS BA 152 -6.78 44.72 26.71
CA LYS BA 152 -6.64 45.39 28.00
C LYS BA 152 -6.58 46.92 27.86
N ASN BA 153 -6.57 47.43 26.64
CA ASN BA 153 -6.73 48.84 26.34
C ASN BA 153 -7.27 49.03 24.92
N PRO BA 154 -8.60 49.15 24.78
CA PRO BA 154 -9.18 49.32 23.43
C PRO BA 154 -8.90 50.66 22.78
N ASP BA 155 -8.37 51.64 23.52
CA ASP BA 155 -7.96 52.90 22.91
C ASP BA 155 -6.77 52.70 21.98
N GLY BA 156 -5.89 51.76 22.31
CA GLY BA 156 -4.77 51.41 21.46
C GLY BA 156 -3.46 51.39 22.23
N LEU BA 157 -2.48 50.67 21.71
CA LEU BA 157 -1.15 50.65 22.27
C LEU BA 157 -0.33 51.80 21.72
N SER BA 158 0.49 52.41 22.58
CA SER BA 158 1.50 53.33 22.11
C SER BA 158 2.69 52.53 21.57
N ARG BA 159 3.65 53.24 21.00
CA ARG BA 159 4.83 52.55 20.47
C ARG BA 159 5.69 51.98 21.59
N GLY BA 160 5.71 52.66 22.74
CA GLY BA 160 6.55 52.21 23.84
C GLY BA 160 6.04 50.94 24.49
N GLU BA 161 4.72 50.81 24.62
CA GLU BA 161 4.16 49.62 25.26
C GLU BA 161 3.90 48.49 24.28
N ALA BA 162 3.84 48.77 22.98
CA ALA BA 162 3.81 47.71 21.98
C ALA BA 162 5.19 47.15 21.69
N MET BA 163 6.25 47.86 22.09
CA MET BA 163 7.60 47.33 21.95
C MET BA 163 7.99 46.49 23.16
N ARG BA 164 7.35 46.74 24.32
CA ARG BA 164 7.60 45.91 25.49
C ARG BA 164 7.04 44.51 25.30
N ILE BA 165 5.87 44.40 24.66
CA ILE BA 165 5.21 43.11 24.59
C ILE BA 165 5.74 42.26 23.45
N LEU BA 166 6.31 42.88 22.41
CA LEU BA 166 7.00 42.10 21.39
C LEU BA 166 8.27 41.48 21.97
N THR BA 167 8.98 42.25 22.80
CA THR BA 167 10.16 41.73 23.48
C THR BA 167 9.79 40.65 24.49
N ASP BA 168 8.60 40.77 25.09
CA ASP BA 168 8.09 39.69 25.93
C ASP BA 168 7.70 38.47 25.11
N CYS BA 169 7.30 38.67 23.84
CA CYS BA 169 6.94 37.54 22.98
C CYS BA 169 8.15 36.91 22.30
N LEU BA 170 9.15 37.72 21.94
CA LEU BA 170 10.36 37.17 21.32
C LEU BA 170 11.18 36.40 22.35
N ARG BA 171 11.05 36.73 23.63
CA ARG BA 171 11.79 36.04 24.68
C ARG BA 171 11.25 34.63 24.88
N VAL BA 172 9.95 34.44 24.73
CA VAL BA 172 9.35 33.13 24.93
C VAL BA 172 9.50 32.28 23.67
N LEU BA 173 9.63 32.93 22.50
CA LEU BA 173 9.95 32.20 21.28
C LEU BA 173 11.35 31.62 21.33
N PHE BA 174 12.26 32.27 22.05
CA PHE BA 174 13.60 31.70 22.21
C PHE BA 174 13.58 30.57 23.23
N TYR BA 175 12.69 30.65 24.21
CA TYR BA 175 12.59 29.60 25.22
C TYR BA 175 12.02 28.31 24.64
N ARG BA 176 11.00 28.43 23.79
CA ARG BA 176 10.11 27.32 23.50
C ARG BA 176 10.08 26.86 22.04
N GLU BA 177 10.74 27.58 21.14
CA GLU BA 177 10.87 27.11 19.77
C GLU BA 177 12.29 26.57 19.56
N CYS BA 178 12.39 25.41 18.93
CA CYS BA 178 13.70 24.78 18.73
C CYS BA 178 14.51 25.53 17.69
N ARG BA 179 13.89 25.86 16.56
CA ARG BA 179 14.59 26.41 15.40
C ARG BA 179 14.59 27.93 15.46
N ALA BA 180 15.27 28.46 16.48
CA ALA BA 180 15.29 29.89 16.75
C ALA BA 180 16.62 30.27 17.39
N ILE BA 181 17.01 31.53 17.18
CA ILE BA 181 18.18 32.12 17.83
C ILE BA 181 17.77 33.42 18.50
N ASN BA 182 18.68 33.98 19.27
CA ASN BA 182 18.43 35.22 20.00
C ASN BA 182 19.04 36.41 19.24
N LYS BA 183 18.53 36.65 18.05
CA LYS BA 183 18.96 37.79 17.24
C LYS BA 183 17.78 38.23 16.39
N PHE BA 184 17.21 39.38 16.69
CA PHE BA 184 15.93 39.79 16.14
C PHE BA 184 16.03 41.16 15.49
N GLN BA 185 15.35 41.33 14.36
CA GLN BA 185 15.16 42.63 13.74
C GLN BA 185 13.69 43.02 13.80
N VAL BA 186 13.43 44.29 14.04
CA VAL BA 186 12.07 44.82 14.14
C VAL BA 186 11.88 45.88 13.07
N ALA BA 187 10.93 45.64 12.16
CA ALA BA 187 10.52 46.67 11.22
C ALA BA 187 9.54 47.62 11.89
N ASP BA 188 9.53 48.87 11.43
CA ASP BA 188 8.68 49.89 12.02
C ASP BA 188 8.12 50.74 10.89
N ALA BA 189 6.89 50.44 10.49
CA ALA BA 189 6.22 51.17 9.43
C ALA BA 189 5.38 52.28 10.06
N ALA BA 190 5.75 53.52 9.82
CA ALA BA 190 5.02 54.68 10.33
C ALA BA 190 4.69 55.61 9.19
N SER BA 191 4.25 56.84 9.52
CA SER BA 191 3.92 57.81 8.47
C SER BA 191 5.18 58.31 7.76
N ASP BA 192 6.35 58.13 8.39
CA ASP BA 192 7.60 58.47 7.72
C ASP BA 192 8.01 57.39 6.72
N GLY BA 193 7.60 56.15 6.98
CA GLY BA 193 7.98 55.04 6.12
C GLY BA 193 8.44 53.83 6.91
N VAL BA 194 8.91 52.80 6.21
CA VAL BA 194 9.33 51.58 6.87
C VAL BA 194 10.80 51.68 7.25
N ARG BA 195 11.13 51.30 8.48
CA ARG BA 195 12.49 51.41 9.00
C ARG BA 195 12.84 50.11 9.73
N ILE BA 196 13.85 49.41 9.23
CA ILE BA 196 14.31 48.17 9.83
C ILE BA 196 15.45 48.49 10.79
N SER BA 197 15.39 47.93 11.99
CA SER BA 197 16.39 48.21 13.01
C SER BA 197 17.57 47.24 12.92
N GLU BA 198 18.67 47.65 13.52
CA GLU BA 198 19.86 46.85 13.74
C GLU BA 198 19.49 45.65 14.63
N PRO BA 199 20.07 44.47 14.38
CA PRO BA 199 19.72 43.29 15.17
C PRO BA 199 20.12 43.41 16.63
N PHE BA 200 19.20 42.98 17.51
CA PHE BA 200 19.39 43.03 18.95
C PHE BA 200 19.13 41.65 19.53
N ASP BA 201 19.14 41.57 20.87
CA ASP BA 201 18.80 40.35 21.58
C ASP BA 201 17.97 40.71 22.81
N VAL BA 202 17.42 39.68 23.44
CA VAL BA 202 16.58 39.87 24.61
C VAL BA 202 17.31 39.31 25.82
N GLU BA 203 16.90 39.76 27.01
CA GLU BA 203 17.48 39.30 28.25
C GLU BA 203 16.72 38.08 28.76
N THR BA 204 17.42 36.95 28.80
CA THR BA 204 16.83 35.68 29.20
C THR BA 204 17.24 35.33 30.63
N HIS BA 205 16.31 34.73 31.35
CA HIS BA 205 16.53 34.33 32.75
C HIS BA 205 16.54 32.81 32.81
N TRP BA 206 17.66 32.25 33.26
CA TRP BA 206 17.84 30.81 33.35
C TRP BA 206 18.18 30.41 34.79
N GLU BA 207 17.87 31.27 35.76
CA GLU BA 207 18.39 31.16 37.11
C GLU BA 207 17.30 30.82 38.13
N TYR BA 208 16.38 29.93 37.78
CA TYR BA 208 15.38 29.52 38.75
C TYR BA 208 15.96 28.48 39.70
N GLU BA 209 15.47 28.46 40.94
CA GLU BA 209 16.00 27.53 41.93
C GLU BA 209 15.46 26.12 41.74
N GLY BA 210 14.44 25.96 40.90
CA GLY BA 210 13.94 24.65 40.54
C GLY BA 210 14.63 24.03 39.36
N TYR BA 211 15.57 24.74 38.74
CA TYR BA 211 16.31 24.24 37.60
C TYR BA 211 17.65 23.64 38.00
N CYS BA 212 17.92 23.51 39.29
CA CYS BA 212 19.22 23.05 39.76
C CYS BA 212 19.37 21.54 39.54
N PHE BA 213 20.59 21.07 39.74
CA PHE BA 213 20.96 19.71 39.32
C PHE BA 213 20.31 18.67 40.20
N GLU BA 214 20.07 18.98 41.48
CA GLU BA 214 19.59 17.95 42.40
C GLU BA 214 18.08 17.83 42.39
N LYS BA 215 17.36 18.89 42.06
CA LYS BA 215 15.92 18.80 41.95
C LYS BA 215 15.46 18.07 40.70
N THR BA 216 16.00 18.40 39.53
CA THR BA 216 15.56 17.82 38.28
C THR BA 216 16.16 16.45 38.02
N ALA BA 217 16.93 15.90 38.95
CA ALA BA 217 17.58 14.61 38.77
C ALA BA 217 16.58 13.48 38.91
N ILE BA 218 16.80 12.43 38.14
CA ILE BA 218 16.01 11.20 38.20
C ILE BA 218 16.96 10.13 38.72
N ILE BA 219 16.98 9.94 40.04
CA ILE BA 219 17.97 9.05 40.62
C ILE BA 219 17.48 7.61 40.59
#